data_8UAE
#
_entry.id   8UAE
#
_cell.length_a   1.00
_cell.length_b   1.00
_cell.length_c   1.00
_cell.angle_alpha   90.00
_cell.angle_beta   90.00
_cell.angle_gamma   90.00
#
_symmetry.space_group_name_H-M   'P 1'
#
loop_
_entity.id
_entity.type
_entity.pdbx_description
1 polymer 'SIR2-like domain-containing protein'
2 polymer 'Nucleoside triphosphate hydrolase'
3 non-polymer '[(2R,3S,4R,5R)-5-(6-AMINOPURIN-9-YL)-3,4-DIHYDROXY-OXOLAN-2-YL]METHYL [HYDROXY-[[(2R,3S,4R,5S)-3,4,5-TRIHYDROXYOXOLAN-2-YL]METHOXY]PHOSPHORYL] HYDROGEN PHOSPHATE'
4 non-polymer 'PHOSPHOTHIOPHOSPHORIC ACID-ADENYLATE ESTER'
5 non-polymer 'MAGNESIUM ION'
#
loop_
_entity_poly.entity_id
_entity_poly.type
_entity_poly.pdbx_seq_one_letter_code
_entity_poly.pdbx_strand_id
1 'polypeptide(L)'
;MSIYQGGNKLNEDDFRSHVYSLCQLDNVGVLLGAGASVGCGGKTMKDVWKSFKQNYPELLGALIDKYLLVSQIDSDNNLV
NVELLIDEATKFLSVAKTRRCEDEEEEFRKILSSLYKEVTKAALLTGEQFREKNQGKKDAFKYHKELISKLISNRQPGQS
APAIFTTNYDLALEWAAEDLGIQLFNGFSGLHTRQFYPQNFDLAFRNVNAKGEARFGHYHAYLYKLHGSLTWYQNDSLTV
NEVSASQAYDEYINDIINKDDFYRGQHLIYPGANKYSHTIGFVYGEMFRRFGEFISKPQTALFINGFGFGDYHINRIILG
ALLNPSFHVVIYYPELKEAITKVSKGGGSEAEKAIVTLKNMAFNQVTVVGGGSKAYFNSFVEHLPYPVLFPRDNIVDELV
EAIANLSKGEGNVPF
;
A,B,C,D,E,F,G,H,I,J,K,L
2 'polypeptide(L)'
;MSLFKLTEISAIGYVVGLEGERIRINLHEGLQGRLASHRKGVSSVTQPGDLIGFDAGNILVVARVTDMAFVEADKAHKAN
VGTSDLADIPLRQIIAYAIGFVKRELNGYVFISEDWRLPALGSSAVPLTSDFLNIIYSIDKEELPKAVELGVDSRTKTVK
IFASVDKLLSRHLAVLGSTGYGKSNFNALLTRKVSEKYPNSRIVIFDINGEYAQAFTGIPNVKHTILGESPNVDSLEKKQ
QKGELYSEEYYCYKKIPYQALGFAGLIKLLRPSDKTQLPALRNALSAINRTHFKSRNIYLEKDDGETFLLYDDCRDTNQS
KLAEWLDLLRRRRLKRTNVWPPFKSLATLVAEFGCVAADRSNGSKRDAFGFSNVLPLVKIIQQLAEDIRFKSIVNLNGGG
ELADGGTHWDKAMSDEVDYFFGKEKGQENDWNVHIVNMKNLAQDHAPMLLSALLEMFAEILFRRGQERSYPTVLLLEEAH
HYLRDPYAEIDSQIKAYERLAKEGRKFKCSLIVSTQRPSELSPTVLAMCSNWFSLRLTNERDLQALRYAMESGNEQILKQ
ISGLPRGDAVAFGSAFNLPVRISINQARPGPKSSDAVFSEEWANCTELRC
;
M,N,O,P,Q,R
#
loop_
_chem_comp.id
_chem_comp.type
_chem_comp.name
_chem_comp.formula
AGS non-polymer 'PHOSPHOTHIOPHOSPHORIC ACID-ADENYLATE ESTER' 'C10 H16 N5 O12 P3 S'
AR6 non-polymer '[(2R,3S,4R,5R)-5-(6-AMINOPURIN-9-YL)-3,4-DIHYDROXY-OXOLAN-2-YL]METHYL [HYDROXY-[[(2R,3S,4R,5S)-3,4,5-TRIHYDROXYOXOLAN-2-YL]METHOXY]PHOSPHORYL] HYDROGEN PHOSPHATE' 'C15 H23 N5 O14 P2'
MG non-polymer 'MAGNESIUM ION' 'Mg 2'
#
# COMPACT_ATOMS: atom_id res chain seq x y z
N SER A 2 2.39 29.05 55.93
CA SER A 2 1.72 30.07 55.14
C SER A 2 2.43 30.27 53.80
N ILE A 3 1.68 30.12 52.71
CA ILE A 3 2.20 30.25 51.36
C ILE A 3 1.33 31.23 50.60
N TYR A 4 1.96 32.22 49.96
CA TYR A 4 1.26 33.26 49.23
C TYR A 4 1.75 33.31 47.79
N GLN A 5 0.82 33.56 46.87
CA GLN A 5 1.15 33.75 45.45
C GLN A 5 0.21 34.82 44.89
N GLY A 6 0.75 36.03 44.69
CA GLY A 6 -0.06 37.11 44.17
C GLY A 6 -1.05 37.68 45.14
N GLY A 7 -0.82 37.53 46.44
CA GLY A 7 -1.73 38.01 47.46
C GLY A 7 -2.77 37.01 47.90
N ASN A 8 -2.87 35.87 47.22
CA ASN A 8 -3.82 34.82 47.60
C ASN A 8 -3.13 33.84 48.54
N LYS A 9 -3.79 32.72 48.82
CA LYS A 9 -3.21 31.66 49.63
C LYS A 9 -3.17 30.38 48.82
N LEU A 10 -2.12 29.58 49.05
CA LEU A 10 -1.88 28.38 48.27
C LEU A 10 -1.69 27.20 49.22
N ASN A 11 -2.23 26.06 48.84
CA ASN A 11 -2.17 24.85 49.66
C ASN A 11 -0.96 24.00 49.28
N GLU A 12 -0.73 22.96 50.09
CA GLU A 12 0.46 22.13 49.92
C GLU A 12 0.40 21.27 48.66
N ASP A 13 -0.79 20.81 48.26
CA ASP A 13 -0.88 19.92 47.10
C ASP A 13 -0.45 20.62 45.82
N ASP A 14 -0.89 21.86 45.62
CA ASP A 14 -0.57 22.59 44.40
C ASP A 14 0.86 23.13 44.39
N PHE A 15 1.41 23.44 45.57
CA PHE A 15 2.75 24.00 45.64
C PHE A 15 3.79 23.03 45.09
N ARG A 16 3.65 21.75 45.41
CA ARG A 16 4.60 20.76 44.89
C ARG A 16 4.50 20.64 43.37
N SER A 17 3.28 20.71 42.82
CA SER A 17 3.12 20.69 41.38
C SER A 17 3.79 21.90 40.74
N HIS A 18 3.63 23.08 41.35
CA HIS A 18 4.28 24.27 40.82
C HIS A 18 5.79 24.15 40.85
N VAL A 19 6.33 23.64 41.97
CA VAL A 19 7.78 23.49 42.10
C VAL A 19 8.30 22.51 41.07
N TYR A 20 7.57 21.40 40.86
CA TYR A 20 7.98 20.42 39.85
C TYR A 20 7.95 21.02 38.46
N SER A 21 6.94 21.84 38.17
CA SER A 21 6.86 22.47 36.86
C SER A 21 8.01 23.45 36.63
N LEU A 22 8.41 24.19 37.67
CA LEU A 22 9.47 25.18 37.49
C LEU A 22 10.84 24.57 37.26
N CYS A 23 11.04 23.31 37.64
CA CYS A 23 12.35 22.67 37.50
C CYS A 23 12.63 22.16 36.09
N GLN A 24 11.65 22.25 35.19
CA GLN A 24 11.81 21.76 33.83
C GLN A 24 12.10 22.88 32.82
N LEU A 25 12.35 24.09 33.31
CA LEU A 25 12.63 25.20 32.42
C LEU A 25 14.03 25.07 31.83
N ASP A 26 14.37 25.97 30.90
CA ASP A 26 15.65 25.89 30.21
C ASP A 26 16.81 26.21 31.14
N ASN A 27 16.59 27.08 32.14
CA ASN A 27 17.64 27.48 33.06
C ASN A 27 17.12 27.43 34.48
N VAL A 28 17.88 26.77 35.36
CA VAL A 28 17.54 26.66 36.77
C VAL A 28 18.76 27.07 37.60
N GLY A 29 18.51 27.79 38.69
CA GLY A 29 19.60 28.20 39.57
C GLY A 29 19.08 28.43 40.98
N VAL A 30 20.03 28.53 41.91
CA VAL A 30 19.72 28.77 43.31
C VAL A 30 20.62 29.88 43.84
N LEU A 31 20.18 30.51 44.92
CA LEU A 31 20.92 31.58 45.58
C LEU A 31 20.89 31.30 47.07
N LEU A 32 22.01 30.84 47.61
CA LEU A 32 22.11 30.45 49.01
C LEU A 32 22.84 31.53 49.81
N GLY A 33 22.47 31.65 51.08
CA GLY A 33 23.05 32.65 51.96
C GLY A 33 23.77 32.05 53.16
N ALA A 34 24.13 32.91 54.11
CA ALA A 34 24.86 32.44 55.29
C ALA A 34 24.01 31.61 56.23
N GLY A 35 22.69 31.61 56.06
CA GLY A 35 21.83 30.79 56.90
C GLY A 35 21.74 29.34 56.49
N ALA A 36 22.31 28.97 55.35
CA ALA A 36 22.28 27.59 54.88
C ALA A 36 23.37 26.73 55.51
N SER A 37 24.30 27.32 56.25
CA SER A 37 25.38 26.59 56.90
C SER A 37 25.24 26.53 58.41
N VAL A 38 24.09 26.94 58.95
CA VAL A 38 23.89 26.89 60.39
C VAL A 38 23.79 25.45 60.88
N GLY A 39 23.18 24.57 60.10
CA GLY A 39 23.02 23.19 60.52
C GLY A 39 24.32 22.44 60.69
N CYS A 40 25.32 22.76 59.85
CA CYS A 40 26.61 22.07 59.89
C CYS A 40 27.60 22.72 60.83
N GLY A 41 27.26 23.84 61.46
CA GLY A 41 28.14 24.44 62.46
C GLY A 41 28.47 25.90 62.25
N GLY A 42 27.74 26.57 61.36
CA GLY A 42 27.95 27.97 61.09
C GLY A 42 27.18 28.87 62.05
N LYS A 43 27.23 30.17 61.77
CA LYS A 43 26.50 31.14 62.56
C LYS A 43 26.22 32.37 61.71
N THR A 44 25.20 33.13 62.12
CA THR A 44 24.78 34.32 61.40
C THR A 44 25.59 35.53 61.85
N MET A 45 25.26 36.70 61.28
CA MET A 45 26.02 37.92 61.57
C MET A 45 25.75 38.43 62.98
N LYS A 46 24.52 38.26 63.49
CA LYS A 46 24.20 38.75 64.82
C LYS A 46 25.07 38.07 65.87
N ASP A 47 25.26 36.76 65.75
CA ASP A 47 26.10 36.04 66.71
C ASP A 47 27.55 36.52 66.62
N VAL A 48 28.04 36.77 65.41
CA VAL A 48 29.41 37.26 65.25
C VAL A 48 29.58 38.61 65.93
N TRP A 49 28.62 39.51 65.73
CA TRP A 49 28.71 40.83 66.35
C TRP A 49 28.61 40.74 67.87
N LYS A 50 27.74 39.87 68.38
CA LYS A 50 27.63 39.70 69.82
C LYS A 50 28.94 39.18 70.42
N SER A 51 29.55 38.18 69.75
CA SER A 51 30.82 37.67 70.22
C SER A 51 31.90 38.74 70.20
N PHE A 52 31.93 39.54 69.13
CA PHE A 52 32.94 40.59 69.04
C PHE A 52 32.79 41.62 70.15
N LYS A 53 31.55 42.07 70.38
CA LYS A 53 31.33 43.06 71.43
C LYS A 53 31.45 42.49 72.83
N GLN A 54 31.37 41.17 72.99
CA GLN A 54 31.58 40.55 74.29
C GLN A 54 33.05 40.26 74.58
N ASN A 55 33.87 40.04 73.54
CA ASN A 55 35.26 39.68 73.76
C ASN A 55 36.19 40.88 73.82
N TYR A 56 36.02 41.87 72.94
CA TYR A 56 36.89 43.04 72.87
C TYR A 56 36.04 44.30 73.06
N PRO A 57 35.85 44.75 74.29
CA PRO A 57 35.00 45.93 74.53
C PRO A 57 35.73 47.26 74.43
N GLU A 58 37.06 47.25 74.65
CA GLU A 58 37.80 48.51 74.60
C GLU A 58 37.86 49.08 73.19
N LEU A 59 38.04 48.23 72.18
CA LEU A 59 38.09 48.70 70.81
C LEU A 59 36.72 49.15 70.29
N LEU A 60 35.64 48.84 71.01
CA LEU A 60 34.31 49.28 70.60
C LEU A 60 34.12 50.77 70.75
N GLY A 61 34.73 51.40 71.76
CA GLY A 61 34.55 52.82 71.95
C GLY A 61 35.31 53.69 70.98
N ALA A 62 36.42 53.18 70.43
CA ALA A 62 37.18 53.92 69.44
C ALA A 62 36.50 53.92 68.08
N LEU A 63 35.75 52.87 67.76
CA LEU A 63 35.06 52.78 66.48
C LEU A 63 33.83 53.68 66.39
N ILE A 64 33.42 54.29 67.50
CA ILE A 64 32.19 55.08 67.54
C ILE A 64 32.50 56.56 67.78
N ASP A 65 33.22 56.89 68.85
CA ASP A 65 33.37 58.25 69.31
C ASP A 65 34.61 58.96 68.78
N LYS A 66 35.46 58.26 68.02
CA LYS A 66 36.68 58.89 67.50
C LYS A 66 36.72 58.94 65.98
N TYR A 67 36.52 57.81 65.31
CA TYR A 67 36.63 57.76 63.86
C TYR A 67 35.29 57.80 63.14
N LEU A 68 34.19 57.58 63.85
CA LEU A 68 32.84 57.69 63.30
C LEU A 68 32.62 56.69 62.16
N LEU A 69 32.77 55.40 62.49
CA LEU A 69 32.51 54.32 61.55
C LEU A 69 31.25 53.54 61.84
N VAL A 70 30.84 53.45 63.10
CA VAL A 70 29.65 52.70 63.50
C VAL A 70 28.77 53.57 64.38
N SER A 71 27.47 53.54 64.14
CA SER A 71 26.51 54.28 64.93
C SER A 71 26.14 53.52 66.20
N GLN A 72 25.71 54.28 67.21
CA GLN A 72 25.42 53.67 68.51
C GLN A 72 24.12 52.88 68.49
N ILE A 73 23.09 53.40 67.82
CA ILE A 73 21.80 52.73 67.78
C ILE A 73 21.92 51.36 67.13
N ASP A 74 22.63 51.29 66.00
CA ASP A 74 22.84 50.01 65.33
C ASP A 74 23.66 49.06 66.21
N SER A 75 24.65 49.59 66.93
CA SER A 75 25.45 48.74 67.80
C SER A 75 24.62 48.14 68.92
N ASP A 76 23.71 48.92 69.50
CA ASP A 76 22.85 48.40 70.56
C ASP A 76 21.81 47.42 69.99
N ASN A 77 21.31 47.69 68.78
CA ASN A 77 20.29 46.83 68.19
C ASN A 77 20.87 45.62 67.47
N ASN A 78 22.19 45.52 67.35
CA ASN A 78 22.86 44.40 66.67
C ASN A 78 22.40 44.30 65.21
N LEU A 79 22.60 45.39 64.48
CA LEU A 79 22.23 45.47 63.06
C LEU A 79 23.39 46.07 62.27
N VAL A 80 24.60 45.58 62.51
CA VAL A 80 25.81 46.13 61.93
C VAL A 80 26.29 45.24 60.79
N ASN A 81 26.60 45.86 59.65
CA ASN A 81 27.11 45.14 58.49
C ASN A 81 28.60 44.88 58.69
N VAL A 82 28.96 43.61 58.91
CA VAL A 82 30.35 43.27 59.16
C VAL A 82 31.19 43.42 57.90
N GLU A 83 30.64 43.00 56.75
CA GLU A 83 31.39 43.06 55.50
C GLU A 83 31.74 44.48 55.09
N LEU A 84 30.84 45.44 55.29
CA LEU A 84 31.08 46.81 54.88
C LEU A 84 31.94 47.59 55.86
N LEU A 85 32.12 47.07 57.08
CA LEU A 85 33.02 47.72 58.04
C LEU A 85 34.47 47.35 57.80
N ILE A 86 34.73 46.11 57.39
CA ILE A 86 36.09 45.68 57.09
C ILE A 86 36.65 46.44 55.89
N ASP A 87 35.83 46.63 54.85
CA ASP A 87 36.31 47.28 53.64
C ASP A 87 36.74 48.72 53.91
N GLU A 88 35.95 49.46 54.68
CA GLU A 88 36.30 50.84 54.97
C GLU A 88 37.49 50.94 55.92
N ALA A 89 37.76 49.88 56.67
CA ALA A 89 38.89 49.88 57.59
C ALA A 89 40.22 49.62 56.90
N THR A 90 40.21 49.12 55.68
CA THR A 90 41.44 48.88 54.94
C THR A 90 41.90 50.09 54.14
N LYS A 91 41.08 51.13 54.03
CA LYS A 91 41.48 52.37 53.38
C LYS A 91 42.15 53.34 54.36
N PHE A 92 41.69 53.36 55.60
CA PHE A 92 42.32 54.21 56.60
C PHE A 92 43.77 53.79 56.82
N LEU A 93 44.02 52.49 56.94
CA LEU A 93 45.39 52.00 57.10
C LEU A 93 46.23 52.35 55.89
N SER A 94 45.67 52.21 54.69
CA SER A 94 46.42 52.50 53.48
C SER A 94 46.82 53.96 53.41
N VAL A 95 45.88 54.87 53.69
CA VAL A 95 46.20 56.29 53.62
C VAL A 95 47.17 56.68 54.73
N ALA A 96 47.01 56.10 55.93
CA ALA A 96 47.94 56.40 57.01
C ALA A 96 49.35 55.93 56.69
N LYS A 97 49.49 54.75 56.09
CA LYS A 97 50.81 54.25 55.72
C LYS A 97 51.41 55.08 54.59
N THR A 98 50.59 55.49 53.62
CA THR A 98 51.09 56.31 52.53
C THR A 98 51.56 57.67 53.02
N ARG A 99 50.84 58.28 53.96
CA ARG A 99 51.18 59.61 54.45
C ARG A 99 52.14 59.60 55.63
N ARG A 100 52.68 58.43 56.00
CA ARG A 100 53.67 58.29 57.06
C ARG A 100 53.14 58.79 58.41
N CYS A 101 52.12 58.07 58.90
CA CYS A 101 51.64 58.21 60.26
C CYS A 101 51.86 56.88 60.99
N GLU A 102 52.01 56.96 62.31
CA GLU A 102 52.44 55.81 63.09
C GLU A 102 51.36 55.28 64.03
N ASP A 103 50.82 56.13 64.91
CA ASP A 103 49.86 55.66 65.90
C ASP A 103 48.59 55.14 65.22
N GLU A 104 48.11 55.86 64.20
CA GLU A 104 46.93 55.40 63.46
C GLU A 104 47.20 54.05 62.80
N GLU A 105 48.41 53.88 62.23
CA GLU A 105 48.76 52.61 61.61
C GLU A 105 48.72 51.48 62.61
N GLU A 106 49.32 51.69 63.79
CA GLU A 106 49.32 50.64 64.81
C GLU A 106 47.91 50.31 65.27
N GLU A 107 47.10 51.35 65.52
CA GLU A 107 45.74 51.13 66.00
C GLU A 107 44.91 50.35 64.99
N PHE A 108 45.00 50.73 63.71
CA PHE A 108 44.20 50.04 62.71
C PHE A 108 44.71 48.63 62.43
N ARG A 109 46.02 48.41 62.52
CA ARG A 109 46.54 47.05 62.43
C ARG A 109 45.97 46.17 63.53
N LYS A 110 45.95 46.69 64.76
CA LYS A 110 45.39 45.92 65.86
C LYS A 110 43.89 45.67 65.68
N ILE A 111 43.15 46.68 65.21
CA ILE A 111 41.71 46.53 64.99
C ILE A 111 41.43 45.46 63.94
N LEU A 112 42.19 45.49 62.85
CA LEU A 112 41.99 44.50 61.79
C LEU A 112 42.37 43.10 62.26
N SER A 113 43.45 42.99 63.04
CA SER A 113 43.81 41.69 63.60
C SER A 113 42.72 41.16 64.53
N SER A 114 42.08 42.04 65.28
CA SER A 114 40.97 41.61 66.14
C SER A 114 39.78 41.16 65.30
N LEU A 115 39.45 41.90 64.25
CA LEU A 115 38.30 41.55 63.42
C LEU A 115 38.49 40.22 62.71
N TYR A 116 39.67 40.00 62.11
CA TYR A 116 39.86 38.81 61.28
C TYR A 116 39.85 37.53 62.10
N LYS A 117 40.08 37.60 63.41
CA LYS A 117 40.05 36.39 64.23
C LYS A 117 38.63 35.86 64.38
N GLU A 118 37.65 36.74 64.56
CA GLU A 118 36.29 36.30 64.83
C GLU A 118 35.61 35.71 63.60
N VAL A 119 35.76 36.36 62.45
CA VAL A 119 35.10 35.87 61.24
C VAL A 119 35.71 34.55 60.77
N THR A 120 37.03 34.37 60.91
CA THR A 120 37.68 33.16 60.44
C THR A 120 37.31 31.95 61.28
N LYS A 121 37.27 32.12 62.60
CA LYS A 121 37.00 31.00 63.49
C LYS A 121 35.60 30.43 63.33
N ALA A 122 34.68 31.19 62.72
CA ALA A 122 33.31 30.76 62.57
C ALA A 122 33.03 30.10 61.21
N ALA A 123 34.05 29.89 60.39
CA ALA A 123 33.86 29.33 59.06
C ALA A 123 34.64 28.04 58.82
N LEU A 124 35.29 27.48 59.84
CA LEU A 124 35.98 26.21 59.66
C LEU A 124 35.01 25.04 59.63
N LEU A 125 33.93 25.13 60.41
CA LEU A 125 32.81 24.18 60.40
C LEU A 125 33.15 22.84 61.04
N THR A 126 34.41 22.60 61.36
CA THR A 126 34.77 21.36 62.04
C THR A 126 35.77 21.62 63.18
N GLY A 127 36.57 22.67 63.04
CA GLY A 127 37.56 22.97 64.06
C GLY A 127 38.95 22.49 63.73
N GLU A 128 39.52 21.66 64.60
CA GLU A 128 40.88 21.18 64.43
C GLU A 128 41.03 20.21 63.26
N GLN A 129 39.93 19.62 62.79
CA GLN A 129 39.99 18.63 61.72
C GLN A 129 39.80 19.26 60.34
N PHE A 130 40.13 20.54 60.19
CA PHE A 130 39.98 21.21 58.90
C PHE A 130 41.03 20.74 57.88
N ARG A 131 42.13 20.15 58.35
CA ARG A 131 43.24 19.78 57.48
C ARG A 131 43.26 18.29 57.13
N GLU A 132 42.24 17.54 57.53
CA GLU A 132 42.20 16.10 57.26
C GLU A 132 41.66 15.86 55.86
N LYS A 133 41.38 14.59 55.55
CA LYS A 133 40.87 14.19 54.24
C LYS A 133 39.56 13.44 54.40
N ASN A 134 38.76 13.44 53.32
CA ASN A 134 37.47 12.77 53.26
C ASN A 134 36.52 13.28 54.34
N GLN A 135 36.28 14.60 54.29
CA GLN A 135 35.39 15.26 55.24
C GLN A 135 33.94 15.26 54.81
N GLY A 136 33.65 14.87 53.57
CA GLY A 136 32.27 14.84 53.11
C GLY A 136 31.48 13.64 53.54
N LYS A 137 32.13 12.67 54.18
CA LYS A 137 31.46 11.44 54.60
C LYS A 137 30.67 11.60 55.88
N LYS A 138 30.85 12.71 56.60
CA LYS A 138 30.17 12.90 57.88
C LYS A 138 28.69 13.17 57.66
N ASP A 139 27.91 12.98 58.73
CA ASP A 139 26.47 13.12 58.67
C ASP A 139 26.01 14.57 58.67
N ALA A 140 26.91 15.52 58.95
CA ALA A 140 26.53 16.93 58.94
C ALA A 140 26.22 17.41 57.52
N PHE A 141 26.95 16.89 56.52
CA PHE A 141 26.79 17.32 55.13
C PHE A 141 25.85 16.41 54.35
N LYS A 142 24.88 15.78 55.02
CA LYS A 142 24.00 14.84 54.33
C LYS A 142 23.01 15.57 53.42
N TYR A 143 22.50 16.71 53.86
CA TYR A 143 21.48 17.42 53.10
C TYR A 143 22.05 18.25 51.95
N HIS A 144 23.37 18.49 51.94
CA HIS A 144 23.97 19.20 50.81
C HIS A 144 24.09 18.31 49.59
N LYS A 145 24.30 17.00 49.80
CA LYS A 145 24.43 16.08 48.68
C LYS A 145 23.12 15.91 47.93
N GLU A 146 22.01 15.82 48.66
CA GLU A 146 20.71 15.58 48.04
C GLU A 146 20.32 16.74 47.14
N LEU A 147 20.68 17.96 47.51
CA LEU A 147 20.37 19.11 46.67
C LEU A 147 21.03 19.00 45.29
N ILE A 148 22.33 18.68 45.28
CA ILE A 148 23.04 18.54 44.01
C ILE A 148 22.48 17.36 43.22
N SER A 149 22.21 16.24 43.89
CA SER A 149 21.69 15.07 43.21
C SER A 149 20.33 15.36 42.56
N LYS A 150 19.44 16.04 43.29
CA LYS A 150 18.12 16.36 42.76
C LYS A 150 18.21 17.37 41.62
N LEU A 151 19.10 18.36 41.75
CA LEU A 151 19.23 19.35 40.67
C LEU A 151 19.75 18.70 39.39
N ILE A 152 20.76 17.85 39.50
CA ILE A 152 21.35 17.24 38.31
C ILE A 152 20.41 16.20 37.70
N SER A 153 19.79 15.37 38.55
CA SER A 153 19.03 14.23 38.06
C SER A 153 17.76 14.63 37.31
N ASN A 154 17.23 15.82 37.56
CA ASN A 154 15.95 16.24 36.98
C ASN A 154 16.09 16.83 35.59
N ARG A 155 17.30 16.94 35.05
CA ARG A 155 17.51 17.51 33.73
C ARG A 155 17.33 16.45 32.64
N GLN A 156 16.94 16.91 31.46
CA GLN A 156 16.76 16.15 30.23
C GLN A 156 17.97 16.32 29.32
N PRO A 157 18.26 15.33 28.48
CA PRO A 157 19.43 15.44 27.60
C PRO A 157 19.33 16.63 26.67
N GLY A 158 20.46 17.29 26.43
CA GLY A 158 20.51 18.47 25.60
C GLY A 158 20.28 19.78 26.30
N GLN A 159 19.95 19.75 27.59
CA GLN A 159 19.65 20.96 28.34
C GLN A 159 20.90 21.49 29.04
N SER A 160 20.80 22.71 29.56
CA SER A 160 21.93 23.37 30.19
C SER A 160 22.16 22.83 31.60
N ALA A 161 23.39 22.97 32.07
CA ALA A 161 23.77 22.52 33.40
C ALA A 161 23.31 23.51 34.47
N PRO A 162 23.02 23.03 35.67
CA PRO A 162 22.55 23.93 36.74
C PRO A 162 23.67 24.83 37.23
N ALA A 163 23.26 25.96 37.84
CA ALA A 163 24.17 26.95 38.36
C ALA A 163 23.85 27.25 39.81
N ILE A 164 24.89 27.46 40.61
CA ILE A 164 24.76 27.72 42.05
C ILE A 164 25.50 29.00 42.37
N PHE A 165 24.78 29.96 42.95
CA PHE A 165 25.37 31.18 43.48
C PHE A 165 25.38 31.12 45.01
N THR A 166 26.33 31.81 45.62
CA THR A 166 26.45 31.79 47.07
C THR A 166 27.07 33.09 47.56
N THR A 167 26.81 33.42 48.81
CA THR A 167 27.39 34.56 49.49
C THR A 167 28.15 34.10 50.73
N ASN A 168 28.86 32.99 50.60
CA ASN A 168 29.59 32.38 51.70
C ASN A 168 31.05 32.15 51.29
N TYR A 169 31.87 31.83 52.29
CA TYR A 169 33.28 31.54 52.06
C TYR A 169 33.75 30.32 52.85
N ASP A 170 32.89 29.33 52.99
CA ASP A 170 33.24 28.03 53.56
C ASP A 170 33.26 26.98 52.46
N LEU A 171 33.84 25.82 52.78
CA LEU A 171 34.08 24.77 51.79
C LEU A 171 33.12 23.60 51.93
N ALA A 172 31.85 23.83 52.29
CA ALA A 172 30.91 22.74 52.46
C ALA A 172 30.50 22.16 51.10
N LEU A 173 30.15 23.02 50.15
CA LEU A 173 29.68 22.55 48.85
C LEU A 173 30.79 21.80 48.10
N GLU A 174 32.03 22.29 48.19
CA GLU A 174 33.13 21.60 47.53
C GLU A 174 33.35 20.21 48.10
N TRP A 175 33.30 20.08 49.43
CA TRP A 175 33.46 18.76 50.05
C TRP A 175 32.33 17.84 49.66
N ALA A 176 31.09 18.35 49.66
CA ALA A 176 29.95 17.50 49.30
C ALA A 176 30.07 17.02 47.86
N ALA A 177 30.43 17.91 46.93
CA ALA A 177 30.56 17.53 45.54
C ALA A 177 31.73 16.57 45.31
N GLU A 178 32.82 16.75 46.07
CA GLU A 178 33.95 15.84 45.94
C GLU A 178 33.59 14.45 46.44
N ASP A 179 32.84 14.35 47.54
CA ASP A 179 32.43 13.04 48.03
C ASP A 179 31.41 12.39 47.09
N LEU A 180 30.46 13.17 46.59
CA LEU A 180 29.40 12.59 45.78
C LEU A 180 29.93 12.09 44.44
N GLY A 181 30.84 12.83 43.82
CA GLY A 181 31.50 12.37 42.62
C GLY A 181 31.28 13.24 41.40
N ILE A 182 31.00 14.52 41.61
CA ILE A 182 30.74 15.46 40.53
C ILE A 182 31.82 16.54 40.55
N GLN A 183 32.25 16.95 39.35
CA GLN A 183 33.32 17.91 39.19
C GLN A 183 32.75 19.31 38.99
N LEU A 184 33.24 20.27 39.75
CA LEU A 184 32.74 21.63 39.73
C LEU A 184 33.65 22.55 38.93
N PHE A 185 33.07 23.63 38.40
CA PHE A 185 33.79 24.68 37.71
C PHE A 185 33.74 25.97 38.52
N ASN A 186 34.90 26.55 38.80
CA ASN A 186 34.94 27.81 39.54
C ASN A 186 35.98 28.80 39.00
N GLY A 187 36.44 28.61 37.76
CA GLY A 187 37.32 29.58 37.14
C GLY A 187 38.79 29.42 37.40
N PHE A 188 39.24 28.23 37.79
CA PHE A 188 40.66 28.00 38.08
C PHE A 188 41.14 26.76 37.33
N SER A 189 42.42 26.76 36.98
CA SER A 189 43.03 25.64 36.28
C SER A 189 44.45 25.43 36.80
N GLY A 190 44.96 24.21 36.61
CA GLY A 190 46.28 23.83 37.04
C GLY A 190 46.29 23.25 38.43
N LEU A 191 47.42 22.64 38.79
CA LEU A 191 47.62 22.06 40.11
C LEU A 191 48.77 22.70 40.86
N HIS A 192 49.97 22.73 40.26
CA HIS A 192 51.14 23.26 40.96
C HIS A 192 51.10 24.78 41.10
N THR A 193 50.40 25.47 40.21
CA THR A 193 50.24 26.92 40.31
C THR A 193 48.89 27.27 39.67
N ARG A 194 47.88 27.45 40.51
CA ARG A 194 46.54 27.75 40.02
C ARG A 194 46.38 29.25 39.79
N GLN A 195 45.57 29.61 38.80
CA GLN A 195 45.38 31.00 38.42
C GLN A 195 43.94 31.17 37.94
N PHE A 196 43.53 32.42 37.85
CA PHE A 196 42.16 32.77 37.46
C PHE A 196 42.09 32.98 35.96
N TYR A 197 41.19 32.24 35.31
CA TYR A 197 40.90 32.41 33.88
C TYR A 197 39.40 32.62 33.71
N PRO A 198 38.95 33.83 33.40
CA PRO A 198 37.51 34.09 33.32
C PRO A 198 36.80 33.33 32.21
N GLN A 199 37.52 32.78 31.24
CA GLN A 199 36.92 32.10 30.10
C GLN A 199 36.61 30.63 30.38
N ASN A 200 36.92 30.12 31.56
CA ASN A 200 36.63 28.72 31.87
C ASN A 200 35.14 28.46 32.07
N PHE A 201 34.34 29.50 32.27
CA PHE A 201 32.91 29.33 32.47
C PHE A 201 32.16 28.97 31.20
N ASP A 202 32.86 28.80 30.08
CA ASP A 202 32.24 28.46 28.80
C ASP A 202 32.73 27.11 28.27
N LEU A 203 33.02 26.18 29.16
CA LEU A 203 33.55 24.87 28.78
C LEU A 203 32.70 23.76 29.39
N ALA A 204 32.65 22.64 28.69
CA ALA A 204 31.84 21.50 29.13
C ALA A 204 32.53 20.21 28.69
N PHE A 205 32.13 19.11 29.31
CA PHE A 205 32.70 17.79 29.04
C PHE A 205 31.84 17.01 28.06
N ARG A 206 32.47 16.02 27.42
CA ARG A 206 31.79 15.08 26.55
C ARG A 206 32.58 13.79 26.50
N ASN A 207 31.89 12.70 26.18
CA ASN A 207 32.49 11.37 26.18
C ASN A 207 32.77 10.92 24.74
N VAL A 208 34.05 10.72 24.43
CA VAL A 208 34.43 10.32 23.07
C VAL A 208 34.02 8.89 22.79
N ASN A 209 34.20 7.99 23.76
CA ASN A 209 33.90 6.57 23.55
C ASN A 209 33.52 5.89 24.85
N HIS A 218 30.47 11.77 34.29
CA HIS A 218 31.15 12.90 33.70
C HIS A 218 30.35 14.18 33.88
N TYR A 219 29.30 14.10 34.69
CA TYR A 219 28.40 15.23 34.89
C TYR A 219 29.09 16.34 35.68
N HIS A 220 28.71 17.58 35.37
CA HIS A 220 29.38 18.76 35.90
C HIS A 220 28.35 19.77 36.39
N ALA A 221 28.85 20.77 37.11
CA ALA A 221 28.02 21.85 37.62
C ALA A 221 28.90 23.07 37.85
N TYR A 222 28.26 24.22 37.97
CA TYR A 222 28.96 25.49 38.13
C TYR A 222 28.81 26.01 39.55
N LEU A 223 29.70 26.93 39.92
CA LEU A 223 29.72 27.48 41.28
C LEU A 223 30.31 28.89 41.22
N TYR A 224 29.51 29.87 41.62
CA TYR A 224 29.94 31.27 41.68
C TYR A 224 29.98 31.73 43.13
N LYS A 225 31.11 32.28 43.54
CA LYS A 225 31.32 32.76 44.90
C LYS A 225 31.49 34.28 44.86
N LEU A 226 30.54 34.99 45.46
CA LEU A 226 30.47 36.44 45.35
C LEU A 226 31.25 37.16 46.44
N HIS A 227 31.73 36.47 47.46
CA HIS A 227 32.44 37.08 48.58
C HIS A 227 33.75 36.38 48.84
N GLY A 228 34.44 36.01 47.77
CA GLY A 228 35.75 35.37 47.91
C GLY A 228 35.65 33.96 48.46
N SER A 229 36.80 33.46 48.91
CA SER A 229 36.89 32.14 49.48
C SER A 229 37.98 32.15 50.55
N LEU A 230 38.00 31.09 51.35
CA LEU A 230 38.90 31.02 52.51
C LEU A 230 40.30 30.55 52.13
N THR A 231 40.53 30.19 50.87
CA THR A 231 41.81 29.67 50.41
C THR A 231 42.33 30.43 49.19
N TRP A 232 42.03 31.72 49.10
CA TRP A 232 42.49 32.56 48.00
C TRP A 232 43.38 33.68 48.54
N TYR A 233 44.48 33.95 47.85
CA TYR A 233 45.41 35.00 48.27
C TYR A 233 46.30 35.36 47.08
N GLN A 234 46.97 36.50 47.20
CA GLN A 234 47.99 36.91 46.26
C GLN A 234 49.26 37.28 47.02
N ASN A 235 50.41 36.95 46.44
CA ASN A 235 51.71 37.25 47.05
C ASN A 235 52.65 37.80 45.99
N ASP A 236 52.58 39.12 45.77
CA ASP A 236 53.52 39.86 44.93
C ASP A 236 53.61 39.33 43.50
N SER A 237 52.70 38.43 43.13
CA SER A 237 52.73 37.81 41.80
C SER A 237 51.73 38.45 40.84
N LEU A 238 50.99 39.48 41.30
CA LEU A 238 49.98 40.16 40.48
C LEU A 238 48.92 39.19 39.96
N THR A 239 48.75 38.06 40.64
CA THR A 239 47.78 37.05 40.25
C THR A 239 47.19 36.42 41.51
N VAL A 240 46.01 35.82 41.35
CA VAL A 240 45.30 35.19 42.45
C VAL A 240 45.54 33.68 42.37
N ASN A 241 45.90 33.07 43.51
CA ASN A 241 46.21 31.66 43.58
C ASN A 241 45.22 30.94 44.49
N GLU A 242 44.89 29.71 44.14
CA GLU A 242 44.03 28.85 44.94
C GLU A 242 44.83 27.68 45.47
N VAL A 243 44.65 27.37 46.75
CA VAL A 243 45.47 26.39 47.47
C VAL A 243 44.55 25.45 48.24
N SER A 244 44.96 24.18 48.32
CA SER A 244 44.22 23.19 49.06
C SER A 244 44.12 23.58 50.53
N ALA A 245 43.20 22.91 51.24
CA ALA A 245 42.92 23.27 52.62
C ALA A 245 44.12 23.02 53.54
N SER A 246 44.80 21.90 53.37
CA SER A 246 45.89 21.54 54.28
C SER A 246 47.03 22.56 54.21
N GLN A 247 47.41 22.93 52.99
CA GLN A 247 48.52 23.88 52.83
C GLN A 247 48.14 25.26 53.34
N ALA A 248 46.90 25.70 53.10
CA ALA A 248 46.45 26.99 53.61
C ALA A 248 46.45 27.01 55.13
N TYR A 249 46.00 25.91 55.75
CA TYR A 249 46.02 25.82 57.20
C TYR A 249 47.45 25.86 57.74
N ASP A 250 48.36 25.12 57.10
CA ASP A 250 49.76 25.14 57.52
C ASP A 250 50.41 26.49 57.26
N GLU A 251 49.87 27.28 56.34
CA GLU A 251 50.52 28.54 55.99
C GLU A 251 50.05 29.70 56.86
N TYR A 252 48.75 30.01 56.84
CA TYR A 252 48.30 31.23 57.49
C TYR A 252 47.07 31.12 58.39
N ILE A 253 46.23 30.10 58.24
CA ILE A 253 45.01 30.03 59.07
C ILE A 253 45.37 29.82 60.53
N ASN A 254 46.32 28.92 60.80
CA ASN A 254 46.74 28.68 62.18
C ASN A 254 47.35 29.94 62.80
N ASP A 255 48.16 30.66 62.03
CA ASP A 255 48.76 31.89 62.54
C ASP A 255 47.70 32.94 62.82
N ILE A 256 46.68 33.03 61.96
CA ILE A 256 45.60 33.99 62.21
C ILE A 256 44.87 33.63 63.50
N ILE A 257 44.59 32.34 63.70
CA ILE A 257 43.73 31.96 64.83
C ILE A 257 44.49 32.00 66.16
N ASN A 258 45.73 31.49 66.19
CA ASN A 258 46.41 31.23 67.45
C ASN A 258 47.79 31.89 67.50
N LYS A 259 47.87 33.17 67.14
CA LYS A 259 49.15 33.88 67.29
C LYS A 259 48.99 35.31 67.80
N ASP A 260 47.76 35.73 68.12
CA ASP A 260 47.49 37.06 68.70
C ASP A 260 47.96 38.12 67.71
N ASP A 261 48.98 38.91 68.01
CA ASP A 261 49.38 40.02 67.15
C ASP A 261 50.14 39.48 65.93
N PHE A 262 49.44 39.39 64.79
CA PHE A 262 50.07 39.01 63.53
C PHE A 262 49.12 39.44 62.41
N TYR A 263 49.58 40.34 61.55
CA TYR A 263 48.76 40.85 60.46
C TYR A 263 49.61 41.09 59.23
N ARG A 264 49.12 40.62 58.09
CA ARG A 264 49.76 40.80 56.80
C ARG A 264 49.24 42.08 56.14
N GLY A 265 49.59 42.28 54.87
CA GLY A 265 49.10 43.43 54.14
C GLY A 265 47.87 43.10 53.30
N GLN A 266 47.93 43.43 52.01
CA GLN A 266 46.86 43.09 51.08
C GLN A 266 47.07 41.66 50.60
N HIS A 267 46.73 40.72 51.48
CA HIS A 267 47.04 39.31 51.27
C HIS A 267 45.82 38.45 51.03
N LEU A 268 44.84 38.48 51.93
CA LEU A 268 43.71 37.57 51.89
C LEU A 268 42.53 38.20 51.17
N ILE A 269 42.06 37.55 50.12
CA ILE A 269 40.92 38.06 49.33
C ILE A 269 39.67 37.44 49.95
N TYR A 270 39.22 38.01 51.07
CA TYR A 270 37.91 37.78 51.66
C TYR A 270 37.69 38.63 52.91
N PRO A 271 36.46 39.07 53.19
CA PRO A 271 35.30 39.13 52.30
C PRO A 271 35.21 40.50 51.64
N GLY A 272 35.45 40.61 50.34
CA GLY A 272 35.42 41.90 49.67
C GLY A 272 36.26 42.96 50.36
N ALA A 273 37.51 42.63 50.69
CA ALA A 273 38.29 43.46 51.60
C ALA A 273 39.16 44.48 50.87
N ASN A 274 40.08 44.02 50.02
CA ASN A 274 41.04 44.91 49.38
C ASN A 274 40.57 45.26 47.96
N LYS A 275 39.48 46.01 47.91
CA LYS A 275 38.80 46.28 46.66
C LYS A 275 39.34 47.50 45.92
N TYR A 276 40.25 48.27 46.54
CA TYR A 276 40.80 49.44 45.87
C TYR A 276 41.92 49.09 44.89
N SER A 277 42.47 47.89 44.97
CA SER A 277 43.47 47.45 44.00
C SER A 277 42.78 46.90 42.75
N HIS A 278 43.39 47.16 41.60
CA HIS A 278 42.77 46.83 40.33
C HIS A 278 43.04 45.40 39.88
N THR A 279 43.75 44.61 40.68
CA THR A 279 43.94 43.20 40.41
C THR A 279 42.94 42.32 41.17
N ILE A 280 42.37 42.82 42.26
CA ILE A 280 41.47 42.06 43.11
C ILE A 280 40.01 42.32 42.75
N GLY A 281 39.65 43.56 42.43
CA GLY A 281 38.27 43.86 42.07
C GLY A 281 37.82 43.15 40.81
N PHE A 282 38.78 42.66 40.02
CA PHE A 282 38.47 41.90 38.81
C PHE A 282 37.55 40.73 39.12
N VAL A 283 37.86 39.96 40.16
CA VAL A 283 37.10 38.75 40.47
C VAL A 283 35.67 39.09 40.85
N TYR A 284 35.50 40.03 41.79
CA TYR A 284 34.16 40.41 42.23
C TYR A 284 33.34 40.98 41.07
N GLY A 285 33.96 41.84 40.27
CA GLY A 285 33.24 42.40 39.13
C GLY A 285 32.79 41.32 38.16
N GLU A 286 33.66 40.35 37.87
CA GLU A 286 33.28 39.30 36.95
C GLU A 286 32.14 38.44 37.50
N MET A 287 32.20 38.11 38.79
CA MET A 287 31.13 37.30 39.38
C MET A 287 29.79 38.04 39.34
N PHE A 288 29.80 39.34 39.69
CA PHE A 288 28.57 40.11 39.65
C PHE A 288 28.04 40.24 38.23
N ARG A 289 28.93 40.43 37.25
CA ARG A 289 28.49 40.53 35.87
C ARG A 289 27.85 39.24 35.39
N ARG A 290 28.44 38.10 35.76
CA ARG A 290 27.85 36.82 35.39
C ARG A 290 26.49 36.62 36.04
N PHE A 291 26.37 36.98 37.32
CA PHE A 291 25.08 36.88 38.00
C PHE A 291 24.03 37.74 37.31
N GLY A 292 24.40 38.97 36.94
CA GLY A 292 23.46 39.83 36.23
C GLY A 292 23.07 39.28 34.88
N GLU A 293 24.02 38.72 34.14
CA GLU A 293 23.72 38.21 32.81
C GLU A 293 22.88 36.94 32.86
N PHE A 294 22.95 36.20 33.96
CA PHE A 294 22.22 34.93 34.04
C PHE A 294 20.71 35.13 33.98
N ILE A 295 20.20 36.15 34.67
CA ILE A 295 18.76 36.30 34.85
C ILE A 295 18.16 37.22 33.79
N SER A 296 18.94 37.55 32.77
CA SER A 296 18.43 38.35 31.66
C SER A 296 17.95 37.50 30.50
N LYS A 297 18.10 36.17 30.59
CA LYS A 297 17.69 35.19 29.60
C LYS A 297 16.23 34.79 29.79
N PRO A 298 15.53 34.43 28.72
CA PRO A 298 14.18 33.90 28.87
C PRO A 298 14.17 32.52 29.52
N GLN A 299 13.03 32.18 30.11
CA GLN A 299 12.78 30.87 30.70
C GLN A 299 13.80 30.57 31.82
N THR A 300 13.72 31.38 32.86
CA THR A 300 14.60 31.27 34.02
C THR A 300 13.79 31.12 35.29
N ALA A 301 14.21 30.19 36.14
CA ALA A 301 13.60 29.99 37.46
C ALA A 301 14.69 30.07 38.52
N LEU A 302 14.37 30.72 39.64
CA LEU A 302 15.36 30.94 40.68
C LEU A 302 14.74 30.66 42.04
N PHE A 303 15.52 30.03 42.92
CA PHE A 303 15.14 29.77 44.29
C PHE A 303 16.08 30.50 45.23
N ILE A 304 15.53 31.11 46.28
CA ILE A 304 16.30 31.86 47.26
C ILE A 304 16.04 31.27 48.65
N ASN A 305 17.11 30.99 49.38
CA ASN A 305 17.01 30.46 50.73
C ASN A 305 18.24 30.86 51.52
N GLY A 306 18.03 31.33 52.75
CA GLY A 306 19.11 31.75 53.60
C GLY A 306 19.54 33.19 53.44
N PHE A 307 18.96 33.92 52.49
CA PHE A 307 19.34 35.30 52.23
C PHE A 307 18.43 36.23 53.02
N GLY A 308 19.05 37.22 53.67
CA GLY A 308 18.35 38.15 54.54
C GLY A 308 17.96 39.47 53.95
N PHE A 309 18.24 39.71 52.67
CA PHE A 309 17.85 40.94 51.98
C PHE A 309 18.44 42.18 52.63
N GLY A 310 19.67 42.09 53.13
CA GLY A 310 20.35 43.25 53.67
C GLY A 310 21.32 43.84 52.67
N ASP A 311 21.20 43.42 51.41
CA ASP A 311 22.07 43.87 50.33
C ASP A 311 21.27 44.71 49.36
N TYR A 312 21.73 45.94 49.12
CA TYR A 312 20.99 46.85 48.26
C TYR A 312 21.20 46.57 46.77
N HIS A 313 22.39 46.08 46.40
CA HIS A 313 22.75 45.96 44.99
C HIS A 313 22.17 44.72 44.32
N ILE A 314 21.47 43.87 45.06
CA ILE A 314 20.84 42.69 44.50
C ILE A 314 19.35 42.96 44.35
N ASN A 315 18.80 43.78 45.25
CA ASN A 315 17.38 44.05 45.24
C ASN A 315 16.94 44.72 43.95
N ARG A 316 17.69 45.73 43.49
CA ARG A 316 17.29 46.43 42.28
C ARG A 316 17.37 45.53 41.06
N ILE A 317 18.40 44.68 40.99
CA ILE A 317 18.54 43.75 39.87
C ILE A 317 17.37 42.78 39.86
N ILE A 318 17.03 42.22 41.03
CA ILE A 318 15.93 41.26 41.09
C ILE A 318 14.61 41.93 40.71
N LEU A 319 14.35 43.13 41.22
CA LEU A 319 13.10 43.82 40.91
C LEU A 319 13.01 44.17 39.42
N GLY A 320 14.12 44.62 38.84
CA GLY A 320 14.11 44.96 37.42
C GLY A 320 14.05 43.77 36.50
N ALA A 321 14.47 42.60 36.98
CA ALA A 321 14.42 41.40 36.14
C ALA A 321 13.00 40.90 35.91
N LEU A 322 12.01 41.43 36.62
CA LEU A 322 10.63 40.98 36.50
C LEU A 322 9.90 41.60 35.31
N LEU A 323 10.55 42.51 34.57
CA LEU A 323 9.90 43.09 33.40
C LEU A 323 9.78 42.07 32.28
N ASN A 324 10.70 41.12 32.19
CA ASN A 324 10.59 40.05 31.21
C ASN A 324 9.43 39.13 31.58
N PRO A 325 8.59 38.72 30.62
CA PRO A 325 7.43 37.88 30.95
C PRO A 325 7.77 36.42 31.19
N SER A 326 9.05 36.03 31.18
CA SER A 326 9.40 34.63 31.37
C SER A 326 10.39 34.46 32.52
N PHE A 327 10.14 35.14 33.63
CA PHE A 327 10.98 35.04 34.82
C PHE A 327 10.09 34.76 36.03
N HIS A 328 10.42 33.69 36.77
CA HIS A 328 9.67 33.30 37.95
C HIS A 328 10.62 33.13 39.13
N VAL A 329 10.19 33.60 40.30
CA VAL A 329 11.03 33.63 41.49
C VAL A 329 10.27 33.02 42.66
N VAL A 330 10.99 32.27 43.49
CA VAL A 330 10.46 31.69 44.72
C VAL A 330 11.36 32.13 45.87
N ILE A 331 10.73 32.63 46.95
CA ILE A 331 11.44 33.27 48.05
C ILE A 331 11.05 32.60 49.36
N TYR A 332 12.04 32.32 50.21
CA TYR A 332 11.82 31.75 51.53
C TYR A 332 12.14 32.81 52.57
N TYR A 333 11.20 33.05 53.49
CA TYR A 333 11.45 34.00 54.57
C TYR A 333 10.83 33.50 55.87
N PRO A 334 11.64 33.14 56.87
CA PRO A 334 11.08 32.52 58.09
C PRO A 334 10.16 33.44 58.88
N GLU A 335 10.61 34.64 59.24
CA GLU A 335 9.86 35.54 60.10
C GLU A 335 9.14 36.57 59.23
N LEU A 336 7.87 36.27 58.94
CA LEU A 336 7.05 37.12 58.09
C LEU A 336 5.96 37.86 58.86
N LYS A 337 5.37 37.23 59.88
CA LYS A 337 4.30 37.86 60.63
C LYS A 337 4.78 39.10 61.36
N GLU A 338 5.98 39.03 61.96
CA GLU A 338 6.53 40.20 62.63
C GLU A 338 6.76 41.34 61.64
N ALA A 339 7.26 41.02 60.45
CA ALA A 339 7.46 42.05 59.44
C ALA A 339 6.14 42.69 59.03
N ILE A 340 5.10 41.87 58.83
CA ILE A 340 3.80 42.41 58.45
C ILE A 340 3.27 43.34 59.55
N THR A 341 3.35 42.90 60.80
CA THR A 341 2.84 43.72 61.90
C THR A 341 3.63 45.02 62.03
N LYS A 342 4.95 44.95 61.92
CA LYS A 342 5.77 46.15 62.06
C LYS A 342 5.51 47.13 60.92
N VAL A 343 5.38 46.64 59.69
CA VAL A 343 5.10 47.53 58.57
C VAL A 343 3.72 48.16 58.73
N SER A 344 2.74 47.38 59.19
CA SER A 344 1.40 47.94 59.41
C SER A 344 1.43 49.02 60.50
N LYS A 345 2.17 48.78 61.58
CA LYS A 345 2.26 49.77 62.64
C LYS A 345 3.10 50.99 62.26
N GLY A 346 3.91 50.90 61.21
CA GLY A 346 4.65 52.05 60.72
C GLY A 346 6.16 52.00 60.93
N GLY A 347 6.72 50.87 61.32
CA GLY A 347 8.16 50.79 61.53
C GLY A 347 8.86 49.88 60.54
N GLY A 348 9.82 49.10 61.04
CA GLY A 348 10.54 48.15 60.22
C GLY A 348 11.80 48.71 59.60
N SER A 349 12.59 47.80 59.04
CA SER A 349 13.83 48.12 58.36
C SER A 349 13.63 48.00 56.84
N GLU A 350 14.73 48.16 56.09
CA GLU A 350 14.64 48.13 54.64
C GLU A 350 14.30 46.74 54.12
N ALA A 351 14.88 45.69 54.70
CA ALA A 351 14.61 44.33 54.24
C ALA A 351 13.15 43.96 54.43
N GLU A 352 12.59 44.29 55.59
CA GLU A 352 11.17 44.00 55.84
C GLU A 352 10.28 44.77 54.88
N LYS A 353 10.61 46.05 54.63
CA LYS A 353 9.83 46.83 53.68
C LYS A 353 9.87 46.23 52.29
N ALA A 354 11.06 45.79 51.85
CA ALA A 354 11.18 45.21 50.52
C ALA A 354 10.41 43.91 50.41
N ILE A 355 10.51 43.04 51.42
CA ILE A 355 9.82 41.76 51.33
C ILE A 355 8.30 41.95 51.41
N VAL A 356 7.84 42.93 52.20
CA VAL A 356 6.41 43.21 52.26
C VAL A 356 5.92 43.80 50.94
N THR A 357 6.72 44.66 50.31
CA THR A 357 6.35 45.20 49.01
C THR A 357 6.24 44.10 47.97
N LEU A 358 7.18 43.15 47.98
CA LEU A 358 7.08 42.01 47.07
C LEU A 358 5.85 41.16 47.37
N LYS A 359 5.54 40.98 48.65
CA LYS A 359 4.42 40.12 49.04
C LYS A 359 3.08 40.69 48.59
N ASN A 360 2.91 42.01 48.66
CA ASN A 360 1.61 42.65 48.49
C ASN A 360 1.43 43.27 47.10
N MET A 361 1.96 42.64 46.06
CA MET A 361 1.69 43.06 44.69
C MET A 361 1.05 41.90 43.93
N ALA A 362 0.14 42.26 43.00
CA ALA A 362 -0.62 41.27 42.25
C ALA A 362 0.23 40.78 41.07
N PHE A 363 1.09 39.82 41.36
CA PHE A 363 1.95 39.21 40.36
C PHE A 363 1.95 37.70 40.57
N ASN A 364 1.82 36.96 39.47
CA ASN A 364 1.85 35.50 39.53
C ASN A 364 3.25 34.94 39.33
N GLN A 365 4.26 35.79 39.19
CA GLN A 365 5.65 35.35 39.07
C GLN A 365 6.41 35.40 40.38
N VAL A 366 5.76 35.81 41.47
CA VAL A 366 6.41 35.94 42.78
C VAL A 366 5.65 35.10 43.79
N THR A 367 6.37 34.25 44.50
CA THR A 367 5.80 33.38 45.53
C THR A 367 6.64 33.51 46.80
N VAL A 368 5.96 33.67 47.94
CA VAL A 368 6.62 33.84 49.23
C VAL A 368 6.16 32.72 50.15
N VAL A 369 7.12 32.05 50.78
CA VAL A 369 6.84 30.99 51.76
C VAL A 369 7.36 31.47 53.11
N GLY A 370 6.46 31.54 54.09
CA GLY A 370 6.78 32.13 55.37
C GLY A 370 6.28 31.38 56.58
N GLY A 371 6.27 30.05 56.52
CA GLY A 371 5.67 29.26 57.56
C GLY A 371 6.50 29.09 58.83
N GLY A 372 7.33 30.08 59.14
CA GLY A 372 8.09 30.04 60.37
C GLY A 372 9.28 29.11 60.31
N SER A 373 9.19 27.98 61.00
CA SER A 373 10.25 26.97 61.00
C SER A 373 10.10 25.98 59.84
N LYS A 374 9.10 26.16 59.00
CA LYS A 374 8.95 25.35 57.79
C LYS A 374 9.74 25.92 56.61
N ALA A 375 10.41 27.05 56.79
CA ALA A 375 11.21 27.67 55.75
C ALA A 375 12.70 27.43 55.92
N TYR A 376 13.08 26.54 56.83
CA TYR A 376 14.49 26.23 57.04
C TYR A 376 15.04 25.45 55.86
N PHE A 377 16.38 25.33 55.83
CA PHE A 377 17.05 24.71 54.69
C PHE A 377 16.67 23.24 54.56
N ASN A 378 16.58 22.52 55.69
CA ASN A 378 16.24 21.11 55.64
C ASN A 378 14.85 20.88 55.05
N SER A 379 13.91 21.79 55.31
CA SER A 379 12.59 21.70 54.72
C SER A 379 12.58 22.10 53.25
N PHE A 380 13.62 22.80 52.77
CA PHE A 380 13.67 23.21 51.37
C PHE A 380 14.00 22.03 50.46
N VAL A 381 14.91 21.16 50.89
CA VAL A 381 15.37 20.08 50.02
C VAL A 381 14.26 19.05 49.80
N GLU A 382 13.46 18.78 50.83
CA GLU A 382 12.43 17.76 50.75
C GLU A 382 11.31 18.13 49.78
N HIS A 383 11.20 19.39 49.36
CA HIS A 383 10.18 19.78 48.39
C HIS A 383 10.54 19.36 46.97
N LEU A 384 11.81 19.11 46.69
CA LEU A 384 12.23 18.73 45.34
C LEU A 384 12.07 17.24 45.13
N PRO A 385 11.75 16.82 43.91
CA PRO A 385 11.44 15.41 43.65
C PRO A 385 12.62 14.60 43.16
N TYR A 386 12.49 13.27 43.33
CA TYR A 386 13.31 12.22 42.75
C TYR A 386 12.61 11.63 41.53
N PRO A 387 13.34 11.27 40.48
CA PRO A 387 12.74 10.45 39.42
C PRO A 387 12.43 9.06 39.93
N VAL A 388 11.50 8.39 39.24
CA VAL A 388 11.06 7.06 39.67
C VAL A 388 12.20 6.06 39.57
N LEU A 389 13.01 6.16 38.51
CA LEU A 389 14.03 5.16 38.22
C LEU A 389 15.35 5.41 38.95
N PHE A 390 15.44 6.45 39.76
CA PHE A 390 16.71 6.77 40.42
C PHE A 390 17.05 5.71 41.46
N PRO A 391 18.29 5.20 41.48
CA PRO A 391 18.66 4.21 42.49
C PRO A 391 18.84 4.79 43.88
N ARG A 392 17.94 4.48 44.79
CA ARG A 392 18.00 4.99 46.15
C ARG A 392 18.64 4.02 47.13
N ASP A 393 18.45 2.73 46.92
CA ASP A 393 19.06 1.74 47.81
C ASP A 393 20.58 1.80 47.70
N ASN A 394 21.24 1.69 48.85
CA ASN A 394 22.70 1.68 48.92
C ASN A 394 23.19 0.25 49.08
N ILE A 395 24.09 -0.17 48.20
CA ILE A 395 24.57 -1.55 48.19
C ILE A 395 26.09 -1.66 48.26
N VAL A 396 26.84 -0.63 47.88
CA VAL A 396 28.29 -0.73 47.80
C VAL A 396 28.92 -0.90 49.18
N ASP A 397 28.31 -0.34 50.22
CA ASP A 397 28.96 -0.28 51.53
C ASP A 397 29.23 -1.67 52.10
N GLU A 398 28.28 -2.60 51.96
CA GLU A 398 28.48 -3.94 52.49
C GLU A 398 29.64 -4.64 51.80
N LEU A 399 29.72 -4.55 50.47
CA LEU A 399 30.84 -5.13 49.75
C LEU A 399 32.16 -4.47 50.15
N VAL A 400 32.14 -3.15 50.36
CA VAL A 400 33.37 -2.45 50.72
C VAL A 400 33.89 -2.94 52.07
N GLU A 401 33.00 -3.04 53.06
CA GLU A 401 33.44 -3.50 54.37
C GLU A 401 33.86 -4.96 54.34
N ALA A 402 33.16 -5.79 53.56
CA ALA A 402 33.54 -7.18 53.43
C ALA A 402 34.93 -7.32 52.81
N ILE A 403 35.21 -6.55 51.77
CA ILE A 403 36.54 -6.58 51.15
C ILE A 403 37.59 -6.09 52.13
N ALA A 404 37.27 -5.03 52.88
CA ALA A 404 38.23 -4.50 53.86
C ALA A 404 38.51 -5.51 54.97
N ASN A 405 37.56 -6.41 55.25
CA ASN A 405 37.77 -7.41 56.29
C ASN A 405 38.91 -8.36 55.93
N LEU A 406 39.08 -8.68 54.65
CA LEU A 406 40.18 -9.54 54.23
C LEU A 406 41.51 -8.83 54.40
N SER A 407 42.49 -9.53 54.98
CA SER A 407 43.82 -8.98 55.17
C SER A 407 44.89 -10.04 54.98
N SER B 2 61.59 46.02 11.81
CA SER B 2 61.69 44.58 11.98
C SER B 2 60.31 43.95 12.14
N ILE B 3 60.09 42.82 11.48
CA ILE B 3 58.83 42.10 11.51
C ILE B 3 59.08 40.71 12.06
N TYR B 4 58.37 40.34 13.12
CA TYR B 4 58.49 39.04 13.75
C TYR B 4 57.18 38.27 13.62
N GLN B 5 57.27 36.99 13.28
CA GLN B 5 56.12 36.11 13.17
C GLN B 5 56.44 34.78 13.84
N GLY B 6 55.88 34.56 15.03
CA GLY B 6 56.13 33.32 15.74
C GLY B 6 57.54 33.17 16.27
N GLY B 7 58.22 34.29 16.56
CA GLY B 7 59.57 34.26 17.06
C GLY B 7 60.65 34.30 16.00
N ASN B 8 60.29 34.23 14.72
CA ASN B 8 61.24 34.28 13.63
C ASN B 8 61.22 35.67 13.02
N LYS B 9 62.02 35.87 11.97
CA LYS B 9 62.07 37.13 11.24
C LYS B 9 61.44 36.95 9.87
N LEU B 10 60.61 37.92 9.47
CA LEU B 10 59.89 37.87 8.22
C LEU B 10 60.16 39.14 7.41
N ASN B 11 60.07 39.01 6.09
CA ASN B 11 60.35 40.10 5.18
C ASN B 11 59.07 40.81 4.75
N GLU B 12 59.24 41.91 4.04
CA GLU B 12 58.10 42.72 3.62
C GLU B 12 57.28 42.03 2.54
N ASP B 13 57.92 41.24 1.68
CA ASP B 13 57.22 40.66 0.53
C ASP B 13 56.13 39.70 0.98
N ASP B 14 56.42 38.84 1.95
CA ASP B 14 55.42 37.89 2.43
C ASP B 14 54.37 38.53 3.31
N PHE B 15 54.72 39.65 3.97
CA PHE B 15 53.79 40.31 4.87
C PHE B 15 52.56 40.82 4.12
N ARG B 16 52.76 41.37 2.92
CA ARG B 16 51.64 41.87 2.14
C ARG B 16 50.70 40.74 1.72
N SER B 17 51.25 39.60 1.31
CA SER B 17 50.42 38.45 0.99
C SER B 17 49.66 37.96 2.21
N HIS B 18 50.32 37.94 3.37
CA HIS B 18 49.65 37.54 4.60
C HIS B 18 48.48 38.45 4.92
N VAL B 19 48.68 39.77 4.79
CA VAL B 19 47.62 40.73 5.07
C VAL B 19 46.48 40.57 4.08
N TYR B 20 46.80 40.36 2.79
CA TYR B 20 45.76 40.16 1.79
C TYR B 20 44.94 38.92 2.08
N SER B 21 45.59 37.83 2.49
CA SER B 21 44.87 36.62 2.87
C SER B 21 44.01 36.85 4.11
N LEU B 22 44.53 37.60 5.08
CA LEU B 22 43.79 37.83 6.31
C LEU B 22 42.53 38.63 6.07
N CYS B 23 42.59 39.63 5.18
CA CYS B 23 41.45 40.50 4.95
C CYS B 23 40.27 39.78 4.30
N GLN B 24 40.45 38.56 3.80
CA GLN B 24 39.39 37.82 3.13
C GLN B 24 38.59 36.91 4.05
N LEU B 25 38.86 36.92 5.34
CA LEU B 25 38.19 35.99 6.25
C LEU B 25 36.77 36.47 6.55
N ASP B 26 36.06 35.67 7.36
CA ASP B 26 34.66 35.93 7.64
C ASP B 26 34.46 37.12 8.57
N ASN B 27 35.27 37.24 9.60
CA ASN B 27 35.13 38.29 10.60
C ASN B 27 36.40 39.13 10.65
N VAL B 28 36.23 40.45 10.57
CA VAL B 28 37.35 41.39 10.56
C VAL B 28 37.00 42.54 11.49
N GLY B 29 37.97 42.97 12.30
CA GLY B 29 37.77 44.08 13.21
C GLY B 29 39.06 44.83 13.47
N VAL B 30 38.90 46.08 13.89
CA VAL B 30 40.02 46.99 14.15
C VAL B 30 39.86 47.58 15.54
N LEU B 31 40.97 47.61 16.30
CA LEU B 31 41.01 48.22 17.62
C LEU B 31 41.98 49.39 17.58
N LEU B 32 41.50 50.58 17.98
CA LEU B 32 42.29 51.79 17.94
C LEU B 32 42.49 52.33 19.34
N GLY B 33 43.64 52.97 19.55
CA GLY B 33 44.00 53.57 20.80
C GLY B 33 43.97 55.09 20.75
N ALA B 34 44.73 55.70 21.66
CA ALA B 34 44.81 57.15 21.77
C ALA B 34 45.97 57.73 20.98
N GLY B 35 46.71 56.92 20.25
CA GLY B 35 47.80 57.42 19.44
C GLY B 35 47.43 57.65 18.00
N ALA B 36 46.21 57.24 17.62
CA ALA B 36 45.75 57.42 16.25
C ALA B 36 45.24 58.84 15.99
N SER B 37 45.00 59.63 17.02
CA SER B 37 44.55 61.00 16.88
C SER B 37 45.69 62.01 16.94
N VAL B 38 46.93 61.55 17.02
CA VAL B 38 48.07 62.46 17.08
C VAL B 38 48.20 63.26 15.79
N GLY B 39 47.92 62.63 14.64
CA GLY B 39 48.00 63.33 13.37
C GLY B 39 46.85 64.27 13.10
N CYS B 40 45.81 64.26 13.94
CA CYS B 40 44.66 65.14 13.77
C CYS B 40 44.63 66.28 14.77
N GLY B 41 45.40 66.21 15.85
CA GLY B 41 45.42 67.27 16.84
C GLY B 41 45.35 66.77 18.27
N GLY B 42 45.40 65.45 18.44
CA GLY B 42 45.33 64.87 19.77
C GLY B 42 46.61 64.99 20.54
N LYS B 43 46.52 64.71 21.84
CA LYS B 43 47.67 64.76 22.74
C LYS B 43 47.66 63.52 23.62
N THR B 44 48.84 62.92 23.78
CA THR B 44 48.98 61.68 24.53
C THR B 44 48.84 61.94 26.03
N MET B 45 49.01 60.87 26.82
CA MET B 45 48.93 61.00 28.27
C MET B 45 50.13 61.73 28.85
N LYS B 46 51.25 61.79 28.12
CA LYS B 46 52.43 62.49 28.61
C LYS B 46 52.27 64.00 28.53
N ASP B 47 51.60 64.51 27.49
CA ASP B 47 51.45 65.95 27.33
C ASP B 47 50.52 66.54 28.39
N VAL B 48 49.54 65.76 28.85
CA VAL B 48 48.63 66.24 29.88
C VAL B 48 49.40 66.55 31.16
N TRP B 49 50.38 65.72 31.48
CA TRP B 49 51.21 65.96 32.66
C TRP B 49 52.00 67.26 32.51
N LYS B 50 52.54 67.52 31.32
CA LYS B 50 53.24 68.77 31.07
C LYS B 50 52.31 69.97 31.25
N SER B 51 51.09 69.87 30.71
CA SER B 51 50.14 70.97 30.85
C SER B 51 49.79 71.20 32.32
N PHE B 52 49.59 70.13 33.08
CA PHE B 52 49.27 70.27 34.50
C PHE B 52 50.43 70.90 35.26
N LYS B 53 51.66 70.51 34.94
CA LYS B 53 52.82 71.10 35.58
C LYS B 53 52.92 72.59 35.28
N GLN B 54 52.71 72.96 34.01
CA GLN B 54 52.90 74.35 33.62
C GLN B 54 51.80 75.26 34.15
N ASN B 55 50.54 74.83 34.04
CA ASN B 55 49.43 75.73 34.36
C ASN B 55 49.24 75.91 35.86
N TYR B 56 49.34 74.84 36.64
CA TYR B 56 49.02 74.88 38.07
C TYR B 56 50.28 74.64 38.89
N PRO B 57 50.93 75.68 39.40
CA PRO B 57 52.18 75.48 40.15
C PRO B 57 52.02 75.38 41.66
N GLU B 58 50.82 75.63 42.19
CA GLU B 58 50.68 75.63 43.65
C GLU B 58 50.33 74.26 44.21
N LEU B 59 49.49 73.48 43.50
CA LEU B 59 49.07 72.19 44.03
C LEU B 59 50.14 71.11 43.88
N LEU B 60 50.98 71.21 42.85
CA LEU B 60 52.02 70.21 42.65
C LEU B 60 53.02 70.19 43.80
N GLY B 61 53.36 71.37 44.32
CA GLY B 61 54.21 71.42 45.49
C GLY B 61 53.60 70.73 46.68
N ALA B 62 52.29 70.91 46.88
CA ALA B 62 51.61 70.21 47.97
C ALA B 62 51.65 68.70 47.76
N LEU B 63 51.42 68.24 46.52
CA LEU B 63 51.49 66.81 46.25
C LEU B 63 52.88 66.25 46.52
N ILE B 64 53.91 66.99 46.14
CA ILE B 64 55.28 66.51 46.31
C ILE B 64 55.67 66.49 47.79
N ASP B 65 55.32 67.54 48.53
CA ASP B 65 55.85 67.74 49.88
C ASP B 65 54.93 67.20 50.97
N LYS B 66 53.67 67.64 50.98
CA LYS B 66 52.82 67.38 52.15
C LYS B 66 52.20 65.99 52.10
N TYR B 67 51.57 65.63 50.98
CA TYR B 67 50.81 64.39 50.90
C TYR B 67 51.62 63.20 50.40
N LEU B 68 52.71 63.44 49.67
CA LEU B 68 53.58 62.37 49.19
C LEU B 68 52.84 61.39 48.28
N LEU B 69 52.33 61.90 47.17
CA LEU B 69 51.67 61.06 46.17
C LEU B 69 52.51 60.84 44.93
N VAL B 70 53.41 61.76 44.60
CA VAL B 70 54.23 61.69 43.39
C VAL B 70 55.70 61.74 43.80
N SER B 71 56.50 60.83 43.25
CA SER B 71 57.93 60.84 43.49
C SER B 71 58.59 62.00 42.75
N GLN B 72 59.66 62.54 43.35
CA GLN B 72 60.33 63.70 42.78
C GLN B 72 61.07 63.34 41.50
N ILE B 73 61.68 62.15 41.45
CA ILE B 73 62.47 61.76 40.28
C ILE B 73 61.57 61.60 39.06
N ASP B 74 60.41 60.98 39.23
CA ASP B 74 59.53 60.71 38.10
C ASP B 74 58.89 61.99 37.56
N SER B 75 58.84 63.05 38.38
CA SER B 75 58.18 64.28 37.95
C SER B 75 58.94 64.96 36.82
N ASP B 76 60.27 65.08 36.95
CA ASP B 76 61.04 65.79 35.93
C ASP B 76 61.19 64.97 34.66
N ASN B 77 61.26 63.66 34.76
CA ASN B 77 61.40 62.79 33.60
C ASN B 77 60.08 62.48 32.91
N ASN B 78 58.96 62.95 33.48
CA ASN B 78 57.63 62.81 32.89
C ASN B 78 57.28 61.32 32.67
N LEU B 79 57.21 60.61 33.80
CA LEU B 79 56.80 59.21 33.79
C LEU B 79 55.66 58.95 34.78
N VAL B 80 54.94 59.98 35.21
CA VAL B 80 53.87 59.83 36.18
C VAL B 80 52.62 59.32 35.49
N ASN B 81 51.96 58.36 36.13
CA ASN B 81 50.74 57.75 35.61
C ASN B 81 49.54 58.50 36.16
N VAL B 82 48.70 59.04 35.27
CA VAL B 82 47.59 59.88 35.69
C VAL B 82 46.51 59.04 36.38
N GLU B 83 46.22 57.85 35.84
CA GLU B 83 45.09 57.06 36.33
C GLU B 83 45.28 56.66 37.81
N LEU B 84 46.48 56.20 38.16
CA LEU B 84 46.74 55.83 39.55
C LEU B 84 46.63 57.04 40.47
N LEU B 85 47.11 58.20 40.01
CA LEU B 85 46.97 59.42 40.79
C LEU B 85 45.51 59.76 41.03
N ILE B 86 44.68 59.63 40.00
CA ILE B 86 43.25 59.91 40.15
C ILE B 86 42.62 58.94 41.15
N ASP B 87 42.97 57.65 41.06
CA ASP B 87 42.41 56.68 42.00
C ASP B 87 42.81 57.00 43.43
N GLU B 88 44.08 57.33 43.66
CA GLU B 88 44.53 57.65 45.01
C GLU B 88 43.89 58.92 45.53
N ALA B 89 43.73 59.93 44.66
CA ALA B 89 43.05 61.16 45.08
C ALA B 89 41.61 60.89 45.47
N THR B 90 40.91 60.05 44.71
CA THR B 90 39.54 59.71 45.05
C THR B 90 39.47 58.97 46.39
N LYS B 91 40.41 58.05 46.62
CA LYS B 91 40.45 57.34 47.90
C LYS B 91 40.68 58.30 49.06
N PHE B 92 41.64 59.23 48.89
CA PHE B 92 41.90 60.21 49.93
C PHE B 92 40.68 61.07 50.21
N LEU B 93 39.99 61.50 49.16
CA LEU B 93 38.80 62.33 49.34
C LEU B 93 37.71 61.57 50.09
N SER B 94 37.50 60.29 49.73
CA SER B 94 36.49 59.50 50.43
C SER B 94 36.83 59.33 51.90
N VAL B 95 38.09 59.03 52.20
CA VAL B 95 38.51 58.84 53.59
C VAL B 95 38.34 60.14 54.37
N ALA B 96 38.74 61.26 53.79
CA ALA B 96 38.62 62.55 54.47
C ALA B 96 37.17 62.93 54.70
N LYS B 97 36.30 62.66 53.73
CA LYS B 97 34.89 62.99 53.89
C LYS B 97 34.23 62.13 54.95
N THR B 98 34.62 60.85 55.05
CA THR B 98 33.99 59.96 56.01
C THR B 98 34.23 60.42 57.45
N ARG B 99 35.42 60.94 57.73
CA ARG B 99 35.79 61.32 59.09
C ARG B 99 35.47 62.77 59.42
N ARG B 100 34.83 63.50 58.52
CA ARG B 100 34.43 64.90 58.73
C ARG B 100 35.66 65.79 58.99
N CYS B 101 36.54 65.85 58.01
CA CYS B 101 37.67 66.77 58.00
C CYS B 101 37.41 67.80 56.91
N GLU B 102 37.06 69.02 57.33
CA GLU B 102 36.53 70.01 56.39
C GLU B 102 37.60 70.56 55.46
N ASP B 103 38.77 70.91 55.99
CA ASP B 103 39.75 71.63 55.21
C ASP B 103 40.43 70.77 54.16
N GLU B 104 40.52 69.45 54.37
CA GLU B 104 41.15 68.57 53.40
C GLU B 104 40.24 68.20 52.23
N GLU B 105 38.95 68.47 52.33
CA GLU B 105 38.04 68.14 51.23
C GLU B 105 38.26 69.07 50.04
N GLU B 106 38.37 70.38 50.31
CA GLU B 106 38.50 71.35 49.23
C GLU B 106 39.83 71.18 48.49
N GLU B 107 40.90 70.89 49.22
CA GLU B 107 42.21 70.74 48.60
C GLU B 107 42.22 69.61 47.57
N PHE B 108 41.57 68.49 47.89
CA PHE B 108 41.49 67.38 46.95
C PHE B 108 40.44 67.61 45.87
N ARG B 109 39.35 68.31 46.19
CA ARG B 109 38.35 68.62 45.17
C ARG B 109 38.93 69.48 44.07
N LYS B 110 39.74 70.48 44.44
CA LYS B 110 40.37 71.33 43.43
C LYS B 110 41.30 70.53 42.53
N ILE B 111 42.08 69.63 43.13
CA ILE B 111 43.00 68.80 42.34
C ILE B 111 42.24 67.92 41.37
N LEU B 112 41.18 67.27 41.85
CA LEU B 112 40.39 66.41 40.98
C LEU B 112 39.74 67.20 39.86
N SER B 113 39.20 68.38 40.17
CA SER B 113 38.56 69.20 39.14
C SER B 113 39.56 69.65 38.09
N SER B 114 40.75 70.08 38.52
CA SER B 114 41.76 70.51 37.56
C SER B 114 42.23 69.34 36.69
N LEU B 115 42.43 68.17 37.28
CA LEU B 115 42.84 67.01 36.51
C LEU B 115 41.79 66.63 35.48
N TYR B 116 40.51 66.69 35.88
CA TYR B 116 39.44 66.40 34.93
C TYR B 116 39.38 67.45 33.82
N LYS B 117 39.63 68.72 34.17
CA LYS B 117 39.62 69.78 33.16
C LYS B 117 40.71 69.58 32.13
N GLU B 118 41.91 69.19 32.57
CA GLU B 118 43.03 69.05 31.64
C GLU B 118 42.79 67.98 30.59
N VAL B 119 42.13 66.87 30.95
CA VAL B 119 41.87 65.80 29.99
C VAL B 119 40.85 66.24 28.95
N THR B 120 39.84 67.01 29.36
CA THR B 120 38.76 67.40 28.45
C THR B 120 39.28 68.24 27.29
N LYS B 121 40.21 69.16 27.57
CA LYS B 121 40.75 70.03 26.52
C LYS B 121 41.52 69.25 25.46
N ALA B 122 41.93 68.02 25.76
CA ALA B 122 42.77 67.24 24.86
C ALA B 122 41.96 66.38 23.89
N ALA B 123 40.64 66.47 23.91
CA ALA B 123 39.80 65.67 23.03
C ALA B 123 39.01 66.48 22.01
N LEU B 124 39.17 67.81 21.99
CA LEU B 124 38.44 68.62 21.02
C LEU B 124 38.99 68.45 19.62
N LEU B 125 40.32 68.42 19.48
CA LEU B 125 41.04 68.19 18.23
C LEU B 125 40.97 69.36 17.27
N THR B 126 40.13 70.37 17.57
CA THR B 126 40.05 71.51 16.70
C THR B 126 40.03 72.85 17.42
N GLY B 127 39.60 72.91 18.67
CA GLY B 127 39.58 74.16 19.41
C GLY B 127 38.20 74.78 19.42
N GLU B 128 38.12 76.06 19.03
CA GLU B 128 36.85 76.77 19.04
C GLU B 128 35.93 76.37 17.90
N GLN B 129 36.45 75.72 16.86
CA GLN B 129 35.64 75.29 15.73
C GLN B 129 34.90 73.99 16.01
N PHE B 130 34.88 73.54 17.27
CA PHE B 130 34.18 72.31 17.64
C PHE B 130 32.69 72.41 17.39
N ARG B 131 32.13 73.61 17.46
CA ARG B 131 30.69 73.82 17.41
C ARG B 131 30.17 74.15 16.01
N GLU B 132 31.04 74.20 15.01
CA GLU B 132 30.62 74.49 13.65
C GLU B 132 30.24 73.18 12.94
N LYS B 133 30.02 73.26 11.64
CA LYS B 133 29.57 72.12 10.84
C LYS B 133 30.57 71.82 9.73
N ASN B 134 30.38 70.67 9.09
CA ASN B 134 31.23 70.21 7.99
C ASN B 134 32.69 70.15 8.41
N GLN B 135 32.93 69.64 9.62
CA GLN B 135 34.30 69.53 10.12
C GLN B 135 35.08 68.40 9.45
N GLY B 136 34.38 67.43 8.86
CA GLY B 136 35.03 66.32 8.20
C GLY B 136 35.56 66.59 6.82
N LYS B 137 35.34 67.80 6.30
CA LYS B 137 35.81 68.18 4.97
C LYS B 137 37.24 68.68 4.95
N LYS B 138 37.86 68.82 6.12
CA LYS B 138 39.24 69.30 6.19
C LYS B 138 40.20 68.18 5.77
N ASP B 139 41.45 68.58 5.54
CA ASP B 139 42.46 67.67 5.00
C ASP B 139 43.13 66.81 6.06
N ALA B 140 42.78 66.98 7.33
CA ALA B 140 43.37 66.18 8.40
C ALA B 140 42.62 64.88 8.67
N PHE B 141 41.49 64.64 8.00
CA PHE B 141 40.69 63.46 8.21
C PHE B 141 40.64 62.55 6.98
N LYS B 142 41.69 62.61 6.16
CA LYS B 142 41.70 61.82 4.93
C LYS B 142 41.88 60.33 5.21
N TYR B 143 42.78 59.99 6.14
CA TYR B 143 43.14 58.59 6.34
C TYR B 143 42.04 57.81 7.05
N HIS B 144 41.24 58.46 7.91
CA HIS B 144 40.08 57.79 8.46
C HIS B 144 39.07 57.44 7.39
N LYS B 145 38.84 58.37 6.44
CA LYS B 145 37.97 58.09 5.31
C LYS B 145 38.50 56.92 4.49
N GLU B 146 39.80 56.92 4.22
CA GLU B 146 40.39 55.84 3.44
C GLU B 146 40.28 54.51 4.16
N LEU B 147 40.48 54.50 5.48
CA LEU B 147 40.33 53.27 6.24
C LEU B 147 38.91 52.73 6.17
N ILE B 148 37.92 53.62 6.34
CA ILE B 148 36.53 53.17 6.29
C ILE B 148 36.20 52.62 4.90
N SER B 149 36.64 53.31 3.85
CA SER B 149 36.36 52.87 2.49
C SER B 149 37.01 51.51 2.22
N LYS B 150 38.27 51.34 2.61
CA LYS B 150 38.96 50.08 2.37
C LYS B 150 38.31 48.95 3.16
N LEU B 151 37.88 49.21 4.40
CA LEU B 151 37.26 48.17 5.20
C LEU B 151 35.92 47.73 4.61
N ILE B 152 35.08 48.70 4.24
CA ILE B 152 33.74 48.35 3.74
C ILE B 152 33.82 47.72 2.36
N SER B 153 34.70 48.22 1.50
CA SER B 153 34.77 47.74 0.12
C SER B 153 35.22 46.29 0.02
N ASN B 154 35.96 45.78 0.99
CA ASN B 154 36.49 44.42 0.96
C ASN B 154 35.52 43.42 1.59
N ARG B 155 34.28 43.39 1.12
CA ARG B 155 33.27 42.50 1.66
C ARG B 155 32.51 41.83 0.52
N GLN B 156 32.59 40.51 0.47
CA GLN B 156 31.82 39.71 -0.47
C GLN B 156 30.37 39.62 -0.01
N PRO B 157 29.42 39.45 -0.93
CA PRO B 157 28.01 39.35 -0.53
C PRO B 157 27.77 38.14 0.38
N GLY B 158 26.90 38.34 1.37
CA GLY B 158 26.59 37.29 2.30
C GLY B 158 27.48 37.21 3.52
N GLN B 159 28.18 38.29 3.87
CA GLN B 159 29.07 38.31 5.03
C GLN B 159 28.69 39.44 5.97
N SER B 160 29.24 39.39 7.17
CA SER B 160 28.86 40.33 8.22
C SER B 160 29.58 41.66 8.06
N ALA B 161 28.97 42.70 8.64
CA ALA B 161 29.56 44.04 8.61
C ALA B 161 30.77 44.11 9.52
N PRO B 162 31.70 45.03 9.25
CA PRO B 162 32.89 45.15 10.09
C PRO B 162 32.59 45.87 11.40
N ALA B 163 33.54 45.76 12.32
CA ALA B 163 33.40 46.31 13.66
C ALA B 163 34.64 47.12 14.03
N ILE B 164 34.43 48.20 14.77
CA ILE B 164 35.52 49.08 15.21
C ILE B 164 35.39 49.29 16.71
N PHE B 165 36.50 49.10 17.42
CA PHE B 165 36.57 49.33 18.86
C PHE B 165 37.55 50.47 19.13
N THR B 166 37.22 51.32 20.09
CA THR B 166 38.04 52.50 20.36
C THR B 166 38.05 52.78 21.86
N THR B 167 39.08 53.51 22.28
CA THR B 167 39.26 53.93 23.68
C THR B 167 39.50 55.44 23.74
N ASN B 168 38.68 56.20 23.02
CA ASN B 168 38.86 57.63 22.89
C ASN B 168 37.54 58.34 23.16
N TYR B 169 37.63 59.64 23.44
CA TYR B 169 36.47 60.50 23.61
C TYR B 169 36.20 61.37 22.38
N ASP B 170 37.02 61.28 21.35
CA ASP B 170 36.93 62.16 20.20
C ASP B 170 35.78 61.76 19.28
N LEU B 171 35.54 62.57 18.25
CA LEU B 171 34.48 62.35 17.29
C LEU B 171 35.03 62.31 15.86
N ALA B 172 36.24 61.76 15.70
CA ALA B 172 36.87 61.74 14.38
C ALA B 172 36.18 60.75 13.45
N LEU B 173 35.92 59.54 13.92
CA LEU B 173 35.32 58.52 13.06
C LEU B 173 33.89 58.91 12.66
N GLU B 174 33.13 59.47 13.59
CA GLU B 174 31.78 59.90 13.26
C GLU B 174 31.77 60.95 12.16
N TRP B 175 32.66 61.94 12.27
CA TRP B 175 32.75 62.98 11.25
C TRP B 175 33.20 62.40 9.91
N ALA B 176 34.20 61.52 9.93
CA ALA B 176 34.70 60.93 8.71
C ALA B 176 33.61 60.10 8.02
N ALA B 177 32.83 59.35 8.79
CA ALA B 177 31.77 58.55 8.19
C ALA B 177 30.61 59.40 7.71
N GLU B 178 30.28 60.48 8.43
CA GLU B 178 29.21 61.36 8.01
C GLU B 178 29.54 62.14 6.75
N ASP B 179 30.82 62.46 6.53
CA ASP B 179 31.19 63.09 5.26
C ASP B 179 30.90 62.18 4.08
N LEU B 180 31.22 60.88 4.20
CA LEU B 180 30.98 59.95 3.12
C LEU B 180 29.50 59.64 2.94
N GLY B 181 28.75 59.50 4.03
CA GLY B 181 27.37 59.10 3.97
C GLY B 181 27.07 57.70 4.46
N ILE B 182 27.92 57.14 5.32
CA ILE B 182 27.77 55.77 5.81
C ILE B 182 27.26 55.84 7.24
N GLN B 183 26.24 55.05 7.55
CA GLN B 183 25.60 55.08 8.86
C GLN B 183 26.29 54.12 9.81
N LEU B 184 26.60 54.61 11.02
CA LEU B 184 27.20 53.81 12.06
C LEU B 184 26.18 53.55 13.16
N PHE B 185 26.11 52.31 13.63
CA PHE B 185 25.22 51.94 14.73
C PHE B 185 25.99 51.99 16.04
N ASN B 186 25.41 52.63 17.04
CA ASN B 186 26.03 52.72 18.35
C ASN B 186 25.03 52.51 19.50
N GLY B 187 23.82 52.04 19.21
CA GLY B 187 22.86 51.70 20.24
C GLY B 187 21.90 52.78 20.65
N PHE B 188 21.81 53.87 19.90
CA PHE B 188 20.91 54.97 20.23
C PHE B 188 19.87 55.14 19.13
N SER B 189 18.69 55.63 19.53
CA SER B 189 17.57 55.80 18.61
C SER B 189 16.85 57.10 18.91
N GLY B 190 16.19 57.64 17.88
CA GLY B 190 15.45 58.88 18.01
C GLY B 190 16.26 60.10 17.61
N LEU B 191 15.58 61.25 17.59
CA LEU B 191 16.24 62.54 17.41
C LEU B 191 16.00 63.49 18.58
N HIS B 192 14.75 63.71 18.96
CA HIS B 192 14.45 64.69 20.00
C HIS B 192 14.76 64.17 21.39
N THR B 193 14.94 62.86 21.56
CA THR B 193 15.29 62.29 22.85
C THR B 193 16.06 60.98 22.59
N ARG B 194 17.38 61.04 22.71
CA ARG B 194 18.23 59.88 22.49
C ARG B 194 18.26 59.02 23.75
N GLN B 195 18.18 57.70 23.55
CA GLN B 195 18.23 56.75 24.65
C GLN B 195 19.03 55.53 24.21
N PHE B 196 19.54 54.80 25.19
CA PHE B 196 20.39 53.64 24.95
C PHE B 196 19.55 52.37 25.10
N TYR B 197 19.44 51.62 24.02
CA TYR B 197 18.75 50.33 24.01
C TYR B 197 19.72 49.24 23.60
N PRO B 198 19.91 48.22 24.43
CA PRO B 198 20.83 47.12 24.04
C PRO B 198 20.45 46.43 22.75
N GLN B 199 19.15 46.33 22.45
CA GLN B 199 18.70 45.59 21.26
C GLN B 199 19.01 46.31 19.95
N ASN B 200 19.46 47.56 19.99
CA ASN B 200 19.78 48.27 18.77
C ASN B 200 21.07 47.81 18.12
N PHE B 201 21.76 46.83 18.71
CA PHE B 201 22.99 46.28 18.18
C PHE B 201 22.75 45.08 17.27
N ASP B 202 21.49 44.71 17.04
CA ASP B 202 21.17 43.52 16.27
C ASP B 202 20.30 43.84 15.06
N LEU B 203 20.66 44.89 14.32
CA LEU B 203 19.87 45.34 13.18
C LEU B 203 20.77 45.52 11.96
N ALA B 204 20.15 45.43 10.79
CA ALA B 204 20.85 45.63 9.53
C ALA B 204 19.86 46.15 8.50
N PHE B 205 20.38 46.78 7.46
CA PHE B 205 19.53 47.38 6.44
C PHE B 205 19.06 46.32 5.44
N ARG B 206 18.03 46.68 4.68
CA ARG B 206 17.49 45.82 3.64
C ARG B 206 16.74 46.68 2.64
N ASN B 207 17.00 46.44 1.35
CA ASN B 207 16.42 47.24 0.28
C ASN B 207 15.19 46.52 -0.28
N VAL B 208 14.09 47.26 -0.41
CA VAL B 208 12.84 46.69 -0.91
C VAL B 208 12.93 46.39 -2.41
N HIS B 218 24.10 46.76 0.92
CA HIS B 218 24.17 48.18 1.23
C HIS B 218 25.36 48.42 2.16
N TYR B 219 25.64 49.68 2.48
CA TYR B 219 26.81 50.05 3.25
C TYR B 219 26.41 50.45 4.67
N HIS B 220 27.06 49.84 5.65
CA HIS B 220 26.86 50.15 7.06
C HIS B 220 27.99 49.51 7.86
N ALA B 221 28.11 49.90 9.12
CA ALA B 221 29.14 49.37 10.00
C ALA B 221 28.65 49.45 11.45
N TYR B 222 29.55 49.12 12.38
CA TYR B 222 29.26 49.13 13.81
C TYR B 222 30.40 49.84 14.55
N LEU B 223 30.06 50.43 15.69
CA LEU B 223 31.02 51.21 16.47
C LEU B 223 30.74 51.02 17.96
N TYR B 224 31.77 50.63 18.70
CA TYR B 224 31.70 50.48 20.15
C TYR B 224 32.70 51.42 20.80
N LYS B 225 32.25 52.16 21.81
CA LYS B 225 33.11 53.06 22.59
C LYS B 225 33.21 52.50 24.00
N LEU B 226 34.41 52.09 24.38
CA LEU B 226 34.63 51.36 25.63
C LEU B 226 34.82 52.26 26.84
N HIS B 227 35.01 53.56 26.66
CA HIS B 227 35.25 54.47 27.77
C HIS B 227 34.40 55.73 27.63
N GLY B 228 33.16 55.57 27.17
CA GLY B 228 32.25 56.68 27.08
C GLY B 228 32.55 57.62 25.93
N SER B 229 31.91 58.78 25.98
CA SER B 229 32.06 59.80 24.97
C SER B 229 31.86 61.16 25.60
N LEU B 230 32.13 62.20 24.82
CA LEU B 230 32.00 63.57 25.30
C LEU B 230 30.59 64.13 25.21
N THR B 231 29.68 63.43 24.52
CA THR B 231 28.31 63.89 24.35
C THR B 231 27.29 62.98 25.04
N TRP B 232 27.71 62.20 26.03
CA TRP B 232 26.81 61.36 26.80
C TRP B 232 26.71 61.87 28.23
N TYR B 233 25.52 61.74 28.81
CA TYR B 233 25.32 62.09 30.20
C TYR B 233 24.17 61.29 30.77
N GLN B 234 24.15 61.17 32.10
CA GLN B 234 23.17 60.38 32.83
C GLN B 234 22.32 61.30 33.69
N ASN B 235 21.00 61.11 33.65
CA ASN B 235 20.06 61.94 34.40
C ASN B 235 19.61 61.27 35.70
N ASP B 236 20.47 60.47 36.32
CA ASP B 236 20.20 59.85 37.62
C ASP B 236 18.94 58.99 37.57
N SER B 237 18.74 58.28 36.46
CA SER B 237 17.59 57.39 36.32
C SER B 237 17.99 56.10 35.61
N LEU B 238 19.25 55.71 35.70
CA LEU B 238 19.78 54.52 35.01
C LEU B 238 19.54 54.61 33.50
N THR B 239 19.66 55.81 32.95
CA THR B 239 19.51 56.05 31.53
C THR B 239 20.61 56.99 31.05
N VAL B 240 20.94 56.87 29.77
CA VAL B 240 21.95 57.72 29.14
C VAL B 240 21.32 58.41 27.94
N ASN B 241 21.50 59.72 27.85
CA ASN B 241 21.03 60.49 26.72
C ASN B 241 22.21 61.01 25.91
N GLU B 242 21.94 61.34 24.65
CA GLU B 242 22.96 61.80 23.72
C GLU B 242 22.50 63.08 23.04
N VAL B 243 23.46 63.98 22.80
CA VAL B 243 23.20 65.26 22.15
C VAL B 243 24.29 65.52 21.12
N SER B 244 24.06 66.52 20.28
CA SER B 244 25.03 66.91 19.27
C SER B 244 26.15 67.74 19.92
N ALA B 245 27.16 68.08 19.10
CA ALA B 245 28.31 68.79 19.63
C ALA B 245 27.94 70.20 20.08
N SER B 246 27.18 70.92 19.26
CA SER B 246 26.85 72.30 19.58
C SER B 246 26.04 72.41 20.87
N GLN B 247 25.04 71.53 21.03
CA GLN B 247 24.19 71.61 22.20
C GLN B 247 24.97 71.28 23.48
N ALA B 248 25.82 70.25 23.43
CA ALA B 248 26.63 69.91 24.59
C ALA B 248 27.60 71.04 24.93
N TYR B 249 28.20 71.64 23.91
CA TYR B 249 29.13 72.75 24.14
C TYR B 249 28.42 73.94 24.78
N ASP B 250 27.22 74.27 24.31
CA ASP B 250 26.48 75.37 24.90
C ASP B 250 25.95 75.01 26.29
N GLU B 251 25.75 73.72 26.57
CA GLU B 251 25.18 73.32 27.85
C GLU B 251 26.21 73.29 28.95
N TYR B 252 27.23 72.42 28.84
CA TYR B 252 28.14 72.20 29.96
C TYR B 252 29.62 72.23 29.62
N ILE B 253 30.02 71.95 28.39
CA ILE B 253 31.45 71.90 28.08
C ILE B 253 32.10 73.27 28.26
N ASN B 254 31.41 74.32 27.81
CA ASN B 254 31.97 75.66 27.97
C ASN B 254 32.12 76.02 29.45
N ASP B 255 31.13 75.68 30.26
CA ASP B 255 31.22 75.95 31.69
C ASP B 255 32.37 75.18 32.32
N ILE B 256 32.59 73.94 31.89
CA ILE B 256 33.72 73.17 32.41
C ILE B 256 35.03 73.82 32.03
N ILE B 257 35.16 74.26 30.78
CA ILE B 257 36.46 74.67 30.27
C ILE B 257 36.78 76.11 30.67
N ASN B 258 35.97 77.07 30.23
CA ASN B 258 36.33 78.48 30.30
C ASN B 258 35.58 79.23 31.40
N LYS B 259 35.05 78.53 32.39
CA LYS B 259 34.35 79.19 33.49
C LYS B 259 34.78 78.73 34.87
N ASP B 260 35.56 77.65 34.99
CA ASP B 260 36.07 77.14 36.27
C ASP B 260 34.93 76.82 37.22
N ASP B 261 34.10 75.87 36.81
CA ASP B 261 32.96 75.41 37.59
C ASP B 261 33.28 74.07 38.24
N PHE B 262 32.65 73.80 39.38
CA PHE B 262 32.86 72.54 40.07
C PHE B 262 32.38 71.38 39.22
N TYR B 263 33.12 70.28 39.24
CA TYR B 263 32.79 69.13 38.42
C TYR B 263 31.74 68.25 39.11
N ARG B 264 30.76 67.82 38.33
CA ARG B 264 29.75 66.87 38.76
C ARG B 264 29.65 65.76 37.71
N GLY B 265 28.66 64.89 37.86
CA GLY B 265 28.44 63.86 36.87
C GLY B 265 27.84 64.43 35.61
N GLN B 266 28.61 65.25 34.89
CA GLN B 266 28.07 65.98 33.76
C GLN B 266 28.27 65.23 32.45
N HIS B 267 29.37 64.51 32.31
CA HIS B 267 29.56 63.63 31.17
C HIS B 267 30.15 62.30 31.65
N LEU B 268 29.84 61.25 30.90
CA LEU B 268 30.20 59.88 31.29
C LEU B 268 31.53 59.52 30.65
N ILE B 269 32.61 59.57 31.43
CA ILE B 269 33.93 59.14 31.00
C ILE B 269 34.54 58.29 32.12
N TYR B 270 35.50 57.45 31.75
CA TYR B 270 36.14 56.51 32.67
C TYR B 270 37.65 56.68 32.59
N PRO B 271 38.20 57.74 33.20
CA PRO B 271 39.66 57.92 33.17
C PRO B 271 40.42 57.06 34.17
N GLY B 272 39.74 56.44 35.14
CA GLY B 272 40.42 55.69 36.18
C GLY B 272 40.89 54.32 35.73
N ALA B 273 41.51 53.61 36.67
CA ALA B 273 42.02 52.27 36.40
C ALA B 273 41.07 51.16 36.81
N ASN B 274 40.22 51.40 37.81
CA ASN B 274 39.23 50.44 38.25
C ASN B 274 37.85 50.93 37.80
N LYS B 275 37.29 50.27 36.79
CA LYS B 275 36.00 50.65 36.22
C LYS B 275 34.84 49.97 36.92
N TYR B 276 35.10 49.09 37.87
CA TYR B 276 34.05 48.39 38.61
C TYR B 276 33.63 49.14 39.88
N SER B 277 34.23 50.30 40.16
CA SER B 277 33.78 51.10 41.29
C SER B 277 32.41 51.70 41.04
N HIS B 278 32.06 51.95 39.78
CA HIS B 278 30.74 52.46 39.41
C HIS B 278 29.77 51.29 39.44
N THR B 279 28.96 51.20 40.50
CA THR B 279 28.08 50.06 40.72
C THR B 279 26.75 50.19 39.98
N ILE B 280 26.44 51.34 39.41
CA ILE B 280 25.18 51.55 38.71
C ILE B 280 25.40 51.87 37.23
N GLY B 281 26.52 51.41 36.66
CA GLY B 281 26.78 51.62 35.26
C GLY B 281 26.79 50.33 34.47
N PHE B 282 25.93 50.22 33.45
CA PHE B 282 25.82 49.01 32.65
C PHE B 282 26.18 49.23 31.19
N VAL B 283 26.57 50.45 30.81
CA VAL B 283 27.03 50.68 29.44
C VAL B 283 28.38 50.02 29.22
N TYR B 284 29.28 50.12 30.20
CA TYR B 284 30.59 49.48 30.12
C TYR B 284 30.46 47.97 30.01
N GLY B 285 29.58 47.38 30.82
CA GLY B 285 29.44 45.94 30.82
C GLY B 285 28.92 45.39 29.51
N GLU B 286 27.95 46.07 28.91
CA GLU B 286 27.41 45.62 27.63
C GLU B 286 28.47 45.70 26.54
N MET B 287 29.24 46.78 26.52
CA MET B 287 30.30 46.92 25.53
C MET B 287 31.34 45.81 25.66
N PHE B 288 31.74 45.51 26.89
CA PHE B 288 32.75 44.47 27.05
C PHE B 288 32.18 43.07 26.81
N ARG B 289 30.88 42.87 27.08
CA ARG B 289 30.25 41.61 26.72
C ARG B 289 30.26 41.40 25.21
N ARG B 290 29.93 42.46 24.46
CA ARG B 290 29.99 42.35 23.00
C ARG B 290 31.41 42.11 22.52
N PHE B 291 32.38 42.80 23.13
CA PHE B 291 33.78 42.61 22.77
C PHE B 291 34.24 41.17 22.99
N GLY B 292 33.87 40.61 24.14
CA GLY B 292 34.20 39.21 24.41
C GLY B 292 33.48 38.25 23.49
N GLU B 293 32.24 38.57 23.10
CA GLU B 293 31.51 37.72 22.17
C GLU B 293 32.15 37.73 20.78
N PHE B 294 32.71 38.87 20.37
CA PHE B 294 33.27 38.95 19.01
C PHE B 294 34.44 38.00 18.82
N ILE B 295 35.35 37.93 19.80
CA ILE B 295 36.60 37.20 19.62
C ILE B 295 36.44 35.69 19.61
N SER B 296 35.37 35.15 20.21
CA SER B 296 35.17 33.72 20.30
C SER B 296 34.31 33.21 19.13
N LYS B 297 34.81 33.43 17.93
CA LYS B 297 34.14 33.00 16.71
C LYS B 297 35.17 32.43 15.75
N PRO B 298 34.78 31.43 14.94
CA PRO B 298 35.72 30.86 13.97
C PRO B 298 36.09 31.88 12.89
N GLN B 299 37.32 31.76 12.40
CA GLN B 299 37.83 32.53 11.27
C GLN B 299 37.71 34.04 11.53
N THR B 300 38.47 34.49 12.54
CA THR B 300 38.44 35.87 12.97
C THR B 300 39.82 36.49 12.87
N ALA B 301 39.86 37.78 12.54
CA ALA B 301 41.09 38.55 12.45
C ALA B 301 40.92 39.85 13.22
N LEU B 302 42.04 40.40 13.72
CA LEU B 302 42.01 41.62 14.50
C LEU B 302 43.28 42.42 14.25
N PHE B 303 43.12 43.72 14.01
CA PHE B 303 44.22 44.65 13.81
C PHE B 303 44.25 45.66 14.95
N ILE B 304 45.43 45.90 15.50
CA ILE B 304 45.60 46.81 16.64
C ILE B 304 46.63 47.86 16.29
N ASN B 305 46.31 49.12 16.54
CA ASN B 305 47.23 50.22 16.27
C ASN B 305 47.02 51.32 17.29
N GLY B 306 48.11 51.97 17.68
CA GLY B 306 48.04 53.11 18.57
C GLY B 306 47.64 52.79 19.99
N PHE B 307 47.79 51.53 20.42
CA PHE B 307 47.36 51.11 21.75
C PHE B 307 48.58 50.75 22.58
N GLY B 308 48.71 51.41 23.73
CA GLY B 308 49.74 51.08 24.70
C GLY B 308 49.16 50.16 25.77
N PHE B 309 49.86 49.08 26.05
CA PHE B 309 49.37 48.04 26.95
C PHE B 309 49.45 48.55 28.38
N GLY B 310 48.43 49.29 28.78
CA GLY B 310 48.37 49.85 30.12
C GLY B 310 47.06 49.58 30.82
N ASP B 311 46.23 48.72 30.23
CA ASP B 311 44.96 48.32 30.82
C ASP B 311 45.03 46.86 31.20
N TYR B 312 44.77 46.55 32.47
CA TYR B 312 44.82 45.17 32.93
C TYR B 312 43.68 44.34 32.36
N HIS B 313 42.52 44.96 32.12
CA HIS B 313 41.37 44.19 31.67
C HIS B 313 41.55 43.72 30.24
N ILE B 314 42.05 44.57 29.35
CA ILE B 314 42.09 44.25 27.93
C ILE B 314 43.11 43.16 27.63
N ASN B 315 44.32 43.28 28.19
CA ASN B 315 45.37 42.33 27.85
C ASN B 315 45.19 40.98 28.54
N ARG B 316 44.25 40.86 29.48
CA ARG B 316 43.87 39.56 30.00
C ARG B 316 42.82 38.86 29.13
N ILE B 317 42.22 39.58 28.17
CA ILE B 317 41.28 38.98 27.24
C ILE B 317 42.00 38.47 25.99
N ILE B 318 43.02 39.19 25.53
CA ILE B 318 43.76 38.76 24.35
C ILE B 318 44.47 37.44 24.61
N LEU B 319 45.09 37.30 25.78
CA LEU B 319 45.82 36.07 26.09
C LEU B 319 44.89 34.86 26.13
N GLY B 320 43.68 35.03 26.65
CA GLY B 320 42.74 33.92 26.72
C GLY B 320 42.12 33.55 25.38
N ALA B 321 42.16 34.44 24.40
CA ALA B 321 41.55 34.20 23.10
C ALA B 321 42.48 33.49 22.13
N LEU B 322 43.73 33.25 22.50
CA LEU B 322 44.71 32.64 21.62
C LEU B 322 44.70 31.12 21.70
N LEU B 323 43.79 30.53 22.47
CA LEU B 323 43.68 29.08 22.57
C LEU B 323 42.77 28.48 21.50
N ASN B 324 42.17 29.32 20.64
CA ASN B 324 41.38 28.88 19.49
C ASN B 324 42.25 28.82 18.26
N PRO B 325 42.25 27.72 17.52
CA PRO B 325 43.18 27.58 16.38
C PRO B 325 42.79 28.38 15.16
N SER B 326 41.78 29.25 15.28
CA SER B 326 41.29 30.03 14.15
C SER B 326 41.12 31.50 14.54
N PHE B 327 42.12 32.05 15.23
CA PHE B 327 42.11 33.44 15.65
C PHE B 327 43.48 34.04 15.40
N HIS B 328 43.56 35.01 14.50
CA HIS B 328 44.81 35.67 14.13
C HIS B 328 44.79 37.12 14.57
N VAL B 329 45.93 37.62 15.03
CA VAL B 329 46.06 38.99 15.51
C VAL B 329 47.37 39.58 15.01
N VAL B 330 47.32 40.85 14.59
CA VAL B 330 48.48 41.60 14.14
C VAL B 330 48.60 42.85 14.99
N ILE B 331 49.80 43.13 15.49
CA ILE B 331 50.04 44.20 16.45
C ILE B 331 51.09 45.15 15.88
N TYR B 332 50.79 46.45 15.97
CA TYR B 332 51.74 47.51 15.60
C TYR B 332 52.26 48.16 16.87
N TYR B 333 53.58 48.24 17.01
CA TYR B 333 54.15 48.79 18.23
C TYR B 333 55.46 49.51 17.91
N PRO B 334 55.50 50.84 18.03
CA PRO B 334 56.67 51.58 17.53
C PRO B 334 57.97 51.27 18.27
N GLU B 335 58.01 51.42 19.58
CA GLU B 335 59.26 51.35 20.35
C GLU B 335 59.41 49.93 20.89
N LEU B 336 59.91 49.04 20.04
CA LEU B 336 60.08 47.63 20.41
C LEU B 336 61.49 47.26 20.84
N LYS B 337 62.50 47.89 20.24
CA LYS B 337 63.88 47.54 20.57
C LYS B 337 64.22 47.90 22.01
N GLU B 338 63.81 49.10 22.45
CA GLU B 338 64.10 49.52 23.82
C GLU B 338 63.44 48.58 24.83
N ALA B 339 62.25 48.08 24.52
CA ALA B 339 61.59 47.12 25.40
C ALA B 339 62.43 45.87 25.57
N ILE B 340 62.95 45.32 24.47
CA ILE B 340 63.76 44.11 24.54
C ILE B 340 65.04 44.38 25.32
N THR B 341 65.70 45.51 25.05
CA THR B 341 66.95 45.82 25.74
C THR B 341 66.73 45.98 27.25
N LYS B 342 65.65 46.65 27.65
CA LYS B 342 65.40 46.86 29.07
C LYS B 342 64.97 45.57 29.76
N VAL B 343 64.16 44.74 29.10
CA VAL B 343 63.74 43.48 29.71
C VAL B 343 64.92 42.54 29.86
N SER B 344 65.84 42.55 28.89
CA SER B 344 66.98 41.64 28.95
C SER B 344 67.84 41.90 30.19
N LYS B 345 68.18 43.15 30.46
CA LYS B 345 69.02 43.48 31.60
C LYS B 345 68.18 43.94 32.80
N GLY B 346 67.35 43.03 33.28
CA GLY B 346 66.63 43.27 34.53
C GLY B 346 65.13 43.39 34.40
N GLY B 347 64.66 44.15 33.42
CA GLY B 347 63.25 44.36 33.21
C GLY B 347 62.83 45.80 33.47
N GLY B 348 61.57 46.07 33.17
CA GLY B 348 61.02 47.40 33.32
C GLY B 348 59.58 47.41 33.78
N SER B 349 58.73 48.20 33.12
CA SER B 349 57.35 48.32 33.52
C SER B 349 56.54 47.14 33.01
N GLU B 350 55.25 47.12 33.39
CA GLU B 350 54.36 46.05 32.98
C GLU B 350 54.05 46.07 31.49
N ALA B 351 54.09 47.25 30.86
CA ALA B 351 53.77 47.34 29.44
C ALA B 351 54.78 46.59 28.58
N GLU B 352 56.08 46.74 28.89
CA GLU B 352 57.10 46.10 28.07
C GLU B 352 57.07 44.58 28.23
N LYS B 353 56.80 44.10 29.45
CA LYS B 353 56.79 42.66 29.69
C LYS B 353 55.71 41.97 28.87
N ALA B 354 54.53 42.59 28.75
CA ALA B 354 53.44 41.98 28.00
C ALA B 354 53.79 41.81 26.53
N ILE B 355 54.32 42.86 25.91
CA ILE B 355 54.65 42.80 24.49
C ILE B 355 55.82 41.84 24.26
N VAL B 356 56.79 41.82 25.19
CA VAL B 356 57.91 40.89 25.05
C VAL B 356 57.42 39.45 25.14
N THR B 357 56.52 39.16 26.08
CA THR B 357 55.97 37.81 26.19
C THR B 357 55.16 37.45 24.95
N LEU B 358 54.40 38.40 24.42
CA LEU B 358 53.62 38.13 23.22
C LEU B 358 54.51 37.88 22.02
N LYS B 359 55.68 38.53 21.96
CA LYS B 359 56.58 38.32 20.83
C LYS B 359 57.22 36.93 20.86
N ASN B 360 57.43 36.37 22.04
CA ASN B 360 58.11 35.08 22.19
C ASN B 360 57.07 33.98 22.34
N MET B 361 56.53 33.52 21.21
CA MET B 361 55.59 32.40 21.20
C MET B 361 55.89 31.52 20.01
N ALA B 362 55.49 30.25 20.13
CA ALA B 362 55.71 29.26 19.07
C ALA B 362 54.49 29.09 18.18
N PHE B 363 53.53 30.01 18.24
CA PHE B 363 52.32 29.94 17.43
C PHE B 363 52.47 30.84 16.21
N ASN B 364 51.88 30.40 15.10
CA ASN B 364 51.92 31.16 13.85
C ASN B 364 50.78 32.14 13.72
N GLN B 365 50.20 32.58 14.84
CA GLN B 365 49.06 33.49 14.83
C GLN B 365 49.36 34.81 15.54
N VAL B 366 50.63 35.09 15.84
CA VAL B 366 51.04 36.32 16.50
C VAL B 366 52.10 37.00 15.64
N THR B 367 51.92 38.29 15.40
CA THR B 367 52.83 39.07 14.57
C THR B 367 53.02 40.45 15.20
N VAL B 368 54.27 40.92 15.22
CA VAL B 368 54.63 42.20 15.81
C VAL B 368 55.45 43.00 14.80
N VAL B 369 55.06 44.25 14.56
CA VAL B 369 55.77 45.15 13.66
C VAL B 369 56.29 46.32 14.47
N GLY B 370 57.60 46.55 14.42
CA GLY B 370 58.21 47.55 15.27
C GLY B 370 59.26 48.43 14.60
N GLY B 371 59.07 48.74 13.32
CA GLY B 371 60.07 49.47 12.56
C GLY B 371 60.25 50.92 12.92
N GLY B 372 59.67 51.38 14.03
CA GLY B 372 59.82 52.76 14.44
C GLY B 372 58.79 53.68 13.82
N SER B 373 59.18 54.38 12.76
CA SER B 373 58.27 55.25 12.03
C SER B 373 57.48 54.51 10.97
N LYS B 374 57.77 53.23 10.75
CA LYS B 374 57.04 52.42 9.79
C LYS B 374 55.85 51.70 10.41
N ALA B 375 55.60 51.92 11.69
CA ALA B 375 54.50 51.29 12.41
C ALA B 375 53.49 52.34 12.88
N TYR B 376 53.33 53.41 12.09
CA TYR B 376 52.41 54.48 12.43
C TYR B 376 51.05 54.23 11.77
N PHE B 377 50.14 55.18 11.93
CA PHE B 377 48.78 55.01 11.42
C PHE B 377 48.74 55.04 9.90
N ASN B 378 49.47 55.97 9.29
CA ASN B 378 49.44 56.11 7.84
C ASN B 378 49.98 54.87 7.15
N SER B 379 51.07 54.30 7.67
CA SER B 379 51.61 53.08 7.09
C SER B 379 50.62 51.93 7.22
N PHE B 380 49.96 51.82 8.38
CA PHE B 380 48.99 50.76 8.59
C PHE B 380 47.84 50.88 7.59
N VAL B 381 47.30 52.09 7.41
CA VAL B 381 46.19 52.25 6.50
C VAL B 381 46.63 52.12 5.04
N GLU B 382 47.92 52.36 4.76
CA GLU B 382 48.43 52.14 3.41
C GLU B 382 48.67 50.68 3.11
N HIS B 383 48.95 49.86 4.12
CA HIS B 383 49.22 48.45 3.90
C HIS B 383 47.97 47.70 3.43
N LEU B 384 46.78 48.14 3.81
CA LEU B 384 45.56 47.45 3.45
C LEU B 384 45.37 47.48 1.93
N PRO B 385 44.93 46.38 1.34
CA PRO B 385 44.87 46.27 -0.12
C PRO B 385 43.54 46.75 -0.69
N TYR B 386 43.52 46.86 -2.02
CA TYR B 386 42.40 47.18 -2.90
C TYR B 386 41.83 45.92 -3.51
N PRO B 387 40.52 45.80 -3.60
CA PRO B 387 39.92 44.58 -4.16
C PRO B 387 40.13 44.49 -5.66
N VAL B 388 40.16 43.26 -6.16
CA VAL B 388 40.21 42.99 -7.58
C VAL B 388 38.79 42.69 -8.05
N LEU B 389 38.34 43.43 -9.08
CA LEU B 389 36.95 43.32 -9.50
C LEU B 389 36.74 42.12 -10.43
N PHE B 390 37.48 42.07 -11.53
CA PHE B 390 37.34 41.02 -12.53
C PHE B 390 38.61 40.19 -12.61
N PRO B 391 38.60 38.94 -12.11
CA PRO B 391 39.79 38.07 -12.11
C PRO B 391 40.35 37.84 -13.52
N SER C 2 -25.92 58.75 8.93
CA SER C 2 -25.65 59.67 7.85
C SER C 2 -24.40 59.28 7.07
N ILE C 3 -24.40 58.05 6.56
CA ILE C 3 -23.27 57.49 5.82
C ILE C 3 -23.77 57.14 4.42
N TYR C 4 -23.05 57.58 3.40
CA TYR C 4 -23.43 57.34 2.01
C TYR C 4 -22.36 56.53 1.32
N GLN C 5 -22.80 55.70 0.36
CA GLN C 5 -21.89 54.87 -0.42
C GLN C 5 -22.47 54.75 -1.83
N GLY C 6 -22.04 55.65 -2.72
CA GLY C 6 -22.52 55.64 -4.08
C GLY C 6 -23.89 56.24 -4.28
N GLY C 7 -24.49 56.81 -3.22
CA GLY C 7 -25.83 57.36 -3.27
C GLY C 7 -26.77 56.74 -2.24
N ASN C 8 -26.51 55.51 -1.85
CA ASN C 8 -27.33 54.80 -0.88
C ASN C 8 -26.83 55.02 0.54
N LYS C 9 -27.69 54.72 1.51
CA LYS C 9 -27.37 54.93 2.91
C LYS C 9 -26.89 53.62 3.55
N LEU C 10 -26.18 53.77 4.67
CA LEU C 10 -25.64 52.63 5.40
C LEU C 10 -25.84 52.85 6.90
N ASN C 11 -25.88 51.74 7.63
CA ASN C 11 -25.94 51.75 9.08
C ASN C 11 -24.54 51.52 9.65
N GLU C 12 -24.45 51.53 10.98
CA GLU C 12 -23.15 51.43 11.65
C GLU C 12 -22.51 50.07 11.45
N ASP C 13 -23.30 48.99 11.56
CA ASP C 13 -22.73 47.64 11.52
C ASP C 13 -22.09 47.36 10.17
N ASP C 14 -22.79 47.67 9.07
CA ASP C 14 -22.25 47.42 7.74
C ASP C 14 -21.02 48.29 7.48
N PHE C 15 -21.06 49.54 7.91
CA PHE C 15 -19.92 50.43 7.71
C PHE C 15 -18.68 49.93 8.46
N ARG C 16 -18.87 49.49 9.71
CA ARG C 16 -17.74 48.98 10.47
C ARG C 16 -17.20 47.69 9.85
N SER C 17 -18.10 46.80 9.42
CA SER C 17 -17.65 45.55 8.80
C SER C 17 -16.90 45.82 7.50
N HIS C 18 -17.31 46.85 6.76
CA HIS C 18 -16.60 47.21 5.53
C HIS C 18 -15.25 47.84 5.83
N VAL C 19 -15.18 48.68 6.87
CA VAL C 19 -13.93 49.32 7.23
C VAL C 19 -12.91 48.29 7.70
N TYR C 20 -13.38 47.26 8.40
CA TYR C 20 -12.48 46.19 8.86
C TYR C 20 -11.80 45.49 7.69
N SER C 21 -12.54 45.23 6.62
CA SER C 21 -11.99 44.49 5.49
C SER C 21 -10.97 45.31 4.69
N LEU C 22 -11.03 46.64 4.76
CA LEU C 22 -10.10 47.47 4.01
C LEU C 22 -8.72 47.56 4.65
N CYS C 23 -8.60 47.22 5.94
CA CYS C 23 -7.32 47.31 6.61
C CYS C 23 -6.41 46.10 6.34
N GLN C 24 -6.91 45.08 5.66
CA GLN C 24 -6.14 43.88 5.37
C GLN C 24 -5.57 43.90 3.95
N LEU C 25 -5.71 44.99 3.22
CA LEU C 25 -5.22 45.05 1.85
C LEU C 25 -3.71 45.27 1.84
N ASP C 26 -3.13 45.20 0.64
CA ASP C 26 -1.68 45.24 0.49
C ASP C 26 -1.11 46.59 0.92
N ASN C 27 -1.73 47.68 0.50
CA ASN C 27 -1.24 49.02 0.79
C ASN C 27 -2.30 49.81 1.57
N VAL C 28 -1.86 50.51 2.61
CA VAL C 28 -2.73 51.29 3.47
C VAL C 28 -2.08 52.64 3.71
N GLY C 29 -2.87 53.72 3.57
CA GLY C 29 -2.36 55.05 3.77
C GLY C 29 -3.37 55.92 4.49
N VAL C 30 -2.86 56.99 5.11
CA VAL C 30 -3.68 57.94 5.87
C VAL C 30 -3.22 59.34 5.50
N LEU C 31 -4.19 60.23 5.26
CA LEU C 31 -3.92 61.63 4.98
C LEU C 31 -4.57 62.49 6.06
N LEU C 32 -3.78 63.37 6.67
CA LEU C 32 -4.25 64.23 7.75
C LEU C 32 -4.03 65.69 7.39
N GLY C 33 -5.01 66.52 7.75
CA GLY C 33 -4.95 67.94 7.51
C GLY C 33 -4.66 68.73 8.77
N ALA C 34 -5.13 69.98 8.77
CA ALA C 34 -4.91 70.86 9.92
C ALA C 34 -5.95 70.68 11.02
N GLY C 35 -6.98 69.88 10.79
CA GLY C 35 -8.00 69.65 11.79
C GLY C 35 -7.68 68.60 12.82
N ALA C 36 -6.60 67.83 12.61
CA ALA C 36 -6.22 66.79 13.57
C ALA C 36 -5.38 67.32 14.72
N SER C 37 -4.98 68.59 14.68
CA SER C 37 -4.16 69.18 15.72
C SER C 37 -4.93 70.12 16.63
N VAL C 38 -6.22 70.36 16.35
CA VAL C 38 -7.02 71.24 17.21
C VAL C 38 -7.38 70.60 18.53
N GLY C 39 -7.22 69.29 18.67
CA GLY C 39 -7.44 68.62 19.94
C GLY C 39 -6.30 68.69 20.91
N CYS C 40 -5.18 69.31 20.53
CA CYS C 40 -4.01 69.41 21.39
C CYS C 40 -3.45 70.83 21.46
N GLY C 41 -4.11 71.80 20.85
CA GLY C 41 -3.68 73.18 20.97
C GLY C 41 -3.50 73.91 19.66
N GLY C 42 -3.88 73.27 18.55
CA GLY C 42 -3.70 73.87 17.24
C GLY C 42 -4.77 74.90 16.93
N LYS C 43 -4.65 75.48 15.73
CA LYS C 43 -5.60 76.48 15.28
C LYS C 43 -5.87 76.28 13.79
N THR C 44 -7.14 76.36 13.41
CA THR C 44 -7.55 76.21 12.03
C THR C 44 -7.11 77.44 11.24
N MET C 45 -7.03 77.28 9.90
CA MET C 45 -6.59 78.38 9.04
C MET C 45 -7.50 79.60 9.17
N LYS C 46 -8.80 79.40 9.39
CA LYS C 46 -9.70 80.53 9.57
C LYS C 46 -9.35 81.35 10.80
N ASP C 47 -9.03 80.68 11.91
CA ASP C 47 -8.71 81.38 13.14
C ASP C 47 -7.43 82.21 12.99
N VAL C 48 -6.47 81.71 12.22
CA VAL C 48 -5.23 82.45 12.00
C VAL C 48 -5.52 83.78 11.32
N TRP C 49 -6.34 83.76 10.28
CA TRP C 49 -6.68 85.01 9.59
C TRP C 49 -7.52 85.92 10.46
N LYS C 50 -8.41 85.34 11.27
CA LYS C 50 -9.20 86.16 12.19
C LYS C 50 -8.29 86.90 13.17
N SER C 51 -7.32 86.19 13.75
CA SER C 51 -6.39 86.82 14.68
C SER C 51 -5.54 87.87 13.98
N PHE C 52 -5.06 87.57 12.77
CA PHE C 52 -4.25 88.54 12.04
C PHE C 52 -5.05 89.80 11.73
N LYS C 53 -6.31 89.65 11.35
CA LYS C 53 -7.17 90.81 11.12
C LYS C 53 -7.38 91.60 12.40
N GLN C 54 -7.55 90.91 13.53
CA GLN C 54 -7.82 91.62 14.78
C GLN C 54 -6.59 92.33 15.32
N ASN C 55 -5.39 91.81 15.03
CA ASN C 55 -4.18 92.34 15.67
C ASN C 55 -3.49 93.43 14.87
N TYR C 56 -3.50 93.37 13.54
CA TYR C 56 -2.81 94.33 12.68
C TYR C 56 -3.80 94.92 11.69
N PRO C 57 -4.51 95.98 12.08
CA PRO C 57 -5.52 96.56 11.18
C PRO C 57 -4.96 97.51 10.13
N GLU C 58 -3.81 98.15 10.37
CA GLU C 58 -3.32 99.15 9.41
C GLU C 58 -2.75 98.51 8.16
N LEU C 59 -2.05 97.37 8.30
CA LEU C 59 -1.41 96.75 7.15
C LEU C 59 -2.40 96.10 6.19
N LEU C 60 -3.60 95.74 6.68
CA LEU C 60 -4.57 95.07 5.83
C LEU C 60 -5.07 95.98 4.71
N GLY C 61 -5.11 97.29 4.95
CA GLY C 61 -5.51 98.21 3.90
C GLY C 61 -4.53 98.26 2.74
N ALA C 62 -3.23 98.16 3.05
CA ALA C 62 -2.21 98.29 2.01
C ALA C 62 -2.18 97.07 1.09
N LEU C 63 -2.57 95.89 1.59
CA LEU C 63 -2.50 94.68 0.79
C LEU C 63 -3.60 94.60 -0.26
N ILE C 64 -4.73 95.26 -0.02
CA ILE C 64 -5.89 95.14 -0.91
C ILE C 64 -5.79 96.08 -2.11
N ASP C 65 -5.52 97.36 -1.85
CA ASP C 65 -5.61 98.37 -2.90
C ASP C 65 -4.30 98.57 -3.66
N LYS C 66 -3.22 98.88 -2.95
CA LYS C 66 -1.98 99.31 -3.62
C LYS C 66 -1.28 98.18 -4.35
N TYR C 67 -1.28 96.96 -3.79
CA TYR C 67 -0.57 95.86 -4.41
C TYR C 67 -1.47 94.77 -4.98
N LEU C 68 -2.75 94.75 -4.61
CA LEU C 68 -3.73 93.82 -5.17
C LEU C 68 -3.31 92.37 -4.97
N LEU C 69 -3.13 91.97 -3.72
CA LEU C 69 -2.79 90.58 -3.40
C LEU C 69 -3.99 89.79 -2.89
N VAL C 70 -4.88 90.43 -2.14
CA VAL C 70 -6.03 89.77 -1.54
C VAL C 70 -7.30 90.52 -1.91
N SER C 71 -8.36 89.77 -2.22
CA SER C 71 -9.64 90.35 -2.59
C SER C 71 -10.43 90.74 -1.35
N GLN C 72 -11.39 91.66 -1.54
CA GLN C 72 -12.16 92.17 -0.42
C GLN C 72 -13.18 91.15 0.08
N ILE C 73 -13.84 90.45 -0.84
CA ILE C 73 -14.91 89.53 -0.45
C ILE C 73 -14.35 88.38 0.38
N ASP C 74 -13.22 87.81 -0.05
CA ASP C 74 -12.62 86.72 0.70
C ASP C 74 -12.15 87.19 2.07
N SER C 75 -11.59 88.39 2.16
CA SER C 75 -11.18 88.93 3.44
C SER C 75 -12.38 89.14 4.37
N ASP C 76 -13.51 89.56 3.81
CA ASP C 76 -14.71 89.74 4.64
C ASP C 76 -15.30 88.42 5.08
N ASN C 77 -15.28 87.40 4.23
CA ASN C 77 -15.90 86.11 4.53
C ASN C 77 -14.93 85.09 5.11
N ASN C 78 -13.67 85.46 5.31
CA ASN C 78 -12.64 84.56 5.88
C ASN C 78 -12.48 83.29 5.04
N LEU C 79 -12.07 83.50 3.79
CA LEU C 79 -11.76 82.40 2.87
C LEU C 79 -10.45 82.68 2.14
N VAL C 80 -9.46 83.19 2.85
CA VAL C 80 -8.18 83.52 2.26
C VAL C 80 -7.22 82.34 2.44
N ASN C 81 -6.20 82.29 1.60
CA ASN C 81 -5.19 81.24 1.64
C ASN C 81 -3.85 81.85 2.02
N VAL C 82 -3.17 81.23 2.98
CA VAL C 82 -2.01 81.84 3.61
C VAL C 82 -0.72 81.53 2.86
N GLU C 83 -0.53 80.28 2.44
CA GLU C 83 0.75 79.90 1.84
C GLU C 83 0.99 80.61 0.51
N LEU C 84 -0.06 80.75 -0.31
CA LEU C 84 0.09 81.51 -1.55
C LEU C 84 0.44 82.96 -1.28
N LEU C 85 -0.17 83.56 -0.25
CA LEU C 85 0.15 84.94 0.11
C LEU C 85 1.61 85.06 0.53
N ILE C 86 2.10 84.11 1.33
CA ILE C 86 3.49 84.15 1.77
C ILE C 86 4.43 83.99 0.58
N ASP C 87 4.10 83.08 -0.34
CA ASP C 87 4.94 82.88 -1.52
C ASP C 87 4.99 84.14 -2.38
N GLU C 88 3.84 84.78 -2.59
CA GLU C 88 3.83 86.02 -3.37
C GLU C 88 4.62 87.11 -2.68
N ALA C 89 4.51 87.21 -1.35
CA ALA C 89 5.30 88.20 -0.63
C ALA C 89 6.79 87.95 -0.79
N THR C 90 7.22 86.68 -0.72
CA THR C 90 8.62 86.36 -0.90
C THR C 90 9.10 86.72 -2.31
N LYS C 91 8.29 86.41 -3.32
CA LYS C 91 8.66 86.75 -4.69
C LYS C 91 8.78 88.25 -4.89
N PHE C 92 7.83 89.01 -4.33
CA PHE C 92 7.88 90.47 -4.43
C PHE C 92 9.11 91.02 -3.75
N LEU C 93 9.44 90.51 -2.56
CA LEU C 93 10.63 91.00 -1.85
C LEU C 93 11.90 90.69 -2.64
N SER C 94 11.99 89.50 -3.22
CA SER C 94 13.16 89.14 -4.01
C SER C 94 13.31 90.06 -5.22
N VAL C 95 12.21 90.30 -5.93
CA VAL C 95 12.27 91.17 -7.10
C VAL C 95 12.66 92.59 -6.71
N ALA C 96 12.09 93.10 -5.62
CA ALA C 96 12.42 94.45 -5.18
C ALA C 96 13.89 94.56 -4.78
N LYS C 97 14.41 93.55 -4.09
CA LYS C 97 15.82 93.59 -3.68
C LYS C 97 16.75 93.54 -4.88
N THR C 98 16.44 92.69 -5.86
CA THR C 98 17.29 92.61 -7.05
C THR C 98 17.22 93.91 -7.86
N ARG C 99 16.03 94.48 -8.01
CA ARG C 99 15.88 95.72 -8.77
C ARG C 99 16.50 96.91 -8.05
N ARG C 100 16.76 96.79 -6.75
CA ARG C 100 17.41 97.81 -5.94
C ARG C 100 16.58 99.09 -5.88
N CYS C 101 15.37 98.93 -5.33
CA CYS C 101 14.48 100.03 -4.99
C CYS C 101 14.33 100.03 -3.48
N GLU C 102 14.87 101.05 -2.81
CA GLU C 102 14.96 101.03 -1.36
C GLU C 102 13.60 101.24 -0.70
N ASP C 103 12.70 101.98 -1.35
CA ASP C 103 11.42 102.30 -0.71
C ASP C 103 10.56 101.05 -0.54
N GLU C 104 10.42 100.25 -1.60
CA GLU C 104 9.59 99.06 -1.53
C GLU C 104 10.27 97.91 -0.80
N GLU C 105 11.59 97.99 -0.59
CA GLU C 105 12.29 96.91 0.09
C GLU C 105 11.88 96.81 1.55
N GLU C 106 11.73 97.95 2.23
CA GLU C 106 11.42 97.98 3.66
C GLU C 106 9.95 97.80 3.95
N GLU C 107 9.07 97.90 2.94
CA GLU C 107 7.65 97.76 3.16
C GLU C 107 7.21 96.30 3.34
N PHE C 108 7.88 95.37 2.66
CA PHE C 108 7.45 93.98 2.70
C PHE C 108 8.00 93.22 3.90
N ARG C 109 9.09 93.70 4.50
CA ARG C 109 9.66 93.02 5.66
C ARG C 109 8.68 93.01 6.83
N LYS C 110 7.99 94.13 7.08
CA LYS C 110 7.02 94.15 8.17
C LYS C 110 5.89 93.17 7.93
N ILE C 111 5.38 93.10 6.70
CA ILE C 111 4.31 92.17 6.37
C ILE C 111 4.76 90.73 6.60
N LEU C 112 5.95 90.40 6.11
CA LEU C 112 6.45 89.04 6.24
C LEU C 112 6.69 88.68 7.72
N SER C 113 7.24 89.61 8.50
CA SER C 113 7.50 89.34 9.91
C SER C 113 6.20 89.13 10.67
N SER C 114 5.19 89.97 10.42
CA SER C 114 3.91 89.82 11.09
C SER C 114 3.25 88.49 10.73
N LEU C 115 3.26 88.15 9.44
CA LEU C 115 2.66 86.88 9.02
C LEU C 115 3.37 85.70 9.66
N TYR C 116 4.70 85.73 9.68
CA TYR C 116 5.45 84.62 10.26
C TYR C 116 5.22 84.51 11.76
N LYS C 117 5.15 85.64 12.46
CA LYS C 117 4.86 85.60 13.90
C LYS C 117 3.49 84.97 14.15
N GLU C 118 2.47 85.41 13.38
CA GLU C 118 1.14 84.87 13.58
C GLU C 118 1.09 83.37 13.28
N VAL C 119 1.77 82.94 12.21
CA VAL C 119 1.75 81.53 11.85
C VAL C 119 2.50 80.68 12.87
N THR C 120 3.65 81.16 13.33
CA THR C 120 4.48 80.37 14.25
C THR C 120 3.83 80.25 15.62
N LYS C 121 3.21 81.33 16.12
CA LYS C 121 2.63 81.30 17.45
C LYS C 121 1.54 80.24 17.59
N ALA C 122 0.93 79.83 16.48
CA ALA C 122 -0.13 78.83 16.51
C ALA C 122 0.38 77.42 16.27
N ALA C 123 1.68 77.24 16.03
CA ALA C 123 2.23 75.91 15.77
C ALA C 123 2.87 75.27 16.99
N LEU C 124 3.38 76.05 17.93
CA LEU C 124 3.90 75.52 19.19
C LEU C 124 2.74 74.94 19.99
N LEU C 125 2.70 73.61 20.10
CA LEU C 125 1.55 72.94 20.68
C LEU C 125 1.53 72.97 22.20
N THR C 126 2.62 73.37 22.85
CA THR C 126 2.68 73.43 24.31
C THR C 126 2.97 74.81 24.86
N GLY C 127 3.75 75.62 24.16
CA GLY C 127 4.08 76.95 24.63
C GLY C 127 5.56 77.14 24.89
N GLU C 128 5.90 77.65 26.07
CA GLU C 128 7.30 77.84 26.43
C GLU C 128 8.01 76.52 26.74
N GLN C 129 7.27 75.42 26.88
CA GLN C 129 7.84 74.12 27.15
C GLN C 129 8.17 73.33 25.89
N PHE C 130 8.27 74.02 24.75
CA PHE C 130 8.71 73.37 23.51
C PHE C 130 10.13 72.83 23.63
N ARG C 131 10.92 73.36 24.57
CA ARG C 131 12.30 72.96 24.74
C ARG C 131 12.43 71.59 25.40
N GLU C 132 11.62 71.33 26.43
CA GLU C 132 11.86 70.22 27.34
C GLU C 132 11.67 68.87 26.64
N LYS C 133 12.16 67.84 27.32
CA LYS C 133 12.17 66.48 26.80
C LYS C 133 10.97 65.68 27.31
N ASN C 134 10.73 64.54 26.66
CA ASN C 134 9.68 63.60 27.05
C ASN C 134 8.31 64.28 27.06
N GLN C 135 7.96 64.86 25.91
CA GLN C 135 6.68 65.51 25.74
C GLN C 135 5.58 64.56 25.28
N GLY C 136 5.91 63.33 24.92
CA GLY C 136 4.93 62.36 24.52
C GLY C 136 4.24 61.62 25.64
N LYS C 137 4.69 61.82 26.88
CA LYS C 137 4.11 61.15 28.03
C LYS C 137 2.85 61.84 28.55
N LYS C 138 2.48 62.99 27.98
CA LYS C 138 1.36 63.77 28.49
C LYS C 138 0.05 63.16 28.01
N ASP C 139 -1.05 63.86 28.30
CA ASP C 139 -2.39 63.36 28.00
C ASP C 139 -2.94 63.88 26.68
N ALA C 140 -2.42 65.00 26.17
CA ALA C 140 -2.96 65.58 24.94
C ALA C 140 -2.67 64.73 23.71
N PHE C 141 -1.70 63.83 23.78
CA PHE C 141 -1.27 63.03 22.64
C PHE C 141 -1.65 61.56 22.80
N LYS C 142 -2.80 61.30 23.43
CA LYS C 142 -3.23 59.93 23.68
C LYS C 142 -3.73 59.22 22.43
N TYR C 143 -4.47 59.91 21.57
CA TYR C 143 -5.09 59.26 20.43
C TYR C 143 -4.14 59.02 19.27
N HIS C 144 -3.06 59.79 19.16
CA HIS C 144 -2.08 59.56 18.12
C HIS C 144 -1.41 58.20 18.30
N LYS C 145 -1.06 57.86 19.54
CA LYS C 145 -0.49 56.55 19.83
C LYS C 145 -1.47 55.43 19.46
N GLU C 146 -2.75 55.62 19.79
CA GLU C 146 -3.76 54.62 19.43
C GLU C 146 -3.84 54.45 17.92
N LEU C 147 -3.80 55.55 17.17
CA LEU C 147 -3.83 55.46 15.72
C LEU C 147 -2.64 54.69 15.19
N ILE C 148 -1.44 55.01 15.68
CA ILE C 148 -0.24 54.34 15.19
C ILE C 148 -0.28 52.84 15.52
N SER C 149 -0.67 52.50 16.75
CA SER C 149 -0.72 51.09 17.14
C SER C 149 -1.74 50.32 16.33
N LYS C 150 -2.93 50.90 16.13
CA LYS C 150 -3.96 50.23 15.34
C LYS C 150 -3.51 50.06 13.90
N LEU C 151 -2.82 51.05 13.35
CA LEU C 151 -2.38 50.97 11.96
C LEU C 151 -1.24 49.99 11.76
N ILE C 152 -0.41 49.78 12.78
CA ILE C 152 0.76 48.91 12.63
C ILE C 152 0.44 47.45 12.98
N SER C 153 -0.28 47.22 14.07
CA SER C 153 -0.45 45.86 14.59
C SER C 153 -1.34 44.98 13.73
N ASN C 154 -2.03 45.52 12.73
CA ASN C 154 -2.97 44.75 11.92
C ASN C 154 -2.34 44.14 10.68
N ARG C 155 -1.04 44.23 10.50
CA ARG C 155 -0.37 43.77 9.28
C ARG C 155 0.09 42.33 9.43
N GLN C 156 -0.27 41.50 8.45
CA GLN C 156 0.21 40.13 8.42
C GLN C 156 1.71 40.12 8.12
N PRO C 157 2.43 39.10 8.57
CA PRO C 157 3.87 39.05 8.30
C PRO C 157 4.16 38.95 6.81
N GLY C 158 5.25 39.58 6.40
CA GLY C 158 5.64 39.61 5.00
C GLY C 158 5.05 40.74 4.20
N GLN C 159 4.20 41.57 4.80
CA GLN C 159 3.59 42.68 4.10
C GLN C 159 4.38 43.97 4.35
N SER C 160 3.89 45.07 3.80
CA SER C 160 4.60 46.34 3.82
C SER C 160 4.31 47.10 5.12
N ALA C 161 4.75 48.36 5.18
CA ALA C 161 4.51 49.23 6.32
C ALA C 161 3.67 50.42 5.91
N PRO C 162 2.84 50.95 6.80
CA PRO C 162 1.93 52.03 6.43
C PRO C 162 2.66 53.33 6.16
N ALA C 163 2.02 54.18 5.36
CA ALA C 163 2.52 55.51 5.03
C ALA C 163 1.56 56.56 5.58
N ILE C 164 2.11 57.57 6.23
CA ILE C 164 1.32 58.63 6.86
C ILE C 164 1.66 59.94 6.17
N PHE C 165 0.65 60.61 5.62
CA PHE C 165 0.80 61.88 4.95
C PHE C 165 0.17 62.98 5.79
N THR C 166 0.74 64.19 5.70
CA THR C 166 0.26 65.28 6.51
C THR C 166 0.57 66.61 5.82
N THR C 167 -0.29 67.59 6.06
CA THR C 167 -0.13 68.94 5.54
C THR C 167 0.14 69.93 6.67
N ASN C 168 0.66 69.43 7.79
CA ASN C 168 0.98 70.24 8.95
C ASN C 168 2.48 70.44 9.05
N TYR C 169 2.87 71.34 9.96
CA TYR C 169 4.27 71.63 10.24
C TYR C 169 4.50 71.70 11.74
N ASP C 170 3.97 70.74 12.48
CA ASP C 170 4.20 70.59 13.91
C ASP C 170 4.80 69.21 14.17
N LEU C 171 5.19 68.98 15.43
CA LEU C 171 5.94 67.79 15.81
C LEU C 171 5.18 66.90 16.78
N ALA C 172 3.88 66.71 16.54
CA ALA C 172 3.08 65.84 17.42
C ALA C 172 3.31 64.37 17.10
N LEU C 173 3.29 64.02 15.82
CA LEU C 173 3.42 62.62 15.43
C LEU C 173 4.77 62.04 15.82
N GLU C 174 5.85 62.80 15.64
CA GLU C 174 7.17 62.31 16.00
C GLU C 174 7.28 62.09 17.50
N TRP C 175 6.72 62.99 18.31
CA TRP C 175 6.72 62.80 19.75
C TRP C 175 5.93 61.54 20.14
N ALA C 176 4.76 61.36 19.53
CA ALA C 176 3.97 60.17 19.82
C ALA C 176 4.70 58.90 19.45
N ALA C 177 5.39 58.90 18.31
CA ALA C 177 6.15 57.73 17.89
C ALA C 177 7.34 57.45 18.81
N GLU C 178 8.06 58.50 19.22
CA GLU C 178 9.19 58.30 20.13
C GLU C 178 8.75 57.84 21.51
N ASP C 179 7.56 58.24 21.96
CA ASP C 179 7.05 57.73 23.22
C ASP C 179 6.79 56.23 23.19
N LEU C 180 6.24 55.71 22.08
CA LEU C 180 5.99 54.28 21.98
C LEU C 180 7.29 53.49 21.80
N GLY C 181 8.16 53.96 20.91
CA GLY C 181 9.39 53.25 20.63
C GLY C 181 9.51 52.78 19.18
N ILE C 182 8.87 53.50 18.27
CA ILE C 182 8.86 53.15 16.85
C ILE C 182 9.62 54.21 16.08
N GLN C 183 10.60 53.77 15.29
CA GLN C 183 11.40 54.68 14.46
C GLN C 183 10.63 55.07 13.22
N LEU C 184 10.87 56.30 12.75
CA LEU C 184 10.19 56.85 11.58
C LEU C 184 11.23 57.26 10.54
N PHE C 185 10.91 57.01 9.27
CA PHE C 185 11.76 57.40 8.16
C PHE C 185 11.19 58.64 7.50
N ASN C 186 12.00 59.70 7.43
CA ASN C 186 11.58 60.95 6.80
C ASN C 186 12.61 61.50 5.83
N GLY C 187 13.59 60.69 5.42
CA GLY C 187 14.55 61.10 4.41
C GLY C 187 15.82 61.75 4.94
N PHE C 188 15.97 61.88 6.25
CA PHE C 188 17.12 62.55 6.85
C PHE C 188 17.97 61.55 7.63
N SER C 189 19.30 61.70 7.50
CA SER C 189 20.23 60.80 8.15
C SER C 189 21.39 61.60 8.75
N GLY C 190 21.91 61.11 9.87
CA GLY C 190 23.03 61.72 10.55
C GLY C 190 22.59 62.47 11.81
N LEU C 191 23.58 62.79 12.65
CA LEU C 191 23.32 63.53 13.88
C LEU C 191 24.04 64.87 13.90
N HIS C 192 25.36 64.90 13.70
CA HIS C 192 26.11 66.15 13.75
C HIS C 192 25.92 67.00 12.51
N THR C 193 25.51 66.40 11.39
CA THR C 193 25.20 67.15 10.18
C THR C 193 24.08 66.39 9.46
N ARG C 194 22.84 66.78 9.73
CA ARG C 194 21.68 66.13 9.13
C ARG C 194 21.46 66.65 7.71
N GLN C 195 21.24 65.73 6.78
CA GLN C 195 21.12 66.09 5.36
C GLN C 195 19.98 65.31 4.73
N PHE C 196 19.56 65.77 3.56
CA PHE C 196 18.44 65.18 2.84
C PHE C 196 18.97 64.24 1.75
N TYR C 197 18.69 62.96 1.91
CA TYR C 197 19.03 61.94 0.92
C TYR C 197 17.75 61.31 0.40
N PRO C 198 17.36 61.56 -0.86
CA PRO C 198 16.05 61.09 -1.34
C PRO C 198 15.89 59.58 -1.37
N GLN C 199 16.98 58.82 -1.40
CA GLN C 199 16.89 57.37 -1.55
C GLN C 199 16.67 56.65 -0.22
N ASN C 200 16.65 57.37 0.90
CA ASN C 200 16.43 56.73 2.20
C ASN C 200 14.99 56.27 2.39
N PHE C 201 14.08 56.66 1.50
CA PHE C 201 12.68 56.23 1.59
C PHE C 201 12.48 54.78 1.17
N ASP C 202 13.51 54.12 0.63
CA ASP C 202 13.38 52.77 0.08
C ASP C 202 14.07 51.71 0.92
N LEU C 203 14.27 51.96 2.21
CA LEU C 203 14.99 51.04 3.07
C LEU C 203 14.06 50.43 4.11
N ALA C 204 14.52 49.33 4.71
CA ALA C 204 13.76 48.61 5.72
C ALA C 204 14.73 47.87 6.64
N PHE C 205 14.23 47.47 7.79
CA PHE C 205 15.05 46.79 8.81
C PHE C 205 14.92 45.28 8.71
N ARG C 206 15.95 44.58 9.18
CA ARG C 206 15.97 43.14 9.23
C ARG C 206 16.79 42.71 10.44
N ASN C 207 16.24 41.78 11.22
CA ASN C 207 16.91 41.30 12.42
C ASN C 207 17.80 40.12 12.08
N VAL C 208 19.06 40.18 12.53
CA VAL C 208 20.03 39.14 12.28
C VAL C 208 20.18 38.22 13.50
N ASN C 209 19.28 38.33 14.47
CA ASN C 209 19.30 37.52 15.69
C ASN C 209 20.64 37.59 16.42
N HIS C 218 7.88 44.66 12.65
CA HIS C 218 7.08 45.62 13.41
C HIS C 218 7.98 46.65 14.07
N TYR C 219 8.72 47.41 13.26
CA TYR C 219 9.70 48.34 13.77
C TYR C 219 9.54 49.77 13.29
N HIS C 220 9.00 49.98 12.08
CA HIS C 220 9.09 51.29 11.45
C HIS C 220 7.81 51.62 10.69
N ALA C 221 7.66 52.91 10.40
CA ALA C 221 6.60 53.41 9.54
C ALA C 221 7.17 54.58 8.74
N TYR C 222 6.42 55.00 7.72
CA TYR C 222 6.85 56.07 6.84
C TYR C 222 6.06 57.33 7.10
N LEU C 223 6.71 58.49 6.95
CA LEU C 223 6.09 59.77 7.24
C LEU C 223 6.58 60.79 6.22
N TYR C 224 5.66 61.33 5.42
CA TYR C 224 5.96 62.36 4.44
C TYR C 224 5.32 63.67 4.88
N LYS C 225 6.07 64.76 4.77
CA LYS C 225 5.56 66.09 5.05
C LYS C 225 5.56 66.89 3.76
N LEU C 226 4.39 67.45 3.41
CA LEU C 226 4.20 68.11 2.12
C LEU C 226 4.39 69.62 2.16
N HIS C 227 4.46 70.23 3.35
CA HIS C 227 4.59 71.67 3.46
C HIS C 227 5.76 72.10 4.33
N GLY C 228 6.62 71.17 4.75
CA GLY C 228 7.78 71.51 5.54
C GLY C 228 7.58 71.23 7.02
N SER C 229 8.54 71.73 7.80
CA SER C 229 8.51 71.54 9.24
C SER C 229 9.18 72.73 9.92
N LEU C 230 8.90 72.89 11.22
CA LEU C 230 9.44 73.99 11.98
C LEU C 230 10.95 73.91 12.16
N THR C 231 11.54 72.71 11.97
CA THR C 231 12.95 72.50 12.26
C THR C 231 13.79 72.28 11.00
N TRP C 232 13.29 72.69 9.84
CA TRP C 232 14.03 72.61 8.60
C TRP C 232 14.49 74.01 8.20
N TYR C 233 15.77 74.15 7.88
CA TYR C 233 16.31 75.45 7.47
C TYR C 233 17.51 75.23 6.56
N GLN C 234 17.84 76.27 5.81
CA GLN C 234 19.00 76.28 4.92
C GLN C 234 19.91 77.42 5.31
N ASN C 235 21.20 77.12 5.48
CA ASN C 235 22.19 78.13 5.81
C ASN C 235 22.71 78.75 4.51
N ASP C 236 23.83 79.48 4.61
CA ASP C 236 24.40 80.12 3.42
C ASP C 236 24.77 79.09 2.36
N SER C 237 25.12 77.87 2.77
CA SER C 237 25.44 76.83 1.82
C SER C 237 24.17 76.29 1.17
N LEU C 238 24.35 75.60 0.05
CA LEU C 238 23.24 75.01 -0.69
C LEU C 238 22.90 73.62 -0.14
N THR C 239 22.69 73.52 1.17
CA THR C 239 22.33 72.25 1.79
C THR C 239 21.20 72.49 2.78
N VAL C 240 20.43 71.44 3.03
CA VAL C 240 19.29 71.48 3.94
C VAL C 240 19.65 70.69 5.20
N ASN C 241 19.34 71.27 6.35
CA ASN C 241 19.68 70.67 7.64
C ASN C 241 18.44 70.58 8.51
N GLU C 242 18.50 69.68 9.49
CA GLU C 242 17.43 69.48 10.46
C GLU C 242 18.03 69.42 11.86
N VAL C 243 17.37 70.10 12.80
CA VAL C 243 17.86 70.22 14.17
C VAL C 243 16.74 69.81 15.13
N SER C 244 17.13 69.54 16.37
CA SER C 244 16.17 69.20 17.40
C SER C 244 15.41 70.45 17.86
N ALA C 245 14.40 70.23 18.70
CA ALA C 245 13.55 71.33 19.16
C ALA C 245 14.35 72.33 19.99
N SER C 246 15.16 71.83 20.92
CA SER C 246 15.94 72.71 21.80
C SER C 246 16.92 73.56 21.01
N GLN C 247 17.62 72.97 20.03
CA GLN C 247 18.57 73.72 19.23
C GLN C 247 17.87 74.77 18.37
N ALA C 248 16.72 74.42 17.77
CA ALA C 248 15.98 75.38 16.95
C ALA C 248 15.47 76.54 17.79
N TYR C 249 15.01 76.26 19.01
CA TYR C 249 14.54 77.33 19.89
C TYR C 249 15.65 78.33 20.19
N ASP C 250 16.85 77.83 20.47
CA ASP C 250 17.98 78.73 20.76
C ASP C 250 18.46 79.44 19.49
N GLU C 251 18.31 78.81 18.34
CA GLU C 251 18.84 79.40 17.10
C GLU C 251 17.93 80.48 16.56
N TYR C 252 16.69 80.12 16.17
CA TYR C 252 15.90 81.05 15.39
C TYR C 252 14.40 81.09 15.72
N ILE C 253 13.94 80.41 16.75
CA ILE C 253 12.51 80.47 17.07
C ILE C 253 12.19 81.48 18.16
N ASN C 254 13.13 81.71 19.09
CA ASN C 254 12.87 82.65 20.18
C ASN C 254 12.70 84.07 19.67
N ASP C 255 13.48 84.45 18.65
CA ASP C 255 13.44 85.83 18.15
C ASP C 255 12.14 86.13 17.42
N ILE C 256 11.57 85.15 16.72
CA ILE C 256 10.37 85.39 15.94
C ILE C 256 9.19 85.76 16.84
N ILE C 257 9.04 85.04 17.97
CA ILE C 257 7.89 85.24 18.82
C ILE C 257 7.98 86.59 19.54
N ASN C 258 9.16 86.97 20.01
CA ASN C 258 9.31 88.14 20.86
C ASN C 258 9.84 89.37 20.14
N LYS C 259 10.85 89.23 19.31
CA LYS C 259 11.55 90.38 18.72
C LYS C 259 11.10 90.61 17.29
N ASP C 260 11.58 91.71 16.72
CA ASP C 260 11.34 92.07 15.33
C ASP C 260 12.64 91.76 14.57
N ASP C 261 12.70 90.57 13.97
CA ASP C 261 13.90 90.11 13.30
C ASP C 261 13.51 89.33 12.05
N PHE C 262 13.81 89.90 10.88
CA PHE C 262 13.66 89.19 9.61
C PHE C 262 14.72 89.75 8.67
N TYR C 263 15.85 89.07 8.59
CA TYR C 263 17.00 89.56 7.82
C TYR C 263 17.33 88.71 6.60
N ARG C 264 17.07 87.40 6.64
CA ARG C 264 17.40 86.51 5.53
C ARG C 264 16.11 85.92 4.99
N GLY C 265 15.85 86.15 3.70
CA GLY C 265 14.64 85.66 3.06
C GLY C 265 14.70 84.24 2.54
N GLN C 266 15.86 83.58 2.66
CA GLN C 266 16.06 82.23 2.17
C GLN C 266 16.55 81.33 3.29
N HIS C 267 15.87 81.40 4.44
CA HIS C 267 16.28 80.66 5.63
C HIS C 267 15.29 79.56 5.99
N LEU C 268 14.01 79.91 6.16
CA LEU C 268 13.00 78.95 6.61
C LEU C 268 12.43 78.18 5.44
N ILE C 269 11.91 76.99 5.73
CA ILE C 269 11.38 76.10 4.70
C ILE C 269 9.92 75.82 5.05
N TYR C 270 9.25 76.80 5.66
CA TYR C 270 7.84 76.67 5.96
C TYR C 270 7.20 78.04 5.97
N PRO C 271 5.91 78.15 5.62
CA PRO C 271 5.04 77.12 5.02
C PRO C 271 4.95 77.26 3.51
N GLY C 272 5.48 76.31 2.75
CA GLY C 272 5.38 76.35 1.30
C GLY C 272 5.94 77.61 0.68
N ALA C 273 7.09 78.06 1.15
CA ALA C 273 7.66 79.33 0.73
C ALA C 273 9.03 79.12 0.09
N ASN C 274 9.53 80.17 -0.54
CA ASN C 274 10.84 80.18 -1.19
C ASN C 274 10.96 79.07 -2.22
N LYS C 275 9.91 78.89 -3.02
CA LYS C 275 9.86 77.80 -3.99
C LYS C 275 10.56 78.12 -5.29
N TYR C 276 10.96 79.37 -5.54
CA TYR C 276 11.64 79.71 -6.77
C TYR C 276 13.08 79.20 -6.78
N SER C 277 13.69 79.07 -5.60
CA SER C 277 15.07 78.63 -5.51
C SER C 277 15.21 77.18 -6.01
N HIS C 278 16.36 76.88 -6.59
CA HIS C 278 16.61 75.58 -7.19
C HIS C 278 17.02 74.52 -6.17
N THR C 279 17.13 74.87 -4.89
CA THR C 279 17.45 73.91 -3.85
C THR C 279 16.26 73.55 -2.98
N ILE C 280 15.34 74.49 -2.74
CA ILE C 280 14.24 74.23 -1.83
C ILE C 280 13.08 73.51 -2.52
N GLY C 281 12.84 73.82 -3.79
CA GLY C 281 11.75 73.19 -4.53
C GLY C 281 11.92 71.70 -4.70
N PHE C 282 13.15 71.20 -4.59
CA PHE C 282 13.40 69.77 -4.75
C PHE C 282 12.67 68.94 -3.72
N VAL C 283 12.65 69.40 -2.46
CA VAL C 283 12.01 68.64 -1.39
C VAL C 283 10.51 68.50 -1.65
N TYR C 284 9.85 69.63 -1.93
CA TYR C 284 8.41 69.60 -2.19
C TYR C 284 8.10 68.77 -3.42
N GLY C 285 8.89 68.91 -4.49
CA GLY C 285 8.66 68.10 -5.67
C GLY C 285 8.79 66.61 -5.39
N GLU C 286 9.80 66.23 -4.60
CA GLU C 286 9.97 64.82 -4.27
C GLU C 286 8.80 64.28 -3.47
N MET C 287 8.32 65.05 -2.49
CA MET C 287 7.19 64.60 -1.69
C MET C 287 5.94 64.44 -2.55
N PHE C 288 5.67 65.41 -3.43
CA PHE C 288 4.51 65.31 -4.30
C PHE C 288 4.62 64.12 -5.26
N ARG C 289 5.82 63.90 -5.80
CA ARG C 289 6.03 62.77 -6.70
C ARG C 289 5.79 61.44 -5.99
N ARG C 290 6.29 61.32 -4.76
CA ARG C 290 6.07 60.09 -4.00
C ARG C 290 4.58 59.87 -3.72
N PHE C 291 3.88 60.94 -3.31
CA PHE C 291 2.45 60.82 -3.04
C PHE C 291 1.68 60.41 -4.29
N GLY C 292 2.01 61.02 -5.43
CA GLY C 292 1.34 60.67 -6.66
C GLY C 292 1.62 59.24 -7.09
N GLU C 293 2.85 58.77 -6.91
CA GLU C 293 3.21 57.41 -7.28
C GLU C 293 2.59 56.37 -6.35
N PHE C 294 2.31 56.73 -5.10
CA PHE C 294 1.79 55.75 -4.15
C PHE C 294 0.43 55.20 -4.57
N ILE C 295 -0.49 56.07 -5.02
CA ILE C 295 -1.86 55.65 -5.25
C ILE C 295 -2.05 55.17 -6.68
N SER C 296 -0.96 55.01 -7.42
CA SER C 296 -1.00 54.47 -8.76
C SER C 296 -0.73 52.97 -8.78
N LYS C 297 -0.61 52.33 -7.61
CA LYS C 297 -0.38 50.92 -7.42
C LYS C 297 -1.70 50.16 -7.29
N PRO C 298 -1.73 48.89 -7.68
CA PRO C 298 -2.92 48.08 -7.42
C PRO C 298 -3.04 47.75 -5.94
N GLN C 299 -4.27 47.45 -5.52
CA GLN C 299 -4.60 47.03 -4.15
C GLN C 299 -4.19 48.11 -3.15
N THR C 300 -4.86 49.25 -3.25
CA THR C 300 -4.56 50.42 -2.42
C THR C 300 -5.82 50.91 -1.73
N ALA C 301 -5.67 51.32 -0.47
CA ALA C 301 -6.75 51.91 0.32
C ALA C 301 -6.27 53.22 0.91
N LEU C 302 -7.21 54.16 1.10
CA LEU C 302 -6.87 55.50 1.57
C LEU C 302 -7.96 56.01 2.52
N PHE C 303 -7.53 56.59 3.63
CA PHE C 303 -8.41 57.28 4.57
C PHE C 303 -8.01 58.74 4.63
N ILE C 304 -9.00 59.63 4.61
CA ILE C 304 -8.77 61.07 4.65
C ILE C 304 -9.54 61.65 5.84
N ASN C 305 -8.84 62.43 6.67
CA ASN C 305 -9.47 63.09 7.80
C ASN C 305 -8.83 64.44 8.00
N GLY C 306 -9.65 65.44 8.33
CA GLY C 306 -9.18 66.76 8.65
C GLY C 306 -8.76 67.62 7.47
N PHE C 307 -9.10 67.22 6.25
CA PHE C 307 -8.65 67.93 5.05
C PHE C 307 -9.82 68.66 4.43
N GLY C 308 -9.68 69.98 4.29
CA GLY C 308 -10.66 70.78 3.56
C GLY C 308 -10.25 70.90 2.12
N PHE C 309 -11.16 70.55 1.22
CA PHE C 309 -10.81 70.40 -0.19
C PHE C 309 -10.62 71.74 -0.87
N GLY C 310 -9.53 72.44 -0.55
CA GLY C 310 -9.24 73.73 -1.14
C GLY C 310 -8.00 73.78 -2.01
N ASP C 311 -7.33 72.66 -2.25
CA ASP C 311 -6.15 72.61 -3.09
C ASP C 311 -6.49 71.85 -4.36
N TYR C 312 -6.16 72.44 -5.52
CA TYR C 312 -6.60 71.91 -6.80
C TYR C 312 -5.84 70.65 -7.21
N HIS C 313 -4.52 70.62 -6.97
CA HIS C 313 -3.71 69.51 -7.45
C HIS C 313 -4.09 68.20 -6.77
N ILE C 314 -4.31 68.22 -5.45
CA ILE C 314 -4.68 67.02 -4.73
C ILE C 314 -6.04 66.51 -5.22
N ASN C 315 -6.99 67.42 -5.43
CA ASN C 315 -8.29 67.04 -5.94
C ASN C 315 -8.17 66.39 -7.31
N ARG C 316 -7.36 66.97 -8.20
CA ARG C 316 -7.18 66.40 -9.53
C ARG C 316 -6.57 65.02 -9.46
N ILE C 317 -5.55 64.83 -8.61
CA ILE C 317 -4.91 63.52 -8.48
C ILE C 317 -5.89 62.49 -7.94
N ILE C 318 -6.66 62.86 -6.92
CA ILE C 318 -7.62 61.93 -6.33
C ILE C 318 -8.68 61.53 -7.35
N LEU C 319 -9.19 62.50 -8.12
CA LEU C 319 -10.16 62.18 -9.15
C LEU C 319 -9.57 61.28 -10.22
N GLY C 320 -8.32 61.54 -10.62
CA GLY C 320 -7.70 60.77 -11.68
C GLY C 320 -7.28 59.38 -11.25
N ALA C 321 -7.14 59.13 -9.95
CA ALA C 321 -6.73 57.82 -9.47
C ALA C 321 -7.87 56.81 -9.39
N LEU C 322 -9.11 57.22 -9.67
CA LEU C 322 -10.26 56.34 -9.54
C LEU C 322 -10.47 55.44 -10.75
N LEU C 323 -9.71 55.62 -11.83
CA LEU C 323 -9.88 54.81 -13.02
C LEU C 323 -9.45 53.35 -12.80
N ASN C 324 -8.51 53.11 -11.88
CA ASN C 324 -8.07 51.74 -11.60
C ASN C 324 -9.13 51.06 -10.74
N PRO C 325 -9.63 49.89 -11.13
CA PRO C 325 -10.73 49.25 -10.38
C PRO C 325 -10.33 48.71 -9.02
N SER C 326 -9.10 48.98 -8.58
CA SER C 326 -8.59 48.48 -7.31
C SER C 326 -8.12 49.63 -6.43
N PHE C 327 -8.93 50.67 -6.33
CA PHE C 327 -8.63 51.82 -5.49
C PHE C 327 -9.89 52.23 -4.74
N HIS C 328 -9.75 52.41 -3.42
CA HIS C 328 -10.88 52.78 -2.57
C HIS C 328 -10.49 53.96 -1.69
N VAL C 329 -11.49 54.74 -1.30
CA VAL C 329 -11.28 55.96 -0.54
C VAL C 329 -12.42 56.15 0.46
N VAL C 330 -12.07 56.63 1.66
CA VAL C 330 -13.03 57.02 2.68
C VAL C 330 -12.79 58.49 3.02
N ILE C 331 -13.85 59.29 2.98
CA ILE C 331 -13.75 60.74 3.13
C ILE C 331 -14.59 61.18 4.32
N TYR C 332 -14.01 62.01 5.18
CA TYR C 332 -14.68 62.57 6.34
C TYR C 332 -14.90 64.06 6.12
N TYR C 333 -16.13 64.52 6.33
CA TYR C 333 -16.49 65.92 6.12
C TYR C 333 -17.65 66.26 7.05
N PRO C 334 -17.40 67.02 8.11
CA PRO C 334 -18.49 67.30 9.08
C PRO C 334 -19.63 68.12 8.50
N GLU C 335 -19.34 69.26 7.90
CA GLU C 335 -20.38 70.15 7.39
C GLU C 335 -20.79 69.73 5.97
N LEU C 336 -21.61 68.68 5.92
CA LEU C 336 -22.04 68.11 4.65
C LEU C 336 -23.45 68.55 4.24
N LYS C 337 -24.40 68.56 5.17
CA LYS C 337 -25.77 68.92 4.81
C LYS C 337 -25.87 70.39 4.40
N GLU C 338 -25.14 71.27 5.10
CA GLU C 338 -25.12 72.67 4.69
C GLU C 338 -24.56 72.83 3.29
N ALA C 339 -23.53 72.05 2.96
CA ALA C 339 -22.99 72.09 1.60
C ALA C 339 -24.03 71.69 0.57
N ILE C 340 -24.81 70.64 0.87
CA ILE C 340 -25.85 70.20 -0.06
C ILE C 340 -26.90 71.29 -0.23
N THR C 341 -27.32 71.91 0.89
CA THR C 341 -28.33 72.96 0.79
C THR C 341 -27.82 74.15 -0.01
N LYS C 342 -26.58 74.55 0.20
CA LYS C 342 -26.04 75.71 -0.53
C LYS C 342 -25.84 75.40 -2.00
N VAL C 343 -25.39 74.19 -2.34
CA VAL C 343 -25.19 73.84 -3.74
C VAL C 343 -26.53 73.70 -4.46
N SER C 344 -27.54 73.17 -3.78
CA SER C 344 -28.82 72.91 -4.43
C SER C 344 -29.46 74.20 -4.94
N LYS C 345 -29.41 75.27 -4.15
CA LYS C 345 -29.98 76.53 -4.55
C LYS C 345 -29.11 77.28 -5.56
N GLY C 346 -27.89 76.81 -5.81
CA GLY C 346 -26.98 77.49 -6.70
C GLY C 346 -26.05 78.43 -5.95
N GLY C 347 -24.77 78.11 -5.93
CA GLY C 347 -23.78 78.89 -5.23
C GLY C 347 -22.81 77.99 -4.51
N GLY C 348 -22.11 78.56 -3.54
CA GLY C 348 -21.13 77.80 -2.79
C GLY C 348 -19.74 77.89 -3.40
N SER C 349 -18.73 77.65 -2.56
CA SER C 349 -17.35 77.72 -2.99
C SER C 349 -16.98 76.43 -3.74
N GLU C 350 -15.71 76.30 -4.11
CA GLU C 350 -15.28 75.16 -4.90
C GLU C 350 -15.19 73.88 -4.07
N ALA C 351 -14.86 74.00 -2.78
CA ALA C 351 -14.78 72.82 -1.93
C ALA C 351 -16.14 72.14 -1.80
N GLU C 352 -17.19 72.91 -1.57
CA GLU C 352 -18.53 72.34 -1.47
C GLU C 352 -18.96 71.71 -2.78
N LYS C 353 -18.67 72.37 -3.90
CA LYS C 353 -19.02 71.79 -5.20
C LYS C 353 -18.30 70.47 -5.43
N ALA C 354 -17.01 70.42 -5.08
CA ALA C 354 -16.24 69.19 -5.26
C ALA C 354 -16.79 68.07 -4.39
N ILE C 355 -17.07 68.35 -3.12
CA ILE C 355 -17.53 67.28 -2.22
C ILE C 355 -18.92 66.82 -2.63
N VAL C 356 -19.77 67.74 -3.10
CA VAL C 356 -21.11 67.36 -3.52
C VAL C 356 -21.06 66.52 -4.79
N THR C 357 -20.27 66.94 -5.78
CA THR C 357 -20.16 66.17 -7.01
C THR C 357 -19.45 64.84 -6.80
N LEU C 358 -18.69 64.71 -5.71
CA LEU C 358 -18.13 63.40 -5.37
C LEU C 358 -19.13 62.53 -4.63
N LYS C 359 -20.03 63.13 -3.83
CA LYS C 359 -21.01 62.34 -3.11
C LYS C 359 -22.01 61.68 -4.05
N ASN C 360 -22.48 62.41 -5.06
CA ASN C 360 -23.51 61.90 -5.95
C ASN C 360 -23.01 60.89 -6.96
N MET C 361 -21.70 60.66 -7.03
CA MET C 361 -21.15 59.68 -7.95
C MET C 361 -21.67 58.28 -7.61
N ALA C 362 -22.11 57.56 -8.65
CA ALA C 362 -22.66 56.21 -8.48
C ALA C 362 -21.53 55.18 -8.59
N PHE C 363 -20.60 55.26 -7.64
CA PHE C 363 -19.43 54.39 -7.58
C PHE C 363 -19.40 53.65 -6.25
N ASN C 364 -18.98 52.40 -6.31
CA ASN C 364 -18.78 51.60 -5.10
C ASN C 364 -17.38 51.72 -4.53
N GLN C 365 -16.50 52.49 -5.18
CA GLN C 365 -15.15 52.73 -4.69
C GLN C 365 -15.04 53.96 -3.81
N VAL C 366 -16.13 54.69 -3.62
CA VAL C 366 -16.13 55.93 -2.87
C VAL C 366 -17.15 55.84 -1.75
N THR C 367 -16.73 56.21 -0.54
CA THR C 367 -17.62 56.25 0.61
C THR C 367 -17.43 57.58 1.32
N VAL C 368 -18.55 58.23 1.67
CA VAL C 368 -18.53 59.54 2.31
C VAL C 368 -19.22 59.40 3.66
N VAL C 369 -18.55 59.89 4.71
CA VAL C 369 -19.08 59.85 6.06
C VAL C 369 -19.25 61.27 6.56
N GLY C 370 -20.45 61.60 7.01
CA GLY C 370 -20.76 62.93 7.49
C GLY C 370 -21.21 62.94 8.94
N GLY C 371 -21.94 63.97 9.33
CA GLY C 371 -22.42 64.11 10.69
C GLY C 371 -21.76 65.29 11.39
N GLY C 372 -22.32 65.60 12.56
CA GLY C 372 -21.84 66.72 13.33
C GLY C 372 -20.54 66.45 14.05
N SER C 373 -20.54 65.47 14.96
CA SER C 373 -19.36 65.13 15.74
C SER C 373 -18.86 63.71 15.46
N LYS C 374 -19.46 63.00 14.52
CA LYS C 374 -19.00 61.67 14.15
C LYS C 374 -17.89 61.69 13.12
N ALA C 375 -17.54 62.87 12.59
CA ALA C 375 -16.50 62.99 11.58
C ALA C 375 -15.22 63.61 12.13
N TYR C 376 -15.11 63.76 13.45
CA TYR C 376 -13.93 64.36 14.05
C TYR C 376 -12.79 63.34 14.13
N PHE C 377 -11.65 63.78 14.67
CA PHE C 377 -10.49 62.91 14.76
C PHE C 377 -10.71 61.80 15.79
N ASN C 378 -11.37 62.11 16.89
CA ASN C 378 -11.53 61.13 17.97
C ASN C 378 -12.39 59.95 17.53
N SER C 379 -13.46 60.21 16.78
CA SER C 379 -14.34 59.13 16.32
C SER C 379 -13.71 58.28 15.23
N PHE C 380 -12.77 58.83 14.47
CA PHE C 380 -12.10 58.06 13.43
C PHE C 380 -11.31 56.90 14.02
N VAL C 381 -10.61 57.13 15.13
CA VAL C 381 -9.74 56.11 15.69
C VAL C 381 -10.55 54.95 16.26
N GLU C 382 -11.68 55.26 16.91
CA GLU C 382 -12.47 54.23 17.57
C GLU C 382 -13.08 53.23 16.60
N HIS C 383 -13.18 53.57 15.31
CA HIS C 383 -13.74 52.64 14.34
C HIS C 383 -12.75 51.53 14.00
N LEU C 384 -11.45 51.82 14.05
CA LEU C 384 -10.45 50.80 13.76
C LEU C 384 -10.35 49.81 14.91
N PRO C 385 -10.06 48.55 14.62
CA PRO C 385 -9.99 47.52 15.66
C PRO C 385 -8.59 47.31 16.22
N TYR C 386 -8.52 46.47 17.26
CA TYR C 386 -7.54 45.75 18.06
C TYR C 386 -7.64 44.25 17.81
N PRO C 387 -6.51 43.60 17.57
CA PRO C 387 -6.51 42.13 17.55
C PRO C 387 -6.81 41.56 18.92
N VAL C 388 -7.20 40.29 18.93
CA VAL C 388 -7.64 39.65 20.18
C VAL C 388 -6.50 39.58 21.18
N LEU C 389 -5.30 39.23 20.72
CA LEU C 389 -4.17 38.96 21.60
C LEU C 389 -3.38 40.21 21.97
N PHE C 390 -3.81 41.38 21.51
CA PHE C 390 -3.08 42.61 21.81
C PHE C 390 -3.15 42.91 23.30
N PRO C 391 -2.03 43.19 23.96
CA PRO C 391 -2.06 43.50 25.40
C PRO C 391 -2.50 44.94 25.63
N ARG C 392 -3.56 45.11 26.41
CA ARG C 392 -4.06 46.43 26.80
C ARG C 392 -3.69 46.82 28.22
N ASP C 393 -3.78 45.89 29.17
CA ASP C 393 -3.45 46.21 30.54
C ASP C 393 -1.97 46.53 30.69
N ASN C 394 -1.66 47.56 31.48
CA ASN C 394 -0.30 47.97 31.74
C ASN C 394 0.15 47.43 33.10
N ILE C 395 1.24 46.67 33.10
CA ILE C 395 1.71 46.03 34.33
C ILE C 395 3.17 46.47 34.53
N VAL C 396 3.50 47.64 34.01
CA VAL C 396 4.85 48.17 34.11
C VAL C 396 4.95 49.34 35.08
N ASP C 397 3.92 50.20 35.15
CA ASP C 397 3.97 51.37 36.02
C ASP C 397 4.08 50.96 37.49
N GLU C 398 3.32 49.94 37.90
CA GLU C 398 3.36 49.48 39.29
C GLU C 398 4.73 48.95 39.68
N LEU C 399 5.52 48.50 38.71
CA LEU C 399 6.86 47.99 38.97
C LEU C 399 7.90 49.10 38.95
N VAL C 400 7.80 50.02 37.99
CA VAL C 400 8.77 51.11 37.90
C VAL C 400 8.61 52.06 39.09
N GLU C 401 7.39 52.28 39.55
CA GLU C 401 7.21 53.12 40.74
C GLU C 401 7.87 52.49 41.96
N ALA C 402 7.75 51.17 42.11
CA ALA C 402 8.41 50.49 43.21
C ALA C 402 9.93 50.55 43.07
N ILE C 403 10.44 50.41 41.84
CA ILE C 403 11.87 50.51 41.62
C ILE C 403 12.39 51.89 42.00
N ALA C 404 11.67 52.94 41.58
CA ALA C 404 12.05 54.30 41.94
C ALA C 404 11.86 54.59 43.42
N ASN C 405 11.00 53.83 44.10
CA ASN C 405 10.79 54.04 45.54
C ASN C 405 12.07 53.79 46.34
N LEU C 406 12.83 52.76 45.98
CA LEU C 406 14.05 52.46 46.72
C LEU C 406 15.07 53.58 46.59
N SER C 407 15.20 54.14 45.38
CA SER C 407 16.12 55.25 45.17
C SER C 407 15.55 56.56 45.69
N SER D 2 45.26 61.59 -19.43
CA SER D 2 45.39 61.02 -18.09
C SER D 2 44.10 60.30 -17.67
N ILE D 3 44.26 59.16 -17.04
CA ILE D 3 43.14 58.34 -16.58
C ILE D 3 43.27 58.12 -15.08
N TYR D 4 42.20 58.41 -14.35
CA TYR D 4 42.19 58.29 -12.89
C TYR D 4 41.13 57.28 -12.47
N GLN D 5 41.49 56.39 -11.55
CA GLN D 5 40.57 55.41 -11.01
C GLN D 5 40.80 55.32 -9.51
N GLY D 6 39.85 55.81 -8.72
CA GLY D 6 40.04 55.83 -7.29
C GLY D 6 41.10 56.80 -6.81
N GLY D 7 41.39 57.85 -7.58
CA GLY D 7 42.40 58.81 -7.23
C GLY D 7 43.80 58.46 -7.68
N ASN D 8 44.01 57.25 -8.21
CA ASN D 8 45.31 56.80 -8.68
C ASN D 8 45.42 57.03 -10.19
N LYS D 9 46.49 56.50 -10.79
CA LYS D 9 46.78 56.68 -12.20
C LYS D 9 46.70 55.35 -12.92
N LEU D 10 46.19 55.37 -14.15
CA LEU D 10 45.99 54.15 -14.94
C LEU D 10 46.44 54.41 -16.38
N ASN D 11 46.95 53.36 -17.02
CA ASN D 11 47.46 53.45 -18.38
C ASN D 11 46.46 52.87 -19.38
N GLU D 12 46.85 52.86 -20.66
CA GLU D 12 45.89 52.56 -21.73
C GLU D 12 45.55 51.08 -21.81
N ASP D 13 46.52 50.19 -21.59
CA ASP D 13 46.25 48.76 -21.73
C ASP D 13 45.21 48.29 -20.71
N ASP D 14 45.44 48.61 -19.44
CA ASP D 14 44.49 48.24 -18.40
C ASP D 14 43.15 48.92 -18.59
N PHE D 15 43.15 50.17 -19.04
CA PHE D 15 41.89 50.87 -19.29
C PHE D 15 41.08 50.20 -20.40
N ARG D 16 41.76 49.79 -21.47
CA ARG D 16 41.05 49.11 -22.55
C ARG D 16 40.54 47.75 -22.10
N SER D 17 41.32 47.02 -21.29
CA SER D 17 40.83 45.77 -20.73
C SER D 17 39.60 45.99 -19.87
N HIS D 18 39.60 47.05 -19.05
CA HIS D 18 38.46 47.38 -18.21
C HIS D 18 37.23 47.70 -19.06
N VAL D 19 37.42 48.49 -20.12
CA VAL D 19 36.29 48.85 -20.99
C VAL D 19 35.73 47.62 -21.67
N TYR D 20 36.61 46.71 -22.11
CA TYR D 20 36.14 45.46 -22.70
C TYR D 20 35.35 44.63 -21.69
N SER D 21 35.83 44.57 -20.45
CA SER D 21 35.15 43.75 -19.45
C SER D 21 33.81 44.35 -19.04
N LEU D 22 33.66 45.67 -19.09
CA LEU D 22 32.44 46.30 -18.59
C LEU D 22 31.23 46.09 -19.50
N CYS D 23 31.43 45.66 -20.74
CA CYS D 23 30.34 45.51 -21.67
C CYS D 23 29.63 44.16 -21.59
N GLN D 24 30.08 43.27 -20.70
CA GLN D 24 29.46 41.97 -20.52
C GLN D 24 28.43 41.95 -19.40
N LEU D 25 28.15 43.10 -18.78
CA LEU D 25 27.20 43.15 -17.68
C LEU D 25 25.77 43.04 -18.20
N ASP D 26 24.86 42.69 -17.29
CA ASP D 26 23.46 42.51 -17.67
C ASP D 26 22.83 43.82 -18.12
N ASN D 27 23.14 44.92 -17.45
CA ASN D 27 22.58 46.22 -17.77
C ASN D 27 23.67 47.14 -18.30
N VAL D 28 23.44 47.70 -19.49
CA VAL D 28 24.37 48.62 -20.14
C VAL D 28 23.58 49.82 -20.64
N GLY D 29 24.14 51.01 -20.46
CA GLY D 29 23.48 52.22 -20.93
C GLY D 29 24.48 53.31 -21.24
N VAL D 30 24.00 54.29 -22.00
CA VAL D 30 24.81 55.42 -22.45
C VAL D 30 24.03 56.71 -22.21
N LEU D 31 24.69 57.70 -21.62
CA LEU D 31 24.09 59.01 -21.38
C LEU D 31 24.88 60.06 -22.16
N LEU D 32 24.19 60.81 -23.00
CA LEU D 32 24.83 61.79 -23.87
C LEU D 32 24.48 63.20 -23.40
N GLY D 33 24.97 64.19 -24.16
CA GLY D 33 24.76 65.57 -23.79
C GLY D 33 24.76 66.52 -24.98
N ALA D 34 25.01 67.80 -24.73
CA ALA D 34 24.98 68.82 -25.76
C ALA D 34 26.28 68.91 -26.55
N GLY D 35 27.31 68.17 -26.15
CA GLY D 35 28.56 68.17 -26.88
C GLY D 35 28.70 67.05 -27.89
N ALA D 36 27.77 66.10 -27.89
CA ALA D 36 27.84 64.99 -28.84
C ALA D 36 27.41 65.39 -30.24
N SER D 37 26.77 66.56 -30.39
CA SER D 37 26.31 67.03 -31.70
C SER D 37 27.17 68.15 -32.24
N VAL D 38 28.34 68.40 -31.63
CA VAL D 38 29.22 69.46 -32.11
C VAL D 38 29.76 69.13 -33.50
N GLY D 39 30.14 67.87 -33.73
CA GLY D 39 30.64 67.47 -35.02
C GLY D 39 29.59 67.43 -36.12
N CYS D 40 28.32 67.32 -35.76
CA CYS D 40 27.25 67.25 -36.73
C CYS D 40 26.72 68.63 -37.13
N GLY D 41 27.09 69.67 -36.40
CA GLY D 41 26.62 71.01 -36.71
C GLY D 41 25.90 71.68 -35.56
N GLY D 42 26.07 71.14 -34.36
CA GLY D 42 25.43 71.69 -33.19
C GLY D 42 26.17 72.87 -32.61
N LYS D 43 25.62 73.40 -31.52
CA LYS D 43 26.20 74.55 -30.83
C LYS D 43 26.11 74.32 -29.33
N THR D 44 26.90 75.10 -28.59
CA THR D 44 26.88 75.08 -27.14
C THR D 44 26.23 76.38 -26.63
N MET D 45 26.10 76.47 -25.30
CA MET D 45 25.47 77.65 -24.71
C MET D 45 26.30 78.91 -24.92
N LYS D 46 27.63 78.77 -24.95
CA LYS D 46 28.49 79.93 -25.20
C LYS D 46 28.20 80.53 -26.57
N ASP D 47 28.04 79.67 -27.59
CA ASP D 47 27.69 80.16 -28.92
C ASP D 47 26.32 80.82 -28.90
N VAL D 48 25.39 80.28 -28.12
CA VAL D 48 24.07 80.88 -28.00
C VAL D 48 24.16 82.29 -27.44
N TRP D 49 24.98 82.48 -26.39
CA TRP D 49 25.12 83.81 -25.82
C TRP D 49 25.82 84.76 -26.78
N LYS D 50 26.81 84.27 -27.53
CA LYS D 50 27.45 85.12 -28.53
C LYS D 50 26.45 85.56 -29.59
N SER D 51 25.61 84.63 -30.06
CA SER D 51 24.60 84.97 -31.04
C SER D 51 23.59 85.98 -30.50
N PHE D 52 23.22 85.82 -29.22
CA PHE D 52 22.33 86.79 -28.60
C PHE D 52 22.98 88.16 -28.47
N LYS D 53 24.28 88.21 -28.22
CA LYS D 53 24.98 89.50 -28.19
C LYS D 53 24.97 90.15 -29.58
N GLN D 54 25.21 89.35 -30.62
CA GLN D 54 25.36 89.92 -31.95
C GLN D 54 24.07 90.54 -32.49
N ASN D 55 22.91 90.14 -31.96
CA ASN D 55 21.64 90.66 -32.43
C ASN D 55 20.90 91.34 -31.28
N TYR D 56 19.96 92.21 -31.65
CA TYR D 56 19.19 93.01 -30.70
C TYR D 56 20.09 93.74 -29.70
N PRO D 57 20.89 94.70 -30.13
CA PRO D 57 21.72 95.46 -29.18
C PRO D 57 20.91 96.31 -28.21
N GLU D 58 19.65 96.60 -28.53
CA GLU D 58 18.86 97.48 -27.67
C GLU D 58 18.42 96.81 -26.37
N LEU D 59 18.14 95.50 -26.41
CA LEU D 59 17.69 94.81 -25.21
C LEU D 59 18.82 94.53 -24.24
N LEU D 60 20.07 94.47 -24.74
CA LEU D 60 21.21 94.29 -23.86
C LEU D 60 21.34 95.45 -22.88
N GLY D 61 21.15 96.67 -23.36
CA GLY D 61 21.17 97.82 -22.46
C GLY D 61 20.06 97.76 -21.42
N ALA D 62 18.88 97.29 -21.82
CA ALA D 62 17.79 97.15 -20.87
C ALA D 62 18.12 96.13 -19.78
N LEU D 63 18.73 95.01 -20.17
CA LEU D 63 19.07 93.99 -19.19
C LEU D 63 20.31 94.33 -18.38
N ILE D 64 21.11 95.31 -18.83
CA ILE D 64 22.37 95.62 -18.16
C ILE D 64 22.36 96.98 -17.47
N ASP D 65 21.36 97.82 -17.71
CA ASP D 65 21.37 99.18 -17.16
C ASP D 65 20.13 99.55 -16.38
N LYS D 66 18.96 99.00 -16.70
CA LYS D 66 17.72 99.38 -16.04
C LYS D 66 17.18 98.33 -15.08
N TYR D 67 17.29 97.04 -15.41
CA TYR D 67 16.77 95.99 -14.55
C TYR D 67 17.85 95.24 -13.78
N LEU D 68 19.12 95.43 -14.13
CA LEU D 68 20.26 94.91 -13.35
C LEU D 68 20.19 93.39 -13.21
N LEU D 69 20.28 92.70 -14.34
CA LEU D 69 20.28 91.24 -14.34
C LEU D 69 21.60 90.64 -14.77
N VAL D 70 22.42 91.37 -15.51
CA VAL D 70 23.72 90.89 -15.96
C VAL D 70 24.75 91.98 -15.72
N SER D 71 25.96 91.56 -15.34
CA SER D 71 27.07 92.48 -15.10
C SER D 71 27.88 92.66 -16.38
N GLN D 72 28.58 93.79 -16.48
CA GLN D 72 29.35 94.09 -17.67
C GLN D 72 30.50 93.10 -17.87
N ILE D 73 31.16 92.70 -16.77
CA ILE D 73 32.28 91.78 -16.87
C ILE D 73 31.81 90.44 -17.42
N ASP D 74 30.68 89.93 -16.91
CA ASP D 74 30.16 88.66 -17.38
C ASP D 74 29.77 88.74 -18.85
N SER D 75 29.15 89.84 -19.27
CA SER D 75 28.79 90.01 -20.67
C SER D 75 30.02 90.05 -21.57
N ASP D 76 31.06 90.75 -21.12
CA ASP D 76 32.25 90.91 -21.96
C ASP D 76 33.09 89.63 -22.02
N ASN D 77 33.14 88.85 -20.94
CA ASN D 77 33.96 87.65 -20.90
C ASN D 77 33.20 86.38 -21.25
N ASN D 78 31.90 86.48 -21.54
CA ASN D 78 31.07 85.34 -21.93
C ASN D 78 31.07 84.27 -20.83
N LEU D 79 30.55 84.66 -19.66
CA LEU D 79 30.51 83.78 -18.50
C LEU D 79 29.11 83.70 -17.89
N VAL D 80 28.07 83.94 -18.68
CA VAL D 80 26.70 83.99 -18.18
C VAL D 80 26.06 82.61 -18.28
N ASN D 81 24.96 82.44 -17.56
CA ASN D 81 24.15 81.22 -17.59
C ASN D 81 22.78 81.57 -18.17
N VAL D 82 22.42 80.91 -19.26
CA VAL D 82 21.16 81.24 -19.93
C VAL D 82 19.97 80.80 -19.09
N GLU D 83 20.08 79.65 -18.43
CA GLU D 83 18.95 79.10 -17.69
C GLU D 83 18.54 80.01 -16.53
N LEU D 84 19.51 80.52 -15.78
CA LEU D 84 19.20 81.42 -14.68
C LEU D 84 18.61 82.73 -15.18
N LEU D 85 19.10 83.21 -16.33
CA LEU D 85 18.53 84.41 -16.92
C LEU D 85 17.07 84.19 -17.31
N ILE D 86 16.76 83.02 -17.87
CA ILE D 86 15.38 82.70 -18.21
C ILE D 86 14.51 82.66 -16.96
N ASP D 87 15.01 82.05 -15.90
CA ASP D 87 14.26 81.98 -14.65
C ASP D 87 13.99 83.37 -14.08
N GLU D 88 15.01 84.23 -14.07
CA GLU D 88 14.83 85.59 -13.56
C GLU D 88 13.84 86.37 -14.41
N ALA D 89 13.92 86.24 -15.74
CA ALA D 89 13.00 86.94 -16.61
C ALA D 89 11.56 86.49 -16.40
N THR D 90 11.35 85.18 -16.26
CA THR D 90 9.98 84.71 -16.05
C THR D 90 9.45 85.11 -14.68
N LYS D 91 10.32 85.18 -13.66
CA LYS D 91 9.89 85.68 -12.36
C LYS D 91 9.49 87.15 -12.44
N PHE D 92 10.27 87.96 -13.16
CA PHE D 92 9.93 89.36 -13.33
C PHE D 92 8.61 89.51 -14.06
N LEU D 93 8.39 88.72 -15.11
CA LEU D 93 7.13 88.79 -15.84
C LEU D 93 5.96 88.38 -14.96
N SER D 94 6.14 87.35 -14.14
CA SER D 94 5.07 86.91 -13.26
C SER D 94 4.72 87.98 -12.23
N VAL D 95 5.74 88.64 -11.67
CA VAL D 95 5.48 89.68 -10.68
C VAL D 95 4.83 90.90 -11.32
N ALA D 96 5.27 91.27 -12.52
CA ALA D 96 4.77 92.48 -13.16
C ALA D 96 3.29 92.38 -13.52
N LYS D 97 2.76 91.17 -13.70
CA LYS D 97 1.37 91.02 -14.12
C LYS D 97 0.40 91.31 -12.98
N THR D 98 0.76 90.95 -11.75
CA THR D 98 -0.15 91.14 -10.62
C THR D 98 -0.38 92.62 -10.33
N ARG D 99 0.67 93.44 -10.43
CA ARG D 99 0.53 94.86 -10.12
C ARG D 99 -0.15 95.64 -11.25
N ARG D 100 -0.46 94.98 -12.37
CA ARG D 100 -1.09 95.64 -13.52
C ARG D 100 -0.21 96.75 -14.08
N CYS D 101 1.08 96.48 -14.21
CA CYS D 101 2.00 97.38 -14.89
C CYS D 101 2.16 96.85 -16.31
N GLU D 102 1.41 97.45 -17.25
CA GLU D 102 1.38 96.91 -18.61
C GLU D 102 2.69 97.17 -19.35
N ASP D 103 3.40 98.25 -19.02
CA ASP D 103 4.64 98.58 -19.72
C ASP D 103 5.70 97.50 -19.48
N GLU D 104 5.95 97.15 -18.22
CA GLU D 104 6.96 96.15 -17.90
C GLU D 104 6.55 94.78 -18.44
N GLU D 105 5.26 94.44 -18.34
CA GLU D 105 4.78 93.16 -18.85
C GLU D 105 4.98 93.05 -20.34
N GLU D 106 4.68 94.12 -21.09
CA GLU D 106 4.86 94.08 -22.54
C GLU D 106 6.34 94.09 -22.90
N GLU D 107 7.17 94.76 -22.10
CA GLU D 107 8.59 94.83 -22.42
C GLU D 107 9.28 93.49 -22.22
N PHE D 108 9.03 92.83 -21.07
CA PHE D 108 9.70 91.57 -20.80
C PHE D 108 9.26 90.42 -21.70
N ARG D 109 8.18 90.59 -22.46
CA ARG D 109 7.78 89.54 -23.40
C ARG D 109 8.76 89.43 -24.55
N LYS D 110 9.29 90.56 -25.02
CA LYS D 110 10.19 90.54 -26.16
C LYS D 110 11.50 89.81 -25.84
N ILE D 111 12.03 90.00 -24.63
CA ILE D 111 13.27 89.31 -24.26
C ILE D 111 13.05 87.80 -24.28
N LEU D 112 11.95 87.34 -23.69
CA LEU D 112 11.69 85.90 -23.66
C LEU D 112 11.44 85.36 -25.06
N SER D 113 10.76 86.13 -25.91
CA SER D 113 10.55 85.69 -27.29
C SER D 113 11.87 85.59 -28.04
N SER D 114 12.76 86.55 -27.83
CA SER D 114 14.05 86.54 -28.55
C SER D 114 14.95 85.42 -28.06
N LEU D 115 14.93 85.13 -26.76
CA LEU D 115 15.78 84.07 -26.23
C LEU D 115 15.36 82.69 -26.74
N TYR D 116 14.06 82.48 -26.94
CA TYR D 116 13.58 81.18 -27.39
C TYR D 116 13.90 80.92 -28.85
N LYS D 117 13.97 81.96 -29.66
CA LYS D 117 14.27 81.78 -31.07
C LYS D 117 15.68 81.25 -31.28
N GLU D 118 16.65 81.76 -30.50
CA GLU D 118 18.04 81.37 -30.69
C GLU D 118 18.26 79.89 -30.38
N VAL D 119 17.65 79.38 -29.31
CA VAL D 119 17.84 77.98 -28.96
C VAL D 119 17.11 77.05 -29.94
N THR D 120 16.05 77.52 -30.60
CA THR D 120 15.32 76.67 -31.53
C THR D 120 16.09 76.47 -32.82
N LYS D 121 16.66 77.54 -33.37
CA LYS D 121 17.38 77.44 -34.63
C LYS D 121 18.73 76.77 -34.50
N ALA D 122 19.21 76.54 -33.27
CA ALA D 122 20.46 75.85 -33.03
C ALA D 122 20.29 74.35 -32.88
N ALA D 123 19.07 73.83 -33.02
CA ALA D 123 18.80 72.40 -32.92
C ALA D 123 18.38 71.79 -34.25
N LEU D 124 18.34 72.59 -35.32
CA LEU D 124 17.95 72.07 -36.63
C LEU D 124 19.05 71.21 -37.25
N LEU D 125 20.31 71.64 -37.09
CA LEU D 125 21.51 70.89 -37.48
C LEU D 125 21.72 70.87 -38.99
N THR D 126 20.74 71.32 -39.77
CA THR D 126 20.89 71.31 -41.22
C THR D 126 20.40 72.59 -41.88
N GLY D 127 19.60 73.40 -41.20
CA GLY D 127 19.10 74.63 -41.78
C GLY D 127 17.89 74.42 -42.68
N GLU D 128 18.01 74.82 -43.94
CA GLU D 128 16.89 74.75 -44.86
C GLU D 128 16.50 73.31 -45.19
N GLN D 129 17.48 72.41 -45.29
CA GLN D 129 17.23 71.03 -45.65
C GLN D 129 16.69 70.19 -44.50
N PHE D 130 16.21 70.83 -43.43
CA PHE D 130 15.65 70.11 -42.29
C PHE D 130 14.35 69.39 -42.65
N ARG D 131 13.70 69.77 -43.75
CA ARG D 131 12.43 69.18 -44.15
C ARG D 131 12.57 68.10 -45.21
N GLU D 132 13.78 67.75 -45.61
CA GLU D 132 13.99 66.77 -46.66
C GLU D 132 13.99 65.36 -46.09
N LYS D 133 14.15 64.37 -46.97
CA LYS D 133 14.14 62.96 -46.59
C LYS D 133 15.52 62.36 -46.78
N ASN D 134 15.72 61.19 -46.17
CA ASN D 134 16.98 60.45 -46.24
C ASN D 134 18.15 61.31 -45.74
N GLN D 135 17.99 61.88 -44.55
CA GLN D 135 19.00 62.75 -43.99
C GLN D 135 20.07 61.99 -43.22
N GLY D 136 19.87 60.70 -42.97
CA GLY D 136 20.87 59.88 -42.30
C GLY D 136 21.94 59.31 -43.19
N LYS D 137 21.83 59.50 -44.51
CA LYS D 137 22.79 58.97 -45.45
C LYS D 137 24.01 59.88 -45.64
N LYS D 138 24.00 61.07 -45.06
CA LYS D 138 25.13 61.96 -45.16
C LYS D 138 26.31 61.42 -44.34
N ASP D 139 27.46 62.06 -44.48
CA ASP D 139 28.71 61.57 -43.91
C ASP D 139 28.96 62.09 -42.50
N ALA D 140 28.02 62.83 -41.92
CA ALA D 140 28.21 63.38 -40.58
C ALA D 140 27.62 62.52 -39.48
N PHE D 141 26.96 61.41 -39.82
CA PHE D 141 26.29 60.56 -38.84
C PHE D 141 26.91 59.17 -38.77
N LYS D 142 28.08 58.97 -39.39
CA LYS D 142 28.71 57.66 -39.40
C LYS D 142 29.12 57.21 -38.01
N TYR D 143 29.55 58.14 -37.16
CA TYR D 143 29.94 57.76 -35.80
C TYR D 143 28.73 57.37 -34.96
N HIS D 144 27.61 58.06 -35.13
CA HIS D 144 26.37 57.65 -34.45
C HIS D 144 25.95 56.25 -34.89
N LYS D 145 25.99 56.00 -36.21
CA LYS D 145 25.65 54.68 -36.71
C LYS D 145 26.59 53.61 -36.15
N GLU D 146 27.88 53.91 -36.11
CA GLU D 146 28.86 52.97 -35.58
C GLU D 146 28.61 52.67 -34.11
N LEU D 147 28.29 53.70 -33.32
CA LEU D 147 28.01 53.49 -31.91
C LEU D 147 26.80 52.60 -31.71
N ILE D 148 25.72 52.86 -32.46
CA ILE D 148 24.52 52.04 -32.33
C ILE D 148 24.81 50.59 -32.72
N SER D 149 25.52 50.40 -33.84
CA SER D 149 25.83 49.05 -34.30
C SER D 149 26.68 48.30 -33.29
N LYS D 150 27.72 48.96 -32.76
CA LYS D 150 28.58 48.31 -31.77
C LYS D 150 27.82 47.98 -30.51
N LEU D 151 26.95 48.89 -30.05
CA LEU D 151 26.21 48.65 -28.82
C LEU D 151 25.20 47.52 -28.96
N ILE D 152 24.59 47.39 -30.14
CA ILE D 152 23.59 46.32 -30.31
C ILE D 152 24.26 44.97 -30.60
N SER D 153 25.39 44.96 -31.30
CA SER D 153 25.95 43.70 -31.79
C SER D 153 26.40 42.80 -30.64
N ASN D 154 27.18 43.33 -29.71
CA ASN D 154 27.79 42.51 -28.65
C ASN D 154 26.80 42.27 -27.52
N ARG D 155 25.78 41.46 -27.84
CA ARG D 155 24.71 41.16 -26.89
C ARG D 155 24.37 39.68 -26.97
N GLN D 156 24.53 38.98 -25.85
CA GLN D 156 24.17 37.58 -25.78
C GLN D 156 22.65 37.43 -25.69
N PRO D 157 22.09 36.30 -26.14
CA PRO D 157 20.65 36.10 -26.00
C PRO D 157 20.26 35.94 -24.54
N GLY D 158 19.07 36.44 -24.21
CA GLY D 158 18.58 36.41 -22.85
C GLY D 158 18.90 37.64 -22.02
N GLN D 159 19.53 38.65 -22.62
CA GLN D 159 19.92 39.87 -21.91
C GLN D 159 19.07 41.04 -22.39
N SER D 160 18.95 42.06 -21.54
CA SER D 160 18.11 43.20 -21.84
C SER D 160 18.73 44.06 -22.95
N ALA D 161 17.85 44.82 -23.62
CA ALA D 161 18.23 45.70 -24.71
C ALA D 161 18.87 46.98 -24.18
N PRO D 162 19.71 47.63 -24.99
CA PRO D 162 20.35 48.87 -24.54
C PRO D 162 19.34 50.00 -24.33
N ALA D 163 19.71 50.92 -23.44
CA ALA D 163 18.92 52.11 -23.16
C ALA D 163 19.79 53.35 -23.36
N ILE D 164 19.24 54.34 -24.06
CA ILE D 164 19.98 55.56 -24.39
C ILE D 164 19.23 56.75 -23.80
N PHE D 165 19.96 57.59 -23.08
CA PHE D 165 19.42 58.79 -22.47
C PHE D 165 20.08 60.02 -23.09
N THR D 166 19.32 61.12 -23.15
CA THR D 166 19.85 62.33 -23.76
C THR D 166 19.10 63.53 -23.19
N THR D 167 19.74 64.69 -23.29
CA THR D 167 19.19 65.96 -22.83
C THR D 167 19.26 67.01 -23.93
N ASN D 168 18.94 66.62 -25.16
CA ASN D 168 19.02 67.51 -26.31
C ASN D 168 17.68 67.55 -27.04
N TYR D 169 17.58 68.46 -28.00
CA TYR D 169 16.38 68.64 -28.80
C TYR D 169 16.52 68.09 -30.22
N ASP D 170 17.73 67.85 -30.69
CA ASP D 170 17.96 67.46 -32.07
C ASP D 170 17.50 66.03 -32.32
N LEU D 171 17.39 65.68 -33.61
CA LEU D 171 16.91 64.38 -34.04
C LEU D 171 18.00 63.55 -34.71
N ALA D 172 19.25 63.70 -34.24
CA ALA D 172 20.36 63.00 -34.88
C ALA D 172 20.25 61.49 -34.70
N LEU D 173 19.92 61.03 -33.48
CA LEU D 173 19.88 59.60 -33.22
C LEU D 173 18.78 58.91 -34.03
N GLU D 174 17.62 59.55 -34.14
CA GLU D 174 16.52 58.95 -34.89
C GLU D 174 16.87 58.84 -36.37
N TRP D 175 17.49 59.86 -36.95
CA TRP D 175 17.92 59.80 -38.34
C TRP D 175 18.98 58.72 -38.53
N ALA D 176 19.91 58.59 -37.58
CA ALA D 176 20.95 57.57 -37.69
C ALA D 176 20.35 56.17 -37.63
N ALA D 177 19.37 55.96 -36.76
CA ALA D 177 18.78 54.64 -36.60
C ALA D 177 17.82 54.27 -37.73
N GLU D 178 17.43 55.21 -38.58
CA GLU D 178 16.52 54.92 -39.68
C GLU D 178 17.23 54.50 -40.95
N ASP D 179 18.56 54.59 -41.00
CA ASP D 179 19.32 54.11 -42.15
C ASP D 179 19.71 52.66 -42.02
N LEU D 180 19.85 52.16 -40.79
CA LEU D 180 20.16 50.76 -40.57
C LEU D 180 18.90 49.89 -40.50
N GLY D 181 17.75 50.49 -40.20
CA GLY D 181 16.51 49.75 -40.09
C GLY D 181 16.08 49.40 -38.69
N ILE D 182 16.79 49.89 -37.67
CA ILE D 182 16.45 49.56 -36.29
C ILE D 182 15.18 50.31 -35.89
N GLN D 183 14.37 49.69 -35.04
CA GLN D 183 13.17 50.30 -34.50
C GLN D 183 13.45 50.81 -33.09
N LEU D 184 13.18 52.09 -32.85
CA LEU D 184 13.40 52.72 -31.56
C LEU D 184 12.06 53.05 -30.92
N PHE D 185 11.98 52.83 -29.60
CA PHE D 185 10.77 53.09 -28.84
C PHE D 185 10.93 54.38 -28.07
N ASN D 186 10.01 55.32 -28.26
CA ASN D 186 9.98 56.57 -27.50
C ASN D 186 8.66 56.79 -26.79
N GLY D 187 7.85 55.74 -26.64
CA GLY D 187 6.61 55.81 -25.89
C GLY D 187 5.40 56.25 -26.69
N PHE D 188 5.49 56.39 -27.99
CA PHE D 188 4.38 56.83 -28.82
C PHE D 188 3.92 55.71 -29.74
N SER D 189 2.66 55.82 -30.18
CA SER D 189 2.06 54.80 -31.04
C SER D 189 1.08 55.46 -31.99
N GLY D 190 0.82 54.77 -33.09
CA GLY D 190 -0.08 55.28 -34.12
C GLY D 190 0.66 56.12 -35.15
N LEU D 191 -0.05 56.39 -36.26
CA LEU D 191 0.48 57.24 -37.31
C LEU D 191 -0.37 58.49 -37.54
N HIS D 192 -1.67 58.33 -37.75
CA HIS D 192 -2.53 59.47 -38.03
C HIS D 192 -2.81 60.30 -36.77
N THR D 193 -2.67 59.71 -35.59
CA THR D 193 -2.82 60.44 -34.34
C THR D 193 -1.90 59.77 -33.31
N ARG D 194 -0.69 60.30 -33.16
CA ARG D 194 0.27 59.73 -32.22
C ARG D 194 0.00 60.27 -30.81
N GLN D 195 -0.01 59.37 -29.84
CA GLN D 195 -0.29 59.70 -28.45
C GLN D 195 0.81 59.12 -27.57
N PHE D 196 0.90 59.64 -26.35
CA PHE D 196 1.86 59.17 -25.37
C PHE D 196 1.19 58.20 -24.42
N TYR D 197 1.57 56.93 -24.50
CA TYR D 197 1.11 55.91 -23.58
C TYR D 197 2.29 55.40 -22.77
N PRO D 198 2.25 55.49 -21.44
CA PRO D 198 3.40 55.09 -20.62
C PRO D 198 3.55 53.59 -20.47
N GLN D 199 2.66 52.79 -21.02
CA GLN D 199 2.76 51.33 -20.96
C GLN D 199 3.49 50.74 -22.16
N ASN D 200 3.96 51.58 -23.09
CA ASN D 200 4.70 51.10 -24.25
C ASN D 200 6.15 50.80 -23.95
N PHE D 201 6.61 51.05 -22.73
CA PHE D 201 8.01 50.88 -22.36
C PHE D 201 8.32 49.47 -21.87
N ASP D 202 7.35 48.56 -21.90
CA ASP D 202 7.52 47.19 -21.44
C ASP D 202 7.13 46.19 -22.52
N LEU D 203 7.60 46.40 -23.74
CA LEU D 203 7.28 45.55 -24.88
C LEU D 203 8.54 45.21 -25.65
N ALA D 204 8.47 44.10 -26.38
CA ALA D 204 9.59 43.63 -27.18
C ALA D 204 9.06 42.84 -28.37
N PHE D 205 9.95 42.52 -29.30
CA PHE D 205 9.59 41.77 -30.50
C PHE D 205 9.86 40.28 -30.32
N ARG D 206 9.24 39.49 -31.20
CA ARG D 206 9.40 38.05 -31.20
C ARG D 206 9.12 37.52 -32.60
N ASN D 207 9.88 36.50 -33.00
CA ASN D 207 9.70 35.87 -34.31
C ASN D 207 8.68 34.75 -34.19
N VAL D 208 7.62 34.81 -35.01
CA VAL D 208 6.55 33.83 -34.90
C VAL D 208 7.01 32.45 -35.38
N ASN D 209 7.92 32.41 -36.35
CA ASN D 209 8.42 31.12 -36.83
C ASN D 209 9.20 30.39 -35.74
N ALA D 210 10.02 31.11 -34.98
CA ALA D 210 10.81 30.52 -33.91
C ALA D 210 10.96 31.50 -32.75
N GLY D 217 14.02 40.99 -37.74
CA GLY D 217 14.86 40.51 -36.67
C GLY D 217 14.57 41.18 -35.34
N HIS D 218 15.16 40.66 -34.27
CA HIS D 218 14.98 41.22 -32.93
C HIS D 218 16.19 42.07 -32.58
N TYR D 219 16.34 43.18 -33.31
CA TYR D 219 17.21 44.28 -32.94
C TYR D 219 16.36 45.48 -32.60
N HIS D 220 16.49 45.99 -31.37
CA HIS D 220 15.71 47.14 -30.94
C HIS D 220 16.39 47.77 -29.73
N ALA D 221 15.99 49.00 -29.44
CA ALA D 221 16.55 49.73 -28.30
C ALA D 221 15.52 50.74 -27.83
N TYR D 222 15.73 51.24 -26.60
CA TYR D 222 14.86 52.21 -25.98
C TYR D 222 15.53 53.58 -25.92
N LEU D 223 14.75 54.61 -26.23
CA LEU D 223 15.26 55.99 -26.27
C LEU D 223 14.42 56.84 -25.32
N TYR D 224 15.09 57.52 -24.40
CA TYR D 224 14.45 58.40 -23.44
C TYR D 224 14.98 59.82 -23.64
N LYS D 225 14.06 60.79 -23.71
CA LYS D 225 14.42 62.20 -23.83
C LYS D 225 13.90 62.93 -22.59
N LEU D 226 14.80 63.52 -21.82
CA LEU D 226 14.46 64.16 -20.56
C LEU D 226 14.04 65.62 -20.71
N HIS D 227 14.10 66.19 -21.91
CA HIS D 227 13.83 67.61 -22.09
C HIS D 227 12.99 67.89 -23.33
N GLY D 228 12.20 66.93 -23.79
CA GLY D 228 11.33 67.15 -24.92
C GLY D 228 12.06 67.14 -26.25
N SER D 229 11.32 67.52 -27.29
CA SER D 229 11.84 67.52 -28.64
C SER D 229 11.14 68.62 -29.44
N LEU D 230 11.71 68.93 -30.61
CA LEU D 230 11.17 69.95 -31.48
C LEU D 230 9.88 69.51 -32.18
N THR D 231 9.52 68.23 -32.09
CA THR D 231 8.37 67.67 -32.78
C THR D 231 7.25 67.27 -31.84
N TRP D 232 7.23 67.81 -30.63
CA TRP D 232 6.21 67.51 -29.63
C TRP D 232 5.45 68.78 -29.30
N TYR D 233 4.11 68.68 -29.25
CA TYR D 233 3.27 69.80 -28.88
C TYR D 233 2.13 69.31 -28.00
N GLN D 234 1.55 70.24 -27.24
CA GLN D 234 0.46 69.94 -26.33
C GLN D 234 -0.78 70.71 -26.74
N ASN D 235 -1.94 70.06 -26.57
CA ASN D 235 -3.23 70.67 -26.86
C ASN D 235 -3.98 71.07 -25.59
N ASP D 236 -3.25 71.27 -24.49
CA ASP D 236 -3.79 71.78 -23.23
C ASP D 236 -4.88 70.89 -22.67
N SER D 237 -4.79 69.58 -22.92
CA SER D 237 -5.78 68.63 -22.42
C SER D 237 -5.12 67.37 -21.89
N LEU D 238 -3.92 67.48 -21.34
CA LEU D 238 -3.14 66.34 -20.86
C LEU D 238 -2.92 65.34 -22.00
N THR D 239 -2.63 65.86 -23.18
CA THR D 239 -2.35 65.03 -24.34
C THR D 239 -1.16 65.62 -25.08
N VAL D 240 -0.25 64.75 -25.51
CA VAL D 240 0.95 65.15 -26.23
C VAL D 240 0.99 64.39 -27.55
N ASN D 241 1.25 65.09 -28.65
CA ASN D 241 1.27 64.51 -29.98
C ASN D 241 2.66 64.61 -30.59
N GLU D 242 2.97 63.67 -31.48
CA GLU D 242 4.23 63.63 -32.19
C GLU D 242 3.98 63.77 -33.69
N VAL D 243 4.77 64.62 -34.33
CA VAL D 243 4.56 65.00 -35.73
C VAL D 243 5.91 64.96 -36.45
N SER D 244 5.89 64.47 -37.69
CA SER D 244 7.11 64.37 -38.48
C SER D 244 7.73 65.75 -38.71
N ALA D 245 8.99 65.73 -39.16
CA ALA D 245 9.76 66.96 -39.30
C ALA D 245 9.17 67.92 -40.33
N SER D 246 8.75 67.41 -41.49
CA SER D 246 8.23 68.29 -42.54
C SER D 246 6.95 69.00 -42.12
N GLN D 247 6.03 68.26 -41.49
CA GLN D 247 4.78 68.87 -41.04
C GLN D 247 5.03 69.90 -39.97
N ALA D 248 5.93 69.62 -39.03
CA ALA D 248 6.27 70.62 -38.01
C ALA D 248 6.88 71.86 -38.64
N TYR D 249 7.80 71.67 -39.59
CA TYR D 249 8.49 72.80 -40.20
C TYR D 249 7.53 73.68 -40.99
N ASP D 250 6.61 73.09 -41.75
CA ASP D 250 5.69 73.90 -42.53
C ASP D 250 4.42 74.25 -41.76
N GLU D 251 4.30 73.83 -40.50
CA GLU D 251 3.18 74.22 -39.66
C GLU D 251 3.54 75.34 -38.68
N TYR D 252 4.52 75.11 -37.79
CA TYR D 252 4.72 76.07 -36.70
C TYR D 252 6.17 76.35 -36.33
N ILE D 253 7.15 75.95 -37.13
CA ILE D 253 8.54 76.25 -36.79
C ILE D 253 9.01 77.45 -37.61
N ASN D 254 8.58 77.52 -38.86
CA ASN D 254 9.00 78.63 -39.72
C ASN D 254 8.47 79.96 -39.19
N ASP D 255 7.23 79.96 -38.68
CA ASP D 255 6.65 81.17 -38.12
C ASP D 255 7.44 81.65 -36.90
N ILE D 256 7.86 80.72 -36.04
CA ILE D 256 8.70 81.10 -34.91
C ILE D 256 10.04 81.63 -35.39
N ILE D 257 10.62 81.00 -36.41
CA ILE D 257 11.97 81.35 -36.83
C ILE D 257 12.01 82.74 -37.46
N ASN D 258 11.19 82.99 -38.47
CA ASN D 258 11.32 84.23 -39.24
C ASN D 258 9.98 84.90 -39.48
N LYS D 259 9.17 85.03 -38.43
CA LYS D 259 7.94 85.82 -38.53
C LYS D 259 7.68 86.66 -37.28
N ASP D 260 8.67 86.76 -36.38
CA ASP D 260 8.60 87.56 -35.15
C ASP D 260 7.22 87.50 -34.50
N ASP D 261 6.73 86.28 -34.33
CA ASP D 261 5.42 86.05 -33.73
C ASP D 261 5.55 85.88 -32.23
N PHE D 262 4.53 86.33 -31.50
CA PHE D 262 4.52 86.18 -30.05
C PHE D 262 4.56 84.72 -29.66
N TYR D 263 5.40 84.39 -28.68
CA TYR D 263 5.55 82.99 -28.27
C TYR D 263 4.40 82.58 -27.37
N ARG D 264 3.85 81.40 -27.65
CA ARG D 264 2.84 80.76 -26.81
C ARG D 264 3.29 79.34 -26.50
N GLY D 265 2.46 78.60 -25.79
CA GLY D 265 2.77 77.22 -25.48
C GLY D 265 2.62 76.31 -26.68
N GLN D 266 3.35 76.61 -27.75
CA GLN D 266 3.20 75.87 -29.00
C GLN D 266 3.89 74.52 -28.96
N HIS D 267 5.14 74.47 -28.48
CA HIS D 267 5.85 73.21 -28.31
C HIS D 267 6.53 73.21 -26.96
N LEU D 268 6.60 72.03 -26.33
CA LEU D 268 7.05 71.90 -24.96
C LEU D 268 8.55 71.66 -24.92
N ILE D 269 9.27 72.50 -24.16
CA ILE D 269 10.69 72.33 -23.90
C ILE D 269 10.94 72.71 -22.44
N TYR D 270 12.07 72.25 -21.91
CA TYR D 270 12.45 72.48 -20.51
C TYR D 270 13.86 73.06 -20.46
N PRO D 271 14.02 74.34 -20.77
CA PRO D 271 15.33 74.98 -20.68
C PRO D 271 15.63 75.68 -19.35
N GLY D 272 14.74 75.57 -18.35
CA GLY D 272 14.93 76.25 -17.10
C GLY D 272 15.80 75.48 -16.12
N ALA D 273 15.90 76.02 -14.91
CA ALA D 273 16.71 75.43 -13.86
C ALA D 273 15.90 74.96 -12.66
N ASN D 274 14.58 75.06 -12.70
CA ASN D 274 13.73 74.60 -11.61
C ASN D 274 12.91 73.38 -11.98
N LYS D 275 12.38 73.34 -13.20
CA LYS D 275 11.64 72.21 -13.76
C LYS D 275 10.39 71.86 -12.97
N TYR D 276 9.90 72.76 -12.11
CA TYR D 276 8.72 72.51 -11.31
C TYR D 276 7.60 73.52 -11.53
N SER D 277 7.87 74.65 -12.18
CA SER D 277 6.80 75.59 -12.50
C SER D 277 5.79 74.97 -13.44
N HIS D 278 6.26 74.23 -14.43
CA HIS D 278 5.37 73.54 -15.37
C HIS D 278 4.74 72.34 -14.67
N THR D 279 3.42 72.37 -14.51
CA THR D 279 2.71 71.36 -13.75
C THR D 279 1.83 70.45 -14.61
N ILE D 280 1.26 70.97 -15.69
CA ILE D 280 0.36 70.18 -16.54
C ILE D 280 1.10 69.03 -17.21
N GLY D 281 2.41 69.15 -17.41
CA GLY D 281 3.16 68.11 -18.10
C GLY D 281 3.57 66.99 -17.17
N PHE D 282 3.20 65.75 -17.53
CA PHE D 282 3.54 64.58 -16.74
C PHE D 282 4.63 63.72 -17.36
N VAL D 283 5.20 64.12 -18.51
CA VAL D 283 6.23 63.31 -19.14
C VAL D 283 7.55 63.39 -18.38
N TYR D 284 7.76 64.48 -17.65
CA TYR D 284 8.99 64.65 -16.88
C TYR D 284 9.14 63.55 -15.83
N GLY D 285 8.07 63.31 -15.07
CA GLY D 285 8.13 62.34 -14.00
C GLY D 285 8.38 60.93 -14.48
N GLU D 286 7.76 60.56 -15.61
CA GLU D 286 7.95 59.21 -16.14
C GLU D 286 9.41 58.97 -16.51
N MET D 287 10.04 59.93 -17.19
CA MET D 287 11.43 59.77 -17.59
C MET D 287 12.35 59.73 -16.38
N PHE D 288 12.16 60.65 -15.44
CA PHE D 288 13.03 60.64 -14.26
C PHE D 288 12.72 59.52 -13.28
N ARG D 289 11.61 58.80 -13.46
CA ARG D 289 11.38 57.59 -12.70
C ARG D 289 12.03 56.38 -13.36
N ARG D 290 11.95 56.30 -14.70
CA ARG D 290 12.62 55.22 -15.41
C ARG D 290 14.13 55.29 -15.24
N PHE D 291 14.70 56.50 -15.22
CA PHE D 291 16.13 56.66 -14.98
C PHE D 291 16.53 56.06 -13.63
N GLY D 292 15.83 56.45 -12.57
CA GLY D 292 16.16 55.95 -11.24
C GLY D 292 15.92 54.45 -11.11
N GLU D 293 14.89 53.94 -11.76
CA GLU D 293 14.67 52.49 -11.75
C GLU D 293 15.81 51.77 -12.47
N PHE D 294 16.31 52.35 -13.56
CA PHE D 294 17.40 51.70 -14.30
C PHE D 294 18.68 51.65 -13.48
N ILE D 295 19.07 52.76 -12.86
CA ILE D 295 20.40 52.82 -12.25
C ILE D 295 20.39 52.25 -10.83
N SER D 296 19.30 51.61 -10.46
CA SER D 296 19.17 50.98 -9.14
C SER D 296 19.07 49.46 -9.27
N LYS D 297 19.89 48.87 -10.13
CA LYS D 297 19.90 47.45 -10.39
C LYS D 297 21.33 46.92 -10.29
N PRO D 298 21.51 45.65 -9.96
CA PRO D 298 22.86 45.10 -9.90
C PRO D 298 23.42 44.83 -11.28
N GLN D 299 24.76 44.83 -11.34
CA GLN D 299 25.52 44.59 -12.58
C GLN D 299 25.13 45.58 -13.67
N THR D 300 25.43 46.84 -13.39
CA THR D 300 25.08 47.96 -14.27
C THR D 300 26.33 48.73 -14.65
N ALA D 301 26.40 49.17 -15.90
CA ALA D 301 27.48 50.00 -16.41
C ALA D 301 26.89 51.20 -17.12
N LEU D 302 27.50 52.37 -16.93
CA LEU D 302 26.99 53.61 -17.50
C LEU D 302 28.13 54.44 -18.07
N PHE D 303 27.89 55.09 -19.19
CA PHE D 303 28.86 55.96 -19.85
C PHE D 303 28.29 57.36 -19.98
N ILE D 304 29.12 58.37 -19.74
CA ILE D 304 28.73 59.77 -19.83
C ILE D 304 29.70 60.48 -20.75
N ASN D 305 29.16 61.18 -21.76
CA ASN D 305 29.97 61.95 -22.69
C ASN D 305 29.18 63.15 -23.16
N GLY D 306 29.84 64.30 -23.22
CA GLY D 306 29.19 65.52 -23.65
C GLY D 306 28.38 66.24 -22.59
N PHE D 307 28.53 65.87 -21.32
CA PHE D 307 27.77 66.48 -20.24
C PHE D 307 28.65 67.43 -19.45
N GLY D 308 28.13 68.61 -19.14
CA GLY D 308 28.86 69.64 -18.45
C GLY D 308 28.61 69.77 -16.96
N PHE D 309 27.78 68.90 -16.39
CA PHE D 309 27.47 68.90 -14.96
C PHE D 309 26.92 70.26 -14.51
N GLY D 310 25.78 70.63 -15.10
CA GLY D 310 25.17 71.90 -14.80
C GLY D 310 23.72 71.79 -14.36
N ASP D 311 23.26 70.57 -14.10
CA ASP D 311 21.90 70.33 -13.63
C ASP D 311 21.95 69.81 -12.20
N TYR D 312 21.22 70.47 -11.30
CA TYR D 312 21.22 70.05 -9.91
C TYR D 312 20.55 68.69 -9.73
N HIS D 313 19.47 68.43 -10.46
CA HIS D 313 18.74 67.18 -10.30
C HIS D 313 19.59 65.98 -10.70
N ILE D 314 20.35 66.10 -11.80
CA ILE D 314 21.09 64.95 -12.32
C ILE D 314 22.22 64.55 -11.39
N ASN D 315 23.00 65.52 -10.90
CA ASN D 315 24.13 65.18 -10.04
C ASN D 315 23.72 65.12 -8.57
N ARG D 316 22.62 64.41 -8.31
CA ARG D 316 22.24 64.02 -6.96
C ARG D 316 21.89 62.53 -6.97
N ILE D 317 21.38 62.07 -8.11
CA ILE D 317 21.01 60.66 -8.25
C ILE D 317 22.25 59.81 -8.49
N ILE D 318 23.21 60.33 -9.27
CA ILE D 318 24.43 59.58 -9.54
C ILE D 318 25.21 59.34 -8.25
N LEU D 319 25.34 60.37 -7.41
CA LEU D 319 26.02 60.20 -6.14
C LEU D 319 25.29 59.22 -5.24
N GLY D 320 23.95 59.28 -5.24
CA GLY D 320 23.17 58.37 -4.41
C GLY D 320 23.20 56.94 -4.89
N ALA D 321 23.48 56.72 -6.17
CA ALA D 321 23.58 55.36 -6.71
C ALA D 321 24.95 54.75 -6.53
N LEU D 322 25.90 55.47 -5.93
CA LEU D 322 27.25 54.98 -5.71
C LEU D 322 27.39 54.14 -4.47
N LEU D 323 26.31 53.97 -3.70
CA LEU D 323 26.33 53.11 -2.52
C LEU D 323 25.98 51.66 -2.85
N ASN D 324 25.67 51.37 -4.12
CA ASN D 324 25.40 50.01 -4.55
C ASN D 324 26.70 49.36 -4.98
N PRO D 325 27.12 48.25 -4.38
CA PRO D 325 28.42 47.64 -4.72
C PRO D 325 28.52 47.09 -6.12
N SER D 326 27.49 47.21 -6.96
CA SER D 326 27.51 46.67 -8.32
C SER D 326 27.12 47.75 -9.33
N PHE D 327 27.73 48.93 -9.19
CA PHE D 327 27.46 50.04 -10.09
C PHE D 327 28.79 50.69 -10.46
N HIS D 328 29.10 50.72 -11.75
CA HIS D 328 30.34 51.30 -12.26
C HIS D 328 30.02 52.42 -13.24
N VAL D 329 30.85 53.46 -13.23
CA VAL D 329 30.61 54.65 -14.03
C VAL D 329 31.93 55.12 -14.63
N VAL D 330 31.89 55.52 -15.90
CA VAL D 330 33.02 56.12 -16.60
C VAL D 330 32.62 57.51 -17.04
N ILE D 331 33.42 58.51 -16.68
CA ILE D 331 33.08 59.92 -16.89
C ILE D 331 34.13 60.56 -17.79
N TYR D 332 33.68 61.31 -18.78
CA TYR D 332 34.54 62.02 -19.72
C TYR D 332 34.49 63.50 -19.43
N TYR D 333 35.65 64.12 -19.29
CA TYR D 333 35.75 65.55 -19.01
C TYR D 333 37.07 66.06 -19.58
N PRO D 334 37.05 66.74 -20.72
CA PRO D 334 38.29 67.18 -21.36
C PRO D 334 39.09 68.18 -20.54
N GLU D 335 38.45 69.29 -20.18
CA GLU D 335 39.13 70.38 -19.46
C GLU D 335 39.05 70.07 -17.96
N LEU D 336 39.96 69.22 -17.50
CA LEU D 336 40.00 68.78 -16.12
C LEU D 336 41.16 69.38 -15.33
N LYS D 337 42.32 69.57 -15.98
CA LYS D 337 43.46 70.14 -15.28
C LYS D 337 43.18 71.56 -14.81
N GLU D 338 42.51 72.36 -15.65
CA GLU D 338 42.18 73.72 -15.26
C GLU D 338 41.25 73.73 -14.06
N ALA D 339 40.29 72.80 -14.02
CA ALA D 339 39.40 72.69 -12.87
C ALA D 339 40.18 72.36 -11.60
N ILE D 340 41.16 71.45 -11.71
CA ILE D 340 41.98 71.10 -10.54
C ILE D 340 42.77 72.31 -10.07
N THR D 341 43.34 73.07 -11.01
CA THR D 341 44.10 74.25 -10.62
C THR D 341 43.22 75.29 -9.94
N LYS D 342 42.01 75.51 -10.46
CA LYS D 342 41.14 76.54 -9.90
C LYS D 342 40.58 76.12 -8.53
N VAL D 343 40.14 74.87 -8.40
CA VAL D 343 39.53 74.43 -7.15
C VAL D 343 40.56 74.38 -6.03
N SER D 344 41.78 73.95 -6.34
CA SER D 344 42.82 73.87 -5.31
C SER D 344 43.12 75.24 -4.71
N LYS D 345 42.96 76.31 -5.49
CA LYS D 345 43.13 77.67 -4.98
C LYS D 345 41.94 78.14 -4.17
N GLY D 346 40.83 77.40 -4.16
CA GLY D 346 39.67 77.75 -3.37
C GLY D 346 38.66 78.65 -4.05
N GLY D 347 38.87 79.02 -5.31
CA GLY D 347 37.96 79.91 -5.98
C GLY D 347 37.27 79.32 -7.20
N GLY D 348 36.88 78.06 -7.11
CA GLY D 348 36.22 77.40 -8.22
C GLY D 348 34.74 77.70 -8.29
N SER D 349 34.15 77.40 -9.44
CA SER D 349 32.73 77.58 -9.65
C SER D 349 31.95 76.37 -9.14
N GLU D 350 30.64 76.36 -9.40
CA GLU D 350 29.77 75.31 -8.90
C GLU D 350 29.83 74.02 -9.71
N ALA D 351 30.45 74.04 -10.89
CA ALA D 351 30.51 72.86 -11.74
C ALA D 351 31.79 72.07 -11.55
N GLU D 352 32.91 72.76 -11.32
CA GLU D 352 34.18 72.08 -11.13
C GLU D 352 34.26 71.37 -9.78
N LYS D 353 33.53 71.86 -8.77
CA LYS D 353 33.58 71.23 -7.46
C LYS D 353 33.11 69.79 -7.52
N ALA D 354 32.01 69.53 -8.23
CA ALA D 354 31.47 68.17 -8.28
C ALA D 354 32.42 67.22 -8.99
N ILE D 355 32.95 67.64 -10.15
CA ILE D 355 33.82 66.74 -10.91
C ILE D 355 35.15 66.54 -10.20
N VAL D 356 35.63 67.53 -9.45
CA VAL D 356 36.84 67.34 -8.65
C VAL D 356 36.55 66.40 -7.48
N THR D 357 35.37 66.54 -6.86
CA THR D 357 35.01 65.66 -5.76
C THR D 357 34.93 64.21 -6.19
N LEU D 358 34.35 63.95 -7.37
CA LEU D 358 34.21 62.57 -7.82
C LEU D 358 35.57 61.92 -8.07
N LYS D 359 36.57 62.69 -8.48
CA LYS D 359 37.90 62.13 -8.68
C LYS D 359 38.53 61.71 -7.35
N ASN D 360 38.30 62.48 -6.30
CA ASN D 360 38.92 62.25 -5.00
C ASN D 360 38.32 61.06 -4.25
N MET D 361 37.24 60.47 -4.74
CA MET D 361 36.65 59.32 -4.08
C MET D 361 37.62 58.14 -4.11
N ALA D 362 37.61 57.36 -3.04
CA ALA D 362 38.53 56.24 -2.86
C ALA D 362 37.87 54.90 -3.17
N PHE D 363 36.96 54.87 -4.14
CA PHE D 363 36.28 53.65 -4.54
C PHE D 363 36.78 53.23 -5.92
N ASN D 364 36.91 51.92 -6.12
CA ASN D 364 37.33 51.35 -7.40
C ASN D 364 36.19 51.27 -8.40
N GLN D 365 35.09 51.99 -8.17
CA GLN D 365 33.92 51.95 -9.02
C GLN D 365 33.79 53.20 -9.89
N VAL D 366 34.68 54.17 -9.73
CA VAL D 366 34.60 55.45 -10.43
C VAL D 366 35.88 55.66 -11.22
N THR D 367 35.74 55.98 -12.51
CA THR D 367 36.86 56.30 -13.38
C THR D 367 36.61 57.63 -14.05
N VAL D 368 37.64 58.46 -14.12
CA VAL D 368 37.55 59.79 -14.73
C VAL D 368 38.62 59.88 -15.80
N VAL D 369 38.22 60.26 -17.01
CA VAL D 369 39.10 60.30 -18.18
C VAL D 369 39.10 61.72 -18.72
N GLY D 370 40.30 62.30 -18.87
CA GLY D 370 40.46 63.63 -19.42
C GLY D 370 41.57 63.69 -20.43
N GLY D 371 42.01 64.90 -20.78
CA GLY D 371 43.12 65.04 -21.70
C GLY D 371 42.80 65.78 -22.98
N GLY D 372 41.84 66.69 -22.94
CA GLY D 372 41.54 67.52 -24.09
C GLY D 372 40.90 66.78 -25.24
N SER D 373 41.56 66.78 -26.40
CA SER D 373 41.01 66.16 -27.60
C SER D 373 40.86 64.66 -27.47
N LYS D 374 41.52 64.03 -26.49
CA LYS D 374 41.43 62.60 -26.31
C LYS D 374 40.11 62.16 -25.69
N ALA D 375 39.29 63.10 -25.22
CA ALA D 375 38.05 62.81 -24.54
C ALA D 375 36.85 63.34 -25.32
N TYR D 376 36.94 63.30 -26.65
CA TYR D 376 35.84 63.75 -27.50
C TYR D 376 34.91 62.58 -27.80
N PHE D 377 33.86 62.86 -28.57
CA PHE D 377 32.89 61.82 -28.90
C PHE D 377 33.52 60.74 -29.78
N ASN D 378 34.36 61.15 -30.74
CA ASN D 378 34.96 60.19 -31.66
C ASN D 378 35.87 59.21 -30.93
N SER D 379 36.65 59.71 -29.97
CA SER D 379 37.49 58.82 -29.17
C SER D 379 36.65 57.84 -28.36
N PHE D 380 35.53 58.32 -27.81
CA PHE D 380 34.64 57.45 -27.05
C PHE D 380 34.08 56.34 -27.93
N VAL D 381 33.67 56.69 -29.15
CA VAL D 381 33.12 55.67 -30.05
C VAL D 381 34.22 54.68 -30.45
N GLU D 382 35.43 55.16 -30.69
CA GLU D 382 36.51 54.26 -31.10
C GLU D 382 36.97 53.37 -29.96
N HIS D 383 36.80 53.81 -28.71
CA HIS D 383 37.29 53.02 -27.58
C HIS D 383 36.49 51.74 -27.38
N LEU D 384 35.22 51.72 -27.80
CA LEU D 384 34.39 50.55 -27.63
C LEU D 384 34.91 49.38 -28.46
N PRO D 385 34.76 48.15 -27.96
CA PRO D 385 35.30 46.98 -28.67
C PRO D 385 34.32 46.42 -29.70
N TYR D 386 34.81 45.43 -30.43
CA TYR D 386 34.12 44.62 -31.42
C TYR D 386 33.87 43.22 -30.86
N PRO D 387 32.76 42.58 -31.23
CA PRO D 387 32.47 41.25 -30.69
C PRO D 387 33.38 40.19 -31.29
N VAL D 388 33.53 39.09 -30.55
CA VAL D 388 34.27 37.91 -30.99
C VAL D 388 33.26 36.81 -31.25
N LEU D 389 33.27 36.27 -32.47
CA LEU D 389 32.25 35.31 -32.88
C LEU D 389 32.54 33.91 -32.36
N PHE D 390 33.64 33.30 -32.81
CA PHE D 390 33.99 31.94 -32.42
C PHE D 390 35.31 31.92 -31.68
N PRO D 391 35.32 31.73 -30.35
CA PRO D 391 36.55 31.69 -29.56
C PRO D 391 37.13 30.28 -29.43
N SER E 2 -33.02 33.20 -48.13
CA SER E 2 -32.83 32.35 -46.96
C SER E 2 -31.36 31.96 -46.81
N ILE E 3 -31.11 30.87 -46.09
CA ILE E 3 -29.77 30.37 -45.86
C ILE E 3 -29.69 28.95 -46.42
N TYR E 4 -28.72 28.72 -47.30
CA TYR E 4 -28.53 27.43 -47.94
C TYR E 4 -27.20 26.84 -47.49
N GLN E 5 -27.23 25.57 -47.07
CA GLN E 5 -26.05 24.85 -46.60
C GLN E 5 -25.99 23.53 -47.33
N GLY E 6 -25.28 23.49 -48.46
CA GLY E 6 -25.16 22.28 -49.25
C GLY E 6 -26.46 21.86 -49.90
N GLY E 7 -27.25 22.81 -50.41
CA GLY E 7 -28.48 22.51 -51.11
C GLY E 7 -29.69 22.32 -50.24
N ASN E 8 -29.55 22.42 -48.92
CA ASN E 8 -30.66 22.25 -48.00
C ASN E 8 -30.91 23.54 -47.21
N LYS E 9 -32.12 23.65 -46.68
CA LYS E 9 -32.52 24.81 -45.90
C LYS E 9 -32.28 24.57 -44.42
N LEU E 10 -32.02 25.66 -43.69
CA LEU E 10 -31.88 25.61 -42.24
C LEU E 10 -32.30 26.95 -41.66
N ASN E 11 -32.66 26.94 -40.39
CA ASN E 11 -33.24 28.09 -39.73
C ASN E 11 -32.15 28.96 -39.10
N GLU E 12 -32.59 29.98 -38.34
CA GLU E 12 -31.67 30.97 -37.82
C GLU E 12 -30.83 30.41 -36.67
N ASP E 13 -31.43 29.63 -35.78
CA ASP E 13 -30.71 29.15 -34.61
C ASP E 13 -29.58 28.20 -34.99
N ASP E 14 -29.83 27.31 -35.95
CA ASP E 14 -28.78 26.40 -36.40
C ASP E 14 -27.63 27.18 -37.04
N PHE E 15 -27.95 28.21 -37.81
CA PHE E 15 -26.91 29.05 -38.39
C PHE E 15 -26.10 29.77 -37.31
N ARG E 16 -26.77 30.26 -36.27
CA ARG E 16 -26.04 30.91 -35.18
C ARG E 16 -25.12 29.94 -34.47
N SER E 17 -25.58 28.72 -34.23
CA SER E 17 -24.74 27.70 -33.59
C SER E 17 -23.55 27.34 -34.48
N HIS E 18 -23.78 27.25 -35.79
CA HIS E 18 -22.69 26.95 -36.71
C HIS E 18 -21.65 28.05 -36.71
N VAL E 19 -22.10 29.31 -36.70
CA VAL E 19 -21.16 30.44 -36.66
C VAL E 19 -20.37 30.41 -35.35
N TYR E 20 -21.04 30.11 -34.24
CA TYR E 20 -20.35 29.99 -32.96
C TYR E 20 -19.28 28.91 -33.00
N SER E 21 -19.60 27.77 -33.60
CA SER E 21 -18.64 26.67 -33.67
C SER E 21 -17.46 27.01 -34.58
N LEU E 22 -17.70 27.73 -35.68
CA LEU E 22 -16.63 28.04 -36.61
C LEU E 22 -15.62 29.02 -36.01
N CYS E 23 -16.11 29.99 -35.23
CA CYS E 23 -15.26 31.08 -34.77
C CYS E 23 -14.22 30.66 -33.73
N GLN E 24 -14.32 29.45 -33.19
CA GLN E 24 -13.41 28.97 -32.16
C GLN E 24 -12.40 27.98 -32.71
N LEU E 25 -11.99 28.16 -33.96
CA LEU E 25 -10.98 27.31 -34.58
C LEU E 25 -9.60 27.95 -34.46
N ASP E 26 -8.62 27.31 -35.09
CA ASP E 26 -7.23 27.77 -34.96
C ASP E 26 -7.01 29.08 -35.70
N ASN E 27 -7.59 29.23 -36.89
CA ASN E 27 -7.38 30.42 -37.71
C ASN E 27 -8.72 31.03 -38.07
N VAL E 28 -8.81 32.36 -37.93
CA VAL E 28 -10.02 33.12 -38.27
C VAL E 28 -9.60 34.28 -39.16
N GLY E 29 -10.31 34.46 -40.27
CA GLY E 29 -10.00 35.53 -41.20
C GLY E 29 -11.26 36.10 -41.82
N VAL E 30 -11.16 37.34 -42.28
CA VAL E 30 -12.25 38.07 -42.91
C VAL E 30 -11.75 38.70 -44.19
N LEU E 31 -12.60 38.69 -45.22
CA LEU E 31 -12.33 39.38 -46.48
C LEU E 31 -13.51 40.29 -46.79
N LEU E 32 -13.22 41.56 -47.07
CA LEU E 32 -14.26 42.54 -47.33
C LEU E 32 -13.98 43.26 -48.65
N GLY E 33 -15.06 43.77 -49.24
CA GLY E 33 -14.97 44.45 -50.51
C GLY E 33 -15.42 45.89 -50.45
N ALA E 34 -15.94 46.41 -51.56
CA ALA E 34 -16.33 47.81 -51.67
C ALA E 34 -17.71 48.09 -51.08
N GLY E 35 -18.45 47.07 -50.69
CA GLY E 35 -19.75 47.26 -50.10
C GLY E 35 -19.77 47.58 -48.63
N ALA E 36 -18.65 47.41 -47.93
CA ALA E 36 -18.60 47.70 -46.51
C ALA E 36 -18.44 49.17 -46.21
N SER E 37 -18.06 49.98 -47.20
CA SER E 37 -17.82 51.41 -47.01
C SER E 37 -19.00 52.27 -47.46
N VAL E 38 -20.09 51.67 -47.96
CA VAL E 38 -21.22 52.46 -48.39
C VAL E 38 -22.00 53.00 -47.19
N GLY E 39 -21.82 52.40 -46.02
CA GLY E 39 -22.46 52.88 -44.81
C GLY E 39 -21.78 54.05 -44.13
N CYS E 40 -20.69 54.54 -44.70
CA CYS E 40 -19.96 55.68 -44.15
C CYS E 40 -19.81 56.84 -45.12
N GLY E 41 -20.17 56.67 -46.39
CA GLY E 41 -20.04 57.73 -47.37
C GLY E 41 -19.41 57.29 -48.67
N GLY E 42 -19.22 55.97 -48.83
CA GLY E 42 -18.64 55.44 -50.05
C GLY E 42 -19.69 55.23 -51.14
N LYS E 43 -19.19 54.90 -52.34
CA LYS E 43 -20.03 54.65 -53.50
C LYS E 43 -19.64 53.34 -54.14
N THR E 44 -20.64 52.59 -54.59
CA THR E 44 -20.41 51.33 -55.27
C THR E 44 -19.74 51.58 -56.62
N MET E 45 -19.00 50.56 -57.10
CA MET E 45 -18.23 50.72 -58.33
C MET E 45 -19.10 51.10 -59.52
N LYS E 46 -20.31 50.55 -59.60
CA LYS E 46 -21.19 50.90 -60.72
C LYS E 46 -21.80 52.28 -60.60
N ASP E 47 -21.67 52.94 -59.45
CA ASP E 47 -22.11 54.32 -59.29
C ASP E 47 -21.04 55.33 -59.68
N VAL E 48 -19.83 54.88 -60.02
CA VAL E 48 -18.79 55.78 -60.50
C VAL E 48 -18.89 55.94 -62.01
N TRP E 49 -19.23 54.85 -62.71
CA TRP E 49 -19.38 54.91 -64.16
C TRP E 49 -20.50 55.85 -64.56
N LYS E 50 -21.60 55.86 -63.80
CA LYS E 50 -22.71 56.77 -64.07
C LYS E 50 -22.24 58.22 -63.98
N SER E 51 -21.50 58.55 -62.93
CA SER E 51 -20.99 59.90 -62.78
C SER E 51 -20.04 60.26 -63.92
N PHE E 52 -19.17 59.32 -64.30
CA PHE E 52 -18.21 59.61 -65.36
C PHE E 52 -18.91 59.86 -66.69
N LYS E 53 -19.91 59.03 -67.02
CA LYS E 53 -20.62 59.17 -68.29
C LYS E 53 -21.65 60.29 -68.26
N GLN E 54 -21.98 60.83 -67.09
CA GLN E 54 -22.85 61.99 -67.02
C GLN E 54 -22.08 63.30 -67.04
N ASN E 55 -20.89 63.35 -66.42
CA ASN E 55 -20.13 64.58 -66.32
C ASN E 55 -19.22 64.83 -67.52
N TYR E 56 -18.73 63.77 -68.18
CA TYR E 56 -17.86 63.89 -69.34
C TYR E 56 -18.42 63.04 -70.48
N PRO E 57 -19.47 63.53 -71.15
CA PRO E 57 -20.00 62.79 -72.30
C PRO E 57 -19.11 62.88 -73.54
N GLU E 58 -18.17 63.82 -73.57
CA GLU E 58 -17.36 64.01 -74.78
C GLU E 58 -16.34 62.90 -74.95
N LEU E 59 -15.67 62.49 -73.87
CA LEU E 59 -14.59 61.53 -73.97
C LEU E 59 -15.07 60.10 -74.18
N LEU E 60 -16.34 59.80 -73.90
CA LEU E 60 -16.82 58.43 -74.03
C LEU E 60 -16.78 57.95 -75.48
N GLY E 61 -17.08 58.84 -76.43
CA GLY E 61 -17.02 58.46 -77.84
C GLY E 61 -15.61 58.14 -78.30
N ALA E 62 -14.63 58.92 -77.84
CA ALA E 62 -13.24 58.73 -78.26
C ALA E 62 -12.61 57.48 -77.64
N LEU E 63 -13.28 56.83 -76.69
CA LEU E 63 -12.71 55.67 -76.01
C LEU E 63 -13.29 54.35 -76.51
N ILE E 64 -14.44 54.39 -77.16
CA ILE E 64 -15.07 53.17 -77.69
C ILE E 64 -14.71 52.95 -79.15
N ASP E 65 -14.67 54.01 -79.96
CA ASP E 65 -14.48 53.88 -81.39
C ASP E 65 -13.00 53.84 -81.79
N LYS E 66 -12.23 54.86 -81.41
CA LYS E 66 -10.87 55.00 -81.91
C LYS E 66 -9.94 53.94 -81.34
N TYR E 67 -9.97 53.72 -80.03
CA TYR E 67 -9.02 52.85 -79.36
C TYR E 67 -9.62 51.52 -78.90
N LEU E 68 -10.95 51.43 -78.80
CA LEU E 68 -11.64 50.17 -78.49
C LEU E 68 -11.18 49.59 -77.16
N LEU E 69 -11.38 50.35 -76.09
CA LEU E 69 -10.99 49.91 -74.75
C LEU E 69 -12.15 49.44 -73.90
N VAL E 70 -13.39 49.56 -74.39
CA VAL E 70 -14.55 49.09 -73.64
C VAL E 70 -15.64 48.71 -74.64
N SER E 71 -16.45 47.71 -74.27
CA SER E 71 -17.52 47.23 -75.11
C SER E 71 -18.76 48.12 -74.96
N GLN E 72 -19.54 48.19 -76.04
CA GLN E 72 -20.74 49.01 -76.03
C GLN E 72 -21.82 48.41 -75.14
N ILE E 73 -21.93 47.08 -75.11
CA ILE E 73 -22.96 46.43 -74.31
C ILE E 73 -22.73 46.69 -72.83
N ASP E 74 -21.48 46.56 -72.37
CA ASP E 74 -21.18 46.74 -70.95
C ASP E 74 -21.35 48.20 -70.53
N SER E 75 -21.03 49.14 -71.41
CA SER E 75 -21.13 50.55 -71.06
C SER E 75 -22.57 51.01 -70.88
N ASP E 76 -23.53 50.30 -71.47
CA ASP E 76 -24.93 50.68 -71.35
C ASP E 76 -25.63 49.99 -70.18
N ASN E 77 -25.16 48.82 -69.78
CA ASN E 77 -25.69 48.12 -68.61
C ASN E 77 -24.94 48.47 -67.33
N ASN E 78 -23.91 49.31 -67.41
CA ASN E 78 -23.09 49.70 -66.26
C ASN E 78 -22.44 48.46 -65.62
N LEU E 79 -21.60 47.81 -66.42
CA LEU E 79 -20.92 46.59 -66.00
C LEU E 79 -19.46 46.63 -66.41
N VAL E 80 -18.82 47.77 -66.20
CA VAL E 80 -17.41 47.95 -66.55
C VAL E 80 -16.56 47.79 -65.31
N ASN E 81 -15.33 47.32 -65.50
CA ASN E 81 -14.34 47.20 -64.43
C ASN E 81 -13.44 48.42 -64.48
N VAL E 82 -13.56 49.29 -63.47
CA VAL E 82 -12.93 50.60 -63.54
C VAL E 82 -11.41 50.46 -63.48
N GLU E 83 -10.90 49.68 -62.53
CA GLU E 83 -9.46 49.60 -62.33
C GLU E 83 -8.76 48.78 -63.41
N LEU E 84 -9.51 47.96 -64.16
CA LEU E 84 -8.90 47.22 -65.27
C LEU E 84 -8.74 48.09 -66.51
N LEU E 85 -9.31 49.29 -66.51
CA LEU E 85 -9.16 50.25 -67.60
C LEU E 85 -7.96 51.18 -67.38
N ILE E 86 -7.71 51.55 -66.12
CA ILE E 86 -6.63 52.49 -65.82
C ILE E 86 -5.29 51.88 -66.16
N ASP E 87 -5.11 50.57 -65.92
CA ASP E 87 -3.86 49.91 -66.26
C ASP E 87 -3.59 49.99 -67.76
N GLU E 88 -4.62 49.71 -68.56
CA GLU E 88 -4.45 49.78 -70.01
C GLU E 88 -4.17 51.20 -70.46
N ALA E 89 -4.84 52.19 -69.86
CA ALA E 89 -4.58 53.57 -70.22
C ALA E 89 -3.14 53.97 -69.90
N THR E 90 -2.63 53.56 -68.74
CA THR E 90 -1.24 53.86 -68.38
C THR E 90 -0.28 53.16 -69.33
N LYS E 91 -0.58 51.92 -69.72
CA LYS E 91 0.26 51.22 -70.68
C LYS E 91 0.31 51.96 -72.01
N PHE E 92 -0.85 52.41 -72.50
CA PHE E 92 -0.89 53.16 -73.75
C PHE E 92 -0.08 54.45 -73.64
N LEU E 93 -0.21 55.16 -72.52
CA LEU E 93 0.54 56.40 -72.34
C LEU E 93 2.05 56.13 -72.33
N SER E 94 2.47 55.08 -71.64
CA SER E 94 3.90 54.77 -71.58
C SER E 94 4.45 54.40 -72.96
N VAL E 95 3.70 53.60 -73.72
CA VAL E 95 4.14 53.23 -75.05
C VAL E 95 4.22 54.46 -75.96
N ALA E 96 3.21 55.34 -75.88
CA ALA E 96 3.23 56.54 -76.70
C ALA E 96 4.40 57.45 -76.34
N LYS E 97 4.68 57.59 -75.04
CA LYS E 97 5.80 58.42 -74.63
C LYS E 97 7.14 57.84 -75.09
N THR E 98 7.29 56.51 -75.01
CA THR E 98 8.52 55.88 -75.47
C THR E 98 8.69 56.06 -76.98
N ARG E 99 7.61 55.91 -77.74
CA ARG E 99 7.67 56.00 -79.19
C ARG E 99 7.77 57.44 -79.68
N ARG E 100 7.60 58.42 -78.80
CA ARG E 100 7.63 59.85 -79.15
C ARG E 100 6.57 60.19 -80.20
N CYS E 101 5.31 60.01 -79.80
CA CYS E 101 4.16 60.44 -80.58
C CYS E 101 3.53 61.62 -79.87
N GLU E 102 3.61 62.80 -80.50
CA GLU E 102 3.17 64.02 -79.82
C GLU E 102 1.66 64.15 -79.78
N ASP E 103 0.97 63.65 -80.81
CA ASP E 103 -0.47 63.83 -80.91
C ASP E 103 -1.27 62.94 -79.97
N GLU E 104 -0.64 61.94 -79.36
CA GLU E 104 -1.33 61.02 -78.47
C GLU E 104 -1.07 61.31 -76.99
N GLU E 105 0.05 61.95 -76.66
CA GLU E 105 0.34 62.27 -75.27
C GLU E 105 -0.69 63.20 -74.67
N GLU E 106 -1.08 64.25 -75.40
CA GLU E 106 -2.09 65.16 -74.90
C GLU E 106 -3.45 64.49 -74.80
N GLU E 107 -3.78 63.60 -75.74
CA GLU E 107 -5.06 62.92 -75.70
C GLU E 107 -5.16 61.98 -74.50
N PHE E 108 -4.11 61.21 -74.23
CA PHE E 108 -4.16 60.26 -73.13
C PHE E 108 -3.81 60.87 -71.78
N ARG E 109 -3.25 62.09 -71.75
CA ARG E 109 -3.05 62.78 -70.48
C ARG E 109 -4.35 63.34 -69.92
N LYS E 110 -5.33 63.63 -70.78
CA LYS E 110 -6.60 64.18 -70.33
C LYS E 110 -7.59 63.09 -69.92
N ILE E 111 -7.53 61.93 -70.57
CA ILE E 111 -8.44 60.84 -70.19
C ILE E 111 -8.11 60.35 -68.78
N LEU E 112 -6.83 60.19 -68.47
CA LEU E 112 -6.43 59.72 -67.15
C LEU E 112 -6.78 60.74 -66.07
N SER E 113 -6.57 62.03 -66.36
CA SER E 113 -6.90 63.07 -65.40
C SER E 113 -8.40 63.21 -65.20
N SER E 114 -9.21 62.67 -66.10
CA SER E 114 -10.66 62.73 -65.96
C SER E 114 -11.23 61.55 -65.16
N LEU E 115 -10.40 60.55 -64.85
CA LEU E 115 -10.80 59.41 -64.03
C LEU E 115 -10.24 59.49 -62.62
N TYR E 116 -8.99 59.93 -62.48
CA TYR E 116 -8.39 60.09 -61.17
C TYR E 116 -9.07 61.20 -60.37
N LYS E 117 -9.68 62.17 -61.05
CA LYS E 117 -10.45 63.19 -60.35
C LYS E 117 -11.73 62.61 -59.76
N GLU E 118 -12.27 61.56 -60.37
CA GLU E 118 -13.54 60.99 -59.93
C GLU E 118 -13.36 59.87 -58.91
N VAL E 119 -12.35 59.01 -59.08
CA VAL E 119 -12.15 57.93 -58.13
C VAL E 119 -11.70 58.46 -56.78
N THR E 120 -10.86 59.49 -56.78
CA THR E 120 -10.38 60.07 -55.52
C THR E 120 -11.51 60.72 -54.74
N LYS E 121 -12.41 61.42 -55.42
CA LYS E 121 -13.50 62.12 -54.76
C LYS E 121 -14.45 61.18 -54.04
N ALA E 122 -14.50 59.91 -54.43
CA ALA E 122 -15.41 58.94 -53.84
C ALA E 122 -14.75 58.08 -52.78
N ALA E 123 -13.54 58.44 -52.33
CA ALA E 123 -12.83 57.68 -51.32
C ALA E 123 -12.42 58.51 -50.11
N LEU E 124 -12.66 59.82 -50.13
CA LEU E 124 -12.33 60.65 -48.97
C LEU E 124 -13.17 60.27 -47.75
N LEU E 125 -14.45 59.96 -47.97
CA LEU E 125 -15.37 59.44 -46.97
C LEU E 125 -15.78 60.49 -45.93
N THR E 126 -15.15 61.67 -45.96
CA THR E 126 -15.52 62.72 -45.03
C THR E 126 -15.53 64.10 -45.70
N GLY E 127 -15.12 64.22 -46.95
CA GLY E 127 -15.10 65.52 -47.60
C GLY E 127 -13.85 66.32 -47.22
N GLU E 128 -14.03 67.63 -47.11
CA GLU E 128 -12.93 68.53 -46.78
C GLU E 128 -12.39 68.32 -45.37
N GLN E 129 -13.13 67.64 -44.50
CA GLN E 129 -12.65 67.30 -43.17
C GLN E 129 -11.79 66.04 -43.20
N PHE E 130 -10.79 66.04 -44.09
CA PHE E 130 -9.89 64.91 -44.27
C PHE E 130 -8.52 65.14 -43.66
N ARG E 131 -8.12 66.39 -43.48
CA ARG E 131 -6.81 66.73 -42.95
C ARG E 131 -6.84 66.98 -41.44
N GLU E 132 -7.98 66.80 -40.79
CA GLU E 132 -8.10 67.04 -39.36
C GLU E 132 -7.74 65.76 -38.60
N LYS E 133 -8.00 65.74 -37.31
CA LYS E 133 -7.64 64.64 -36.43
C LYS E 133 -8.87 64.09 -35.71
N ASN E 134 -8.71 62.91 -35.13
CA ASN E 134 -9.76 62.23 -34.37
C ASN E 134 -11.03 62.05 -35.19
N GLN E 135 -10.85 61.64 -36.45
CA GLN E 135 -11.99 61.36 -37.33
C GLN E 135 -12.71 60.07 -36.96
N GLY E 136 -12.15 59.26 -36.08
CA GLY E 136 -12.76 58.01 -35.68
C GLY E 136 -13.79 58.10 -34.57
N LYS E 137 -13.97 59.28 -33.98
CA LYS E 137 -14.95 59.45 -32.92
C LYS E 137 -16.38 59.61 -33.45
N LYS E 138 -16.53 59.89 -34.73
CA LYS E 138 -17.86 60.12 -35.30
C LYS E 138 -18.65 58.82 -35.33
N ASP E 139 -19.98 58.97 -35.37
CA ASP E 139 -20.88 57.84 -35.24
C ASP E 139 -20.94 56.96 -36.48
N ALA E 140 -20.35 57.39 -37.59
CA ALA E 140 -20.40 56.57 -38.80
C ALA E 140 -19.54 55.32 -38.68
N PHE E 141 -18.50 55.36 -37.83
CA PHE E 141 -17.58 54.24 -37.66
C PHE E 141 -17.90 53.44 -36.41
N LYS E 142 -19.19 53.29 -36.08
CA LYS E 142 -19.56 52.56 -34.88
C LYS E 142 -19.32 51.06 -35.04
N TYR E 143 -19.51 50.51 -36.24
CA TYR E 143 -19.50 49.07 -36.41
C TYR E 143 -18.10 48.49 -36.67
N HIS E 144 -17.20 49.26 -37.27
CA HIS E 144 -15.85 48.76 -37.51
C HIS E 144 -15.13 48.47 -36.19
N LYS E 145 -15.29 49.37 -35.20
CA LYS E 145 -14.68 49.15 -33.90
C LYS E 145 -15.28 47.91 -33.23
N GLU E 146 -16.58 47.72 -33.35
CA GLU E 146 -17.21 46.53 -32.77
C GLU E 146 -16.68 45.26 -33.42
N LEU E 147 -16.52 45.27 -34.75
CA LEU E 147 -15.97 44.11 -35.44
C LEU E 147 -14.55 43.81 -34.98
N ILE E 148 -13.71 44.83 -34.88
CA ILE E 148 -12.33 44.63 -34.45
C ILE E 148 -12.30 44.09 -33.03
N SER E 149 -13.11 44.67 -32.13
CA SER E 149 -13.14 44.19 -30.75
C SER E 149 -13.61 42.75 -30.66
N LYS E 150 -14.65 42.40 -31.42
CA LYS E 150 -15.15 41.02 -31.41
C LYS E 150 -14.10 40.05 -31.92
N LEU E 151 -13.36 40.44 -32.97
CA LEU E 151 -12.35 39.55 -33.52
C LEU E 151 -11.18 39.39 -32.56
N ILE E 152 -10.81 40.45 -31.84
CA ILE E 152 -9.60 40.41 -31.04
C ILE E 152 -9.84 39.79 -29.67
N SER E 153 -10.97 40.10 -29.03
CA SER E 153 -11.17 39.77 -27.63
C SER E 153 -11.64 38.34 -27.39
N ASN E 154 -11.46 37.43 -28.34
CA ASN E 154 -11.88 36.05 -28.14
C ASN E 154 -10.81 35.08 -28.64
N ARG E 155 -9.55 35.36 -28.33
CA ARG E 155 -8.43 34.52 -28.72
C ARG E 155 -7.74 33.99 -27.47
N GLN E 156 -7.63 32.67 -27.37
CA GLN E 156 -6.93 32.06 -26.25
C GLN E 156 -5.43 32.19 -26.43
N PRO E 157 -4.66 32.08 -25.34
CA PRO E 157 -3.20 32.14 -25.46
C PRO E 157 -2.67 30.98 -26.30
N GLY E 158 -1.55 31.24 -26.96
CA GLY E 158 -1.00 30.25 -27.88
C GLY E 158 -1.84 30.01 -29.10
N GLN E 159 -2.36 31.07 -29.73
CA GLN E 159 -3.18 30.96 -30.92
C GLN E 159 -2.81 32.09 -31.87
N SER E 160 -3.14 31.90 -33.15
CA SER E 160 -2.75 32.83 -34.20
C SER E 160 -3.56 34.12 -34.09
N ALA E 161 -2.90 35.25 -34.37
CA ALA E 161 -3.58 36.52 -34.38
C ALA E 161 -4.44 36.67 -35.62
N PRO E 162 -5.57 37.38 -35.52
CA PRO E 162 -6.46 37.52 -36.68
C PRO E 162 -5.84 38.33 -37.80
N ALA E 163 -6.28 38.02 -39.02
CA ALA E 163 -5.84 38.71 -40.22
C ALA E 163 -7.06 39.21 -40.99
N ILE E 164 -6.96 40.44 -41.49
CA ILE E 164 -8.07 41.10 -42.19
C ILE E 164 -7.61 41.45 -43.60
N PHE E 165 -8.41 41.06 -44.58
CA PHE E 165 -8.15 41.36 -45.99
C PHE E 165 -9.19 42.35 -46.50
N THR E 166 -8.74 43.39 -47.18
CA THR E 166 -9.61 44.40 -47.75
C THR E 166 -9.22 44.70 -49.19
N THR E 167 -10.20 45.10 -49.97
CA THR E 167 -9.99 45.51 -51.36
C THR E 167 -10.03 47.03 -51.54
N ASN E 168 -10.68 47.74 -50.62
CA ASN E 168 -10.79 49.19 -50.73
C ASN E 168 -9.43 49.85 -50.58
N TYR E 169 -9.42 51.18 -50.74
CA TYR E 169 -8.23 51.97 -50.56
C TYR E 169 -8.54 53.22 -49.73
N ASP E 170 -9.44 53.07 -48.77
CA ASP E 170 -9.81 54.15 -47.86
C ASP E 170 -9.02 54.00 -46.56
N LEU E 171 -9.37 54.81 -45.56
CA LEU E 171 -8.69 54.82 -44.28
C LEU E 171 -9.66 54.56 -43.13
N ALA E 172 -10.70 53.78 -43.38
CA ALA E 172 -11.71 53.54 -42.35
C ALA E 172 -11.18 52.65 -41.23
N LEU E 173 -10.53 51.54 -41.60
CA LEU E 173 -10.08 50.58 -40.60
C LEU E 173 -9.00 51.17 -39.70
N GLU E 174 -8.07 51.93 -40.26
CA GLU E 174 -7.03 52.56 -39.45
C GLU E 174 -7.62 53.57 -38.48
N TRP E 175 -8.59 54.36 -38.95
CA TRP E 175 -9.24 55.34 -38.08
C TRP E 175 -10.00 54.64 -36.95
N ALA E 176 -10.67 53.53 -37.26
CA ALA E 176 -11.38 52.79 -36.22
C ALA E 176 -10.41 52.18 -35.22
N ALA E 177 -9.28 51.66 -35.70
CA ALA E 177 -8.34 50.98 -34.81
C ALA E 177 -7.61 51.94 -33.90
N GLU E 178 -7.23 53.12 -34.41
CA GLU E 178 -6.44 54.06 -33.61
C GLU E 178 -7.23 54.68 -32.47
N ASP E 179 -8.55 54.53 -32.44
CA ASP E 179 -9.36 55.08 -31.36
C ASP E 179 -9.56 54.10 -30.21
N LEU E 180 -8.93 52.93 -30.27
CA LEU E 180 -8.96 51.98 -29.17
C LEU E 180 -7.59 51.71 -28.57
N GLY E 181 -6.53 51.79 -29.36
CA GLY E 181 -5.19 51.47 -28.91
C GLY E 181 -4.56 50.28 -29.60
N ILE E 182 -5.28 49.59 -30.49
CA ILE E 182 -4.71 48.44 -31.19
C ILE E 182 -3.69 48.92 -32.22
N GLN E 183 -2.64 48.13 -32.41
CA GLN E 183 -1.58 48.42 -33.37
C GLN E 183 -1.68 47.44 -34.53
N LEU E 184 -1.73 47.97 -35.75
CA LEU E 184 -1.89 47.17 -36.96
C LEU E 184 -0.56 47.10 -37.70
N PHE E 185 -0.15 45.89 -38.07
CA PHE E 185 1.08 45.67 -38.83
C PHE E 185 0.71 45.65 -40.31
N ASN E 186 0.86 46.78 -40.98
CA ASN E 186 0.50 46.91 -42.39
C ASN E 186 1.72 46.82 -43.31
N GLY E 187 2.89 46.46 -42.79
CA GLY E 187 4.05 46.20 -43.59
C GLY E 187 5.06 47.34 -43.65
N PHE E 188 4.67 48.55 -43.26
CA PHE E 188 5.55 49.70 -43.32
C PHE E 188 6.14 49.99 -41.94
N SER E 189 7.25 50.72 -41.93
CA SER E 189 7.95 51.04 -40.70
C SER E 189 8.63 52.39 -40.82
N GLY E 190 8.92 52.99 -39.68
CA GLY E 190 9.55 54.30 -39.60
C GLY E 190 8.53 55.41 -39.46
N LEU E 191 9.04 56.59 -39.08
CA LEU E 191 8.20 57.78 -38.95
C LEU E 191 8.64 58.92 -39.86
N HIS E 192 9.92 59.31 -39.82
CA HIS E 192 10.38 60.42 -40.65
C HIS E 192 10.45 60.03 -42.11
N THR E 193 11.01 58.86 -42.41
CA THR E 193 10.96 58.26 -43.73
C THR E 193 10.40 56.85 -43.58
N ARG E 194 9.36 56.53 -44.35
CA ARG E 194 8.69 55.25 -44.26
C ARG E 194 9.03 54.39 -45.47
N GLN E 195 9.29 53.11 -45.22
CA GLN E 195 9.69 52.17 -46.27
C GLN E 195 8.92 50.88 -46.10
N PHE E 196 8.86 50.11 -47.19
CA PHE E 196 8.13 48.85 -47.22
C PHE E 196 9.08 47.69 -46.96
N TYR E 197 8.92 47.05 -45.81
CA TYR E 197 9.69 45.86 -45.48
C TYR E 197 8.78 44.65 -45.54
N PRO E 198 8.97 43.73 -46.49
CA PRO E 198 8.08 42.57 -46.60
C PRO E 198 8.33 41.51 -45.55
N GLN E 199 9.41 41.62 -44.79
CA GLN E 199 9.75 40.61 -43.81
C GLN E 199 9.17 40.88 -42.43
N ASN E 200 8.54 42.03 -42.21
CA ASN E 200 8.02 42.39 -40.91
C ASN E 200 6.62 41.83 -40.66
N PHE E 201 6.16 40.92 -41.51
CA PHE E 201 4.89 40.24 -41.30
C PHE E 201 5.02 39.04 -40.38
N ASP E 202 6.22 38.77 -39.86
CA ASP E 202 6.46 37.63 -38.97
C ASP E 202 6.80 38.06 -37.55
N LEU E 203 6.63 39.34 -37.21
CA LEU E 203 6.96 39.85 -35.89
C LEU E 203 5.73 39.82 -34.99
N ALA E 204 5.99 39.79 -33.68
CA ALA E 204 4.92 39.72 -32.69
C ALA E 204 5.42 40.38 -31.40
N PHE E 205 4.46 40.71 -30.54
CA PHE E 205 4.74 41.37 -29.27
C PHE E 205 4.81 40.37 -28.13
N ARG E 206 5.49 40.80 -27.06
CA ARG E 206 5.53 40.04 -25.82
C ARG E 206 5.85 41.00 -24.69
N ASN E 207 5.49 40.60 -23.47
CA ASN E 207 5.70 41.41 -22.28
C ASN E 207 6.98 40.99 -21.57
N VAL E 208 7.75 41.97 -21.12
CA VAL E 208 9.02 41.68 -20.46
C VAL E 208 8.84 41.37 -18.98
N ASN E 209 7.71 41.73 -18.39
CA ASN E 209 7.45 41.43 -16.98
C ASN E 209 7.04 39.99 -16.76
N ALA E 210 6.43 39.35 -17.75
CA ALA E 210 6.01 37.96 -17.63
C ALA E 210 7.18 37.01 -17.88
N GLY E 217 0.02 42.05 -22.82
CA GLY E 217 -0.04 43.07 -23.85
C GLY E 217 -0.22 42.49 -25.24
N HIS E 218 -1.11 41.50 -25.34
CA HIS E 218 -1.40 40.83 -26.62
C HIS E 218 -2.50 41.60 -27.35
N TYR E 219 -2.07 42.59 -28.14
CA TYR E 219 -3.02 43.39 -28.92
C TYR E 219 -2.33 43.77 -30.24
N HIS E 220 -2.67 43.05 -31.31
CA HIS E 220 -2.16 43.38 -32.64
C HIS E 220 -2.97 42.60 -33.66
N ALA E 221 -2.92 43.06 -34.90
CA ALA E 221 -3.63 42.42 -36.01
C ALA E 221 -2.94 42.78 -37.31
N TYR E 222 -3.26 42.03 -38.36
CA TYR E 222 -2.65 42.21 -39.67
C TYR E 222 -3.66 42.75 -40.66
N LEU E 223 -3.21 43.70 -41.48
CA LEU E 223 -4.07 44.35 -42.48
C LEU E 223 -3.36 44.31 -43.82
N TYR E 224 -3.93 43.58 -44.78
CA TYR E 224 -3.42 43.51 -46.15
C TYR E 224 -4.38 44.28 -47.06
N LYS E 225 -3.84 45.25 -47.80
CA LYS E 225 -4.61 45.97 -48.80
C LYS E 225 -4.13 45.52 -50.18
N LEU E 226 -5.06 44.99 -50.97
CA LEU E 226 -4.71 44.35 -52.23
C LEU E 226 -4.77 45.29 -53.43
N HIS E 227 -5.13 46.57 -53.23
CA HIS E 227 -5.14 47.52 -54.32
C HIS E 227 -4.57 48.88 -53.90
N GLY E 228 -3.67 48.89 -52.93
CA GLY E 228 -3.00 50.11 -52.55
C GLY E 228 -3.82 50.97 -51.60
N SER E 229 -3.35 52.20 -51.41
CA SER E 229 -3.97 53.13 -50.48
C SER E 229 -3.73 54.55 -50.97
N LEU E 230 -4.50 55.49 -50.41
CA LEU E 230 -4.42 56.88 -50.82
C LEU E 230 -3.13 57.55 -50.38
N THR E 231 -2.41 56.96 -49.42
CA THR E 231 -1.24 57.61 -48.83
C THR E 231 0.09 57.03 -49.32
N TRP E 232 0.06 56.03 -50.19
CA TRP E 232 1.28 55.44 -50.72
C TRP E 232 1.65 56.12 -52.03
N TYR E 233 2.93 56.47 -52.17
CA TYR E 233 3.40 57.09 -53.41
C TYR E 233 4.88 56.82 -53.57
N GLN E 234 5.33 56.90 -54.81
CA GLN E 234 6.73 56.66 -55.18
C GLN E 234 7.32 57.92 -55.79
N ASN E 235 8.49 58.33 -55.29
CA ASN E 235 9.16 59.53 -55.73
C ASN E 235 10.09 59.21 -56.92
N ASP E 236 10.97 60.15 -57.25
CA ASP E 236 11.90 59.94 -58.36
C ASP E 236 12.85 58.78 -58.08
N SER E 237 13.21 58.56 -56.82
CA SER E 237 14.06 57.44 -56.45
C SER E 237 13.23 56.16 -56.49
N LEU E 238 13.85 55.03 -56.13
CA LEU E 238 13.19 53.74 -56.17
C LEU E 238 12.94 53.29 -54.74
N THR E 239 11.82 53.76 -54.18
CA THR E 239 11.40 53.43 -52.82
C THR E 239 9.92 53.76 -52.71
N VAL E 240 9.23 53.08 -51.79
CA VAL E 240 7.83 53.34 -51.51
C VAL E 240 7.71 53.95 -50.13
N ASN E 241 6.96 55.05 -50.03
CA ASN E 241 6.81 55.79 -48.79
C ASN E 241 5.34 55.94 -48.44
N GLU E 242 5.07 56.04 -47.14
CA GLU E 242 3.72 56.23 -46.64
C GLU E 242 3.71 57.47 -45.75
N VAL E 243 2.75 58.36 -45.98
CA VAL E 243 2.66 59.62 -45.26
C VAL E 243 1.28 59.71 -44.61
N SER E 244 1.13 60.70 -43.74
CA SER E 244 -0.14 60.94 -43.07
C SER E 244 -1.14 61.57 -44.03
N ALA E 245 -2.40 61.64 -43.57
CA ALA E 245 -3.45 62.19 -44.42
C ALA E 245 -3.23 63.68 -44.72
N SER E 246 -2.81 64.44 -43.70
CA SER E 246 -2.62 65.87 -43.89
C SER E 246 -1.52 66.16 -44.90
N GLN E 247 -0.41 65.43 -44.82
CA GLN E 247 0.70 65.69 -45.74
C GLN E 247 0.31 65.34 -47.18
N ALA E 248 -0.40 64.24 -47.37
CA ALA E 248 -0.86 63.87 -48.71
C ALA E 248 -1.82 64.91 -49.26
N TYR E 249 -2.74 65.40 -48.41
CA TYR E 249 -3.69 66.42 -48.84
C TYR E 249 -2.98 67.69 -49.24
N ASP E 250 -1.99 68.11 -48.44
CA ASP E 250 -1.24 69.32 -48.76
C ASP E 250 -0.29 69.16 -49.93
N GLU E 251 0.07 67.93 -50.28
CA GLU E 251 1.01 67.72 -51.39
C GLU E 251 0.29 67.55 -52.73
N TYR E 252 -0.56 66.53 -52.84
CA TYR E 252 -1.12 66.22 -54.16
C TYR E 252 -2.62 65.94 -54.21
N ILE E 253 -3.26 65.52 -53.12
CA ILE E 253 -4.67 65.14 -53.22
C ILE E 253 -5.53 66.37 -53.49
N ASN E 254 -5.23 67.50 -52.85
CA ASN E 254 -5.99 68.72 -53.07
C ASN E 254 -5.84 69.19 -54.51
N ASP E 255 -4.62 69.14 -55.05
CA ASP E 255 -4.40 69.52 -56.44
C ASP E 255 -5.16 68.61 -57.39
N ILE E 256 -5.18 67.32 -57.11
CA ILE E 256 -5.91 66.38 -57.97
C ILE E 256 -7.41 66.68 -57.94
N ILE E 257 -7.96 66.90 -56.74
CA ILE E 257 -9.40 67.07 -56.62
C ILE E 257 -9.85 68.41 -57.21
N ASN E 258 -9.12 69.49 -56.91
CA ASN E 258 -9.58 70.82 -57.27
C ASN E 258 -9.15 71.25 -58.67
N LYS E 259 -7.86 71.17 -58.97
CA LYS E 259 -7.37 71.60 -60.27
C LYS E 259 -7.82 70.63 -61.37
N ASP E 260 -7.55 71.01 -62.61
CA ASP E 260 -8.06 70.32 -63.78
C ASP E 260 -7.01 69.57 -64.59
N ASP E 261 -5.86 70.19 -64.86
CA ASP E 261 -4.87 69.65 -65.78
C ASP E 261 -3.58 69.21 -65.07
N PHE E 262 -3.70 68.59 -63.91
CA PHE E 262 -2.55 68.12 -63.14
C PHE E 262 -2.45 66.61 -63.27
N TYR E 263 -1.31 66.13 -63.81
CA TYR E 263 -0.99 64.72 -63.81
C TYR E 263 0.52 64.56 -63.76
N ARG E 264 1.01 63.70 -62.86
CA ARG E 264 2.44 63.49 -62.68
C ARG E 264 2.96 62.34 -63.54
N GLY E 265 2.42 61.17 -63.35
CA GLY E 265 2.86 59.99 -64.08
C GLY E 265 2.87 58.77 -63.16
N GLN E 266 3.98 58.03 -63.22
CA GLN E 266 4.17 56.87 -62.35
C GLN E 266 4.52 57.34 -60.95
N HIS E 267 3.50 57.88 -60.29
CA HIS E 267 3.63 58.47 -58.96
C HIS E 267 2.68 57.87 -57.93
N LEU E 268 1.46 57.54 -58.34
CA LEU E 268 0.47 56.98 -57.42
C LEU E 268 0.47 55.46 -57.50
N ILE E 269 0.00 54.83 -56.43
CA ILE E 269 0.09 53.38 -56.31
C ILE E 269 -1.32 52.82 -56.12
N TYR E 270 -2.32 53.45 -56.75
CA TYR E 270 -3.68 52.97 -56.63
C TYR E 270 -4.53 53.34 -57.83
N PRO E 271 -5.42 52.44 -58.28
CA PRO E 271 -5.51 51.02 -57.93
C PRO E 271 -4.82 50.15 -58.97
N GLY E 272 -3.70 49.51 -58.63
CA GLY E 272 -3.00 48.66 -59.59
C GLY E 272 -2.64 49.38 -60.88
N ALA E 273 -2.13 50.60 -60.77
CA ALA E 273 -1.98 51.45 -61.96
C ALA E 273 -0.73 51.10 -62.76
N ASN E 274 0.44 51.25 -62.15
CA ASN E 274 1.71 51.05 -62.84
C ASN E 274 2.31 49.69 -62.46
N LYS E 275 1.75 48.64 -63.05
CA LYS E 275 2.19 47.28 -62.77
C LYS E 275 3.33 46.82 -63.66
N TYR E 276 3.63 47.54 -64.74
CA TYR E 276 4.68 47.09 -65.64
C TYR E 276 6.06 47.29 -65.04
N SER E 277 6.23 48.34 -64.22
CA SER E 277 7.51 48.56 -63.54
C SER E 277 7.77 47.44 -62.55
N HIS E 278 9.04 47.06 -62.42
CA HIS E 278 9.41 45.94 -61.56
C HIS E 278 9.46 46.30 -60.08
N THR E 279 9.27 47.58 -59.75
CA THR E 279 9.31 48.01 -58.36
C THR E 279 7.93 48.06 -57.71
N ILE E 280 6.91 48.49 -58.44
CA ILE E 280 5.58 48.68 -57.87
C ILE E 280 4.82 47.35 -57.78
N GLY E 281 4.96 46.48 -58.77
CA GLY E 281 4.24 45.20 -58.75
C GLY E 281 4.66 44.29 -57.62
N PHE E 282 5.81 44.55 -57.01
CA PHE E 282 6.27 43.75 -55.88
C PHE E 282 5.27 43.77 -54.74
N VAL E 283 4.65 44.92 -54.48
CA VAL E 283 3.70 45.03 -53.37
C VAL E 283 2.49 44.14 -53.60
N TYR E 284 1.88 44.24 -54.78
CA TYR E 284 0.72 43.41 -55.10
C TYR E 284 1.08 41.94 -55.08
N GLY E 285 2.25 41.59 -55.63
CA GLY E 285 2.68 40.21 -55.58
C GLY E 285 2.81 39.67 -54.17
N GLU E 286 3.41 40.46 -53.28
CA GLU E 286 3.55 40.04 -51.90
C GLU E 286 2.19 39.86 -51.23
N MET E 287 1.26 40.79 -51.46
CA MET E 287 -0.06 40.67 -50.84
C MET E 287 -0.79 39.42 -51.31
N PHE E 288 -0.77 39.17 -52.64
CA PHE E 288 -1.44 37.99 -53.16
C PHE E 288 -0.79 36.71 -52.67
N ARG E 289 0.55 36.67 -52.62
CA ARG E 289 1.24 35.49 -52.13
C ARG E 289 0.91 35.20 -50.68
N ARG E 290 0.84 36.25 -49.85
CA ARG E 290 0.48 36.04 -48.45
C ARG E 290 -0.95 35.56 -48.30
N PHE E 291 -1.88 36.10 -49.10
CA PHE E 291 -3.26 35.60 -49.07
C PHE E 291 -3.31 34.12 -49.41
N GLY E 292 -2.64 33.73 -50.51
CA GLY E 292 -2.64 32.33 -50.90
C GLY E 292 -2.03 31.43 -49.86
N GLU E 293 -0.92 31.87 -49.25
CA GLU E 293 -0.28 31.09 -48.19
C GLU E 293 -1.20 30.93 -46.98
N PHE E 294 -1.91 32.00 -46.62
CA PHE E 294 -2.76 31.94 -45.43
C PHE E 294 -3.94 30.98 -45.63
N ILE E 295 -4.64 31.10 -46.76
CA ILE E 295 -5.91 30.40 -46.87
C ILE E 295 -5.72 28.91 -47.16
N SER E 296 -4.48 28.44 -47.17
CA SER E 296 -4.16 27.04 -47.41
C SER E 296 -3.57 26.38 -46.17
N LYS E 297 -4.15 26.65 -45.00
CA LYS E 297 -3.71 26.09 -43.74
C LYS E 297 -4.70 25.05 -43.24
N PRO E 298 -4.25 24.12 -42.39
CA PRO E 298 -5.13 23.00 -42.00
C PRO E 298 -6.49 23.38 -41.40
N GLN E 299 -6.56 24.41 -40.57
CA GLN E 299 -7.74 24.67 -39.76
C GLN E 299 -8.24 26.10 -39.96
N THR E 300 -8.36 26.51 -41.21
CA THR E 300 -8.73 27.89 -41.52
C THR E 300 -10.24 28.03 -41.72
N ALA E 301 -10.76 29.17 -41.28
CA ALA E 301 -12.14 29.58 -41.54
C ALA E 301 -12.12 30.96 -42.17
N LEU E 302 -12.90 31.15 -43.23
CA LEU E 302 -12.89 32.38 -44.00
C LEU E 302 -14.29 32.96 -44.09
N PHE E 303 -14.42 34.25 -43.79
CA PHE E 303 -15.68 34.97 -43.91
C PHE E 303 -15.58 35.98 -45.05
N ILE E 304 -16.57 35.97 -45.94
CA ILE E 304 -16.60 36.86 -47.10
C ILE E 304 -17.85 37.73 -47.02
N ASN E 305 -17.67 39.03 -47.21
CA ASN E 305 -18.77 39.97 -47.16
C ASN E 305 -18.41 41.19 -47.99
N GLY E 306 -19.40 41.73 -48.70
CA GLY E 306 -19.19 42.89 -49.55
C GLY E 306 -18.50 42.60 -50.86
N PHE E 307 -18.32 41.34 -51.22
CA PHE E 307 -17.60 40.95 -52.43
C PHE E 307 -18.59 40.64 -53.56
N GLY E 308 -18.21 41.05 -54.77
CA GLY E 308 -19.09 40.89 -55.92
C GLY E 308 -18.78 39.69 -56.78
N PHE E 309 -17.70 38.97 -56.46
CA PHE E 309 -17.27 37.79 -57.21
C PHE E 309 -17.07 38.10 -58.69
N GLY E 310 -16.47 39.25 -58.98
CA GLY E 310 -16.23 39.65 -60.35
C GLY E 310 -14.77 39.57 -60.77
N ASP E 311 -13.94 38.92 -59.96
CA ASP E 311 -12.52 38.80 -60.23
C ASP E 311 -12.16 37.34 -60.40
N TYR E 312 -11.40 37.03 -61.46
CA TYR E 312 -11.09 35.65 -61.80
C TYR E 312 -10.08 35.03 -60.85
N HIS E 313 -9.04 35.79 -60.47
CA HIS E 313 -7.95 35.22 -59.69
C HIS E 313 -8.39 34.78 -58.30
N ILE E 314 -9.16 35.63 -57.62
CA ILE E 314 -9.62 35.29 -56.27
C ILE E 314 -10.52 34.07 -56.31
N ASN E 315 -11.43 34.02 -57.28
CA ASN E 315 -12.32 32.86 -57.42
C ASN E 315 -11.53 31.60 -57.68
N ARG E 316 -10.53 31.66 -58.57
CA ARG E 316 -9.71 30.50 -58.87
C ARG E 316 -8.95 30.02 -57.63
N ILE E 317 -8.38 30.97 -56.87
CA ILE E 317 -7.62 30.60 -55.69
C ILE E 317 -8.53 29.95 -54.64
N ILE E 318 -9.73 30.51 -54.45
CA ILE E 318 -10.67 29.94 -53.49
C ILE E 318 -11.08 28.53 -53.91
N LEU E 319 -11.40 28.37 -55.19
CA LEU E 319 -11.82 27.06 -55.69
C LEU E 319 -10.70 26.04 -55.53
N GLY E 320 -9.46 26.45 -55.80
CA GLY E 320 -8.34 25.55 -55.59
C GLY E 320 -8.16 25.18 -54.14
N ALA E 321 -8.40 26.13 -53.24
CA ALA E 321 -8.29 25.83 -51.81
C ALA E 321 -9.42 24.96 -51.31
N LEU E 322 -10.55 24.92 -52.02
CA LEU E 322 -11.70 24.15 -51.54
C LEU E 322 -11.45 22.65 -51.50
N LEU E 323 -10.46 22.14 -52.21
CA LEU E 323 -10.21 20.70 -52.21
C LEU E 323 -9.39 20.29 -51.00
N ASN E 324 -9.83 20.71 -49.81
CA ASN E 324 -9.16 20.41 -48.56
C ASN E 324 -10.22 20.04 -47.53
N PRO E 325 -10.07 18.91 -46.84
CA PRO E 325 -11.15 18.44 -45.95
C PRO E 325 -11.44 19.34 -44.76
N SER E 326 -10.65 20.38 -44.51
CA SER E 326 -10.83 21.22 -43.33
C SER E 326 -10.73 22.70 -43.70
N PHE E 327 -11.41 23.09 -44.78
CA PHE E 327 -11.55 24.49 -45.16
C PHE E 327 -13.02 24.84 -45.26
N HIS E 328 -13.40 25.97 -44.68
CA HIS E 328 -14.80 26.40 -44.63
C HIS E 328 -14.91 27.83 -45.14
N VAL E 329 -16.07 28.15 -45.72
CA VAL E 329 -16.32 29.48 -46.27
C VAL E 329 -17.77 29.86 -45.99
N VAL E 330 -17.99 31.16 -45.79
CA VAL E 330 -19.32 31.73 -45.61
C VAL E 330 -19.44 32.93 -46.54
N ILE E 331 -20.51 32.98 -47.33
CA ILE E 331 -20.67 33.97 -48.39
C ILE E 331 -21.95 34.75 -48.16
N TYR E 332 -21.86 36.08 -48.23
CA TYR E 332 -23.01 36.97 -48.18
C TYR E 332 -23.22 37.59 -49.54
N TYR E 333 -24.42 37.42 -50.11
CA TYR E 333 -24.73 37.95 -51.43
C TYR E 333 -26.24 38.17 -51.50
N PRO E 334 -26.69 39.42 -51.34
CA PRO E 334 -28.13 39.67 -51.27
C PRO E 334 -28.81 39.80 -52.63
N GLU E 335 -28.51 38.88 -53.55
CA GLU E 335 -29.17 38.88 -54.86
C GLU E 335 -29.48 37.47 -55.34
N LEU E 336 -29.69 36.54 -54.43
CA LEU E 336 -29.84 35.13 -54.81
C LEU E 336 -31.06 34.91 -55.69
N LYS E 337 -32.18 35.56 -55.39
CA LYS E 337 -33.40 35.29 -56.12
C LYS E 337 -33.26 35.65 -57.60
N GLU E 338 -32.80 36.88 -57.89
CA GLU E 338 -32.67 37.31 -59.27
C GLU E 338 -31.61 36.50 -60.01
N ALA E 339 -30.51 36.18 -59.32
CA ALA E 339 -29.47 35.37 -59.96
C ALA E 339 -29.98 33.99 -60.32
N ILE E 340 -30.74 33.36 -59.41
CA ILE E 340 -31.30 32.04 -59.69
C ILE E 340 -32.27 32.13 -60.86
N THR E 341 -33.14 33.14 -60.87
CA THR E 341 -34.11 33.27 -61.96
C THR E 341 -33.42 33.47 -63.30
N LYS E 342 -32.35 34.28 -63.33
CA LYS E 342 -31.67 34.54 -64.59
C LYS E 342 -30.89 33.33 -65.07
N VAL E 343 -30.20 32.63 -64.16
CA VAL E 343 -29.44 31.44 -64.56
C VAL E 343 -30.37 30.33 -65.01
N SER E 344 -31.53 30.20 -64.37
CA SER E 344 -32.45 29.12 -64.70
C SER E 344 -32.96 29.21 -66.14
N LYS E 345 -33.22 30.42 -66.64
CA LYS E 345 -33.76 30.56 -67.99
C LYS E 345 -32.66 30.47 -69.04
N GLY E 346 -31.74 31.44 -69.05
CA GLY E 346 -30.68 31.46 -70.03
C GLY E 346 -29.32 31.87 -69.51
N GLY E 347 -29.26 32.27 -68.24
CA GLY E 347 -28.03 32.74 -67.64
C GLY E 347 -27.83 34.23 -67.79
N GLY E 348 -26.95 34.77 -66.97
CA GLY E 348 -26.63 36.19 -66.99
C GLY E 348 -25.15 36.45 -67.17
N SER E 349 -24.56 37.21 -66.25
CA SER E 349 -23.15 37.51 -66.30
C SER E 349 -22.33 36.38 -65.66
N GLU E 350 -21.01 36.55 -65.65
CA GLU E 350 -20.14 35.50 -65.12
C GLU E 350 -20.23 35.38 -63.62
N ALA E 351 -20.44 36.49 -62.91
CA ALA E 351 -20.50 36.44 -61.45
C ALA E 351 -21.71 35.63 -60.98
N GLU E 352 -22.86 35.82 -61.61
CA GLU E 352 -24.05 35.06 -61.23
C GLU E 352 -23.86 33.57 -61.50
N LYS E 353 -23.26 33.23 -62.65
CA LYS E 353 -22.96 31.84 -62.93
C LYS E 353 -22.01 31.26 -61.88
N ALA E 354 -20.99 32.03 -61.49
CA ALA E 354 -20.03 31.53 -60.51
C ALA E 354 -20.71 31.26 -59.17
N ILE E 355 -21.52 32.20 -58.69
CA ILE E 355 -22.14 32.02 -57.38
C ILE E 355 -23.17 30.88 -57.43
N VAL E 356 -23.92 30.77 -58.53
CA VAL E 356 -24.91 29.70 -58.63
C VAL E 356 -24.23 28.34 -58.69
N THR E 357 -23.19 28.21 -59.51
CA THR E 357 -22.49 26.93 -59.61
C THR E 357 -21.72 26.60 -58.34
N LEU E 358 -21.35 27.59 -57.54
CA LEU E 358 -20.75 27.31 -56.24
C LEU E 358 -21.80 26.89 -55.23
N LYS E 359 -23.02 27.39 -55.37
CA LYS E 359 -24.07 27.09 -54.40
C LYS E 359 -24.60 25.66 -54.50
N ASN E 360 -24.41 24.99 -55.64
CA ASN E 360 -25.15 23.76 -55.92
C ASN E 360 -24.47 22.49 -55.42
N MET E 361 -23.22 22.55 -54.99
CA MET E 361 -22.58 21.34 -54.48
C MET E 361 -23.18 20.91 -53.14
N ALA E 362 -23.22 19.60 -52.94
CA ALA E 362 -23.72 19.02 -51.69
C ALA E 362 -22.55 18.74 -50.75
N PHE E 363 -21.97 19.83 -50.26
CA PHE E 363 -20.83 19.79 -49.34
C PHE E 363 -21.21 20.44 -48.02
N ASN E 364 -20.52 20.05 -46.97
CA ASN E 364 -20.73 20.59 -45.63
C ASN E 364 -19.83 21.79 -45.35
N GLN E 365 -19.06 22.23 -46.34
CA GLN E 365 -18.07 23.28 -46.15
C GLN E 365 -18.52 24.65 -46.69
N VAL E 366 -19.72 24.74 -47.24
CA VAL E 366 -20.19 25.96 -47.89
C VAL E 366 -21.54 26.36 -47.34
N THR E 367 -21.69 27.65 -47.02
CA THR E 367 -22.96 28.23 -46.60
C THR E 367 -23.14 29.56 -47.31
N VAL E 368 -24.32 29.78 -47.88
CA VAL E 368 -24.64 31.01 -48.60
C VAL E 368 -25.86 31.65 -47.97
N VAL E 369 -25.77 32.94 -47.69
CA VAL E 369 -26.84 33.70 -47.04
C VAL E 369 -27.28 34.83 -47.95
N GLY E 370 -28.58 34.92 -48.19
CA GLY E 370 -29.14 36.00 -48.98
C GLY E 370 -30.38 36.59 -48.33
N GLY E 371 -31.13 37.40 -49.06
CA GLY E 371 -32.34 37.97 -48.52
C GLY E 371 -32.36 39.48 -48.43
N GLY E 372 -31.65 40.14 -49.35
CA GLY E 372 -31.69 41.59 -49.39
C GLY E 372 -30.98 42.20 -48.19
N SER E 373 -31.66 43.13 -47.52
CA SER E 373 -31.07 43.91 -46.43
C SER E 373 -30.79 43.07 -45.19
N LYS E 374 -31.04 41.78 -45.20
CA LYS E 374 -30.75 40.90 -44.07
C LYS E 374 -29.34 40.33 -44.13
N ALA E 375 -28.55 40.70 -45.14
CA ALA E 375 -27.19 40.19 -45.29
C ALA E 375 -26.22 41.32 -45.54
N TYR E 376 -26.41 42.44 -44.84
CA TYR E 376 -25.50 43.57 -44.96
C TYR E 376 -24.40 43.48 -43.90
N PHE E 377 -23.48 44.47 -43.94
CA PHE E 377 -22.44 44.55 -42.94
C PHE E 377 -23.03 44.77 -41.55
N ASN E 378 -24.02 45.66 -41.45
CA ASN E 378 -24.65 46.00 -40.18
C ASN E 378 -25.45 44.85 -39.59
N SER E 379 -25.69 43.78 -40.35
CA SER E 379 -26.25 42.55 -39.81
C SER E 379 -25.24 41.43 -39.73
N PHE E 380 -24.16 41.49 -40.51
CA PHE E 380 -23.09 40.51 -40.37
C PHE E 380 -22.32 40.71 -39.07
N VAL E 381 -22.20 41.95 -38.61
CA VAL E 381 -21.48 42.21 -37.36
C VAL E 381 -22.20 41.55 -36.18
N GLU E 382 -23.53 41.66 -36.12
CA GLU E 382 -24.28 41.15 -34.97
C GLU E 382 -24.29 39.63 -34.88
N HIS E 383 -24.05 38.92 -35.99
CA HIS E 383 -24.04 37.47 -35.93
C HIS E 383 -22.86 36.92 -35.15
N LEU E 384 -21.77 37.68 -35.05
CA LEU E 384 -20.59 37.22 -34.34
C LEU E 384 -20.86 37.20 -32.84
N PRO E 385 -20.18 36.31 -32.09
CA PRO E 385 -20.41 36.23 -30.64
C PRO E 385 -19.92 37.45 -29.90
N TYR E 386 -20.17 37.50 -28.59
CA TYR E 386 -19.72 38.59 -27.74
C TYR E 386 -19.19 38.02 -26.44
N PRO E 387 -18.03 38.45 -25.99
CA PRO E 387 -17.40 37.84 -24.80
C PRO E 387 -18.14 38.19 -23.51
N VAL E 388 -17.99 37.29 -22.53
CA VAL E 388 -18.65 37.48 -21.24
C VAL E 388 -18.01 38.64 -20.48
N LEU E 389 -16.68 38.72 -20.47
CA LEU E 389 -15.97 39.67 -19.65
C LEU E 389 -15.82 41.05 -20.31
N PHE E 390 -16.27 41.22 -21.53
CA PHE E 390 -16.21 42.54 -22.16
C PHE E 390 -17.18 43.47 -21.44
N PRO E 391 -16.74 44.64 -20.99
CA PRO E 391 -17.60 45.51 -20.17
C PRO E 391 -18.51 46.35 -21.05
N ARG E 392 -19.81 46.06 -21.01
CA ARG E 392 -20.81 46.91 -21.66
C ARG E 392 -21.34 47.95 -20.69
N ASP E 393 -20.43 48.70 -20.06
CA ASP E 393 -20.77 49.71 -19.08
C ASP E 393 -19.94 50.95 -19.32
N ASN E 394 -20.54 52.12 -19.09
CA ASN E 394 -19.88 53.41 -19.29
C ASN E 394 -19.44 53.93 -17.94
N ILE E 395 -18.18 53.67 -17.59
CA ILE E 395 -17.60 54.10 -16.32
C ILE E 395 -16.56 55.18 -16.60
N VAL E 396 -15.91 55.10 -17.76
CA VAL E 396 -14.85 56.04 -18.10
C VAL E 396 -15.42 57.43 -18.38
N ASP E 397 -16.57 57.49 -19.05
CA ASP E 397 -17.08 58.76 -19.54
C ASP E 397 -17.41 59.75 -18.43
N GLU E 398 -17.97 59.27 -17.30
CA GLU E 398 -18.33 60.20 -16.24
C GLU E 398 -17.10 60.86 -15.63
N LEU E 399 -16.04 60.09 -15.41
CA LEU E 399 -14.86 60.62 -14.71
C LEU E 399 -14.15 61.68 -15.54
N VAL E 400 -14.03 61.45 -16.86
CA VAL E 400 -13.36 62.43 -17.72
C VAL E 400 -14.15 63.73 -17.75
N GLU E 401 -15.47 63.64 -17.86
CA GLU E 401 -16.30 64.83 -17.84
C GLU E 401 -16.20 65.56 -16.51
N ALA E 402 -16.13 64.82 -15.41
CA ALA E 402 -15.98 65.44 -14.10
C ALA E 402 -14.64 66.16 -13.98
N ILE E 403 -13.56 65.53 -14.48
CA ILE E 403 -12.26 66.17 -14.45
C ILE E 403 -12.25 67.44 -15.29
N ALA E 404 -12.86 67.39 -16.47
CA ALA E 404 -12.90 68.57 -17.34
C ALA E 404 -13.63 69.72 -16.67
N ASN E 405 -14.60 69.43 -15.80
CA ASN E 405 -15.29 70.48 -15.06
C ASN E 405 -14.37 71.23 -14.11
N LEU E 406 -13.40 70.55 -13.51
CA LEU E 406 -12.44 71.21 -12.65
C LEU E 406 -11.56 72.17 -13.45
N SER E 407 -11.26 73.31 -12.85
CA SER E 407 -10.44 74.35 -13.47
C SER E 407 -10.98 74.78 -14.82
N SER F 2 42.72 40.48 -50.94
CA SER F 2 41.61 41.43 -50.89
C SER F 2 40.40 40.80 -50.23
N ILE F 3 40.41 40.78 -48.90
CA ILE F 3 39.31 40.22 -48.12
C ILE F 3 38.86 41.29 -47.14
N TYR F 4 37.56 41.58 -47.12
CA TYR F 4 37.00 42.61 -46.26
C TYR F 4 35.96 41.99 -45.34
N GLN F 5 36.04 42.34 -44.06
CA GLN F 5 35.06 41.89 -43.06
C GLN F 5 34.66 43.11 -42.23
N GLY F 6 33.50 43.67 -42.51
CA GLY F 6 33.04 44.85 -41.82
C GLY F 6 33.86 46.09 -42.09
N GLY F 7 34.34 46.26 -43.33
CA GLY F 7 35.13 47.42 -43.70
C GLY F 7 36.60 47.35 -43.33
N ASN F 8 37.07 46.23 -42.80
CA ASN F 8 38.45 46.07 -42.39
C ASN F 8 39.09 44.90 -43.12
N LYS F 9 40.37 45.04 -43.44
CA LYS F 9 41.09 44.02 -44.17
C LYS F 9 41.33 42.77 -43.32
N LEU F 10 41.54 41.65 -43.99
CA LEU F 10 41.75 40.37 -43.33
C LEU F 10 42.74 39.55 -44.14
N ASN F 11 43.53 38.73 -43.43
CA ASN F 11 44.57 37.92 -44.05
C ASN F 11 44.02 36.56 -44.46
N GLU F 12 44.84 35.82 -45.22
CA GLU F 12 44.40 34.56 -45.81
C GLU F 12 44.20 33.48 -44.76
N ASP F 13 45.14 33.37 -43.80
CA ASP F 13 45.05 32.32 -42.80
C ASP F 13 43.81 32.49 -41.94
N ASP F 14 43.51 33.73 -41.52
CA ASP F 14 42.32 33.98 -40.74
C ASP F 14 41.06 33.65 -41.53
N PHE F 15 41.05 33.98 -42.83
CA PHE F 15 39.90 33.66 -43.67
C PHE F 15 39.70 32.16 -43.78
N ARG F 16 40.78 31.41 -43.98
CA ARG F 16 40.66 29.96 -44.09
C ARG F 16 40.18 29.34 -42.78
N SER F 17 40.69 29.82 -41.65
CA SER F 17 40.21 29.32 -40.36
C SER F 17 38.74 29.67 -40.14
N HIS F 18 38.32 30.87 -40.54
CA HIS F 18 36.93 31.26 -40.41
C HIS F 18 36.03 30.37 -41.27
N VAL F 19 36.45 30.08 -42.50
CA VAL F 19 35.68 29.21 -43.38
C VAL F 19 35.58 27.81 -42.78
N TYR F 20 36.69 27.30 -42.25
CA TYR F 20 36.65 25.97 -41.63
C TYR F 20 35.69 25.94 -40.44
N SER F 21 35.73 26.98 -39.61
CA SER F 21 34.84 27.03 -38.46
C SER F 21 33.39 27.31 -38.85
N LEU F 22 33.15 27.83 -40.06
CA LEU F 22 31.82 28.21 -40.48
C LEU F 22 30.98 27.03 -40.96
N CYS F 23 31.60 25.89 -41.26
CA CYS F 23 30.88 24.72 -41.75
C CYS F 23 30.48 23.77 -40.63
N GLN F 24 30.76 24.10 -39.38
CA GLN F 24 30.41 23.27 -38.24
C GLN F 24 29.08 23.66 -37.63
N LEU F 25 28.36 24.60 -38.22
CA LEU F 25 27.12 25.10 -37.66
C LEU F 25 25.98 24.13 -37.93
N ASP F 26 24.76 24.53 -37.53
CA ASP F 26 23.61 23.66 -37.68
C ASP F 26 23.14 23.58 -39.13
N ASN F 27 23.33 24.64 -39.91
CA ASN F 27 22.82 24.70 -41.27
C ASN F 27 23.89 25.23 -42.21
N VAL F 28 23.97 24.62 -43.39
CA VAL F 28 24.89 25.06 -44.45
C VAL F 28 24.13 25.06 -45.77
N GLY F 29 24.39 26.08 -46.58
CA GLY F 29 23.74 26.19 -47.88
C GLY F 29 24.58 26.97 -48.85
N VAL F 30 24.23 26.84 -50.14
CA VAL F 30 24.94 27.51 -51.22
C VAL F 30 23.93 28.16 -52.17
N LEU F 31 24.42 29.07 -52.99
CA LEU F 31 23.61 29.75 -54.00
C LEU F 31 24.48 30.05 -55.21
N LEU F 32 24.26 29.32 -56.30
CA LEU F 32 25.00 29.51 -57.53
C LEU F 32 24.19 30.33 -58.52
N GLY F 33 24.87 30.79 -59.57
CA GLY F 33 24.24 31.59 -60.60
C GLY F 33 24.58 31.12 -62.00
N ALA F 34 24.49 32.02 -62.98
CA ALA F 34 24.72 31.67 -64.37
C ALA F 34 26.20 31.70 -64.74
N GLY F 35 27.08 32.06 -63.82
CA GLY F 35 28.49 32.11 -64.10
C GLY F 35 29.25 30.90 -63.61
N ALA F 36 28.56 29.99 -62.92
CA ALA F 36 29.19 28.79 -62.39
C ALA F 36 29.35 27.69 -63.43
N SER F 37 28.75 27.84 -64.61
CA SER F 37 28.80 26.83 -65.65
C SER F 37 29.67 27.24 -66.83
N VAL F 38 30.54 28.23 -66.66
CA VAL F 38 31.44 28.63 -67.74
C VAL F 38 32.43 27.54 -68.07
N GLY F 39 32.91 26.82 -67.05
CA GLY F 39 33.86 25.74 -67.28
C GLY F 39 33.29 24.52 -67.98
N CYS F 40 31.97 24.40 -68.04
CA CYS F 40 31.33 23.27 -68.69
C CYS F 40 30.89 23.55 -70.12
N GLY F 41 30.86 24.82 -70.54
CA GLY F 41 30.46 25.14 -71.89
C GLY F 41 29.34 26.17 -71.93
N GLY F 42 28.94 26.69 -70.77
CA GLY F 42 27.89 27.68 -70.70
C GLY F 42 28.34 29.03 -71.19
N LYS F 43 27.38 29.96 -71.25
CA LYS F 43 27.62 31.29 -71.78
C LYS F 43 27.04 32.34 -70.84
N THR F 44 27.79 33.41 -70.64
CA THR F 44 27.33 34.55 -69.86
C THR F 44 26.33 35.36 -70.67
N MET F 45 25.54 36.17 -69.97
CA MET F 45 24.50 36.97 -70.63
C MET F 45 25.07 37.94 -71.66
N LYS F 46 26.36 38.26 -71.58
CA LYS F 46 26.96 39.15 -72.56
C LYS F 46 27.10 38.47 -73.92
N ASP F 47 27.41 37.17 -73.93
CA ASP F 47 27.61 36.48 -75.20
C ASP F 47 26.29 36.29 -75.95
N VAL F 48 25.18 36.20 -75.23
CA VAL F 48 23.88 36.01 -75.88
C VAL F 48 23.54 37.20 -76.77
N TRP F 49 23.79 38.42 -76.28
CA TRP F 49 23.52 39.61 -77.08
C TRP F 49 24.40 39.64 -78.32
N LYS F 50 25.67 39.27 -78.17
CA LYS F 50 26.57 39.25 -79.33
C LYS F 50 26.10 38.27 -80.38
N SER F 51 25.73 37.06 -79.95
CA SER F 51 25.24 36.06 -80.89
C SER F 51 23.96 36.53 -81.57
N PHE F 52 23.05 37.13 -80.81
CA PHE F 52 21.79 37.60 -81.39
C PHE F 52 22.04 38.70 -82.42
N LYS F 53 22.93 39.64 -82.12
CA LYS F 53 23.16 40.73 -83.05
C LYS F 53 23.95 40.28 -84.27
N GLN F 54 24.75 39.21 -84.14
CA GLN F 54 25.51 38.74 -85.29
C GLN F 54 24.68 37.83 -86.19
N ASN F 55 23.80 37.02 -85.62
CA ASN F 55 23.01 36.08 -86.41
C ASN F 55 21.73 36.67 -86.99
N TYR F 56 21.33 37.87 -86.55
CA TYR F 56 20.10 38.51 -87.03
C TYR F 56 20.43 39.95 -87.42
N PRO F 57 21.00 40.15 -88.61
CA PRO F 57 21.42 41.51 -89.01
C PRO F 57 20.27 42.42 -89.42
N GLU F 58 19.06 41.90 -89.64
CA GLU F 58 17.97 42.71 -90.17
C GLU F 58 17.03 43.26 -89.10
N LEU F 59 16.84 42.56 -87.99
CA LEU F 59 15.93 43.04 -86.96
C LEU F 59 16.55 44.12 -86.08
N LEU F 60 17.88 44.18 -86.00
CA LEU F 60 18.53 45.18 -85.17
C LEU F 60 18.24 46.59 -85.68
N GLY F 61 18.28 46.78 -87.00
CA GLY F 61 17.95 48.09 -87.56
C GLY F 61 16.52 48.49 -87.30
N ALA F 62 15.59 47.53 -87.42
CA ALA F 62 14.19 47.82 -87.11
C ALA F 62 14.00 48.19 -85.65
N LEU F 63 14.71 47.51 -84.75
CA LEU F 63 14.62 47.84 -83.33
C LEU F 63 15.18 49.22 -83.04
N ILE F 64 16.30 49.57 -83.69
CA ILE F 64 17.00 50.81 -83.35
C ILE F 64 16.51 52.02 -84.12
N ASP F 65 15.70 51.83 -85.16
CA ASP F 65 15.27 52.93 -86.02
C ASP F 65 13.83 53.35 -85.75
N LYS F 66 12.89 52.41 -85.84
CA LYS F 66 11.47 52.78 -85.77
C LYS F 66 11.01 52.98 -84.32
N TYR F 67 11.42 52.09 -83.41
CA TYR F 67 10.83 52.04 -82.08
C TYR F 67 11.74 52.62 -81.00
N LEU F 68 13.01 52.88 -81.30
CA LEU F 68 13.92 53.57 -80.39
C LEU F 68 14.02 52.84 -79.04
N LEU F 69 14.09 51.52 -79.08
CA LEU F 69 14.18 50.75 -77.83
C LEU F 69 15.63 50.58 -77.37
N VAL F 70 16.59 50.58 -78.29
CA VAL F 70 18.00 50.36 -77.97
C VAL F 70 18.80 51.55 -78.50
N SER F 71 19.74 52.02 -77.69
CA SER F 71 20.60 53.12 -78.09
C SER F 71 21.87 52.60 -78.78
N GLN F 72 22.36 53.37 -79.74
CA GLN F 72 23.52 52.96 -80.53
C GLN F 72 24.78 52.90 -79.67
N ILE F 73 24.97 53.89 -78.79
CA ILE F 73 26.20 53.94 -78.00
C ILE F 73 26.28 52.77 -77.04
N ASP F 74 25.15 52.40 -76.44
CA ASP F 74 25.16 51.26 -75.52
C ASP F 74 25.37 49.94 -76.26
N SER F 75 24.85 49.83 -77.48
CA SER F 75 25.03 48.61 -78.26
C SER F 75 26.46 48.49 -78.77
N ASP F 76 27.14 49.62 -79.00
CA ASP F 76 28.52 49.56 -79.46
C ASP F 76 29.43 48.91 -78.42
N ASN F 77 29.25 49.26 -77.15
CA ASN F 77 30.10 48.74 -76.08
C ASN F 77 29.57 47.46 -75.45
N ASN F 78 28.44 46.95 -75.92
CA ASN F 78 27.88 45.67 -75.48
C ASN F 78 27.59 45.69 -73.98
N LEU F 79 26.77 46.65 -73.56
CA LEU F 79 26.38 46.81 -72.17
C LEU F 79 24.88 47.03 -72.05
N VAL F 80 24.09 46.20 -72.73
CA VAL F 80 22.64 46.27 -72.69
C VAL F 80 22.09 45.00 -72.04
N ASN F 81 21.05 45.15 -71.26
CA ASN F 81 20.44 44.03 -70.56
C ASN F 81 19.31 43.44 -71.39
N VAL F 82 19.32 42.10 -71.51
CA VAL F 82 18.30 41.41 -72.29
C VAL F 82 17.03 41.13 -71.49
N GLU F 83 17.04 41.32 -70.18
CA GLU F 83 15.85 41.07 -69.39
C GLU F 83 14.81 42.17 -69.58
N LEU F 84 15.25 43.42 -69.62
CA LEU F 84 14.32 44.53 -69.81
C LEU F 84 13.74 44.55 -71.22
N LEU F 85 14.52 44.10 -72.21
CA LEU F 85 14.05 44.10 -73.58
C LEU F 85 12.86 43.17 -73.77
N ILE F 86 12.88 42.02 -73.08
CA ILE F 86 11.77 41.08 -73.19
C ILE F 86 10.48 41.70 -72.65
N ASP F 87 10.57 42.34 -71.49
CA ASP F 87 9.39 43.00 -70.93
C ASP F 87 8.91 44.13 -71.81
N GLU F 88 9.84 44.90 -72.39
CA GLU F 88 9.44 45.98 -73.30
C GLU F 88 8.71 45.43 -74.51
N ALA F 89 9.22 44.34 -75.10
CA ALA F 89 8.55 43.73 -76.24
C ALA F 89 7.18 43.20 -75.86
N THR F 90 7.07 42.59 -74.68
CA THR F 90 5.77 42.10 -74.22
C THR F 90 4.77 43.23 -74.06
N LYS F 91 5.21 44.36 -73.48
CA LYS F 91 4.33 45.51 -73.33
C LYS F 91 3.88 46.04 -74.69
N PHE F 92 4.82 46.17 -75.63
CA PHE F 92 4.47 46.67 -76.95
C PHE F 92 3.48 45.75 -77.65
N LEU F 93 3.70 44.44 -77.57
CA LEU F 93 2.80 43.50 -78.21
C LEU F 93 1.41 43.52 -77.58
N SER F 94 1.35 43.60 -76.24
CA SER F 94 0.06 43.65 -75.57
C SER F 94 -0.71 44.92 -75.94
N VAL F 95 -0.02 46.06 -76.01
CA VAL F 95 -0.69 47.30 -76.38
C VAL F 95 -1.16 47.26 -77.83
N ALA F 96 -0.32 46.73 -78.74
CA ALA F 96 -0.64 46.73 -80.15
C ALA F 96 -1.72 45.72 -80.53
N LYS F 97 -2.12 44.85 -79.60
CA LYS F 97 -3.11 43.82 -79.90
C LYS F 97 -4.53 44.25 -79.58
N THR F 98 -4.75 45.05 -78.54
CA THR F 98 -6.10 45.46 -78.18
C THR F 98 -6.69 46.40 -79.23
N ARG F 99 -5.86 47.23 -79.87
CA ARG F 99 -6.32 48.17 -80.89
C ARG F 99 -6.39 47.55 -82.27
N ARG F 100 -6.09 46.26 -82.41
CA ARG F 100 -6.21 45.52 -83.66
C ARG F 100 -5.33 46.13 -84.75
N CYS F 101 -4.03 46.07 -84.52
CA CYS F 101 -3.03 46.40 -85.53
C CYS F 101 -2.32 45.11 -85.91
N GLU F 102 -2.31 44.80 -87.21
CA GLU F 102 -1.82 43.51 -87.68
C GLU F 102 -0.39 43.56 -88.24
N ASP F 103 0.07 44.73 -88.70
CA ASP F 103 1.39 44.80 -89.29
C ASP F 103 2.48 44.79 -88.22
N GLU F 104 2.21 45.41 -87.06
CA GLU F 104 3.22 45.54 -86.02
C GLU F 104 3.29 44.34 -85.09
N GLU F 105 2.33 43.42 -85.16
CA GLU F 105 2.35 42.26 -84.27
C GLU F 105 3.41 41.25 -84.68
N GLU F 106 3.52 40.99 -85.98
CA GLU F 106 4.45 39.96 -86.46
C GLU F 106 5.90 40.37 -86.22
N GLU F 107 6.22 41.66 -86.37
CA GLU F 107 7.58 42.11 -86.17
C GLU F 107 8.03 41.94 -84.72
N PHE F 108 7.10 41.94 -83.77
CA PHE F 108 7.44 41.66 -82.38
C PHE F 108 7.42 40.18 -82.05
N ARG F 109 6.51 39.42 -82.68
CA ARG F 109 6.53 37.97 -82.49
C ARG F 109 7.84 37.37 -82.97
N LYS F 110 8.35 37.83 -84.11
CA LYS F 110 9.63 37.34 -84.60
C LYS F 110 10.76 37.67 -83.64
N ILE F 111 10.75 38.89 -83.07
CA ILE F 111 11.79 39.29 -82.13
C ILE F 111 11.77 38.40 -80.90
N LEU F 112 10.56 38.16 -80.36
CA LEU F 112 10.44 37.32 -79.17
C LEU F 112 10.91 35.89 -79.45
N SER F 113 10.50 35.34 -80.61
CA SER F 113 10.94 33.99 -80.96
C SER F 113 12.44 33.92 -81.11
N SER F 114 13.04 34.92 -81.74
CA SER F 114 14.50 34.92 -81.91
C SER F 114 15.21 34.97 -80.57
N LEU F 115 14.74 35.84 -79.67
CA LEU F 115 15.38 35.93 -78.35
C LEU F 115 15.25 34.62 -77.57
N TYR F 116 14.06 34.02 -77.59
CA TYR F 116 13.88 32.76 -76.86
C TYR F 116 14.75 31.65 -77.44
N LYS F 117 14.84 31.58 -78.77
CA LYS F 117 15.68 30.57 -79.40
C LYS F 117 17.15 30.79 -79.04
N GLU F 118 17.59 32.04 -79.02
CA GLU F 118 18.97 32.33 -78.66
C GLU F 118 19.27 31.97 -77.22
N VAL F 119 18.31 32.21 -76.32
CA VAL F 119 18.53 31.89 -74.91
C VAL F 119 18.55 30.38 -74.70
N THR F 120 17.70 29.64 -75.42
CA THR F 120 17.60 28.20 -75.21
C THR F 120 18.89 27.48 -75.59
N LYS F 121 19.60 27.99 -76.61
CA LYS F 121 20.80 27.30 -77.09
C LYS F 121 21.87 27.19 -76.01
N ALA F 122 22.08 28.26 -75.25
CA ALA F 122 23.17 28.32 -74.27
C ALA F 122 22.93 27.47 -73.03
N ALA F 123 21.90 26.64 -72.95
CA ALA F 123 21.65 25.83 -71.76
C ALA F 123 21.88 24.35 -71.97
N LEU F 124 22.38 23.95 -73.14
CA LEU F 124 22.58 22.52 -73.40
C LEU F 124 23.91 22.01 -72.88
N LEU F 125 24.95 22.83 -72.95
CA LEU F 125 26.28 22.57 -72.39
C LEU F 125 27.07 21.51 -73.15
N THR F 126 26.43 20.82 -74.10
CA THR F 126 27.14 19.79 -74.86
C THR F 126 26.92 19.87 -76.36
N GLY F 127 25.78 20.36 -76.84
CA GLY F 127 25.53 20.42 -78.27
C GLY F 127 24.68 19.26 -78.76
N GLU F 128 25.17 18.55 -79.78
CA GLU F 128 24.40 17.48 -80.38
C GLU F 128 24.23 16.30 -79.43
N GLN F 129 25.19 16.08 -78.54
CA GLN F 129 25.18 14.93 -77.64
C GLN F 129 24.37 15.17 -76.37
N PHE F 130 23.46 16.13 -76.38
CA PHE F 130 22.61 16.38 -75.21
C PHE F 130 21.67 15.22 -74.93
N ARG F 131 21.36 14.40 -75.92
CA ARG F 131 20.39 13.32 -75.78
C ARG F 131 21.03 11.99 -75.41
N GLU F 132 22.34 11.94 -75.23
CA GLU F 132 23.02 10.69 -74.90
C GLU F 132 22.89 10.42 -73.40
N LYS F 133 23.59 9.40 -72.91
CA LYS F 133 23.51 9.00 -71.52
C LYS F 133 24.91 8.96 -70.92
N ASN F 134 24.96 8.89 -69.59
CA ASN F 134 26.20 8.88 -68.82
C ASN F 134 27.04 10.12 -69.11
N GLN F 135 26.37 11.27 -69.23
CA GLN F 135 27.07 12.52 -69.50
C GLN F 135 27.84 13.03 -68.28
N GLY F 136 27.55 12.51 -67.10
CA GLY F 136 28.23 12.95 -65.89
C GLY F 136 29.58 12.32 -65.65
N LYS F 137 30.03 11.47 -66.57
CA LYS F 137 31.32 10.80 -66.43
C LYS F 137 32.43 11.50 -67.22
N LYS F 138 32.10 12.55 -67.97
CA LYS F 138 33.10 13.26 -68.75
C LYS F 138 34.03 14.07 -67.84
N ASP F 139 34.99 14.75 -68.45
CA ASP F 139 36.05 15.41 -67.72
C ASP F 139 35.65 16.77 -67.15
N ALA F 140 34.73 17.48 -67.80
CA ALA F 140 34.38 18.83 -67.36
C ALA F 140 33.67 18.81 -66.02
N PHE F 141 32.77 17.86 -65.81
CA PHE F 141 31.96 17.79 -64.59
C PHE F 141 32.76 17.14 -63.46
N LYS F 142 33.84 17.80 -63.06
CA LYS F 142 34.75 17.23 -62.07
C LYS F 142 34.68 17.92 -60.72
N TYR F 143 34.52 19.25 -60.68
CA TYR F 143 34.47 19.98 -59.43
C TYR F 143 33.07 20.00 -58.81
N HIS F 144 32.03 19.80 -59.61
CA HIS F 144 30.69 19.67 -59.03
C HIS F 144 30.59 18.45 -58.13
N LYS F 145 31.16 17.33 -58.57
CA LYS F 145 31.16 16.12 -57.76
C LYS F 145 31.92 16.35 -56.46
N GLU F 146 33.06 17.03 -56.54
CA GLU F 146 33.84 17.35 -55.35
C GLU F 146 33.05 18.22 -54.39
N LEU F 147 32.34 19.22 -54.90
CA LEU F 147 31.54 20.08 -54.03
C LEU F 147 30.44 19.29 -53.34
N ILE F 148 29.73 18.44 -54.08
CA ILE F 148 28.66 17.65 -53.47
C ILE F 148 29.22 16.73 -52.40
N SER F 149 30.35 16.07 -52.70
CA SER F 149 30.96 15.17 -51.73
C SER F 149 31.40 15.92 -50.48
N LYS F 150 31.99 17.09 -50.64
CA LYS F 150 32.43 17.88 -49.50
C LYS F 150 31.24 18.31 -48.65
N LEU F 151 30.15 18.72 -49.28
CA LEU F 151 28.97 19.14 -48.52
C LEU F 151 28.37 17.97 -47.75
N ILE F 152 28.28 16.79 -48.38
CA ILE F 152 27.67 15.65 -47.72
C ILE F 152 28.55 15.13 -46.59
N SER F 153 29.87 15.09 -46.81
CA SER F 153 30.76 14.46 -45.84
C SER F 153 30.75 15.17 -44.49
N ASN F 154 30.78 16.50 -44.50
CA ASN F 154 30.91 17.29 -43.27
C ASN F 154 29.54 17.49 -42.62
N ARG F 155 28.97 16.38 -42.12
CA ARG F 155 27.66 16.39 -41.48
C ARG F 155 27.69 15.41 -40.32
N GLN F 156 27.59 15.93 -39.09
CA GLN F 156 27.48 15.08 -37.93
C GLN F 156 26.07 14.49 -37.84
N PRO F 157 25.91 13.35 -37.17
CA PRO F 157 24.57 12.78 -37.02
C PRO F 157 23.67 13.68 -36.19
N GLY F 158 22.37 13.67 -36.52
CA GLY F 158 21.40 14.50 -35.84
C GLY F 158 21.22 15.89 -36.41
N GLN F 159 22.01 16.27 -37.40
CA GLN F 159 21.91 17.59 -38.01
C GLN F 159 21.02 17.53 -39.25
N SER F 160 20.99 18.61 -40.01
CA SER F 160 20.10 18.75 -41.16
C SER F 160 20.86 18.61 -42.47
N ALA F 161 20.16 18.12 -43.49
CA ALA F 161 20.74 17.96 -44.81
C ALA F 161 20.99 19.33 -45.45
N PRO F 162 21.97 19.43 -46.34
CA PRO F 162 22.25 20.72 -46.98
C PRO F 162 21.22 21.05 -48.05
N ALA F 163 21.26 22.31 -48.48
CA ALA F 163 20.34 22.82 -49.50
C ALA F 163 21.15 23.52 -50.58
N ILE F 164 20.64 23.45 -51.81
CA ILE F 164 21.28 24.08 -52.96
C ILE F 164 20.23 24.90 -53.69
N PHE F 165 20.47 26.21 -53.82
CA PHE F 165 19.61 27.10 -54.57
C PHE F 165 20.33 27.54 -55.83
N THR F 166 19.63 27.49 -56.96
CA THR F 166 20.22 27.89 -58.22
C THR F 166 19.17 28.59 -59.09
N THR F 167 19.64 29.44 -60.00
CA THR F 167 18.81 30.18 -60.92
C THR F 167 19.26 29.95 -62.36
N ASN F 168 19.52 28.68 -62.68
CA ASN F 168 19.98 28.28 -64.01
C ASN F 168 18.92 27.44 -64.70
N TYR F 169 19.21 27.06 -65.94
CA TYR F 169 18.38 26.14 -66.70
C TYR F 169 19.08 24.83 -67.00
N ASP F 170 20.40 24.84 -67.18
CA ASP F 170 21.14 23.67 -67.60
C ASP F 170 21.21 22.64 -66.48
N LEU F 171 21.50 21.39 -66.86
CA LEU F 171 21.50 20.27 -65.93
C LEU F 171 22.94 19.90 -65.61
N ALA F 172 23.49 20.57 -64.61
CA ALA F 172 24.85 20.28 -64.15
C ALA F 172 24.89 19.55 -62.82
N LEU F 173 24.00 19.88 -61.89
CA LEU F 173 23.99 19.22 -60.60
C LEU F 173 23.41 17.82 -60.68
N GLU F 174 22.34 17.63 -61.47
CA GLU F 174 21.70 16.32 -61.56
C GLU F 174 22.62 15.29 -62.23
N TRP F 175 23.29 15.69 -63.31
CA TRP F 175 24.20 14.76 -63.98
C TRP F 175 25.37 14.39 -63.08
N ALA F 176 25.91 15.36 -62.34
CA ALA F 176 27.00 15.05 -61.41
C ALA F 176 26.53 14.14 -60.28
N ALA F 177 25.31 14.35 -59.78
CA ALA F 177 24.82 13.54 -58.67
C ALA F 177 24.46 12.13 -59.10
N GLU F 178 23.98 11.96 -60.33
CA GLU F 178 23.60 10.63 -60.79
C GLU F 178 24.80 9.71 -60.97
N ASP F 179 26.00 10.28 -61.13
CA ASP F 179 27.20 9.45 -61.26
C ASP F 179 27.60 8.80 -59.94
N LEU F 180 27.53 9.57 -58.84
CA LEU F 180 27.93 9.04 -57.54
C LEU F 180 26.86 8.18 -56.88
N GLY F 181 25.61 8.26 -57.37
CA GLY F 181 24.51 7.55 -56.75
C GLY F 181 23.76 8.33 -55.70
N ILE F 182 24.20 9.55 -55.37
CA ILE F 182 23.48 10.36 -54.39
C ILE F 182 22.16 10.81 -54.99
N GLN F 183 21.09 10.64 -54.22
CA GLN F 183 19.74 10.93 -54.68
C GLN F 183 19.30 12.32 -54.21
N LEU F 184 18.66 13.07 -55.11
CA LEU F 184 18.21 14.43 -54.83
C LEU F 184 16.69 14.50 -54.85
N PHE F 185 16.16 15.42 -54.07
CA PHE F 185 14.73 15.70 -54.02
C PHE F 185 14.46 17.07 -54.62
N ASN F 186 13.54 17.14 -55.58
CA ASN F 186 13.21 18.39 -56.24
C ASN F 186 11.71 18.69 -56.24
N GLY F 187 10.89 17.82 -55.68
CA GLY F 187 9.47 18.04 -55.59
C GLY F 187 8.60 17.25 -56.55
N PHE F 188 9.10 16.15 -57.12
CA PHE F 188 8.35 15.34 -58.04
C PHE F 188 8.36 13.89 -57.58
N SER F 189 7.35 13.14 -58.01
CA SER F 189 7.22 11.73 -57.64
C SER F 189 6.59 10.96 -58.80
N GLY F 190 7.05 9.74 -59.00
CA GLY F 190 6.57 8.88 -60.06
C GLY F 190 7.56 8.80 -61.22
N LEU F 191 7.31 7.83 -62.10
CA LEU F 191 8.11 7.66 -63.30
C LEU F 191 7.30 7.81 -64.58
N HIS F 192 6.19 7.07 -64.73
CA HIS F 192 5.38 7.17 -65.93
C HIS F 192 4.57 8.46 -65.98
N THR F 193 4.42 9.13 -64.84
CA THR F 193 3.76 10.44 -64.79
C THR F 193 4.30 11.16 -63.56
N ARG F 194 5.15 12.15 -63.78
CA ARG F 194 5.77 12.91 -62.70
C ARG F 194 4.97 14.17 -62.45
N GLN F 195 4.65 14.44 -61.19
CA GLN F 195 3.82 15.57 -60.82
C GLN F 195 4.48 16.34 -59.67
N PHE F 196 4.16 17.62 -59.57
CA PHE F 196 4.69 18.49 -58.53
C PHE F 196 3.82 18.41 -57.29
N TYR F 197 4.44 18.11 -56.15
CA TYR F 197 3.72 18.02 -54.89
C TYR F 197 4.45 18.91 -53.87
N PRO F 198 3.83 19.99 -53.40
CA PRO F 198 4.53 20.88 -52.45
C PRO F 198 4.90 20.23 -51.15
N GLN F 199 4.19 19.20 -50.72
CA GLN F 199 4.44 18.52 -49.46
C GLN F 199 5.48 17.42 -49.58
N ASN F 200 6.16 17.32 -50.72
CA ASN F 200 7.20 16.31 -50.92
C ASN F 200 8.55 16.74 -50.36
N PHE F 201 8.65 17.94 -49.78
CA PHE F 201 9.88 18.45 -49.21
C PHE F 201 10.06 18.06 -47.75
N ASP F 202 9.11 17.32 -47.17
CA ASP F 202 9.15 16.96 -45.76
C ASP F 202 9.40 15.47 -45.55
N LEU F 203 10.15 14.83 -46.43
CA LEU F 203 10.48 13.42 -46.33
C LEU F 203 11.98 13.23 -46.14
N ALA F 204 12.34 12.15 -45.45
CA ALA F 204 13.73 11.83 -45.18
C ALA F 204 13.88 10.32 -45.10
N PHE F 205 15.04 9.83 -45.53
CA PHE F 205 15.28 8.40 -45.54
C PHE F 205 15.47 7.87 -44.12
N ARG F 206 15.30 6.55 -43.99
CA ARG F 206 15.40 5.83 -42.73
C ARG F 206 15.67 4.36 -43.04
N ASN F 207 16.58 3.77 -42.28
CA ASN F 207 16.99 2.38 -42.52
C ASN F 207 16.19 1.46 -41.61
N VAL F 208 15.63 0.39 -42.18
CA VAL F 208 14.72 -0.47 -41.44
C VAL F 208 15.46 -1.24 -40.35
N ASN F 209 16.69 -1.67 -40.63
CA ASN F 209 17.47 -2.42 -39.64
C ASN F 209 18.97 -2.34 -39.89
N GLY F 217 20.39 4.43 -47.70
CA GLY F 217 21.50 5.15 -48.29
C GLY F 217 22.16 6.11 -47.33
N HIS F 218 21.35 6.81 -46.55
CA HIS F 218 21.74 7.78 -45.53
C HIS F 218 22.44 9.00 -46.11
N TYR F 219 22.53 9.11 -47.44
CA TYR F 219 23.17 10.24 -48.11
C TYR F 219 22.13 10.87 -49.03
N HIS F 220 21.72 12.11 -48.73
CA HIS F 220 20.71 12.78 -49.53
C HIS F 220 20.85 14.28 -49.35
N ALA F 221 20.23 15.03 -50.27
CA ALA F 221 20.24 16.47 -50.22
C ALA F 221 19.00 16.99 -50.94
N TYR F 222 18.65 18.24 -50.66
CA TYR F 222 17.49 18.88 -51.25
C TYR F 222 17.93 19.88 -52.32
N LEU F 223 17.10 20.04 -53.34
CA LEU F 223 17.42 20.89 -54.49
C LEU F 223 16.24 21.79 -54.80
N TYR F 224 16.50 23.09 -54.91
CA TYR F 224 15.51 24.08 -55.31
C TYR F 224 16.01 24.84 -56.53
N LYS F 225 15.17 24.96 -57.54
CA LYS F 225 15.43 25.77 -58.72
C LYS F 225 14.44 26.92 -58.76
N LEU F 226 14.94 28.15 -58.75
CA LEU F 226 14.10 29.32 -58.57
C LEU F 226 13.62 29.93 -59.89
N HIS F 227 14.04 29.39 -61.05
CA HIS F 227 13.63 29.92 -62.34
C HIS F 227 13.22 28.81 -63.30
N GLY F 228 12.87 27.64 -62.78
CA GLY F 228 12.43 26.55 -63.62
C GLY F 228 13.58 25.80 -64.26
N SER F 229 13.20 24.77 -65.03
CA SER F 229 14.17 23.93 -65.70
C SER F 229 13.90 23.85 -67.20
N LEU F 230 14.66 23.03 -67.90
CA LEU F 230 14.52 22.86 -69.34
C LEU F 230 13.70 21.61 -69.69
N THR F 231 13.20 20.88 -68.69
CA THR F 231 12.43 19.66 -68.91
C THR F 231 11.09 19.73 -68.18
N TRP F 232 10.53 20.94 -68.05
CA TRP F 232 9.26 21.13 -67.36
C TRP F 232 8.25 21.74 -68.33
N TYR F 233 7.03 21.22 -68.31
CA TYR F 233 5.96 21.77 -69.14
C TYR F 233 4.65 21.69 -68.39
N GLN F 234 3.71 22.52 -68.80
CA GLN F 234 2.42 22.67 -68.12
C GLN F 234 1.29 22.35 -69.08
N ASN F 235 0.30 21.60 -68.59
CA ASN F 235 -0.89 21.26 -69.37
C ASN F 235 -2.09 22.11 -69.01
N ASP F 236 -1.88 23.25 -68.35
CA ASP F 236 -2.90 24.25 -68.07
C ASP F 236 -3.95 23.77 -67.08
N SER F 237 -3.83 22.51 -66.63
CA SER F 237 -4.77 21.93 -65.68
C SER F 237 -4.28 22.01 -64.24
N LEU F 238 -3.52 23.04 -63.89
CA LEU F 238 -2.93 23.19 -62.55
C LEU F 238 -2.02 22.01 -62.22
N THR F 239 -1.32 21.50 -63.22
CA THR F 239 -0.36 20.42 -63.04
C THR F 239 0.87 20.70 -63.89
N VAL F 240 2.01 20.20 -63.41
CA VAL F 240 3.29 20.32 -64.11
C VAL F 240 3.92 18.95 -64.18
N ASN F 241 4.46 18.61 -65.36
CA ASN F 241 5.06 17.31 -65.59
C ASN F 241 6.54 17.44 -65.93
N GLU F 242 7.33 16.46 -65.50
CA GLU F 242 8.76 16.41 -65.76
C GLU F 242 9.10 15.13 -66.50
N VAL F 243 9.96 15.24 -67.51
CA VAL F 243 10.34 14.13 -68.36
C VAL F 243 11.86 14.04 -68.41
N SER F 244 12.36 13.11 -69.22
CA SER F 244 13.80 12.89 -69.38
C SER F 244 14.37 13.91 -70.36
N ALA F 245 15.62 13.68 -70.78
CA ALA F 245 16.28 14.60 -71.69
C ALA F 245 16.03 14.24 -73.14
N SER F 246 16.20 12.96 -73.49
CA SER F 246 15.95 12.53 -74.86
C SER F 246 14.50 12.74 -75.25
N GLN F 247 13.58 12.47 -74.33
CA GLN F 247 12.17 12.69 -74.61
C GLN F 247 11.89 14.16 -74.89
N ALA F 248 12.47 15.06 -74.09
CA ALA F 248 12.27 16.48 -74.32
C ALA F 248 12.86 16.92 -75.65
N TYR F 249 14.05 16.40 -76.00
CA TYR F 249 14.69 16.76 -77.26
C TYR F 249 13.84 16.31 -78.45
N ASP F 250 13.28 15.10 -78.38
CA ASP F 250 12.45 14.61 -79.47
C ASP F 250 11.08 15.28 -79.49
N GLU F 251 10.63 15.79 -78.34
CA GLU F 251 9.30 16.39 -78.28
C GLU F 251 9.29 17.83 -78.76
N TYR F 252 10.05 18.70 -78.09
CA TYR F 252 9.90 20.13 -78.40
C TYR F 252 11.20 20.90 -78.61
N ILE F 253 12.30 20.44 -78.02
CA ILE F 253 13.54 21.22 -78.08
C ILE F 253 14.06 21.29 -79.52
N ASN F 254 14.02 20.17 -80.24
CA ASN F 254 14.50 20.15 -81.62
C ASN F 254 13.67 21.08 -82.50
N ASP F 255 12.35 21.04 -82.34
CA ASP F 255 11.48 21.91 -83.12
C ASP F 255 11.70 23.37 -82.79
N ILE F 256 11.94 23.69 -81.51
CA ILE F 256 12.21 25.07 -81.13
C ILE F 256 13.51 25.55 -81.76
N ILE F 257 14.55 24.72 -81.72
CA ILE F 257 15.86 25.14 -82.19
C ILE F 257 15.87 25.28 -83.71
N ASN F 258 15.37 24.27 -84.42
CA ASN F 258 15.56 24.17 -85.86
C ASN F 258 14.33 24.57 -86.67
N LYS F 259 13.15 24.10 -86.29
CA LYS F 259 11.95 24.30 -87.08
C LYS F 259 11.42 25.73 -87.05
N ASP F 260 12.14 26.65 -86.38
CA ASP F 260 11.85 28.07 -86.29
C ASP F 260 10.36 28.40 -86.27
N ASP F 261 9.61 27.67 -85.46
CA ASP F 261 8.17 27.89 -85.34
C ASP F 261 7.87 28.96 -84.30
N PHE F 262 6.63 29.44 -84.32
CA PHE F 262 6.20 30.42 -83.33
C PHE F 262 6.19 29.80 -81.94
N TYR F 263 6.67 30.56 -80.96
CA TYR F 263 6.79 30.05 -79.61
C TYR F 263 5.43 29.81 -78.99
N ARG F 264 5.32 28.74 -78.20
CA ARG F 264 4.10 28.39 -77.49
C ARG F 264 4.50 27.88 -76.10
N GLY F 265 3.54 27.27 -75.40
CA GLY F 265 3.81 26.75 -74.08
C GLY F 265 4.57 25.43 -74.09
N GLN F 266 5.79 25.46 -74.64
CA GLN F 266 6.60 24.24 -74.71
C GLN F 266 7.25 23.94 -73.36
N HIS F 267 8.09 24.85 -72.88
CA HIS F 267 8.74 24.73 -71.59
C HIS F 267 8.63 26.04 -70.83
N LEU F 268 8.51 25.94 -69.51
CA LEU F 268 8.32 27.11 -68.67
C LEU F 268 9.67 27.62 -68.19
N ILE F 269 9.96 28.90 -68.49
CA ILE F 269 11.16 29.57 -68.03
C ILE F 269 10.77 30.99 -67.64
N TYR F 270 11.64 31.65 -66.86
CA TYR F 270 11.35 32.98 -66.31
C TYR F 270 12.47 33.95 -66.67
N PRO F 271 12.62 34.31 -67.94
CA PRO F 271 13.54 35.39 -68.29
C PRO F 271 12.85 36.74 -68.31
N GLY F 272 13.40 37.72 -67.60
CA GLY F 272 12.84 39.05 -67.60
C GLY F 272 12.92 39.68 -66.22
N ALA F 273 12.18 40.76 -66.07
CA ALA F 273 12.14 41.54 -64.83
C ALA F 273 10.92 41.21 -63.97
N ASN F 274 9.73 41.14 -64.59
CA ASN F 274 8.49 40.87 -63.86
C ASN F 274 8.33 39.35 -63.72
N LYS F 275 8.66 38.84 -62.54
CA LYS F 275 8.50 37.42 -62.25
C LYS F 275 7.17 37.10 -61.59
N TYR F 276 6.36 38.11 -61.28
CA TYR F 276 5.06 37.91 -60.65
C TYR F 276 3.91 37.97 -61.64
N SER F 277 4.20 38.15 -62.93
CA SER F 277 3.14 38.25 -63.92
C SER F 277 2.37 36.95 -64.06
N HIS F 278 3.08 35.82 -64.03
CA HIS F 278 2.45 34.52 -64.26
C HIS F 278 1.71 34.09 -63.00
N THR F 279 0.38 34.13 -63.04
CA THR F 279 -0.46 33.85 -61.89
C THR F 279 -0.81 32.38 -61.72
N ILE F 280 -0.93 31.63 -62.82
CA ILE F 280 -1.30 30.22 -62.76
C ILE F 280 -0.07 29.38 -62.45
N GLY F 281 1.07 30.03 -62.27
CA GLY F 281 2.27 29.34 -61.83
C GLY F 281 2.44 29.37 -60.32
N PHE F 282 2.15 28.25 -59.66
CA PHE F 282 2.28 28.13 -58.22
C PHE F 282 3.59 27.48 -57.79
N VAL F 283 4.48 27.18 -58.73
CA VAL F 283 5.77 26.60 -58.41
C VAL F 283 6.78 27.66 -57.97
N TYR F 284 6.71 28.84 -58.57
CA TYR F 284 7.60 29.94 -58.19
C TYR F 284 7.40 30.32 -56.73
N GLY F 285 6.13 30.45 -56.32
CA GLY F 285 5.84 30.89 -54.96
C GLY F 285 6.33 29.90 -53.91
N GLU F 286 6.17 28.61 -54.17
CA GLU F 286 6.63 27.61 -53.21
C GLU F 286 8.14 27.67 -53.02
N MET F 287 8.89 27.76 -54.12
CA MET F 287 10.34 27.83 -54.03
C MET F 287 10.78 29.08 -53.28
N PHE F 288 10.17 30.23 -53.58
CA PHE F 288 10.62 31.45 -52.92
C PHE F 288 10.18 31.52 -51.46
N ARG F 289 9.02 30.93 -51.14
CA ARG F 289 8.64 30.79 -49.74
C ARG F 289 9.63 29.92 -48.98
N ARG F 290 10.07 28.82 -49.59
CA ARG F 290 11.06 27.97 -48.94
C ARG F 290 12.38 28.71 -48.75
N PHE F 291 12.78 29.50 -49.75
CA PHE F 291 13.99 30.32 -49.62
C PHE F 291 13.87 31.30 -48.46
N GLY F 292 12.73 31.99 -48.36
CA GLY F 292 12.52 32.90 -47.26
C GLY F 292 12.49 32.22 -45.90
N GLU F 293 11.94 31.00 -45.85
CA GLU F 293 11.86 30.28 -44.59
C GLU F 293 13.24 29.78 -44.15
N PHE F 294 14.10 29.41 -45.10
CA PHE F 294 15.40 28.86 -44.75
C PHE F 294 16.26 29.87 -44.01
N ILE F 295 16.19 31.14 -44.39
CA ILE F 295 17.10 32.15 -43.87
C ILE F 295 16.56 32.76 -42.59
N SER F 296 15.49 32.18 -42.05
CA SER F 296 14.87 32.67 -40.82
C SER F 296 15.18 31.77 -39.62
N LYS F 297 16.17 30.89 -39.74
CA LYS F 297 16.51 29.97 -38.67
C LYS F 297 17.84 30.34 -38.03
N PRO F 298 18.01 30.08 -36.73
CA PRO F 298 19.28 30.40 -36.07
C PRO F 298 20.41 29.53 -36.58
N GLN F 299 21.64 30.05 -36.47
CA GLN F 299 22.87 29.34 -36.80
C GLN F 299 22.86 28.89 -38.27
N THR F 300 22.85 29.90 -39.14
CA THR F 300 22.76 29.70 -40.58
C THR F 300 23.96 30.32 -41.28
N ALA F 301 24.47 29.62 -42.30
CA ALA F 301 25.55 30.13 -43.14
C ALA F 301 25.16 29.95 -44.60
N LEU F 302 25.67 30.84 -45.45
CA LEU F 302 25.29 30.83 -46.85
C LEU F 302 26.44 31.37 -47.70
N PHE F 303 26.89 30.57 -48.66
CA PHE F 303 27.92 30.96 -49.61
C PHE F 303 27.28 31.33 -50.95
N ILE F 304 27.80 32.37 -51.58
CA ILE F 304 27.28 32.87 -52.86
C ILE F 304 28.42 32.91 -53.86
N ASN F 305 28.17 32.39 -55.06
CA ASN F 305 29.16 32.42 -56.13
C ASN F 305 28.45 32.52 -57.47
N GLY F 306 29.11 33.21 -58.41
CA GLY F 306 28.57 33.35 -59.75
C GLY F 306 27.29 34.16 -59.84
N PHE F 307 27.14 35.20 -59.02
CA PHE F 307 25.96 36.04 -59.01
C PHE F 307 26.34 37.47 -59.38
N GLY F 308 25.62 38.05 -60.34
CA GLY F 308 25.87 39.39 -60.80
C GLY F 308 25.09 40.48 -60.10
N PHE F 309 24.22 40.14 -59.16
CA PHE F 309 23.44 41.10 -58.38
C PHE F 309 22.60 41.99 -59.30
N GLY F 310 21.69 41.36 -60.03
CA GLY F 310 20.87 42.08 -60.97
C GLY F 310 19.38 41.82 -60.83
N ASP F 311 18.97 41.16 -59.74
CA ASP F 311 17.58 40.86 -59.48
C ASP F 311 17.14 41.61 -58.22
N TYR F 312 16.06 42.36 -58.34
CA TYR F 312 15.56 43.16 -57.21
C TYR F 312 15.12 42.28 -56.06
N HIS F 313 14.46 41.16 -56.36
CA HIS F 313 13.83 40.37 -55.32
C HIS F 313 14.86 39.68 -54.44
N ILE F 314 15.95 39.19 -55.05
CA ILE F 314 16.96 38.44 -54.30
C ILE F 314 17.69 39.36 -53.32
N ASN F 315 18.14 40.53 -53.78
CA ASN F 315 18.84 41.42 -52.88
C ASN F 315 17.89 42.24 -52.01
N ARG F 316 16.59 42.19 -52.27
CA ARG F 316 15.64 42.65 -51.27
C ARG F 316 15.50 41.64 -50.14
N ILE F 317 15.54 40.35 -50.48
CA ILE F 317 15.47 39.31 -49.45
C ILE F 317 16.74 39.31 -48.60
N ILE F 318 17.91 39.38 -49.24
CA ILE F 318 19.17 39.17 -48.54
C ILE F 318 19.39 40.24 -47.48
N LEU F 319 19.10 41.50 -47.83
CA LEU F 319 19.35 42.60 -46.91
C LEU F 319 18.53 42.47 -45.64
N GLY F 320 17.28 42.01 -45.76
CA GLY F 320 16.41 41.87 -44.60
C GLY F 320 16.76 40.73 -43.68
N ALA F 321 17.62 39.81 -44.10
CA ALA F 321 18.01 38.68 -43.27
C ALA F 321 19.21 38.98 -42.41
N LEU F 322 19.82 40.15 -42.54
CA LEU F 322 20.99 40.52 -41.76
C LEU F 322 20.65 41.06 -40.38
N LEU F 323 19.36 41.17 -40.05
CA LEU F 323 18.92 41.65 -38.76
C LEU F 323 18.81 40.54 -37.72
N ASN F 324 19.06 39.29 -38.11
CA ASN F 324 19.05 38.17 -37.19
C ASN F 324 20.48 37.86 -36.75
N PRO F 325 20.80 37.92 -35.46
CA PRO F 325 22.21 37.82 -35.06
C PRO F 325 22.74 36.39 -35.03
N SER F 326 22.39 35.58 -36.04
CA SER F 326 22.99 34.27 -36.18
C SER F 326 23.22 33.90 -37.64
N PHE F 327 23.25 34.88 -38.54
CA PHE F 327 23.30 34.64 -39.98
C PHE F 327 24.57 35.25 -40.55
N HIS F 328 25.41 34.42 -41.16
CA HIS F 328 26.64 34.86 -41.79
C HIS F 328 26.58 34.58 -43.29
N VAL F 329 27.21 35.46 -44.07
CA VAL F 329 27.20 35.36 -45.52
C VAL F 329 28.61 35.61 -46.05
N VAL F 330 28.99 34.84 -47.06
CA VAL F 330 30.26 34.99 -47.75
C VAL F 330 29.97 35.19 -49.23
N ILE F 331 30.58 36.22 -49.83
CA ILE F 331 30.28 36.64 -51.19
C ILE F 331 31.56 36.66 -52.01
N TYR F 332 31.50 36.07 -53.20
CA TYR F 332 32.60 36.09 -54.16
C TYR F 332 32.23 37.02 -55.30
N TYR F 333 33.13 37.96 -55.63
CA TYR F 333 32.89 38.92 -56.70
C TYR F 333 34.24 39.31 -57.30
N PRO F 334 34.57 38.77 -58.48
CA PRO F 334 35.88 39.06 -59.09
C PRO F 334 36.14 40.54 -59.32
N GLU F 335 35.27 41.21 -60.08
CA GLU F 335 35.48 42.61 -60.44
C GLU F 335 34.93 43.50 -59.33
N LEU F 336 35.79 43.81 -58.36
CA LEU F 336 35.41 44.65 -57.23
C LEU F 336 36.09 46.00 -57.21
N LYS F 337 37.36 46.06 -57.64
CA LYS F 337 38.07 47.34 -57.66
C LYS F 337 37.40 48.32 -58.63
N GLU F 338 36.96 47.83 -59.78
CA GLU F 338 36.28 48.70 -60.74
C GLU F 338 34.99 49.26 -60.15
N ALA F 339 34.22 48.41 -59.45
CA ALA F 339 33.00 48.89 -58.81
C ALA F 339 33.31 49.91 -57.72
N ILE F 340 34.34 49.67 -56.93
CA ILE F 340 34.68 50.60 -55.86
C ILE F 340 35.10 51.95 -56.43
N THR F 341 35.94 51.94 -57.46
CA THR F 341 36.42 53.20 -58.03
C THR F 341 35.30 53.95 -58.76
N LYS F 342 34.45 53.23 -59.50
CA LYS F 342 33.48 53.89 -60.36
C LYS F 342 32.32 54.51 -59.57
N VAL F 343 31.94 53.94 -58.44
CA VAL F 343 30.85 54.51 -57.64
C VAL F 343 31.28 55.80 -56.96
N SER F 344 32.51 55.86 -56.45
CA SER F 344 33.00 57.03 -55.73
C SER F 344 33.12 58.27 -56.61
N LYS F 345 33.16 58.11 -57.94
CA LYS F 345 33.27 59.23 -58.85
C LYS F 345 31.92 59.72 -59.37
N GLY F 346 30.81 59.21 -58.83
CA GLY F 346 29.50 59.63 -59.27
C GLY F 346 28.50 58.50 -59.34
N GLY F 347 28.98 57.28 -59.47
CA GLY F 347 28.12 56.12 -59.45
C GLY F 347 28.06 55.43 -60.81
N GLY F 348 27.87 54.11 -60.77
CA GLY F 348 27.72 53.33 -61.99
C GLY F 348 26.31 52.78 -62.15
N SER F 349 26.20 51.52 -62.55
CA SER F 349 24.91 50.88 -62.71
C SER F 349 24.32 50.50 -61.36
N GLU F 350 23.05 50.11 -61.37
CA GLU F 350 22.39 49.70 -60.15
C GLU F 350 22.98 48.42 -59.57
N ALA F 351 23.63 47.60 -60.40
CA ALA F 351 24.22 46.36 -59.90
C ALA F 351 25.52 46.60 -59.14
N GLU F 352 26.16 47.75 -59.32
CA GLU F 352 27.42 48.05 -58.68
C GLU F 352 27.26 48.84 -57.39
N LYS F 353 26.04 49.09 -56.94
CA LYS F 353 25.81 49.80 -55.69
C LYS F 353 25.47 48.87 -54.53
N ALA F 354 24.80 47.74 -54.80
CA ALA F 354 24.46 46.82 -53.73
C ALA F 354 25.70 46.22 -53.10
N ILE F 355 26.69 45.86 -53.92
CA ILE F 355 27.91 45.27 -53.38
C ILE F 355 28.70 46.29 -52.57
N VAL F 356 28.72 47.55 -53.02
CA VAL F 356 29.40 48.60 -52.26
C VAL F 356 28.69 48.83 -50.93
N THR F 357 27.35 48.84 -50.95
CA THR F 357 26.59 49.03 -49.71
C THR F 357 26.85 47.89 -48.73
N LEU F 358 26.84 46.64 -49.22
CA LEU F 358 27.09 45.51 -48.33
C LEU F 358 28.53 45.53 -47.80
N LYS F 359 29.49 45.91 -48.63
CA LYS F 359 30.88 45.91 -48.20
C LYS F 359 31.16 46.95 -47.11
N ASN F 360 30.36 48.01 -47.05
CA ASN F 360 30.62 49.12 -46.14
C ASN F 360 29.87 49.01 -44.82
N MET F 361 29.18 47.90 -44.58
CA MET F 361 28.51 47.72 -43.31
C MET F 361 29.52 47.51 -42.18
N ALA F 362 29.09 47.80 -40.96
CA ALA F 362 29.92 47.70 -39.78
C ALA F 362 29.56 46.49 -38.92
N PHE F 363 28.97 45.46 -39.52
CA PHE F 363 28.61 44.24 -38.81
C PHE F 363 29.64 43.15 -39.09
N ASN F 364 29.94 42.36 -38.07
CA ASN F 364 30.86 41.23 -38.20
C ASN F 364 30.13 39.98 -38.71
N GLN F 365 29.37 40.14 -39.78
CA GLN F 365 28.63 39.03 -40.35
C GLN F 365 28.66 39.04 -41.88
N VAL F 366 29.41 39.95 -42.51
CA VAL F 366 29.47 40.04 -43.96
C VAL F 366 30.94 39.99 -44.38
N THR F 367 31.25 39.14 -45.34
CA THR F 367 32.60 39.02 -45.88
C THR F 367 32.53 39.07 -47.41
N VAL F 368 33.41 39.86 -48.01
CA VAL F 368 33.47 40.02 -49.46
C VAL F 368 34.87 39.63 -49.92
N VAL F 369 34.93 38.76 -50.92
CA VAL F 369 36.19 38.27 -51.47
C VAL F 369 36.22 38.60 -52.96
N GLY F 370 37.30 39.23 -53.41
CA GLY F 370 37.46 39.56 -54.81
C GLY F 370 38.88 39.40 -55.28
N GLY F 371 39.18 39.90 -56.48
CA GLY F 371 40.54 39.83 -57.00
C GLY F 371 40.69 39.03 -58.28
N GLY F 372 39.65 38.99 -59.11
CA GLY F 372 39.76 38.38 -60.42
C GLY F 372 39.79 36.87 -60.42
N SER F 373 40.93 36.29 -60.80
CA SER F 373 41.05 34.86 -60.98
C SER F 373 41.03 34.09 -59.66
N LYS F 374 41.09 34.76 -58.52
CA LYS F 374 41.09 34.10 -57.23
C LYS F 374 39.70 33.97 -56.63
N ALA F 375 38.65 34.37 -57.38
CA ALA F 375 37.28 34.28 -56.90
C ALA F 375 36.41 33.45 -57.84
N TYR F 376 37.00 32.51 -58.58
CA TYR F 376 36.24 31.69 -59.50
C TYR F 376 35.69 30.47 -58.78
N PHE F 377 35.00 29.61 -59.55
CA PHE F 377 34.35 28.44 -58.96
C PHE F 377 35.37 27.46 -58.39
N ASN F 378 36.48 27.26 -59.11
CA ASN F 378 37.47 26.28 -58.67
C ASN F 378 38.09 26.67 -57.34
N SER F 379 38.41 27.95 -57.17
CA SER F 379 38.95 28.41 -55.89
C SER F 379 37.94 28.24 -54.77
N PHE F 380 36.65 28.48 -55.05
CA PHE F 380 35.61 28.29 -54.04
C PHE F 380 35.54 26.83 -53.62
N VAL F 381 35.58 25.90 -54.57
CA VAL F 381 35.52 24.49 -54.23
C VAL F 381 36.76 24.08 -53.45
N GLU F 382 37.92 24.64 -53.79
CA GLU F 382 39.16 24.23 -53.14
C GLU F 382 39.28 24.73 -51.70
N HIS F 383 38.52 25.76 -51.33
CA HIS F 383 38.66 26.33 -49.99
C HIS F 383 38.04 25.46 -48.91
N LEU F 384 36.97 24.73 -49.22
CA LEU F 384 36.28 23.96 -48.21
C LEU F 384 37.14 22.80 -47.72
N PRO F 385 37.06 22.47 -46.43
CA PRO F 385 37.94 21.44 -45.87
C PRO F 385 37.31 20.05 -45.83
N TYR F 386 38.18 19.05 -45.83
CA TYR F 386 37.79 17.68 -45.56
C TYR F 386 37.60 17.47 -44.06
N PRO F 387 36.76 16.52 -43.67
CA PRO F 387 36.58 16.24 -42.24
C PRO F 387 37.72 15.38 -41.70
N VAL F 388 37.86 15.41 -40.37
CA VAL F 388 38.84 14.60 -39.66
C VAL F 388 38.09 13.47 -38.96
N LEU F 389 38.43 12.23 -39.32
CA LEU F 389 37.70 11.08 -38.78
C LEU F 389 38.09 10.82 -37.33
N PHE F 390 39.37 10.89 -37.01
CA PHE F 390 39.87 10.63 -35.67
C PHE F 390 40.67 11.84 -35.18
N PRO F 391 40.28 12.46 -34.06
CA PRO F 391 40.97 13.63 -33.51
C PRO F 391 42.42 13.34 -33.13
N SER G 2 -15.77 -26.30 -51.38
CA SER G 2 -15.81 -24.85 -51.28
C SER G 2 -14.62 -24.32 -50.48
N ILE G 3 -14.67 -24.52 -49.16
CA ILE G 3 -13.60 -24.11 -48.26
C ILE G 3 -13.11 -25.34 -47.52
N TYR G 4 -11.80 -25.56 -47.53
CA TYR G 4 -11.20 -26.71 -46.88
C TYR G 4 -10.06 -26.27 -45.98
N GLN G 5 -9.82 -27.04 -44.92
CA GLN G 5 -8.70 -26.80 -44.02
C GLN G 5 -8.21 -28.17 -43.53
N GLY G 6 -7.18 -28.68 -44.21
CA GLY G 6 -6.67 -30.00 -43.91
C GLY G 6 -7.52 -31.14 -44.41
N GLY G 7 -8.47 -30.87 -45.32
CA GLY G 7 -9.35 -31.89 -45.86
C GLY G 7 -10.72 -31.93 -45.23
N ASN G 8 -11.04 -31.02 -44.33
CA ASN G 8 -12.31 -31.03 -43.61
C ASN G 8 -13.33 -30.18 -44.36
N LYS G 9 -14.44 -29.83 -43.72
CA LYS G 9 -15.46 -28.98 -44.29
C LYS G 9 -15.65 -27.76 -43.40
N LEU G 10 -15.67 -26.58 -44.01
CA LEU G 10 -15.85 -25.34 -43.29
C LEU G 10 -16.84 -24.45 -44.03
N ASN G 11 -17.44 -23.53 -43.28
CA ASN G 11 -18.40 -22.59 -43.81
C ASN G 11 -17.68 -21.34 -44.31
N GLU G 12 -18.43 -20.28 -44.59
CA GLU G 12 -17.83 -19.04 -45.07
C GLU G 12 -17.52 -18.08 -43.93
N ASP G 13 -18.40 -18.02 -42.93
CA ASP G 13 -18.23 -17.04 -41.85
C ASP G 13 -16.98 -17.32 -41.04
N ASP G 14 -16.71 -18.59 -40.74
CA ASP G 14 -15.49 -18.91 -40.00
C ASP G 14 -14.24 -18.58 -40.83
N PHE G 15 -14.30 -18.76 -42.14
CA PHE G 15 -13.19 -18.37 -42.99
C PHE G 15 -12.97 -16.85 -42.96
N ARG G 16 -14.06 -16.08 -42.99
CA ARG G 16 -13.92 -14.62 -42.88
C ARG G 16 -13.32 -14.24 -41.53
N SER G 17 -13.74 -14.90 -40.46
CA SER G 17 -13.14 -14.63 -39.15
C SER G 17 -11.65 -14.97 -39.15
N HIS G 18 -11.29 -16.10 -39.78
CA HIS G 18 -9.89 -16.50 -39.83
C HIS G 18 -9.04 -15.50 -40.61
N VAL G 19 -9.54 -15.03 -41.76
CA VAL G 19 -8.76 -14.08 -42.55
C VAL G 19 -8.66 -12.74 -41.84
N TYR G 20 -9.74 -12.33 -41.14
CA TYR G 20 -9.66 -11.12 -40.32
C TYR G 20 -8.63 -11.27 -39.21
N SER G 21 -8.56 -12.44 -38.58
CA SER G 21 -7.58 -12.65 -37.53
C SER G 21 -6.16 -12.61 -38.08
N LEU G 22 -5.93 -13.23 -39.23
CA LEU G 22 -4.59 -13.27 -39.80
C LEU G 22 -4.17 -11.94 -40.42
N CYS G 23 -5.12 -11.08 -40.78
CA CYS G 23 -4.77 -9.81 -41.42
C CYS G 23 -4.03 -8.86 -40.46
N GLN G 24 -4.10 -9.11 -39.16
CA GLN G 24 -3.41 -8.26 -38.20
C GLN G 24 -2.03 -8.79 -37.83
N LEU G 25 -1.55 -9.82 -38.51
CA LEU G 25 -0.22 -10.35 -38.23
C LEU G 25 0.84 -9.34 -38.62
N ASP G 26 2.03 -9.48 -38.01
CA ASP G 26 3.10 -8.51 -38.19
C ASP G 26 3.54 -8.42 -39.66
N ASN G 27 3.71 -9.56 -40.31
CA ASN G 27 4.20 -9.61 -41.68
C ASN G 27 3.11 -10.13 -42.60
N VAL G 28 2.88 -9.42 -43.71
CA VAL G 28 1.88 -9.79 -44.70
C VAL G 28 2.54 -9.83 -46.07
N GLY G 29 2.22 -10.87 -46.84
CA GLY G 29 2.78 -11.02 -48.17
C GLY G 29 1.75 -11.59 -49.12
N VAL G 30 1.76 -11.07 -50.35
CA VAL G 30 0.81 -11.46 -51.37
C VAL G 30 1.56 -11.91 -52.60
N LEU G 31 1.19 -13.06 -53.15
CA LEU G 31 1.80 -13.60 -54.35
C LEU G 31 0.75 -13.67 -55.46
N LEU G 32 1.09 -13.12 -56.62
CA LEU G 32 0.20 -13.09 -57.78
C LEU G 32 0.76 -14.00 -58.87
N GLY G 33 0.08 -14.00 -60.01
CA GLY G 33 0.47 -14.85 -61.12
C GLY G 33 -0.12 -14.33 -62.41
N ALA G 34 0.00 -15.17 -63.45
CA ALA G 34 -0.48 -14.77 -64.77
C ALA G 34 -1.99 -14.76 -64.90
N GLY G 35 -2.70 -15.45 -63.99
CA GLY G 35 -4.15 -15.47 -64.06
C GLY G 35 -4.83 -14.28 -63.43
N ALA G 36 -4.09 -13.49 -62.64
CA ALA G 36 -4.68 -12.35 -61.96
C ALA G 36 -4.97 -11.18 -62.90
N SER G 37 -4.20 -11.05 -63.98
CA SER G 37 -4.33 -9.91 -64.88
C SER G 37 -5.31 -10.14 -66.01
N VAL G 38 -5.91 -11.34 -66.11
CA VAL G 38 -6.83 -11.61 -67.21
C VAL G 38 -8.07 -10.73 -67.13
N GLY G 39 -8.43 -10.29 -65.92
CA GLY G 39 -9.60 -9.44 -65.77
C GLY G 39 -9.45 -8.11 -66.48
N CYS G 40 -8.24 -7.58 -66.52
CA CYS G 40 -7.96 -6.30 -67.17
C CYS G 40 -7.57 -6.46 -68.63
N GLY G 41 -7.51 -7.68 -69.15
CA GLY G 41 -7.18 -7.89 -70.55
C GLY G 41 -5.95 -8.75 -70.76
N GLY G 42 -5.65 -9.63 -69.79
CA GLY G 42 -4.52 -10.52 -69.88
C GLY G 42 -4.85 -11.80 -70.64
N LYS G 43 -3.87 -12.70 -70.65
CA LYS G 43 -4.00 -13.98 -71.33
C LYS G 43 -3.34 -15.05 -70.47
N THR G 44 -3.16 -16.23 -71.05
CA THR G 44 -2.60 -17.37 -70.35
C THR G 44 -1.70 -18.13 -71.33
N MET G 45 -0.73 -18.86 -70.77
CA MET G 45 0.22 -19.60 -71.60
C MET G 45 -0.49 -20.56 -72.54
N LYS G 46 -1.57 -21.19 -72.06
CA LYS G 46 -2.36 -22.05 -72.93
C LYS G 46 -2.89 -21.27 -74.13
N ASP G 47 -3.43 -20.07 -73.87
CA ASP G 47 -3.98 -19.26 -74.94
C ASP G 47 -2.91 -18.82 -75.94
N VAL G 48 -1.73 -18.43 -75.45
CA VAL G 48 -0.70 -17.98 -76.37
C VAL G 48 -0.17 -19.14 -77.19
N TRP G 49 -0.08 -20.34 -76.60
CA TRP G 49 0.31 -21.51 -77.38
C TRP G 49 -0.73 -21.82 -78.44
N LYS G 50 -2.02 -21.75 -78.08
CA LYS G 50 -3.09 -22.00 -79.03
C LYS G 50 -3.03 -21.01 -80.19
N SER G 51 -2.81 -19.73 -79.88
CA SER G 51 -2.70 -18.73 -80.93
C SER G 51 -1.47 -18.98 -81.81
N PHE G 52 -0.36 -19.41 -81.21
CA PHE G 52 0.83 -19.68 -81.97
C PHE G 52 0.64 -20.85 -82.93
N LYS G 53 -0.18 -21.83 -82.54
CA LYS G 53 -0.39 -23.00 -83.39
C LYS G 53 -1.01 -22.62 -84.73
N GLN G 54 -2.04 -21.78 -84.70
CA GLN G 54 -2.81 -21.49 -85.91
C GLN G 54 -2.30 -20.27 -86.66
N ASN G 55 -1.20 -19.65 -86.22
CA ASN G 55 -0.67 -18.48 -86.90
C ASN G 55 0.55 -18.79 -87.76
N TYR G 56 1.49 -19.58 -87.25
CA TYR G 56 2.72 -19.89 -87.95
C TYR G 56 2.92 -21.41 -87.94
N PRO G 57 2.11 -22.15 -88.69
CA PRO G 57 2.13 -23.61 -88.57
C PRO G 57 3.31 -24.27 -89.26
N GLU G 58 3.96 -23.60 -90.21
CA GLU G 58 5.03 -24.25 -90.98
C GLU G 58 6.20 -24.65 -90.08
N LEU G 59 6.58 -23.79 -89.14
CA LEU G 59 7.74 -24.03 -88.30
C LEU G 59 7.42 -24.77 -87.01
N LEU G 60 6.15 -25.15 -86.80
CA LEU G 60 5.80 -25.92 -85.62
C LEU G 60 6.43 -27.31 -85.65
N GLY G 61 6.50 -27.93 -86.83
CA GLY G 61 7.14 -29.22 -86.95
C GLY G 61 8.65 -29.18 -86.98
N ALA G 62 9.22 -28.00 -87.25
CA ALA G 62 10.69 -27.89 -87.29
C ALA G 62 11.31 -28.08 -85.91
N LEU G 63 10.55 -27.78 -84.85
CA LEU G 63 11.06 -27.98 -83.49
C LEU G 63 10.82 -29.38 -82.95
N ILE G 64 10.11 -30.23 -83.70
CA ILE G 64 9.81 -31.57 -83.24
C ILE G 64 10.54 -32.64 -84.05
N ASP G 65 10.70 -32.45 -85.36
CA ASP G 65 11.33 -33.47 -86.19
C ASP G 65 12.85 -33.35 -86.24
N LYS G 66 13.40 -32.15 -86.06
CA LYS G 66 14.82 -31.90 -86.25
C LYS G 66 15.59 -31.75 -84.95
N TYR G 67 15.03 -31.02 -83.97
CA TYR G 67 15.78 -30.66 -82.77
C TYR G 67 15.19 -31.21 -81.48
N LEU G 68 13.95 -31.67 -81.49
CA LEU G 68 13.32 -32.31 -80.32
C LEU G 68 13.32 -31.40 -79.10
N LEU G 69 12.56 -30.30 -79.23
CA LEU G 69 12.40 -29.35 -78.13
C LEU G 69 10.99 -29.33 -77.55
N VAL G 70 10.00 -29.90 -78.24
CA VAL G 70 8.62 -29.91 -77.79
C VAL G 70 8.06 -31.32 -77.91
N SER G 71 7.31 -31.76 -76.91
CA SER G 71 6.69 -33.07 -76.92
C SER G 71 5.32 -33.00 -77.60
N GLN G 72 4.99 -34.06 -78.35
CA GLN G 72 3.76 -34.06 -79.13
C GLN G 72 2.53 -34.06 -78.23
N ILE G 73 2.56 -34.82 -77.14
CA ILE G 73 1.39 -34.93 -76.26
C ILE G 73 1.07 -33.58 -75.66
N ASP G 74 2.08 -32.88 -75.14
CA ASP G 74 1.85 -31.55 -74.61
C ASP G 74 1.52 -30.56 -75.72
N SER G 75 2.06 -30.78 -76.93
CA SER G 75 1.80 -29.86 -78.03
C SER G 75 0.34 -29.87 -78.43
N ASP G 76 -0.24 -31.05 -78.65
CA ASP G 76 -1.65 -31.09 -79.03
C ASP G 76 -2.56 -30.98 -77.82
N ASN G 77 -2.03 -31.20 -76.62
CA ASN G 77 -2.82 -30.96 -75.40
C ASN G 77 -2.68 -29.54 -74.89
N ASN G 78 -1.75 -28.75 -75.43
CA ASN G 78 -1.59 -27.34 -75.08
C ASN G 78 -1.25 -27.16 -73.60
N LEU G 79 -0.15 -27.81 -73.18
CA LEU G 79 0.32 -27.72 -71.80
C LEU G 79 1.84 -27.60 -71.77
N VAL G 80 2.39 -26.75 -72.64
CA VAL G 80 3.84 -26.59 -72.78
C VAL G 80 4.31 -25.45 -71.89
N ASN G 81 5.60 -25.47 -71.58
CA ASN G 81 6.24 -24.45 -70.75
C ASN G 81 7.01 -23.51 -71.69
N VAL G 82 6.50 -22.29 -71.86
CA VAL G 82 7.07 -21.38 -72.85
C VAL G 82 8.34 -20.68 -72.36
N GLU G 83 8.51 -20.54 -71.04
CA GLU G 83 9.68 -19.83 -70.53
C GLU G 83 10.98 -20.55 -70.87
N LEU G 84 11.01 -21.88 -70.71
CA LEU G 84 12.23 -22.62 -70.97
C LEU G 84 12.57 -22.66 -72.46
N LEU G 85 11.55 -22.65 -73.32
CA LEU G 85 11.80 -22.73 -74.76
C LEU G 85 12.58 -21.53 -75.25
N ILE G 86 12.27 -20.33 -74.75
CA ILE G 86 12.98 -19.13 -75.16
C ILE G 86 14.45 -19.22 -74.74
N ASP G 87 14.71 -19.71 -73.52
CA ASP G 87 16.08 -19.85 -73.05
C ASP G 87 16.85 -20.85 -73.91
N GLU G 88 16.24 -21.98 -74.24
CA GLU G 88 16.91 -22.94 -75.11
C GLU G 88 17.19 -22.36 -76.48
N ALA G 89 16.23 -21.61 -77.04
CA ALA G 89 16.44 -21.00 -78.35
C ALA G 89 17.58 -20.00 -78.32
N THR G 90 17.64 -19.18 -77.28
CA THR G 90 18.73 -18.20 -77.15
C THR G 90 20.07 -18.90 -77.02
N LYS G 91 20.13 -19.97 -76.22
CA LYS G 91 21.38 -20.71 -76.09
C LYS G 91 21.80 -21.33 -77.41
N PHE G 92 20.85 -21.89 -78.16
CA PHE G 92 21.16 -22.45 -79.47
C PHE G 92 21.70 -21.39 -80.41
N LEU G 93 21.06 -20.21 -80.42
CA LEU G 93 21.53 -19.13 -81.30
C LEU G 93 22.94 -18.69 -80.92
N SER G 94 23.21 -18.58 -79.62
CA SER G 94 24.54 -18.17 -79.18
C SER G 94 25.60 -19.19 -79.58
N VAL G 95 25.29 -20.48 -79.40
CA VAL G 95 26.24 -21.52 -79.78
C VAL G 95 26.50 -21.51 -81.28
N ALA G 96 25.43 -21.38 -82.07
CA ALA G 96 25.59 -21.34 -83.53
C ALA G 96 26.41 -20.13 -83.96
N LYS G 97 26.15 -18.96 -83.35
CA LYS G 97 26.89 -17.76 -83.73
C LYS G 97 28.36 -17.88 -83.38
N THR G 98 28.66 -18.41 -82.19
CA THR G 98 30.07 -18.59 -81.80
C THR G 98 30.77 -19.59 -82.70
N ARG G 99 30.08 -20.68 -83.06
CA ARG G 99 30.66 -21.69 -83.94
C ARG G 99 30.89 -21.17 -85.35
N ARG G 100 30.24 -20.08 -85.74
CA ARG G 100 30.25 -19.55 -87.11
C ARG G 100 29.65 -20.59 -88.07
N CYS G 101 28.35 -20.82 -87.88
CA CYS G 101 27.53 -21.67 -88.74
C CYS G 101 26.49 -20.78 -89.40
N GLU G 102 26.68 -20.49 -90.69
CA GLU G 102 25.82 -19.52 -91.36
C GLU G 102 24.42 -20.07 -91.61
N ASP G 103 24.31 -21.35 -91.96
CA ASP G 103 23.02 -21.90 -92.37
C ASP G 103 22.05 -21.98 -91.20
N GLU G 104 22.48 -22.55 -90.07
CA GLU G 104 21.57 -22.76 -88.96
C GLU G 104 21.25 -21.45 -88.23
N GLU G 105 22.17 -20.49 -88.27
CA GLU G 105 21.95 -19.23 -87.56
C GLU G 105 20.72 -18.50 -88.10
N GLU G 106 20.56 -18.48 -89.41
CA GLU G 106 19.40 -17.81 -90.00
C GLU G 106 18.09 -18.47 -89.61
N GLU G 107 18.10 -19.79 -89.41
CA GLU G 107 16.86 -20.50 -89.13
C GLU G 107 16.37 -20.23 -87.71
N PHE G 108 17.27 -19.89 -86.78
CA PHE G 108 16.87 -19.70 -85.40
C PHE G 108 16.40 -18.29 -85.09
N ARG G 109 16.83 -17.28 -85.86
CA ARG G 109 16.31 -15.94 -85.65
C ARG G 109 14.85 -15.83 -86.08
N LYS G 110 14.45 -16.57 -87.11
CA LYS G 110 13.07 -16.49 -87.59
C LYS G 110 12.09 -16.96 -86.52
N ILE G 111 12.45 -18.00 -85.78
CA ILE G 111 11.57 -18.52 -84.73
C ILE G 111 11.46 -17.53 -83.59
N LEU G 112 12.59 -16.94 -83.18
CA LEU G 112 12.61 -16.06 -82.02
C LEU G 112 11.75 -14.82 -82.25
N SER G 113 11.78 -14.29 -83.47
CA SER G 113 10.97 -13.10 -83.77
C SER G 113 9.49 -13.40 -83.59
N SER G 114 9.03 -14.54 -84.11
CA SER G 114 7.64 -14.92 -83.96
C SER G 114 7.28 -15.15 -82.50
N LEU G 115 8.17 -15.81 -81.74
CA LEU G 115 7.91 -16.05 -80.34
C LEU G 115 7.78 -14.75 -79.57
N TYR G 116 8.69 -13.80 -79.80
CA TYR G 116 8.61 -12.51 -79.13
C TYR G 116 7.37 -11.73 -79.55
N LYS G 117 6.99 -11.80 -80.82
CA LYS G 117 5.77 -11.12 -81.25
C LYS G 117 4.56 -11.67 -80.50
N GLU G 118 4.44 -13.00 -80.45
CA GLU G 118 3.30 -13.62 -79.76
C GLU G 118 3.30 -13.26 -78.28
N VAL G 119 4.46 -13.30 -77.64
CA VAL G 119 4.51 -13.04 -76.20
C VAL G 119 4.24 -11.58 -75.90
N THR G 120 4.77 -10.66 -76.72
CA THR G 120 4.66 -9.24 -76.43
C THR G 120 3.28 -8.69 -76.75
N LYS G 121 2.61 -9.23 -77.78
CA LYS G 121 1.31 -8.69 -78.17
C LYS G 121 0.28 -8.83 -77.04
N ALA G 122 0.47 -9.80 -76.15
CA ALA G 122 -0.47 -10.03 -75.06
C ALA G 122 -0.05 -9.36 -73.76
N ALA G 123 1.00 -8.55 -73.78
CA ALA G 123 1.51 -7.91 -72.57
C ALA G 123 1.16 -6.43 -72.47
N LEU G 124 0.71 -5.81 -73.56
CA LEU G 124 0.39 -4.38 -73.53
C LEU G 124 -0.76 -4.09 -72.58
N LEU G 125 -1.80 -4.93 -72.59
CA LEU G 125 -2.94 -4.88 -71.68
C LEU G 125 -3.87 -3.72 -71.98
N THR G 126 -3.49 -2.83 -72.90
CA THR G 126 -4.36 -1.70 -73.24
C THR G 126 -4.35 -1.40 -74.73
N GLY G 127 -3.64 -2.16 -75.55
CA GLY G 127 -3.60 -1.88 -76.97
C GLY G 127 -2.68 -0.75 -77.35
N GLU G 128 -3.15 0.16 -78.19
CA GLU G 128 -2.34 1.28 -78.66
C GLU G 128 -2.28 2.43 -77.66
N GLN G 129 -3.02 2.35 -76.56
CA GLN G 129 -2.96 3.37 -75.51
C GLN G 129 -1.80 3.16 -74.56
N PHE G 130 -0.80 2.37 -74.98
CA PHE G 130 0.33 2.07 -74.11
C PHE G 130 1.23 3.29 -73.93
N ARG G 131 1.30 4.17 -74.93
CA ARG G 131 2.21 5.31 -74.92
C ARG G 131 1.56 6.58 -74.40
N GLU G 132 0.27 6.55 -74.06
CA GLU G 132 -0.39 7.74 -73.54
C GLU G 132 -0.16 7.86 -72.04
N LYS G 133 -0.82 8.82 -71.40
CA LYS G 133 -0.61 9.11 -69.99
C LYS G 133 -1.90 8.91 -69.22
N ASN G 134 -1.75 8.68 -67.91
CA ASN G 134 -2.89 8.51 -66.99
C ASN G 134 -3.76 7.33 -67.38
N GLN G 135 -3.12 6.19 -67.62
CA GLN G 135 -3.85 4.96 -67.88
C GLN G 135 -4.47 4.36 -66.63
N GLY G 136 -4.12 4.88 -65.45
CA GLY G 136 -4.62 4.32 -64.21
C GLY G 136 -6.02 4.74 -63.81
N LYS G 137 -6.58 5.77 -64.45
CA LYS G 137 -7.92 6.22 -64.15
C LYS G 137 -9.02 5.44 -64.86
N LYS G 138 -8.65 4.58 -65.82
CA LYS G 138 -9.65 3.78 -66.50
C LYS G 138 -10.26 2.76 -65.55
N ASP G 139 -11.54 2.48 -65.75
CA ASP G 139 -12.28 1.61 -64.84
C ASP G 139 -11.83 0.16 -64.89
N ALA G 140 -11.05 -0.24 -65.90
CA ALA G 140 -10.56 -1.60 -65.94
C ALA G 140 -9.62 -1.88 -64.78
N PHE G 141 -8.73 -0.94 -64.47
CA PHE G 141 -7.80 -1.08 -63.34
C PHE G 141 -8.43 -0.53 -62.06
N LYS G 142 -9.53 -1.19 -61.66
CA LYS G 142 -10.30 -0.76 -60.50
C LYS G 142 -10.04 -1.61 -59.27
N TYR G 143 -9.80 -2.91 -59.45
CA TYR G 143 -9.71 -3.83 -58.33
C TYR G 143 -8.31 -3.88 -57.72
N HIS G 144 -7.28 -3.56 -58.50
CA HIS G 144 -5.92 -3.52 -57.97
C HIS G 144 -5.76 -2.39 -56.95
N LYS G 145 -6.36 -1.23 -57.24
CA LYS G 145 -6.28 -0.11 -56.30
C LYS G 145 -6.90 -0.47 -54.96
N GLU G 146 -8.04 -1.17 -54.99
CA GLU G 146 -8.67 -1.59 -53.74
C GLU G 146 -7.75 -2.53 -52.96
N LEU G 147 -7.09 -3.47 -53.65
CA LEU G 147 -6.16 -4.36 -52.99
C LEU G 147 -5.02 -3.60 -52.31
N ILE G 148 -4.41 -2.68 -53.05
CA ILE G 148 -3.29 -1.92 -52.49
C ILE G 148 -3.75 -1.09 -51.29
N SER G 149 -4.88 -0.41 -51.44
CA SER G 149 -5.36 0.45 -50.35
C SER G 149 -5.73 -0.37 -49.11
N LYS G 150 -6.35 -1.54 -49.30
CA LYS G 150 -6.68 -2.38 -48.16
C LYS G 150 -5.43 -2.94 -47.49
N LEU G 151 -4.41 -3.28 -48.29
CA LEU G 151 -3.17 -3.79 -47.69
C LEU G 151 -2.46 -2.71 -46.89
N ILE G 152 -2.35 -1.50 -47.45
CA ILE G 152 -1.55 -0.46 -46.81
C ILE G 152 -2.24 0.07 -45.56
N SER G 153 -3.54 0.35 -45.65
CA SER G 153 -4.24 1.08 -44.59
C SER G 153 -4.54 0.23 -43.37
N ASN G 154 -4.44 -1.09 -43.45
CA ASN G 154 -4.72 -1.92 -42.29
C ASN G 154 -3.63 -1.81 -41.23
N ARG G 155 -2.39 -1.56 -41.65
CA ARG G 155 -1.26 -1.62 -40.73
C ARG G 155 -1.28 -0.47 -39.74
N GLN G 156 -1.15 -0.78 -38.45
CA GLN G 156 -0.93 0.22 -37.43
C GLN G 156 0.55 0.62 -37.41
N PRO G 157 0.85 1.85 -37.00
CA PRO G 157 2.25 2.30 -37.01
C PRO G 157 3.13 1.45 -36.11
N GLY G 158 4.37 1.22 -36.56
CA GLY G 158 5.37 0.49 -35.80
C GLY G 158 5.93 -0.73 -36.52
N GLN G 159 5.11 -1.39 -37.34
CA GLN G 159 5.53 -2.62 -38.00
C GLN G 159 6.08 -2.30 -39.39
N SER G 160 6.41 -3.37 -40.13
CA SER G 160 7.01 -3.23 -41.44
C SER G 160 5.93 -2.87 -42.47
N ALA G 161 6.32 -2.87 -43.74
CA ALA G 161 5.47 -2.52 -44.85
C ALA G 161 5.10 -3.77 -45.66
N PRO G 162 3.94 -3.77 -46.32
CA PRO G 162 3.55 -4.96 -47.09
C PRO G 162 4.49 -5.21 -48.26
N ALA G 163 4.62 -6.48 -48.62
CA ALA G 163 5.44 -6.91 -49.73
C ALA G 163 4.58 -7.62 -50.75
N ILE G 164 4.74 -7.26 -52.03
CA ILE G 164 3.96 -7.83 -53.11
C ILE G 164 4.91 -8.49 -54.09
N PHE G 165 4.67 -9.77 -54.38
CA PHE G 165 5.44 -10.51 -55.36
C PHE G 165 4.56 -10.82 -56.57
N THR G 166 5.18 -10.88 -57.75
CA THR G 166 4.43 -11.12 -58.97
C THR G 166 5.32 -11.84 -59.97
N THR G 167 4.67 -12.51 -60.92
CA THR G 167 5.34 -13.20 -62.00
C THR G 167 5.08 -12.56 -63.36
N ASN G 168 4.13 -11.63 -63.45
CA ASN G 168 3.82 -10.98 -64.71
C ASN G 168 4.96 -10.07 -65.15
N TYR G 169 4.94 -9.71 -66.43
CA TYR G 169 5.86 -8.76 -67.03
C TYR G 169 5.11 -7.66 -67.73
N ASP G 170 4.08 -7.12 -67.07
CA ASP G 170 3.28 -6.03 -67.59
C ASP G 170 3.12 -4.97 -66.51
N LEU G 171 2.91 -3.73 -66.95
CA LEU G 171 2.85 -2.58 -66.04
C LEU G 171 1.44 -2.37 -65.51
N ALA G 172 0.87 -3.38 -64.88
CA ALA G 172 -0.50 -3.27 -64.38
C ALA G 172 -0.55 -2.58 -63.01
N LEU G 173 0.32 -2.99 -62.09
CA LEU G 173 0.30 -2.47 -60.73
C LEU G 173 0.95 -1.10 -60.58
N GLU G 174 1.79 -0.70 -61.54
CA GLU G 174 2.45 0.60 -61.43
C GLU G 174 1.48 1.75 -61.69
N TRP G 175 0.61 1.60 -62.70
CA TRP G 175 -0.34 2.66 -63.01
C TRP G 175 -1.31 2.89 -61.87
N ALA G 176 -1.79 1.81 -61.24
CA ALA G 176 -2.70 1.95 -60.11
C ALA G 176 -2.02 2.66 -58.95
N ALA G 177 -0.78 2.29 -58.65
CA ALA G 177 -0.06 2.92 -57.55
C ALA G 177 0.18 4.41 -57.84
N GLU G 178 0.50 4.75 -59.09
CA GLU G 178 0.68 6.16 -59.43
C GLU G 178 -0.63 6.93 -59.34
N ASP G 179 -1.74 6.30 -59.74
CA ASP G 179 -3.03 6.96 -59.64
C ASP G 179 -3.42 7.20 -58.18
N LEU G 180 -3.19 6.22 -57.31
CA LEU G 180 -3.53 6.40 -55.90
C LEU G 180 -2.68 7.49 -55.26
N GLY G 181 -1.38 7.53 -55.58
CA GLY G 181 -0.50 8.51 -54.99
C GLY G 181 0.45 7.93 -53.96
N ILE G 182 0.98 6.74 -54.24
CA ILE G 182 1.94 6.08 -53.36
C ILE G 182 3.19 5.77 -54.16
N GLN G 183 4.26 5.47 -53.44
CA GLN G 183 5.56 5.21 -54.04
C GLN G 183 5.94 3.74 -53.83
N LEU G 184 6.46 3.12 -54.89
CA LEU G 184 6.91 1.74 -54.85
C LEU G 184 8.42 1.67 -55.03
N PHE G 185 9.06 0.76 -54.30
CA PHE G 185 10.49 0.53 -54.41
C PHE G 185 10.71 -0.76 -55.18
N ASN G 186 11.18 -0.66 -56.41
CA ASN G 186 11.40 -1.81 -57.27
C ASN G 186 12.89 -2.05 -57.56
N GLY G 187 13.77 -1.50 -56.73
CA GLY G 187 15.20 -1.73 -56.88
C GLY G 187 15.88 -0.88 -57.91
N PHE G 188 15.29 0.24 -58.31
CA PHE G 188 15.86 1.14 -59.29
C PHE G 188 15.83 2.57 -58.77
N SER G 189 16.85 3.35 -59.14
CA SER G 189 16.93 4.74 -58.70
C SER G 189 17.55 5.57 -59.81
N GLY G 190 17.17 6.84 -59.84
CA GLY G 190 17.66 7.79 -60.84
C GLY G 190 16.59 8.13 -61.87
N LEU G 191 16.81 9.25 -62.55
CA LEU G 191 15.86 9.75 -63.55
C LEU G 191 16.43 9.73 -64.96
N HIS G 192 17.54 10.42 -65.21
CA HIS G 192 18.09 10.49 -66.56
C HIS G 192 18.84 9.23 -66.95
N THR G 193 19.51 8.57 -66.01
CA THR G 193 20.15 7.29 -66.26
C THR G 193 19.88 6.42 -65.03
N ARG G 194 18.81 5.63 -65.09
CA ARG G 194 18.38 4.81 -63.98
C ARG G 194 19.11 3.48 -63.98
N GLN G 195 19.55 3.05 -62.80
CA GLN G 195 20.37 1.85 -62.67
C GLN G 195 19.83 0.98 -61.54
N PHE G 196 20.55 -0.10 -61.24
CA PHE G 196 20.09 -1.14 -60.34
C PHE G 196 21.00 -1.20 -59.12
N TYR G 197 20.50 -0.73 -57.98
CA TYR G 197 21.19 -0.88 -56.70
C TYR G 197 20.37 -1.78 -55.80
N PRO G 198 20.87 -2.98 -55.44
CA PRO G 198 20.06 -3.91 -54.66
C PRO G 198 19.95 -3.56 -53.18
N GLN G 199 20.60 -2.51 -52.72
CA GLN G 199 20.49 -2.09 -51.32
C GLN G 199 19.31 -1.17 -51.07
N ASN G 200 18.59 -0.76 -52.11
CA ASN G 200 17.44 0.12 -51.92
C ASN G 200 16.28 -0.57 -51.22
N PHE G 201 16.29 -1.90 -51.16
CA PHE G 201 15.20 -2.64 -50.53
C PHE G 201 15.16 -2.48 -49.02
N ASP G 202 16.18 -1.87 -48.41
CA ASP G 202 16.26 -1.71 -46.96
C ASP G 202 16.17 -0.23 -46.57
N LEU G 203 15.26 0.50 -47.19
CA LEU G 203 15.04 1.91 -46.91
C LEU G 203 13.57 2.14 -46.55
N ALA G 204 13.28 3.35 -46.09
CA ALA G 204 11.93 3.72 -45.67
C ALA G 204 11.84 5.24 -45.63
N PHE G 205 10.62 5.73 -45.38
CA PHE G 205 10.35 7.16 -45.26
C PHE G 205 9.98 7.50 -43.83
N ARG G 206 10.10 8.79 -43.50
CA ARG G 206 9.74 9.28 -42.19
C ARG G 206 9.50 10.78 -42.28
N ASN G 207 8.31 11.22 -41.85
CA ASN G 207 7.98 12.63 -41.82
C ASN G 207 8.81 13.33 -40.74
N VAL G 208 9.10 14.61 -40.97
CA VAL G 208 9.94 15.37 -40.05
C VAL G 208 9.28 15.48 -38.69
N ASN G 209 7.98 15.77 -38.66
CA ASN G 209 7.24 15.87 -37.40
C ASN G 209 5.94 15.06 -37.46
N HIS G 218 2.56 9.25 -49.43
CA HIS G 218 3.20 9.42 -48.14
C HIS G 218 3.63 8.07 -47.57
N TYR G 219 2.95 7.01 -47.99
CA TYR G 219 3.29 5.65 -47.62
C TYR G 219 3.98 4.95 -48.79
N HIS G 220 4.43 3.72 -48.55
CA HIS G 220 5.23 3.02 -49.53
C HIS G 220 5.04 1.52 -49.37
N ALA G 221 5.39 0.78 -50.42
CA ALA G 221 5.38 -0.67 -50.40
C ALA G 221 6.48 -1.16 -51.35
N TYR G 222 6.91 -2.40 -51.13
CA TYR G 222 8.00 -2.99 -51.88
C TYR G 222 7.48 -3.94 -52.94
N LEU G 223 7.88 -3.72 -54.18
CA LEU G 223 7.43 -4.53 -55.31
C LEU G 223 8.60 -5.37 -55.82
N TYR G 224 8.35 -6.67 -56.01
CA TYR G 224 9.34 -7.59 -56.54
C TYR G 224 8.83 -8.18 -57.85
N LYS G 225 9.72 -8.30 -58.82
CA LYS G 225 9.40 -8.90 -60.11
C LYS G 225 10.41 -10.00 -60.40
N LEU G 226 9.93 -11.22 -60.55
CA LEU G 226 10.79 -12.39 -60.70
C LEU G 226 11.09 -12.74 -62.15
N HIS G 227 10.56 -11.99 -63.11
CA HIS G 227 10.79 -12.27 -64.52
C HIS G 227 11.07 -11.02 -65.34
N GLY G 228 11.26 -9.87 -64.69
CA GLY G 228 11.56 -8.64 -65.40
C GLY G 228 10.32 -7.86 -65.77
N SER G 229 10.51 -6.94 -66.71
CA SER G 229 9.43 -6.06 -67.15
C SER G 229 9.68 -5.67 -68.60
N LEU G 230 8.64 -5.11 -69.23
CA LEU G 230 8.73 -4.71 -70.62
C LEU G 230 9.67 -3.54 -70.83
N THR G 231 10.02 -2.81 -69.77
CA THR G 231 10.80 -1.58 -69.88
C THR G 231 12.20 -1.74 -69.28
N TRP G 232 12.72 -2.95 -69.26
CA TRP G 232 14.10 -3.21 -68.83
C TRP G 232 14.90 -3.71 -70.02
N TYR G 233 16.07 -3.11 -70.24
CA TYR G 233 16.95 -3.54 -71.33
C TYR G 233 18.38 -3.16 -70.99
N GLN G 234 19.31 -3.80 -71.68
CA GLN G 234 20.74 -3.57 -71.50
C GLN G 234 21.33 -2.97 -72.77
N ASN G 235 22.05 -1.86 -72.62
CA ASN G 235 22.67 -1.17 -73.74
C ASN G 235 24.00 -1.86 -74.06
N ASP G 236 24.84 -1.21 -74.86
CA ASP G 236 26.17 -1.75 -75.14
C ASP G 236 27.00 -1.86 -73.87
N SER G 237 26.85 -0.92 -72.95
CA SER G 237 27.53 -0.98 -71.67
C SER G 237 26.99 -2.15 -70.85
N LEU G 238 27.85 -2.66 -69.96
CA LEU G 238 27.50 -3.82 -69.13
C LEU G 238 26.75 -3.38 -67.87
N THR G 239 25.61 -2.72 -68.09
CA THR G 239 24.76 -2.24 -67.02
C THR G 239 23.30 -2.46 -67.41
N VAL G 240 22.41 -2.25 -66.44
CA VAL G 240 20.98 -2.44 -66.62
C VAL G 240 20.30 -1.08 -66.51
N ASN G 241 19.41 -0.78 -67.46
CA ASN G 241 18.71 0.49 -67.48
C ASN G 241 17.21 0.26 -67.56
N GLU G 242 16.44 1.22 -67.06
CA GLU G 242 14.99 1.21 -67.16
C GLU G 242 14.51 2.55 -67.69
N VAL G 243 13.54 2.52 -68.60
CA VAL G 243 12.99 3.73 -69.20
C VAL G 243 11.49 3.75 -69.00
N SER G 244 10.83 4.80 -69.48
CA SER G 244 9.39 4.92 -69.37
C SER G 244 8.70 4.15 -70.50
N ALA G 245 7.37 4.08 -70.43
CA ALA G 245 6.61 3.33 -71.41
C ALA G 245 6.70 3.98 -72.79
N SER G 246 6.55 5.31 -72.84
CA SER G 246 6.58 6.02 -74.12
C SER G 246 7.92 5.87 -74.81
N GLN G 247 9.01 6.02 -74.05
CA GLN G 247 10.35 5.90 -74.64
C GLN G 247 10.59 4.48 -75.14
N ALA G 248 10.17 3.47 -74.38
CA ALA G 248 10.35 2.09 -74.83
C ALA G 248 9.55 1.82 -76.10
N TYR G 249 8.32 2.34 -76.16
CA TYR G 249 7.52 2.18 -77.37
C TYR G 249 8.19 2.85 -78.56
N ASP G 250 8.73 4.04 -78.36
CA ASP G 250 9.42 4.74 -79.43
C ASP G 250 10.67 3.98 -79.88
N GLU G 251 11.36 3.33 -78.93
CA GLU G 251 12.63 2.69 -79.26
C GLU G 251 12.44 1.35 -79.94
N TYR G 252 11.85 0.37 -79.24
CA TYR G 252 11.89 -0.98 -79.78
C TYR G 252 10.56 -1.72 -79.83
N ILE G 253 9.65 -1.43 -78.91
CA ILE G 253 8.39 -2.18 -78.84
C ILE G 253 7.59 -1.99 -80.12
N ASN G 254 7.55 -0.77 -80.64
CA ASN G 254 6.82 -0.51 -81.88
C ASN G 254 7.46 -1.25 -83.05
N ASP G 255 8.79 -1.30 -83.11
CA ASP G 255 9.46 -2.00 -84.18
C ASP G 255 9.24 -3.50 -84.12
N ILE G 256 9.16 -4.07 -82.92
CA ILE G 256 9.01 -5.52 -82.78
C ILE G 256 7.72 -5.99 -83.44
N ILE G 257 6.62 -5.28 -83.21
CA ILE G 257 5.31 -5.73 -83.67
C ILE G 257 5.14 -5.49 -85.17
N ASN G 258 5.53 -4.31 -85.65
CA ASN G 258 5.19 -3.86 -87.00
C ASN G 258 6.37 -3.98 -87.97
N LYS G 259 7.16 -5.04 -87.86
CA LYS G 259 8.23 -5.29 -88.80
C LYS G 259 8.21 -6.76 -89.21
N ASP G 260 8.78 -7.04 -90.38
CA ASP G 260 8.74 -8.39 -90.94
C ASP G 260 9.50 -9.39 -90.06
N ASP G 261 10.81 -9.19 -89.92
CA ASP G 261 11.63 -10.05 -89.07
C ASP G 261 12.99 -9.44 -88.79
N PHE G 262 13.34 -9.31 -87.51
CA PHE G 262 14.65 -8.81 -87.13
C PHE G 262 14.92 -9.22 -85.69
N TYR G 263 16.19 -9.43 -85.37
CA TYR G 263 16.61 -9.74 -84.02
C TYR G 263 17.81 -8.89 -83.66
N ARG G 264 17.82 -8.37 -82.43
CA ARG G 264 18.93 -7.56 -81.95
C ARG G 264 20.00 -8.41 -81.28
N GLY G 265 19.59 -9.31 -80.38
CA GLY G 265 20.53 -10.18 -79.70
C GLY G 265 20.24 -10.28 -78.21
N GLN G 266 21.30 -10.34 -77.41
CA GLN G 266 21.16 -10.41 -75.96
C GLN G 266 20.86 -9.02 -75.40
N HIS G 267 19.63 -8.58 -75.65
CA HIS G 267 19.21 -7.23 -75.33
C HIS G 267 18.10 -7.20 -74.28
N LEU G 268 17.00 -7.91 -74.49
CA LEU G 268 15.86 -7.80 -73.60
C LEU G 268 16.07 -8.64 -72.35
N ILE G 269 15.31 -8.30 -71.31
CA ILE G 269 15.46 -8.95 -70.00
C ILE G 269 14.13 -9.59 -69.61
N TYR G 270 13.37 -10.06 -70.60
CA TYR G 270 12.09 -10.70 -70.31
C TYR G 270 11.77 -11.69 -71.41
N PRO G 271 11.15 -12.82 -71.08
CA PRO G 271 10.95 -13.36 -69.73
C PRO G 271 12.05 -14.35 -69.35
N GLY G 272 12.94 -13.98 -68.41
CA GLY G 272 14.01 -14.86 -67.98
C GLY G 272 14.81 -15.45 -69.13
N ALA G 273 15.09 -14.64 -70.15
CA ALA G 273 15.61 -15.16 -71.41
C ALA G 273 17.11 -15.45 -71.35
N ASN G 274 17.92 -14.42 -71.11
CA ASN G 274 19.37 -14.54 -71.21
C ASN G 274 19.95 -14.68 -69.81
N LYS G 275 19.91 -15.91 -69.31
CA LYS G 275 20.47 -16.23 -68.00
C LYS G 275 21.89 -16.76 -68.07
N TYR G 276 22.46 -16.89 -69.27
CA TYR G 276 23.82 -17.38 -69.42
C TYR G 276 24.86 -16.28 -69.36
N SER G 277 24.45 -15.03 -69.16
CA SER G 277 25.36 -13.90 -68.97
C SER G 277 25.28 -13.45 -67.51
N HIS G 278 26.45 -13.25 -66.89
CA HIS G 278 26.48 -12.89 -65.48
C HIS G 278 25.87 -11.52 -65.22
N THR G 279 25.89 -10.63 -66.21
CA THR G 279 25.31 -9.30 -66.03
C THR G 279 23.80 -9.38 -65.87
N ILE G 280 23.15 -10.27 -66.62
CA ILE G 280 21.69 -10.37 -66.56
C ILE G 280 21.22 -11.31 -65.46
N GLY G 281 22.00 -12.35 -65.13
CA GLY G 281 21.61 -13.26 -64.07
C GLY G 281 21.66 -12.67 -62.68
N PHE G 282 22.45 -11.60 -62.50
CA PHE G 282 22.54 -10.97 -61.19
C PHE G 282 21.23 -10.34 -60.77
N VAL G 283 20.42 -9.87 -61.72
CA VAL G 283 19.14 -9.29 -61.36
C VAL G 283 18.08 -10.36 -61.16
N TYR G 284 18.22 -11.51 -61.82
CA TYR G 284 17.25 -12.59 -61.64
C TYR G 284 17.46 -13.28 -60.30
N GLY G 285 18.72 -13.55 -59.93
CA GLY G 285 18.98 -14.27 -58.70
C GLY G 285 18.63 -13.48 -57.44
N GLU G 286 18.77 -12.16 -57.49
CA GLU G 286 18.56 -11.35 -56.30
C GLU G 286 17.12 -11.43 -55.82
N MET G 287 16.16 -11.39 -56.75
CA MET G 287 14.74 -11.44 -56.35
C MET G 287 14.41 -12.78 -55.70
N PHE G 288 14.93 -13.88 -56.24
CA PHE G 288 14.74 -15.18 -55.61
C PHE G 288 15.36 -15.22 -54.22
N ARG G 289 16.55 -14.63 -54.07
CA ARG G 289 17.20 -14.63 -52.76
C ARG G 289 16.37 -13.85 -51.74
N ARG G 290 15.85 -12.68 -52.14
CA ARG G 290 15.01 -11.90 -51.22
C ARG G 290 13.73 -12.64 -50.88
N PHE G 291 13.11 -13.32 -51.86
CA PHE G 291 11.90 -14.08 -51.57
C PHE G 291 12.20 -15.19 -50.56
N GLY G 292 13.29 -15.93 -50.78
CA GLY G 292 13.67 -16.97 -49.83
C GLY G 292 13.94 -16.43 -48.45
N GLU G 293 14.57 -15.26 -48.35
CA GLU G 293 14.78 -14.64 -47.05
C GLU G 293 13.47 -14.26 -46.39
N PHE G 294 12.52 -13.74 -47.17
CA PHE G 294 11.24 -13.33 -46.61
C PHE G 294 10.44 -14.52 -46.11
N ILE G 295 10.48 -15.65 -46.84
CA ILE G 295 9.64 -16.79 -46.47
C ILE G 295 10.04 -17.32 -45.09
N SER G 296 11.34 -17.37 -44.80
CA SER G 296 11.85 -17.98 -43.59
C SER G 296 11.84 -17.03 -42.39
N LYS G 297 11.06 -15.97 -42.44
CA LYS G 297 10.96 -15.09 -41.28
C LYS G 297 9.88 -15.58 -40.33
N PRO G 298 10.05 -15.36 -39.02
CA PRO G 298 9.00 -15.74 -38.08
C PRO G 298 7.78 -14.83 -38.19
N GLN G 299 6.61 -15.40 -37.87
CA GLN G 299 5.34 -14.68 -37.87
C GLN G 299 5.07 -14.03 -39.23
N THR G 300 4.95 -14.88 -40.25
CA THR G 300 4.69 -14.43 -41.61
C THR G 300 3.48 -15.14 -42.18
N ALA G 301 2.75 -14.43 -43.03
CA ALA G 301 1.57 -14.97 -43.71
C ALA G 301 1.69 -14.70 -45.20
N LEU G 302 1.27 -15.67 -46.01
CA LEU G 302 1.38 -15.57 -47.46
C LEU G 302 0.05 -15.93 -48.10
N PHE G 303 -0.25 -15.27 -49.21
CA PHE G 303 -1.47 -15.49 -49.97
C PHE G 303 -1.09 -15.80 -51.41
N ILE G 304 -1.48 -16.98 -51.89
CA ILE G 304 -1.20 -17.42 -53.26
C ILE G 304 -2.48 -17.32 -54.07
N ASN G 305 -2.40 -16.71 -55.25
CA ASN G 305 -3.56 -16.51 -56.10
C ASN G 305 -3.12 -16.51 -57.55
N GLY G 306 -3.77 -17.34 -58.37
CA GLY G 306 -3.53 -17.37 -59.79
C GLY G 306 -2.31 -18.16 -60.23
N PHE G 307 -1.61 -18.82 -59.31
CA PHE G 307 -0.40 -19.53 -59.66
C PHE G 307 -0.70 -20.99 -59.98
N GLY G 308 -0.15 -21.45 -61.11
CA GLY G 308 -0.45 -22.78 -61.62
C GLY G 308 0.34 -23.92 -61.05
N PHE G 309 1.29 -23.64 -60.16
CA PHE G 309 2.11 -24.67 -59.49
C PHE G 309 2.81 -25.57 -60.50
N GLY G 310 3.32 -24.97 -61.57
CA GLY G 310 4.08 -25.68 -62.57
C GLY G 310 5.59 -25.54 -62.48
N ASP G 311 6.08 -24.70 -61.56
CA ASP G 311 7.50 -24.44 -61.44
C ASP G 311 8.11 -25.36 -60.38
N TYR G 312 9.20 -26.03 -60.75
CA TYR G 312 9.81 -27.01 -59.86
C TYR G 312 10.59 -26.35 -58.72
N HIS G 313 11.24 -25.22 -58.99
CA HIS G 313 12.09 -24.60 -57.97
C HIS G 313 11.26 -23.99 -56.85
N ILE G 314 10.12 -23.40 -57.18
CA ILE G 314 9.29 -22.77 -56.15
C ILE G 314 8.68 -23.83 -55.24
N ASN G 315 8.32 -24.99 -55.80
CA ASN G 315 7.68 -26.04 -55.00
C ASN G 315 8.64 -26.56 -53.93
N ARG G 316 9.93 -26.63 -54.24
CA ARG G 316 10.91 -27.09 -53.25
C ARG G 316 10.89 -26.21 -52.01
N ILE G 317 10.98 -24.89 -52.21
CA ILE G 317 10.94 -23.96 -51.08
C ILE G 317 9.59 -24.01 -50.38
N ILE G 318 8.51 -24.14 -51.16
CA ILE G 318 7.18 -24.16 -50.56
C ILE G 318 7.03 -25.34 -49.61
N LEU G 319 7.48 -26.52 -50.03
CA LEU G 319 7.39 -27.69 -49.17
C LEU G 319 8.39 -27.64 -48.02
N GLY G 320 9.59 -27.10 -48.26
CA GLY G 320 10.59 -27.07 -47.21
C GLY G 320 10.40 -26.01 -46.15
N ALA G 321 9.62 -24.96 -46.43
CA ALA G 321 9.44 -23.88 -45.47
C ALA G 321 8.33 -24.17 -44.46
N LEU G 322 7.66 -25.31 -44.55
CA LEU G 322 6.57 -25.63 -43.65
C LEU G 322 7.05 -26.21 -42.32
N LEU G 323 8.35 -26.44 -42.16
CA LEU G 323 8.89 -26.97 -40.91
C LEU G 323 8.85 -25.93 -39.79
N ASN G 324 8.65 -24.67 -40.10
CA ASN G 324 8.49 -23.63 -39.09
C ASN G 324 7.04 -23.62 -38.63
N PRO G 325 6.75 -23.83 -37.34
CA PRO G 325 5.36 -23.94 -36.88
C PRO G 325 4.65 -22.61 -36.69
N SER G 326 5.18 -21.51 -37.21
CA SER G 326 4.53 -20.20 -37.16
C SER G 326 4.40 -19.60 -38.55
N PHE G 327 3.99 -20.42 -39.52
CA PHE G 327 3.90 -20.00 -40.92
C PHE G 327 2.54 -20.44 -41.46
N HIS G 328 1.84 -19.52 -42.10
CA HIS G 328 0.48 -19.76 -42.59
C HIS G 328 0.42 -19.56 -44.09
N VAL G 329 -0.30 -20.45 -44.78
CA VAL G 329 -0.44 -20.40 -46.23
C VAL G 329 -1.92 -20.51 -46.57
N VAL G 330 -2.39 -19.65 -47.50
CA VAL G 330 -3.74 -19.69 -48.01
C VAL G 330 -3.67 -19.77 -49.53
N ILE G 331 -4.41 -20.71 -50.12
CA ILE G 331 -4.32 -20.99 -51.55
C ILE G 331 -5.69 -20.84 -52.18
N TYR G 332 -5.71 -20.26 -53.38
CA TYR G 332 -6.92 -20.09 -54.18
C TYR G 332 -6.74 -20.89 -55.46
N TYR G 333 -7.24 -22.12 -55.49
CA TYR G 333 -7.09 -23.01 -56.65
C TYR G 333 -8.45 -23.42 -57.18
N PRO G 334 -8.91 -22.83 -58.28
CA PRO G 334 -10.26 -23.14 -58.79
C PRO G 334 -10.42 -24.58 -59.27
N GLU G 335 -9.53 -25.04 -60.16
CA GLU G 335 -9.65 -26.36 -60.75
C GLU G 335 -9.29 -27.43 -59.72
N LEU G 336 -10.19 -27.69 -58.77
CA LEU G 336 -9.90 -28.58 -57.66
C LEU G 336 -10.52 -29.96 -57.85
N LYS G 337 -11.81 -30.02 -58.15
CA LYS G 337 -12.51 -31.31 -58.26
C LYS G 337 -11.99 -32.13 -59.43
N GLU G 338 -11.70 -31.47 -60.56
CA GLU G 338 -11.23 -32.19 -61.74
C GLU G 338 -9.89 -32.87 -61.45
N ALA G 339 -9.01 -32.20 -60.71
CA ALA G 339 -7.75 -32.82 -60.32
C ALA G 339 -7.98 -34.04 -59.44
N ILE G 340 -8.94 -33.97 -58.52
CA ILE G 340 -9.25 -35.11 -57.67
C ILE G 340 -9.75 -36.28 -58.51
N THR G 341 -10.65 -35.99 -59.47
CA THR G 341 -11.18 -37.05 -60.33
C THR G 341 -10.07 -37.68 -61.16
N LYS G 342 -9.15 -36.87 -61.68
CA LYS G 342 -8.03 -37.42 -62.43
C LYS G 342 -7.09 -38.25 -61.55
N VAL G 343 -6.90 -37.83 -60.30
CA VAL G 343 -6.11 -38.63 -59.36
C VAL G 343 -6.80 -39.96 -59.09
N SER G 344 -8.13 -39.95 -59.03
CA SER G 344 -8.87 -41.20 -58.85
C SER G 344 -8.59 -42.20 -59.96
N LYS G 345 -8.34 -41.71 -61.17
CA LYS G 345 -7.93 -42.57 -62.27
C LYS G 345 -6.42 -42.78 -62.25
N GLY G 346 -5.94 -43.70 -63.08
CA GLY G 346 -4.51 -43.99 -63.10
C GLY G 346 -3.68 -42.84 -63.63
N GLY G 347 -4.14 -42.19 -64.70
CA GLY G 347 -3.33 -41.19 -65.35
C GLY G 347 -3.27 -39.89 -64.56
N GLY G 348 -2.29 -39.07 -64.91
CA GLY G 348 -2.11 -37.78 -64.28
C GLY G 348 -0.74 -37.20 -64.57
N SER G 349 -0.55 -35.98 -64.08
CA SER G 349 0.71 -35.26 -64.21
C SER G 349 1.12 -34.71 -62.85
N GLU G 350 2.40 -34.35 -62.74
CA GLU G 350 2.98 -33.98 -61.45
C GLU G 350 2.28 -32.78 -60.82
N ALA G 351 1.70 -31.90 -61.64
CA ALA G 351 1.12 -30.67 -61.12
C ALA G 351 -0.05 -30.95 -60.18
N GLU G 352 -1.01 -31.77 -60.63
CA GLU G 352 -2.18 -32.04 -59.80
C GLU G 352 -1.82 -32.92 -58.61
N LYS G 353 -0.86 -33.83 -58.78
CA LYS G 353 -0.40 -34.61 -57.63
C LYS G 353 0.20 -33.70 -56.56
N ALA G 354 1.01 -32.72 -56.99
CA ALA G 354 1.59 -31.77 -56.04
C ALA G 354 0.49 -30.93 -55.37
N ILE G 355 -0.50 -30.49 -56.14
CA ILE G 355 -1.51 -29.62 -55.56
C ILE G 355 -2.42 -30.39 -54.60
N VAL G 356 -2.64 -31.68 -54.84
CA VAL G 356 -3.50 -32.44 -53.93
C VAL G 356 -2.70 -33.04 -52.78
N THR G 357 -1.37 -33.12 -52.89
CA THR G 357 -0.56 -33.63 -51.79
C THR G 357 -0.67 -32.74 -50.55
N LEU G 358 -0.68 -31.43 -50.75
CA LEU G 358 -0.72 -30.51 -49.62
C LEU G 358 -2.13 -30.35 -49.06
N LYS G 359 -3.14 -30.75 -49.84
CA LYS G 359 -4.52 -30.65 -49.35
C LYS G 359 -4.77 -31.59 -48.18
N ASN G 360 -4.20 -32.80 -48.23
CA ASN G 360 -4.43 -33.82 -47.22
C ASN G 360 -3.44 -33.73 -46.06
N MET G 361 -2.95 -32.54 -45.75
CA MET G 361 -2.00 -32.37 -44.66
C MET G 361 -2.70 -32.61 -43.32
N ALA G 362 -1.93 -32.60 -42.24
CA ALA G 362 -2.43 -32.91 -40.91
C ALA G 362 -2.11 -31.78 -39.93
N PHE G 363 -2.24 -30.54 -40.39
CA PHE G 363 -2.07 -29.39 -39.51
C PHE G 363 -3.00 -28.28 -39.98
N ASN G 364 -3.36 -27.41 -39.04
CA ASN G 364 -4.32 -26.33 -39.32
C ASN G 364 -3.59 -25.07 -39.75
N GLN G 365 -2.82 -25.20 -40.82
CA GLN G 365 -2.12 -24.06 -41.41
C GLN G 365 -2.41 -23.89 -42.90
N VAL G 366 -2.52 -24.98 -43.63
CA VAL G 366 -2.82 -24.94 -45.06
C VAL G 366 -4.33 -24.87 -45.25
N THR G 367 -4.78 -23.88 -46.01
CA THR G 367 -6.20 -23.67 -46.27
C THR G 367 -6.40 -23.53 -47.77
N VAL G 368 -6.84 -24.61 -48.42
CA VAL G 368 -7.10 -24.61 -49.86
C VAL G 368 -8.55 -24.24 -50.09
N VAL G 369 -8.78 -23.25 -50.95
CA VAL G 369 -10.12 -22.78 -51.29
C VAL G 369 -10.35 -23.08 -52.76
N GLY G 370 -11.46 -23.78 -53.06
CA GLY G 370 -11.76 -24.18 -54.42
C GLY G 370 -13.11 -23.64 -54.86
N GLY G 371 -13.44 -23.97 -56.11
CA GLY G 371 -14.70 -23.54 -56.69
C GLY G 371 -14.50 -23.23 -58.16
N GLY G 372 -15.45 -22.48 -58.71
CA GLY G 372 -15.36 -22.07 -60.11
C GLY G 372 -15.14 -20.58 -60.22
N SER G 373 -16.18 -19.86 -60.61
CA SER G 373 -16.14 -18.40 -60.59
C SER G 373 -16.16 -17.84 -59.17
N LYS G 374 -16.44 -18.69 -58.16
CA LYS G 374 -16.50 -18.22 -56.79
C LYS G 374 -15.15 -17.77 -56.27
N ALA G 375 -14.06 -18.40 -56.73
CA ALA G 375 -12.71 -18.10 -56.24
C ALA G 375 -11.91 -17.51 -57.39
N TYR G 376 -12.04 -16.19 -57.57
CA TYR G 376 -11.25 -15.42 -58.52
C TYR G 376 -10.57 -14.25 -57.81
N PHE G 377 -9.97 -13.35 -58.58
CA PHE G 377 -9.29 -12.20 -58.00
C PHE G 377 -10.28 -11.28 -57.28
N ASN G 378 -11.46 -11.09 -57.87
CA ASN G 378 -12.43 -10.14 -57.31
C ASN G 378 -12.90 -10.56 -55.92
N SER G 379 -13.28 -11.83 -55.79
CA SER G 379 -13.71 -12.34 -54.48
C SER G 379 -12.59 -12.25 -53.47
N PHE G 380 -11.35 -12.47 -53.91
CA PHE G 380 -10.21 -12.32 -53.01
C PHE G 380 -10.07 -10.89 -52.53
N VAL G 381 -10.29 -9.91 -53.43
CA VAL G 381 -10.25 -8.52 -53.01
C VAL G 381 -11.35 -8.24 -51.99
N GLU G 382 -12.56 -8.74 -52.23
CA GLU G 382 -13.64 -8.50 -51.29
C GLU G 382 -13.43 -9.18 -49.95
N HIS G 383 -12.59 -10.23 -49.88
CA HIS G 383 -12.39 -10.94 -48.63
C HIS G 383 -11.56 -10.16 -47.62
N LEU G 384 -10.74 -9.20 -48.07
CA LEU G 384 -9.87 -8.50 -47.13
C LEU G 384 -10.68 -7.62 -46.19
N PRO G 385 -10.22 -7.45 -44.96
CA PRO G 385 -10.93 -6.59 -44.01
C PRO G 385 -10.97 -5.15 -44.48
N TYR G 386 -12.08 -4.47 -44.18
CA TYR G 386 -12.20 -3.07 -44.54
C TYR G 386 -11.34 -2.21 -43.61
N PRO G 387 -10.68 -1.17 -44.15
CA PRO G 387 -9.88 -0.23 -43.36
C PRO G 387 -10.67 0.41 -42.22
N ILE G 395 -16.10 12.95 -55.81
CA ILE G 395 -16.28 14.00 -54.81
C ILE G 395 -15.45 15.21 -55.18
N VAL G 396 -14.48 15.01 -56.07
CA VAL G 396 -13.62 16.09 -56.53
C VAL G 396 -13.72 16.32 -58.03
N ASP G 397 -14.38 15.42 -58.77
CA ASP G 397 -14.51 15.60 -60.22
C ASP G 397 -15.30 16.86 -60.54
N GLU G 398 -16.32 17.16 -59.75
CA GLU G 398 -17.12 18.36 -59.99
C GLU G 398 -16.28 19.62 -59.80
N LEU G 399 -15.46 19.64 -58.74
CA LEU G 399 -14.60 20.80 -58.51
C LEU G 399 -13.55 20.93 -59.60
N VAL G 400 -12.99 19.81 -60.04
CA VAL G 400 -12.01 19.85 -61.13
C VAL G 400 -12.64 20.41 -62.40
N GLU G 401 -13.85 19.94 -62.72
CA GLU G 401 -14.53 20.42 -63.92
C GLU G 401 -14.87 21.90 -63.80
N ALA G 402 -15.32 22.34 -62.62
CA ALA G 402 -15.65 23.76 -62.43
C ALA G 402 -14.42 24.64 -62.56
N ILE G 403 -13.29 24.20 -62.00
CA ILE G 403 -12.05 24.96 -62.11
C ILE G 403 -11.59 25.01 -63.55
N ALA G 404 -11.71 23.88 -64.27
CA ALA G 404 -11.32 23.85 -65.68
C ALA G 404 -12.20 24.77 -66.51
N ASN G 405 -13.47 24.92 -66.13
CA ASN G 405 -14.36 25.83 -66.83
C ASN G 405 -13.86 27.27 -66.75
N LEU G 406 -13.40 27.68 -65.58
CA LEU G 406 -12.87 29.02 -65.40
C LEU G 406 -11.37 29.05 -65.69
N SER H 2 53.17 4.48 -54.44
CA SER H 2 52.89 5.26 -53.23
C SER H 2 51.53 4.89 -52.65
N ILE H 3 51.10 5.67 -51.66
CA ILE H 3 49.83 5.44 -50.97
C ILE H 3 48.93 6.63 -51.25
N TYR H 4 47.71 6.35 -51.73
CA TYR H 4 46.73 7.38 -52.02
C TYR H 4 45.55 7.25 -51.08
N GLN H 5 44.99 8.39 -50.67
CA GLN H 5 43.84 8.43 -49.79
C GLN H 5 42.92 9.56 -50.26
N GLY H 6 41.78 9.19 -50.85
CA GLY H 6 40.85 10.19 -51.34
C GLY H 6 41.36 10.98 -52.51
N GLY H 7 42.29 10.44 -53.28
CA GLY H 7 42.92 11.15 -54.37
C GLY H 7 44.14 11.94 -54.00
N ASN H 8 44.40 12.12 -52.71
CA ASN H 8 45.57 12.83 -52.23
C ASN H 8 46.70 11.83 -52.00
N LYS H 9 47.78 12.25 -51.35
CA LYS H 9 48.91 11.38 -51.03
C LYS H 9 49.33 11.59 -49.59
N LEU H 10 49.70 10.50 -48.92
CA LEU H 10 50.13 10.54 -47.52
C LEU H 10 51.38 9.71 -47.35
N ASN H 11 52.16 10.04 -46.31
CA ASN H 11 53.45 9.41 -46.06
C ASN H 11 53.28 8.18 -45.16
N GLU H 12 54.41 7.63 -44.69
CA GLU H 12 54.38 6.37 -43.96
C GLU H 12 53.83 6.53 -42.55
N ASP H 13 54.21 7.62 -41.87
CA ASP H 13 53.80 7.80 -40.47
C ASP H 13 52.29 7.92 -40.34
N ASP H 14 51.67 8.71 -41.22
CA ASP H 14 50.22 8.86 -41.18
C ASP H 14 49.53 7.54 -41.52
N PHE H 15 50.09 6.78 -42.46
CA PHE H 15 49.51 5.49 -42.79
C PHE H 15 49.54 4.54 -41.60
N ARG H 16 50.67 4.48 -40.89
CA ARG H 16 50.77 3.61 -39.73
C ARG H 16 49.83 4.04 -38.62
N SER H 17 49.73 5.35 -38.37
CA SER H 17 48.80 5.84 -37.36
C SER H 17 47.36 5.51 -37.74
N HIS H 18 47.02 5.65 -39.03
CA HIS H 18 45.68 5.32 -39.49
C HIS H 18 45.38 3.84 -39.31
N VAL H 19 46.35 2.97 -39.61
CA VAL H 19 46.15 1.54 -39.42
C VAL H 19 45.93 1.22 -37.94
N TYR H 20 46.73 1.85 -37.07
CA TYR H 20 46.56 1.61 -35.64
C TYR H 20 45.19 2.08 -35.16
N SER H 21 44.71 3.22 -35.66
CA SER H 21 43.39 3.69 -35.29
C SER H 21 42.29 2.80 -35.82
N LEU H 22 42.47 2.23 -37.02
CA LEU H 22 41.48 1.32 -37.57
C LEU H 22 41.41 0.02 -36.79
N CYS H 23 42.54 -0.44 -36.27
CA CYS H 23 42.58 -1.75 -35.61
C CYS H 23 41.94 -1.73 -34.22
N GLN H 24 41.22 -0.65 -33.88
CA GLN H 24 40.53 -0.57 -32.61
C GLN H 24 39.04 -0.30 -32.77
N LEU H 25 38.49 -0.61 -33.94
CA LEU H 25 37.06 -0.41 -34.18
C LEU H 25 36.27 -1.57 -33.57
N ASP H 26 34.94 -1.51 -33.70
CA ASP H 26 34.09 -2.56 -33.16
C ASP H 26 34.09 -3.82 -34.01
N ASN H 27 34.31 -3.69 -35.32
CA ASN H 27 34.35 -4.84 -36.21
C ASN H 27 35.58 -4.75 -37.12
N VAL H 28 36.23 -5.90 -37.31
CA VAL H 28 37.41 -6.01 -38.17
C VAL H 28 37.29 -7.28 -38.98
N GLY H 29 37.63 -7.21 -40.27
CA GLY H 29 37.55 -8.37 -41.14
C GLY H 29 38.60 -8.32 -42.22
N VAL H 30 38.92 -9.50 -42.77
CA VAL H 30 39.94 -9.64 -43.81
C VAL H 30 39.40 -10.54 -44.91
N LEU H 31 39.57 -10.11 -46.16
CA LEU H 31 39.26 -10.91 -47.33
C LEU H 31 40.56 -11.18 -48.09
N LEU H 32 40.82 -12.44 -48.39
CA LEU H 32 42.05 -12.86 -49.05
C LEU H 32 41.75 -13.54 -50.37
N GLY H 33 42.72 -13.47 -51.28
CA GLY H 33 42.58 -14.08 -52.58
C GLY H 33 43.53 -15.24 -52.83
N ALA H 34 43.70 -15.62 -54.09
CA ALA H 34 44.56 -16.74 -54.44
C ALA H 34 46.03 -16.39 -54.48
N GLY H 35 46.37 -15.10 -54.35
CA GLY H 35 47.76 -14.70 -54.38
C GLY H 35 48.41 -14.71 -53.00
N ALA H 36 47.61 -14.85 -51.96
CA ALA H 36 48.14 -14.84 -50.60
C ALA H 36 48.89 -16.12 -50.27
N SER H 37 48.71 -17.17 -51.07
CA SER H 37 49.32 -18.47 -50.80
C SER H 37 50.50 -18.76 -51.71
N VAL H 38 50.99 -17.75 -52.44
CA VAL H 38 52.14 -17.98 -53.31
C VAL H 38 53.39 -18.27 -52.50
N GLY H 39 53.54 -17.64 -51.33
CA GLY H 39 54.70 -17.86 -50.50
C GLY H 39 54.75 -19.20 -49.79
N CYS H 40 53.64 -19.94 -49.78
CA CYS H 40 53.60 -21.26 -49.17
C CYS H 40 53.83 -22.39 -50.16
N GLY H 41 53.62 -22.16 -51.45
CA GLY H 41 53.82 -23.20 -52.44
C GLY H 41 52.72 -23.26 -53.48
N GLY H 42 51.78 -22.32 -53.43
CA GLY H 42 50.69 -22.32 -54.38
C GLY H 42 51.07 -21.74 -55.72
N LYS H 43 50.13 -21.85 -56.66
CA LYS H 43 50.32 -21.34 -58.01
C LYS H 43 49.10 -20.51 -58.41
N THR H 44 49.35 -19.40 -59.09
CA THR H 44 48.30 -18.46 -59.43
C THR H 44 47.50 -18.95 -60.64
N MET H 45 46.55 -18.14 -61.07
CA MET H 45 45.69 -18.50 -62.20
C MET H 45 46.42 -18.49 -63.53
N LYS H 46 47.46 -17.67 -63.68
CA LYS H 46 48.25 -17.69 -64.91
C LYS H 46 49.12 -18.92 -65.00
N ASP H 47 49.48 -19.53 -63.86
CA ASP H 47 50.26 -20.76 -63.88
C ASP H 47 49.44 -21.95 -64.30
N VAL H 48 48.13 -21.93 -64.07
CA VAL H 48 47.27 -23.02 -64.50
C VAL H 48 47.29 -23.13 -66.01
N TRP H 49 47.14 -22.01 -66.71
CA TRP H 49 47.14 -22.03 -68.18
C TRP H 49 48.50 -22.47 -68.71
N LYS H 50 49.59 -21.98 -68.11
CA LYS H 50 50.92 -22.37 -68.57
C LYS H 50 51.16 -23.86 -68.38
N SER H 51 50.71 -24.40 -67.24
CA SER H 51 50.87 -25.84 -67.00
C SER H 51 49.99 -26.65 -67.95
N PHE H 52 48.78 -26.18 -68.24
CA PHE H 52 47.88 -26.92 -69.12
C PHE H 52 48.39 -26.90 -70.56
N LYS H 53 49.04 -25.81 -70.97
CA LYS H 53 49.46 -25.67 -72.36
C LYS H 53 50.52 -26.72 -72.72
N GLN H 54 51.47 -26.98 -71.83
CA GLN H 54 52.61 -27.83 -72.14
C GLN H 54 52.37 -29.30 -71.86
N ASN H 55 51.20 -29.67 -71.34
CA ASN H 55 50.89 -31.06 -71.05
C ASN H 55 49.82 -31.65 -71.97
N TYR H 56 48.93 -30.83 -72.50
CA TYR H 56 47.86 -31.28 -73.40
C TYR H 56 47.87 -30.39 -74.64
N PRO H 57 48.77 -30.66 -75.59
CA PRO H 57 48.86 -29.80 -76.78
C PRO H 57 47.78 -30.11 -77.81
N GLU H 58 47.41 -31.40 -77.92
CA GLU H 58 46.40 -31.79 -78.89
C GLU H 58 45.05 -31.14 -78.58
N LEU H 59 44.68 -31.09 -77.30
CA LEU H 59 43.43 -30.44 -76.93
C LEU H 59 43.46 -28.95 -77.24
N LEU H 60 44.61 -28.29 -76.98
CA LEU H 60 44.72 -26.88 -77.31
C LEU H 60 44.59 -26.65 -78.82
N GLY H 61 45.24 -27.49 -79.62
CA GLY H 61 45.09 -27.38 -81.06
C GLY H 61 43.66 -27.59 -81.51
N ALA H 62 42.97 -28.55 -80.91
CA ALA H 62 41.57 -28.80 -81.26
C ALA H 62 40.70 -27.60 -80.90
N LEU H 63 40.95 -26.99 -79.74
CA LEU H 63 40.18 -25.82 -79.33
C LEU H 63 40.40 -24.65 -80.26
N ILE H 64 41.66 -24.40 -80.64
CA ILE H 64 41.96 -23.19 -81.40
C ILE H 64 41.54 -23.34 -82.86
N ASP H 65 41.53 -24.55 -83.39
CA ASP H 65 41.30 -24.73 -84.83
C ASP H 65 39.82 -24.80 -85.17
N LYS H 66 39.11 -25.81 -84.65
CA LYS H 66 37.75 -26.06 -85.12
C LYS H 66 36.74 -25.12 -84.47
N TYR H 67 36.60 -25.18 -83.15
CA TYR H 67 35.50 -24.49 -82.47
C TYR H 67 35.75 -23.00 -82.29
N LEU H 68 37.00 -22.54 -82.44
CA LEU H 68 37.34 -21.11 -82.38
C LEU H 68 36.91 -20.48 -81.06
N LEU H 69 37.07 -21.21 -79.97
CA LEU H 69 36.74 -20.66 -78.65
C LEU H 69 37.77 -19.65 -78.17
N VAL H 70 39.03 -19.81 -78.58
CA VAL H 70 40.10 -18.92 -78.15
C VAL H 70 40.91 -18.49 -79.38
N SER H 71 41.56 -17.33 -79.26
CA SER H 71 42.31 -16.75 -80.36
C SER H 71 43.79 -17.11 -80.29
N GLN H 72 44.45 -17.05 -81.44
CA GLN H 72 45.88 -17.35 -81.51
C GLN H 72 46.70 -16.35 -80.73
N ILE H 73 46.38 -15.06 -80.84
CA ILE H 73 47.21 -14.02 -80.24
C ILE H 73 47.17 -14.11 -78.71
N ASP H 74 46.02 -14.46 -78.15
CA ASP H 74 45.91 -14.54 -76.70
C ASP H 74 46.63 -15.76 -76.14
N SER H 75 46.80 -16.81 -76.95
CA SER H 75 47.53 -17.99 -76.49
C SER H 75 49.01 -17.70 -76.30
N ASP H 76 49.59 -16.90 -77.19
CA ASP H 76 51.01 -16.57 -77.08
C ASP H 76 51.30 -15.69 -75.87
N ASN H 77 50.40 -14.76 -75.56
CA ASN H 77 50.62 -13.81 -74.48
C ASN H 77 50.15 -14.32 -73.13
N ASN H 78 49.50 -15.48 -73.07
CA ASN H 78 49.01 -16.07 -71.82
C ASN H 78 48.14 -15.08 -71.04
N LEU H 79 47.07 -14.63 -71.69
CA LEU H 79 46.13 -13.70 -71.08
C LEU H 79 44.70 -14.22 -71.09
N VAL H 80 44.52 -15.54 -71.21
CA VAL H 80 43.19 -16.13 -71.30
C VAL H 80 42.61 -16.27 -69.90
N ASN H 81 41.28 -16.39 -69.83
CA ASN H 81 40.55 -16.57 -68.59
C ASN H 81 39.93 -17.96 -68.60
N VAL H 82 40.25 -18.77 -67.60
CA VAL H 82 39.80 -20.16 -67.60
C VAL H 82 38.33 -20.26 -67.20
N GLU H 83 37.83 -19.31 -66.42
CA GLU H 83 36.45 -19.38 -65.95
C GLU H 83 35.48 -19.26 -67.12
N LEU H 84 35.72 -18.29 -68.01
CA LEU H 84 34.87 -18.14 -69.19
C LEU H 84 34.96 -19.37 -70.08
N LEU H 85 36.16 -19.96 -70.18
CA LEU H 85 36.32 -21.18 -70.98
C LEU H 85 35.48 -22.32 -70.41
N ILE H 86 35.48 -22.48 -69.08
CA ILE H 86 34.67 -23.53 -68.46
C ILE H 86 33.18 -23.28 -68.69
N ASP H 87 32.74 -22.02 -68.54
CA ASP H 87 31.33 -21.71 -68.77
C ASP H 87 30.91 -22.00 -70.21
N GLU H 88 31.74 -21.59 -71.16
CA GLU H 88 31.43 -21.84 -72.57
C GLU H 88 31.41 -23.31 -72.89
N ALA H 89 32.36 -24.07 -72.32
CA ALA H 89 32.38 -25.52 -72.54
C ALA H 89 31.14 -26.17 -71.98
N THR H 90 30.70 -25.73 -70.80
CA THR H 90 29.47 -26.27 -70.22
C THR H 90 28.27 -25.97 -71.10
N LYS H 91 28.19 -24.75 -71.62
CA LYS H 91 27.09 -24.39 -72.51
C LYS H 91 27.07 -25.26 -73.77
N PHE H 92 28.24 -25.45 -74.38
CA PHE H 92 28.34 -26.28 -75.57
C PHE H 92 27.96 -27.72 -75.26
N LEU H 93 28.41 -28.25 -74.12
CA LEU H 93 28.07 -29.61 -73.73
C LEU H 93 26.57 -29.76 -73.53
N SER H 94 25.92 -28.77 -72.90
CA SER H 94 24.48 -28.84 -72.73
C SER H 94 23.76 -28.87 -74.07
N VAL H 95 24.17 -28.02 -75.00
CA VAL H 95 23.52 -28.01 -76.32
C VAL H 95 23.73 -29.35 -77.03
N ALA H 96 24.96 -29.86 -76.99
CA ALA H 96 25.27 -31.12 -77.65
C ALA H 96 24.46 -32.28 -77.07
N LYS H 97 24.32 -32.31 -75.74
CA LYS H 97 23.50 -33.34 -75.12
C LYS H 97 22.05 -33.19 -75.52
N THR H 98 21.56 -31.95 -75.62
CA THR H 98 20.18 -31.72 -76.02
C THR H 98 19.91 -32.24 -77.42
N ARG H 99 20.83 -32.03 -78.35
CA ARG H 99 20.60 -32.40 -79.74
C ARG H 99 21.06 -33.82 -80.07
N ARG H 100 21.53 -34.58 -79.09
CA ARG H 100 21.88 -36.01 -79.26
C ARG H 100 23.00 -36.21 -80.28
N CYS H 101 24.16 -35.62 -80.01
CA CYS H 101 25.34 -35.91 -80.80
C CYS H 101 26.07 -37.12 -80.25
N GLU H 102 27.10 -37.57 -80.97
CA GLU H 102 27.82 -38.78 -80.60
C GLU H 102 29.26 -38.53 -80.21
N ASP H 103 30.06 -37.89 -81.07
CA ASP H 103 31.48 -37.74 -80.78
C ASP H 103 31.77 -36.42 -80.08
N GLU H 104 30.96 -35.40 -80.34
CA GLU H 104 31.16 -34.11 -79.70
C GLU H 104 31.03 -34.20 -78.18
N GLU H 105 30.10 -35.02 -77.71
CA GLU H 105 29.94 -35.23 -76.27
C GLU H 105 31.23 -35.76 -75.65
N GLU H 106 31.79 -36.82 -76.23
CA GLU H 106 33.01 -37.40 -75.69
C GLU H 106 34.17 -36.42 -75.75
N GLU H 107 34.31 -35.72 -76.88
CA GLU H 107 35.42 -34.79 -77.02
C GLU H 107 35.34 -33.66 -75.98
N PHE H 108 34.15 -33.08 -75.81
CA PHE H 108 34.04 -31.98 -74.85
C PHE H 108 34.09 -32.48 -73.41
N ARG H 109 33.64 -33.71 -73.14
CA ARG H 109 33.82 -34.28 -71.82
C ARG H 109 35.31 -34.41 -71.49
N LYS H 110 36.10 -34.89 -72.45
CA LYS H 110 37.55 -34.97 -72.23
C LYS H 110 38.14 -33.59 -72.00
N ILE H 111 37.74 -32.60 -72.81
CA ILE H 111 38.27 -31.26 -72.65
C ILE H 111 37.94 -30.69 -71.27
N LEU H 112 36.68 -30.87 -70.84
CA LEU H 112 36.27 -30.31 -69.55
C LEU H 112 36.91 -31.05 -68.39
N SER H 113 37.09 -32.36 -68.50
CA SER H 113 37.74 -33.12 -67.43
C SER H 113 39.24 -32.88 -67.37
N SER H 114 39.84 -32.40 -68.46
CA SER H 114 41.27 -32.08 -68.42
C SER H 114 41.56 -30.88 -67.52
N LEU H 115 40.71 -29.87 -67.53
CA LEU H 115 41.00 -28.64 -66.80
C LEU H 115 40.86 -28.82 -65.29
N TYR H 116 39.88 -29.62 -64.86
CA TYR H 116 39.65 -29.81 -63.44
C TYR H 116 40.81 -30.50 -62.74
N LYS H 117 41.72 -31.13 -63.48
CA LYS H 117 42.87 -31.77 -62.88
C LYS H 117 43.88 -30.75 -62.38
N GLU H 118 44.13 -29.70 -63.18
CA GLU H 118 45.20 -28.76 -62.87
C GLU H 118 44.90 -27.95 -61.61
N VAL H 119 43.66 -27.52 -61.43
CA VAL H 119 43.32 -26.70 -60.27
C VAL H 119 43.53 -27.51 -58.99
N THR H 120 43.02 -28.74 -58.96
CA THR H 120 43.18 -29.59 -57.78
C THR H 120 44.64 -29.94 -57.54
N LYS H 121 45.39 -30.18 -58.63
CA LYS H 121 46.81 -30.48 -58.48
C LYS H 121 47.58 -29.29 -57.92
N ALA H 122 47.21 -28.08 -58.30
CA ALA H 122 47.90 -26.89 -57.82
C ALA H 122 47.49 -26.52 -56.39
N ALA H 123 46.28 -26.87 -55.98
CA ALA H 123 45.77 -26.44 -54.68
C ALA H 123 46.25 -27.30 -53.52
N LEU H 124 47.10 -28.30 -53.77
CA LEU H 124 47.50 -29.20 -52.69
C LEU H 124 48.49 -28.54 -51.73
N LEU H 125 49.41 -27.74 -52.26
CA LEU H 125 50.44 -26.96 -51.58
C LEU H 125 51.60 -27.81 -51.04
N THR H 126 51.50 -29.13 -51.05
CA THR H 126 52.61 -29.94 -50.54
C THR H 126 52.97 -31.14 -51.40
N GLY H 127 52.07 -31.68 -52.18
CA GLY H 127 52.39 -32.81 -53.05
C GLY H 127 52.06 -34.14 -52.38
N GLU H 128 53.09 -34.95 -52.13
CA GLU H 128 52.92 -36.29 -51.59
C GLU H 128 52.78 -36.32 -50.07
N GLN H 129 53.07 -35.22 -49.38
CA GLN H 129 52.89 -35.15 -47.94
C GLN H 129 51.55 -34.54 -47.55
N PHE H 130 50.58 -34.57 -48.47
CA PHE H 130 49.24 -34.07 -48.15
C PHE H 130 48.59 -34.90 -47.05
N ARG H 131 48.78 -36.21 -47.09
CA ARG H 131 48.20 -37.13 -46.10
C ARG H 131 49.17 -37.39 -44.96
N GLU H 132 49.68 -36.34 -44.34
CA GLU H 132 50.55 -36.46 -43.19
C GLU H 132 50.16 -35.41 -42.15
N LYS H 133 50.50 -35.69 -40.91
CA LYS H 133 50.09 -34.86 -39.78
C LYS H 133 51.17 -33.85 -39.42
N ASN H 134 50.75 -32.83 -38.65
CA ASN H 134 51.64 -31.78 -38.16
C ASN H 134 52.29 -31.02 -39.32
N GLN H 135 51.44 -30.47 -40.19
CA GLN H 135 51.91 -29.66 -41.30
C GLN H 135 52.02 -28.18 -40.94
N GLY H 136 51.63 -27.80 -39.73
CA GLY H 136 51.69 -26.43 -39.28
C GLY H 136 52.95 -26.04 -38.53
N LYS H 137 53.88 -26.97 -38.34
CA LYS H 137 55.14 -26.67 -37.66
C LYS H 137 56.26 -26.29 -38.63
N LYS H 138 55.98 -26.25 -39.92
CA LYS H 138 56.99 -25.87 -40.90
C LYS H 138 57.16 -24.35 -40.92
N ASP H 139 58.11 -23.89 -41.72
CA ASP H 139 58.48 -22.48 -41.74
C ASP H 139 57.70 -21.66 -42.77
N ALA H 140 56.77 -22.28 -43.49
CA ALA H 140 56.01 -21.57 -44.52
C ALA H 140 54.70 -21.00 -44.02
N PHE H 141 54.33 -21.22 -42.77
CA PHE H 141 53.06 -20.73 -42.23
C PHE H 141 53.27 -19.79 -41.05
N LYS H 142 54.51 -19.30 -40.88
CA LYS H 142 54.82 -18.39 -39.78
C LYS H 142 54.02 -17.11 -39.87
N TYR H 143 53.88 -16.56 -41.07
CA TYR H 143 53.15 -15.31 -41.22
C TYR H 143 51.64 -15.50 -41.09
N HIS H 144 51.11 -16.66 -41.49
CA HIS H 144 49.71 -16.95 -41.20
C HIS H 144 49.47 -17.02 -39.70
N LYS H 145 50.36 -17.70 -38.98
CA LYS H 145 50.24 -17.76 -37.52
C LYS H 145 50.32 -16.37 -36.90
N GLU H 146 51.25 -15.54 -37.38
CA GLU H 146 51.39 -14.19 -36.86
C GLU H 146 50.13 -13.36 -37.14
N LEU H 147 49.55 -13.52 -38.34
CA LEU H 147 48.33 -12.79 -38.66
C LEU H 147 47.19 -13.16 -37.72
N ILE H 148 46.99 -14.47 -37.50
CA ILE H 148 45.91 -14.89 -36.61
C ILE H 148 46.15 -14.38 -35.19
N SER H 149 47.40 -14.48 -34.72
CA SER H 149 47.72 -14.02 -33.37
C SER H 149 47.47 -12.52 -33.23
N LYS H 150 47.89 -11.73 -34.22
CA LYS H 150 47.70 -10.28 -34.16
C LYS H 150 46.23 -9.92 -34.21
N LEU H 151 45.44 -10.61 -35.04
CA LEU H 151 44.02 -10.31 -35.10
C LEU H 151 43.31 -10.63 -33.79
N ILE H 152 43.62 -11.80 -33.20
CA ILE H 152 42.93 -12.20 -31.98
C ILE H 152 43.36 -11.35 -30.78
N SER H 153 44.66 -11.03 -30.70
CA SER H 153 45.20 -10.41 -29.50
C SER H 153 44.77 -8.96 -29.30
N ASN H 154 44.21 -8.32 -30.33
CA ASN H 154 43.90 -6.89 -30.29
C ASN H 154 42.42 -6.62 -30.00
N ARG H 155 41.77 -7.46 -29.20
CA ARG H 155 40.37 -7.28 -28.85
C ARG H 155 40.22 -7.09 -27.36
N GLN H 156 39.35 -6.15 -26.98
CA GLN H 156 38.96 -5.86 -25.61
C GLN H 156 37.66 -6.58 -25.25
N PRO H 157 37.44 -6.86 -23.97
CA PRO H 157 36.17 -7.51 -23.58
C PRO H 157 34.97 -6.64 -23.91
N GLY H 158 33.89 -7.30 -24.31
CA GLY H 158 32.68 -6.63 -24.72
C GLY H 158 32.53 -6.42 -26.21
N GLN H 159 33.52 -6.80 -27.01
CA GLN H 159 33.48 -6.66 -28.45
C GLN H 159 33.19 -8.01 -29.09
N SER H 160 33.28 -8.07 -30.42
CA SER H 160 32.97 -9.26 -31.19
C SER H 160 34.23 -9.88 -31.76
N ALA H 161 34.20 -11.20 -31.96
CA ALA H 161 35.32 -11.92 -32.51
C ALA H 161 35.50 -11.59 -34.00
N PRO H 162 36.73 -11.65 -34.51
CA PRO H 162 36.95 -11.31 -35.91
C PRO H 162 36.51 -12.43 -36.85
N ALA H 163 36.36 -12.06 -38.12
CA ALA H 163 35.93 -12.98 -39.17
C ALA H 163 36.91 -12.93 -40.33
N ILE H 164 37.11 -14.09 -40.98
CA ILE H 164 38.06 -14.23 -42.07
C ILE H 164 37.32 -14.77 -43.29
N PHE H 165 37.50 -14.11 -44.43
CA PHE H 165 36.91 -14.52 -45.70
C PHE H 165 38.00 -14.90 -46.68
N THR H 166 37.71 -15.88 -47.54
CA THR H 166 38.67 -16.34 -48.52
C THR H 166 37.95 -16.87 -49.75
N THR H 167 38.69 -16.93 -50.86
CA THR H 167 38.19 -17.43 -52.15
C THR H 167 39.12 -18.50 -52.68
N ASN H 168 39.50 -19.44 -51.81
CA ASN H 168 40.47 -20.48 -52.12
C ASN H 168 39.87 -21.85 -51.87
N TYR H 169 40.62 -22.89 -52.25
CA TYR H 169 40.27 -24.26 -51.94
C TYR H 169 41.26 -24.94 -51.00
N ASP H 170 42.39 -24.32 -50.71
CA ASP H 170 43.43 -24.97 -49.93
C ASP H 170 43.14 -24.86 -48.44
N LEU H 171 43.99 -25.49 -47.64
CA LEU H 171 43.85 -25.56 -46.19
C LEU H 171 45.02 -24.90 -45.48
N ALA H 172 45.44 -23.73 -45.97
CA ALA H 172 46.59 -23.05 -45.37
C ALA H 172 46.27 -22.51 -43.99
N LEU H 173 45.04 -22.04 -43.77
CA LEU H 173 44.68 -21.42 -42.51
C LEU H 173 44.24 -22.42 -41.46
N GLU H 174 43.62 -23.53 -41.84
CA GLU H 174 43.30 -24.57 -40.88
C GLU H 174 44.57 -25.19 -40.30
N TRP H 175 45.57 -25.42 -41.14
CA TRP H 175 46.82 -26.01 -40.68
C TRP H 175 47.54 -25.08 -39.71
N ALA H 176 47.53 -23.78 -39.99
CA ALA H 176 48.22 -22.83 -39.11
C ALA H 176 47.47 -22.63 -37.80
N ALA H 177 46.14 -22.59 -37.86
CA ALA H 177 45.35 -22.32 -36.67
C ALA H 177 45.31 -23.50 -35.71
N GLU H 178 45.68 -24.70 -36.15
CA GLU H 178 45.69 -25.87 -35.28
C GLU H 178 47.01 -26.04 -34.54
N ASP H 179 48.10 -25.47 -35.03
CA ASP H 179 49.36 -25.52 -34.30
C ASP H 179 49.25 -24.76 -32.97
N LEU H 180 48.63 -23.58 -33.00
CA LEU H 180 48.46 -22.80 -31.78
C LEU H 180 47.48 -23.48 -30.82
N GLY H 181 46.32 -23.88 -31.34
CA GLY H 181 45.29 -24.47 -30.52
C GLY H 181 44.01 -23.68 -30.52
N ILE H 182 43.88 -22.73 -31.45
CA ILE H 182 42.69 -21.90 -31.54
C ILE H 182 41.60 -22.66 -32.28
N GLN H 183 40.35 -22.32 -32.00
CA GLN H 183 39.20 -22.99 -32.59
C GLN H 183 38.57 -22.12 -33.67
N LEU H 184 38.37 -22.70 -34.85
CA LEU H 184 37.73 -22.01 -35.97
C LEU H 184 36.35 -22.60 -36.21
N PHE H 185 35.36 -21.74 -36.38
CA PHE H 185 33.99 -22.16 -36.65
C PHE H 185 33.70 -22.00 -38.14
N ASN H 186 33.23 -23.09 -38.76
CA ASN H 186 32.91 -23.04 -40.19
C ASN H 186 31.57 -23.69 -40.51
N GLY H 187 30.69 -23.85 -39.51
CA GLY H 187 29.36 -24.34 -39.77
C GLY H 187 29.23 -25.84 -39.92
N PHE H 188 30.13 -26.62 -39.31
CA PHE H 188 30.07 -28.07 -39.36
C PHE H 188 30.14 -28.61 -37.93
N SER H 189 29.47 -29.74 -37.70
CA SER H 189 29.42 -30.36 -36.39
C SER H 189 29.50 -31.87 -36.52
N GLY H 190 29.96 -32.51 -35.46
CA GLY H 190 30.14 -33.96 -35.43
C GLY H 190 31.56 -34.38 -35.76
N LEU H 191 31.84 -35.65 -35.51
CA LEU H 191 33.13 -36.23 -35.84
C LEU H 191 33.01 -37.41 -36.80
N HIS H 192 32.17 -38.40 -36.49
CA HIS H 192 32.00 -39.54 -37.38
C HIS H 192 31.10 -39.22 -38.57
N THR H 193 30.33 -38.14 -38.48
CA THR H 193 29.48 -37.71 -39.60
C THR H 193 29.31 -36.20 -39.47
N ARG H 194 30.07 -35.46 -40.26
CA ARG H 194 30.05 -34.00 -40.22
C ARG H 194 29.05 -33.48 -41.24
N GLN H 195 28.15 -32.61 -40.80
CA GLN H 195 27.10 -32.07 -41.66
C GLN H 195 27.07 -30.55 -41.53
N PHE H 196 26.60 -29.89 -42.59
CA PHE H 196 26.53 -28.44 -42.61
C PHE H 196 25.20 -27.99 -42.03
N TYR H 197 25.26 -27.32 -40.88
CA TYR H 197 24.07 -26.77 -40.23
C TYR H 197 24.16 -25.25 -40.27
N PRO H 198 23.29 -24.57 -41.02
CA PRO H 198 23.39 -23.10 -41.08
C PRO H 198 23.10 -22.42 -39.75
N GLN H 199 22.46 -23.12 -38.81
CA GLN H 199 22.01 -22.48 -37.57
C GLN H 199 23.13 -22.30 -36.56
N ASN H 200 24.25 -23.01 -36.71
CA ASN H 200 25.29 -23.01 -35.69
C ASN H 200 26.37 -21.96 -35.93
N PHE H 201 26.03 -20.85 -36.59
CA PHE H 201 26.92 -19.71 -36.68
C PHE H 201 26.68 -18.70 -35.57
N ASP H 202 25.84 -19.03 -34.60
CA ASP H 202 25.54 -18.12 -33.49
C ASP H 202 25.95 -18.74 -32.17
N LEU H 203 27.13 -19.33 -32.11
CA LEU H 203 27.62 -20.02 -30.93
C LEU H 203 28.87 -19.33 -30.39
N ALA H 204 29.09 -19.50 -29.08
CA ALA H 204 30.24 -18.91 -28.41
C ALA H 204 30.58 -19.74 -27.20
N PHE H 205 31.79 -19.54 -26.67
CA PHE H 205 32.28 -20.29 -25.53
C PHE H 205 31.93 -19.58 -24.22
N ARG H 206 31.97 -20.36 -23.14
CA ARG H 206 31.69 -19.88 -21.79
C ARG H 206 32.24 -20.87 -20.78
N ASN H 207 32.76 -20.36 -19.68
CA ASN H 207 33.40 -21.18 -18.65
C ASN H 207 32.43 -21.42 -17.50
N VAL H 208 32.26 -22.69 -17.14
CA VAL H 208 31.26 -23.06 -16.14
C VAL H 208 31.71 -22.60 -14.74
N ASN H 209 32.99 -22.77 -14.42
CA ASN H 209 33.50 -22.49 -13.07
C ASN H 209 33.73 -20.99 -12.92
N ALA H 210 32.63 -20.26 -12.76
CA ALA H 210 32.68 -18.82 -12.56
C ALA H 210 32.88 -18.49 -11.09
N GLY H 217 39.68 -22.18 -25.14
CA GLY H 217 39.52 -21.25 -24.03
C GLY H 217 38.66 -20.06 -24.40
N HIS H 218 39.20 -18.86 -24.19
CA HIS H 218 38.49 -17.63 -24.49
C HIS H 218 38.88 -17.05 -25.85
N TYR H 219 39.70 -17.75 -26.62
CA TYR H 219 40.11 -17.31 -27.94
C TYR H 219 39.42 -18.15 -29.01
N HIS H 220 38.84 -17.48 -30.00
CA HIS H 220 38.14 -18.15 -31.09
C HIS H 220 37.96 -17.18 -32.24
N ALA H 221 37.51 -17.72 -33.38
CA ALA H 221 37.31 -16.93 -34.58
C ALA H 221 36.34 -17.67 -35.48
N TYR H 222 35.92 -16.99 -36.55
CA TYR H 222 34.98 -17.53 -37.53
C TYR H 222 35.63 -17.54 -38.90
N LEU H 223 35.33 -18.58 -39.69
CA LEU H 223 35.92 -18.74 -41.02
C LEU H 223 34.80 -18.97 -42.03
N TYR H 224 34.80 -18.18 -43.09
CA TYR H 224 33.84 -18.33 -44.19
C TYR H 224 34.61 -18.60 -45.48
N LYS H 225 34.20 -19.64 -46.20
CA LYS H 225 34.76 -19.96 -47.50
C LYS H 225 33.68 -19.80 -48.56
N LEU H 226 33.97 -19.00 -49.58
CA LEU H 226 32.94 -18.57 -50.52
C LEU H 226 32.82 -19.46 -51.75
N HIS H 227 33.89 -20.14 -52.13
CA HIS H 227 33.88 -20.98 -53.32
C HIS H 227 34.18 -22.44 -52.97
N GLY H 228 33.67 -22.89 -51.83
CA GLY H 228 33.82 -24.28 -51.46
C GLY H 228 35.20 -24.61 -50.93
N SER H 229 35.45 -25.90 -50.80
CA SER H 229 36.72 -26.41 -50.28
C SER H 229 37.07 -27.71 -50.97
N LEU H 230 38.29 -28.17 -50.73
CA LEU H 230 38.83 -29.38 -51.36
C LEU H 230 38.41 -30.64 -50.63
N THR H 231 37.66 -30.53 -49.55
CA THR H 231 37.22 -31.66 -48.74
C THR H 231 35.74 -31.94 -48.85
N TRP H 232 34.92 -30.90 -48.94
CA TRP H 232 33.47 -31.08 -48.96
C TRP H 232 33.02 -31.87 -50.18
N TYR H 233 32.05 -32.76 -49.97
CA TYR H 233 31.46 -33.53 -51.05
C TYR H 233 30.01 -33.81 -50.72
N GLN H 234 29.13 -33.64 -51.71
CA GLN H 234 27.71 -33.82 -51.54
C GLN H 234 27.26 -35.11 -52.22
N ASN H 235 26.66 -36.01 -51.44
CA ASN H 235 26.17 -37.26 -51.97
C ASN H 235 24.76 -37.09 -52.53
N ASP H 236 24.15 -38.21 -52.91
CA ASP H 236 22.80 -38.18 -53.47
C ASP H 236 21.74 -37.77 -52.46
N SER H 237 22.08 -37.75 -51.17
CA SER H 237 21.13 -37.37 -50.13
C SER H 237 20.96 -35.86 -50.01
N LEU H 238 21.55 -35.08 -50.93
CA LEU H 238 21.43 -33.62 -50.95
C LEU H 238 21.93 -33.00 -49.63
N THR H 239 23.02 -33.55 -49.10
CA THR H 239 23.66 -33.02 -47.90
C THR H 239 25.16 -32.98 -48.11
N VAL H 240 25.82 -32.09 -47.38
CA VAL H 240 27.25 -31.85 -47.51
C VAL H 240 27.96 -32.45 -46.31
N ASN H 241 29.03 -33.20 -46.56
CA ASN H 241 29.82 -33.84 -45.53
C ASN H 241 31.28 -33.41 -45.62
N GLU H 242 31.99 -33.52 -44.50
CA GLU H 242 33.39 -33.13 -44.41
C GLU H 242 34.20 -34.28 -43.82
N VAL H 243 35.39 -34.50 -44.38
CA VAL H 243 36.27 -35.57 -43.93
C VAL H 243 37.65 -34.99 -43.64
N SER H 244 38.61 -35.85 -43.32
CA SER H 244 39.97 -35.43 -43.04
C SER H 244 40.80 -35.48 -44.31
N ALA H 245 42.04 -34.99 -44.22
CA ALA H 245 42.92 -34.95 -45.38
C ALA H 245 43.29 -36.36 -45.86
N SER H 246 43.62 -37.24 -44.92
CA SER H 246 44.05 -38.59 -45.30
C SER H 246 42.92 -39.37 -45.94
N GLN H 247 41.71 -39.30 -45.36
CA GLN H 247 40.57 -40.02 -45.93
C GLN H 247 40.20 -39.47 -47.30
N ALA H 248 40.26 -38.15 -47.47
CA ALA H 248 40.00 -37.56 -48.78
C ALA H 248 41.03 -38.01 -49.81
N TYR H 249 42.31 -38.03 -49.43
CA TYR H 249 43.36 -38.45 -50.36
C TYR H 249 43.18 -39.91 -50.75
N ASP H 250 42.83 -40.77 -49.80
CA ASP H 250 42.67 -42.18 -50.10
C ASP H 250 41.30 -42.53 -50.66
N GLU H 251 40.38 -41.58 -50.74
CA GLU H 251 39.02 -41.86 -51.19
C GLU H 251 38.73 -41.37 -52.60
N TYR H 252 38.90 -40.06 -52.88
CA TYR H 252 38.46 -39.55 -54.18
C TYR H 252 39.38 -38.51 -54.83
N ILE H 253 40.54 -38.20 -54.26
CA ILE H 253 41.44 -37.27 -54.94
C ILE H 253 42.79 -37.94 -55.20
N ASN H 254 42.78 -39.25 -55.39
CA ASN H 254 43.95 -39.98 -55.86
C ASN H 254 43.80 -40.52 -57.27
N ASP H 255 42.59 -40.96 -57.65
CA ASP H 255 42.36 -41.39 -59.02
C ASP H 255 42.22 -40.21 -59.96
N ILE H 256 41.89 -39.02 -59.45
CA ILE H 256 41.80 -37.84 -60.29
C ILE H 256 43.18 -37.43 -60.79
N ILE H 257 44.19 -37.49 -59.93
CA ILE H 257 45.53 -37.06 -60.31
C ILE H 257 46.22 -38.11 -61.16
N ASN H 258 46.30 -39.35 -60.65
CA ASN H 258 47.03 -40.39 -61.35
C ASN H 258 46.33 -40.79 -62.65
N LYS H 259 45.03 -41.06 -62.57
CA LYS H 259 44.25 -41.44 -63.75
C LYS H 259 43.56 -40.23 -64.36
N ASP H 260 43.33 -40.29 -65.66
CA ASP H 260 42.80 -39.16 -66.41
C ASP H 260 41.38 -39.45 -66.90
N ASP H 261 40.61 -38.37 -67.06
CA ASP H 261 39.26 -38.41 -67.62
C ASP H 261 38.33 -39.30 -66.79
N PHE H 262 38.31 -39.04 -65.48
CA PHE H 262 37.41 -39.75 -64.58
C PHE H 262 36.78 -38.79 -63.57
N TYR H 263 36.32 -37.64 -64.05
CA TYR H 263 35.69 -36.64 -63.19
C TYR H 263 34.19 -36.63 -63.47
N ARG H 264 33.40 -37.05 -62.47
CA ARG H 264 31.94 -36.90 -62.50
C ARG H 264 31.50 -36.37 -61.14
N GLY H 265 31.51 -35.05 -61.00
CA GLY H 265 31.03 -34.36 -59.81
C GLY H 265 31.39 -34.96 -58.47
N GLN H 266 32.63 -35.43 -58.30
CA GLN H 266 33.02 -36.05 -57.04
C GLN H 266 33.12 -35.03 -55.92
N HIS H 267 33.80 -33.91 -56.16
CA HIS H 267 33.90 -32.84 -55.18
C HIS H 267 33.35 -31.55 -55.76
N LEU H 268 32.63 -30.79 -54.92
CA LEU H 268 31.91 -29.62 -55.37
C LEU H 268 32.77 -28.37 -55.22
N ILE H 269 32.91 -27.62 -56.32
CA ILE H 269 33.63 -26.35 -56.34
C ILE H 269 32.89 -25.41 -57.28
N TYR H 270 33.27 -24.13 -57.22
CA TYR H 270 32.72 -23.09 -58.08
C TYR H 270 33.86 -22.40 -58.80
N PRO H 271 34.43 -23.04 -59.82
CA PRO H 271 35.55 -22.43 -60.56
C PRO H 271 35.14 -21.55 -61.73
N GLY H 272 33.85 -21.49 -62.06
CA GLY H 272 33.41 -20.67 -63.16
C GLY H 272 33.06 -19.26 -62.75
N ALA H 273 33.05 -18.37 -63.73
CA ALA H 273 32.69 -16.98 -63.47
C ALA H 273 31.20 -16.83 -63.20
N ASN H 274 30.37 -17.51 -63.97
CA ASN H 274 28.91 -17.45 -63.82
C ASN H 274 28.46 -18.64 -62.98
N LYS H 275 28.12 -18.39 -61.72
CA LYS H 275 27.63 -19.43 -60.82
C LYS H 275 26.12 -19.54 -60.80
N TYR H 276 25.41 -18.76 -61.60
CA TYR H 276 23.95 -18.79 -61.60
C TYR H 276 23.38 -20.01 -62.32
N SER H 277 24.20 -20.75 -63.06
CA SER H 277 23.74 -22.02 -63.62
C SER H 277 23.46 -23.03 -62.51
N HIS H 278 24.32 -23.07 -61.49
CA HIS H 278 24.10 -23.97 -60.36
C HIS H 278 23.09 -23.36 -59.40
N THR H 279 21.98 -24.07 -59.17
CA THR H 279 20.88 -23.53 -58.38
C THR H 279 20.51 -24.37 -57.17
N ILE H 280 20.97 -25.62 -57.08
CA ILE H 280 20.58 -26.51 -56.00
C ILE H 280 21.57 -26.50 -54.85
N GLY H 281 22.50 -25.54 -54.83
CA GLY H 281 23.47 -25.46 -53.76
C GLY H 281 23.20 -24.32 -52.81
N PHE H 282 22.76 -24.64 -51.59
CA PHE H 282 22.46 -23.62 -50.60
C PHE H 282 23.68 -23.18 -49.80
N VAL H 283 24.77 -23.94 -49.84
CA VAL H 283 25.98 -23.53 -49.13
C VAL H 283 26.55 -22.27 -49.74
N TYR H 284 26.51 -22.16 -51.07
CA TYR H 284 26.97 -20.95 -51.74
C TYR H 284 26.15 -19.74 -51.33
N GLY H 285 24.83 -19.89 -51.29
CA GLY H 285 23.97 -18.77 -50.92
C GLY H 285 24.06 -18.39 -49.46
N GLU H 286 24.37 -19.36 -48.60
CA GLU H 286 24.45 -19.07 -47.18
C GLU H 286 25.64 -18.17 -46.85
N MET H 287 26.79 -18.41 -47.48
CA MET H 287 27.99 -17.63 -47.15
C MET H 287 27.84 -16.17 -47.55
N PHE H 288 27.27 -15.91 -48.72
CA PHE H 288 27.20 -14.54 -49.22
C PHE H 288 26.25 -13.69 -48.40
N ARG H 289 25.22 -14.30 -47.80
CA ARG H 289 24.32 -13.54 -46.93
C ARG H 289 25.07 -12.98 -45.73
N ARG H 290 25.94 -13.79 -45.11
CA ARG H 290 26.73 -13.29 -43.99
C ARG H 290 27.70 -12.20 -44.44
N PHE H 291 28.27 -12.33 -45.63
CA PHE H 291 29.16 -11.29 -46.15
C PHE H 291 28.41 -9.98 -46.34
N GLY H 292 27.18 -10.05 -46.86
CA GLY H 292 26.38 -8.84 -47.00
C GLY H 292 25.98 -8.24 -45.66
N GLU H 293 25.67 -9.10 -44.69
CA GLU H 293 25.26 -8.61 -43.37
C GLU H 293 26.42 -7.98 -42.61
N PHE H 294 27.64 -8.48 -42.82
CA PHE H 294 28.79 -7.98 -42.08
C PHE H 294 29.07 -6.51 -42.39
N ILE H 295 29.00 -6.13 -43.66
CA ILE H 295 29.37 -4.79 -44.08
C ILE H 295 28.17 -3.86 -44.13
N SER H 296 27.07 -4.23 -43.48
CA SER H 296 25.91 -3.36 -43.33
C SER H 296 25.76 -2.87 -41.90
N LYS H 297 26.85 -2.93 -41.13
CA LYS H 297 26.86 -2.52 -39.73
C LYS H 297 27.79 -1.33 -39.54
N PRO H 298 27.50 -0.46 -38.59
CA PRO H 298 28.37 0.70 -38.35
C PRO H 298 29.69 0.29 -37.73
N GLN H 299 30.68 1.18 -37.89
CA GLN H 299 32.02 1.00 -37.32
C GLN H 299 32.67 -0.29 -37.83
N THR H 300 32.92 -0.31 -39.13
CA THR H 300 33.47 -1.49 -39.79
C THR H 300 34.78 -1.15 -40.48
N ALA H 301 35.74 -2.07 -40.39
CA ALA H 301 37.00 -1.98 -41.10
C ALA H 301 37.25 -3.30 -41.83
N LEU H 302 37.77 -3.20 -43.05
CA LEU H 302 37.98 -4.38 -43.88
C LEU H 302 39.29 -4.24 -44.65
N PHE H 303 40.12 -5.29 -44.60
CA PHE H 303 41.39 -5.33 -45.31
C PHE H 303 41.31 -6.32 -46.46
N ILE H 304 41.85 -5.92 -47.62
CA ILE H 304 41.85 -6.76 -48.81
C ILE H 304 43.28 -6.95 -49.27
N ASN H 305 43.66 -8.21 -49.52
CA ASN H 305 45.00 -8.53 -50.01
C ASN H 305 44.92 -9.80 -50.84
N GLY H 306 45.54 -9.75 -52.02
CA GLY H 306 45.56 -10.88 -52.91
C GLY H 306 44.37 -11.02 -53.84
N PHE H 307 43.45 -10.08 -53.82
CA PHE H 307 42.27 -10.12 -54.69
C PHE H 307 42.60 -9.48 -56.03
N GLY H 308 42.16 -10.14 -57.11
CA GLY H 308 42.47 -9.68 -58.44
C GLY H 308 41.42 -8.84 -59.11
N PHE H 309 40.26 -8.65 -58.47
CA PHE H 309 39.19 -7.80 -58.98
C PHE H 309 38.71 -8.29 -60.34
N GLY H 310 38.27 -9.56 -60.37
CA GLY H 310 37.77 -10.14 -61.59
C GLY H 310 36.43 -10.82 -61.43
N ASP H 311 35.77 -10.58 -60.30
CA ASP H 311 34.46 -11.15 -60.01
C ASP H 311 33.43 -10.03 -59.94
N TYR H 312 32.35 -10.17 -60.71
CA TYR H 312 31.34 -9.13 -60.80
C TYR H 312 30.59 -8.95 -59.48
N HIS H 313 30.25 -10.05 -58.83
CA HIS H 313 29.39 -10.01 -57.64
C HIS H 313 30.07 -9.27 -56.50
N ILE H 314 31.32 -9.62 -56.21
CA ILE H 314 32.05 -9.01 -55.10
C ILE H 314 32.31 -7.53 -55.39
N ASN H 315 32.67 -7.20 -56.64
CA ASN H 315 32.89 -5.80 -57.00
C ASN H 315 31.62 -4.98 -56.82
N ARG H 316 30.47 -5.51 -57.25
CA ARG H 316 29.21 -4.80 -57.08
C ARG H 316 28.89 -4.60 -55.60
N ILE H 317 29.10 -5.63 -54.78
CA ILE H 317 28.83 -5.50 -53.35
C ILE H 317 29.71 -4.42 -52.73
N ILE H 318 31.00 -4.43 -53.08
CA ILE H 318 31.94 -3.47 -52.50
C ILE H 318 31.57 -2.05 -52.92
N LEU H 319 31.26 -1.86 -54.20
CA LEU H 319 30.89 -0.52 -54.66
C LEU H 319 29.60 -0.05 -54.01
N GLY H 320 28.63 -0.94 -53.84
CA GLY H 320 27.37 -0.55 -53.23
C GLY H 320 27.51 -0.19 -51.76
N ALA H 321 28.38 -0.90 -51.04
CA ALA H 321 28.49 -0.72 -49.60
C ALA H 321 29.38 0.46 -49.19
N LEU H 322 29.65 1.40 -50.10
CA LEU H 322 30.49 2.56 -49.78
C LEU H 322 29.68 3.78 -49.37
N LEU H 323 28.36 3.67 -49.28
CA LEU H 323 27.52 4.79 -48.89
C LEU H 323 27.34 4.90 -47.38
N ASN H 324 27.79 3.91 -46.63
CA ASN H 324 27.71 3.97 -45.17
C ASN H 324 28.81 4.88 -44.64
N PRO H 325 28.46 5.91 -43.85
CA PRO H 325 29.48 6.86 -43.39
C PRO H 325 30.36 6.32 -42.27
N SER H 326 30.32 5.02 -42.03
CA SER H 326 31.17 4.38 -41.03
C SER H 326 31.81 3.13 -41.60
N PHE H 327 32.18 3.17 -42.88
CA PHE H 327 32.78 2.05 -43.59
C PHE H 327 34.15 2.48 -44.10
N HIS H 328 35.19 1.73 -43.74
CA HIS H 328 36.55 2.02 -44.15
C HIS H 328 37.16 0.80 -44.82
N VAL H 329 37.98 1.05 -45.84
CA VAL H 329 38.56 -0.03 -46.66
C VAL H 329 40.01 0.30 -46.97
N VAL H 330 40.85 -0.73 -47.00
CA VAL H 330 42.24 -0.62 -47.43
C VAL H 330 42.47 -1.68 -48.51
N ILE H 331 43.05 -1.26 -49.64
CA ILE H 331 43.22 -2.11 -50.80
C ILE H 331 44.69 -2.17 -51.16
N TYR H 332 45.19 -3.39 -51.38
CA TYR H 332 46.57 -3.62 -51.81
C TYR H 332 46.57 -4.03 -53.27
N TYR H 333 47.42 -3.39 -54.08
CA TYR H 333 47.47 -3.70 -55.50
C TYR H 333 48.86 -3.39 -56.05
N PRO H 334 49.64 -4.41 -56.41
CA PRO H 334 51.03 -4.15 -56.85
C PRO H 334 51.14 -3.30 -58.11
N GLU H 335 50.47 -3.70 -59.20
CA GLU H 335 50.67 -3.05 -60.51
C GLU H 335 49.65 -1.92 -60.69
N LEU H 336 49.81 -0.87 -59.88
CA LEU H 336 48.89 0.25 -59.97
C LEU H 336 49.30 1.27 -61.02
N LYS H 337 50.59 1.40 -61.31
CA LYS H 337 51.05 2.40 -62.27
C LYS H 337 50.70 1.99 -63.70
N GLU H 338 50.89 0.71 -64.03
CA GLU H 338 50.55 0.24 -65.36
C GLU H 338 49.06 0.39 -65.64
N ALA H 339 48.22 0.17 -64.63
CA ALA H 339 46.78 0.35 -64.81
C ALA H 339 46.44 1.78 -65.19
N ILE H 340 47.04 2.75 -64.49
CA ILE H 340 46.81 4.16 -64.82
C ILE H 340 47.31 4.47 -66.22
N THR H 341 48.51 3.99 -66.56
CA THR H 341 49.08 4.27 -67.87
C THR H 341 48.20 3.72 -68.99
N LYS H 342 47.72 2.48 -68.84
CA LYS H 342 46.88 1.89 -69.88
C LYS H 342 45.46 2.43 -69.89
N VAL H 343 44.96 2.94 -68.78
CA VAL H 343 43.59 3.47 -68.76
C VAL H 343 43.55 4.93 -69.21
N SER H 344 44.65 5.66 -69.12
CA SER H 344 44.67 7.03 -69.63
C SER H 344 44.57 7.09 -71.15
N LYS H 345 44.91 5.99 -71.84
CA LYS H 345 44.92 5.94 -73.29
C LYS H 345 43.68 5.29 -73.88
N GLY H 346 42.66 5.02 -73.07
CA GLY H 346 41.42 4.45 -73.55
C GLY H 346 41.41 2.95 -73.69
N GLY H 347 42.45 2.25 -73.23
CA GLY H 347 42.48 0.80 -73.31
C GLY H 347 42.16 0.14 -71.99
N GLY H 348 42.95 -0.87 -71.62
CA GLY H 348 42.77 -1.56 -70.36
C GLY H 348 41.69 -2.62 -70.42
N SER H 349 41.59 -3.38 -69.33
CA SER H 349 40.61 -4.43 -69.18
C SER H 349 39.58 -4.05 -68.13
N GLU H 350 38.60 -4.94 -67.93
CA GLU H 350 37.59 -4.69 -66.92
C GLU H 350 38.16 -4.73 -65.51
N ALA H 351 39.23 -5.49 -65.31
CA ALA H 351 39.87 -5.55 -64.00
C ALA H 351 40.64 -4.28 -63.66
N GLU H 352 41.03 -3.50 -64.66
CA GLU H 352 41.76 -2.26 -64.43
C GLU H 352 40.87 -1.03 -64.38
N LYS H 353 39.64 -1.13 -64.87
CA LYS H 353 38.72 0.00 -64.78
C LYS H 353 38.15 0.16 -63.38
N ALA H 354 38.01 -0.93 -62.63
CA ALA H 354 37.44 -0.85 -61.29
C ALA H 354 38.41 -0.20 -60.30
N ILE H 355 39.68 -0.61 -60.35
CA ILE H 355 40.65 -0.12 -59.36
C ILE H 355 40.96 1.35 -59.60
N VAL H 356 41.06 1.77 -60.85
CA VAL H 356 41.30 3.18 -61.15
C VAL H 356 40.12 4.03 -60.70
N THR H 357 38.89 3.53 -60.93
CA THR H 357 37.71 4.24 -60.44
C THR H 357 37.72 4.35 -58.92
N LEU H 358 38.12 3.27 -58.24
CA LEU H 358 38.19 3.30 -56.78
C LEU H 358 39.21 4.33 -56.30
N LYS H 359 40.35 4.43 -56.99
CA LYS H 359 41.39 5.37 -56.60
C LYS H 359 40.94 6.83 -56.75
N ASN H 360 39.99 7.10 -57.64
CA ASN H 360 39.56 8.46 -57.95
C ASN H 360 38.38 8.92 -57.09
N MET H 361 38.02 8.16 -56.07
CA MET H 361 36.94 8.57 -55.19
C MET H 361 37.32 9.82 -54.40
N ALA H 362 36.32 10.61 -54.04
CA ALA H 362 36.51 11.87 -53.32
C ALA H 362 36.30 11.72 -51.82
N PHE H 363 36.08 10.51 -51.33
CA PHE H 363 35.86 10.29 -49.91
C PHE H 363 37.16 9.90 -49.21
N ASN H 364 37.18 10.11 -47.89
CA ASN H 364 38.34 9.79 -47.08
C ASN H 364 38.27 8.39 -46.49
N GLN H 365 37.30 7.57 -46.91
CA GLN H 365 37.14 6.22 -46.39
C GLN H 365 37.69 5.16 -47.34
N VAL H 366 38.45 5.57 -48.35
CA VAL H 366 39.05 4.65 -49.31
C VAL H 366 40.55 4.87 -49.33
N THR H 367 41.32 3.78 -49.26
CA THR H 367 42.76 3.84 -49.26
C THR H 367 43.31 2.73 -50.16
N VAL H 368 44.24 3.09 -51.04
CA VAL H 368 44.85 2.16 -51.98
C VAL H 368 46.35 2.21 -51.79
N VAL H 369 46.97 1.03 -51.67
CA VAL H 369 48.42 0.91 -51.48
C VAL H 369 49.00 0.18 -52.68
N GLY H 370 50.02 0.74 -53.30
CA GLY H 370 50.70 0.14 -54.42
C GLY H 370 52.20 0.29 -54.31
N GLY H 371 52.89 -0.20 -55.33
CA GLY H 371 54.33 -0.08 -55.40
C GLY H 371 55.07 -1.39 -55.54
N GLY H 372 54.39 -2.43 -56.03
CA GLY H 372 55.04 -3.68 -56.32
C GLY H 372 55.31 -4.56 -55.11
N SER H 373 56.59 -4.80 -54.83
CA SER H 373 56.98 -5.71 -53.77
C SER H 373 56.60 -5.22 -52.38
N LYS H 374 56.27 -3.94 -52.22
CA LYS H 374 55.88 -3.42 -50.91
C LYS H 374 54.45 -3.75 -50.54
N ALA H 375 53.66 -4.29 -51.46
CA ALA H 375 52.25 -4.60 -51.22
C ALA H 375 52.00 -6.09 -51.33
N TYR H 376 52.88 -6.90 -50.75
CA TYR H 376 52.73 -8.35 -50.73
C TYR H 376 52.14 -8.78 -49.39
N PHE H 377 51.98 -10.09 -49.22
CA PHE H 377 51.39 -10.61 -47.99
C PHE H 377 52.37 -10.51 -46.82
N ASN H 378 53.66 -10.73 -47.08
CA ASN H 378 54.65 -10.63 -46.02
C ASN H 378 54.80 -9.21 -45.50
N SER H 379 54.42 -8.21 -46.29
CA SER H 379 54.47 -6.82 -45.85
C SER H 379 53.19 -6.36 -45.20
N PHE H 380 52.05 -6.97 -45.57
CA PHE H 380 50.78 -6.61 -44.96
C PHE H 380 50.76 -6.97 -43.47
N VAL H 381 51.30 -8.14 -43.12
CA VAL H 381 51.25 -8.59 -41.73
C VAL H 381 52.09 -7.68 -40.84
N GLU H 382 53.22 -7.20 -41.36
CA GLU H 382 54.12 -6.38 -40.56
C GLU H 382 53.50 -5.03 -40.20
N HIS H 383 52.61 -4.51 -41.05
CA HIS H 383 52.03 -3.20 -40.79
C HIS H 383 51.12 -3.21 -39.57
N LEU H 384 50.46 -4.34 -39.29
CA LEU H 384 49.57 -4.43 -38.15
C LEU H 384 50.36 -4.28 -36.85
N PRO H 385 49.75 -3.69 -35.82
CA PRO H 385 50.49 -3.42 -34.58
C PRO H 385 50.33 -4.51 -33.53
N TYR H 386 51.15 -4.44 -32.48
CA TYR H 386 51.13 -5.19 -31.25
C TYR H 386 50.47 -4.37 -30.15
N PRO H 387 49.59 -4.97 -29.35
CA PRO H 387 48.87 -4.17 -28.34
C PRO H 387 49.79 -3.65 -27.25
N VAL H 388 49.43 -2.48 -26.73
CA VAL H 388 50.14 -1.87 -25.60
C VAL H 388 49.31 -2.16 -24.36
N LEU H 389 49.82 -3.02 -23.48
CA LEU H 389 49.01 -3.54 -22.38
C LEU H 389 48.97 -2.57 -21.20
N PHE H 390 50.12 -2.33 -20.58
CA PHE H 390 50.15 -1.52 -19.37
C PHE H 390 50.17 -0.02 -19.64
N PRO H 391 51.05 0.48 -20.54
CA PRO H 391 51.01 1.93 -20.75
C PRO H 391 49.73 2.40 -21.42
N SER I 2 13.64 -58.10 -3.94
CA SER I 2 13.18 -57.05 -4.84
C SER I 2 13.90 -55.73 -4.55
N ILE I 3 13.23 -54.84 -3.83
CA ILE I 3 13.74 -53.51 -3.51
C ILE I 3 13.97 -53.41 -2.02
N TYR I 4 15.19 -53.05 -1.63
CA TYR I 4 15.55 -52.86 -0.23
C TYR I 4 16.14 -51.47 -0.04
N GLN I 5 15.57 -50.71 0.89
CA GLN I 5 16.10 -49.41 1.28
C GLN I 5 16.17 -49.37 2.80
N GLY I 6 17.38 -49.50 3.34
CA GLY I 6 17.56 -49.52 4.77
C GLY I 6 17.27 -50.85 5.43
N GLY I 7 17.03 -51.91 4.66
CA GLY I 7 16.77 -53.23 5.20
C GLY I 7 15.33 -53.69 5.11
N ASN I 8 14.39 -52.83 4.72
CA ASN I 8 12.99 -53.21 4.60
C ASN I 8 12.52 -53.07 3.17
N LYS I 9 11.49 -53.83 2.83
CA LYS I 9 11.03 -53.92 1.45
C LYS I 9 10.30 -52.63 1.04
N LEU I 10 9.94 -52.57 -0.23
CA LEU I 10 9.28 -51.41 -0.80
C LEU I 10 8.51 -51.84 -2.03
N ASN I 11 7.52 -51.03 -2.41
CA ASN I 11 6.72 -51.28 -3.60
C ASN I 11 7.16 -50.35 -4.72
N GLU I 12 6.65 -50.63 -5.93
CA GLU I 12 7.07 -49.87 -7.10
C GLU I 12 6.50 -48.46 -7.09
N ASP I 13 5.30 -48.29 -6.53
CA ASP I 13 4.65 -46.98 -6.58
C ASP I 13 5.45 -45.92 -5.83
N ASP I 14 5.96 -46.25 -4.63
CA ASP I 14 6.79 -45.30 -3.90
C ASP I 14 8.18 -45.20 -4.51
N PHE I 15 8.70 -46.29 -5.07
CA PHE I 15 10.02 -46.27 -5.67
C PHE I 15 10.07 -45.33 -6.87
N ARG I 16 9.01 -45.31 -7.68
CA ARG I 16 8.99 -44.43 -8.84
C ARG I 16 9.05 -42.96 -8.43
N SER I 17 8.27 -42.59 -7.41
CA SER I 17 8.31 -41.21 -6.93
C SER I 17 9.65 -40.87 -6.30
N HIS I 18 10.26 -41.83 -5.60
CA HIS I 18 11.59 -41.62 -5.04
C HIS I 18 12.61 -41.36 -6.14
N VAL I 19 12.53 -42.14 -7.24
CA VAL I 19 13.44 -41.93 -8.35
C VAL I 19 13.20 -40.56 -8.99
N TYR I 20 11.93 -40.17 -9.12
CA TYR I 20 11.62 -38.86 -9.68
C TYR I 20 12.20 -37.74 -8.82
N SER I 21 12.17 -37.91 -7.48
CA SER I 21 12.69 -36.90 -6.60
C SER I 21 14.20 -36.72 -6.78
N LEU I 22 14.93 -37.81 -6.99
CA LEU I 22 16.38 -37.73 -7.05
C LEU I 22 16.86 -36.97 -8.29
N CYS I 23 16.13 -37.06 -9.40
CA CYS I 23 16.55 -36.43 -10.64
C CYS I 23 16.51 -34.91 -10.60
N GLN I 24 15.90 -34.32 -9.58
CA GLN I 24 15.79 -32.86 -9.48
C GLN I 24 16.90 -32.23 -8.67
N LEU I 25 17.87 -33.01 -8.19
CA LEU I 25 18.97 -32.46 -7.41
C LEU I 25 19.90 -31.66 -8.32
N ASP I 26 20.93 -31.07 -7.70
CA ASP I 26 21.84 -30.22 -8.45
C ASP I 26 22.66 -31.01 -9.46
N ASN I 27 23.15 -32.19 -9.06
CA ASN I 27 24.02 -32.99 -9.91
C ASN I 27 23.39 -34.35 -10.16
N VAL I 28 23.47 -34.81 -11.42
CA VAL I 28 22.95 -36.11 -11.82
C VAL I 28 24.01 -36.80 -12.68
N GLY I 29 24.28 -38.07 -12.39
CA GLY I 29 25.25 -38.82 -13.15
C GLY I 29 24.91 -40.29 -13.18
N VAL I 30 25.50 -40.99 -14.16
CA VAL I 30 25.31 -42.42 -14.32
C VAL I 30 26.65 -43.10 -14.53
N LEU I 31 26.68 -44.41 -14.26
CA LEU I 31 27.85 -45.23 -14.49
C LEU I 31 27.39 -46.57 -15.03
N LEU I 32 27.88 -46.93 -16.22
CA LEU I 32 27.47 -48.14 -16.92
C LEU I 32 28.67 -49.05 -17.11
N GLY I 33 28.45 -50.35 -16.92
CA GLY I 33 29.47 -51.36 -17.05
C GLY I 33 29.39 -52.09 -18.37
N ALA I 34 29.94 -53.30 -18.40
CA ALA I 34 29.98 -54.12 -19.60
C ALA I 34 28.69 -54.87 -19.87
N GLY I 35 27.68 -54.72 -19.01
CA GLY I 35 26.42 -55.40 -19.21
C GLY I 35 25.40 -54.57 -19.95
N ALA I 36 25.70 -53.28 -20.14
CA ALA I 36 24.79 -52.40 -20.86
C ALA I 36 24.81 -52.67 -22.36
N SER I 37 25.90 -53.21 -22.90
CA SER I 37 26.03 -53.45 -24.32
C SER I 37 25.67 -54.88 -24.73
N VAL I 38 25.20 -55.70 -23.79
CA VAL I 38 24.85 -57.07 -24.14
C VAL I 38 23.64 -57.10 -25.06
N GLY I 39 22.69 -56.19 -24.87
CA GLY I 39 21.50 -56.14 -25.70
C GLY I 39 21.70 -55.59 -27.09
N CYS I 40 22.91 -55.14 -27.45
CA CYS I 40 23.16 -54.62 -28.78
C CYS I 40 24.30 -55.35 -29.49
N GLY I 41 24.64 -56.55 -29.04
CA GLY I 41 25.65 -57.36 -29.69
C GLY I 41 26.97 -57.49 -28.95
N GLY I 42 27.01 -57.19 -27.66
CA GLY I 42 28.23 -57.27 -26.88
C GLY I 42 28.38 -58.60 -26.16
N LYS I 43 29.43 -58.69 -25.35
CA LYS I 43 29.71 -59.86 -24.55
C LYS I 43 30.21 -59.42 -23.18
N THR I 44 30.07 -60.31 -22.20
CA THR I 44 30.56 -60.07 -20.87
C THR I 44 31.97 -60.62 -20.71
N MET I 45 32.60 -60.29 -19.58
CA MET I 45 33.94 -60.78 -19.32
C MET I 45 33.96 -62.30 -19.13
N LYS I 46 32.87 -62.87 -18.62
CA LYS I 46 32.79 -64.31 -18.43
C LYS I 46 32.78 -65.04 -19.78
N ASP I 47 32.06 -64.50 -20.77
CA ASP I 47 31.99 -65.15 -22.07
C ASP I 47 33.26 -64.97 -22.88
N VAL I 48 34.00 -63.87 -22.65
CA VAL I 48 35.24 -63.64 -23.38
C VAL I 48 36.29 -64.67 -22.99
N TRP I 49 36.40 -64.97 -21.70
CA TRP I 49 37.46 -65.87 -21.25
C TRP I 49 37.19 -67.31 -21.69
N LYS I 50 35.93 -67.77 -21.58
CA LYS I 50 35.63 -69.15 -21.94
C LYS I 50 35.76 -69.41 -23.43
N SER I 51 35.71 -68.37 -24.27
CA SER I 51 35.89 -68.52 -25.71
C SER I 51 37.36 -68.44 -26.13
N PHE I 52 38.27 -68.14 -25.21
CA PHE I 52 39.69 -68.04 -25.51
C PHE I 52 40.41 -69.38 -25.32
N LYS I 53 40.13 -70.06 -24.22
CA LYS I 53 40.72 -71.38 -24.00
C LYS I 53 40.15 -72.44 -24.92
N GLN I 54 38.99 -72.17 -25.54
CA GLN I 54 38.46 -73.10 -26.53
C GLN I 54 39.21 -73.02 -27.86
N ASN I 55 39.54 -71.80 -28.30
CA ASN I 55 40.20 -71.61 -29.59
C ASN I 55 41.71 -71.68 -29.50
N TYR I 56 42.29 -71.38 -28.34
CA TYR I 56 43.74 -71.38 -28.13
C TYR I 56 44.04 -72.26 -26.93
N PRO I 57 44.01 -73.58 -27.10
CA PRO I 57 44.21 -74.48 -25.95
C PRO I 57 45.67 -74.80 -25.65
N GLU I 58 46.60 -74.51 -26.55
CA GLU I 58 48.01 -74.80 -26.32
C GLU I 58 48.74 -73.69 -25.58
N LEU I 59 48.10 -72.54 -25.39
CA LEU I 59 48.71 -71.41 -24.69
C LEU I 59 48.45 -71.41 -23.18
N LEU I 60 47.64 -72.35 -22.69
CA LEU I 60 47.33 -72.37 -21.27
C LEU I 60 48.50 -72.86 -20.43
N GLY I 61 49.30 -73.78 -20.98
CA GLY I 61 50.39 -74.37 -20.21
C GLY I 61 51.45 -73.37 -19.81
N ALA I 62 51.80 -72.46 -20.73
CA ALA I 62 52.83 -71.48 -20.43
C ALA I 62 52.38 -70.46 -19.39
N LEU I 63 51.10 -70.10 -19.40
CA LEU I 63 50.61 -69.05 -18.51
C LEU I 63 50.49 -69.53 -17.07
N ILE I 64 50.19 -70.80 -16.84
CA ILE I 64 49.94 -71.28 -15.49
C ILE I 64 51.17 -71.92 -14.86
N ASP I 65 51.94 -72.68 -15.64
CA ASP I 65 53.03 -73.48 -15.09
C ASP I 65 54.39 -72.80 -15.22
N LYS I 66 54.59 -71.98 -16.26
CA LYS I 66 55.91 -71.42 -16.51
C LYS I 66 56.08 -70.02 -15.93
N TYR I 67 55.10 -69.14 -16.14
CA TYR I 67 55.23 -67.73 -15.74
C TYR I 67 54.32 -67.32 -14.61
N LEU I 68 53.39 -68.19 -14.19
CA LEU I 68 52.58 -67.96 -12.98
C LEU I 68 51.77 -66.66 -13.07
N LEU I 69 51.04 -66.49 -14.18
CA LEU I 69 50.18 -65.32 -14.32
C LEU I 69 48.73 -65.61 -13.97
N VAL I 70 48.24 -66.82 -14.25
CA VAL I 70 46.85 -67.18 -14.03
C VAL I 70 46.80 -68.44 -13.16
N SER I 71 45.95 -68.42 -12.15
CA SER I 71 45.80 -69.57 -11.26
C SER I 71 44.88 -70.61 -11.89
N GLN I 72 44.96 -71.84 -11.35
CA GLN I 72 44.17 -72.94 -11.88
C GLN I 72 42.70 -72.80 -11.50
N ILE I 73 42.43 -72.46 -10.25
CA ILE I 73 41.04 -72.41 -9.76
C ILE I 73 40.27 -71.32 -10.50
N ASP I 74 40.88 -70.14 -10.65
CA ASP I 74 40.22 -69.06 -11.36
C ASP I 74 40.03 -69.41 -12.83
N SER I 75 40.99 -70.12 -13.43
CA SER I 75 40.84 -70.52 -14.82
C SER I 75 39.66 -71.48 -15.00
N ASP I 76 39.52 -72.45 -14.09
CA ASP I 76 38.45 -73.43 -14.22
C ASP I 76 37.09 -72.87 -13.84
N ASN I 77 37.04 -71.91 -12.92
CA ASN I 77 35.77 -71.36 -12.46
C ASN I 77 35.38 -70.09 -13.23
N ASN I 78 36.19 -69.67 -14.20
CA ASN I 78 35.91 -68.49 -15.03
C ASN I 78 35.79 -67.24 -14.18
N LEU I 79 36.88 -66.89 -13.50
CA LEU I 79 36.96 -65.67 -12.70
C LEU I 79 38.30 -64.99 -12.92
N VAL I 80 38.70 -64.87 -14.19
CA VAL I 80 40.00 -64.31 -14.55
C VAL I 80 39.79 -62.89 -15.05
N ASN I 81 40.60 -61.96 -14.54
CA ASN I 81 40.55 -60.56 -14.96
C ASN I 81 41.48 -60.37 -16.16
N VAL I 82 40.97 -59.69 -17.18
CA VAL I 82 41.68 -59.60 -18.46
C VAL I 82 42.62 -58.39 -18.51
N GLU I 83 42.19 -57.24 -18.01
CA GLU I 83 42.98 -56.02 -18.13
C GLU I 83 44.32 -56.17 -17.39
N LEU I 84 44.28 -56.71 -16.18
CA LEU I 84 45.50 -56.89 -15.42
C LEU I 84 46.43 -57.88 -16.10
N LEU I 85 45.87 -58.94 -16.68
CA LEU I 85 46.69 -59.91 -17.42
C LEU I 85 47.38 -59.25 -18.60
N ILE I 86 46.65 -58.41 -19.35
CA ILE I 86 47.24 -57.74 -20.51
C ILE I 86 48.36 -56.80 -20.06
N ASP I 87 48.13 -56.03 -18.99
CA ASP I 87 49.16 -55.12 -18.51
C ASP I 87 50.41 -55.88 -18.06
N GLU I 88 50.22 -56.99 -17.34
CA GLU I 88 51.35 -57.80 -16.89
C GLU I 88 52.11 -58.38 -18.08
N ALA I 89 51.41 -58.87 -19.09
CA ALA I 89 52.10 -59.39 -20.27
C ALA I 89 52.87 -58.28 -20.98
N THR I 90 52.29 -57.08 -21.04
CA THR I 90 52.98 -55.96 -21.68
C THR I 90 54.27 -55.62 -20.96
N LYS I 91 54.25 -55.56 -19.62
CA LYS I 91 55.48 -55.23 -18.92
C LYS I 91 56.50 -56.37 -18.99
N PHE I 92 56.03 -57.63 -19.01
CA PHE I 92 56.94 -58.75 -19.23
C PHE I 92 57.65 -58.62 -20.58
N LEU I 93 56.90 -58.30 -21.62
CA LEU I 93 57.48 -58.14 -22.95
C LEU I 93 58.46 -56.98 -22.99
N SER I 94 58.12 -55.87 -22.31
CA SER I 94 59.02 -54.72 -22.28
C SER I 94 60.34 -55.09 -21.60
N VAL I 95 60.28 -55.80 -20.48
CA VAL I 95 61.50 -56.23 -19.80
C VAL I 95 62.31 -57.16 -20.68
N ALA I 96 61.64 -58.10 -21.34
CA ALA I 96 62.34 -59.04 -22.21
C ALA I 96 63.05 -58.33 -23.35
N LYS I 97 62.38 -57.34 -23.97
CA LYS I 97 63.01 -56.60 -25.04
C LYS I 97 64.17 -55.75 -24.53
N THR I 98 64.03 -55.15 -23.35
CA THR I 98 65.09 -54.31 -22.81
C THR I 98 66.34 -55.12 -22.50
N ARG I 99 66.18 -56.31 -21.93
CA ARG I 99 67.33 -57.12 -21.54
C ARG I 99 67.85 -58.01 -22.65
N ARG I 100 67.27 -57.94 -23.84
CA ARG I 100 67.74 -58.65 -25.03
C ARG I 100 67.71 -60.17 -24.82
N CYS I 101 66.50 -60.68 -24.65
CA CYS I 101 66.23 -62.12 -24.67
C CYS I 101 65.19 -62.38 -25.76
N GLU I 102 65.64 -62.93 -26.88
CA GLU I 102 64.77 -63.03 -28.05
C GLU I 102 63.74 -64.15 -27.93
N ASP I 103 64.09 -65.24 -27.22
CA ASP I 103 63.16 -66.36 -27.11
C ASP I 103 61.90 -65.97 -26.34
N GLU I 104 62.08 -65.32 -25.19
CA GLU I 104 60.92 -64.87 -24.43
C GLU I 104 60.11 -63.84 -25.20
N GLU I 105 60.78 -62.96 -25.94
CA GLU I 105 60.07 -61.95 -26.73
C GLU I 105 59.20 -62.59 -27.80
N GLU I 106 59.77 -63.54 -28.55
CA GLU I 106 59.01 -64.20 -29.60
C GLU I 106 57.91 -65.08 -29.04
N GLU I 107 58.10 -65.62 -27.83
CA GLU I 107 57.03 -66.38 -27.21
C GLU I 107 55.91 -65.47 -26.73
N PHE I 108 56.25 -64.29 -26.22
CA PHE I 108 55.25 -63.37 -25.70
C PHE I 108 54.49 -62.63 -26.80
N ARG I 109 55.08 -62.48 -27.99
CA ARG I 109 54.36 -61.75 -29.04
C ARG I 109 53.12 -62.48 -29.53
N LYS I 110 52.98 -63.78 -29.25
CA LYS I 110 51.81 -64.52 -29.70
C LYS I 110 50.65 -64.43 -28.73
N ILE I 111 50.93 -64.48 -27.43
CA ILE I 111 49.88 -64.39 -26.43
C ILE I 111 49.16 -63.06 -26.53
N LEU I 112 49.92 -61.97 -26.69
CA LEU I 112 49.32 -60.65 -26.78
C LEU I 112 48.50 -60.52 -28.06
N SER I 113 48.99 -61.07 -29.17
CA SER I 113 48.22 -61.02 -30.41
C SER I 113 46.89 -61.75 -30.27
N SER I 114 46.93 -62.95 -29.67
CA SER I 114 45.69 -63.70 -29.47
C SER I 114 44.73 -62.95 -28.55
N LEU I 115 45.25 -62.38 -27.46
CA LEU I 115 44.40 -61.66 -26.52
C LEU I 115 43.77 -60.42 -27.17
N TYR I 116 44.55 -59.68 -27.95
CA TYR I 116 44.01 -58.48 -28.59
C TYR I 116 42.99 -58.85 -29.66
N LYS I 117 43.22 -59.95 -30.39
CA LYS I 117 42.22 -60.43 -31.34
C LYS I 117 40.91 -60.76 -30.63
N GLU I 118 41.00 -61.49 -29.51
CA GLU I 118 39.81 -61.87 -28.77
C GLU I 118 39.06 -60.65 -28.24
N VAL I 119 39.79 -59.67 -27.73
CA VAL I 119 39.16 -58.47 -27.19
C VAL I 119 38.51 -57.66 -28.31
N THR I 120 39.20 -57.50 -29.43
CA THR I 120 38.71 -56.62 -30.50
C THR I 120 37.53 -57.23 -31.25
N LYS I 121 37.48 -58.55 -31.38
CA LYS I 121 36.40 -59.16 -32.16
C LYS I 121 35.04 -58.86 -31.56
N ALA I 122 34.93 -58.86 -30.23
CA ALA I 122 33.64 -58.73 -29.57
C ALA I 122 33.15 -57.29 -29.45
N ALA I 123 34.02 -56.30 -29.67
CA ALA I 123 33.69 -54.91 -29.39
C ALA I 123 33.30 -54.12 -30.64
N LEU I 124 33.21 -54.76 -31.80
CA LEU I 124 32.86 -54.04 -33.02
C LEU I 124 31.37 -53.70 -33.06
N LEU I 125 30.52 -54.61 -32.57
CA LEU I 125 29.09 -54.41 -32.36
C LEU I 125 28.28 -54.37 -33.65
N THR I 126 28.93 -54.37 -34.81
CA THR I 126 28.19 -54.38 -36.06
C THR I 126 28.82 -55.26 -37.13
N GLY I 127 30.00 -55.81 -36.89
CA GLY I 127 30.64 -56.65 -37.88
C GLY I 127 31.32 -55.87 -39.00
N GLU I 128 31.13 -56.32 -40.23
CA GLU I 128 31.80 -55.69 -41.37
C GLU I 128 31.24 -54.31 -41.71
N GLN I 129 30.08 -53.95 -41.17
CA GLN I 129 29.49 -52.63 -41.40
C GLN I 129 30.06 -51.56 -40.48
N PHE I 130 31.18 -51.83 -39.82
CA PHE I 130 31.77 -50.90 -38.86
C PHE I 130 32.28 -49.62 -39.51
N ARG I 131 32.43 -49.60 -40.83
CA ARG I 131 33.05 -48.47 -41.52
C ARG I 131 32.05 -47.57 -42.24
N GLU I 132 30.76 -47.87 -42.17
CA GLU I 132 29.76 -47.09 -42.89
C GLU I 132 29.34 -45.89 -42.05
N LYS I 133 28.31 -45.18 -42.50
CA LYS I 133 27.83 -43.97 -41.84
C LYS I 133 26.37 -44.11 -41.45
N ASN I 134 25.92 -43.23 -40.57
CA ASN I 134 24.56 -43.24 -40.04
C ASN I 134 24.21 -44.56 -39.39
N GLN I 135 25.13 -45.07 -38.57
CA GLN I 135 24.91 -46.33 -37.87
C GLN I 135 23.98 -46.19 -36.66
N GLY I 136 23.65 -44.97 -36.26
CA GLY I 136 22.76 -44.75 -35.15
C GLY I 136 21.29 -44.82 -35.46
N LYS I 137 20.93 -45.03 -36.72
CA LYS I 137 19.54 -45.13 -37.13
C LYS I 137 18.99 -46.55 -37.03
N LYS I 138 19.83 -47.52 -36.68
CA LYS I 138 19.39 -48.91 -36.59
C LYS I 138 18.47 -49.11 -35.39
N ASP I 139 17.86 -50.29 -35.33
CA ASP I 139 16.91 -50.62 -34.28
C ASP I 139 17.57 -51.17 -33.03
N ALA I 140 18.88 -51.45 -33.06
CA ALA I 140 19.57 -51.98 -31.89
C ALA I 140 19.84 -50.91 -30.84
N PHE I 141 20.05 -49.66 -31.27
CA PHE I 141 20.35 -48.56 -30.35
C PHE I 141 19.13 -47.75 -29.97
N LYS I 142 17.96 -48.39 -29.91
CA LYS I 142 16.73 -47.67 -29.59
C LYS I 142 16.69 -47.23 -28.13
N TYR I 143 17.29 -48.01 -27.24
CA TYR I 143 17.22 -47.74 -25.81
C TYR I 143 18.37 -46.88 -25.31
N HIS I 144 19.31 -46.48 -26.17
CA HIS I 144 20.38 -45.59 -25.76
C HIS I 144 20.05 -44.13 -26.00
N LYS I 145 19.24 -43.82 -27.01
CA LYS I 145 18.85 -42.44 -27.28
C LYS I 145 17.83 -41.94 -26.27
N GLU I 146 16.93 -42.83 -25.81
CA GLU I 146 15.89 -42.43 -24.89
C GLU I 146 16.46 -41.99 -23.55
N LEU I 147 17.52 -42.66 -23.09
CA LEU I 147 18.17 -42.28 -21.84
C LEU I 147 18.72 -40.86 -21.91
N ILE I 148 19.42 -40.54 -23.00
CA ILE I 148 19.98 -39.20 -23.16
C ILE I 148 18.87 -38.16 -23.26
N SER I 149 17.83 -38.46 -24.03
CA SER I 149 16.72 -37.52 -24.17
C SER I 149 16.05 -37.26 -22.82
N LYS I 150 15.83 -38.31 -22.04
CA LYS I 150 15.20 -38.15 -20.73
C LYS I 150 16.09 -37.35 -19.79
N LEU I 151 17.40 -37.61 -19.80
CA LEU I 151 18.31 -36.87 -18.94
C LEU I 151 18.32 -35.39 -19.30
N ILE I 152 18.35 -35.07 -20.59
CA ILE I 152 18.42 -33.68 -21.00
C ILE I 152 17.10 -32.95 -20.70
N SER I 153 15.97 -33.60 -20.98
CA SER I 153 14.68 -32.93 -20.90
C SER I 153 14.26 -32.60 -19.48
N ASN I 154 14.94 -33.11 -18.46
CA ASN I 154 14.55 -32.92 -17.07
C ASN I 154 15.31 -31.81 -16.38
N ARG I 155 16.06 -30.99 -17.12
CA ARG I 155 16.88 -29.94 -16.55
C ARG I 155 16.22 -28.58 -16.78
N GLN I 156 16.03 -27.83 -15.71
CA GLN I 156 15.58 -26.46 -15.82
C GLN I 156 16.70 -25.57 -16.36
N PRO I 157 16.35 -24.45 -16.98
CA PRO I 157 17.39 -23.54 -17.49
C PRO I 157 18.24 -22.98 -16.35
N GLY I 158 19.49 -22.67 -16.67
CA GLY I 158 20.44 -22.21 -15.68
C GLY I 158 20.81 -23.27 -14.66
N GLN I 159 21.05 -24.48 -15.14
CA GLN I 159 21.42 -25.60 -14.27
C GLN I 159 22.47 -26.45 -14.97
N SER I 160 23.18 -27.24 -14.19
CA SER I 160 24.31 -28.01 -14.71
C SER I 160 23.83 -29.11 -15.66
N ALA I 161 24.73 -29.50 -16.59
CA ALA I 161 24.54 -30.53 -17.61
C ALA I 161 24.84 -31.92 -17.03
N PRO I 162 24.20 -32.96 -17.55
CA PRO I 162 24.44 -34.31 -17.03
C PRO I 162 25.82 -34.82 -17.40
N ALA I 163 26.28 -35.82 -16.62
CA ALA I 163 27.57 -36.43 -16.82
C ALA I 163 27.41 -37.95 -16.90
N ILE I 164 28.17 -38.58 -17.80
CA ILE I 164 28.10 -40.01 -18.02
C ILE I 164 29.49 -40.59 -17.84
N PHE I 165 29.63 -41.55 -16.94
CA PHE I 165 30.86 -42.30 -16.74
C PHE I 165 30.65 -43.73 -17.22
N THR I 166 31.65 -44.27 -17.91
CA THR I 166 31.52 -45.61 -18.48
C THR I 166 32.84 -46.36 -18.38
N THR I 167 32.75 -47.68 -18.46
CA THR I 167 33.91 -48.56 -18.42
C THR I 167 34.18 -49.25 -19.75
N ASN I 168 33.22 -49.25 -20.67
CA ASN I 168 33.38 -49.92 -21.95
C ASN I 168 34.29 -49.11 -22.87
N TYR I 169 34.69 -49.75 -23.98
CA TYR I 169 35.49 -49.12 -25.02
C TYR I 169 34.84 -49.28 -26.39
N ASP I 170 33.51 -49.15 -26.45
CA ASP I 170 32.77 -49.22 -27.69
C ASP I 170 32.19 -47.86 -28.04
N LEU I 171 31.58 -47.79 -29.22
CA LEU I 171 31.02 -46.54 -29.74
C LEU I 171 29.51 -46.52 -29.68
N ALA I 172 28.91 -47.14 -28.66
CA ALA I 172 27.46 -47.21 -28.59
C ALA I 172 26.84 -45.86 -28.26
N LEU I 173 27.44 -45.13 -27.32
CA LEU I 173 26.89 -43.86 -26.88
C LEU I 173 27.15 -42.74 -27.88
N GLU I 174 28.27 -42.79 -28.61
CA GLU I 174 28.58 -41.76 -29.59
C GLU I 174 27.75 -41.88 -30.87
N TRP I 175 27.43 -43.12 -31.28
CA TRP I 175 26.58 -43.29 -32.46
C TRP I 175 25.14 -42.89 -32.18
N ALA I 176 24.73 -42.93 -30.91
CA ALA I 176 23.36 -42.59 -30.53
C ALA I 176 23.18 -41.12 -30.19
N ALA I 177 24.26 -40.34 -30.16
CA ALA I 177 24.16 -38.91 -29.89
C ALA I 177 24.08 -38.08 -31.16
N GLU I 178 24.72 -38.53 -32.24
CA GLU I 178 24.67 -37.77 -33.49
C GLU I 178 23.30 -37.85 -34.14
N ASP I 179 22.56 -38.93 -33.89
CA ASP I 179 21.19 -39.02 -34.40
C ASP I 179 20.30 -37.94 -33.77
N LEU I 180 20.43 -37.73 -32.47
CA LEU I 180 19.67 -36.66 -31.82
C LEU I 180 20.17 -35.28 -32.24
N GLY I 181 21.48 -35.12 -32.36
CA GLY I 181 22.05 -33.82 -32.69
C GLY I 181 22.46 -33.03 -31.46
N ILE I 182 23.22 -33.67 -30.57
CA ILE I 182 23.71 -33.03 -29.36
C ILE I 182 25.23 -33.11 -29.34
N GLN I 183 25.83 -32.27 -28.52
CA GLN I 183 27.28 -32.16 -28.42
C GLN I 183 27.80 -32.99 -27.25
N LEU I 184 28.84 -33.78 -27.50
CA LEU I 184 29.51 -34.54 -26.46
C LEU I 184 30.95 -34.05 -26.31
N PHE I 185 31.31 -33.66 -25.09
CA PHE I 185 32.67 -33.23 -24.80
C PHE I 185 33.43 -34.40 -24.15
N ASN I 186 34.56 -34.77 -24.74
CA ASN I 186 35.40 -35.84 -24.20
C ASN I 186 36.87 -35.43 -24.16
N GLY I 187 37.15 -34.14 -24.01
CA GLY I 187 38.50 -33.67 -23.85
C GLY I 187 39.35 -33.69 -25.11
N PHE I 188 38.75 -33.61 -26.28
CA PHE I 188 39.48 -33.63 -27.54
C PHE I 188 39.01 -32.48 -28.41
N SER I 189 39.92 -32.00 -29.27
CA SER I 189 39.61 -30.89 -30.17
C SER I 189 40.42 -31.02 -31.45
N GLY I 190 39.93 -30.39 -32.50
CA GLY I 190 40.57 -30.41 -33.80
C GLY I 190 39.87 -31.34 -34.77
N LEU I 191 40.22 -31.18 -36.05
CA LEU I 191 39.73 -32.07 -37.09
C LEU I 191 40.86 -32.83 -37.77
N HIS I 192 41.85 -32.13 -38.33
CA HIS I 192 42.94 -32.81 -39.02
C HIS I 192 43.97 -33.40 -38.07
N THR I 193 44.08 -32.86 -36.86
CA THR I 193 44.99 -33.40 -35.85
C THR I 193 44.32 -33.21 -34.49
N ARG I 194 43.76 -34.28 -33.95
CA ARG I 194 43.07 -34.23 -32.67
C ARG I 194 44.03 -34.60 -31.56
N GLN I 195 44.15 -33.71 -30.56
CA GLN I 195 45.02 -33.91 -29.42
C GLN I 195 44.20 -33.83 -28.13
N PHE I 196 44.87 -34.05 -27.00
CA PHE I 196 44.22 -34.14 -25.70
C PHE I 196 44.63 -32.94 -24.86
N TYR I 197 43.68 -32.03 -24.62
CA TYR I 197 43.86 -30.91 -23.71
C TYR I 197 42.96 -31.11 -22.50
N PRO I 198 43.52 -31.28 -21.30
CA PRO I 198 42.67 -31.58 -20.14
C PRO I 198 41.69 -30.47 -19.77
N GLN I 199 41.98 -29.23 -20.14
CA GLN I 199 41.15 -28.11 -19.71
C GLN I 199 39.82 -28.00 -20.44
N ASN I 200 39.57 -28.84 -21.45
CA ASN I 200 38.35 -28.73 -22.23
C ASN I 200 37.10 -29.07 -21.44
N PHE I 201 37.23 -29.66 -20.26
CA PHE I 201 36.07 -30.09 -19.47
C PHE I 201 35.42 -28.95 -18.70
N ASP I 202 35.77 -27.69 -18.98
CA ASP I 202 35.21 -26.56 -18.25
C ASP I 202 34.60 -25.52 -19.19
N LEU I 203 34.20 -25.92 -20.39
CA LEU I 203 33.61 -25.01 -21.37
C LEU I 203 32.15 -25.38 -21.63
N ALA I 204 31.41 -24.40 -22.14
CA ALA I 204 30.00 -24.60 -22.47
C ALA I 204 29.61 -23.62 -23.56
N PHE I 205 28.56 -23.97 -24.29
CA PHE I 205 28.08 -23.15 -25.40
C PHE I 205 27.09 -22.09 -24.91
N ARG I 206 26.93 -21.06 -25.72
CA ARG I 206 25.94 -20.02 -25.46
C ARG I 206 25.53 -19.40 -26.79
N ASN I 207 24.37 -18.77 -26.79
CA ASN I 207 23.84 -18.12 -27.98
C ASN I 207 24.15 -16.63 -27.94
N VAL I 208 24.60 -16.08 -29.06
CA VAL I 208 24.98 -14.67 -29.11
C VAL I 208 23.77 -13.77 -28.86
N ASN I 209 22.57 -14.27 -29.11
CA ASN I 209 21.33 -13.50 -28.92
C ASN I 209 20.55 -14.14 -27.78
N ALA I 210 20.76 -13.64 -26.56
CA ALA I 210 20.08 -14.17 -25.38
C ALA I 210 18.80 -13.37 -25.10
N HIS I 218 23.10 -27.39 -29.91
CA HIS I 218 23.15 -26.42 -28.82
C HIS I 218 23.39 -27.11 -27.48
N TYR I 219 22.55 -28.10 -27.18
CA TYR I 219 22.66 -28.82 -25.92
C TYR I 219 23.91 -29.70 -25.92
N HIS I 220 24.39 -30.03 -24.72
CA HIS I 220 25.65 -30.73 -24.60
C HIS I 220 25.58 -31.72 -23.44
N ALA I 221 26.67 -32.46 -23.27
CA ALA I 221 26.84 -33.42 -22.18
C ALA I 221 28.32 -33.70 -22.04
N TYR I 222 28.65 -34.62 -21.14
CA TYR I 222 30.04 -35.00 -20.88
C TYR I 222 30.16 -36.52 -20.83
N LEU I 223 31.26 -37.03 -21.40
CA LEU I 223 31.48 -38.47 -21.50
C LEU I 223 32.90 -38.80 -21.08
N TYR I 224 33.04 -39.65 -20.06
CA TYR I 224 34.33 -40.09 -19.57
C TYR I 224 34.48 -41.58 -19.82
N LYS I 225 35.58 -41.98 -20.46
CA LYS I 225 35.87 -43.37 -20.73
C LYS I 225 37.13 -43.75 -19.95
N LEU I 226 36.94 -44.49 -18.86
CA LEU I 226 38.04 -44.78 -17.95
C LEU I 226 39.02 -45.81 -18.48
N HIS I 227 38.60 -46.66 -19.42
CA HIS I 227 39.45 -47.74 -19.93
C HIS I 227 39.71 -47.59 -21.43
N GLY I 228 39.92 -46.36 -21.88
CA GLY I 228 40.32 -46.13 -23.25
C GLY I 228 39.19 -46.29 -24.24
N SER I 229 39.59 -46.35 -25.52
CA SER I 229 38.63 -46.48 -26.61
C SER I 229 39.29 -47.18 -27.78
N LEU I 230 38.46 -47.62 -28.73
CA LEU I 230 38.91 -48.32 -29.93
C LEU I 230 39.55 -47.40 -30.96
N THR I 231 39.67 -46.11 -30.66
CA THR I 231 40.05 -45.11 -31.65
C THR I 231 41.32 -44.36 -31.28
N TRP I 232 41.79 -44.46 -30.04
CA TRP I 232 42.91 -43.67 -29.56
C TRP I 232 44.20 -44.43 -29.74
N TYR I 233 45.24 -43.73 -30.20
CA TYR I 233 46.55 -44.34 -30.39
C TYR I 233 47.62 -43.26 -30.35
N GLN I 234 48.86 -43.68 -30.11
CA GLN I 234 50.01 -42.80 -30.06
C GLN I 234 50.97 -43.17 -31.19
N ASN I 235 51.26 -42.21 -32.07
CA ASN I 235 52.15 -42.45 -33.20
C ASN I 235 53.58 -42.05 -32.89
N ASP I 236 54.12 -42.57 -31.77
CA ASP I 236 55.52 -42.44 -31.42
C ASP I 236 55.98 -40.98 -31.33
N SER I 237 55.04 -40.05 -31.33
CA SER I 237 55.36 -38.62 -31.32
C SER I 237 55.09 -37.96 -29.97
N LEU I 238 55.00 -38.75 -28.91
CA LEU I 238 54.76 -38.24 -27.55
C LEU I 238 53.41 -37.51 -27.47
N THR I 239 52.46 -37.93 -28.29
CA THR I 239 51.12 -37.34 -28.30
C THR I 239 50.09 -38.45 -28.50
N VAL I 240 48.86 -38.15 -28.14
CA VAL I 240 47.73 -39.07 -28.31
C VAL I 240 46.77 -38.45 -29.32
N ASN I 241 46.45 -39.21 -30.37
CA ASN I 241 45.63 -38.75 -31.46
C ASN I 241 44.30 -39.50 -31.47
N GLU I 242 43.37 -38.98 -32.28
CA GLU I 242 42.06 -39.61 -32.48
C GLU I 242 41.71 -39.57 -33.96
N VAL I 243 41.03 -40.61 -34.42
CA VAL I 243 40.64 -40.74 -35.83
C VAL I 243 39.15 -41.04 -35.91
N SER I 244 38.67 -41.32 -37.12
CA SER I 244 37.30 -41.77 -37.31
C SER I 244 37.27 -43.30 -37.35
N ALA I 245 36.06 -43.85 -37.44
CA ALA I 245 35.91 -45.30 -37.47
C ALA I 245 36.52 -45.90 -38.73
N SER I 246 36.25 -45.29 -39.88
CA SER I 246 36.77 -45.82 -41.14
C SER I 246 38.28 -45.76 -41.18
N GLN I 247 38.87 -44.67 -40.71
CA GLN I 247 40.31 -44.53 -40.71
C GLN I 247 40.96 -45.57 -39.81
N ALA I 248 40.39 -45.81 -38.62
CA ALA I 248 40.93 -46.82 -37.73
C ALA I 248 40.81 -48.22 -38.34
N TYR I 249 39.69 -48.50 -39.00
CA TYR I 249 39.52 -49.79 -39.66
C TYR I 249 40.57 -49.99 -40.74
N ASP I 250 40.81 -48.97 -41.56
CA ASP I 250 41.82 -49.10 -42.61
C ASP I 250 43.24 -49.10 -42.06
N GLU I 251 43.45 -48.56 -40.87
CA GLU I 251 44.79 -48.49 -40.30
C GLU I 251 45.19 -49.78 -39.58
N TYR I 252 44.44 -50.18 -38.55
CA TYR I 252 44.91 -51.32 -37.75
C TYR I 252 43.88 -52.38 -37.41
N ILE I 253 42.58 -52.09 -37.38
CA ILE I 253 41.61 -53.08 -36.91
C ILE I 253 41.52 -54.26 -37.87
N ASN I 254 41.48 -53.97 -39.18
CA ASN I 254 41.38 -55.04 -40.17
C ASN I 254 42.61 -55.95 -40.10
N ASP I 255 43.80 -55.37 -39.98
CA ASP I 255 45.02 -56.16 -39.87
C ASP I 255 45.03 -56.99 -38.59
N ILE I 256 44.56 -56.43 -37.49
CA ILE I 256 44.54 -57.17 -36.23
C ILE I 256 43.62 -58.38 -36.34
N ILE I 257 42.43 -58.17 -36.90
CA ILE I 257 41.46 -59.25 -36.97
C ILE I 257 41.89 -60.32 -37.97
N ASN I 258 42.33 -59.91 -39.16
CA ASN I 258 42.55 -60.88 -40.23
C ASN I 258 43.93 -61.52 -40.17
N LYS I 259 45.00 -60.72 -40.14
CA LYS I 259 46.35 -61.28 -40.14
C LYS I 259 46.60 -62.05 -38.85
N ASP I 260 47.59 -62.95 -38.90
CA ASP I 260 47.84 -63.89 -37.81
C ASP I 260 48.85 -63.34 -36.80
N ASP I 261 50.05 -63.03 -37.25
CA ASP I 261 51.12 -62.54 -36.37
C ASP I 261 51.40 -61.09 -36.75
N PHE I 262 50.86 -60.16 -35.95
CA PHE I 262 50.99 -58.74 -36.24
C PHE I 262 50.91 -57.98 -34.91
N TYR I 263 52.07 -57.60 -34.37
CA TYR I 263 52.14 -56.80 -33.16
C TYR I 263 53.35 -55.88 -33.26
N ARG I 264 53.18 -54.63 -32.82
CA ARG I 264 54.21 -53.61 -32.98
C ARG I 264 54.77 -53.11 -31.66
N GLY I 265 53.95 -52.80 -30.68
CA GLY I 265 54.44 -52.29 -29.42
C GLY I 265 53.40 -51.40 -28.77
N GLN I 266 53.88 -50.41 -28.01
CA GLN I 266 53.02 -49.50 -27.26
C GLN I 266 52.40 -48.49 -28.23
N HIS I 267 51.32 -48.92 -28.87
CA HIS I 267 50.65 -48.12 -29.89
C HIS I 267 49.16 -47.95 -29.61
N LEU I 268 48.49 -48.95 -29.08
CA LEU I 268 47.06 -48.89 -28.85
C LEU I 268 46.77 -48.46 -27.41
N ILE I 269 45.57 -47.91 -27.21
CA ILE I 269 45.11 -47.52 -25.87
C ILE I 269 43.75 -48.18 -25.67
N TYR I 270 43.77 -49.44 -25.22
CA TYR I 270 42.66 -50.18 -24.62
C TYR I 270 43.16 -51.58 -24.27
N PRO I 271 42.61 -52.24 -23.24
CA PRO I 271 41.59 -51.79 -22.30
C PRO I 271 42.22 -51.31 -21.00
N GLY I 272 43.27 -50.49 -21.08
CA GLY I 272 43.96 -50.04 -19.89
C GLY I 272 45.40 -50.53 -19.82
N ALA I 273 46.00 -50.73 -20.99
CA ALA I 273 47.35 -51.27 -21.10
C ALA I 273 48.35 -50.14 -21.36
N ASN I 274 49.63 -50.52 -21.33
CA ASN I 274 50.74 -49.58 -21.56
C ASN I 274 50.71 -48.44 -20.56
N LYS I 275 50.63 -48.78 -19.28
CA LYS I 275 50.52 -47.80 -18.21
C LYS I 275 51.87 -47.39 -17.63
N TYR I 276 52.97 -47.96 -18.13
CA TYR I 276 54.30 -47.66 -17.60
C TYR I 276 54.93 -46.46 -18.27
N SER I 277 54.30 -45.88 -19.29
CA SER I 277 54.80 -44.69 -19.96
C SER I 277 54.05 -43.47 -19.45
N HIS I 278 54.79 -42.41 -19.14
CA HIS I 278 54.19 -41.22 -18.55
C HIS I 278 53.26 -40.48 -19.50
N THR I 279 53.28 -40.80 -20.79
CA THR I 279 52.41 -40.14 -21.76
C THR I 279 51.04 -40.80 -21.88
N ILE I 280 50.93 -42.09 -21.55
CA ILE I 280 49.68 -42.82 -21.72
C ILE I 280 48.88 -42.85 -20.43
N GLY I 281 49.53 -43.05 -19.28
CA GLY I 281 48.83 -43.08 -18.01
C GLY I 281 48.23 -41.75 -17.61
N PHE I 282 48.64 -40.67 -18.27
CA PHE I 282 48.09 -39.35 -17.96
C PHE I 282 46.59 -39.31 -18.20
N VAL I 283 46.12 -39.92 -19.29
CA VAL I 283 44.69 -39.90 -19.60
C VAL I 283 43.90 -40.65 -18.54
N TYR I 284 44.37 -41.85 -18.15
CA TYR I 284 43.67 -42.62 -17.13
C TYR I 284 43.64 -41.86 -15.81
N GLY I 285 44.77 -41.27 -15.43
CA GLY I 285 44.81 -40.51 -14.19
C GLY I 285 43.86 -39.33 -14.21
N GLU I 286 43.79 -38.62 -15.34
CA GLU I 286 42.87 -37.49 -15.45
C GLU I 286 41.42 -37.95 -15.33
N MET I 287 41.07 -39.05 -15.99
CA MET I 287 39.69 -39.54 -15.91
C MET I 287 39.33 -39.94 -14.48
N PHE I 288 40.23 -40.65 -13.81
CA PHE I 288 39.96 -41.05 -12.42
C PHE I 288 39.84 -39.85 -11.50
N ARG I 289 40.73 -38.86 -11.67
CA ARG I 289 40.68 -37.68 -10.81
C ARG I 289 39.38 -36.90 -11.04
N ARG I 290 38.94 -36.80 -12.29
CA ARG I 290 37.68 -36.12 -12.56
C ARG I 290 36.50 -36.88 -11.97
N PHE I 291 36.56 -38.21 -12.00
CA PHE I 291 35.51 -39.01 -11.37
C PHE I 291 35.48 -38.77 -9.86
N GLY I 292 36.65 -38.70 -9.23
CA GLY I 292 36.69 -38.55 -7.78
C GLY I 292 36.11 -37.24 -7.29
N GLU I 293 36.35 -36.14 -8.02
CA GLU I 293 35.88 -34.84 -7.59
C GLU I 293 34.38 -34.67 -7.76
N PHE I 294 33.76 -35.38 -8.71
CA PHE I 294 32.35 -35.19 -8.99
C PHE I 294 31.45 -35.64 -7.84
N ILE I 295 31.81 -36.72 -7.15
CA ILE I 295 31.00 -37.26 -6.08
C ILE I 295 31.40 -36.67 -4.72
N SER I 296 32.18 -35.59 -4.71
CA SER I 296 32.53 -34.88 -3.49
C SER I 296 31.79 -33.55 -3.36
N LYS I 297 30.92 -33.23 -4.31
CA LYS I 297 30.09 -32.04 -4.30
C LYS I 297 28.80 -32.27 -3.53
N PRO I 298 28.22 -31.23 -2.96
CA PRO I 298 26.91 -31.36 -2.31
C PRO I 298 25.81 -31.58 -3.35
N GLN I 299 24.72 -32.21 -2.88
CA GLN I 299 23.52 -32.44 -3.70
C GLN I 299 23.86 -33.25 -4.96
N THR I 300 24.26 -34.50 -4.71
CA THR I 300 24.71 -35.39 -5.77
C THR I 300 23.89 -36.66 -5.78
N ALA I 301 23.58 -37.14 -6.98
CA ALA I 301 22.91 -38.42 -7.19
C ALA I 301 23.69 -39.24 -8.19
N LEU I 302 23.63 -40.56 -8.05
CA LEU I 302 24.42 -41.45 -8.89
C LEU I 302 23.67 -42.77 -9.09
N PHE I 303 23.67 -43.27 -10.32
CA PHE I 303 23.05 -44.54 -10.68
C PHE I 303 24.11 -45.50 -11.21
N ILE I 304 23.93 -46.79 -10.93
CA ILE I 304 24.83 -47.84 -11.38
C ILE I 304 24.01 -48.93 -12.06
N ASN I 305 24.47 -49.37 -13.23
CA ASN I 305 23.81 -50.46 -13.94
C ASN I 305 24.84 -51.20 -14.78
N GLY I 306 24.95 -52.51 -14.57
CA GLY I 306 25.84 -53.35 -15.34
C GLY I 306 27.22 -53.53 -14.74
N PHE I 307 27.52 -52.83 -13.65
CA PHE I 307 28.85 -52.90 -13.05
C PHE I 307 28.92 -54.05 -12.06
N GLY I 308 29.94 -54.89 -12.20
CA GLY I 308 30.07 -56.09 -11.39
C GLY I 308 30.71 -55.92 -10.04
N PHE I 309 31.12 -54.71 -9.68
CA PHE I 309 31.71 -54.42 -8.37
C PHE I 309 32.91 -55.31 -8.06
N GLY I 310 33.75 -55.53 -9.07
CA GLY I 310 34.98 -56.28 -8.92
C GLY I 310 36.24 -55.45 -8.86
N ASP I 311 36.13 -54.13 -8.72
CA ASP I 311 37.28 -53.23 -8.67
C ASP I 311 37.38 -52.61 -7.28
N TYR I 312 38.56 -52.71 -6.68
CA TYR I 312 38.73 -52.23 -5.31
C TYR I 312 38.77 -50.71 -5.24
N HIS I 313 39.42 -50.07 -6.21
CA HIS I 313 39.61 -48.62 -6.17
C HIS I 313 38.30 -47.85 -6.34
N ILE I 314 37.32 -48.45 -7.01
CA ILE I 314 36.01 -47.80 -7.15
C ILE I 314 35.16 -48.02 -5.91
N ASN I 315 35.19 -49.23 -5.35
CA ASN I 315 34.46 -49.51 -4.13
C ASN I 315 34.94 -48.64 -2.98
N ARG I 316 36.26 -48.48 -2.84
CA ARG I 316 36.80 -47.64 -1.78
C ARG I 316 36.35 -46.19 -1.93
N ILE I 317 36.38 -45.67 -3.17
CA ILE I 317 35.96 -44.29 -3.41
C ILE I 317 34.48 -44.12 -3.10
N ILE I 318 33.66 -45.08 -3.51
CA ILE I 318 32.23 -44.98 -3.26
C ILE I 318 31.94 -45.02 -1.76
N LEU I 319 32.58 -45.94 -1.04
CA LEU I 319 32.33 -46.01 0.41
C LEU I 319 32.84 -44.77 1.13
N GLY I 320 33.96 -44.21 0.68
CA GLY I 320 34.49 -43.03 1.33
C GLY I 320 33.73 -41.76 1.05
N ALA I 321 32.84 -41.76 0.06
CA ALA I 321 32.08 -40.57 -0.30
C ALA I 321 30.72 -40.52 0.38
N LEU I 322 30.36 -41.53 1.18
CA LEU I 322 29.08 -41.55 1.86
C LEU I 322 29.10 -40.81 3.20
N LEU I 323 30.27 -40.34 3.63
CA LEU I 323 30.32 -39.56 4.87
C LEU I 323 29.58 -38.24 4.72
N ASN I 324 29.50 -37.70 3.51
CA ASN I 324 28.74 -36.49 3.28
C ASN I 324 27.25 -36.78 3.49
N PRO I 325 26.54 -35.92 4.21
CA PRO I 325 25.13 -36.22 4.54
C PRO I 325 24.15 -35.86 3.43
N SER I 326 24.64 -35.59 2.22
CA SER I 326 23.78 -35.20 1.11
C SER I 326 24.19 -35.91 -0.17
N PHE I 327 24.45 -37.21 -0.08
CA PHE I 327 24.83 -38.01 -1.24
C PHE I 327 23.98 -39.28 -1.26
N HIS I 328 23.40 -39.57 -2.42
CA HIS I 328 22.52 -40.72 -2.59
C HIS I 328 22.97 -41.56 -3.77
N VAL I 329 22.75 -42.88 -3.68
CA VAL I 329 23.19 -43.82 -4.69
C VAL I 329 22.15 -44.91 -4.85
N VAL I 330 21.97 -45.37 -6.08
CA VAL I 330 21.07 -46.47 -6.42
C VAL I 330 21.86 -47.51 -7.21
N ILE I 331 21.76 -48.77 -6.79
CA ILE I 331 22.57 -49.85 -7.35
C ILE I 331 21.68 -50.95 -7.88
N TYR I 332 21.99 -51.44 -9.08
CA TYR I 332 21.32 -52.58 -9.69
C TYR I 332 22.23 -53.79 -9.61
N TYR I 333 21.67 -54.92 -9.20
CA TYR I 333 22.43 -56.17 -9.09
C TYR I 333 21.48 -57.33 -9.32
N PRO I 334 21.51 -57.94 -10.51
CA PRO I 334 20.51 -58.97 -10.84
C PRO I 334 20.72 -60.31 -10.16
N GLU I 335 21.82 -60.50 -9.42
CA GLU I 335 22.11 -61.80 -8.82
C GLU I 335 22.18 -61.71 -7.30
N LEU I 336 21.21 -61.03 -6.70
CA LEU I 336 21.25 -60.78 -5.26
C LEU I 336 20.98 -62.05 -4.45
N LYS I 337 20.02 -62.87 -4.90
CA LYS I 337 19.57 -63.99 -4.08
C LYS I 337 20.66 -65.04 -3.91
N GLU I 338 21.32 -65.42 -5.01
CA GLU I 338 22.39 -66.41 -4.93
C GLU I 338 23.56 -65.88 -4.09
N ALA I 339 23.87 -64.59 -4.23
CA ALA I 339 24.95 -64.01 -3.44
C ALA I 339 24.62 -64.07 -1.95
N ILE I 340 23.38 -63.73 -1.59
CA ILE I 340 22.99 -63.78 -0.18
C ILE I 340 23.05 -65.20 0.33
N THR I 341 22.56 -66.17 -0.44
CA THR I 341 22.58 -67.56 -0.01
C THR I 341 24.01 -68.05 0.18
N LYS I 342 24.91 -67.71 -0.75
CA LYS I 342 26.28 -68.18 -0.65
C LYS I 342 27.00 -67.51 0.53
N VAL I 343 26.72 -66.24 0.78
CA VAL I 343 27.32 -65.58 1.93
C VAL I 343 26.80 -66.19 3.23
N SER I 344 25.54 -66.62 3.25
CA SER I 344 24.96 -67.19 4.46
C SER I 344 25.73 -68.42 4.94
N LYS I 345 26.38 -69.15 4.04
CA LYS I 345 27.15 -70.34 4.41
C LYS I 345 28.65 -70.06 4.46
N GLY I 346 29.03 -68.81 4.70
CA GLY I 346 30.44 -68.45 4.81
C GLY I 346 31.24 -68.61 3.54
N GLY I 347 30.72 -68.16 2.41
CA GLY I 347 31.43 -68.28 1.15
C GLY I 347 31.19 -67.11 0.20
N GLY I 348 31.64 -67.26 -1.03
CA GLY I 348 31.47 -66.23 -2.04
C GLY I 348 32.74 -65.46 -2.32
N SER I 349 32.71 -64.71 -3.42
CA SER I 349 33.86 -63.94 -3.87
C SER I 349 33.83 -62.55 -3.24
N GLU I 350 34.74 -61.68 -3.69
CA GLU I 350 34.86 -60.35 -3.10
C GLU I 350 33.67 -59.48 -3.47
N ALA I 351 33.19 -59.57 -4.71
CA ALA I 351 32.06 -58.75 -5.14
C ALA I 351 30.81 -59.07 -4.35
N GLU I 352 30.56 -60.36 -4.11
CA GLU I 352 29.39 -60.75 -3.33
C GLU I 352 29.46 -60.21 -1.91
N LYS I 353 30.64 -60.28 -1.29
CA LYS I 353 30.81 -59.74 0.05
C LYS I 353 30.58 -58.23 0.06
N ALA I 354 31.12 -57.53 -0.94
CA ALA I 354 30.95 -56.08 -0.99
C ALA I 354 29.48 -55.70 -1.15
N ILE I 355 28.76 -56.41 -2.03
CA ILE I 355 27.35 -56.06 -2.25
C ILE I 355 26.49 -56.46 -1.06
N VAL I 356 26.84 -57.54 -0.35
CA VAL I 356 26.07 -57.94 0.82
C VAL I 356 26.29 -56.97 1.97
N THR I 357 27.54 -56.54 2.18
CA THR I 357 27.84 -55.67 3.31
C THR I 357 27.10 -54.35 3.22
N LEU I 358 26.99 -53.77 2.02
CA LEU I 358 26.31 -52.50 1.85
C LEU I 358 24.79 -52.63 1.89
N LYS I 359 24.27 -53.85 1.88
CA LYS I 359 22.83 -54.10 1.93
C LYS I 359 22.29 -54.28 3.34
N ASN I 360 23.12 -54.75 4.27
CA ASN I 360 22.71 -54.98 5.66
C ASN I 360 23.07 -53.82 6.59
N MET I 361 23.07 -52.59 6.09
CA MET I 361 23.44 -51.43 6.88
C MET I 361 22.23 -50.52 7.04
N ALA I 362 21.99 -50.05 8.26
CA ALA I 362 20.91 -49.11 8.52
C ALA I 362 21.29 -47.73 8.01
N PHE I 363 20.94 -47.46 6.74
CA PHE I 363 21.41 -46.25 6.07
C PHE I 363 20.43 -45.95 4.95
N ASN I 364 19.72 -44.82 5.05
CA ASN I 364 18.68 -44.47 4.10
C ASN I 364 19.21 -43.82 2.84
N GLN I 365 20.51 -43.96 2.56
CA GLN I 365 21.12 -43.37 1.36
C GLN I 365 21.54 -44.41 0.34
N VAL I 366 21.13 -45.67 0.51
CA VAL I 366 21.50 -46.75 -0.41
C VAL I 366 20.24 -47.52 -0.78
N THR I 367 20.03 -47.72 -2.08
CA THR I 367 18.91 -48.50 -2.59
C THR I 367 19.46 -49.60 -3.50
N VAL I 368 19.00 -50.83 -3.28
CA VAL I 368 19.45 -51.99 -4.04
C VAL I 368 18.25 -52.66 -4.69
N VAL I 369 18.37 -52.95 -5.99
CA VAL I 369 17.31 -53.62 -6.75
C VAL I 369 17.84 -54.98 -7.19
N GLY I 370 17.10 -56.03 -6.85
CA GLY I 370 17.54 -57.38 -7.14
C GLY I 370 16.50 -58.25 -7.81
N GLY I 371 15.72 -57.67 -8.72
CA GLY I 371 14.62 -58.38 -9.35
C GLY I 371 14.99 -59.55 -10.22
N GLY I 372 16.28 -59.87 -10.32
CA GLY I 372 16.70 -61.01 -11.10
C GLY I 372 16.73 -60.72 -12.59
N SER I 373 15.55 -60.62 -13.20
CA SER I 373 15.44 -60.27 -14.60
C SER I 373 14.83 -58.90 -14.84
N LYS I 374 14.29 -58.24 -13.81
CA LYS I 374 13.78 -56.89 -13.93
C LYS I 374 14.84 -55.84 -13.67
N ALA I 375 16.09 -56.26 -13.42
CA ALA I 375 17.19 -55.34 -13.15
C ALA I 375 18.14 -55.23 -14.33
N TYR I 376 17.60 -55.30 -15.55
CA TYR I 376 18.41 -55.19 -16.75
C TYR I 376 18.41 -53.74 -17.25
N PHE I 377 19.17 -53.49 -18.31
CA PHE I 377 19.34 -52.12 -18.79
C PHE I 377 18.06 -51.58 -19.39
N ASN I 378 17.26 -52.44 -20.05
CA ASN I 378 16.03 -51.97 -20.66
C ASN I 378 15.04 -51.48 -19.61
N SER I 379 14.93 -52.18 -18.49
CA SER I 379 14.01 -51.76 -17.43
C SER I 379 14.53 -50.54 -16.70
N PHE I 380 15.85 -50.31 -16.70
CA PHE I 380 16.41 -49.16 -16.01
C PHE I 380 16.02 -47.85 -16.70
N VAL I 381 15.93 -47.87 -18.03
CA VAL I 381 15.59 -46.65 -18.76
C VAL I 381 14.15 -46.24 -18.49
N GLU I 382 13.23 -47.21 -18.43
CA GLU I 382 11.82 -46.90 -18.29
C GLU I 382 11.42 -46.41 -16.91
N HIS I 383 12.27 -46.60 -15.89
CA HIS I 383 11.98 -46.04 -14.57
C HIS I 383 12.18 -44.54 -14.51
N LEU I 384 12.97 -43.97 -15.41
CA LEU I 384 13.20 -42.53 -15.42
C LEU I 384 11.91 -41.81 -15.83
N PRO I 385 11.68 -40.62 -15.29
CA PRO I 385 10.44 -39.90 -15.58
C PRO I 385 10.49 -39.19 -16.93
N TYR I 386 9.30 -38.85 -17.42
CA TYR I 386 9.14 -37.98 -18.58
C TYR I 386 7.77 -37.35 -18.50
N PRO I 387 7.64 -36.04 -18.70
CA PRO I 387 6.35 -35.38 -18.49
C PRO I 387 5.29 -35.88 -19.45
N VAL I 388 4.05 -35.90 -18.97
CA VAL I 388 2.91 -36.34 -19.77
C VAL I 388 2.24 -35.14 -20.44
N ASN I 394 5.70 -38.73 -36.87
CA ASN I 394 6.32 -37.41 -36.93
C ASN I 394 5.76 -36.59 -38.09
N ILE I 395 5.73 -35.27 -37.94
CA ILE I 395 5.23 -34.40 -38.99
C ILE I 395 6.13 -34.40 -40.21
N VAL I 396 7.41 -34.74 -40.05
CA VAL I 396 8.37 -34.75 -41.16
C VAL I 396 8.48 -36.11 -41.81
N ASP I 397 7.66 -37.09 -41.41
CA ASP I 397 7.81 -38.43 -41.94
C ASP I 397 7.40 -38.51 -43.41
N GLU I 398 6.23 -37.96 -43.75
CA GLU I 398 5.73 -38.03 -45.12
C GLU I 398 6.41 -37.05 -46.06
N LEU I 399 7.05 -35.99 -45.52
CA LEU I 399 7.67 -34.99 -46.38
C LEU I 399 8.86 -35.56 -47.15
N VAL I 400 9.62 -36.46 -46.52
CA VAL I 400 10.77 -37.06 -47.18
C VAL I 400 10.34 -37.90 -48.37
N GLU I 401 9.23 -38.66 -48.23
CA GLU I 401 8.74 -39.45 -49.35
C GLU I 401 8.30 -38.57 -50.51
N ALA I 402 7.62 -37.46 -50.21
CA ALA I 402 7.24 -36.52 -51.26
C ALA I 402 8.46 -35.93 -51.94
N ILE I 403 9.50 -35.61 -51.16
CA ILE I 403 10.74 -35.10 -51.73
C ILE I 403 11.36 -36.13 -52.68
N ALA I 404 11.37 -37.40 -52.26
CA ALA I 404 11.94 -38.45 -53.08
C ALA I 404 11.15 -38.67 -54.37
N ASN I 405 9.81 -38.61 -54.29
CA ASN I 405 8.99 -38.85 -55.46
C ASN I 405 9.21 -37.79 -56.54
N LEU I 406 9.39 -36.54 -56.14
CA LEU I 406 9.53 -35.45 -57.10
C LEU I 406 10.81 -35.63 -57.92
N SER I 407 10.70 -35.43 -59.23
CA SER I 407 11.83 -35.56 -60.13
C SER I 407 12.22 -34.21 -60.73
N SER J 2 70.18 -10.70 -22.28
CA SER J 2 69.36 -11.25 -23.36
C SER J 2 67.92 -11.46 -22.89
N ILE J 3 67.05 -10.50 -23.21
CA ILE J 3 65.65 -10.53 -22.80
C ILE J 3 64.79 -10.46 -24.05
N TYR J 4 63.82 -11.37 -24.16
CA TYR J 4 62.93 -11.43 -25.31
C TYR J 4 61.48 -11.33 -24.83
N GLN J 5 60.68 -10.54 -25.55
CA GLN J 5 59.24 -10.46 -25.31
C GLN J 5 58.53 -10.50 -26.65
N GLY J 6 57.73 -11.53 -26.87
CA GLY J 6 56.98 -11.67 -28.10
C GLY J 6 57.81 -12.07 -29.30
N GLY J 7 59.04 -12.51 -29.10
CA GLY J 7 59.94 -12.83 -30.18
C GLY J 7 60.94 -11.74 -30.51
N ASN J 8 60.68 -10.51 -30.10
CA ASN J 8 61.58 -9.40 -30.34
C ASN J 8 62.55 -9.28 -29.17
N LYS J 9 63.28 -8.18 -29.09
CA LYS J 9 64.24 -7.94 -28.02
C LYS J 9 63.72 -6.88 -27.06
N LEU J 10 64.30 -6.87 -25.87
CA LEU J 10 63.92 -5.91 -24.85
C LEU J 10 65.14 -5.55 -24.03
N ASN J 11 65.10 -4.37 -23.42
CA ASN J 11 66.22 -3.83 -22.66
C ASN J 11 65.88 -3.74 -21.19
N GLU J 12 66.89 -3.36 -20.40
CA GLU J 12 66.76 -3.36 -18.94
C GLU J 12 65.75 -2.31 -18.47
N ASP J 13 65.79 -1.12 -19.08
CA ASP J 13 64.95 -0.02 -18.60
C ASP J 13 63.47 -0.35 -18.74
N ASP J 14 63.08 -0.92 -19.88
CA ASP J 14 61.69 -1.33 -20.06
C ASP J 14 61.36 -2.58 -19.25
N PHE J 15 62.33 -3.47 -19.05
CA PHE J 15 62.09 -4.68 -18.29
C PHE J 15 61.74 -4.36 -16.84
N ARG J 16 62.47 -3.42 -16.23
CA ARG J 16 62.18 -3.06 -14.85
C ARG J 16 60.81 -2.41 -14.71
N SER J 17 60.43 -1.56 -15.67
CA SER J 17 59.10 -0.96 -15.64
C SER J 17 58.01 -2.02 -15.78
N HIS J 18 58.24 -3.00 -16.66
CA HIS J 18 57.30 -4.10 -16.83
C HIS J 18 57.14 -4.88 -15.53
N VAL J 19 58.26 -5.19 -14.87
CA VAL J 19 58.19 -5.93 -13.61
C VAL J 19 57.45 -5.13 -12.55
N TYR J 20 57.72 -3.82 -12.47
CA TYR J 20 57.02 -2.99 -11.49
C TYR J 20 55.52 -2.96 -11.75
N SER J 21 55.12 -2.85 -13.01
CA SER J 21 53.69 -2.83 -13.34
C SER J 21 53.04 -4.19 -13.16
N LEU J 22 53.82 -5.28 -13.22
CA LEU J 22 53.25 -6.62 -13.09
C LEU J 22 52.90 -6.93 -11.64
N CYS J 23 53.67 -6.40 -10.68
CA CYS J 23 53.49 -6.78 -9.28
C CYS J 23 52.25 -6.17 -8.64
N GLN J 24 51.56 -5.27 -9.33
CA GLN J 24 50.39 -4.59 -8.77
C GLN J 24 49.07 -5.19 -9.26
N LEU J 25 49.11 -6.37 -9.89
CA LEU J 25 47.88 -7.01 -10.32
C LEU J 25 47.17 -7.66 -9.13
N ASP J 26 45.97 -8.18 -9.39
CA ASP J 26 45.17 -8.77 -8.33
C ASP J 26 45.82 -10.02 -7.74
N ASN J 27 46.39 -10.87 -8.59
CA ASN J 27 46.94 -12.15 -8.15
C ASN J 27 48.41 -12.24 -8.54
N VAL J 28 49.24 -12.69 -7.60
CA VAL J 28 50.68 -12.84 -7.81
C VAL J 28 51.12 -14.17 -7.18
N GLY J 29 51.94 -14.92 -7.92
CA GLY J 29 52.45 -16.17 -7.42
C GLY J 29 53.87 -16.41 -7.89
N VAL J 30 54.51 -17.43 -7.32
CA VAL J 30 55.90 -17.77 -7.62
C VAL J 30 56.06 -19.28 -7.58
N LEU J 31 56.79 -19.81 -8.55
CA LEU J 31 57.10 -21.23 -8.63
C LEU J 31 58.62 -21.41 -8.58
N LEU J 32 59.06 -22.36 -7.77
CA LEU J 32 60.48 -22.57 -7.53
C LEU J 32 60.85 -24.03 -7.77
N GLY J 33 62.12 -24.24 -8.09
CA GLY J 33 62.64 -25.58 -8.33
C GLY J 33 63.75 -25.97 -7.39
N ALA J 34 64.64 -26.85 -7.84
CA ALA J 34 65.75 -27.30 -7.02
C ALA J 34 67.03 -26.50 -7.26
N GLY J 35 67.00 -25.51 -8.14
CA GLY J 35 68.16 -24.68 -8.38
C GLY J 35 68.23 -23.48 -7.47
N ALA J 36 67.10 -23.14 -6.84
CA ALA J 36 67.05 -22.02 -5.92
C ALA J 36 67.76 -22.30 -4.60
N SER J 37 68.01 -23.57 -4.28
CA SER J 37 68.64 -23.96 -3.03
C SER J 37 70.12 -24.23 -3.17
N VAL J 38 70.72 -23.93 -4.32
CA VAL J 38 72.15 -24.16 -4.50
C VAL J 38 72.95 -23.27 -3.57
N GLY J 39 72.53 -22.02 -3.41
CA GLY J 39 73.26 -21.09 -2.55
C GLY J 39 73.19 -21.44 -1.08
N CYS J 40 72.17 -22.17 -0.65
CA CYS J 40 72.02 -22.54 0.75
C CYS J 40 72.77 -23.81 1.12
N GLY J 41 73.14 -24.63 0.13
CA GLY J 41 73.87 -25.85 0.41
C GLY J 41 73.29 -27.07 -0.28
N GLY J 42 72.32 -26.86 -1.17
CA GLY J 42 71.68 -27.96 -1.86
C GLY J 42 72.51 -28.51 -2.99
N LYS J 43 71.95 -29.50 -3.68
CA LYS J 43 72.62 -30.17 -4.78
C LYS J 43 71.67 -30.30 -5.96
N THR J 44 72.24 -30.23 -7.16
CA THR J 44 71.50 -30.42 -8.39
C THR J 44 71.53 -31.90 -8.78
N MET J 45 70.65 -32.28 -9.71
CA MET J 45 70.49 -33.69 -10.06
C MET J 45 71.76 -34.31 -10.63
N LYS J 46 72.64 -33.52 -11.22
CA LYS J 46 73.90 -34.07 -11.72
C LYS J 46 74.84 -34.46 -10.58
N ASP J 47 74.84 -33.68 -9.51
CA ASP J 47 75.68 -34.00 -8.36
C ASP J 47 75.28 -35.31 -7.71
N VAL J 48 73.98 -35.64 -7.73
CA VAL J 48 73.53 -36.91 -7.17
C VAL J 48 74.11 -38.07 -7.95
N TRP J 49 74.09 -37.98 -9.28
CA TRP J 49 74.68 -39.03 -10.10
C TRP J 49 76.19 -39.11 -9.91
N LYS J 50 76.85 -37.96 -9.79
CA LYS J 50 78.29 -37.96 -9.54
C LYS J 50 78.61 -38.69 -8.25
N SER J 51 77.89 -38.36 -7.17
CA SER J 51 78.11 -39.03 -5.89
C SER J 51 77.81 -40.52 -5.98
N PHE J 52 76.74 -40.88 -6.69
CA PHE J 52 76.37 -42.29 -6.80
C PHE J 52 77.45 -43.09 -7.53
N LYS J 53 77.97 -42.55 -8.63
CA LYS J 53 79.00 -43.28 -9.36
C LYS J 53 80.36 -43.19 -8.70
N GLN J 54 80.55 -42.27 -7.76
CA GLN J 54 81.81 -42.20 -7.02
C GLN J 54 81.80 -43.06 -5.76
N ASN J 55 80.63 -43.35 -5.20
CA ASN J 55 80.54 -44.08 -3.94
C ASN J 55 80.25 -45.57 -4.10
N TYR J 56 79.68 -45.99 -5.22
CA TYR J 56 79.28 -47.38 -5.43
C TYR J 56 79.82 -47.88 -6.77
N PRO J 57 81.12 -48.13 -6.87
CA PRO J 57 81.67 -48.63 -8.14
C PRO J 57 81.21 -50.03 -8.50
N GLU J 58 80.94 -50.89 -7.51
CA GLU J 58 80.63 -52.29 -7.82
C GLU J 58 79.23 -52.41 -8.43
N LEU J 59 78.25 -51.71 -7.86
CA LEU J 59 76.89 -51.81 -8.37
C LEU J 59 76.79 -51.28 -9.80
N LEU J 60 77.55 -50.25 -10.12
CA LEU J 60 77.52 -49.69 -11.47
C LEU J 60 77.99 -50.69 -12.52
N GLY J 61 78.88 -51.61 -12.14
CA GLY J 61 79.39 -52.57 -13.10
C GLY J 61 78.31 -53.48 -13.64
N ALA J 62 77.43 -53.97 -12.77
CA ALA J 62 76.34 -54.83 -13.21
C ALA J 62 75.21 -54.07 -13.88
N LEU J 63 75.20 -52.74 -13.79
CA LEU J 63 74.17 -51.92 -14.39
C LEU J 63 74.51 -51.48 -15.81
N ILE J 64 75.70 -51.80 -16.29
CA ILE J 64 76.13 -51.40 -17.64
C ILE J 64 76.31 -52.66 -18.49
N ASP J 65 76.69 -53.77 -17.85
CA ASP J 65 77.04 -54.99 -18.57
C ASP J 65 75.93 -56.02 -18.59
N LYS J 66 75.26 -56.25 -17.45
CA LYS J 66 74.28 -57.33 -17.36
C LYS J 66 72.90 -56.88 -17.84
N TYR J 67 72.36 -55.84 -17.22
CA TYR J 67 70.99 -55.42 -17.51
C TYR J 67 70.89 -54.41 -18.64
N LEU J 68 71.97 -53.72 -18.98
CA LEU J 68 72.03 -52.77 -20.10
C LEU J 68 70.97 -51.68 -19.93
N LEU J 69 71.12 -50.92 -18.84
CA LEU J 69 70.21 -49.83 -18.54
C LEU J 69 70.81 -48.44 -18.74
N VAL J 70 72.09 -48.27 -18.44
CA VAL J 70 72.79 -47.00 -18.67
C VAL J 70 73.99 -47.27 -19.57
N SER J 71 74.13 -46.44 -20.61
CA SER J 71 75.22 -46.60 -21.56
C SER J 71 76.52 -46.05 -20.97
N GLN J 72 77.63 -46.55 -21.51
CA GLN J 72 78.94 -46.14 -21.00
C GLN J 72 79.24 -44.69 -21.33
N ILE J 73 78.90 -44.25 -22.54
CA ILE J 73 79.21 -42.89 -22.95
C ILE J 73 78.43 -41.89 -22.12
N ASP J 74 77.15 -42.15 -21.85
CA ASP J 74 76.36 -41.24 -21.04
C ASP J 74 76.87 -41.18 -19.61
N SER J 75 77.28 -42.32 -19.06
CA SER J 75 77.85 -42.34 -17.72
C SER J 75 79.14 -41.54 -17.65
N ASP J 76 80.00 -41.68 -18.67
CA ASP J 76 81.25 -40.92 -18.69
C ASP J 76 81.00 -39.43 -18.86
N ASN J 77 80.06 -39.05 -19.72
CA ASN J 77 79.79 -37.65 -20.04
C ASN J 77 78.81 -36.99 -19.08
N ASN J 78 78.25 -37.73 -18.13
CA ASN J 78 77.34 -37.21 -17.11
C ASN J 78 76.10 -36.57 -17.77
N LEU J 79 75.39 -37.40 -18.53
CA LEU J 79 74.19 -36.97 -19.24
C LEU J 79 73.07 -38.00 -19.05
N VAL J 80 72.87 -38.43 -17.81
CA VAL J 80 71.92 -39.49 -17.49
C VAL J 80 70.75 -38.89 -16.70
N ASN J 81 69.54 -39.36 -17.01
CA ASN J 81 68.34 -38.94 -16.30
C ASN J 81 68.06 -39.93 -15.18
N VAL J 82 68.07 -39.45 -13.94
CA VAL J 82 67.88 -40.31 -12.78
C VAL J 82 66.41 -40.62 -12.51
N GLU J 83 65.49 -39.89 -13.12
CA GLU J 83 64.07 -40.06 -12.86
C GLU J 83 63.42 -41.14 -13.74
N LEU J 84 64.19 -41.77 -14.62
CA LEU J 84 63.71 -42.90 -15.40
C LEU J 84 64.35 -44.22 -14.97
N LEU J 85 65.57 -44.16 -14.44
CA LEU J 85 66.21 -45.36 -13.91
C LEU J 85 65.41 -45.95 -12.75
N ILE J 86 64.80 -45.10 -11.92
CA ILE J 86 63.98 -45.59 -10.82
C ILE J 86 62.77 -46.35 -11.35
N ASP J 87 62.12 -45.81 -12.39
CA ASP J 87 60.97 -46.50 -12.98
C ASP J 87 61.37 -47.82 -13.60
N GLU J 88 62.50 -47.85 -14.32
CA GLU J 88 62.97 -49.10 -14.90
C GLU J 88 63.28 -50.13 -13.83
N ALA J 89 63.91 -49.71 -12.74
CA ALA J 89 64.22 -50.62 -11.64
C ALA J 89 62.94 -51.15 -11.00
N THR J 90 61.94 -50.29 -10.82
CA THR J 90 60.67 -50.73 -10.26
C THR J 90 60.01 -51.76 -11.16
N LYS J 91 60.03 -51.54 -12.48
CA LYS J 91 59.45 -52.49 -13.42
C LYS J 91 60.18 -53.84 -13.34
N PHE J 92 61.51 -53.80 -13.31
CA PHE J 92 62.28 -55.05 -13.22
C PHE J 92 61.99 -55.80 -11.93
N LEU J 93 61.91 -55.06 -10.81
CA LEU J 93 61.62 -55.70 -9.53
C LEU J 93 60.24 -56.32 -9.52
N SER J 94 59.25 -55.63 -10.10
CA SER J 94 57.90 -56.19 -10.17
C SER J 94 57.87 -57.47 -11.00
N VAL J 95 58.54 -57.45 -12.15
CA VAL J 95 58.57 -58.65 -12.99
C VAL J 95 59.26 -59.80 -12.27
N ALA J 96 60.40 -59.52 -11.63
CA ALA J 96 61.11 -60.58 -10.92
C ALA J 96 60.29 -61.15 -9.77
N LYS J 97 59.58 -60.29 -9.03
CA LYS J 97 58.73 -60.78 -7.94
C LYS J 97 57.58 -61.62 -8.48
N THR J 98 56.98 -61.21 -9.59
CA THR J 98 55.89 -61.98 -10.17
C THR J 98 56.38 -63.34 -10.66
N ARG J 99 57.56 -63.39 -11.27
CA ARG J 99 58.11 -64.65 -11.74
C ARG J 99 58.76 -65.48 -10.64
N ARG J 100 58.89 -64.92 -9.44
CA ARG J 100 59.44 -65.62 -8.27
C ARG J 100 60.88 -66.07 -8.52
N CYS J 101 61.75 -65.08 -8.70
CA CYS J 101 63.18 -65.29 -8.86
C CYS J 101 63.88 -64.69 -7.65
N GLU J 102 64.51 -65.53 -6.83
CA GLU J 102 65.03 -65.10 -5.54
C GLU J 102 66.26 -64.20 -5.69
N ASP J 103 67.24 -64.62 -6.48
CA ASP J 103 68.52 -63.91 -6.51
C ASP J 103 68.42 -62.59 -7.25
N GLU J 104 67.61 -62.54 -8.31
CA GLU J 104 67.46 -61.29 -9.05
C GLU J 104 66.68 -60.25 -8.26
N GLU J 105 65.70 -60.69 -7.47
CA GLU J 105 64.93 -59.75 -6.67
C GLU J 105 65.80 -59.06 -5.62
N GLU J 106 66.69 -59.82 -4.98
CA GLU J 106 67.53 -59.25 -3.93
C GLU J 106 68.49 -58.20 -4.48
N GLU J 107 69.07 -58.43 -5.67
CA GLU J 107 70.00 -57.48 -6.24
C GLU J 107 69.33 -56.15 -6.55
N PHE J 108 68.11 -56.18 -7.11
CA PHE J 108 67.44 -54.94 -7.47
C PHE J 108 66.92 -54.20 -6.24
N ARG J 109 66.70 -54.92 -5.14
CA ARG J 109 66.29 -54.25 -3.90
C ARG J 109 67.42 -53.38 -3.34
N LYS J 110 68.67 -53.78 -3.57
CA LYS J 110 69.80 -53.00 -3.08
C LYS J 110 70.02 -51.73 -3.89
N ILE J 111 69.68 -51.74 -5.18
CA ILE J 111 69.89 -50.57 -6.03
C ILE J 111 68.95 -49.45 -5.61
N LEU J 112 67.67 -49.76 -5.43
CA LEU J 112 66.70 -48.73 -5.03
C LEU J 112 67.01 -48.21 -3.64
N SER J 113 67.39 -49.09 -2.71
CA SER J 113 67.73 -48.65 -1.36
C SER J 113 68.97 -47.77 -1.33
N SER J 114 69.80 -47.83 -2.38
CA SER J 114 70.98 -46.98 -2.47
C SER J 114 70.67 -45.66 -3.17
N LEU J 115 69.84 -45.69 -4.21
CA LEU J 115 69.47 -44.44 -4.88
C LEU J 115 68.64 -43.55 -3.96
N TYR J 116 67.75 -44.13 -3.17
CA TYR J 116 66.90 -43.33 -2.28
C TYR J 116 67.71 -42.64 -1.18
N LYS J 117 68.85 -43.20 -0.79
CA LYS J 117 69.67 -42.60 0.26
C LYS J 117 70.37 -41.33 -0.22
N GLU J 118 70.86 -41.31 -1.46
CA GLU J 118 71.58 -40.15 -1.97
C GLU J 118 70.67 -38.96 -2.25
N VAL J 119 69.37 -39.19 -2.41
CA VAL J 119 68.47 -38.08 -2.69
C VAL J 119 68.10 -37.35 -1.40
N THR J 120 67.90 -38.10 -0.30
CA THR J 120 67.53 -37.47 0.95
C THR J 120 68.71 -36.74 1.59
N LYS J 121 69.94 -37.16 1.30
CA LYS J 121 71.11 -36.50 1.86
C LYS J 121 71.24 -35.06 1.36
N ALA J 122 70.84 -34.80 0.12
CA ALA J 122 70.91 -33.46 -0.43
C ALA J 122 69.87 -32.53 0.16
N ALA J 123 68.76 -33.06 0.68
CA ALA J 123 67.74 -32.23 1.29
C ALA J 123 68.12 -31.73 2.68
N LEU J 124 69.09 -32.37 3.34
CA LEU J 124 69.62 -31.86 4.61
C LEU J 124 70.62 -30.75 4.27
N LEU J 125 70.13 -29.51 4.29
CA LEU J 125 70.92 -28.39 3.82
C LEU J 125 72.14 -28.14 4.71
N THR J 126 71.96 -28.25 6.03
CA THR J 126 73.02 -27.89 6.96
C THR J 126 73.93 -29.06 7.31
N GLY J 127 73.39 -30.27 7.44
CA GLY J 127 74.21 -31.42 7.75
C GLY J 127 73.82 -32.07 9.06
N GLU J 128 74.77 -32.17 9.99
CA GLU J 128 74.49 -32.75 11.29
C GLU J 128 73.71 -31.81 12.21
N GLN J 129 73.53 -30.55 11.81
CA GLN J 129 72.79 -29.57 12.59
C GLN J 129 71.34 -29.44 12.13
N PHE J 130 70.84 -30.44 11.39
CA PHE J 130 69.44 -30.46 10.98
C PHE J 130 68.50 -30.68 12.15
N ARG J 131 69.01 -31.15 13.30
CA ARG J 131 68.20 -31.41 14.48
C ARG J 131 68.29 -30.29 15.51
N GLU J 132 68.89 -29.16 15.15
CA GLU J 132 69.10 -28.05 16.07
C GLU J 132 68.04 -26.98 15.83
N LYS J 133 68.07 -25.95 16.66
CA LYS J 133 67.06 -24.91 16.66
C LYS J 133 67.63 -23.58 16.17
N ASN J 134 66.73 -22.70 15.76
CA ASN J 134 67.06 -21.34 15.33
C ASN J 134 68.05 -21.36 14.15
N GLN J 135 67.60 -21.95 13.05
CA GLN J 135 68.40 -22.05 11.85
C GLN J 135 68.11 -20.93 10.84
N GLY J 136 67.11 -20.09 11.10
CA GLY J 136 66.81 -18.98 10.24
C GLY J 136 67.61 -17.73 10.50
N LYS J 137 68.48 -17.73 11.50
CA LYS J 137 69.29 -16.57 11.83
C LYS J 137 70.62 -16.54 11.10
N LYS J 138 70.94 -17.58 10.33
CA LYS J 138 72.19 -17.66 9.60
C LYS J 138 72.16 -16.77 8.37
N ASP J 139 73.34 -16.41 7.88
CA ASP J 139 73.47 -15.53 6.73
C ASP J 139 73.18 -16.22 5.41
N ALA J 140 73.12 -17.55 5.37
CA ALA J 140 72.84 -18.26 4.13
C ALA J 140 71.39 -18.11 3.69
N PHE J 141 70.48 -17.76 4.60
CA PHE J 141 69.07 -17.59 4.30
C PHE J 141 68.67 -16.13 4.23
N LYS J 142 69.55 -15.26 3.75
CA LYS J 142 69.28 -13.84 3.78
C LYS J 142 68.29 -13.43 2.70
N TYR J 143 68.35 -14.05 1.52
CA TYR J 143 67.54 -13.60 0.40
C TYR J 143 66.12 -14.15 0.45
N HIS J 144 65.91 -15.29 1.11
CA HIS J 144 64.57 -15.83 1.22
C HIS J 144 63.66 -14.90 2.02
N LYS J 145 64.17 -14.36 3.13
CA LYS J 145 63.40 -13.38 3.89
C LYS J 145 63.13 -12.14 3.07
N GLU J 146 64.10 -11.71 2.27
CA GLU J 146 63.90 -10.55 1.41
C GLU J 146 62.78 -10.81 0.41
N LEU J 147 62.76 -11.99 -0.20
CA LEU J 147 61.71 -12.32 -1.16
C LEU J 147 60.34 -12.32 -0.49
N ILE J 148 60.25 -12.96 0.68
CA ILE J 148 58.97 -13.02 1.38
C ILE J 148 58.48 -11.63 1.76
N SER J 149 59.38 -10.79 2.28
CA SER J 149 59.01 -9.44 2.69
C SER J 149 58.56 -8.61 1.50
N LYS J 150 59.30 -8.69 0.38
CA LYS J 150 58.92 -7.93 -0.80
C LYS J 150 57.56 -8.38 -1.34
N LEU J 151 57.31 -9.69 -1.35
CA LEU J 151 56.03 -10.18 -1.84
C LEU J 151 54.88 -9.74 -0.95
N ILE J 152 55.06 -9.82 0.38
CA ILE J 152 53.96 -9.50 1.29
C ILE J 152 53.69 -8.00 1.33
N SER J 153 54.74 -7.18 1.32
CA SER J 153 54.57 -5.75 1.56
C SER J 153 53.89 -5.00 0.42
N ASN J 154 53.72 -5.61 -0.75
CA ASN J 154 53.17 -4.93 -1.92
C ASN J 154 51.69 -5.23 -2.14
N ARG J 155 50.93 -5.43 -1.07
CA ARG J 155 49.51 -5.77 -1.17
C ARG J 155 48.68 -4.65 -0.54
N GLN J 156 47.77 -4.09 -1.32
CA GLN J 156 46.81 -3.12 -0.82
C GLN J 156 45.64 -3.83 -0.15
N PRO J 157 44.96 -3.16 0.79
CA PRO J 157 43.81 -3.81 1.44
C PRO J 157 42.72 -4.14 0.45
N GLY J 158 42.05 -5.27 0.68
CA GLY J 158 41.06 -5.77 -0.25
C GLY J 158 41.59 -6.65 -1.36
N GLN J 159 42.77 -7.23 -1.18
CA GLN J 159 43.40 -8.08 -2.19
C GLN J 159 43.87 -9.38 -1.56
N SER J 160 44.04 -10.39 -2.40
CA SER J 160 44.40 -11.72 -1.94
C SER J 160 45.85 -11.79 -1.49
N ALA J 161 46.15 -12.80 -0.69
CA ALA J 161 47.49 -13.03 -0.16
C ALA J 161 48.37 -13.73 -1.19
N PRO J 162 49.69 -13.54 -1.10
CA PRO J 162 50.58 -14.22 -2.04
C PRO J 162 50.63 -15.72 -1.83
N ALA J 163 50.96 -16.43 -2.91
CA ALA J 163 51.07 -17.89 -2.89
C ALA J 163 52.44 -18.29 -3.42
N ILE J 164 53.00 -19.35 -2.81
CA ILE J 164 54.32 -19.85 -3.19
C ILE J 164 54.20 -21.33 -3.50
N PHE J 165 54.73 -21.74 -4.66
CA PHE J 165 54.72 -23.12 -5.11
C PHE J 165 56.16 -23.63 -5.18
N THR J 166 56.35 -24.89 -4.83
CA THR J 166 57.69 -25.48 -4.86
C THR J 166 57.57 -26.99 -5.08
N THR J 167 58.67 -27.57 -5.56
CA THR J 167 58.79 -29.01 -5.79
C THR J 167 60.06 -29.54 -5.15
N ASN J 168 60.30 -29.15 -3.90
CA ASN J 168 61.51 -29.54 -3.18
C ASN J 168 61.12 -30.17 -1.85
N TYR J 169 62.04 -30.99 -1.33
CA TYR J 169 61.83 -31.68 -0.06
C TYR J 169 62.43 -30.95 1.13
N ASP J 170 63.25 -29.93 0.89
CA ASP J 170 64.00 -29.30 1.97
C ASP J 170 63.11 -28.32 2.75
N LEU J 171 63.63 -27.90 3.90
CA LEU J 171 62.97 -26.93 4.78
C LEU J 171 63.77 -25.62 4.69
N ALA J 172 63.42 -24.77 3.73
CA ALA J 172 64.09 -23.50 3.54
C ALA J 172 63.18 -22.30 3.71
N LEU J 173 61.94 -22.36 3.25
CA LEU J 173 60.99 -21.27 3.45
C LEU J 173 60.40 -21.27 4.85
N GLU J 174 60.19 -22.43 5.45
CA GLU J 174 59.69 -22.49 6.82
C GLU J 174 60.66 -21.85 7.79
N TRP J 175 61.95 -22.17 7.65
CA TRP J 175 62.98 -21.61 8.52
C TRP J 175 63.04 -20.09 8.38
N ALA J 176 62.98 -19.59 7.15
CA ALA J 176 63.05 -18.14 6.93
C ALA J 176 61.82 -17.44 7.48
N ALA J 177 60.64 -18.02 7.27
CA ALA J 177 59.40 -17.37 7.71
C ALA J 177 59.17 -17.48 9.21
N GLU J 178 59.80 -18.45 9.88
CA GLU J 178 59.67 -18.52 11.32
C GLU J 178 60.42 -17.39 12.02
N ASP J 179 61.52 -16.93 11.42
CA ASP J 179 62.28 -15.84 12.03
C ASP J 179 61.47 -14.55 12.06
N LEU J 180 60.76 -14.24 10.97
CA LEU J 180 60.03 -12.99 10.89
C LEU J 180 58.74 -12.99 11.70
N GLY J 181 58.24 -14.17 12.08
CA GLY J 181 56.98 -14.27 12.78
C GLY J 181 55.77 -14.47 11.90
N ILE J 182 55.96 -14.56 10.59
CA ILE J 182 54.85 -14.74 9.65
C ILE J 182 54.44 -16.21 9.66
N GLN J 183 53.13 -16.46 9.62
CA GLN J 183 52.59 -17.82 9.65
C GLN J 183 52.22 -18.26 8.25
N LEU J 184 52.49 -19.53 7.95
CA LEU J 184 52.21 -20.12 6.64
C LEU J 184 51.16 -21.20 6.79
N PHE J 185 50.15 -21.16 5.92
CA PHE J 185 49.12 -22.19 5.89
C PHE J 185 49.53 -23.27 4.89
N ASN J 186 49.64 -24.51 5.38
CA ASN J 186 50.07 -25.62 4.54
C ASN J 186 49.12 -26.82 4.63
N GLY J 187 47.90 -26.63 5.12
CA GLY J 187 46.90 -27.66 5.12
C GLY J 187 46.86 -28.55 6.35
N PHE J 188 47.69 -28.28 7.34
CA PHE J 188 47.74 -29.10 8.55
C PHE J 188 47.23 -28.31 9.75
N SER J 189 46.73 -29.04 10.74
CA SER J 189 46.16 -28.44 11.93
C SER J 189 46.43 -29.32 13.14
N GLY J 190 46.85 -28.70 14.24
CA GLY J 190 47.15 -29.41 15.46
C GLY J 190 48.64 -29.43 15.75
N LEU J 191 48.96 -29.75 17.00
CA LEU J 191 50.35 -29.85 17.45
C LEU J 191 50.70 -31.26 17.91
N HIS J 192 49.92 -31.84 18.83
CA HIS J 192 50.26 -33.16 19.36
C HIS J 192 50.05 -34.26 18.33
N THR J 193 49.05 -34.11 17.47
CA THR J 193 48.79 -35.10 16.42
C THR J 193 48.32 -34.32 15.19
N ARG J 194 49.24 -34.02 14.27
CA ARG J 194 48.91 -33.27 13.08
C ARG J 194 48.27 -34.17 12.03
N GLN J 195 47.35 -33.59 11.27
CA GLN J 195 46.67 -34.30 10.20
C GLN J 195 46.47 -33.35 9.02
N PHE J 196 46.04 -33.91 7.91
CA PHE J 196 45.79 -33.17 6.67
C PHE J 196 44.29 -33.08 6.43
N TYR J 197 43.77 -31.86 6.33
CA TYR J 197 42.38 -31.62 6.00
C TYR J 197 42.30 -30.73 4.78
N PRO J 198 41.59 -31.13 3.72
CA PRO J 198 41.60 -30.33 2.48
C PRO J 198 41.07 -28.92 2.65
N GLN J 199 40.15 -28.68 3.58
CA GLN J 199 39.49 -27.38 3.71
C GLN J 199 40.18 -26.46 4.70
N ASN J 200 41.47 -26.65 4.96
CA ASN J 200 42.25 -25.71 5.76
C ASN J 200 42.89 -24.62 4.93
N PHE J 201 42.67 -24.60 3.62
CA PHE J 201 43.23 -23.59 2.75
C PHE J 201 42.30 -22.41 2.54
N ASP J 202 41.17 -22.35 3.25
CA ASP J 202 40.18 -21.29 3.11
C ASP J 202 40.02 -20.49 4.39
N LEU J 203 41.11 -20.30 5.13
CA LEU J 203 41.08 -19.57 6.39
C LEU J 203 41.80 -18.24 6.24
N ALA J 204 41.56 -17.36 7.22
CA ALA J 204 42.15 -16.03 7.22
C ALA J 204 42.11 -15.47 8.63
N PHE J 205 42.83 -14.37 8.85
CA PHE J 205 42.88 -13.71 10.14
C PHE J 205 41.94 -12.51 10.19
N ARG J 206 41.68 -12.04 11.40
CA ARG J 206 40.78 -10.93 11.66
C ARG J 206 40.96 -10.48 13.11
N ASN J 207 41.01 -9.17 13.32
CA ASN J 207 41.15 -8.63 14.67
C ASN J 207 39.80 -8.56 15.37
N VAL J 208 39.77 -9.00 16.62
CA VAL J 208 38.52 -8.99 17.38
C VAL J 208 38.10 -7.56 17.72
N ASN J 209 39.07 -6.71 18.07
CA ASN J 209 38.80 -5.32 18.42
C ASN J 209 39.24 -4.41 17.28
N ALA J 210 38.40 -3.45 16.92
CA ALA J 210 38.71 -2.53 15.83
C ALA J 210 38.24 -1.12 16.15
N HIS J 218 46.50 -8.09 8.24
CA HIS J 218 47.60 -8.77 8.91
C HIS J 218 48.53 -9.38 7.87
N TYR J 219 49.44 -10.26 8.31
CA TYR J 219 50.42 -10.88 7.43
C TYR J 219 50.24 -12.39 7.44
N HIS J 220 50.11 -12.98 6.24
CA HIS J 220 50.00 -14.42 6.10
C HIS J 220 50.23 -14.78 4.64
N ALA J 221 50.44 -16.06 4.38
CA ALA J 221 50.73 -16.55 3.03
C ALA J 221 50.37 -18.04 2.97
N TYR J 222 50.53 -18.60 1.78
CA TYR J 222 50.24 -20.01 1.54
C TYR J 222 51.47 -20.70 0.95
N LEU J 223 51.60 -21.99 1.23
CA LEU J 223 52.75 -22.76 0.79
C LEU J 223 52.29 -24.15 0.36
N TYR J 224 52.40 -24.44 -0.94
CA TYR J 224 52.03 -25.74 -1.48
C TYR J 224 53.29 -26.50 -1.88
N LYS J 225 53.38 -27.76 -1.45
CA LYS J 225 54.49 -28.63 -1.81
C LYS J 225 53.93 -29.74 -2.69
N LEU J 226 54.23 -29.66 -3.99
CA LEU J 226 53.61 -30.56 -4.97
C LEU J 226 54.21 -31.96 -4.94
N HIS J 227 55.49 -32.09 -4.61
CA HIS J 227 56.19 -33.37 -4.66
C HIS J 227 56.51 -33.89 -3.27
N GLY J 228 55.61 -33.65 -2.32
CA GLY J 228 55.81 -34.15 -0.96
C GLY J 228 56.84 -33.36 -0.19
N SER J 229 57.16 -33.88 1.00
CA SER J 229 58.12 -33.24 1.89
C SER J 229 58.91 -34.31 2.62
N LEU J 230 59.94 -33.87 3.34
CA LEU J 230 60.84 -34.75 4.05
C LEU J 230 60.38 -35.08 5.47
N THR J 231 59.30 -34.47 5.94
CA THR J 231 58.81 -34.69 7.30
C THR J 231 57.38 -35.21 7.33
N TRP J 232 56.87 -35.73 6.22
CA TRP J 232 55.54 -36.33 6.16
C TRP J 232 55.67 -37.85 6.11
N TYR J 233 54.90 -38.53 6.94
CA TYR J 233 54.88 -39.99 6.94
C TYR J 233 53.44 -40.47 7.03
N GLN J 234 53.20 -41.66 6.50
CA GLN J 234 51.86 -42.24 6.43
C GLN J 234 51.81 -43.52 7.25
N ASN J 235 50.74 -43.65 8.06
CA ASN J 235 50.57 -44.78 8.95
C ASN J 235 49.69 -45.87 8.35
N ASP J 236 49.63 -45.96 7.03
CA ASP J 236 48.90 -47.02 6.33
C ASP J 236 47.42 -47.04 6.71
N SER J 237 46.86 -45.85 6.97
CA SER J 237 45.46 -45.74 7.35
C SER J 237 44.79 -44.55 6.69
N LEU J 238 45.29 -44.15 5.50
CA LEU J 238 44.78 -42.98 4.78
C LEU J 238 44.87 -41.72 5.65
N THR J 239 45.96 -41.60 6.40
CA THR J 239 46.22 -40.45 7.24
C THR J 239 47.68 -40.03 7.06
N VAL J 240 47.92 -38.73 7.06
CA VAL J 240 49.26 -38.17 6.91
C VAL J 240 49.54 -37.28 8.10
N ASN J 241 50.69 -37.47 8.74
CA ASN J 241 51.08 -36.71 9.92
C ASN J 241 52.34 -35.90 9.61
N GLU J 242 52.46 -34.76 10.30
CA GLU J 242 53.62 -33.88 10.18
C GLU J 242 54.31 -33.78 11.52
N VAL J 243 55.64 -33.92 11.51
CA VAL J 243 56.45 -33.91 12.72
C VAL J 243 57.58 -32.90 12.53
N SER J 244 58.06 -32.36 13.65
CA SER J 244 59.15 -31.39 13.61
C SER J 244 60.44 -32.05 13.15
N ALA J 245 61.40 -31.21 12.77
CA ALA J 245 62.66 -31.72 12.23
C ALA J 245 63.51 -32.40 13.30
N SER J 246 63.29 -32.07 14.57
CA SER J 246 64.10 -32.62 15.65
C SER J 246 63.63 -33.99 16.13
N GLN J 247 62.54 -34.50 15.58
CA GLN J 247 62.05 -35.81 15.95
C GLN J 247 62.07 -36.81 14.80
N ALA J 248 61.84 -36.37 13.56
CA ALA J 248 62.00 -37.26 12.41
C ALA J 248 63.43 -37.77 12.30
N TYR J 249 64.40 -36.94 12.70
CA TYR J 249 65.80 -37.37 12.68
C TYR J 249 66.01 -38.58 13.58
N ASP J 250 65.49 -38.53 14.80
CA ASP J 250 65.63 -39.67 15.70
C ASP J 250 64.71 -40.81 15.33
N GLU J 251 63.63 -40.55 14.58
CA GLU J 251 62.73 -41.62 14.21
C GLU J 251 63.27 -42.45 13.05
N TYR J 252 63.44 -41.84 11.86
CA TYR J 252 63.81 -42.61 10.69
C TYR J 252 64.94 -42.03 9.83
N ILE J 253 65.20 -40.72 9.89
CA ILE J 253 66.24 -40.15 9.03
C ILE J 253 67.61 -40.71 9.41
N ASN J 254 67.92 -40.74 10.71
CA ASN J 254 69.19 -41.31 11.15
C ASN J 254 69.30 -42.78 10.79
N ASP J 255 68.19 -43.51 10.84
CA ASP J 255 68.22 -44.93 10.49
C ASP J 255 68.49 -45.13 9.00
N ILE J 256 67.89 -44.31 8.14
CA ILE J 256 68.02 -44.50 6.70
C ILE J 256 69.20 -43.73 6.11
N ILE J 257 69.95 -42.99 6.91
CA ILE J 257 71.11 -42.26 6.41
C ILE J 257 72.41 -42.88 6.87
N ASN J 258 72.55 -43.19 8.16
CA ASN J 258 73.82 -43.69 8.69
C ASN J 258 73.88 -45.21 8.80
N LYS J 259 72.76 -45.87 9.08
CA LYS J 259 72.76 -47.31 9.33
C LYS J 259 72.59 -48.12 8.05
N ASP J 260 72.50 -47.45 6.90
CA ASP J 260 72.50 -48.02 5.54
C ASP J 260 71.80 -49.36 5.42
N ASP J 261 70.60 -49.48 5.98
CA ASP J 261 69.80 -50.68 5.83
C ASP J 261 68.85 -50.53 4.65
N PHE J 262 67.91 -51.46 4.50
CA PHE J 262 66.95 -51.43 3.41
C PHE J 262 65.95 -50.30 3.59
N TYR J 263 65.06 -50.14 2.60
CA TYR J 263 64.11 -49.04 2.58
C TYR J 263 62.69 -49.57 2.55
N ARG J 264 61.83 -48.96 3.38
CA ARG J 264 60.40 -49.21 3.37
C ARG J 264 59.65 -47.90 3.23
N GLY J 265 58.33 -47.93 3.38
CA GLY J 265 57.53 -46.72 3.26
C GLY J 265 57.65 -45.81 4.47
N GLN J 266 58.85 -45.30 4.72
CA GLN J 266 59.04 -44.42 5.88
C GLN J 266 58.44 -43.04 5.64
N HIS J 267 58.90 -42.34 4.61
CA HIS J 267 58.38 -41.04 4.27
C HIS J 267 57.99 -41.01 2.79
N LEU J 268 56.91 -40.30 2.50
CA LEU J 268 56.35 -40.27 1.15
C LEU J 268 57.01 -39.17 0.33
N ILE J 269 57.56 -39.56 -0.82
CA ILE J 269 58.15 -38.62 -1.77
C ILE J 269 57.77 -39.07 -3.17
N TYR J 270 57.92 -38.15 -4.13
CA TYR J 270 57.59 -38.40 -5.53
C TYR J 270 58.80 -38.03 -6.38
N PRO J 271 59.85 -38.86 -6.36
CA PRO J 271 61.07 -38.54 -7.11
C PRO J 271 61.12 -39.09 -8.52
N GLY J 272 60.28 -40.06 -8.87
CA GLY J 272 60.29 -40.65 -10.19
C GLY J 272 59.17 -40.10 -11.06
N ALA J 273 59.05 -40.69 -12.25
CA ALA J 273 57.99 -40.35 -13.18
C ALA J 273 56.77 -41.26 -13.04
N ASN J 274 56.83 -42.25 -12.16
CA ASN J 274 55.72 -43.18 -11.93
C ASN J 274 54.93 -42.69 -10.73
N LYS J 275 53.88 -41.92 -10.98
CA LYS J 275 53.01 -41.45 -9.92
C LYS J 275 51.95 -42.48 -9.53
N TYR J 276 51.87 -43.59 -10.26
CA TYR J 276 50.86 -44.63 -10.01
C TYR J 276 51.25 -45.57 -8.88
N SER J 277 52.48 -45.50 -8.38
CA SER J 277 52.88 -46.37 -7.27
C SER J 277 52.09 -46.03 -6.01
N HIS J 278 51.98 -44.75 -5.69
CA HIS J 278 51.16 -44.30 -4.56
C HIS J 278 49.82 -43.83 -5.09
N THR J 279 49.00 -44.78 -5.55
CA THR J 279 47.70 -44.44 -6.12
C THR J 279 46.70 -44.03 -5.05
N ILE J 280 46.96 -44.39 -3.79
CA ILE J 280 46.08 -44.04 -2.68
C ILE J 280 46.44 -42.65 -2.16
N GLY J 281 47.27 -41.93 -2.91
CA GLY J 281 47.71 -40.62 -2.48
C GLY J 281 46.77 -39.51 -2.91
N PHE J 282 45.94 -39.03 -1.97
CA PHE J 282 45.06 -37.91 -2.20
C PHE J 282 45.70 -36.57 -1.89
N VAL J 283 46.89 -36.57 -1.28
CA VAL J 283 47.62 -35.33 -1.06
C VAL J 283 48.14 -34.78 -2.39
N TYR J 284 48.61 -35.67 -3.27
CA TYR J 284 49.14 -35.27 -4.56
C TYR J 284 48.08 -34.55 -5.41
N GLY J 285 46.86 -35.08 -5.40
CA GLY J 285 45.82 -34.52 -6.25
C GLY J 285 45.36 -33.14 -5.83
N GLU J 286 45.27 -32.89 -4.53
CA GLU J 286 44.75 -31.63 -4.04
C GLU J 286 45.65 -30.46 -4.43
N MET J 287 46.96 -30.65 -4.34
CA MET J 287 47.88 -29.57 -4.69
C MET J 287 47.77 -29.18 -6.15
N PHE J 288 47.69 -30.16 -7.04
CA PHE J 288 47.53 -29.85 -8.47
C PHE J 288 46.15 -29.31 -8.78
N ARG J 289 45.13 -29.72 -8.05
CA ARG J 289 43.81 -29.11 -8.23
C ARG J 289 43.85 -27.62 -7.88
N ARG J 290 44.49 -27.27 -6.77
CA ARG J 290 44.64 -25.86 -6.41
C ARG J 290 45.50 -25.11 -7.42
N PHE J 291 46.56 -25.75 -7.91
CA PHE J 291 47.41 -25.12 -8.91
C PHE J 291 46.64 -24.84 -10.20
N GLY J 292 45.79 -25.77 -10.61
CA GLY J 292 44.96 -25.54 -11.78
C GLY J 292 43.94 -24.44 -11.57
N GLU J 293 43.33 -24.40 -10.37
CA GLU J 293 42.35 -23.35 -10.09
C GLU J 293 43.02 -21.98 -9.98
N PHE J 294 44.31 -21.93 -9.64
CA PHE J 294 44.96 -20.63 -9.46
C PHE J 294 45.20 -19.92 -10.78
N ILE J 295 45.52 -20.66 -11.84
CA ILE J 295 45.97 -20.04 -13.08
C ILE J 295 44.80 -19.89 -14.04
N SER J 296 43.57 -19.95 -13.52
CA SER J 296 42.38 -19.67 -14.30
C SER J 296 41.70 -18.38 -13.91
N LYS J 297 42.07 -17.80 -12.77
CA LYS J 297 41.49 -16.52 -12.37
C LYS J 297 41.99 -15.40 -13.27
N PRO J 298 41.18 -14.38 -13.51
CA PRO J 298 41.64 -13.23 -14.30
C PRO J 298 42.68 -12.41 -13.55
N GLN J 299 43.51 -11.71 -14.33
CA GLN J 299 44.56 -10.82 -13.82
C GLN J 299 45.54 -11.58 -12.93
N THR J 300 46.26 -12.51 -13.56
CA THR J 300 47.19 -13.39 -12.87
C THR J 300 48.60 -13.21 -13.42
N ALA J 301 49.58 -13.28 -12.52
CA ALA J 301 50.99 -13.20 -12.89
C ALA J 301 51.75 -14.32 -12.20
N LEU J 302 52.74 -14.88 -12.90
CA LEU J 302 53.52 -15.99 -12.38
C LEU J 302 54.99 -15.77 -12.67
N PHE J 303 55.84 -16.14 -11.71
CA PHE J 303 57.29 -16.07 -11.86
C PHE J 303 57.88 -17.46 -11.69
N ILE J 304 58.79 -17.84 -12.60
CA ILE J 304 59.43 -19.14 -12.58
C ILE J 304 60.94 -18.93 -12.49
N ASN J 305 61.58 -19.61 -11.55
CA ASN J 305 63.03 -19.47 -11.35
C ASN J 305 63.58 -20.78 -10.79
N GLY J 306 64.61 -21.30 -11.45
CA GLY J 306 65.26 -22.51 -10.99
C GLY J 306 64.62 -23.80 -11.43
N PHE J 307 63.65 -23.76 -12.34
CA PHE J 307 62.92 -24.93 -12.78
C PHE J 307 63.38 -25.32 -14.18
N GLY J 308 63.99 -26.49 -14.29
CA GLY J 308 64.36 -27.03 -15.59
C GLY J 308 63.19 -27.81 -16.16
N PHE J 309 62.83 -27.51 -17.40
CA PHE J 309 61.61 -28.05 -17.98
C PHE J 309 61.77 -29.52 -18.32
N GLY J 310 61.46 -30.40 -17.38
CA GLY J 310 61.58 -31.83 -17.61
C GLY J 310 60.46 -32.64 -17.00
N ASP J 311 59.39 -31.97 -16.59
CA ASP J 311 58.22 -32.62 -16.00
C ASP J 311 57.05 -32.48 -16.96
N TYR J 312 56.39 -33.61 -17.26
CA TYR J 312 55.33 -33.60 -18.25
C TYR J 312 54.11 -32.84 -17.77
N HIS J 313 53.72 -33.01 -16.51
CA HIS J 313 52.48 -32.43 -16.02
C HIS J 313 52.52 -30.91 -16.06
N ILE J 314 53.59 -30.32 -15.52
CA ILE J 314 53.67 -28.87 -15.40
C ILE J 314 53.78 -28.23 -16.79
N ASN J 315 54.47 -28.88 -17.71
CA ASN J 315 54.59 -28.35 -19.07
C ASN J 315 53.22 -28.24 -19.73
N ARG J 316 52.41 -29.29 -19.65
CA ARG J 316 51.07 -29.24 -20.22
C ARG J 316 50.21 -28.20 -19.53
N ILE J 317 50.30 -28.13 -18.19
CA ILE J 317 49.47 -27.17 -17.46
C ILE J 317 49.83 -25.74 -17.86
N ILE J 318 51.13 -25.45 -17.99
CA ILE J 318 51.56 -24.10 -18.37
C ILE J 318 51.16 -23.79 -19.80
N LEU J 319 51.38 -24.73 -20.72
CA LEU J 319 51.10 -24.47 -22.14
C LEU J 319 49.61 -24.28 -22.38
N GLY J 320 48.77 -25.04 -21.70
CA GLY J 320 47.34 -24.94 -21.91
C GLY J 320 46.68 -23.74 -21.28
N ALA J 321 47.39 -22.97 -20.48
CA ALA J 321 46.82 -21.82 -19.78
C ALA J 321 47.12 -20.50 -20.46
N LEU J 322 47.77 -20.51 -21.62
CA LEU J 322 48.10 -19.28 -22.33
C LEU J 322 46.96 -18.76 -23.20
N LEU J 323 45.86 -19.50 -23.30
CA LEU J 323 44.69 -19.05 -24.05
C LEU J 323 43.82 -18.08 -23.27
N ASN J 324 44.10 -17.88 -21.99
CA ASN J 324 43.43 -16.86 -21.21
C ASN J 324 44.07 -15.50 -21.50
N PRO J 325 43.31 -14.50 -21.93
CA PRO J 325 43.91 -13.22 -22.33
C PRO J 325 44.37 -12.34 -21.18
N SER J 326 44.39 -12.84 -19.95
CA SER J 326 44.84 -12.06 -18.80
C SER J 326 45.79 -12.89 -17.94
N PHE J 327 46.76 -13.53 -18.59
CA PHE J 327 47.73 -14.38 -17.92
C PHE J 327 49.13 -13.97 -18.35
N HIS J 328 49.91 -13.41 -17.43
CA HIS J 328 51.27 -12.97 -17.72
C HIS J 328 52.27 -13.85 -16.98
N VAL J 329 53.38 -14.15 -17.66
CA VAL J 329 54.38 -15.06 -17.12
C VAL J 329 55.78 -14.54 -17.47
N VAL J 330 56.73 -14.75 -16.55
CA VAL J 330 58.13 -14.40 -16.74
C VAL J 330 58.96 -15.64 -16.42
N ILE J 331 59.89 -15.98 -17.31
CA ILE J 331 60.62 -17.24 -17.25
C ILE J 331 62.12 -16.97 -17.24
N TYR J 332 62.83 -17.65 -16.34
CA TYR J 332 64.27 -17.53 -16.21
C TYR J 332 64.94 -18.81 -16.70
N TYR J 333 66.00 -18.66 -17.51
CA TYR J 333 66.74 -19.81 -18.00
C TYR J 333 68.19 -19.43 -18.27
N PRO J 334 69.14 -19.89 -17.45
CA PRO J 334 70.55 -19.49 -17.61
C PRO J 334 71.17 -19.91 -18.94
N GLU J 335 71.17 -21.21 -19.23
CA GLU J 335 71.84 -21.74 -20.41
C GLU J 335 70.93 -21.69 -21.63
N LEU J 336 70.63 -20.46 -22.07
CA LEU J 336 69.71 -20.29 -23.19
C LEU J 336 70.44 -20.33 -24.53
N LYS J 337 71.63 -19.74 -24.61
CA LYS J 337 72.34 -19.69 -25.89
C LYS J 337 72.77 -21.08 -26.35
N GLU J 338 73.16 -21.94 -25.42
CA GLU J 338 73.53 -23.31 -25.78
C GLU J 338 72.35 -24.15 -26.22
N ALA J 339 71.12 -23.67 -26.00
CA ALA J 339 69.92 -24.42 -26.39
C ALA J 339 69.49 -24.12 -27.83
N ILE J 340 69.50 -22.84 -28.21
CA ILE J 340 69.07 -22.46 -29.55
C ILE J 340 69.98 -23.07 -30.61
N THR J 341 71.29 -23.05 -30.36
CA THR J 341 72.23 -23.63 -31.31
C THR J 341 71.97 -25.12 -31.51
N LYS J 342 71.79 -25.85 -30.40
CA LYS J 342 71.57 -27.29 -30.49
C LYS J 342 70.24 -27.60 -31.19
N VAL J 343 69.21 -26.80 -30.92
CA VAL J 343 67.92 -27.04 -31.58
C VAL J 343 68.02 -26.75 -33.06
N SER J 344 68.68 -25.65 -33.44
CA SER J 344 68.78 -25.27 -34.84
C SER J 344 69.76 -26.14 -35.62
N LYS J 345 70.64 -26.86 -34.94
CA LYS J 345 71.59 -27.74 -35.62
C LYS J 345 70.94 -29.02 -36.14
N GLY J 346 69.71 -29.31 -35.74
CA GLY J 346 69.04 -30.50 -36.22
C GLY J 346 68.20 -31.22 -35.19
N GLY J 347 68.46 -30.99 -33.92
CA GLY J 347 67.70 -31.63 -32.87
C GLY J 347 68.41 -31.58 -31.55
N GLY J 348 67.63 -31.69 -30.48
CA GLY J 348 68.16 -31.67 -29.14
C GLY J 348 67.31 -32.44 -28.15
N SER J 349 67.54 -32.22 -26.86
CA SER J 349 66.78 -32.90 -25.83
C SER J 349 65.37 -32.32 -25.72
N GLU J 350 64.54 -32.99 -24.94
CA GLU J 350 63.15 -32.59 -24.79
C GLU J 350 62.98 -31.31 -23.98
N ALA J 351 63.96 -30.97 -23.13
CA ALA J 351 63.86 -29.75 -22.35
C ALA J 351 64.12 -28.52 -23.21
N GLU J 352 65.09 -28.61 -24.13
CA GLU J 352 65.44 -27.46 -24.97
C GLU J 352 64.31 -27.10 -25.93
N LYS J 353 63.62 -28.12 -26.45
CA LYS J 353 62.55 -27.86 -27.40
C LYS J 353 61.44 -27.04 -26.77
N ALA J 354 61.09 -27.33 -25.52
CA ALA J 354 60.02 -26.61 -24.85
C ALA J 354 60.37 -25.13 -24.69
N ILE J 355 61.57 -24.84 -24.21
CA ILE J 355 61.94 -23.45 -23.97
C ILE J 355 62.08 -22.69 -25.29
N VAL J 356 62.59 -23.36 -26.34
CA VAL J 356 62.68 -22.70 -27.64
C VAL J 356 61.29 -22.39 -28.19
N THR J 357 60.36 -23.35 -28.07
CA THR J 357 59.00 -23.12 -28.55
C THR J 357 58.33 -21.98 -27.78
N LEU J 358 58.53 -21.94 -26.47
CA LEU J 358 57.97 -20.84 -25.67
C LEU J 358 58.58 -19.50 -26.09
N LYS J 359 59.88 -19.49 -26.39
CA LYS J 359 60.52 -18.25 -26.84
C LYS J 359 59.95 -17.77 -28.16
N ASN J 360 59.70 -18.68 -29.10
CA ASN J 360 59.28 -18.28 -30.43
C ASN J 360 57.78 -18.05 -30.56
N MET J 361 57.06 -17.83 -29.46
CA MET J 361 55.65 -17.50 -29.55
C MET J 361 55.46 -16.04 -29.93
N ALA J 362 54.26 -15.73 -30.43
CA ALA J 362 53.95 -14.42 -30.99
C ALA J 362 53.10 -13.57 -30.06
N PHE J 363 52.95 -13.97 -28.80
CA PHE J 363 52.18 -13.21 -27.83
C PHE J 363 53.11 -12.38 -26.94
N ASN J 364 52.58 -11.28 -26.43
CA ASN J 364 53.31 -10.40 -25.52
C ASN J 364 53.24 -10.88 -24.07
N GLN J 365 52.56 -11.98 -23.81
CA GLN J 365 52.40 -12.50 -22.45
C GLN J 365 53.57 -13.36 -21.99
N VAL J 366 54.56 -13.61 -22.85
CA VAL J 366 55.68 -14.47 -22.54
C VAL J 366 56.96 -13.65 -22.57
N THR J 367 57.74 -13.73 -21.49
CA THR J 367 59.02 -13.07 -21.39
C THR J 367 60.06 -14.06 -20.90
N VAL J 368 61.23 -14.05 -21.51
CA VAL J 368 62.32 -14.97 -21.18
C VAL J 368 63.57 -14.16 -20.91
N VAL J 369 64.27 -14.49 -19.83
CA VAL J 369 65.51 -13.82 -19.43
C VAL J 369 66.61 -14.86 -19.34
N GLY J 370 67.73 -14.60 -20.02
CA GLY J 370 68.87 -15.48 -19.96
C GLY J 370 70.17 -14.71 -19.78
N GLY J 371 71.30 -15.37 -20.04
CA GLY J 371 72.57 -14.69 -19.98
C GLY J 371 73.49 -15.17 -18.87
N GLY J 372 73.38 -16.45 -18.51
CA GLY J 372 74.26 -17.03 -17.52
C GLY J 372 73.98 -16.60 -16.09
N SER J 373 74.93 -15.88 -15.49
CA SER J 373 74.82 -15.50 -14.09
C SER J 373 73.78 -14.40 -13.85
N LYS J 374 73.26 -13.77 -14.89
CA LYS J 374 72.27 -12.72 -14.72
C LYS J 374 70.87 -13.26 -14.41
N ALA J 375 70.66 -14.56 -14.54
CA ALA J 375 69.37 -15.19 -14.33
C ALA J 375 69.40 -16.16 -13.16
N TYR J 376 70.04 -15.75 -12.06
CA TYR J 376 70.12 -16.55 -10.85
C TYR J 376 69.11 -16.05 -9.82
N PHE J 377 69.07 -16.72 -8.67
CA PHE J 377 68.08 -16.40 -7.65
C PHE J 377 68.32 -15.01 -7.06
N ASN J 378 69.57 -14.66 -6.78
CA ASN J 378 69.87 -13.35 -6.19
C ASN J 378 69.49 -12.21 -7.13
N SER J 379 69.79 -12.36 -8.42
CA SER J 379 69.41 -11.34 -9.38
C SER J 379 67.89 -11.24 -9.49
N PHE J 380 67.20 -12.38 -9.42
CA PHE J 380 65.74 -12.37 -9.43
C PHE J 380 65.19 -11.59 -8.26
N VAL J 381 65.76 -11.81 -7.06
CA VAL J 381 65.30 -11.10 -5.88
C VAL J 381 65.59 -9.60 -6.00
N GLU J 382 66.75 -9.25 -6.55
CA GLU J 382 67.12 -7.85 -6.64
C GLU J 382 66.29 -7.10 -7.68
N HIS J 383 65.67 -7.81 -8.62
CA HIS J 383 64.87 -7.15 -9.65
C HIS J 383 63.54 -6.65 -9.10
N LEU J 384 63.03 -7.29 -8.05
CA LEU J 384 61.73 -6.90 -7.51
C LEU J 384 61.80 -5.52 -6.87
N PRO J 385 60.72 -4.75 -6.94
CA PRO J 385 60.73 -3.39 -6.41
C PRO J 385 60.27 -3.31 -4.97
N TYR J 386 60.49 -2.14 -4.38
CA TYR J 386 60.04 -1.71 -3.07
C TYR J 386 58.81 -0.81 -3.20
N PRO J 387 57.88 -0.86 -2.25
CA PRO J 387 56.68 -0.02 -2.35
C PRO J 387 57.01 1.44 -2.11
N VAL J 388 56.16 2.31 -2.67
CA VAL J 388 56.21 3.74 -2.43
C VAL J 388 55.11 4.08 -1.42
N LEU J 389 55.51 4.70 -0.31
CA LEU J 389 54.55 4.93 0.78
C LEU J 389 53.70 6.16 0.51
N PHE J 390 54.33 7.31 0.28
CA PHE J 390 53.62 8.56 0.07
C PHE J 390 54.05 9.15 -1.27
N PRO J 391 53.21 9.10 -2.30
CA PRO J 391 53.53 9.66 -3.63
C PRO J 391 53.05 11.09 -3.79
N SER K 2 21.28 -28.64 47.83
CA SER K 2 21.04 -27.32 48.41
C SER K 2 21.52 -26.21 47.49
N ILE K 3 20.59 -25.38 47.03
CA ILE K 3 20.88 -24.28 46.13
C ILE K 3 20.40 -22.99 46.79
N TYR K 4 21.28 -22.00 46.87
CA TYR K 4 20.97 -20.73 47.51
C TYR K 4 21.15 -19.58 46.52
N GLN K 5 20.30 -18.57 46.64
CA GLN K 5 20.41 -17.35 45.83
C GLN K 5 19.87 -16.20 46.67
N GLY K 6 20.77 -15.46 47.30
CA GLY K 6 20.37 -14.40 48.20
C GLY K 6 19.85 -14.87 49.54
N GLY K 7 20.24 -16.06 49.98
CA GLY K 7 19.79 -16.59 51.25
C GLY K 7 18.51 -17.39 51.21
N ASN K 8 17.87 -17.51 50.05
CA ASN K 8 16.62 -18.25 49.91
C ASN K 8 16.86 -19.53 49.09
N LYS K 9 16.28 -20.63 49.55
CA LYS K 9 16.41 -21.89 48.85
C LYS K 9 15.74 -21.83 47.49
N LEU K 10 16.23 -22.66 46.57
CA LEU K 10 15.78 -22.64 45.19
C LEU K 10 15.64 -24.07 44.69
N ASN K 11 14.70 -24.29 43.77
CA ASN K 11 14.41 -25.61 43.24
C ASN K 11 15.20 -25.87 41.96
N GLU K 12 15.06 -27.07 41.43
CA GLU K 12 15.88 -27.50 40.30
C GLU K 12 15.45 -26.88 38.98
N ASP K 13 14.14 -26.76 38.74
CA ASP K 13 13.67 -26.29 37.43
C ASP K 13 14.05 -24.82 37.21
N ASP K 14 13.78 -23.97 38.20
CA ASP K 14 14.16 -22.57 38.07
C ASP K 14 15.67 -22.40 38.00
N PHE K 15 16.42 -23.25 38.71
CA PHE K 15 17.88 -23.20 38.59
C PHE K 15 18.34 -23.54 37.18
N ARG K 16 17.73 -24.56 36.56
CA ARG K 16 18.09 -24.90 35.19
C ARG K 16 17.74 -23.78 34.22
N SER K 17 16.57 -23.15 34.41
CA SER K 17 16.20 -22.02 33.57
C SER K 17 17.18 -20.87 33.73
N HIS K 18 17.58 -20.57 34.97
CA HIS K 18 18.54 -19.51 35.22
C HIS K 18 19.89 -19.82 34.57
N VAL K 19 20.33 -21.07 34.66
CA VAL K 19 21.58 -21.47 34.02
C VAL K 19 21.49 -21.29 32.51
N TYR K 20 20.35 -21.67 31.92
CA TYR K 20 20.18 -21.50 30.49
C TYR K 20 20.22 -20.02 30.10
N SER K 21 19.59 -19.16 30.90
CA SER K 21 19.53 -17.75 30.54
C SER K 21 20.87 -17.04 30.64
N LEU K 22 21.87 -17.63 31.29
CA LEU K 22 23.16 -17.01 31.46
C LEU K 22 24.15 -17.31 30.34
N CYS K 23 23.82 -18.23 29.43
CA CYS K 23 24.72 -18.60 28.35
C CYS K 23 24.53 -17.74 27.11
N GLN K 24 23.60 -16.79 27.13
CA GLN K 24 23.33 -15.95 25.97
C GLN K 24 23.89 -14.54 26.12
N LEU K 25 24.73 -14.30 27.12
CA LEU K 25 25.28 -12.98 27.35
C LEU K 25 26.47 -12.73 26.41
N ASP K 26 26.97 -11.50 26.43
CA ASP K 26 28.09 -11.14 25.54
C ASP K 26 29.36 -11.91 25.89
N ASN K 27 29.67 -12.05 27.17
CA ASN K 27 30.88 -12.72 27.61
C ASN K 27 30.53 -13.91 28.50
N VAL K 28 31.08 -15.07 28.17
CA VAL K 28 30.86 -16.31 28.90
C VAL K 28 32.18 -17.02 29.08
N GLY K 29 32.44 -17.53 30.29
CA GLY K 29 33.67 -18.24 30.56
C GLY K 29 33.55 -19.11 31.80
N VAL K 30 34.52 -20.01 31.95
CA VAL K 30 34.55 -20.95 33.06
C VAL K 30 35.95 -20.95 33.68
N LEU K 31 36.05 -21.51 34.88
CA LEU K 31 37.33 -21.64 35.58
C LEU K 31 37.35 -22.98 36.30
N LEU K 32 38.38 -23.78 36.05
CA LEU K 32 38.51 -25.11 36.61
C LEU K 32 39.73 -25.19 37.53
N GLY K 33 39.64 -26.06 38.53
CA GLY K 33 40.74 -26.23 39.47
C GLY K 33 41.38 -27.59 39.39
N ALA K 34 41.92 -28.08 40.51
CA ALA K 34 42.58 -29.37 40.55
C ALA K 34 41.63 -30.52 40.85
N GLY K 35 40.37 -30.23 41.20
CA GLY K 35 39.42 -31.29 41.48
C GLY K 35 38.73 -31.85 40.26
N ALA K 36 38.80 -31.15 39.13
CA ALA K 36 38.16 -31.64 37.91
C ALA K 36 38.90 -32.82 37.29
N SER K 37 40.18 -32.96 37.56
CA SER K 37 40.99 -34.01 36.97
C SER K 37 41.08 -35.26 37.84
N VAL K 38 40.35 -35.30 38.95
CA VAL K 38 40.40 -36.45 39.85
C VAL K 38 39.80 -37.69 39.17
N GLY K 39 38.74 -37.50 38.40
CA GLY K 39 38.06 -38.63 37.78
C GLY K 39 38.77 -39.23 36.60
N CYS K 40 39.86 -38.62 36.13
CA CYS K 40 40.59 -39.11 34.97
C CYS K 40 42.03 -39.50 35.30
N GLY K 41 42.41 -39.54 36.57
CA GLY K 41 43.73 -40.01 36.95
C GLY K 41 44.52 -39.07 37.82
N GLY K 42 44.03 -37.85 38.03
CA GLY K 42 44.72 -36.87 38.82
C GLY K 42 44.50 -37.06 40.31
N LYS K 43 45.25 -36.27 41.08
CA LYS K 43 45.14 -36.28 42.53
C LYS K 43 45.11 -34.86 43.05
N THR K 44 44.49 -34.67 44.21
CA THR K 44 44.42 -33.36 44.84
C THR K 44 45.72 -33.06 45.58
N MET K 45 45.76 -31.90 46.23
CA MET K 45 46.96 -31.48 46.96
C MET K 45 47.17 -32.31 48.23
N LYS K 46 46.08 -32.68 48.91
CA LYS K 46 46.20 -33.44 50.14
C LYS K 46 46.89 -34.78 49.91
N ASP K 47 46.51 -35.48 48.83
CA ASP K 47 47.15 -36.75 48.52
C ASP K 47 48.61 -36.58 48.17
N VAL K 48 48.94 -35.50 47.46
CA VAL K 48 50.34 -35.25 47.11
C VAL K 48 51.18 -35.05 48.36
N TRP K 49 50.67 -34.24 49.31
CA TRP K 49 51.42 -34.03 50.54
C TRP K 49 51.52 -35.31 51.37
N LYS K 50 50.44 -36.11 51.40
CA LYS K 50 50.49 -37.38 52.12
C LYS K 50 51.56 -38.29 51.53
N SER K 51 51.59 -38.41 50.21
CA SER K 51 52.59 -39.26 49.57
C SER K 51 54.01 -38.75 49.85
N PHE K 52 54.22 -37.44 49.77
CA PHE K 52 55.55 -36.90 50.01
C PHE K 52 56.01 -37.17 51.44
N LYS K 53 55.13 -36.91 52.42
CA LYS K 53 55.56 -37.07 53.81
C LYS K 53 55.58 -38.52 54.26
N GLN K 54 54.96 -39.43 53.51
CA GLN K 54 55.10 -40.85 53.82
C GLN K 54 56.30 -41.48 53.15
N ASN K 55 56.64 -41.08 51.92
CA ASN K 55 57.74 -41.66 51.18
C ASN K 55 59.10 -41.11 51.57
N TYR K 56 59.15 -39.88 52.09
CA TYR K 56 60.41 -39.21 52.43
C TYR K 56 60.35 -38.72 53.87
N PRO K 57 60.48 -39.61 54.85
CA PRO K 57 60.39 -39.18 56.25
C PRO K 57 61.63 -38.49 56.77
N GLU K 58 62.79 -38.69 56.13
CA GLU K 58 64.04 -38.15 56.64
C GLU K 58 64.21 -36.67 56.35
N LEU K 59 63.42 -36.10 55.43
CA LEU K 59 63.54 -34.70 55.05
C LEU K 59 62.55 -33.80 55.76
N LEU K 60 61.62 -34.36 56.53
CA LEU K 60 60.62 -33.53 57.21
C LEU K 60 61.24 -32.78 58.38
N GLY K 61 62.18 -33.38 59.10
CA GLY K 61 62.77 -32.71 60.23
C GLY K 61 63.56 -31.47 59.84
N ALA K 62 64.31 -31.54 58.75
CA ALA K 62 65.11 -30.41 58.31
C ALA K 62 64.24 -29.20 57.98
N LEU K 63 63.21 -29.42 57.16
CA LEU K 63 62.35 -28.32 56.73
C LEU K 63 61.66 -27.64 57.91
N ILE K 64 61.29 -28.40 58.93
CA ILE K 64 60.55 -27.85 60.06
C ILE K 64 61.48 -27.19 61.08
N ASP K 65 62.57 -27.85 61.45
CA ASP K 65 63.37 -27.41 62.57
C ASP K 65 64.72 -26.80 62.20
N LYS K 66 65.02 -26.63 60.92
CA LYS K 66 66.32 -26.07 60.55
C LYS K 66 66.23 -24.85 59.65
N TYR K 67 65.29 -24.83 58.72
CA TYR K 67 65.10 -23.68 57.83
C TYR K 67 63.76 -22.99 58.02
N LEU K 68 62.86 -23.55 58.82
CA LEU K 68 61.58 -22.92 59.16
C LEU K 68 60.74 -22.64 57.92
N LEU K 69 60.53 -23.66 57.10
CA LEU K 69 59.75 -23.49 55.88
C LEU K 69 58.35 -24.07 55.99
N VAL K 70 58.16 -25.12 56.79
CA VAL K 70 56.85 -25.75 56.97
C VAL K 70 56.52 -25.75 58.45
N SER K 71 55.31 -25.32 58.79
CA SER K 71 54.87 -25.30 60.18
C SER K 71 54.47 -26.70 60.63
N GLN K 72 54.62 -26.94 61.94
CA GLN K 72 54.36 -28.26 62.48
C GLN K 72 52.88 -28.60 62.48
N ILE K 73 52.03 -27.63 62.83
CA ILE K 73 50.60 -27.90 62.96
C ILE K 73 49.97 -28.16 61.60
N ASP K 74 50.36 -27.39 60.57
CA ASP K 74 49.75 -27.54 59.26
C ASP K 74 50.11 -28.86 58.59
N SER K 75 51.32 -29.36 58.83
CA SER K 75 51.73 -30.62 58.22
C SER K 75 50.88 -31.78 58.72
N ASP K 76 50.58 -31.79 60.03
CA ASP K 76 49.76 -32.86 60.58
C ASP K 76 48.33 -32.81 60.04
N ASN K 77 47.79 -31.61 59.86
CA ASN K 77 46.44 -31.42 59.37
C ASN K 77 46.34 -31.48 57.85
N ASN K 78 47.47 -31.62 57.15
CA ASN K 78 47.52 -31.73 55.69
C ASN K 78 46.90 -30.49 55.03
N LEU K 79 47.46 -29.34 55.35
CA LEU K 79 47.01 -28.06 54.81
C LEU K 79 48.21 -27.22 54.39
N VAL K 80 49.14 -27.83 53.67
CA VAL K 80 50.38 -27.18 53.25
C VAL K 80 50.28 -26.83 51.77
N ASN K 81 50.55 -25.57 51.45
CA ASN K 81 50.52 -25.11 50.06
C ASN K 81 51.84 -25.47 49.40
N VAL K 82 51.77 -26.16 48.25
CA VAL K 82 52.95 -26.80 47.69
C VAL K 82 53.73 -25.84 46.79
N GLU K 83 53.03 -25.12 45.91
CA GLU K 83 53.73 -24.27 44.95
C GLU K 83 54.49 -23.14 45.63
N LEU K 84 53.94 -22.58 46.71
CA LEU K 84 54.67 -21.57 47.47
C LEU K 84 55.94 -22.15 48.07
N LEU K 85 55.87 -23.37 48.58
CA LEU K 85 57.06 -24.02 49.13
C LEU K 85 58.12 -24.21 48.05
N ILE K 86 57.71 -24.66 46.85
CA ILE K 86 58.67 -24.84 45.77
C ILE K 86 59.27 -23.49 45.35
N ASP K 87 58.44 -22.46 45.24
CA ASP K 87 58.92 -21.14 44.85
C ASP K 87 59.94 -20.60 45.86
N GLU K 88 59.65 -20.76 47.15
CA GLU K 88 60.59 -20.29 48.17
C GLU K 88 61.86 -21.12 48.18
N ALA K 89 61.75 -22.42 47.91
CA ALA K 89 62.93 -23.28 47.84
C ALA K 89 63.82 -22.91 46.65
N THR K 90 63.23 -22.43 45.56
CA THR K 90 64.01 -22.02 44.39
C THR K 90 64.69 -20.67 44.55
N LYS K 91 64.73 -20.12 45.76
CA LYS K 91 65.49 -18.91 46.06
C LYS K 91 66.71 -19.16 46.94
N PHE K 92 66.58 -20.09 47.89
CA PHE K 92 67.71 -20.43 48.76
C PHE K 92 68.87 -20.99 47.94
N LEU K 93 68.56 -21.83 46.95
CA LEU K 93 69.62 -22.40 46.10
C LEU K 93 70.32 -21.32 45.30
N SER K 94 69.57 -20.35 44.76
CA SER K 94 70.19 -19.27 44.01
C SER K 94 71.07 -18.41 44.91
N VAL K 95 70.60 -18.12 46.13
CA VAL K 95 71.41 -17.32 47.05
C VAL K 95 72.70 -18.05 47.40
N ALA K 96 72.59 -19.35 47.68
CA ALA K 96 73.77 -20.14 48.01
C ALA K 96 74.74 -20.21 46.83
N LYS K 97 74.22 -20.35 45.62
CA LYS K 97 75.07 -20.36 44.43
C LYS K 97 75.80 -19.03 44.27
N THR K 98 75.10 -17.93 44.47
CA THR K 98 75.74 -16.62 44.33
C THR K 98 76.80 -16.39 45.39
N ARG K 99 76.52 -16.76 46.64
CA ARG K 99 77.44 -16.51 47.73
C ARG K 99 78.44 -17.64 47.96
N ARG K 100 78.37 -18.72 47.16
CA ARG K 100 79.31 -19.84 47.22
C ARG K 100 79.31 -20.50 48.60
N CYS K 101 78.18 -21.08 48.96
CA CYS K 101 78.03 -21.89 50.17
C CYS K 101 77.72 -23.30 49.72
N GLU K 102 78.76 -24.13 49.56
CA GLU K 102 78.60 -25.45 48.96
C GLU K 102 77.86 -26.42 49.85
N ASP K 103 77.84 -26.22 51.16
CA ASP K 103 77.12 -27.13 52.03
C ASP K 103 75.61 -27.02 51.81
N GLU K 104 75.10 -25.79 51.71
CA GLU K 104 73.66 -25.62 51.53
C GLU K 104 73.24 -25.90 50.10
N GLU K 105 74.16 -25.81 49.14
CA GLU K 105 73.80 -26.03 47.75
C GLU K 105 73.40 -27.49 47.50
N GLU K 106 74.16 -28.43 48.07
CA GLU K 106 73.87 -29.84 47.88
C GLU K 106 72.64 -30.29 48.65
N GLU K 107 72.29 -29.61 49.75
CA GLU K 107 71.14 -30.03 50.53
C GLU K 107 69.82 -29.67 49.85
N PHE K 108 69.74 -28.46 49.26
CA PHE K 108 68.49 -28.01 48.67
C PHE K 108 68.18 -28.69 47.35
N ARG K 109 69.22 -29.09 46.60
CA ARG K 109 69.00 -29.76 45.33
C ARG K 109 68.25 -31.07 45.53
N LYS K 110 68.60 -31.83 46.57
CA LYS K 110 67.90 -33.08 46.85
C LYS K 110 66.44 -32.84 47.19
N ILE K 111 66.16 -31.81 47.98
CA ILE K 111 64.78 -31.48 48.35
C ILE K 111 63.99 -31.11 47.11
N LEU K 112 64.57 -30.29 46.23
CA LEU K 112 63.88 -29.88 45.02
C LEU K 112 63.63 -31.08 44.11
N SER K 113 64.61 -31.97 43.99
CA SER K 113 64.43 -33.16 43.16
C SER K 113 63.31 -34.04 43.69
N SER K 114 63.28 -34.25 45.01
CA SER K 114 62.22 -35.06 45.62
C SER K 114 60.84 -34.43 45.39
N LEU K 115 60.74 -33.11 45.60
CA LEU K 115 59.46 -32.44 45.40
C LEU K 115 59.00 -32.54 43.95
N TYR K 116 59.91 -32.31 43.00
CA TYR K 116 59.53 -32.36 41.60
C TYR K 116 59.15 -33.78 41.17
N LYS K 117 59.86 -34.78 41.70
CA LYS K 117 59.51 -36.17 41.40
C LYS K 117 58.14 -36.52 41.94
N GLU K 118 57.80 -36.05 43.14
CA GLU K 118 56.50 -36.35 43.72
C GLU K 118 55.38 -35.56 43.06
N VAL K 119 55.67 -34.39 42.49
CA VAL K 119 54.61 -33.57 41.91
C VAL K 119 54.40 -33.88 40.43
N THR K 120 55.43 -34.35 39.73
CA THR K 120 55.30 -34.61 38.29
C THR K 120 54.55 -35.90 38.01
N LYS K 121 54.76 -36.93 38.83
CA LYS K 121 54.23 -38.26 38.54
C LYS K 121 52.70 -38.28 38.49
N ALA K 122 52.04 -37.41 39.24
CA ALA K 122 50.58 -37.39 39.30
C ALA K 122 49.94 -36.59 38.17
N ALA K 123 50.73 -35.97 37.30
CA ALA K 123 50.19 -35.14 36.23
C ALA K 123 50.28 -35.79 34.86
N LEU K 124 50.70 -37.06 34.78
CA LEU K 124 50.73 -37.74 33.49
C LEU K 124 49.34 -38.18 33.05
N LEU K 125 48.52 -38.66 34.01
CA LEU K 125 47.13 -39.07 33.81
C LEU K 125 46.98 -40.35 33.00
N THR K 126 48.07 -40.87 32.43
CA THR K 126 47.98 -42.12 31.68
C THR K 126 49.07 -43.13 32.02
N GLY K 127 50.26 -42.70 32.42
CA GLY K 127 51.33 -43.64 32.70
C GLY K 127 52.38 -43.70 31.61
N GLU K 128 52.73 -44.91 31.18
CA GLU K 128 53.71 -45.06 30.11
C GLU K 128 53.15 -44.75 28.72
N GLN K 129 51.82 -44.68 28.58
CA GLN K 129 51.20 -44.32 27.31
C GLN K 129 51.16 -42.81 27.08
N PHE K 130 51.93 -42.05 27.86
CA PHE K 130 51.98 -40.60 27.72
C PHE K 130 52.69 -40.15 26.45
N ARG K 131 53.50 -41.02 25.85
CA ARG K 131 54.28 -40.68 24.67
C ARG K 131 53.65 -41.19 23.37
N GLU K 132 52.51 -41.86 23.44
CA GLU K 132 51.88 -42.41 22.25
C GLU K 132 50.92 -41.38 21.65
N LYS K 133 50.21 -41.77 20.59
CA LYS K 133 49.35 -40.86 19.86
C LYS K 133 47.88 -41.27 20.01
N ASN K 134 47.00 -40.31 19.72
CA ASN K 134 45.55 -40.51 19.77
C ASN K 134 45.09 -40.95 21.16
N GLN K 135 45.34 -40.07 22.13
CA GLN K 135 44.93 -40.32 23.50
C GLN K 135 43.55 -39.75 23.82
N GLY K 136 42.95 -38.98 22.92
CA GLY K 136 41.65 -38.40 23.17
C GLY K 136 40.47 -39.29 22.87
N LYS K 137 40.71 -40.51 22.42
CA LYS K 137 39.65 -41.44 22.06
C LYS K 137 39.17 -42.28 23.23
N LYS K 138 39.84 -42.19 24.37
CA LYS K 138 39.57 -43.07 25.51
C LYS K 138 38.32 -42.63 26.27
N ASP K 139 37.88 -43.49 27.17
CA ASP K 139 36.65 -43.26 27.92
C ASP K 139 36.80 -42.19 29.01
N ALA K 140 38.00 -42.00 29.55
CA ALA K 140 38.18 -41.03 30.63
C ALA K 140 38.03 -39.60 30.15
N PHE K 141 38.16 -39.34 28.86
CA PHE K 141 38.08 -37.99 28.30
C PHE K 141 36.74 -37.75 27.62
N LYS K 142 35.67 -38.34 28.13
CA LYS K 142 34.36 -38.25 27.53
C LYS K 142 33.63 -36.95 27.86
N TYR K 143 33.88 -36.37 29.03
CA TYR K 143 33.13 -35.21 29.48
C TYR K 143 33.76 -33.88 29.09
N HIS K 144 35.09 -33.82 28.94
CA HIS K 144 35.72 -32.58 28.49
C HIS K 144 35.25 -32.20 27.09
N LYS K 145 35.15 -33.19 26.19
CA LYS K 145 34.65 -32.93 24.85
C LYS K 145 33.21 -32.45 24.89
N GLU K 146 32.39 -33.06 25.76
CA GLU K 146 31.00 -32.65 25.89
C GLU K 146 30.90 -31.21 26.37
N LEU K 147 31.73 -30.84 27.35
CA LEU K 147 31.75 -29.46 27.84
C LEU K 147 32.13 -28.48 26.73
N ILE K 148 33.17 -28.81 25.96
CA ILE K 148 33.61 -27.92 24.88
C ILE K 148 32.51 -27.77 23.84
N SER K 149 31.87 -28.88 23.46
CA SER K 149 30.79 -28.81 22.48
C SER K 149 29.62 -27.98 22.99
N LYS K 150 29.24 -28.18 24.27
CA LYS K 150 28.12 -27.43 24.82
C LYS K 150 28.42 -25.94 24.85
N LEU K 151 29.66 -25.56 25.20
CA LEU K 151 30.00 -24.15 25.21
C LEU K 151 30.01 -23.56 23.80
N ILE K 152 30.59 -24.27 22.84
CA ILE K 152 30.76 -23.70 21.50
C ILE K 152 29.43 -23.61 20.77
N SER K 153 28.60 -24.64 20.87
CA SER K 153 27.40 -24.76 20.04
C SER K 153 26.23 -23.93 20.53
N ASN K 154 26.43 -22.98 21.43
CA ASN K 154 25.35 -22.14 21.94
C ASN K 154 25.58 -20.66 21.64
N ARG K 155 26.41 -20.35 20.64
CA ARG K 155 26.74 -18.97 20.29
C ARG K 155 26.14 -18.65 18.94
N GLN K 156 25.35 -17.58 18.88
CA GLN K 156 24.85 -17.09 17.61
C GLN K 156 25.98 -16.43 16.82
N PRO K 157 25.88 -16.38 15.49
CA PRO K 157 26.92 -15.71 14.70
C PRO K 157 27.02 -14.24 15.07
N GLY K 158 28.25 -13.73 15.08
CA GLY K 158 28.51 -12.37 15.51
C GLY K 158 28.81 -12.21 16.98
N GLN K 159 28.77 -13.29 17.76
CA GLN K 159 29.08 -13.24 19.17
C GLN K 159 30.50 -13.73 19.43
N SER K 160 31.05 -13.34 20.57
CA SER K 160 32.44 -13.65 20.90
C SER K 160 32.60 -15.12 21.26
N ALA K 161 33.81 -15.63 21.04
CA ALA K 161 34.14 -17.01 21.36
C ALA K 161 34.36 -17.18 22.86
N PRO K 162 34.10 -18.37 23.40
CA PRO K 162 34.28 -18.59 24.84
C PRO K 162 35.74 -18.65 25.23
N ALA K 163 35.97 -18.46 26.54
CA ALA K 163 37.30 -18.50 27.12
C ALA K 163 37.32 -19.49 28.28
N ILE K 164 38.42 -20.23 28.40
CA ILE K 164 38.58 -21.26 29.42
C ILE K 164 39.81 -20.95 30.25
N PHE K 165 39.64 -20.91 31.57
CA PHE K 165 40.73 -20.68 32.51
C PHE K 165 40.94 -21.93 33.36
N THR K 166 42.19 -22.21 33.70
CA THR K 166 42.51 -23.37 34.52
C THR K 166 43.79 -23.11 35.30
N THR K 167 43.92 -23.81 36.43
CA THR K 167 45.15 -23.77 37.23
C THR K 167 45.92 -25.08 37.16
N ASN K 168 45.50 -26.01 36.31
CA ASN K 168 46.18 -27.28 36.16
C ASN K 168 47.35 -27.14 35.19
N TYR K 169 48.25 -28.12 35.25
CA TYR K 169 49.42 -28.19 34.39
C TYR K 169 49.51 -29.56 33.71
N ASP K 170 48.37 -30.20 33.47
CA ASP K 170 48.27 -31.42 32.70
C ASP K 170 47.91 -31.07 31.24
N LEU K 171 47.61 -32.10 30.45
CA LEU K 171 47.29 -31.93 29.04
C LEU K 171 45.98 -32.64 28.70
N ALA K 172 44.97 -32.50 29.55
CA ALA K 172 43.69 -33.13 29.29
C ALA K 172 42.88 -32.38 28.24
N LEU K 173 42.80 -31.04 28.37
CA LEU K 173 41.93 -30.27 27.49
C LEU K 173 42.44 -30.28 26.05
N GLU K 174 43.75 -30.16 25.84
CA GLU K 174 44.29 -30.20 24.49
C GLU K 174 44.02 -31.53 23.83
N TRP K 175 44.25 -32.62 24.55
CA TRP K 175 43.99 -33.96 24.00
C TRP K 175 42.51 -34.13 23.67
N ALA K 176 41.63 -33.69 24.56
CA ALA K 176 40.20 -33.84 24.31
C ALA K 176 39.75 -33.00 23.11
N ALA K 177 40.27 -31.78 22.99
CA ALA K 177 39.79 -30.87 21.95
C ALA K 177 40.36 -31.16 20.58
N GLU K 178 41.59 -31.70 20.50
CA GLU K 178 42.14 -32.05 19.19
C GLU K 178 41.37 -33.15 18.49
N ASP K 179 40.59 -33.94 19.22
CA ASP K 179 39.84 -35.02 18.61
C ASP K 179 38.65 -34.50 17.82
N LEU K 180 37.96 -33.48 18.34
CA LEU K 180 36.77 -32.97 17.67
C LEU K 180 37.10 -32.14 16.44
N GLY K 181 38.23 -31.45 16.45
CA GLY K 181 38.58 -30.57 15.35
C GLY K 181 38.39 -29.10 15.69
N ILE K 182 38.76 -28.73 16.91
CA ILE K 182 38.64 -27.36 17.40
C ILE K 182 40.03 -26.85 17.74
N GLN K 183 40.33 -25.63 17.29
CA GLN K 183 41.64 -25.03 17.50
C GLN K 183 41.62 -24.16 18.75
N LEU K 184 42.65 -24.29 19.58
CA LEU K 184 42.79 -23.50 20.79
C LEU K 184 43.98 -22.57 20.66
N PHE K 185 43.79 -21.31 21.03
CA PHE K 185 44.84 -20.30 20.97
C PHE K 185 45.42 -20.13 22.37
N ASN K 186 46.65 -20.61 22.57
CA ASN K 186 47.32 -20.53 23.86
C ASN K 186 48.53 -19.61 23.82
N GLY K 187 48.60 -18.71 22.84
CA GLY K 187 49.64 -17.71 22.80
C GLY K 187 50.95 -18.14 22.16
N PHE K 188 50.99 -19.30 21.52
CA PHE K 188 52.20 -19.79 20.86
C PHE K 188 51.97 -19.92 19.36
N SER K 189 53.06 -19.79 18.61
CA SER K 189 52.99 -19.90 17.16
C SER K 189 54.28 -20.55 16.65
N GLY K 190 54.17 -21.19 15.49
CA GLY K 190 55.28 -21.87 14.87
C GLY K 190 55.26 -23.36 15.14
N LEU K 191 56.10 -24.09 14.39
CA LEU K 191 56.23 -25.53 14.58
C LEU K 191 57.64 -25.93 14.97
N HIS K 192 58.65 -25.55 14.20
CA HIS K 192 60.02 -25.92 14.52
C HIS K 192 60.60 -25.10 15.66
N THR K 193 60.00 -23.94 15.96
CA THR K 193 60.45 -23.13 17.09
C THR K 193 59.24 -22.32 17.57
N ARG K 194 58.62 -22.77 18.66
CA ARG K 194 57.45 -22.10 19.21
C ARG K 194 57.87 -21.06 20.24
N GLN K 195 57.25 -19.89 20.17
CA GLN K 195 57.59 -18.78 21.04
C GLN K 195 56.32 -18.11 21.55
N PHE K 196 56.46 -17.35 22.62
CA PHE K 196 55.32 -16.72 23.28
C PHE K 196 55.10 -15.34 22.67
N TYR K 197 53.97 -15.19 21.97
CA TYR K 197 53.56 -13.90 21.43
C TYR K 197 52.31 -13.42 22.15
N PRO K 198 52.39 -12.37 22.97
CA PRO K 198 51.22 -11.94 23.73
C PRO K 198 50.08 -11.41 22.87
N GLN K 199 50.33 -11.08 21.61
CA GLN K 199 49.32 -10.49 20.75
C GLN K 199 48.51 -11.52 19.97
N ASN K 200 48.72 -12.81 20.22
CA ASN K 200 47.96 -13.85 19.54
C ASN K 200 46.58 -14.03 20.14
N PHE K 201 46.25 -13.33 21.22
CA PHE K 201 44.95 -13.44 21.86
C PHE K 201 43.91 -12.53 21.23
N ASP K 202 44.28 -11.76 20.20
CA ASP K 202 43.37 -10.84 19.53
C ASP K 202 43.09 -11.23 18.08
N LEU K 203 43.10 -12.52 17.78
CA LEU K 203 42.89 -13.01 16.42
C LEU K 203 41.70 -13.96 16.35
N ALA K 204 41.22 -14.18 15.14
CA ALA K 204 40.10 -15.06 14.88
C ALA K 204 40.18 -15.54 13.44
N PHE K 205 39.27 -16.44 13.07
CA PHE K 205 39.22 -16.98 11.71
C PHE K 205 37.97 -16.53 10.98
N ARG K 206 38.06 -16.56 9.66
CA ARG K 206 36.93 -16.32 8.77
C ARG K 206 37.15 -17.13 7.50
N ASN K 207 36.07 -17.42 6.79
CA ASN K 207 36.11 -18.23 5.59
C ASN K 207 36.05 -17.32 4.36
N VAL K 208 36.94 -17.57 3.41
CA VAL K 208 37.01 -16.76 2.20
C VAL K 208 36.33 -17.45 1.01
N ASN K 209 35.54 -18.49 1.27
CA ASN K 209 34.77 -19.18 0.24
C ASN K 209 33.34 -19.40 0.72
N ALA K 210 32.75 -18.36 1.30
CA ALA K 210 31.39 -18.42 1.86
C ALA K 210 31.24 -19.54 2.87
N HIS K 218 37.54 -23.87 11.53
CA HIS K 218 36.67 -22.70 11.46
C HIS K 218 36.27 -22.21 12.85
N TYR K 219 36.20 -23.13 13.80
CA TYR K 219 35.81 -22.81 15.17
C TYR K 219 37.04 -22.76 16.07
N HIS K 220 36.94 -21.99 17.15
CA HIS K 220 38.07 -21.77 18.02
C HIS K 220 37.60 -21.39 19.42
N ALA K 221 38.52 -21.51 20.37
CA ALA K 221 38.29 -21.08 21.74
C ALA K 221 39.65 -20.72 22.34
N TYR K 222 39.62 -19.92 23.40
CA TYR K 222 40.84 -19.42 24.03
C TYR K 222 41.08 -20.14 25.34
N LEU K 223 42.32 -20.55 25.56
CA LEU K 223 42.71 -21.28 26.76
C LEU K 223 43.83 -20.53 27.47
N TYR K 224 43.62 -20.21 28.74
CA TYR K 224 44.61 -19.54 29.58
C TYR K 224 45.04 -20.48 30.69
N LYS K 225 46.35 -20.69 30.81
CA LYS K 225 46.92 -21.52 31.87
C LYS K 225 47.72 -20.62 32.80
N LEU K 226 47.34 -20.61 34.08
CA LEU K 226 47.91 -19.70 35.06
C LEU K 226 49.09 -20.30 35.81
N HIS K 227 49.47 -21.55 35.54
CA HIS K 227 50.58 -22.17 36.26
C HIS K 227 51.47 -22.99 35.34
N GLY K 228 51.54 -22.63 34.06
CA GLY K 228 52.44 -23.30 33.15
C GLY K 228 51.94 -24.66 32.72
N SER K 229 52.86 -25.44 32.15
CA SER K 229 52.55 -26.75 31.62
C SER K 229 53.82 -27.59 31.60
N LEU K 230 53.63 -28.90 31.37
CA LEU K 230 54.76 -29.82 31.36
C LEU K 230 55.64 -29.66 30.13
N THR K 231 55.20 -28.89 29.13
CA THR K 231 55.88 -28.81 27.85
C THR K 231 56.43 -27.41 27.58
N TRP K 232 56.72 -26.65 28.63
CA TRP K 232 57.33 -25.32 28.50
C TRP K 232 58.66 -25.32 29.23
N TYR K 233 59.71 -24.81 28.57
CA TYR K 233 61.03 -24.77 29.19
C TYR K 233 61.86 -23.67 28.55
N GLN K 234 62.92 -23.28 29.26
CA GLN K 234 63.88 -22.28 28.82
C GLN K 234 65.24 -22.94 28.65
N ASN K 235 65.86 -22.73 27.48
CA ASN K 235 67.13 -23.38 27.15
C ASN K 235 68.14 -22.33 26.65
N ASP K 236 68.82 -21.68 27.60
CA ASP K 236 69.97 -20.81 27.32
C ASP K 236 69.69 -19.83 26.18
N SER K 237 68.47 -19.29 26.12
CA SER K 237 68.11 -18.37 25.05
C SER K 237 67.25 -17.21 25.50
N LEU K 238 66.95 -17.09 26.80
CA LEU K 238 66.09 -16.03 27.34
C LEU K 238 64.71 -16.03 26.67
N THR K 239 64.28 -17.19 26.19
CA THR K 239 62.99 -17.33 25.54
C THR K 239 62.36 -18.65 25.98
N VAL K 240 61.06 -18.76 25.73
CA VAL K 240 60.27 -19.93 26.12
C VAL K 240 59.91 -20.71 24.88
N ASN K 241 60.07 -22.03 24.95
CA ASN K 241 59.74 -22.93 23.85
C ASN K 241 58.71 -23.96 24.30
N GLU K 242 57.91 -24.43 23.34
CA GLU K 242 56.92 -25.47 23.57
C GLU K 242 57.18 -26.65 22.65
N VAL K 243 57.12 -27.86 23.20
CA VAL K 243 57.37 -29.09 22.47
C VAL K 243 56.19 -30.03 22.67
N SER K 244 56.21 -31.13 21.94
CA SER K 244 55.16 -32.15 22.04
C SER K 244 55.42 -33.06 23.24
N ALA K 245 54.45 -33.94 23.51
CA ALA K 245 54.58 -34.85 24.64
C ALA K 245 55.73 -35.84 24.44
N SER K 246 55.86 -36.38 23.23
CA SER K 246 56.92 -37.36 22.96
C SER K 246 58.29 -36.75 23.12
N GLN K 247 58.48 -35.52 22.62
CA GLN K 247 59.77 -34.86 22.72
C GLN K 247 60.12 -34.58 24.19
N ALA K 248 59.15 -34.12 24.97
CA ALA K 248 59.40 -33.86 26.39
C ALA K 248 59.75 -35.15 27.13
N TYR K 249 59.03 -36.24 26.82
CA TYR K 249 59.33 -37.52 27.44
C TYR K 249 60.74 -37.99 27.09
N ASP K 250 61.14 -37.84 25.83
CA ASP K 250 62.49 -38.24 25.43
C ASP K 250 63.55 -37.29 25.96
N GLU K 251 63.19 -36.06 26.33
CA GLU K 251 64.18 -35.09 26.78
C GLU K 251 64.41 -35.13 28.29
N TYR K 252 63.37 -34.85 29.09
CA TYR K 252 63.61 -34.69 30.53
C TYR K 252 62.64 -35.41 31.46
N ILE K 253 61.42 -35.73 31.04
CA ILE K 253 60.47 -36.34 31.96
C ILE K 253 60.92 -37.73 32.38
N ASN K 254 61.44 -38.53 31.44
CA ASN K 254 61.89 -39.88 31.76
C ASN K 254 63.03 -39.84 32.76
N ASP K 255 63.96 -38.91 32.60
CA ASP K 255 65.06 -38.78 33.55
C ASP K 255 64.58 -38.28 34.91
N ILE K 256 63.59 -37.38 34.93
CA ILE K 256 63.07 -36.89 36.21
C ILE K 256 62.40 -38.02 36.99
N ILE K 257 61.57 -38.81 36.31
CA ILE K 257 60.79 -39.83 37.02
C ILE K 257 61.66 -41.03 37.43
N ASN K 258 62.57 -41.45 36.55
CA ASN K 258 63.23 -42.75 36.70
C ASN K 258 64.75 -42.61 36.85
N LYS K 259 65.20 -41.70 37.71
CA LYS K 259 66.63 -41.61 37.99
C LYS K 259 66.83 -41.10 39.41
N ASP K 260 67.91 -41.55 40.04
CA ASP K 260 68.10 -41.33 41.47
C ASP K 260 68.28 -39.84 41.80
N ASP K 261 69.13 -39.14 41.03
CA ASP K 261 69.44 -37.76 41.32
C ASP K 261 69.73 -37.02 40.03
N PHE K 262 68.85 -36.09 39.66
CA PHE K 262 69.02 -35.30 38.45
C PHE K 262 68.18 -34.05 38.58
N TYR K 263 68.82 -32.89 38.59
CA TYR K 263 68.11 -31.61 38.69
C TYR K 263 68.88 -30.56 37.92
N ARG K 264 68.15 -29.67 37.26
CA ARG K 264 68.71 -28.56 36.50
C ARG K 264 68.25 -27.23 37.11
N GLY K 265 68.80 -26.15 36.58
CA GLY K 265 68.54 -24.82 37.11
C GLY K 265 67.28 -24.18 36.56
N GLN K 266 67.42 -22.95 36.07
CA GLN K 266 66.27 -22.21 35.54
C GLN K 266 65.82 -22.79 34.21
N HIS K 267 65.25 -23.99 34.23
CA HIS K 267 64.89 -24.70 33.02
C HIS K 267 63.39 -24.90 32.87
N LEU K 268 62.73 -25.51 33.84
CA LEU K 268 61.33 -25.89 33.71
C LEU K 268 60.41 -24.76 34.18
N ILE K 269 59.23 -24.69 33.57
CA ILE K 269 58.25 -23.69 33.97
C ILE K 269 56.98 -24.39 34.45
N TYR K 270 56.96 -24.77 35.74
CA TYR K 270 55.80 -25.15 36.53
C TYR K 270 56.26 -25.52 37.93
N PRO K 271 55.42 -25.36 38.97
CA PRO K 271 54.13 -24.66 38.99
C PRO K 271 54.31 -23.19 39.40
N GLY K 272 55.25 -22.48 38.80
CA GLY K 272 55.55 -21.13 39.23
C GLY K 272 56.78 -21.08 40.12
N ALA K 273 57.86 -21.71 39.69
CA ALA K 273 59.06 -21.85 40.50
C ALA K 273 59.98 -20.63 40.38
N ASN K 274 60.39 -20.30 39.17
CA ASN K 274 61.38 -19.25 38.95
C ASN K 274 60.70 -17.95 38.52
N LYS K 275 60.19 -17.22 39.51
CA LYS K 275 59.56 -15.93 39.25
C LYS K 275 60.52 -14.76 39.38
N TYR K 276 61.73 -14.97 39.88
CA TYR K 276 62.69 -13.88 40.00
C TYR K 276 63.38 -13.54 38.69
N SER K 277 63.28 -14.40 37.69
CA SER K 277 63.79 -14.08 36.36
C SER K 277 62.81 -13.16 35.64
N HIS K 278 63.32 -12.14 34.97
CA HIS K 278 62.45 -11.21 34.28
C HIS K 278 61.92 -11.75 32.97
N THR K 279 62.27 -12.99 32.61
CA THR K 279 61.72 -13.63 31.41
C THR K 279 60.59 -14.58 31.74
N ILE K 280 60.76 -15.45 32.73
CA ILE K 280 59.74 -16.44 33.07
C ILE K 280 58.52 -15.77 33.69
N GLY K 281 58.74 -14.81 34.60
CA GLY K 281 57.62 -14.15 35.26
C GLY K 281 56.75 -13.33 34.33
N PHE K 282 57.26 -12.97 33.16
CA PHE K 282 56.47 -12.24 32.18
C PHE K 282 55.26 -13.06 31.74
N VAL K 283 55.45 -14.35 31.52
CA VAL K 283 54.36 -15.21 31.08
C VAL K 283 53.25 -15.26 32.14
N TYR K 284 53.65 -15.46 33.39
CA TYR K 284 52.67 -15.50 34.48
C TYR K 284 51.93 -14.18 34.60
N GLY K 285 52.65 -13.06 34.53
CA GLY K 285 52.00 -11.77 34.63
C GLY K 285 51.03 -11.51 33.50
N GLU K 286 51.41 -11.87 32.27
CA GLU K 286 50.51 -11.68 31.14
C GLU K 286 49.27 -12.56 31.26
N MET K 287 49.44 -13.80 31.73
CA MET K 287 48.28 -14.67 31.92
C MET K 287 47.34 -14.12 32.99
N PHE K 288 47.90 -13.60 34.08
CA PHE K 288 47.06 -13.11 35.18
C PHE K 288 46.40 -11.77 34.86
N ARG K 289 47.02 -10.96 34.00
CA ARG K 289 46.48 -9.63 33.72
C ARG K 289 45.24 -9.68 32.84
N ARG K 290 45.13 -10.68 31.96
CA ARG K 290 43.98 -10.77 31.08
C ARG K 290 42.71 -11.17 31.82
N PHE K 291 42.82 -11.93 32.91
CA PHE K 291 41.65 -12.34 33.68
C PHE K 291 40.91 -11.13 34.23
N GLY K 292 41.64 -10.21 34.86
CA GLY K 292 41.03 -9.03 35.43
C GLY K 292 40.38 -8.15 34.38
N GLU K 293 41.01 -8.03 33.21
CA GLU K 293 40.41 -7.28 32.12
C GLU K 293 39.15 -7.96 31.61
N PHE K 294 39.14 -9.29 31.57
CA PHE K 294 37.96 -10.01 31.09
C PHE K 294 36.77 -9.84 32.02
N ILE K 295 37.00 -9.92 33.34
CA ILE K 295 35.86 -9.93 34.26
C ILE K 295 35.49 -8.51 34.66
N SER K 296 36.00 -7.52 33.94
CA SER K 296 35.63 -6.13 34.13
C SER K 296 34.78 -5.58 32.98
N LYS K 297 34.19 -6.45 32.19
CA LYS K 297 33.36 -6.06 31.05
C LYS K 297 31.89 -6.17 31.40
N PRO K 298 31.04 -5.37 30.74
CA PRO K 298 29.60 -5.52 30.94
C PRO K 298 29.08 -6.82 30.34
N GLN K 299 27.99 -7.31 30.92
CA GLN K 299 27.30 -8.53 30.47
C GLN K 299 28.26 -9.73 30.47
N THR K 300 28.72 -10.06 31.67
CA THR K 300 29.70 -11.13 31.87
C THR K 300 29.13 -12.18 32.81
N ALA K 301 29.34 -13.45 32.46
CA ALA K 301 28.95 -14.58 33.30
C ALA K 301 30.15 -15.49 33.50
N LEU K 302 30.17 -16.19 34.64
CA LEU K 302 31.31 -17.03 34.99
C LEU K 302 30.84 -18.25 35.77
N PHE K 303 31.51 -19.38 35.53
CA PHE K 303 31.25 -20.61 36.26
C PHE K 303 32.55 -21.07 36.90
N ILE K 304 32.47 -21.54 38.15
CA ILE K 304 33.62 -22.00 38.90
C ILE K 304 33.36 -23.42 39.37
N ASN K 305 34.32 -24.32 39.13
CA ASN K 305 34.20 -25.70 39.56
C ASN K 305 35.58 -26.27 39.79
N GLY K 306 35.79 -26.90 40.94
CA GLY K 306 37.06 -27.50 41.27
C GLY K 306 38.03 -26.59 42.01
N PHE K 307 37.62 -25.39 42.36
CA PHE K 307 38.50 -24.43 43.02
C PHE K 307 38.24 -24.44 44.52
N GLY K 308 39.32 -24.40 45.30
CA GLY K 308 39.23 -24.46 46.75
C GLY K 308 39.32 -23.13 47.48
N PHE K 309 39.37 -22.01 46.76
CA PHE K 309 39.40 -20.67 47.36
C PHE K 309 40.57 -20.53 48.34
N GLY K 310 41.72 -21.07 47.95
CA GLY K 310 42.92 -20.98 48.74
C GLY K 310 43.90 -19.90 48.35
N ASP K 311 43.51 -19.01 47.43
CA ASP K 311 44.39 -17.93 46.96
C ASP K 311 43.74 -16.59 47.30
N TYR K 312 44.54 -15.70 47.90
CA TYR K 312 44.05 -14.38 48.28
C TYR K 312 43.83 -13.47 47.07
N HIS K 313 44.75 -13.52 46.11
CA HIS K 313 44.71 -12.60 44.98
C HIS K 313 43.47 -12.80 44.12
N ILE K 314 43.09 -14.05 43.88
CA ILE K 314 41.89 -14.31 43.08
C ILE K 314 40.63 -13.88 43.81
N ASN K 315 40.56 -14.15 45.12
CA ASN K 315 39.38 -13.76 45.89
C ASN K 315 39.22 -12.25 45.93
N ARG K 316 40.32 -11.51 46.08
CA ARG K 316 40.24 -10.05 46.08
C ARG K 316 39.63 -9.54 44.78
N ILE K 317 40.11 -10.04 43.65
CA ILE K 317 39.61 -9.58 42.36
C ILE K 317 38.15 -9.96 42.16
N ILE K 318 37.79 -11.19 42.55
CA ILE K 318 36.40 -11.62 42.40
C ILE K 318 35.47 -10.75 43.22
N LEU K 319 35.83 -10.48 44.48
CA LEU K 319 34.98 -9.63 45.32
C LEU K 319 34.92 -8.21 44.78
N GLY K 320 36.04 -7.68 44.27
CA GLY K 320 36.03 -6.34 43.73
C GLY K 320 35.27 -6.20 42.42
N ALA K 321 35.09 -7.30 41.70
CA ALA K 321 34.38 -7.24 40.43
C ALA K 321 32.87 -7.30 40.57
N LEU K 322 32.36 -7.44 41.80
CA LEU K 322 30.92 -7.56 42.02
C LEU K 322 30.21 -6.21 42.06
N LEU K 323 30.93 -5.10 41.93
CA LEU K 323 30.32 -3.78 41.95
C LEU K 323 29.66 -3.40 40.62
N ASN K 324 29.91 -4.16 39.56
CA ASN K 324 29.31 -3.87 38.25
C ASN K 324 27.94 -4.56 38.17
N PRO K 325 26.86 -3.83 37.90
CA PRO K 325 25.53 -4.43 37.93
C PRO K 325 25.28 -5.51 36.88
N SER K 326 26.29 -5.88 36.10
CA SER K 326 26.14 -6.85 35.01
C SER K 326 27.18 -7.95 35.13
N PHE K 327 27.33 -8.51 36.32
CA PHE K 327 28.29 -9.58 36.57
C PHE K 327 27.64 -10.63 37.46
N HIS K 328 27.66 -11.89 37.00
CA HIS K 328 27.05 -13.00 37.73
C HIS K 328 28.07 -14.11 37.91
N VAL K 329 27.81 -14.97 38.90
CA VAL K 329 28.74 -16.03 39.25
C VAL K 329 27.97 -17.21 39.82
N VAL K 330 28.49 -18.42 39.59
CA VAL K 330 27.96 -19.65 40.15
C VAL K 330 29.13 -20.44 40.75
N ILE K 331 28.97 -20.89 42.00
CA ILE K 331 30.04 -21.55 42.74
C ILE K 331 29.56 -22.93 43.17
N TYR K 332 30.40 -23.93 42.97
CA TYR K 332 30.15 -25.30 43.40
C TYR K 332 31.06 -25.62 44.58
N TYR K 333 30.48 -26.11 45.68
CA TYR K 333 31.27 -26.44 46.86
C TYR K 333 30.71 -27.68 47.55
N PRO K 334 31.39 -28.83 47.43
CA PRO K 334 30.85 -30.07 47.99
C PRO K 334 30.74 -30.09 49.52
N GLU K 335 31.44 -29.21 50.23
CA GLU K 335 31.54 -29.34 51.68
C GLU K 335 30.96 -28.13 52.42
N LEU K 336 29.77 -27.69 52.02
CA LEU K 336 29.18 -26.49 52.62
C LEU K 336 28.71 -26.75 54.06
N LYS K 337 28.17 -27.95 54.32
CA LYS K 337 27.57 -28.22 55.62
C LYS K 337 28.60 -28.16 56.75
N GLU K 338 29.73 -28.84 56.56
CA GLU K 338 30.79 -28.81 57.56
C GLU K 338 31.35 -27.41 57.73
N ALA K 339 31.43 -26.65 56.63
CA ALA K 339 31.91 -25.28 56.72
C ALA K 339 30.99 -24.44 57.60
N ILE K 340 29.68 -24.56 57.39
CA ILE K 340 28.73 -23.81 58.21
C ILE K 340 28.83 -24.25 59.67
N THR K 341 28.90 -25.57 59.91
CA THR K 341 28.95 -26.07 61.27
C THR K 341 30.20 -25.57 61.99
N LYS K 342 31.35 -25.56 61.31
CA LYS K 342 32.59 -25.16 61.97
C LYS K 342 32.65 -23.64 62.16
N VAL K 343 32.24 -22.87 61.15
CA VAL K 343 32.30 -21.41 61.28
C VAL K 343 31.29 -20.92 62.32
N SER K 344 30.18 -21.64 62.49
CA SER K 344 29.20 -21.25 63.51
C SER K 344 29.79 -21.27 64.92
N LYS K 345 30.87 -22.01 65.14
CA LYS K 345 31.56 -22.05 66.42
C LYS K 345 32.71 -21.06 66.51
N GLY K 346 32.94 -20.25 65.48
CA GLY K 346 33.96 -19.22 65.51
C GLY K 346 35.31 -19.63 64.96
N GLY K 347 35.50 -20.90 64.59
CA GLY K 347 36.74 -21.38 64.05
C GLY K 347 36.75 -21.43 62.53
N GLY K 348 37.57 -22.33 62.00
CA GLY K 348 37.64 -22.55 60.58
C GLY K 348 38.78 -21.81 59.92
N SER K 349 39.15 -22.26 58.72
CA SER K 349 40.22 -21.65 57.96
C SER K 349 39.69 -20.47 57.15
N GLU K 350 40.60 -19.82 56.40
CA GLU K 350 40.23 -18.62 55.65
C GLU K 350 39.22 -18.93 54.55
N ALA K 351 39.39 -20.05 53.85
CA ALA K 351 38.50 -20.39 52.75
C ALA K 351 37.07 -20.60 53.23
N GLU K 352 36.91 -21.30 54.36
CA GLU K 352 35.56 -21.53 54.89
C GLU K 352 34.89 -20.21 55.27
N LYS K 353 35.62 -19.32 55.95
CA LYS K 353 35.06 -18.03 56.30
C LYS K 353 34.67 -17.24 55.05
N ALA K 354 35.53 -17.25 54.03
CA ALA K 354 35.24 -16.49 52.81
C ALA K 354 33.98 -17.01 52.13
N ILE K 355 33.86 -18.33 52.00
CA ILE K 355 32.70 -18.88 51.29
C ILE K 355 31.42 -18.71 52.11
N VAL K 356 31.50 -18.81 53.44
CA VAL K 356 30.31 -18.57 54.26
C VAL K 356 29.90 -17.11 54.19
N THR K 357 30.88 -16.19 54.14
CA THR K 357 30.57 -14.78 53.95
C THR K 357 29.89 -14.54 52.61
N LEU K 358 30.37 -15.21 51.55
CA LEU K 358 29.70 -15.12 50.25
C LEU K 358 28.26 -15.62 50.34
N LYS K 359 28.04 -16.73 51.04
CA LYS K 359 26.70 -17.29 51.15
C LYS K 359 25.76 -16.35 51.91
N ASN K 360 26.25 -15.76 53.01
CA ASN K 360 25.37 -15.03 53.91
C ASN K 360 24.83 -13.75 53.28
N MET K 361 25.62 -13.07 52.45
CA MET K 361 25.17 -11.80 51.88
C MET K 361 23.97 -12.01 50.96
N ALA K 362 23.06 -11.04 50.98
CA ALA K 362 21.78 -11.15 50.28
C ALA K 362 21.90 -10.45 48.93
N PHE K 363 22.42 -11.19 47.95
CA PHE K 363 22.58 -10.70 46.59
C PHE K 363 21.92 -11.66 45.62
N ASN K 364 21.33 -11.11 44.57
CA ASN K 364 20.80 -11.93 43.48
C ASN K 364 21.84 -12.22 42.41
N GLN K 365 23.08 -11.77 42.61
CA GLN K 365 24.16 -11.97 41.65
C GLN K 365 25.01 -13.20 41.95
N VAL K 366 24.79 -13.87 43.08
CA VAL K 366 25.62 -14.99 43.50
C VAL K 366 24.75 -16.18 43.80
N THR K 367 25.11 -17.34 43.25
CA THR K 367 24.43 -18.60 43.50
C THR K 367 25.44 -19.63 43.98
N VAL K 368 25.15 -20.28 45.09
CA VAL K 368 26.03 -21.27 45.69
C VAL K 368 25.34 -22.63 45.63
N VAL K 369 26.05 -23.63 45.08
CA VAL K 369 25.52 -24.97 44.92
C VAL K 369 26.42 -25.93 45.71
N GLY K 370 25.86 -26.55 46.73
CA GLY K 370 26.59 -27.55 47.49
C GLY K 370 25.72 -28.66 48.02
N GLY K 371 26.03 -29.90 47.65
CA GLY K 371 25.31 -31.04 48.14
C GLY K 371 26.18 -32.28 48.30
N GLY K 372 27.49 -32.09 48.26
CA GLY K 372 28.40 -33.22 48.34
C GLY K 372 28.70 -33.82 46.98
N SER K 373 28.04 -34.92 46.65
CA SER K 373 28.24 -35.61 45.39
C SER K 373 27.39 -35.05 44.26
N LYS K 374 26.52 -34.08 44.55
CA LYS K 374 25.71 -33.44 43.52
C LYS K 374 26.37 -32.20 42.94
N ALA K 375 27.52 -31.79 43.47
CA ALA K 375 28.24 -30.61 42.98
C ALA K 375 29.63 -30.99 42.46
N TYR K 376 29.75 -32.17 41.86
CA TYR K 376 31.01 -32.61 41.28
C TYR K 376 31.11 -32.14 39.84
N PHE K 377 32.21 -32.52 39.17
CA PHE K 377 32.40 -32.13 37.78
C PHE K 377 31.43 -32.85 36.85
N ASN K 378 31.12 -34.12 37.15
CA ASN K 378 30.20 -34.87 36.31
C ASN K 378 28.79 -34.27 36.33
N SER K 379 28.38 -33.74 37.48
CA SER K 379 27.08 -33.09 37.58
C SER K 379 27.08 -31.70 36.95
N PHE K 380 28.24 -31.06 36.83
CA PHE K 380 28.30 -29.71 36.28
C PHE K 380 28.01 -29.72 34.78
N VAL K 381 28.47 -30.74 34.06
CA VAL K 381 28.29 -30.78 32.62
C VAL K 381 26.83 -31.00 32.25
N GLU K 382 26.13 -31.84 33.01
CA GLU K 382 24.77 -32.23 32.67
C GLU K 382 23.76 -31.08 32.78
N HIS K 383 24.11 -29.99 33.47
CA HIS K 383 23.18 -28.87 33.58
C HIS K 383 23.11 -28.05 32.30
N LEU K 384 24.22 -27.91 31.58
CA LEU K 384 24.21 -27.18 30.32
C LEU K 384 23.49 -28.00 29.25
N PRO K 385 22.74 -27.34 28.36
CA PRO K 385 21.89 -28.07 27.41
C PRO K 385 22.50 -28.31 26.04
N TYR K 386 21.98 -29.33 25.35
CA TYR K 386 22.15 -29.49 23.91
C TYR K 386 21.04 -28.77 23.17
N PRO K 387 21.32 -28.04 22.09
CA PRO K 387 20.25 -27.61 21.20
C PRO K 387 19.57 -28.81 20.56
N VAL K 388 18.28 -28.62 20.23
CA VAL K 388 17.47 -29.75 19.78
C VAL K 388 17.99 -30.34 18.47
N LEU K 389 18.46 -29.49 17.55
CA LEU K 389 18.88 -29.95 16.23
C LEU K 389 20.35 -30.33 16.17
N PHE K 390 21.02 -30.47 17.32
CA PHE K 390 22.42 -30.87 17.33
C PHE K 390 22.50 -32.37 17.00
N PRO K 391 23.33 -32.77 16.03
CA PRO K 391 23.37 -34.20 15.66
C PRO K 391 23.83 -35.07 16.81
N ARG K 392 23.28 -36.27 16.86
CA ARG K 392 23.55 -37.20 17.95
C ARG K 392 24.24 -38.47 17.44
N ASN K 394 26.12 -41.01 15.80
CA ASN K 394 26.79 -42.30 15.92
C ASN K 394 26.65 -43.09 14.62
N ILE K 395 27.01 -42.47 13.51
CA ILE K 395 26.93 -43.10 12.20
C ILE K 395 28.28 -43.23 11.51
N VAL K 396 29.25 -42.36 11.82
CA VAL K 396 30.54 -42.39 11.14
C VAL K 396 31.31 -43.65 11.52
N ASP K 397 31.17 -44.10 12.77
CA ASP K 397 31.98 -45.21 13.26
C ASP K 397 31.75 -46.48 12.45
N GLU K 398 30.48 -46.77 12.10
CA GLU K 398 30.19 -47.97 11.33
C GLU K 398 30.87 -47.93 9.97
N LEU K 399 30.80 -46.79 9.27
CA LEU K 399 31.43 -46.68 7.97
C LEU K 399 32.95 -46.78 8.07
N VAL K 400 33.54 -46.15 9.09
CA VAL K 400 34.99 -46.24 9.24
C VAL K 400 35.42 -47.67 9.52
N GLU K 401 34.68 -48.38 10.37
CA GLU K 401 35.00 -49.78 10.65
C GLU K 401 34.85 -50.64 9.41
N ALA K 402 33.81 -50.40 8.62
CA ALA K 402 33.60 -51.19 7.41
C ALA K 402 34.71 -50.94 6.39
N ILE K 403 35.10 -49.67 6.22
CA ILE K 403 36.08 -49.33 5.18
C ILE K 403 37.47 -49.78 5.61
N ALA K 404 37.92 -49.35 6.80
CA ALA K 404 39.31 -49.56 7.18
C ALA K 404 39.62 -51.01 7.46
N ASN K 405 38.76 -51.67 8.25
CA ASN K 405 39.09 -53.03 8.70
C ASN K 405 39.00 -54.06 7.58
N LEU K 406 38.09 -53.88 6.62
CA LEU K 406 38.00 -54.79 5.48
C LEU K 406 38.71 -54.16 4.30
N SER K 407 39.94 -54.59 4.05
CA SER K 407 40.74 -54.05 2.95
C SER K 407 40.31 -54.68 1.62
N SER L 2 74.06 10.02 9.68
CA SER L 2 73.80 8.65 9.26
C SER L 2 72.33 8.29 9.47
N ILE L 3 71.62 8.09 8.37
CA ILE L 3 70.19 7.76 8.40
C ILE L 3 70.00 6.46 7.63
N TYR L 4 69.26 5.53 8.22
CA TYR L 4 68.97 4.25 7.60
C TYR L 4 67.46 4.05 7.52
N GLN L 5 67.00 3.52 6.39
CA GLN L 5 65.59 3.17 6.20
C GLN L 5 65.52 1.86 5.45
N GLY L 6 65.05 0.81 6.14
CA GLY L 6 64.97 -0.49 5.52
C GLY L 6 66.30 -1.17 5.27
N GLY L 7 67.34 -0.76 5.99
CA GLY L 7 68.67 -1.29 5.78
C GLY L 7 69.51 -0.52 4.78
N ASN L 8 68.92 0.41 4.04
CA ASN L 8 69.63 1.24 3.09
C ASN L 8 70.06 2.53 3.78
N LYS L 9 70.54 3.51 3.01
CA LYS L 9 70.95 4.79 3.54
C LYS L 9 70.13 5.90 2.89
N LEU L 10 69.83 6.93 3.68
CA LEU L 10 68.99 8.04 3.27
C LEU L 10 69.73 9.35 3.50
N ASN L 11 69.27 10.40 2.83
CA ASN L 11 69.83 11.74 2.95
C ASN L 11 68.84 12.67 3.63
N GLU L 12 69.34 13.86 4.00
CA GLU L 12 68.55 14.80 4.79
C GLU L 12 67.34 15.33 4.03
N ASP L 13 67.50 15.62 2.74
CA ASP L 13 66.42 16.23 1.97
C ASP L 13 65.20 15.32 1.91
N ASP L 14 65.41 14.02 1.70
CA ASP L 14 64.30 13.08 1.74
C ASP L 14 63.77 12.89 3.15
N PHE L 15 64.65 12.93 4.16
CA PHE L 15 64.22 12.70 5.53
C PHE L 15 63.28 13.80 6.03
N ARG L 16 63.57 15.05 5.68
CA ARG L 16 62.70 16.14 6.11
C ARG L 16 61.30 16.02 5.50
N SER L 17 61.23 15.67 4.22
CA SER L 17 59.93 15.45 3.58
C SER L 17 59.20 14.27 4.20
N HIS L 18 59.94 13.20 4.53
CA HIS L 18 59.34 12.06 5.21
C HIS L 18 58.73 12.47 6.54
N VAL L 19 59.46 13.27 7.32
CA VAL L 19 58.97 13.72 8.61
C VAL L 19 57.73 14.59 8.43
N TYR L 20 57.76 15.50 7.47
CA TYR L 20 56.61 16.37 7.24
C TYR L 20 55.39 15.56 6.84
N SER L 21 55.55 14.60 5.94
CA SER L 21 54.40 13.80 5.49
C SER L 21 53.93 12.82 6.55
N LEU L 22 54.79 12.48 7.51
CA LEU L 22 54.45 11.53 8.56
C LEU L 22 53.64 12.15 9.70
N CYS L 23 53.57 13.48 9.77
CA CYS L 23 52.86 14.16 10.83
C CYS L 23 51.41 14.50 10.47
N GLN L 24 50.96 14.14 9.27
CA GLN L 24 49.58 14.38 8.86
C GLN L 24 48.68 13.17 9.09
N LEU L 25 49.19 12.11 9.69
CA LEU L 25 48.37 10.93 9.97
C LEU L 25 47.43 11.21 11.14
N ASP L 26 46.52 10.27 11.37
CA ASP L 26 45.45 10.45 12.34
C ASP L 26 45.88 10.11 13.76
N ASN L 27 47.10 9.58 13.96
CA ASN L 27 47.58 9.28 15.29
C ASN L 27 49.07 9.59 15.36
N VAL L 28 49.45 10.48 16.27
CA VAL L 28 50.83 10.91 16.43
C VAL L 28 51.17 10.88 17.92
N GLY L 29 52.29 10.24 18.26
CA GLY L 29 52.71 10.15 19.64
C GLY L 29 54.22 10.16 19.77
N VAL L 30 54.68 10.27 21.02
CA VAL L 30 56.09 10.30 21.34
C VAL L 30 56.35 9.39 22.54
N LEU L 31 57.61 8.97 22.67
CA LEU L 31 58.07 8.18 23.80
C LEU L 31 59.38 8.77 24.29
N LEU L 32 59.40 9.23 25.52
CA LEU L 32 60.53 9.97 26.07
C LEU L 32 61.17 9.17 27.21
N GLY L 33 62.51 9.18 27.25
CA GLY L 33 63.26 8.47 28.24
C GLY L 33 63.93 9.39 29.23
N ALA L 34 64.88 8.83 29.98
CA ALA L 34 65.58 9.59 31.00
C ALA L 34 66.68 10.47 30.44
N GLY L 35 67.05 10.31 29.18
CA GLY L 35 68.06 11.15 28.57
C GLY L 35 67.58 12.46 28.03
N ALA L 36 66.26 12.69 28.01
CA ALA L 36 65.72 13.93 27.48
C ALA L 36 65.77 15.08 28.47
N SER L 37 66.03 14.79 29.75
CA SER L 37 66.06 15.80 30.80
C SER L 37 67.48 16.19 31.18
N VAL L 38 68.48 15.79 30.39
CA VAL L 38 69.86 16.19 30.65
C VAL L 38 70.03 17.70 30.49
N GLY L 39 69.32 18.29 29.54
CA GLY L 39 69.40 19.72 29.31
C GLY L 39 68.68 20.57 30.33
N CYS L 40 67.97 19.96 31.27
CA CYS L 40 67.29 20.69 32.33
C CYS L 40 67.96 20.57 33.69
N GLY L 41 68.80 19.56 33.89
CA GLY L 41 69.48 19.41 35.15
C GLY L 41 69.46 17.99 35.69
N GLY L 42 68.92 17.05 34.91
CA GLY L 42 68.83 15.68 35.34
C GLY L 42 70.12 14.91 35.16
N LYS L 43 70.10 13.66 35.60
CA LYS L 43 71.26 12.79 35.54
C LYS L 43 70.86 11.43 35.00
N THR L 44 71.82 10.75 34.37
CA THR L 44 71.61 9.43 33.80
C THR L 44 71.92 8.37 34.86
N MET L 45 71.94 7.10 34.45
CA MET L 45 72.20 6.01 35.38
C MET L 45 73.65 5.91 35.79
N LYS L 46 74.58 6.35 34.95
CA LYS L 46 76.00 6.34 35.30
C LYS L 46 76.30 7.33 36.42
N ASP L 47 75.64 8.49 36.41
CA ASP L 47 75.90 9.49 37.44
C ASP L 47 75.46 9.01 38.81
N VAL L 48 74.33 8.32 38.89
CA VAL L 48 73.87 7.77 40.16
C VAL L 48 74.85 6.76 40.70
N TRP L 49 75.35 5.87 39.83
CA TRP L 49 76.34 4.88 40.25
C TRP L 49 77.62 5.55 40.71
N LYS L 50 78.08 6.58 40.00
CA LYS L 50 79.29 7.29 40.41
C LYS L 50 79.12 7.93 41.78
N SER L 51 77.98 8.58 41.99
CA SER L 51 77.72 9.24 43.28
C SER L 51 77.65 8.22 44.41
N PHE L 52 76.97 7.09 44.17
CA PHE L 52 76.91 6.05 45.20
C PHE L 52 78.30 5.49 45.49
N LYS L 53 79.11 5.30 44.45
CA LYS L 53 80.45 4.75 44.64
C LYS L 53 81.31 5.71 45.46
N GLN L 54 81.21 7.01 45.21
CA GLN L 54 82.05 7.96 45.93
C GLN L 54 81.46 8.42 47.26
N ASN L 55 80.21 8.07 47.56
CA ASN L 55 79.57 8.54 48.78
C ASN L 55 79.57 7.51 49.91
N TYR L 56 79.46 6.22 49.60
CA TYR L 56 79.42 5.17 50.61
C TYR L 56 80.49 4.13 50.32
N PRO L 57 81.69 4.31 50.84
CA PRO L 57 82.78 3.36 50.55
C PRO L 57 82.68 2.05 51.33
N GLU L 58 82.24 2.12 52.58
CA GLU L 58 82.18 0.92 53.41
C GLU L 58 81.13 -0.06 52.89
N LEU L 59 79.95 0.45 52.51
CA LEU L 59 78.92 -0.41 51.95
C LEU L 59 79.37 -1.03 50.64
N LEU L 60 80.03 -0.24 49.79
CA LEU L 60 80.56 -0.77 48.54
C LEU L 60 81.57 -1.87 48.79
N GLY L 61 82.47 -1.68 49.77
CA GLY L 61 83.42 -2.72 50.09
C GLY L 61 82.75 -3.98 50.58
N ALA L 62 81.79 -3.84 51.50
CA ALA L 62 81.09 -5.01 52.02
C ALA L 62 80.29 -5.73 50.94
N LEU L 63 79.77 -4.99 49.97
CA LEU L 63 79.03 -5.59 48.87
C LEU L 63 79.94 -6.18 47.80
N ILE L 64 81.20 -5.78 47.75
CA ILE L 64 82.12 -6.28 46.73
C ILE L 64 83.02 -7.41 47.22
N ASP L 65 83.24 -7.54 48.53
CA ASP L 65 84.17 -8.54 49.03
C ASP L 65 83.50 -9.76 49.68
N LYS L 66 82.37 -9.56 50.37
CA LYS L 66 81.75 -10.63 51.14
C LYS L 66 80.59 -11.31 50.42
N TYR L 67 79.65 -10.53 49.89
CA TYR L 67 78.46 -11.09 49.26
C TYR L 67 78.63 -11.41 47.79
N LEU L 68 79.73 -10.94 47.17
CA LEU L 68 80.05 -11.28 45.79
C LEU L 68 78.93 -10.94 44.82
N LEU L 69 78.30 -9.77 45.02
CA LEU L 69 77.24 -9.33 44.13
C LEU L 69 77.75 -8.53 42.94
N VAL L 70 78.87 -7.83 43.08
CA VAL L 70 79.42 -6.99 42.02
C VAL L 70 80.90 -7.31 41.85
N SER L 71 81.33 -7.48 40.60
CA SER L 71 82.72 -7.75 40.31
C SER L 71 83.54 -6.46 40.35
N GLN L 72 84.86 -6.63 40.53
CA GLN L 72 85.74 -5.47 40.66
C GLN L 72 85.93 -4.75 39.34
N ILE L 73 86.12 -5.50 38.26
CA ILE L 73 86.37 -4.87 36.96
C ILE L 73 85.13 -4.13 36.47
N ASP L 74 83.95 -4.52 36.93
CA ASP L 74 82.73 -3.87 36.48
C ASP L 74 82.58 -2.48 37.11
N SER L 75 82.96 -2.34 38.37
CA SER L 75 82.78 -1.05 39.06
C SER L 75 83.83 -0.04 38.63
N ASP L 76 85.04 -0.48 38.32
CA ASP L 76 86.11 0.45 37.99
C ASP L 76 85.83 1.23 36.71
N ASN L 77 85.27 0.58 35.70
CA ASN L 77 84.96 1.23 34.44
C ASN L 77 83.54 1.78 34.38
N ASN L 78 82.76 1.62 35.46
CA ASN L 78 81.40 2.15 35.56
C ASN L 78 80.49 1.56 34.48
N LEU L 79 80.29 0.25 34.57
CA LEU L 79 79.32 -0.47 33.74
C LEU L 79 78.32 -1.24 34.59
N VAL L 80 78.21 -0.93 35.87
CA VAL L 80 77.35 -1.69 36.78
C VAL L 80 75.91 -1.27 36.57
N ASN L 81 75.04 -2.25 36.37
CA ASN L 81 73.62 -2.00 36.13
C ASN L 81 72.91 -1.87 37.48
N VAL L 82 72.38 -0.68 37.75
CA VAL L 82 71.68 -0.45 39.01
C VAL L 82 70.39 -1.25 39.07
N GLU L 83 69.73 -1.44 37.92
CA GLU L 83 68.42 -2.08 37.92
C GLU L 83 68.49 -3.51 38.44
N LEU L 84 69.52 -4.27 38.03
CA LEU L 84 69.64 -5.66 38.46
C LEU L 84 70.07 -5.79 39.92
N LEU L 85 70.76 -4.79 40.46
CA LEU L 85 71.27 -4.89 41.83
C LEU L 85 70.14 -4.87 42.85
N ILE L 86 69.09 -4.09 42.59
CA ILE L 86 67.98 -3.97 43.54
C ILE L 86 67.28 -5.30 43.72
N ASP L 87 67.07 -6.03 42.62
CA ASP L 87 66.42 -7.34 42.72
C ASP L 87 67.26 -8.30 43.56
N GLU L 88 68.58 -8.31 43.36
CA GLU L 88 69.44 -9.17 44.16
C GLU L 88 69.36 -8.82 45.64
N ALA L 89 69.41 -7.52 45.95
CA ALA L 89 69.31 -7.09 47.35
C ALA L 89 67.98 -7.50 47.96
N THR L 90 66.89 -7.33 47.21
CA THR L 90 65.57 -7.69 47.73
C THR L 90 65.46 -9.20 47.98
N LYS L 91 65.98 -10.00 47.04
CA LYS L 91 65.95 -11.46 47.23
C LYS L 91 66.77 -11.88 48.44
N PHE L 92 67.95 -11.29 48.61
CA PHE L 92 68.77 -11.60 49.78
C PHE L 92 68.04 -11.22 51.07
N LEU L 93 67.39 -10.05 51.09
CA LEU L 93 66.65 -9.62 52.27
C LEU L 93 65.51 -10.56 52.59
N SER L 94 64.76 -11.00 51.57
CA SER L 94 63.65 -11.92 51.81
C SER L 94 64.16 -13.25 52.36
N VAL L 95 65.25 -13.78 51.78
CA VAL L 95 65.79 -15.04 52.26
C VAL L 95 66.27 -14.92 53.70
N ALA L 96 66.95 -13.81 54.02
CA ALA L 96 67.42 -13.61 55.38
C ALA L 96 66.26 -13.48 56.36
N LYS L 97 65.20 -12.77 55.97
CA LYS L 97 64.06 -12.58 56.86
C LYS L 97 63.30 -13.89 57.10
N THR L 98 63.23 -14.76 56.10
CA THR L 98 62.48 -16.00 56.28
C THR L 98 63.11 -16.88 57.35
N ARG L 99 64.44 -16.96 57.38
CA ARG L 99 65.16 -17.83 58.32
C ARG L 99 65.57 -17.12 59.60
N ARG L 100 65.11 -15.88 59.79
CA ARG L 100 65.31 -15.14 61.05
C ARG L 100 66.80 -14.96 61.37
N CYS L 101 67.48 -14.23 60.49
CA CYS L 101 68.85 -13.80 60.72
C CYS L 101 68.86 -12.30 60.93
N GLU L 102 69.43 -11.85 62.04
CA GLU L 102 69.31 -10.45 62.45
C GLU L 102 70.42 -9.58 61.88
N ASP L 103 71.68 -9.99 61.99
CA ASP L 103 72.79 -9.15 61.56
C ASP L 103 72.77 -8.94 60.06
N GLU L 104 72.45 -9.98 59.28
CA GLU L 104 72.44 -9.85 57.83
C GLU L 104 71.28 -9.00 57.33
N GLU L 105 70.22 -8.85 58.13
CA GLU L 105 69.04 -8.12 57.69
C GLU L 105 69.27 -6.61 57.70
N GLU L 106 70.02 -6.10 58.68
CA GLU L 106 70.19 -4.66 58.81
C GLU L 106 71.03 -4.06 57.68
N GLU L 107 72.08 -4.76 57.27
CA GLU L 107 72.94 -4.23 56.21
C GLU L 107 72.20 -4.07 54.89
N PHE L 108 71.34 -5.03 54.55
CA PHE L 108 70.58 -4.93 53.32
C PHE L 108 69.54 -3.81 53.39
N ARG L 109 68.92 -3.61 54.55
CA ARG L 109 68.03 -2.46 54.72
C ARG L 109 68.78 -1.16 54.50
N LYS L 110 69.99 -1.06 55.07
CA LYS L 110 70.79 0.15 54.88
C LYS L 110 71.14 0.35 53.40
N ILE L 111 71.52 -0.73 52.71
CA ILE L 111 71.90 -0.62 51.31
C ILE L 111 70.72 -0.16 50.47
N LEU L 112 69.55 -0.77 50.69
CA LEU L 112 68.36 -0.40 49.92
C LEU L 112 67.96 1.04 50.20
N SER L 113 68.02 1.47 51.46
CA SER L 113 67.68 2.85 51.79
C SER L 113 68.63 3.83 51.10
N SER L 114 69.93 3.53 51.12
CA SER L 114 70.90 4.41 50.47
C SER L 114 70.65 4.49 48.96
N LEU L 115 70.38 3.34 48.33
CA LEU L 115 70.13 3.34 46.89
C LEU L 115 68.87 4.14 46.56
N TYR L 116 67.80 3.95 47.33
CA TYR L 116 66.57 4.69 47.07
C TYR L 116 66.77 6.18 47.26
N LYS L 117 67.50 6.57 48.31
CA LYS L 117 67.80 7.98 48.53
C LYS L 117 68.58 8.58 47.37
N GLU L 118 69.61 7.86 46.91
CA GLU L 118 70.43 8.38 45.81
C GLU L 118 69.62 8.51 44.53
N VAL L 119 68.75 7.54 44.24
CA VAL L 119 67.91 7.63 43.05
C VAL L 119 66.93 8.79 43.17
N THR L 120 66.34 8.98 44.35
CA THR L 120 65.36 10.05 44.53
C THR L 120 65.99 11.42 44.42
N LYS L 121 67.22 11.58 44.91
CA LYS L 121 67.85 12.91 44.94
C LYS L 121 68.03 13.50 43.55
N ALA L 122 68.27 12.66 42.53
CA ALA L 122 68.67 13.13 41.21
C ALA L 122 67.50 13.30 40.24
N ALA L 123 66.32 13.65 40.75
CA ALA L 123 65.17 13.86 39.89
C ALA L 123 64.45 15.18 40.14
N LEU L 124 64.95 16.01 41.06
CA LEU L 124 64.29 17.28 41.37
C LEU L 124 64.50 18.31 40.28
N LEU L 125 65.66 18.29 39.61
CA LEU L 125 66.00 19.15 38.47
C LEU L 125 66.25 20.60 38.87
N THR L 126 65.98 20.96 40.12
CA THR L 126 66.18 22.34 40.54
C THR L 126 66.92 22.50 41.87
N GLY L 127 66.84 21.54 42.79
CA GLY L 127 67.54 21.64 44.05
C GLY L 127 66.61 22.13 45.16
N GLU L 128 67.07 23.13 45.92
CA GLU L 128 66.29 23.63 47.04
C GLU L 128 65.07 24.43 46.56
N GLN L 129 65.08 24.87 45.30
CA GLN L 129 63.97 25.63 44.74
C GLN L 129 62.83 24.75 44.24
N PHE L 130 62.78 23.49 44.67
CA PHE L 130 61.74 22.57 44.21
C PHE L 130 60.35 22.93 44.74
N ARG L 131 60.28 23.72 45.81
CA ARG L 131 59.01 24.03 46.45
C ARG L 131 58.46 25.40 46.07
N GLU L 132 59.05 26.07 45.09
CA GLU L 132 58.62 27.40 44.69
C GLU L 132 57.59 27.29 43.57
N LYS L 133 57.18 28.43 43.02
CA LYS L 133 56.17 28.50 41.98
C LYS L 133 56.76 29.16 40.73
N ASN L 134 56.01 29.06 39.64
CA ASN L 134 56.38 29.64 38.34
C ASN L 134 57.76 29.17 37.89
N GLN L 135 58.00 27.87 38.00
CA GLN L 135 59.28 27.30 37.59
C GLN L 135 59.39 27.09 36.08
N GLY L 136 58.29 27.19 35.35
CA GLY L 136 58.32 26.98 33.92
C GLY L 136 58.75 28.15 33.09
N LYS L 137 59.05 29.29 33.71
CA LYS L 137 59.47 30.48 32.98
C LYS L 137 60.97 30.51 32.71
N LYS L 138 61.72 29.56 33.23
CA LYS L 138 63.17 29.57 33.08
C LYS L 138 63.57 29.12 31.68
N ASP L 139 64.84 29.31 31.35
CA ASP L 139 65.37 28.97 30.04
C ASP L 139 65.69 27.49 29.88
N ALA L 140 65.72 26.73 30.97
CA ALA L 140 65.97 25.29 30.87
C ALA L 140 64.81 24.53 30.27
N PHE L 141 63.60 25.10 30.31
CA PHE L 141 62.41 24.48 29.75
C PHE L 141 61.97 25.13 28.45
N LYS L 142 62.92 25.59 27.64
CA LYS L 142 62.58 26.36 26.45
C LYS L 142 62.07 25.48 25.32
N TYR L 143 62.57 24.23 25.23
CA TYR L 143 62.25 23.38 24.10
C TYR L 143 61.05 22.47 24.34
N HIS L 144 60.72 22.17 25.60
CA HIS L 144 59.52 21.39 25.88
C HIS L 144 58.27 22.14 25.43
N LYS L 145 58.22 23.45 25.70
CA LYS L 145 57.10 24.26 25.25
C LYS L 145 56.99 24.27 23.74
N GLU L 146 58.14 24.39 23.05
CA GLU L 146 58.12 24.37 21.60
C GLU L 146 57.61 23.03 21.07
N LEU L 147 58.03 21.93 21.68
CA LEU L 147 57.56 20.62 21.25
C LEU L 147 56.05 20.49 21.43
N ILE L 148 55.53 20.92 22.58
CA ILE L 148 54.10 20.82 22.83
C ILE L 148 53.33 21.70 21.84
N SER L 149 53.82 22.91 21.59
CA SER L 149 53.14 23.81 20.67
C SER L 149 53.09 23.23 19.27
N LYS L 150 54.23 22.69 18.79
CA LYS L 150 54.26 22.11 17.46
C LYS L 150 53.34 20.90 17.37
N LEU L 151 53.32 20.06 18.41
CA LEU L 151 52.45 18.89 18.38
C LEU L 151 50.98 19.28 18.33
N ILE L 152 50.57 20.28 19.13
CA ILE L 152 49.17 20.66 19.17
C ILE L 152 48.75 21.36 17.88
N SER L 153 49.58 22.27 17.38
CA SER L 153 49.18 23.15 16.28
C SER L 153 49.16 22.46 14.91
N ASN L 154 49.36 21.15 14.84
CA ASN L 154 49.45 20.44 13.56
C ASN L 154 48.23 19.59 13.26
N ARG L 155 47.16 19.72 14.03
CA ARG L 155 46.00 18.84 13.90
C ARG L 155 44.86 19.58 13.20
N GLN L 156 44.36 18.98 12.12
CA GLN L 156 43.20 19.51 11.41
C GLN L 156 41.92 19.20 12.17
N PRO L 157 40.85 19.95 11.92
CA PRO L 157 39.58 19.65 12.60
C PRO L 157 39.08 18.26 12.28
N GLY L 158 38.49 17.62 13.29
CA GLY L 158 37.99 16.26 13.16
C GLY L 158 38.97 15.18 13.56
N GLN L 159 40.20 15.54 13.90
CA GLN L 159 41.22 14.56 14.30
C GLN L 159 41.29 14.47 15.82
N SER L 160 42.09 13.52 16.29
CA SER L 160 42.23 13.25 17.71
C SER L 160 43.28 14.20 18.31
N ALA L 161 43.67 13.93 19.56
CA ALA L 161 44.63 14.71 20.32
C ALA L 161 45.93 13.93 20.49
N PRO L 162 47.07 14.60 20.60
CA PRO L 162 48.34 13.88 20.73
C PRO L 162 48.45 13.16 22.07
N ALA L 163 49.24 12.09 22.06
CA ALA L 163 49.50 11.29 23.26
C ALA L 163 50.98 11.27 23.56
N ILE L 164 51.33 11.47 24.82
CA ILE L 164 52.72 11.50 25.27
C ILE L 164 52.92 10.38 26.28
N PHE L 165 53.91 9.52 26.02
CA PHE L 165 54.29 8.45 26.94
C PHE L 165 55.69 8.74 27.47
N THR L 166 55.84 8.66 28.80
CA THR L 166 57.12 8.93 29.43
C THR L 166 57.38 7.90 30.52
N THR L 167 58.66 7.64 30.77
CA THR L 167 59.11 6.70 31.80
C THR L 167 60.07 7.39 32.75
N ASN L 168 59.72 8.60 33.17
CA ASN L 168 60.55 9.41 34.05
C ASN L 168 59.75 9.78 35.30
N TYR L 169 60.48 10.24 36.32
CA TYR L 169 59.89 10.58 37.60
C TYR L 169 59.66 12.07 37.79
N ASP L 170 60.36 12.91 37.03
CA ASP L 170 60.38 14.33 37.29
C ASP L 170 59.16 15.02 36.69
N LEU L 171 58.90 16.24 37.16
CA LEU L 171 57.77 17.05 36.71
C LEU L 171 58.32 18.19 35.86
N ALA L 172 58.49 17.93 34.58
CA ALA L 172 58.97 18.95 33.64
C ALA L 172 57.94 19.30 32.58
N LEU L 173 57.24 18.32 32.03
CA LEU L 173 56.20 18.60 31.05
C LEU L 173 55.03 19.35 31.69
N GLU L 174 54.66 18.98 32.91
CA GLU L 174 53.53 19.61 33.58
C GLU L 174 53.79 21.10 33.84
N TRP L 175 55.01 21.45 34.25
CA TRP L 175 55.33 22.85 34.48
C TRP L 175 55.20 23.66 33.19
N ALA L 176 55.72 23.13 32.08
CA ALA L 176 55.61 23.83 30.81
C ALA L 176 54.17 23.96 30.36
N ALA L 177 53.37 22.91 30.52
CA ALA L 177 51.96 22.98 30.15
C ALA L 177 51.21 24.01 30.99
N GLU L 178 51.51 24.07 32.30
CA GLU L 178 50.87 25.07 33.14
C GLU L 178 51.29 26.48 32.74
N ASP L 179 52.56 26.69 32.42
CA ASP L 179 53.00 28.02 32.02
C ASP L 179 52.35 28.44 30.69
N LEU L 180 52.26 27.52 29.74
CA LEU L 180 51.60 27.84 28.47
C LEU L 180 50.11 28.09 28.67
N GLY L 181 49.45 27.26 29.47
CA GLY L 181 48.03 27.41 29.71
C GLY L 181 47.20 26.23 29.25
N ILE L 182 47.85 25.15 28.83
CA ILE L 182 47.18 23.96 28.34
C ILE L 182 46.85 23.05 29.51
N GLN L 183 45.75 22.31 29.40
CA GLN L 183 45.32 21.37 30.43
C GLN L 183 45.64 19.95 29.99
N LEU L 184 46.29 19.20 30.87
CA LEU L 184 46.70 17.83 30.60
C LEU L 184 45.86 16.87 31.43
N PHE L 185 45.29 15.86 30.77
CA PHE L 185 44.55 14.81 31.44
C PHE L 185 45.51 13.68 31.81
N ASN L 186 45.45 13.24 33.07
CA ASN L 186 46.35 12.20 33.54
C ASN L 186 45.71 11.17 34.45
N GLY L 187 44.39 11.22 34.66
CA GLY L 187 43.68 10.20 35.42
C GLY L 187 43.24 10.60 36.81
N PHE L 188 43.40 11.85 37.21
CA PHE L 188 43.01 12.31 38.53
C PHE L 188 41.90 13.36 38.41
N SER L 189 41.23 13.61 39.55
CA SER L 189 40.13 14.56 39.58
C SER L 189 39.95 15.08 41.00
N GLY L 190 39.96 16.40 41.16
CA GLY L 190 39.74 17.04 42.43
C GLY L 190 40.88 17.95 42.82
N LEU L 191 40.64 18.71 43.89
CA LEU L 191 41.67 19.55 44.49
C LEU L 191 41.95 19.17 45.94
N HIS L 192 40.92 19.11 46.78
CA HIS L 192 41.12 18.81 48.20
C HIS L 192 41.33 17.32 48.45
N THR L 193 40.94 16.46 47.51
CA THR L 193 41.19 15.03 47.62
C THR L 193 41.23 14.46 46.21
N ARG L 194 42.44 14.19 45.72
CA ARG L 194 42.63 13.69 44.36
C ARG L 194 42.70 12.17 44.37
N GLN L 195 42.04 11.55 43.39
CA GLN L 195 41.94 10.10 43.33
C GLN L 195 42.03 9.66 41.88
N PHE L 196 42.35 8.38 41.70
CA PHE L 196 42.55 7.79 40.38
C PHE L 196 41.28 7.08 39.93
N TYR L 197 40.79 7.45 38.75
CA TYR L 197 39.64 6.80 38.15
C TYR L 197 40.02 6.43 36.72
N PRO L 198 39.93 5.15 36.34
CA PRO L 198 40.32 4.77 34.97
C PRO L 198 39.49 5.44 33.89
N GLN L 199 38.26 5.85 34.17
CA GLN L 199 37.38 6.39 33.16
C GLN L 199 37.76 7.81 32.73
N ASN L 200 38.69 8.46 33.42
CA ASN L 200 39.02 9.85 33.10
C ASN L 200 39.84 9.99 31.83
N PHE L 201 40.31 8.91 31.23
CA PHE L 201 41.11 8.98 30.02
C PHE L 201 40.26 9.11 28.76
N ASP L 202 38.95 9.15 28.89
CA ASP L 202 38.03 9.25 27.77
C ASP L 202 37.15 10.50 27.90
N LEU L 203 37.76 11.64 28.21
CA LEU L 203 37.05 12.89 28.35
C LEU L 203 37.61 13.91 27.36
N ALA L 204 36.80 14.92 27.06
CA ALA L 204 37.18 15.95 26.10
C ALA L 204 36.39 17.22 26.40
N PHE L 205 36.82 18.31 25.78
CA PHE L 205 36.20 19.61 25.95
C PHE L 205 35.31 19.96 24.76
N ARG L 206 34.30 20.79 25.03
CA ARG L 206 33.50 21.41 23.98
C ARG L 206 32.89 22.69 24.53
N ASN L 207 32.64 23.64 23.63
CA ASN L 207 32.10 24.93 24.01
C ASN L 207 30.57 24.87 24.03
N VAL L 208 29.99 25.67 24.93
CA VAL L 208 28.53 25.73 25.08
C VAL L 208 27.91 26.82 24.26
N ASN L 209 28.72 27.63 23.56
CA ASN L 209 28.21 28.71 22.73
C ASN L 209 28.13 28.34 21.25
N ALA L 210 28.47 27.10 20.89
CA ALA L 210 28.45 26.68 19.50
C ALA L 210 27.03 26.32 19.06
N HIS L 218 39.30 23.61 21.00
CA HIS L 218 40.09 24.05 22.14
C HIS L 218 41.34 23.18 22.24
N TYR L 219 42.23 23.48 23.18
CA TYR L 219 43.51 22.82 23.31
C TYR L 219 43.54 21.91 24.52
N HIS L 220 43.99 20.67 24.32
CA HIS L 220 44.16 19.71 25.41
C HIS L 220 45.09 18.60 24.92
N ALA L 221 45.57 17.79 25.85
CA ALA L 221 46.45 16.67 25.54
C ALA L 221 46.38 15.67 26.69
N TYR L 222 46.96 14.50 26.45
CA TYR L 222 47.00 13.43 27.44
C TYR L 222 48.45 13.14 27.83
N LEU L 223 48.61 12.58 29.03
CA LEU L 223 49.93 12.26 29.56
C LEU L 223 49.86 10.94 30.32
N TYR L 224 50.69 9.98 29.92
CA TYR L 224 50.76 8.67 30.56
C TYR L 224 52.14 8.51 31.17
N LYS L 225 52.20 8.22 32.47
CA LYS L 225 53.46 7.97 33.17
C LYS L 225 53.52 6.49 33.51
N LEU L 226 54.42 5.78 32.83
CA LEU L 226 54.48 4.32 32.91
C LEU L 226 55.25 3.80 34.11
N HIS L 227 56.00 4.66 34.80
CA HIS L 227 56.86 4.21 35.89
C HIS L 227 56.60 5.00 37.17
N GLY L 228 55.38 5.47 37.36
CA GLY L 228 55.03 6.18 38.58
C GLY L 228 55.50 7.62 38.57
N SER L 229 55.39 8.24 39.75
CA SER L 229 55.79 9.63 39.92
C SER L 229 56.15 9.87 41.38
N LEU L 230 56.69 11.07 41.64
CA LEU L 230 57.13 11.41 42.99
C LEU L 230 56.01 11.92 43.87
N THR L 231 54.99 12.52 43.27
CA THR L 231 53.90 13.15 44.01
C THR L 231 52.73 12.20 44.24
N TRP L 232 52.90 10.90 44.00
CA TRP L 232 51.87 9.90 44.20
C TRP L 232 52.20 9.05 45.42
N TYR L 233 51.22 8.84 46.29
CA TYR L 233 51.41 7.98 47.44
C TYR L 233 50.14 7.18 47.67
N GLN L 234 50.30 6.04 48.34
CA GLN L 234 49.24 5.06 48.52
C GLN L 234 48.95 4.86 50.00
N ASN L 235 47.66 4.70 50.33
CA ASN L 235 47.22 4.40 51.69
C ASN L 235 46.75 2.96 51.84
N ASP L 236 47.12 2.09 50.89
CA ASP L 236 46.80 0.66 50.92
C ASP L 236 45.31 0.41 50.87
N SER L 237 44.52 1.44 50.59
CA SER L 237 43.07 1.33 50.55
C SER L 237 42.52 1.24 49.13
N LEU L 238 43.29 0.65 48.21
CA LEU L 238 42.91 0.56 46.80
C LEU L 238 42.70 1.95 46.19
N THR L 239 43.39 2.94 46.75
CA THR L 239 43.31 4.32 46.31
C THR L 239 44.69 4.92 46.20
N VAL L 240 44.88 5.79 45.22
CA VAL L 240 46.14 6.49 44.99
C VAL L 240 45.84 7.98 44.96
N ASN L 241 46.63 8.75 45.70
CA ASN L 241 46.42 10.19 45.83
C ASN L 241 47.55 10.96 45.16
N GLU L 242 47.29 12.24 44.89
CA GLU L 242 48.26 13.14 44.30
C GLU L 242 48.21 14.47 45.02
N VAL L 243 49.39 15.06 45.25
CA VAL L 243 49.50 16.32 45.98
C VAL L 243 50.43 17.25 45.20
N SER L 244 50.46 18.50 45.64
CA SER L 244 51.33 19.49 45.03
C SER L 244 52.78 19.27 45.48
N ALA L 245 53.68 20.07 44.92
CA ALA L 245 55.10 19.91 45.22
C ALA L 245 55.41 20.32 46.66
N SER L 246 54.83 21.43 47.12
CA SER L 246 55.12 21.90 48.47
C SER L 246 54.67 20.90 49.52
N GLN L 247 53.47 20.34 49.36
CA GLN L 247 52.98 19.37 50.33
C GLN L 247 53.84 18.11 50.34
N ALA L 248 54.24 17.63 49.17
CA ALA L 248 55.10 16.44 49.12
C ALA L 248 56.44 16.71 49.79
N TYR L 249 57.03 17.88 49.52
CA TYR L 249 58.32 18.22 50.13
C TYR L 249 58.19 18.33 51.65
N ASP L 250 57.12 18.95 52.14
CA ASP L 250 56.93 19.08 53.57
C ASP L 250 56.52 17.78 54.24
N GLU L 251 56.02 16.82 53.47
CA GLU L 251 55.53 15.57 54.05
C GLU L 251 56.60 14.49 54.09
N TYR L 252 57.13 14.09 52.93
CA TYR L 252 58.03 12.94 52.95
C TYR L 252 59.36 13.13 52.23
N ILE L 253 59.41 14.01 51.22
CA ILE L 253 60.63 14.17 50.45
C ILE L 253 61.75 14.72 51.32
N ASN L 254 61.44 15.69 52.19
CA ASN L 254 62.45 16.27 53.06
C ASN L 254 63.01 15.22 54.02
N ASP L 255 62.14 14.40 54.60
CA ASP L 255 62.59 13.36 55.51
C ASP L 255 63.46 12.33 54.79
N ILE L 256 63.07 11.97 53.56
CA ILE L 256 63.86 10.99 52.81
C ILE L 256 65.23 11.56 52.47
N ILE L 257 65.29 12.82 52.05
CA ILE L 257 66.52 13.37 51.51
C ILE L 257 67.48 13.77 52.63
N ASN L 258 67.02 14.58 53.58
CA ASN L 258 67.94 15.18 54.54
C ASN L 258 68.12 14.36 55.81
N LYS L 259 67.05 14.08 56.55
CA LYS L 259 67.16 13.43 57.85
C LYS L 259 67.60 11.97 57.75
N ASP L 260 67.51 11.37 56.56
CA ASP L 260 68.05 10.04 56.28
C ASP L 260 67.41 8.98 57.18
N ASP L 261 66.12 8.79 56.96
CA ASP L 261 65.34 7.80 57.68
C ASP L 261 65.39 6.46 56.93
N PHE L 262 64.56 5.52 57.37
CA PHE L 262 64.39 4.26 56.65
C PHE L 262 63.50 4.51 55.42
N TYR L 263 63.10 3.44 54.74
CA TYR L 263 62.25 3.56 53.56
C TYR L 263 60.95 2.81 53.78
N ARG L 264 59.85 3.45 53.38
CA ARG L 264 58.53 2.83 53.41
C ARG L 264 57.81 3.16 52.11
N GLY L 265 56.50 2.89 52.05
CA GLY L 265 55.73 3.24 50.89
C GLY L 265 55.41 4.72 50.82
N GLN L 266 56.45 5.57 50.86
CA GLN L 266 56.24 7.00 50.82
C GLN L 266 55.73 7.45 49.46
N HIS L 267 56.30 6.91 48.39
CA HIS L 267 55.89 7.27 47.04
C HIS L 267 55.90 6.04 46.15
N LEU L 268 55.11 6.11 45.09
CA LEU L 268 54.91 4.99 44.16
C LEU L 268 55.91 5.13 43.02
N ILE L 269 56.99 4.35 43.08
CA ILE L 269 58.01 4.31 42.04
C ILE L 269 58.28 2.85 41.69
N TYR L 270 58.80 2.65 40.47
CA TYR L 270 59.09 1.32 39.95
C TYR L 270 60.52 1.26 39.41
N PRO L 271 61.53 1.33 40.28
CA PRO L 271 62.89 1.06 39.81
C PRO L 271 63.23 -0.43 39.92
N GLY L 272 63.66 -1.02 38.82
CA GLY L 272 63.97 -2.43 38.79
C GLY L 272 63.57 -3.05 37.46
N ALA L 273 64.25 -4.14 37.10
CA ALA L 273 63.97 -4.79 35.83
C ALA L 273 62.63 -5.51 35.86
N ASN L 274 62.33 -6.22 36.95
CA ASN L 274 61.09 -6.99 37.07
C ASN L 274 60.04 -6.12 37.76
N LYS L 275 58.89 -5.97 37.12
CA LYS L 275 57.85 -5.08 37.61
C LYS L 275 56.53 -5.77 37.91
N TYR L 276 56.40 -7.06 37.59
CA TYR L 276 55.17 -7.80 37.87
C TYR L 276 55.14 -8.40 39.27
N SER L 277 56.20 -8.25 40.05
CA SER L 277 56.21 -8.77 41.42
C SER L 277 55.16 -8.05 42.28
N HIS L 278 55.06 -6.73 42.13
CA HIS L 278 54.09 -5.95 42.90
C HIS L 278 52.72 -6.10 42.24
N THR L 279 51.85 -6.90 42.87
CA THR L 279 50.53 -7.20 42.32
C THR L 279 49.41 -6.60 43.15
N ILE L 280 49.65 -5.44 43.75
CA ILE L 280 48.63 -4.75 44.53
C ILE L 280 48.22 -3.49 43.79
N GLY L 281 49.19 -2.81 43.20
CA GLY L 281 48.91 -1.58 42.46
C GLY L 281 48.38 -1.85 41.07
N PHE L 282 47.15 -1.43 40.81
CA PHE L 282 46.53 -1.59 39.51
C PHE L 282 46.80 -0.41 38.58
N VAL L 283 47.50 0.61 39.05
CA VAL L 283 47.81 1.76 38.20
C VAL L 283 48.78 1.36 37.10
N TYR L 284 49.75 0.49 37.41
CA TYR L 284 50.73 0.07 36.42
C TYR L 284 50.07 -0.70 35.27
N GLY L 285 49.08 -1.53 35.58
CA GLY L 285 48.46 -2.36 34.56
C GLY L 285 47.53 -1.65 33.61
N GLU L 286 47.17 -0.39 33.89
CA GLU L 286 46.28 0.36 33.04
C GLU L 286 47.01 1.13 31.95
N MET L 287 48.16 1.73 32.30
CA MET L 287 48.92 2.49 31.32
C MET L 287 49.43 1.61 30.19
N PHE L 288 49.90 0.41 30.52
CA PHE L 288 50.41 -0.49 29.48
C PHE L 288 49.28 -1.01 28.60
N ARG L 289 48.11 -1.25 29.18
CA ARG L 289 46.95 -1.61 28.37
C ARG L 289 46.59 -0.49 27.40
N ARG L 290 46.61 0.76 27.89
CA ARG L 290 46.33 1.89 27.01
C ARG L 290 47.37 2.02 25.90
N PHE L 291 48.65 1.79 26.24
CA PHE L 291 49.72 1.83 25.23
C PHE L 291 49.49 0.76 24.15
N GLY L 292 49.20 -0.47 24.59
CA GLY L 292 48.97 -1.54 23.64
C GLY L 292 47.77 -1.29 22.75
N GLU L 293 46.69 -0.73 23.33
CA GLU L 293 45.54 -0.37 22.52
C GLU L 293 45.87 0.77 21.55
N PHE L 294 46.73 1.70 21.96
CA PHE L 294 47.12 2.81 21.10
C PHE L 294 47.87 2.31 19.87
N ILE L 295 48.82 1.40 20.06
CA ILE L 295 49.67 0.99 18.94
C ILE L 295 48.85 0.27 17.88
N SER L 296 48.01 -0.68 18.29
CA SER L 296 47.21 -1.46 17.36
C SER L 296 46.04 -0.61 16.86
N LYS L 297 46.34 0.24 15.87
CA LYS L 297 45.35 1.14 15.29
C LYS L 297 45.86 1.58 13.93
N PRO L 298 45.00 1.64 12.90
CA PRO L 298 45.47 2.04 11.58
C PRO L 298 45.93 3.49 11.54
N GLN L 299 46.88 3.77 10.64
CA GLN L 299 47.40 5.10 10.39
C GLN L 299 48.01 5.71 11.65
N THR L 300 49.08 5.06 12.11
CA THR L 300 49.75 5.44 13.35
C THR L 300 51.22 5.71 13.10
N ALA L 301 51.75 6.72 13.79
CA ALA L 301 53.15 7.08 13.73
C ALA L 301 53.68 7.26 15.14
N LEU L 302 54.99 7.11 15.30
CA LEU L 302 55.61 7.19 16.63
C LEU L 302 57.03 7.71 16.51
N PHE L 303 57.43 8.52 17.48
CA PHE L 303 58.78 9.05 17.59
C PHE L 303 59.37 8.65 18.95
N ILE L 304 60.64 8.22 18.94
CA ILE L 304 61.30 7.77 20.15
C ILE L 304 62.59 8.56 20.34
N ASN L 305 62.83 9.01 21.57
CA ASN L 305 64.02 9.78 21.90
C ASN L 305 64.31 9.64 23.39
N GLY L 306 65.58 9.46 23.73
CA GLY L 306 66.01 9.38 25.11
C GLY L 306 65.93 8.00 25.73
N PHE L 307 65.49 7.00 24.99
CA PHE L 307 65.35 5.64 25.53
C PHE L 307 66.61 4.85 25.29
N GLY L 308 66.98 4.01 26.27
CA GLY L 308 68.19 3.23 26.21
C GLY L 308 68.03 1.79 25.82
N PHE L 309 66.79 1.31 25.64
CA PHE L 309 66.52 -0.06 25.22
C PHE L 309 67.07 -1.08 26.21
N GLY L 310 66.71 -0.92 27.48
CA GLY L 310 67.09 -1.86 28.52
C GLY L 310 65.89 -2.41 29.26
N ASP L 311 64.74 -2.44 28.60
CA ASP L 311 63.49 -2.90 29.20
C ASP L 311 62.90 -4.00 28.33
N TYR L 312 62.51 -5.11 28.97
CA TYR L 312 62.00 -6.26 28.23
C TYR L 312 60.60 -6.00 27.68
N HIS L 313 59.72 -5.43 28.50
CA HIS L 313 58.31 -5.30 28.12
C HIS L 313 58.15 -4.43 26.87
N ILE L 314 58.76 -3.25 26.88
CA ILE L 314 58.62 -2.34 25.75
C ILE L 314 59.27 -2.93 24.50
N ASN L 315 60.39 -3.64 24.67
CA ASN L 315 61.03 -4.28 23.53
C ASN L 315 60.12 -5.31 22.89
N ARG L 316 59.48 -6.16 23.71
CA ARG L 316 58.55 -7.14 23.17
C ARG L 316 57.38 -6.48 22.48
N ILE L 317 56.82 -5.43 23.09
CA ILE L 317 55.66 -4.75 22.48
C ILE L 317 56.04 -4.15 21.13
N ILE L 318 57.18 -3.47 21.08
CA ILE L 318 57.60 -2.82 19.83
C ILE L 318 57.88 -3.85 18.75
N LEU L 319 58.59 -4.93 19.12
CA LEU L 319 58.92 -5.95 18.13
C LEU L 319 57.67 -6.63 17.60
N GLY L 320 56.70 -6.92 18.47
CA GLY L 320 55.48 -7.58 18.01
C GLY L 320 54.50 -6.66 17.33
N ALA L 321 54.68 -5.34 17.47
CA ALA L 321 53.75 -4.39 16.89
C ALA L 321 54.07 -4.03 15.44
N LEU L 322 55.11 -4.60 14.84
CA LEU L 322 55.54 -4.25 13.50
C LEU L 322 54.85 -5.08 12.42
N LEU L 323 53.88 -5.91 12.79
CA LEU L 323 53.12 -6.70 11.83
C LEU L 323 51.89 -5.95 11.32
N ASN L 324 51.70 -4.70 11.71
CA ASN L 324 50.63 -3.85 11.23
C ASN L 324 51.08 -3.13 9.96
N PRO L 325 50.33 -3.24 8.86
CA PRO L 325 50.78 -2.62 7.60
C PRO L 325 50.84 -1.10 7.62
N SER L 326 50.26 -0.45 8.62
CA SER L 326 50.17 1.01 8.66
C SER L 326 50.72 1.55 9.98
N PHE L 327 51.91 1.08 10.36
CA PHE L 327 52.57 1.52 11.58
C PHE L 327 54.00 1.90 11.24
N HIS L 328 54.35 3.17 11.43
CA HIS L 328 55.65 3.71 11.11
C HIS L 328 56.36 4.16 12.40
N VAL L 329 57.67 3.94 12.46
CA VAL L 329 58.45 4.22 13.65
C VAL L 329 59.73 4.94 13.27
N VAL L 330 60.16 5.89 14.09
CA VAL L 330 61.42 6.59 13.95
C VAL L 330 62.17 6.51 15.28
N ILE L 331 63.42 6.07 15.23
CA ILE L 331 64.22 5.82 16.43
C ILE L 331 65.46 6.69 16.41
N TYR L 332 65.70 7.40 17.51
CA TYR L 332 66.87 8.25 17.67
C TYR L 332 67.86 7.56 18.60
N TYR L 333 69.10 7.41 18.14
CA TYR L 333 70.14 6.74 18.91
C TYR L 333 71.50 7.34 18.59
N PRO L 334 72.16 7.98 19.55
CA PRO L 334 73.39 8.74 19.25
C PRO L 334 74.53 7.87 18.75
N GLU L 335 74.93 6.86 19.52
CA GLU L 335 76.11 6.05 19.22
C GLU L 335 75.67 4.72 18.62
N LEU L 336 75.81 4.62 17.30
CA LEU L 336 75.43 3.43 16.55
C LEU L 336 76.62 2.70 15.94
N LYS L 337 77.67 3.43 15.55
CA LYS L 337 78.85 2.78 14.98
C LYS L 337 79.54 1.88 16.00
N GLU L 338 79.58 2.31 17.26
CA GLU L 338 80.14 1.44 18.30
C GLU L 338 79.34 0.16 18.42
N ALA L 339 78.01 0.26 18.36
CA ALA L 339 77.18 -0.93 18.42
C ALA L 339 77.45 -1.86 17.25
N ILE L 340 77.56 -1.30 16.03
CA ILE L 340 77.81 -2.15 14.87
C ILE L 340 79.17 -2.85 14.99
N THR L 341 80.20 -2.09 15.37
CA THR L 341 81.53 -2.69 15.49
C THR L 341 81.57 -3.76 16.58
N LYS L 342 80.91 -3.50 17.71
CA LYS L 342 80.95 -4.46 18.81
C LYS L 342 80.16 -5.72 18.49
N VAL L 343 78.98 -5.59 17.90
CA VAL L 343 78.15 -6.76 17.60
C VAL L 343 78.73 -7.57 16.44
N SER L 344 79.34 -6.89 15.46
CA SER L 344 79.84 -7.59 14.28
C SER L 344 80.91 -8.62 14.61
N LYS L 345 81.58 -8.50 15.75
CA LYS L 345 82.60 -9.46 16.17
C LYS L 345 82.28 -9.93 17.59
N GLY L 346 82.00 -11.22 17.75
CA GLY L 346 81.75 -11.77 19.06
C GLY L 346 80.33 -11.54 19.54
N GLY L 347 80.16 -10.59 20.44
CA GLY L 347 78.84 -10.29 20.97
C GLY L 347 78.87 -9.02 21.80
N GLY L 348 77.67 -8.61 22.22
CA GLY L 348 77.53 -7.43 23.04
C GLY L 348 76.39 -7.55 24.03
N SER L 349 75.93 -6.42 24.55
CA SER L 349 74.83 -6.42 25.51
C SER L 349 73.49 -6.53 24.77
N GLU L 350 72.40 -6.53 25.54
CA GLU L 350 71.08 -6.71 24.96
C GLU L 350 70.67 -5.51 24.11
N ALA L 351 70.97 -4.30 24.58
CA ALA L 351 70.57 -3.09 23.85
C ALA L 351 71.22 -3.03 22.48
N GLU L 352 72.52 -3.35 22.40
CA GLU L 352 73.22 -3.34 21.13
C GLU L 352 72.59 -4.34 20.16
N LYS L 353 72.30 -5.55 20.64
CA LYS L 353 71.68 -6.55 19.78
C LYS L 353 70.31 -6.10 19.31
N ALA L 354 69.51 -5.51 20.20
CA ALA L 354 68.17 -5.07 19.82
C ALA L 354 68.22 -3.99 18.75
N ILE L 355 69.06 -2.97 18.96
CA ILE L 355 69.11 -1.87 18.00
C ILE L 355 69.70 -2.33 16.68
N VAL L 356 70.70 -3.22 16.71
CA VAL L 356 71.28 -3.71 15.47
C VAL L 356 70.27 -4.56 14.70
N THR L 357 69.52 -5.41 15.41
CA THR L 357 68.50 -6.22 14.74
C THR L 357 67.42 -5.35 14.13
N LEU L 358 67.00 -4.30 14.85
CA LEU L 358 66.01 -3.38 14.29
C LEU L 358 66.54 -2.67 13.07
N LYS L 359 67.83 -2.32 13.06
CA LYS L 359 68.42 -1.63 11.92
C LYS L 359 68.43 -2.49 10.66
N ASN L 360 68.56 -3.81 10.82
CA ASN L 360 68.76 -4.71 9.69
C ASN L 360 67.46 -5.23 9.08
N MET L 361 66.31 -4.79 9.57
CA MET L 361 65.04 -5.25 9.01
C MET L 361 64.87 -4.72 7.59
N ALA L 362 64.13 -5.49 6.78
CA ALA L 362 63.93 -5.19 5.37
C ALA L 362 62.57 -4.56 5.09
N PHE L 363 62.05 -3.78 6.03
CA PHE L 363 60.78 -3.09 5.86
C PHE L 363 61.00 -1.60 5.75
N ASN L 364 60.18 -0.93 4.95
CA ASN L 364 60.27 0.51 4.78
C ASN L 364 59.57 1.29 5.89
N GLN L 365 59.29 0.65 7.02
CA GLN L 365 58.58 1.29 8.11
C GLN L 365 59.45 1.47 9.35
N VAL L 366 60.77 1.29 9.22
CA VAL L 366 61.71 1.49 10.31
C VAL L 366 62.80 2.43 9.85
N THR L 367 63.06 3.47 10.64
CA THR L 367 64.08 4.47 10.35
C THR L 367 64.93 4.70 11.60
N VAL L 368 66.24 4.67 11.45
CA VAL L 368 67.17 4.85 12.56
C VAL L 368 68.07 6.05 12.24
N VAL L 369 68.20 6.95 13.21
CA VAL L 369 69.02 8.15 13.06
C VAL L 369 70.12 8.12 14.11
N GLY L 370 71.37 8.26 13.65
CA GLY L 370 72.51 8.31 14.54
C GLY L 370 73.46 9.41 14.15
N GLY L 371 74.61 9.43 14.81
CA GLY L 371 75.61 10.43 14.50
C GLY L 371 75.96 11.39 15.62
N GLY L 372 75.87 10.92 16.87
CA GLY L 372 76.30 11.72 18.00
C GLY L 372 75.40 12.88 18.35
N SER L 373 75.94 14.10 18.28
CA SER L 373 75.21 15.28 18.68
C SER L 373 74.07 15.63 17.74
N LYS L 374 73.98 15.00 16.57
CA LYS L 374 72.88 15.24 15.66
C LYS L 374 71.61 14.49 16.05
N ALA L 375 71.68 13.60 17.03
CA ALA L 375 70.54 12.81 17.47
C ALA L 375 70.13 13.14 18.91
N TYR L 376 70.29 14.39 19.31
CA TYR L 376 69.92 14.82 20.65
C TYR L 376 68.47 15.34 20.66
N PHE L 377 68.05 15.84 21.82
CA PHE L 377 66.67 16.31 21.96
C PHE L 377 66.42 17.58 21.17
N ASN L 378 67.39 18.52 21.20
CA ASN L 378 67.21 19.77 20.48
C ASN L 378 67.09 19.54 18.98
N SER L 379 67.92 18.65 18.44
CA SER L 379 67.81 18.29 17.03
C SER L 379 66.46 17.61 16.75
N PHE L 380 65.97 16.82 17.70
CA PHE L 380 64.66 16.19 17.53
C PHE L 380 63.56 17.25 17.43
N VAL L 381 63.62 18.28 18.26
CA VAL L 381 62.63 19.34 18.20
C VAL L 381 62.77 20.14 16.91
N GLU L 382 64.00 20.37 16.46
CA GLU L 382 64.23 21.22 15.30
C GLU L 382 63.70 20.58 14.01
N HIS L 383 63.61 19.26 13.96
CA HIS L 383 63.20 18.60 12.72
C HIS L 383 61.71 18.73 12.47
N LEU L 384 60.90 18.85 13.52
CA LEU L 384 59.45 18.92 13.35
C LEU L 384 59.06 20.21 12.62
N PRO L 385 58.11 20.13 11.68
CA PRO L 385 57.80 21.29 10.84
C PRO L 385 56.66 22.14 11.38
N TYR L 386 56.70 23.43 11.02
CA TYR L 386 55.62 24.34 11.27
C TYR L 386 54.50 24.14 10.25
N PRO L 387 53.25 24.37 10.64
CA PRO L 387 52.15 24.21 9.68
C PRO L 387 52.04 25.37 8.71
N VAL L 388 51.36 25.10 7.60
CA VAL L 388 51.09 26.10 6.57
C VAL L 388 49.67 26.61 6.78
N LEU L 389 49.53 27.94 6.95
CA LEU L 389 48.22 28.51 7.24
C LEU L 389 47.36 28.59 5.99
N PHE L 390 47.83 29.31 4.97
CA PHE L 390 47.04 29.51 3.75
C PHE L 390 47.77 28.89 2.57
N PRO L 391 47.36 27.71 2.10
CA PRO L 391 47.99 27.02 0.97
C PRO L 391 47.84 27.80 -0.34
N LEU M 3 -5.20 54.56 -22.83
CA LEU M 3 -5.85 53.96 -21.68
C LEU M 3 -6.91 52.95 -22.13
N PHE M 4 -6.46 51.77 -22.54
CA PHE M 4 -7.32 50.72 -23.06
C PHE M 4 -7.47 49.63 -21.99
N LYS M 5 -8.72 49.29 -21.67
CA LYS M 5 -9.02 48.25 -20.69
C LYS M 5 -9.83 47.16 -21.38
N LEU M 6 -9.19 46.02 -21.65
CA LEU M 6 -9.90 44.90 -22.26
C LEU M 6 -10.90 44.29 -21.28
N THR M 7 -10.53 44.22 -20.00
CA THR M 7 -11.43 43.72 -18.96
C THR M 7 -11.12 44.46 -17.67
N GLU M 8 -12.18 44.73 -16.89
CA GLU M 8 -12.08 45.53 -15.67
C GLU M 8 -11.77 44.69 -14.44
N ILE M 9 -11.31 43.45 -14.62
CA ILE M 9 -10.99 42.58 -13.50
C ILE M 9 -9.53 42.14 -13.62
N SER M 10 -8.88 42.03 -12.47
CA SER M 10 -7.47 41.69 -12.39
C SER M 10 -7.30 40.18 -12.21
N ALA M 11 -6.06 39.73 -12.39
CA ALA M 11 -5.71 38.31 -12.31
C ALA M 11 -4.98 38.03 -11.01
N ILE M 12 -5.21 36.83 -10.46
CA ILE M 12 -4.54 36.40 -9.25
C ILE M 12 -3.46 35.37 -9.51
N GLY M 13 -3.56 34.61 -10.59
CA GLY M 13 -2.55 33.63 -10.90
C GLY M 13 -2.57 33.26 -12.36
N TYR M 14 -2.05 32.07 -12.66
CA TYR M 14 -2.06 31.54 -14.01
C TYR M 14 -1.91 30.03 -13.95
N VAL M 15 -2.70 29.34 -14.77
CA VAL M 15 -2.74 27.87 -14.75
C VAL M 15 -1.40 27.32 -15.22
N VAL M 16 -0.87 26.35 -14.48
CA VAL M 16 0.45 25.81 -14.78
C VAL M 16 0.45 24.32 -15.08
N GLY M 17 -0.54 23.55 -14.64
CA GLY M 17 -0.50 22.12 -14.81
C GLY M 17 -1.87 21.50 -14.81
N LEU M 18 -2.03 20.46 -15.63
CA LEU M 18 -3.26 19.68 -15.70
C LEU M 18 -2.90 18.21 -15.57
N GLU M 19 -3.62 17.50 -14.70
CA GLU M 19 -3.41 16.07 -14.49
C GLU M 19 -4.74 15.34 -14.57
N GLY M 20 -5.54 15.69 -15.56
CA GLY M 20 -6.84 15.07 -15.73
C GLY M 20 -7.98 15.99 -15.37
N GLU M 21 -8.61 15.73 -14.22
CA GLU M 21 -9.75 16.50 -13.75
C GLU M 21 -9.36 17.53 -12.69
N ARG M 22 -8.07 17.72 -12.44
CA ARG M 22 -7.58 18.64 -11.43
C ARG M 22 -6.79 19.77 -12.08
N ILE M 23 -6.90 20.96 -11.49
CA ILE M 23 -6.28 22.16 -12.03
C ILE M 23 -5.31 22.72 -10.99
N ARG M 24 -4.09 23.03 -11.44
CA ARG M 24 -3.04 23.57 -10.59
C ARG M 24 -2.79 25.03 -10.95
N ILE M 25 -2.77 25.89 -9.94
CA ILE M 25 -2.63 27.33 -10.12
C ILE M 25 -1.49 27.84 -9.26
N ASN M 26 -0.69 28.75 -9.82
CA ASN M 26 0.39 29.40 -9.10
C ASN M 26 0.02 30.85 -8.83
N LEU M 27 0.08 31.26 -7.57
CA LEU M 27 -0.34 32.59 -7.17
C LEU M 27 0.76 33.61 -7.43
N HIS M 28 0.35 34.87 -7.52
CA HIS M 28 1.28 35.97 -7.70
C HIS M 28 1.99 36.29 -6.39
N GLU M 29 3.05 37.10 -6.49
CA GLU M 29 3.83 37.44 -5.31
C GLU M 29 3.06 38.37 -4.38
N GLY M 30 2.31 39.31 -4.95
CA GLY M 30 1.71 40.36 -4.13
C GLY M 30 0.65 39.86 -3.18
N LEU M 31 -0.23 38.97 -3.63
CA LEU M 31 -1.39 38.59 -2.85
C LEU M 31 -0.97 37.76 -1.64
N GLN M 32 -1.24 38.29 -0.45
CA GLN M 32 -0.88 37.62 0.80
C GLN M 32 -1.94 37.66 1.88
N GLY M 33 -3.04 38.38 1.71
CA GLY M 33 -3.98 38.59 2.78
C GLY M 33 -5.39 38.10 2.53
N ARG M 34 -5.53 37.09 1.67
CA ARG M 34 -6.77 36.35 1.42
C ARG M 34 -7.91 37.22 0.91
N LEU M 35 -7.66 38.49 0.60
CA LEU M 35 -8.71 39.39 0.13
C LEU M 35 -8.29 40.02 -1.20
N ALA M 36 -9.26 40.16 -2.10
CA ALA M 36 -9.06 40.79 -3.40
C ALA M 36 -10.13 41.86 -3.60
N SER M 37 -9.75 42.98 -4.21
CA SER M 37 -10.64 44.11 -4.40
C SER M 37 -10.95 44.28 -5.88
N HIS M 38 -12.22 44.59 -6.18
CA HIS M 38 -12.68 44.83 -7.53
C HIS M 38 -13.62 46.02 -7.52
N ARG M 39 -14.36 46.19 -8.62
CA ARG M 39 -15.19 47.39 -8.78
C ARG M 39 -16.37 47.43 -7.83
N LYS M 40 -16.83 46.27 -7.33
CA LYS M 40 -18.01 46.23 -6.48
C LYS M 40 -17.69 46.11 -4.99
N GLY M 41 -16.54 45.55 -4.63
CA GLY M 41 -16.19 45.38 -3.23
C GLY M 41 -15.00 44.48 -3.02
N VAL M 42 -15.09 43.57 -2.04
CA VAL M 42 -14.00 42.66 -1.71
C VAL M 42 -14.53 41.24 -1.70
N SER M 43 -13.62 40.28 -1.89
CA SER M 43 -13.97 38.86 -1.91
C SER M 43 -12.78 38.05 -1.38
N SER M 44 -13.04 36.77 -1.15
CA SER M 44 -12.05 35.85 -0.62
C SER M 44 -11.79 34.74 -1.62
N VAL M 45 -10.52 34.41 -1.83
CA VAL M 45 -10.11 33.42 -2.83
C VAL M 45 -9.17 32.39 -2.23
N THR M 46 -8.99 32.44 -0.90
CA THR M 46 -7.99 31.63 -0.23
C THR M 46 -8.57 30.46 0.55
N GLN M 47 -9.61 30.68 1.35
CA GLN M 47 -10.17 29.62 2.17
C GLN M 47 -10.75 28.51 1.29
N PRO M 48 -10.60 27.26 1.70
CA PRO M 48 -11.24 26.16 0.96
C PRO M 48 -12.75 26.27 1.00
N GLY M 49 -13.39 25.92 -0.11
CA GLY M 49 -14.83 26.01 -0.22
C GLY M 49 -15.35 27.23 -0.95
N ASP M 50 -14.46 28.06 -1.50
CA ASP M 50 -14.88 29.24 -2.25
C ASP M 50 -15.03 28.90 -3.73
N LEU M 51 -15.35 29.92 -4.53
CA LEU M 51 -15.57 29.76 -5.96
C LEU M 51 -14.67 30.73 -6.73
N ILE M 52 -13.98 30.22 -7.74
CA ILE M 52 -13.13 31.02 -8.61
C ILE M 52 -13.49 30.69 -10.05
N GLY M 53 -13.08 31.58 -10.96
CA GLY M 53 -13.43 31.46 -12.36
C GLY M 53 -12.22 31.58 -13.27
N PHE M 54 -12.36 30.98 -14.45
CA PHE M 54 -11.34 31.05 -15.49
C PHE M 54 -11.97 31.62 -16.76
N ASP M 55 -11.21 32.45 -17.47
CA ASP M 55 -11.65 33.01 -18.73
C ASP M 55 -11.17 32.17 -19.90
N ALA M 56 -12.07 31.86 -20.82
CA ALA M 56 -11.73 31.05 -22.00
C ALA M 56 -12.71 31.42 -23.10
N GLY M 57 -12.25 32.23 -24.06
CA GLY M 57 -13.07 32.62 -25.17
C GLY M 57 -14.32 33.38 -24.77
N ASN M 58 -15.48 32.88 -25.20
CA ASN M 58 -16.76 33.52 -24.91
C ASN M 58 -17.53 32.82 -23.79
N ILE M 59 -16.85 31.98 -23.00
CA ILE M 59 -17.48 31.28 -21.88
C ILE M 59 -16.62 31.47 -20.63
N LEU M 60 -17.25 31.26 -19.48
CA LEU M 60 -16.61 31.39 -18.18
C LEU M 60 -16.73 30.06 -17.45
N VAL M 61 -15.63 29.58 -16.89
CA VAL M 61 -15.57 28.30 -16.21
C VAL M 61 -15.52 28.53 -14.71
N VAL M 62 -16.39 27.84 -13.97
CA VAL M 62 -16.53 28.01 -12.53
C VAL M 62 -15.95 26.78 -11.83
N ALA M 63 -15.12 27.01 -10.82
CA ALA M 63 -14.44 25.96 -10.10
C ALA M 63 -14.58 26.17 -8.59
N ARG M 64 -14.31 25.10 -7.84
CA ARG M 64 -14.38 25.12 -6.37
C ARG M 64 -13.03 24.72 -5.82
N VAL M 65 -12.55 25.46 -4.82
CA VAL M 65 -11.23 25.23 -4.24
C VAL M 65 -11.31 24.07 -3.26
N THR M 66 -10.29 23.20 -3.28
CA THR M 66 -10.22 22.05 -2.40
C THR M 66 -9.01 22.06 -1.49
N ASP M 67 -7.82 22.31 -2.03
CA ASP M 67 -6.59 22.22 -1.24
C ASP M 67 -5.76 23.49 -1.44
N MET M 68 -4.79 23.66 -0.54
CA MET M 68 -3.88 24.81 -0.57
C MET M 68 -2.65 24.53 0.28
N ALA M 69 -1.46 24.69 -0.30
CA ALA M 69 -0.23 24.39 0.42
C ALA M 69 0.94 25.06 -0.29
N PHE M 70 2.10 25.03 0.37
CA PHE M 70 3.32 25.55 -0.21
C PHE M 70 3.80 24.63 -1.35
N VAL M 71 4.93 24.98 -1.93
CA VAL M 71 5.52 24.19 -3.00
C VAL M 71 6.28 23.01 -2.43
N ILE M 89 11.59 33.25 -2.10
CA ILE M 89 10.18 33.24 -1.77
C ILE M 89 9.55 31.90 -2.16
N PRO M 90 8.86 31.28 -1.21
CA PRO M 90 8.15 30.03 -1.53
C PRO M 90 6.96 30.28 -2.45
N LEU M 91 6.59 29.24 -3.16
CA LEU M 91 5.50 29.29 -4.12
C LEU M 91 4.25 28.63 -3.54
N ARG M 92 3.10 29.17 -3.90
CA ARG M 92 1.82 28.70 -3.41
C ARG M 92 1.05 28.01 -4.53
N GLN M 93 0.24 27.02 -4.14
CA GLN M 93 -0.51 26.23 -5.09
C GLN M 93 -1.96 26.10 -4.64
N ILE M 94 -2.83 25.89 -5.62
CA ILE M 94 -4.26 25.71 -5.38
C ILE M 94 -4.73 24.57 -6.27
N ILE M 95 -5.55 23.68 -5.70
CA ILE M 95 -6.15 22.57 -6.44
C ILE M 95 -7.66 22.80 -6.46
N ALA M 96 -8.27 22.71 -7.65
CA ALA M 96 -9.68 22.99 -7.78
C ALA M 96 -10.31 22.07 -8.81
N TYR M 97 -11.63 21.92 -8.71
CA TYR M 97 -12.42 21.10 -9.62
C TYR M 97 -13.49 21.95 -10.28
N ALA M 98 -13.77 21.67 -11.55
CA ALA M 98 -14.78 22.40 -12.30
C ALA M 98 -16.16 21.81 -12.07
N ILE M 99 -17.17 22.67 -12.03
CA ILE M 99 -18.53 22.25 -11.73
C ILE M 99 -19.53 22.82 -12.74
N GLY M 100 -19.04 23.37 -13.83
CA GLY M 100 -19.92 23.89 -14.86
C GLY M 100 -19.30 25.07 -15.58
N PHE M 101 -20.15 25.81 -16.28
CA PHE M 101 -19.71 26.98 -17.04
C PHE M 101 -20.87 27.95 -17.20
N VAL M 102 -20.53 29.18 -17.59
CA VAL M 102 -21.49 30.27 -17.73
C VAL M 102 -21.37 30.83 -19.14
N LYS M 103 -22.51 31.01 -19.81
CA LYS M 103 -22.55 31.47 -21.19
C LYS M 103 -23.64 32.50 -21.37
N ARG M 104 -23.59 33.18 -22.52
CA ARG M 104 -24.55 34.20 -22.90
C ARG M 104 -25.32 33.71 -24.12
N GLU M 105 -26.65 33.91 -24.11
CA GLU M 105 -27.47 33.46 -25.22
C GLU M 105 -28.13 34.60 -25.99
N LEU M 106 -28.89 35.49 -25.35
CA LEU M 106 -29.51 36.60 -26.06
C LEU M 106 -29.06 37.95 -25.53
N ASN M 107 -29.31 38.25 -24.25
CA ASN M 107 -28.85 39.50 -23.64
C ASN M 107 -28.46 39.36 -22.18
N GLY M 108 -28.62 38.19 -21.58
CA GLY M 108 -28.30 38.00 -20.17
C GLY M 108 -27.31 36.87 -19.99
N TYR M 109 -27.43 36.14 -18.89
CA TYR M 109 -26.52 35.06 -18.59
C TYR M 109 -27.30 33.86 -18.08
N VAL M 110 -26.76 32.66 -18.34
CA VAL M 110 -27.34 31.42 -17.87
C VAL M 110 -26.23 30.54 -17.31
N PHE M 111 -26.65 29.53 -16.56
CA PHE M 111 -25.73 28.57 -15.95
C PHE M 111 -26.05 27.17 -16.44
N ILE M 112 -25.01 26.41 -16.76
CA ILE M 112 -25.14 25.06 -17.29
C ILE M 112 -24.40 24.11 -16.36
N SER M 113 -24.97 22.93 -16.15
CA SER M 113 -24.44 21.94 -15.21
C SER M 113 -23.56 20.90 -15.90
N GLU M 114 -22.83 21.31 -16.94
CA GLU M 114 -21.89 20.42 -17.63
C GLU M 114 -20.48 20.74 -17.16
N ASP M 115 -19.79 19.74 -16.63
CA ASP M 115 -18.47 19.90 -16.05
C ASP M 115 -17.41 19.12 -16.82
N TRP M 116 -17.55 19.04 -18.14
CA TRP M 116 -16.59 18.35 -18.98
C TRP M 116 -15.63 19.31 -19.69
N ARG M 117 -15.67 20.60 -19.36
CA ARG M 117 -14.90 21.62 -20.05
C ARG M 117 -13.76 22.08 -19.15
N LEU M 118 -12.56 22.20 -19.73
CA LEU M 118 -11.37 22.59 -19.00
C LEU M 118 -10.67 23.73 -19.72
N PRO M 119 -9.96 24.58 -18.98
CA PRO M 119 -9.20 25.67 -19.61
C PRO M 119 -7.86 25.15 -20.12
N ALA M 120 -7.08 26.06 -20.70
CA ALA M 120 -5.81 25.75 -21.31
C ALA M 120 -4.66 26.27 -20.45
N LEU M 121 -3.45 25.87 -20.82
CA LEU M 121 -2.25 26.30 -20.10
C LEU M 121 -2.05 27.80 -20.28
N GLY M 122 -1.62 28.47 -19.21
CA GLY M 122 -1.40 29.90 -19.24
C GLY M 122 -2.66 30.73 -19.07
N SER M 123 -3.82 30.11 -18.92
CA SER M 123 -5.05 30.87 -18.76
C SER M 123 -5.07 31.59 -17.42
N SER M 124 -5.83 32.68 -17.37
CA SER M 124 -5.91 33.52 -16.18
C SER M 124 -7.00 33.04 -15.25
N ALA M 125 -6.85 33.38 -13.97
CA ALA M 125 -7.82 33.07 -12.93
C ALA M 125 -8.35 34.36 -12.34
N VAL M 126 -9.68 34.47 -12.25
CA VAL M 126 -10.31 35.69 -11.76
C VAL M 126 -11.30 35.35 -10.65
N PRO M 127 -11.55 36.25 -9.72
CA PRO M 127 -12.58 36.00 -8.72
C PRO M 127 -13.98 36.29 -9.26
N LEU M 128 -14.97 35.76 -8.57
CA LEU M 128 -16.36 35.92 -8.94
C LEU M 128 -16.98 37.06 -8.14
N THR M 129 -17.61 37.99 -8.83
CA THR M 129 -18.19 39.16 -8.20
C THR M 129 -19.53 38.81 -7.56
N SER M 130 -20.15 39.80 -6.92
CA SER M 130 -21.47 39.58 -6.31
C SER M 130 -22.57 39.49 -7.35
N ASP M 131 -22.41 40.11 -8.51
CA ASP M 131 -23.43 40.05 -9.54
C ASP M 131 -23.47 38.68 -10.21
N PHE M 132 -22.31 38.08 -10.47
CA PHE M 132 -22.28 36.74 -11.05
C PHE M 132 -22.81 35.68 -10.10
N LEU M 133 -22.74 35.91 -8.79
CA LEU M 133 -23.25 34.93 -7.84
C LEU M 133 -24.77 34.82 -7.92
N ASN M 134 -25.45 35.90 -8.33
CA ASN M 134 -26.90 35.84 -8.48
C ASN M 134 -27.30 34.92 -9.63
N ILE M 135 -26.54 34.93 -10.71
CA ILE M 135 -26.89 34.13 -11.89
C ILE M 135 -26.84 32.65 -11.57
N ILE M 136 -25.84 32.22 -10.80
CA ILE M 136 -25.71 30.81 -10.46
C ILE M 136 -26.92 30.35 -9.65
N TYR M 137 -27.30 31.13 -8.64
CA TYR M 137 -28.49 30.85 -7.85
C TYR M 137 -29.68 31.66 -8.36
N SER M 138 -30.07 31.38 -9.61
CA SER M 138 -31.15 32.11 -10.24
C SER M 138 -32.10 31.12 -10.91
N ILE M 139 -33.37 31.53 -11.00
CA ILE M 139 -34.38 30.76 -11.68
C ILE M 139 -34.67 31.42 -13.03
N ASP M 140 -35.34 30.68 -13.90
CA ASP M 140 -35.62 31.18 -15.25
C ASP M 140 -36.67 32.29 -15.19
N LYS M 141 -36.72 33.08 -16.27
CA LYS M 141 -37.50 34.32 -16.27
C LYS M 141 -38.99 34.06 -16.12
N GLU M 142 -39.51 33.00 -16.75
CA GLU M 142 -40.96 32.80 -16.80
C GLU M 142 -41.54 32.20 -15.52
N GLU M 143 -40.70 31.78 -14.57
CA GLU M 143 -41.18 31.27 -13.30
C GLU M 143 -41.16 32.32 -12.19
N LEU M 144 -40.79 33.56 -12.51
CA LEU M 144 -40.88 34.63 -11.53
C LEU M 144 -42.30 34.85 -10.98
N PRO M 145 -43.36 34.85 -11.78
CA PRO M 145 -44.70 35.06 -11.20
C PRO M 145 -45.12 33.99 -10.22
N LYS M 146 -44.52 32.80 -10.25
CA LYS M 146 -44.94 31.72 -9.37
C LYS M 146 -43.80 31.26 -8.46
N ALA M 147 -43.08 32.21 -7.88
CA ALA M 147 -41.94 31.90 -7.03
C ALA M 147 -42.15 32.48 -5.63
N VAL M 148 -41.52 31.83 -4.64
CA VAL M 148 -41.59 32.26 -3.24
C VAL M 148 -40.17 32.30 -2.69
N GLU M 149 -40.02 33.03 -1.58
CA GLU M 149 -38.72 33.26 -0.96
C GLU M 149 -38.57 32.44 0.31
N LEU M 150 -37.38 31.87 0.49
CA LEU M 150 -37.06 31.08 1.68
C LEU M 150 -36.09 31.79 2.61
N GLY M 151 -34.95 32.24 2.10
CA GLY M 151 -33.98 32.89 2.93
C GLY M 151 -32.83 33.46 2.13
N VAL M 152 -31.74 33.76 2.83
CA VAL M 152 -30.55 34.33 2.22
C VAL M 152 -29.42 33.30 2.23
N ASP M 153 -28.31 33.64 1.58
CA ASP M 153 -27.18 32.73 1.54
C ASP M 153 -26.45 32.72 2.89
N SER M 154 -25.59 31.73 3.07
CA SER M 154 -24.87 31.55 4.33
C SER M 154 -23.44 32.07 4.26
N ARG M 155 -22.69 31.73 3.21
CA ARG M 155 -21.28 32.08 3.16
C ARG M 155 -21.07 33.57 2.93
N THR M 156 -21.89 34.18 2.07
CA THR M 156 -21.75 35.59 1.74
C THR M 156 -22.88 36.47 2.23
N LYS M 157 -24.09 35.91 2.37
CA LYS M 157 -25.27 36.64 2.85
C LYS M 157 -25.61 37.82 1.95
N THR M 158 -25.60 37.58 0.63
CA THR M 158 -25.89 38.63 -0.34
C THR M 158 -27.01 38.21 -1.30
N VAL M 159 -27.09 36.92 -1.61
CA VAL M 159 -27.99 36.41 -2.63
C VAL M 159 -29.24 35.86 -1.95
N LYS M 160 -30.40 36.12 -2.55
CA LYS M 160 -31.68 35.61 -2.05
C LYS M 160 -32.11 34.42 -2.89
N ILE M 161 -32.52 33.35 -2.22
CA ILE M 161 -32.83 32.07 -2.87
C ILE M 161 -34.33 31.98 -3.08
N PHE M 162 -34.73 31.65 -4.30
CA PHE M 162 -36.13 31.52 -4.68
C PHE M 162 -36.42 30.13 -5.20
N ALA M 163 -37.69 29.75 -5.12
CA ALA M 163 -38.14 28.45 -5.61
C ALA M 163 -39.54 28.59 -6.18
N SER M 164 -39.88 27.73 -7.13
CA SER M 164 -41.14 27.79 -7.84
C SER M 164 -42.16 26.86 -7.17
N VAL M 165 -43.33 27.42 -6.84
CA VAL M 165 -44.37 26.63 -6.17
C VAL M 165 -44.88 25.53 -7.09
N ASP M 166 -44.94 25.80 -8.39
CA ASP M 166 -45.47 24.83 -9.35
C ASP M 166 -44.61 23.58 -9.43
N LYS M 167 -43.38 23.63 -8.93
CA LYS M 167 -42.49 22.47 -8.97
C LYS M 167 -42.27 21.82 -7.62
N LEU M 168 -42.22 22.59 -6.53
CA LEU M 168 -42.10 21.99 -5.21
C LEU M 168 -43.33 21.18 -4.84
N LEU M 169 -44.52 21.77 -5.00
CA LEU M 169 -45.76 21.10 -4.63
C LEU M 169 -46.37 20.36 -5.81
N SER M 170 -45.54 19.59 -6.51
CA SER M 170 -46.00 18.68 -7.56
C SER M 170 -45.73 17.23 -7.19
N ARG M 171 -44.49 16.88 -6.87
CA ARG M 171 -44.15 15.59 -6.32
C ARG M 171 -44.08 15.70 -4.79
N HIS M 172 -43.60 14.64 -4.14
CA HIS M 172 -43.52 14.62 -2.69
C HIS M 172 -42.26 15.34 -2.20
N LEU M 173 -42.39 15.99 -1.06
CA LEU M 173 -41.33 16.81 -0.47
C LEU M 173 -40.99 16.29 0.91
N ALA M 174 -39.71 16.36 1.27
CA ALA M 174 -39.22 15.80 2.53
C ALA M 174 -38.54 16.88 3.35
N VAL M 175 -38.75 16.81 4.67
CA VAL M 175 -38.08 17.68 5.64
C VAL M 175 -37.47 16.79 6.72
N LEU M 176 -36.19 16.99 7.00
CA LEU M 176 -35.46 16.16 7.94
C LEU M 176 -34.66 17.03 8.89
N GLY M 177 -34.28 16.44 10.02
CA GLY M 177 -33.45 17.15 10.97
C GLY M 177 -33.65 16.60 12.37
N SER M 178 -32.86 17.13 13.29
CA SER M 178 -32.97 16.78 14.71
C SER M 178 -34.03 17.66 15.36
N THR M 179 -34.16 17.57 16.68
CA THR M 179 -35.18 18.31 17.40
C THR M 179 -34.61 19.62 17.96
N GLY M 180 -35.43 20.66 17.93
CA GLY M 180 -35.00 21.94 18.47
C GLY M 180 -34.13 22.75 17.54
N TYR M 181 -33.94 22.30 16.31
CA TYR M 181 -33.21 23.05 15.29
C TYR M 181 -34.13 23.67 14.25
N GLY M 182 -35.46 23.58 14.44
CA GLY M 182 -36.38 24.39 13.69
C GLY M 182 -37.01 23.81 12.44
N LYS M 183 -37.60 22.62 12.54
CA LYS M 183 -38.41 22.10 11.44
C LYS M 183 -39.77 22.79 11.38
N SER M 184 -40.38 23.04 12.54
CA SER M 184 -41.71 23.66 12.57
C SER M 184 -41.67 25.07 12.01
N ASN M 185 -40.58 25.79 12.24
CA ASN M 185 -40.45 27.15 11.69
C ASN M 185 -40.48 27.12 10.17
N PHE M 186 -39.71 26.21 9.56
CA PHE M 186 -39.71 26.10 8.11
C PHE M 186 -41.07 25.65 7.59
N ASN M 187 -41.71 24.72 8.28
CA ASN M 187 -43.03 24.27 7.85
C ASN M 187 -44.04 25.42 7.86
N ALA M 188 -44.03 26.22 8.94
CA ALA M 188 -44.94 27.36 9.02
C ALA M 188 -44.63 28.40 7.94
N LEU M 189 -43.34 28.66 7.71
CA LEU M 189 -42.95 29.63 6.69
C LEU M 189 -43.43 29.19 5.31
N LEU M 190 -43.28 27.91 4.99
CA LEU M 190 -43.72 27.43 3.68
C LEU M 190 -45.24 27.45 3.57
N THR M 191 -45.95 27.04 4.62
CA THR M 191 -47.40 26.94 4.54
C THR M 191 -48.07 28.31 4.45
N ARG M 192 -47.60 29.28 5.24
CA ARG M 192 -48.30 30.56 5.30
C ARG M 192 -48.17 31.33 3.99
N LYS M 193 -47.00 31.29 3.35
CA LYS M 193 -46.79 32.03 2.12
C LYS M 193 -47.69 31.53 0.99
N VAL M 194 -47.86 30.21 0.87
CA VAL M 194 -48.63 29.66 -0.23
C VAL M 194 -50.09 30.06 -0.13
N SER M 195 -50.63 30.15 1.09
CA SER M 195 -52.04 30.47 1.27
C SER M 195 -52.37 31.86 0.70
N GLU M 196 -51.50 32.84 0.96
CA GLU M 196 -51.76 34.19 0.47
C GLU M 196 -51.63 34.29 -1.05
N LYS M 197 -50.60 33.66 -1.60
CA LYS M 197 -50.35 33.77 -3.04
C LYS M 197 -51.45 33.09 -3.85
N TYR M 198 -51.92 31.94 -3.40
CA TYR M 198 -52.98 31.19 -4.06
C TYR M 198 -54.15 31.04 -3.10
N PRO M 199 -55.13 31.94 -3.13
CA PRO M 199 -56.26 31.84 -2.20
C PRO M 199 -57.06 30.55 -2.35
N ASN M 200 -57.05 29.94 -3.53
CA ASN M 200 -57.82 28.71 -3.76
C ASN M 200 -56.87 27.52 -3.76
N SER M 201 -56.70 26.94 -2.57
CA SER M 201 -55.86 25.76 -2.41
C SER M 201 -56.37 24.95 -1.22
N ARG M 202 -56.01 23.67 -1.19
CA ARG M 202 -56.44 22.75 -0.15
C ARG M 202 -55.22 22.29 0.63
N ILE M 203 -55.21 22.56 1.94
CA ILE M 203 -54.12 22.15 2.82
C ILE M 203 -54.70 21.51 4.07
N VAL M 204 -54.18 20.34 4.44
CA VAL M 204 -54.61 19.63 5.64
C VAL M 204 -53.36 19.32 6.47
N ILE M 205 -53.42 19.60 7.76
CA ILE M 205 -52.29 19.44 8.67
C ILE M 205 -52.66 18.45 9.75
N PHE M 206 -51.82 17.43 9.93
CA PHE M 206 -51.90 16.54 11.09
C PHE M 206 -51.02 17.11 12.20
N ASP M 207 -51.65 17.59 13.26
CA ASP M 207 -50.94 18.18 14.39
C ASP M 207 -50.87 17.19 15.54
N ILE M 208 -49.69 17.06 16.12
CA ILE M 208 -49.48 16.13 17.22
C ILE M 208 -49.20 16.84 18.55
N ASN M 209 -48.67 18.06 18.54
CA ASN M 209 -48.40 18.79 19.76
C ASN M 209 -49.30 20.00 19.99
N GLY M 210 -49.94 20.52 18.95
CA GLY M 210 -50.84 21.65 19.12
C GLY M 210 -50.14 22.99 19.09
N GLU M 211 -49.46 23.29 17.99
CA GLU M 211 -48.64 24.51 17.96
C GLU M 211 -48.92 25.41 16.75
N TYR M 212 -49.74 24.95 15.82
CA TYR M 212 -50.01 25.74 14.62
C TYR M 212 -51.23 26.64 14.74
N ALA M 213 -51.87 26.70 15.90
CA ALA M 213 -53.00 27.60 16.07
C ALA M 213 -52.56 29.06 15.95
N GLN M 214 -51.42 29.41 16.54
CA GLN M 214 -50.93 30.78 16.51
C GLN M 214 -50.25 31.13 15.19
N ALA M 215 -49.90 30.12 14.38
CA ALA M 215 -49.21 30.37 13.12
C ALA M 215 -50.15 30.81 12.00
N PHE M 216 -51.47 30.80 12.24
CA PHE M 216 -52.42 31.19 11.21
C PHE M 216 -53.30 32.34 11.69
N THR M 217 -52.71 33.35 12.30
CA THR M 217 -53.45 34.50 12.80
C THR M 217 -53.57 35.54 11.69
N GLY M 218 -54.81 35.87 11.33
CA GLY M 218 -55.09 36.88 10.33
C GLY M 218 -55.46 36.36 8.97
N ILE M 219 -55.22 35.09 8.69
CA ILE M 219 -55.54 34.47 7.40
C ILE M 219 -56.97 33.97 7.46
N PRO M 220 -57.84 34.40 6.54
CA PRO M 220 -59.26 34.02 6.63
C PRO M 220 -59.51 32.62 6.11
N ASN M 221 -60.76 32.17 6.31
CA ASN M 221 -61.27 30.91 5.77
C ASN M 221 -60.46 29.72 6.29
N VAL M 222 -60.48 29.55 7.61
CA VAL M 222 -59.78 28.45 8.28
C VAL M 222 -60.64 27.95 9.42
N LYS M 223 -60.64 26.62 9.62
CA LYS M 223 -61.40 25.99 10.68
C LYS M 223 -60.45 25.15 11.54
N HIS M 224 -60.81 25.00 12.82
CA HIS M 224 -59.97 24.33 13.80
C HIS M 224 -60.77 23.22 14.46
N THR M 225 -60.20 22.02 14.52
CA THR M 225 -60.87 20.84 15.05
C THR M 225 -60.00 20.20 16.13
N ILE M 226 -60.62 19.86 17.26
CA ILE M 226 -59.94 19.19 18.36
C ILE M 226 -60.57 17.82 18.56
N LEU M 227 -59.73 16.80 18.62
CA LEU M 227 -60.17 15.43 18.85
C LEU M 227 -60.18 15.15 20.33
N GLY M 228 -61.26 14.55 20.83
CA GLY M 228 -61.41 14.29 22.24
C GLY M 228 -62.86 14.34 22.69
N GLU M 229 -63.08 14.78 23.93
CA GLU M 229 -64.41 14.83 24.50
C GLU M 229 -64.70 16.21 25.05
N SER M 230 -65.93 16.66 24.84
CA SER M 230 -66.35 17.95 25.37
C SER M 230 -66.59 17.84 26.88
N PRO M 231 -66.29 18.89 27.64
CA PRO M 231 -66.54 18.82 29.09
C PRO M 231 -68.00 19.12 29.44
N ASN M 232 -68.76 19.65 28.48
CA ASN M 232 -70.14 20.03 28.71
C ASN M 232 -71.09 19.03 28.07
N VAL M 233 -72.26 18.88 28.68
CA VAL M 233 -73.28 17.99 28.13
C VAL M 233 -73.78 18.51 26.79
N ASP M 234 -74.04 19.81 26.70
CA ASP M 234 -74.48 20.45 25.48
C ASP M 234 -73.43 21.47 25.04
N SER M 235 -73.13 21.50 23.75
CA SER M 235 -72.08 22.35 23.20
C SER M 235 -72.67 23.27 22.14
N LEU M 236 -72.23 24.53 22.18
CA LEU M 236 -72.62 25.54 21.20
C LEU M 236 -71.45 25.72 20.23
N GLU M 237 -71.69 25.41 18.96
CA GLU M 237 -70.64 25.41 17.95
C GLU M 237 -70.60 26.77 17.26
N LYS M 238 -69.39 27.28 17.03
CA LYS M 238 -69.18 28.57 16.39
C LYS M 238 -69.04 28.36 14.88
N LYS M 239 -69.14 29.46 14.14
CA LYS M 239 -69.05 29.43 12.69
C LYS M 239 -68.38 30.71 12.20
N GLN M 240 -67.97 30.69 10.93
CA GLN M 240 -67.40 31.84 10.26
C GLN M 240 -68.33 32.27 9.12
N GLN M 241 -68.34 33.57 8.85
CA GLN M 241 -69.23 34.11 7.82
C GLN M 241 -68.56 34.09 6.44
N LYS M 242 -67.99 32.94 6.09
CA LYS M 242 -67.41 32.70 4.77
C LYS M 242 -66.41 33.79 4.39
N GLY M 243 -65.30 33.84 5.13
CA GLY M 243 -64.21 34.71 4.74
C GLY M 243 -63.84 35.83 5.70
N GLU M 244 -64.02 35.61 6.99
CA GLU M 244 -63.62 36.59 7.99
C GLU M 244 -62.25 36.26 8.57
N LEU M 245 -61.65 37.25 9.23
CA LEU M 245 -60.37 37.06 9.87
C LEU M 245 -60.48 36.06 11.02
N TYR M 246 -59.38 35.40 11.31
CA TYR M 246 -59.37 34.29 12.26
C TYR M 246 -58.65 34.66 13.55
N SER M 247 -59.19 34.18 14.67
CA SER M 247 -58.61 34.35 15.98
C SER M 247 -58.51 32.99 16.65
N GLU M 248 -57.96 32.97 17.86
CA GLU M 248 -57.70 31.73 18.59
C GLU M 248 -58.87 31.32 19.49
N GLU M 249 -60.11 31.71 19.15
CA GLU M 249 -61.26 31.40 19.97
C GLU M 249 -62.34 30.67 19.18
N TYR M 250 -61.95 29.84 18.22
CA TYR M 250 -62.89 29.04 17.44
C TYR M 250 -62.35 27.63 17.30
N TYR M 251 -63.12 26.65 17.77
CA TYR M 251 -62.71 25.25 17.69
C TYR M 251 -63.95 24.36 17.84
N CYS M 252 -63.76 23.08 17.53
CA CYS M 252 -64.83 22.10 17.58
C CYS M 252 -64.30 20.79 18.15
N TYR M 253 -65.22 19.95 18.61
CA TYR M 253 -64.91 18.65 19.19
C TYR M 253 -65.65 17.57 18.40
N LYS M 254 -65.00 16.41 18.26
CA LYS M 254 -65.61 15.30 17.55
C LYS M 254 -64.96 14.00 17.96
N LYS M 255 -65.73 12.91 17.85
CA LYS M 255 -65.23 11.56 18.05
C LYS M 255 -65.61 10.71 16.85
N ILE M 256 -64.65 9.94 16.36
CA ILE M 256 -64.86 9.16 15.14
C ILE M 256 -65.76 7.96 15.44
N PRO M 257 -66.81 7.72 14.67
CA PRO M 257 -67.59 6.48 14.85
C PRO M 257 -66.82 5.29 14.29
N TYR M 258 -67.01 4.13 14.94
CA TYR M 258 -66.19 2.97 14.60
C TYR M 258 -66.63 2.30 13.31
N GLN M 259 -67.83 2.59 12.82
CA GLN M 259 -68.33 1.95 11.61
C GLN M 259 -67.65 2.46 10.34
N ALA M 260 -66.83 3.50 10.45
CA ALA M 260 -66.17 4.05 9.27
C ALA M 260 -65.05 3.15 8.75
N LEU M 261 -64.48 2.30 9.61
CA LEU M 261 -63.34 1.49 9.20
C LEU M 261 -63.71 0.40 8.22
N GLY M 262 -64.98 0.01 8.13
CA GLY M 262 -65.42 -0.93 7.13
C GLY M 262 -65.15 -2.38 7.50
N PHE M 263 -65.38 -3.23 6.50
CA PHE M 263 -65.26 -4.68 6.70
C PHE M 263 -63.82 -5.09 6.94
N ALA M 264 -62.90 -4.62 6.08
CA ALA M 264 -61.50 -5.00 6.21
C ALA M 264 -60.80 -4.27 7.35
N GLY M 265 -61.22 -3.05 7.66
CA GLY M 265 -60.56 -2.28 8.69
C GLY M 265 -60.66 -2.91 10.07
N LEU M 266 -61.86 -3.37 10.44
CA LEU M 266 -62.03 -4.04 11.72
C LEU M 266 -61.22 -5.32 11.79
N ILE M 267 -61.18 -6.08 10.70
CA ILE M 267 -60.40 -7.32 10.69
C ILE M 267 -58.91 -7.01 10.87
N LYS M 268 -58.42 -5.97 10.19
CA LYS M 268 -57.02 -5.59 10.35
C LYS M 268 -56.73 -5.11 11.76
N LEU M 269 -57.68 -4.39 12.37
CA LEU M 269 -57.48 -3.90 13.74
C LEU M 269 -57.43 -5.05 14.73
N LEU M 270 -58.39 -5.97 14.65
CA LEU M 270 -58.44 -7.06 15.64
C LEU M 270 -57.35 -8.09 15.38
N ARG M 271 -56.95 -8.29 14.12
CA ARG M 271 -55.82 -9.12 13.75
C ARG M 271 -55.99 -10.56 14.25
N PRO M 272 -56.92 -11.33 13.69
CA PRO M 272 -57.09 -12.71 14.11
C PRO M 272 -56.22 -13.67 13.28
N SER M 273 -56.15 -14.91 13.78
CA SER M 273 -55.41 -15.94 13.08
C SER M 273 -56.18 -16.41 11.85
N ASP M 274 -55.54 -17.26 11.05
CA ASP M 274 -56.09 -17.71 9.77
C ASP M 274 -56.39 -19.19 9.77
N LYS M 275 -56.70 -19.78 10.93
CA LYS M 275 -57.01 -21.19 11.03
C LYS M 275 -58.45 -21.44 11.45
N THR M 276 -58.87 -20.94 12.61
CA THR M 276 -60.22 -21.15 13.10
C THR M 276 -60.91 -19.89 13.63
N GLN M 277 -60.23 -18.75 13.67
CA GLN M 277 -60.82 -17.51 14.17
C GLN M 277 -61.28 -16.57 13.07
N LEU M 278 -60.59 -16.57 11.92
CA LEU M 278 -61.00 -15.71 10.82
C LEU M 278 -62.40 -16.04 10.30
N PRO M 279 -62.76 -17.30 10.05
CA PRO M 279 -64.16 -17.58 9.67
C PRO M 279 -65.17 -17.14 10.71
N ALA M 280 -64.86 -17.30 11.99
CA ALA M 280 -65.77 -16.86 13.03
C ALA M 280 -65.95 -15.34 13.01
N LEU M 281 -64.86 -14.61 12.84
CA LEU M 281 -64.95 -13.16 12.78
C LEU M 281 -65.73 -12.70 11.54
N ARG M 282 -65.51 -13.37 10.41
CA ARG M 282 -66.27 -13.01 9.21
C ARG M 282 -67.76 -13.26 9.40
N ASN M 283 -68.11 -14.42 9.96
CA ASN M 283 -69.52 -14.73 10.19
C ASN M 283 -70.15 -13.75 11.15
N ALA M 284 -69.42 -13.36 12.20
CA ALA M 284 -69.93 -12.33 13.11
C ALA M 284 -70.10 -11.00 12.38
N LEU M 285 -69.15 -10.64 11.51
CA LEU M 285 -69.23 -9.37 10.81
C LEU M 285 -70.32 -9.35 9.76
N SER M 286 -70.82 -10.52 9.36
CA SER M 286 -71.89 -10.59 8.36
C SER M 286 -73.28 -10.58 8.98
N ALA M 287 -73.40 -10.36 10.29
CA ALA M 287 -74.69 -10.52 10.98
C ALA M 287 -75.07 -9.33 11.84
N ILE M 288 -74.37 -8.20 11.71
CA ILE M 288 -74.76 -7.01 12.46
C ILE M 288 -76.12 -6.51 11.99
N ASN M 289 -76.46 -6.77 10.72
CA ASN M 289 -77.69 -6.24 10.15
C ASN M 289 -78.95 -6.81 10.82
N ARG M 290 -78.82 -7.90 11.58
CA ARG M 290 -79.96 -8.58 12.19
C ARG M 290 -79.71 -8.85 13.67
N THR M 291 -79.22 -7.84 14.38
CA THR M 291 -79.00 -7.93 15.81
C THR M 291 -79.68 -6.76 16.50
N HIS M 292 -80.45 -7.06 17.55
CA HIS M 292 -81.22 -6.05 18.28
C HIS M 292 -80.63 -5.82 19.66
N PHE M 293 -80.76 -4.57 20.13
CA PHE M 293 -80.26 -4.18 21.44
C PHE M 293 -81.28 -3.29 22.14
N LYS M 294 -81.50 -3.58 23.42
CA LYS M 294 -82.32 -2.72 24.29
C LYS M 294 -82.14 -3.17 25.72
N SER M 295 -82.05 -2.20 26.63
CA SER M 295 -81.99 -2.44 28.07
C SER M 295 -80.87 -3.41 28.44
N ARG M 296 -79.68 -3.15 27.91
CA ARG M 296 -78.47 -3.91 28.22
C ARG M 296 -78.66 -5.41 27.96
N ASN M 297 -79.37 -5.71 26.87
CA ASN M 297 -79.62 -7.10 26.47
C ASN M 297 -79.39 -7.24 24.97
N ILE M 298 -79.06 -8.46 24.56
CA ILE M 298 -78.86 -8.79 23.15
C ILE M 298 -79.74 -9.99 22.82
N TYR M 299 -80.56 -9.84 21.77
CA TYR M 299 -81.48 -10.89 21.38
C TYR M 299 -81.77 -10.81 19.89
N LEU M 300 -82.26 -11.92 19.35
CA LEU M 300 -82.67 -12.03 17.96
C LEU M 300 -84.20 -12.14 17.88
N GLU M 301 -84.73 -12.13 16.66
CA GLU M 301 -86.17 -12.20 16.48
C GLU M 301 -86.46 -12.79 15.10
N LYS M 302 -87.62 -13.44 15.00
CA LYS M 302 -88.10 -14.03 13.75
C LYS M 302 -89.03 -13.06 13.04
N ASP M 303 -89.53 -13.49 11.88
CA ASP M 303 -90.51 -12.70 11.15
C ASP M 303 -91.80 -12.54 11.96
N ASP M 304 -92.27 -13.64 12.55
CA ASP M 304 -93.49 -13.62 13.36
C ASP M 304 -93.30 -14.63 14.49
N GLY M 305 -92.91 -14.14 15.66
CA GLY M 305 -92.69 -15.02 16.79
C GLY M 305 -92.01 -14.35 17.97
N GLU M 306 -91.39 -15.16 18.83
CA GLU M 306 -90.80 -14.69 20.06
C GLU M 306 -89.34 -14.29 19.82
N THR M 307 -88.59 -14.13 20.90
CA THR M 307 -87.20 -13.67 20.85
C THR M 307 -86.27 -14.80 21.26
N PHE M 308 -84.98 -14.49 21.35
CA PHE M 308 -83.96 -15.47 21.72
C PHE M 308 -82.73 -14.73 22.24
N LEU M 309 -82.44 -14.90 23.53
CA LEU M 309 -81.33 -14.23 24.18
C LEU M 309 -80.00 -14.85 23.79
N LEU M 310 -78.95 -14.04 23.88
CA LEU M 310 -77.58 -14.49 23.66
C LEU M 310 -76.75 -14.20 24.90
N TYR M 311 -75.84 -15.11 25.22
CA TYR M 311 -75.04 -15.03 26.44
C TYR M 311 -73.56 -15.03 26.10
N ASP M 312 -72.80 -14.19 26.82
CA ASP M 312 -71.35 -14.11 26.66
C ASP M 312 -70.61 -15.23 27.36
N ASP M 313 -71.24 -15.92 28.31
CA ASP M 313 -70.61 -17.00 29.05
C ASP M 313 -70.81 -18.31 28.31
N CYS M 314 -70.48 -19.42 28.97
CA CYS M 314 -70.74 -20.76 28.46
C CYS M 314 -71.88 -21.42 29.25
N ARG M 315 -72.85 -20.61 29.68
CA ARG M 315 -73.94 -21.09 30.50
C ARG M 315 -74.91 -21.91 29.67
N ASP M 316 -75.63 -22.81 30.35
CA ASP M 316 -76.61 -23.69 29.72
C ASP M 316 -78.02 -23.26 30.15
N THR M 317 -78.61 -22.36 29.37
CA THR M 317 -79.97 -21.88 29.60
C THR M 317 -80.67 -21.78 28.26
N ASN M 318 -81.67 -22.63 28.03
CA ASN M 318 -82.36 -22.71 26.74
C ASN M 318 -81.37 -22.95 25.61
N GLN M 319 -80.45 -23.87 25.83
CA GLN M 319 -79.41 -24.18 24.85
C GLN M 319 -79.72 -25.45 24.05
N SER M 320 -80.96 -25.94 24.10
CA SER M 320 -81.34 -27.14 23.38
C SER M 320 -81.67 -26.89 21.92
N LYS M 321 -81.73 -25.63 21.49
CA LYS M 321 -82.02 -25.28 20.10
C LYS M 321 -81.12 -24.16 19.64
N LEU M 322 -79.87 -24.14 20.12
CA LEU M 322 -78.92 -23.12 19.71
C LEU M 322 -78.56 -23.28 18.23
N ALA M 323 -78.44 -24.52 17.76
CA ALA M 323 -78.06 -24.75 16.36
C ALA M 323 -79.13 -24.24 15.41
N GLU M 324 -80.40 -24.40 15.77
CA GLU M 324 -81.49 -24.05 14.86
C GLU M 324 -81.50 -22.55 14.55
N TRP M 325 -81.48 -21.72 15.59
CA TRP M 325 -81.57 -20.27 15.36
C TRP M 325 -80.33 -19.75 14.64
N LEU M 326 -79.15 -20.24 15.01
CA LEU M 326 -77.93 -19.78 14.35
C LEU M 326 -77.92 -20.20 12.88
N ASP M 327 -78.33 -21.43 12.59
CA ASP M 327 -78.40 -21.89 11.22
C ASP M 327 -79.40 -21.07 10.41
N LEU M 328 -80.54 -20.75 11.02
CA LEU M 328 -81.55 -19.95 10.33
C LEU M 328 -81.02 -18.54 10.07
N LEU M 329 -80.26 -17.97 11.01
CA LEU M 329 -79.67 -16.66 10.80
C LEU M 329 -78.61 -16.67 9.71
N ARG M 330 -77.81 -17.73 9.64
CA ARG M 330 -76.73 -17.77 8.66
C ARG M 330 -77.25 -17.72 7.22
N ARG M 331 -78.47 -18.19 6.99
CA ARG M 331 -79.07 -18.24 5.66
C ARG M 331 -79.87 -16.99 5.33
N ARG M 332 -79.83 -15.96 6.18
CA ARG M 332 -80.49 -14.68 5.94
C ARG M 332 -82.00 -14.88 5.80
N ARG M 333 -82.61 -15.37 6.87
CA ARG M 333 -84.02 -15.74 6.86
C ARG M 333 -84.74 -15.27 8.11
N LEU M 334 -84.44 -14.06 8.59
CA LEU M 334 -85.12 -13.51 9.75
C LEU M 334 -85.13 -11.99 9.67
N LYS M 335 -85.69 -11.37 10.70
CA LYS M 335 -85.97 -9.94 10.69
C LYS M 335 -84.69 -9.12 10.75
N ARG M 336 -84.79 -7.86 10.34
CA ARG M 336 -83.66 -6.94 10.26
C ARG M 336 -83.89 -5.76 11.18
N THR M 337 -82.80 -5.05 11.50
CA THR M 337 -82.83 -3.89 12.37
C THR M 337 -82.35 -2.66 11.61
N ASN M 338 -82.77 -1.49 12.09
CA ASN M 338 -82.43 -0.22 11.45
C ASN M 338 -81.60 0.69 12.36
N VAL M 339 -81.10 0.18 13.48
CA VAL M 339 -80.29 0.95 14.41
C VAL M 339 -78.98 0.22 14.64
N TRP M 340 -77.86 0.95 14.55
CA TRP M 340 -76.56 0.35 14.76
C TRP M 340 -76.43 -0.12 16.21
N PRO M 341 -75.95 -1.35 16.44
CA PRO M 341 -75.84 -1.85 17.81
C PRO M 341 -74.52 -1.42 18.44
N PRO M 342 -74.41 -1.50 19.76
CA PRO M 342 -73.14 -1.16 20.42
C PRO M 342 -71.99 -2.03 19.94
N PHE M 343 -70.77 -1.59 20.24
CA PHE M 343 -69.58 -2.25 19.74
C PHE M 343 -69.34 -3.59 20.44
N LYS M 344 -69.65 -3.67 21.73
CA LYS M 344 -69.30 -4.86 22.52
C LYS M 344 -70.11 -6.09 22.14
N SER M 345 -71.14 -5.96 21.31
CA SER M 345 -71.93 -7.13 20.90
C SER M 345 -71.11 -8.09 20.05
N LEU M 346 -69.99 -7.64 19.48
CA LEU M 346 -69.16 -8.52 18.67
C LEU M 346 -68.59 -9.66 19.49
N ALA M 347 -68.25 -9.41 20.76
CA ALA M 347 -67.73 -10.47 21.61
C ALA M 347 -68.76 -11.59 21.78
N THR M 348 -70.01 -11.22 22.08
CA THR M 348 -71.06 -12.23 22.23
C THR M 348 -71.30 -12.96 20.93
N LEU M 349 -71.34 -12.23 19.81
CA LEU M 349 -71.57 -12.88 18.51
C LEU M 349 -70.48 -13.90 18.20
N VAL M 350 -69.21 -13.51 18.40
CA VAL M 350 -68.09 -14.40 18.11
C VAL M 350 -68.11 -15.60 19.04
N ALA M 351 -68.39 -15.39 20.32
CA ALA M 351 -68.43 -16.50 21.26
C ALA M 351 -69.53 -17.48 20.90
N GLU M 352 -70.72 -16.98 20.52
CA GLU M 352 -71.80 -17.86 20.13
C GLU M 352 -71.45 -18.64 18.87
N PHE M 353 -70.81 -17.99 17.89
CA PHE M 353 -70.47 -18.68 16.65
C PHE M 353 -69.40 -19.74 16.88
N GLY M 354 -68.49 -19.50 17.83
CA GLY M 354 -67.41 -20.44 18.05
C GLY M 354 -67.68 -21.51 19.09
N CYS M 355 -68.72 -21.34 19.91
CA CYS M 355 -69.01 -22.26 20.99
C CYS M 355 -70.10 -23.28 20.63
N VAL M 356 -70.63 -23.24 19.41
CA VAL M 356 -71.73 -24.12 19.04
C VAL M 356 -71.23 -25.55 18.88
N ALA M 357 -71.97 -26.50 19.44
CA ALA M 357 -71.67 -27.92 19.30
C ALA M 357 -72.98 -28.68 19.21
N ALA M 358 -72.88 -30.00 19.14
CA ALA M 358 -74.04 -30.88 19.02
C ALA M 358 -74.06 -31.88 20.16
N ASP M 359 -75.26 -32.17 20.67
CA ASP M 359 -75.42 -33.14 21.74
C ASP M 359 -75.69 -34.53 21.18
N ARG M 360 -75.45 -35.54 22.01
CA ARG M 360 -75.66 -36.92 21.59
C ARG M 360 -77.14 -37.30 21.59
N SER M 361 -77.93 -36.72 22.49
CA SER M 361 -79.34 -37.08 22.63
C SER M 361 -80.25 -36.24 21.73
N ASN M 362 -79.94 -36.19 20.44
CA ASN M 362 -80.74 -35.48 19.45
C ASN M 362 -80.97 -34.03 19.84
N GLY M 363 -79.92 -33.38 20.38
CA GLY M 363 -80.02 -32.02 20.84
C GLY M 363 -78.77 -31.23 20.50
N SER M 364 -78.76 -29.99 20.96
CA SER M 364 -77.63 -29.09 20.79
C SER M 364 -76.91 -28.91 22.13
N LYS M 365 -75.59 -29.05 22.09
CA LYS M 365 -74.76 -28.94 23.28
C LYS M 365 -73.86 -27.72 23.18
N ARG M 366 -73.65 -27.06 24.32
CA ARG M 366 -72.76 -25.90 24.41
C ARG M 366 -71.55 -26.33 25.23
N ASP M 367 -70.54 -26.85 24.54
CA ASP M 367 -69.38 -27.42 25.20
C ASP M 367 -68.41 -26.32 25.65
N ALA M 368 -67.52 -26.70 26.56
CA ALA M 368 -66.54 -25.77 27.10
C ALA M 368 -65.20 -25.82 26.37
N PHE M 369 -65.00 -26.78 25.46
CA PHE M 369 -63.75 -26.84 24.71
C PHE M 369 -63.71 -25.81 23.60
N GLY M 370 -64.86 -25.53 22.97
CA GLY M 370 -64.90 -24.60 21.86
C GLY M 370 -64.66 -23.15 22.26
N PHE M 371 -64.73 -22.83 23.54
CA PHE M 371 -64.44 -21.47 23.98
C PHE M 371 -62.94 -21.19 23.98
N SER M 372 -62.12 -22.23 24.15
CA SER M 372 -60.68 -22.04 24.33
C SER M 372 -60.02 -21.53 23.05
N ASN M 373 -60.33 -22.15 21.91
CA ASN M 373 -59.61 -21.81 20.68
C ASN M 373 -60.01 -20.44 20.13
N VAL M 374 -61.04 -19.79 20.67
CA VAL M 374 -61.41 -18.44 20.29
C VAL M 374 -61.33 -17.48 21.46
N LEU M 375 -60.89 -17.93 22.63
CA LEU M 375 -60.78 -17.03 23.78
C LEU M 375 -59.85 -15.84 23.56
N PRO M 376 -58.67 -15.98 22.92
CA PRO M 376 -57.83 -14.78 22.73
C PRO M 376 -58.52 -13.65 21.99
N LEU M 377 -59.34 -13.96 20.98
CA LEU M 377 -60.00 -12.90 20.22
C LEU M 377 -61.03 -12.17 21.06
N VAL M 378 -61.88 -12.92 21.78
CA VAL M 378 -62.87 -12.29 22.63
C VAL M 378 -62.20 -11.55 23.79
N LYS M 379 -61.00 -11.98 24.19
CA LYS M 379 -60.26 -11.24 25.21
C LYS M 379 -59.76 -9.91 24.66
N ILE M 380 -59.22 -9.91 23.44
CA ILE M 380 -58.74 -8.68 22.83
C ILE M 380 -59.89 -7.70 22.59
N ILE M 381 -61.03 -8.19 22.11
CA ILE M 381 -62.17 -7.31 21.86
C ILE M 381 -62.66 -6.67 23.15
N GLN M 382 -62.77 -7.47 24.21
CA GLN M 382 -63.24 -6.94 25.49
C GLN M 382 -62.23 -5.96 26.08
N GLN M 383 -60.93 -6.24 25.94
CA GLN M 383 -59.91 -5.40 26.56
C GLN M 383 -59.93 -3.99 25.99
N LEU M 384 -60.30 -3.83 24.72
CA LEU M 384 -60.30 -2.51 24.09
C LEU M 384 -61.58 -1.74 24.37
N ALA M 385 -62.60 -2.39 24.92
CA ALA M 385 -63.88 -1.74 25.18
C ALA M 385 -63.97 -1.11 26.56
N GLU M 386 -63.08 -1.47 27.48
CA GLU M 386 -63.10 -0.93 28.83
C GLU M 386 -62.01 0.11 29.09
N ASP M 387 -61.10 0.31 28.15
CA ASP M 387 -60.03 1.30 28.33
C ASP M 387 -60.60 2.71 28.32
N ILE M 388 -60.03 3.57 29.16
CA ILE M 388 -60.52 4.93 29.26
C ILE M 388 -59.87 5.86 28.24
N ARG M 389 -58.67 5.52 27.75
CA ARG M 389 -58.02 6.36 26.73
C ARG M 389 -58.63 6.13 25.35
N PHE M 390 -59.03 4.90 25.04
CA PHE M 390 -59.52 4.57 23.71
C PHE M 390 -60.92 5.10 23.46
N LYS M 391 -61.78 5.10 24.48
CA LYS M 391 -63.18 5.48 24.30
C LYS M 391 -63.40 6.98 24.42
N SER M 392 -62.34 7.76 24.64
CA SER M 392 -62.44 9.21 24.56
C SER M 392 -62.21 9.74 23.16
N ILE M 393 -61.84 8.88 22.22
CA ILE M 393 -61.60 9.28 20.84
C ILE M 393 -62.59 8.64 19.88
N VAL M 394 -62.96 7.39 20.13
CA VAL M 394 -63.87 6.63 19.26
C VAL M 394 -65.19 6.45 19.98
N ASN M 395 -66.29 6.76 19.28
CA ASN M 395 -67.64 6.62 19.81
C ASN M 395 -68.14 5.21 19.48
N LEU M 396 -68.47 4.45 20.52
CA LEU M 396 -68.87 3.05 20.38
C LEU M 396 -70.22 2.80 21.03
N ASN M 397 -71.10 3.81 21.00
CA ASN M 397 -72.44 3.67 21.56
C ASN M 397 -73.51 3.38 20.52
N GLY M 398 -73.23 3.65 19.24
CA GLY M 398 -74.21 3.38 18.20
C GLY M 398 -75.37 4.36 18.21
N GLY M 399 -76.49 3.92 17.67
CA GLY M 399 -77.70 4.73 17.65
C GLY M 399 -77.97 5.45 16.36
N GLY M 400 -77.23 5.17 15.29
CA GLY M 400 -77.42 5.84 14.03
C GLY M 400 -78.58 5.25 13.22
N GLU M 401 -78.80 5.87 12.06
CA GLU M 401 -79.84 5.41 11.14
C GLU M 401 -79.23 4.47 10.12
N LEU M 402 -79.83 3.29 9.97
CA LEU M 402 -79.35 2.27 9.06
C LEU M 402 -80.34 2.12 7.92
N ALA M 403 -79.83 2.12 6.68
CA ALA M 403 -80.64 2.07 5.48
C ALA M 403 -80.53 0.70 4.82
N ASP M 404 -81.59 0.28 4.15
CA ASP M 404 -81.63 -1.01 3.49
C ASP M 404 -80.83 -0.95 2.19
N GLY M 405 -80.81 -2.08 1.48
CA GLY M 405 -80.14 -2.17 0.20
C GLY M 405 -78.70 -2.66 0.25
N GLY M 406 -78.15 -2.85 1.44
CA GLY M 406 -76.77 -3.30 1.55
C GLY M 406 -75.72 -2.22 1.33
N THR M 407 -76.05 -0.97 1.67
CA THR M 407 -75.13 0.15 1.49
C THR M 407 -74.69 0.75 2.83
N HIS M 408 -74.80 0.01 3.92
CA HIS M 408 -74.44 0.55 5.23
C HIS M 408 -72.93 0.57 5.46
N TRP M 409 -72.17 -0.22 4.71
CA TRP M 409 -70.71 -0.27 4.91
C TRP M 409 -69.98 0.87 4.21
N ASP M 410 -70.65 1.59 3.31
CA ASP M 410 -69.98 2.61 2.51
C ASP M 410 -70.36 4.03 2.90
N LYS M 411 -71.59 4.25 3.37
CA LYS M 411 -72.05 5.60 3.66
C LYS M 411 -71.23 6.24 4.77
N ALA M 412 -70.94 5.49 5.85
CA ALA M 412 -70.20 6.05 6.97
C ALA M 412 -68.78 6.42 6.55
N MET M 413 -68.11 5.54 5.80
CA MET M 413 -66.75 5.82 5.35
C MET M 413 -66.73 7.04 4.43
N SER M 414 -67.70 7.12 3.50
CA SER M 414 -67.76 8.27 2.61
C SER M 414 -67.97 9.56 3.40
N ASP M 415 -68.88 9.54 4.38
CA ASP M 415 -69.13 10.74 5.16
C ASP M 415 -67.91 11.17 5.95
N GLU M 416 -67.22 10.22 6.59
CA GLU M 416 -66.05 10.57 7.39
C GLU M 416 -64.94 11.14 6.53
N VAL M 417 -64.67 10.51 5.38
CA VAL M 417 -63.61 11.03 4.51
C VAL M 417 -64.01 12.39 3.96
N ASP M 418 -65.29 12.58 3.64
CA ASP M 418 -65.73 13.89 3.18
C ASP M 418 -65.52 14.96 4.24
N TYR M 419 -65.76 14.62 5.51
CA TYR M 419 -65.57 15.61 6.56
C TYR M 419 -64.10 15.94 6.76
N PHE M 420 -63.24 14.92 6.88
CA PHE M 420 -61.84 15.20 7.18
C PHE M 420 -61.11 15.84 5.99
N PHE M 421 -61.23 15.24 4.81
CA PHE M 421 -60.44 15.67 3.66
C PHE M 421 -61.21 16.47 2.62
N GLY M 422 -62.46 16.79 2.89
CA GLY M 422 -63.24 17.57 1.95
C GLY M 422 -64.10 16.70 1.04
N LYS M 423 -65.13 17.31 0.48
CA LYS M 423 -66.05 16.60 -0.40
C LYS M 423 -65.55 16.69 -1.84
N GLU M 424 -66.37 16.21 -2.78
CA GLU M 424 -65.99 16.17 -4.18
C GLU M 424 -66.05 17.58 -4.79
N LYS M 425 -65.57 17.68 -6.02
CA LYS M 425 -65.59 18.94 -6.75
C LYS M 425 -66.99 19.23 -7.26
N GLY M 426 -67.31 20.53 -7.34
CA GLY M 426 -68.59 20.99 -7.81
C GLY M 426 -69.50 21.55 -6.74
N GLN M 427 -69.09 21.51 -5.47
CA GLN M 427 -69.88 22.06 -4.38
C GLN M 427 -69.04 23.05 -3.59
N GLU M 428 -69.72 23.91 -2.84
CA GLU M 428 -69.06 24.91 -2.02
C GLU M 428 -68.67 24.32 -0.67
N ASN M 429 -67.45 24.61 -0.23
CA ASN M 429 -66.94 24.14 1.05
C ASN M 429 -66.68 25.33 1.96
N ASP M 430 -66.85 25.10 3.27
CA ASP M 430 -66.75 26.18 4.23
C ASP M 430 -65.32 26.45 4.68
N TRP M 431 -64.36 25.60 4.29
CA TRP M 431 -62.97 25.76 4.73
C TRP M 431 -62.02 25.54 3.56
N ASN M 432 -60.84 26.13 3.68
CA ASN M 432 -59.76 25.94 2.72
C ASN M 432 -58.54 25.25 3.30
N VAL M 433 -58.21 25.49 4.57
CA VAL M 433 -57.14 24.79 5.26
C VAL M 433 -57.70 24.22 6.56
N HIS M 434 -57.34 22.98 6.86
CA HIS M 434 -57.92 22.24 7.98
C HIS M 434 -56.83 21.93 8.99
N ILE M 435 -57.06 22.28 10.25
CA ILE M 435 -56.13 22.03 11.34
C ILE M 435 -56.80 21.08 12.31
N VAL M 436 -56.45 19.81 12.25
CA VAL M 436 -56.96 18.82 13.19
C VAL M 436 -55.94 18.66 14.33
N ASN M 437 -56.38 18.89 15.55
CA ASN M 437 -55.52 18.85 16.71
C ASN M 437 -55.60 17.48 17.39
N MET M 438 -54.45 16.86 17.60
CA MET M 438 -54.37 15.55 18.24
C MET M 438 -53.40 15.68 19.41
N LYS M 439 -53.91 16.13 20.56
CA LYS M 439 -53.12 16.20 21.77
C LYS M 439 -53.60 15.26 22.86
N ASN M 440 -54.86 14.84 22.82
CA ASN M 440 -55.40 13.85 23.75
C ASN M 440 -55.28 12.43 23.23
N LEU M 441 -54.75 12.24 22.03
CA LEU M 441 -54.60 10.91 21.45
C LEU M 441 -53.36 10.25 22.03
N ALA M 442 -53.54 9.14 22.72
CA ALA M 442 -52.42 8.44 23.34
C ALA M 442 -51.47 7.91 22.27
N GLN M 443 -50.18 7.90 22.60
CA GLN M 443 -49.16 7.45 21.67
C GLN M 443 -49.26 5.95 21.37
N ASP M 444 -49.89 5.18 22.25
CA ASP M 444 -50.00 3.74 22.02
C ASP M 444 -50.99 3.43 20.90
N HIS M 445 -52.01 4.27 20.72
CA HIS M 445 -53.02 4.05 19.70
C HIS M 445 -52.74 4.82 18.41
N ALA M 446 -51.59 5.51 18.34
CA ALA M 446 -51.28 6.27 17.13
C ALA M 446 -51.14 5.40 15.89
N PRO M 447 -50.40 4.27 15.89
CA PRO M 447 -50.23 3.52 14.63
C PRO M 447 -51.47 2.76 14.19
N MET M 448 -52.59 2.93 14.89
CA MET M 448 -53.83 2.23 14.55
C MET M 448 -54.92 3.18 14.08
N LEU M 449 -55.24 4.20 14.89
CA LEU M 449 -56.28 5.15 14.52
C LEU M 449 -55.87 6.12 13.42
N LEU M 450 -54.56 6.26 13.16
CA LEU M 450 -54.08 7.19 12.15
C LEU M 450 -53.72 6.53 10.83
N SER M 451 -53.38 5.25 10.85
CA SER M 451 -53.13 4.50 9.62
C SER M 451 -54.41 4.03 8.95
N ALA M 452 -55.55 4.17 9.61
CA ALA M 452 -56.84 3.80 9.03
C ALA M 452 -57.41 4.89 8.14
N LEU M 453 -57.23 6.16 8.51
CA LEU M 453 -57.75 7.26 7.70
C LEU M 453 -57.10 7.28 6.32
N LEU M 454 -55.79 7.05 6.26
CA LEU M 454 -55.05 7.10 5.00
C LEU M 454 -55.41 5.97 4.06
N GLU M 455 -56.13 4.94 4.52
CA GLU M 455 -56.61 3.87 3.65
C GLU M 455 -58.01 4.14 3.12
N MET M 456 -58.91 4.65 3.96
CA MET M 456 -60.21 5.09 3.47
C MET M 456 -60.05 6.21 2.45
N PHE M 457 -59.13 7.14 2.72
CA PHE M 457 -58.85 8.21 1.76
C PHE M 457 -58.41 7.64 0.43
N ALA M 458 -57.49 6.66 0.47
CA ALA M 458 -56.99 6.07 -0.78
C ALA M 458 -58.09 5.34 -1.53
N GLU M 459 -58.91 4.57 -0.82
CA GLU M 459 -59.97 3.80 -1.49
C GLU M 459 -61.00 4.74 -2.13
N ILE M 460 -61.44 5.76 -1.39
CA ILE M 460 -62.41 6.69 -1.95
C ILE M 460 -61.80 7.50 -3.10
N LEU M 461 -60.51 7.85 -2.99
CA LEU M 461 -59.85 8.56 -4.06
C LEU M 461 -59.77 7.72 -5.32
N PHE M 462 -59.49 6.42 -5.16
CA PHE M 462 -59.47 5.52 -6.31
C PHE M 462 -60.86 5.39 -6.93
N ARG M 463 -61.89 5.26 -6.09
CA ARG M 463 -63.24 5.12 -6.63
C ARG M 463 -63.81 6.43 -7.16
N ARG M 464 -63.19 7.57 -6.86
CA ARG M 464 -63.71 8.86 -7.29
C ARG M 464 -63.22 9.27 -8.66
N GLY M 465 -62.00 8.89 -9.04
CA GLY M 465 -61.49 9.15 -10.38
C GLY M 465 -60.85 10.52 -10.51
N GLN M 466 -60.23 10.72 -11.67
CA GLN M 466 -59.53 11.97 -11.94
C GLN M 466 -60.51 13.09 -12.26
N GLU M 467 -61.61 12.78 -12.93
CA GLU M 467 -62.54 13.81 -13.38
C GLU M 467 -63.23 14.51 -12.21
N ARG M 468 -63.52 13.79 -11.14
CA ARG M 468 -64.24 14.36 -10.00
C ARG M 468 -63.32 14.75 -8.85
N SER M 469 -62.01 14.71 -9.06
CA SER M 469 -61.04 14.97 -8.00
C SER M 469 -60.57 16.42 -8.04
N TYR M 470 -60.03 16.88 -6.91
CA TYR M 470 -59.55 18.23 -6.74
C TYR M 470 -58.12 18.18 -6.19
N PRO M 471 -57.24 19.07 -6.63
CA PRO M 471 -55.85 19.03 -6.12
C PRO M 471 -55.80 19.25 -4.61
N THR M 472 -54.94 18.47 -3.96
CA THR M 472 -54.78 18.52 -2.51
C THR M 472 -53.31 18.36 -2.16
N VAL M 473 -52.93 18.91 -1.01
CA VAL M 473 -51.62 18.70 -0.42
C VAL M 473 -51.81 18.41 1.07
N LEU M 474 -51.07 17.42 1.58
CA LEU M 474 -51.26 16.92 2.94
C LEU M 474 -49.93 16.96 3.66
N LEU M 475 -49.93 17.50 4.89
CA LEU M 475 -48.73 17.64 5.69
C LEU M 475 -48.78 16.65 6.85
N LEU M 476 -47.68 15.92 7.05
CA LEU M 476 -47.58 14.92 8.10
C LEU M 476 -46.39 15.23 9.00
N GLU M 477 -46.59 15.15 10.31
CA GLU M 477 -45.52 15.28 11.29
C GLU M 477 -45.42 14.00 12.11
N GLU M 478 -44.21 13.70 12.57
CA GLU M 478 -43.91 12.44 13.24
C GLU M 478 -44.32 11.26 12.37
N ALA M 479 -43.85 11.29 11.12
CA ALA M 479 -44.26 10.29 10.13
C ALA M 479 -43.79 8.88 10.50
N HIS M 480 -42.74 8.75 11.31
CA HIS M 480 -42.25 7.42 11.67
C HIS M 480 -43.17 6.70 12.64
N HIS M 481 -44.17 7.38 13.21
CA HIS M 481 -45.13 6.70 14.07
C HIS M 481 -46.08 5.82 13.29
N TYR M 482 -46.49 6.25 12.08
CA TYR M 482 -47.51 5.54 11.34
C TYR M 482 -47.17 5.37 9.87
N LEU M 483 -45.90 5.17 9.55
CA LEU M 483 -45.48 4.76 8.21
C LEU M 483 -44.50 3.60 8.29
N ARG M 484 -44.67 2.73 9.27
CA ARG M 484 -43.81 1.58 9.43
C ARG M 484 -44.52 0.30 9.01
N GLU M 498 -48.04 3.04 1.35
CA GLU M 498 -47.54 2.16 0.30
C GLU M 498 -48.42 2.28 -0.95
N ARG M 499 -49.63 2.77 -0.78
CA ARG M 499 -50.54 3.01 -1.90
C ARG M 499 -50.79 4.49 -2.16
N LEU M 500 -50.94 5.30 -1.12
CA LEU M 500 -51.20 6.73 -1.33
C LEU M 500 -49.99 7.43 -1.91
N ALA M 501 -48.78 7.06 -1.46
CA ALA M 501 -47.57 7.70 -1.97
C ALA M 501 -47.22 7.24 -3.38
N LYS M 502 -47.53 5.99 -3.73
CA LYS M 502 -47.16 5.48 -5.04
C LYS M 502 -47.97 6.12 -6.16
N GLU M 503 -49.26 6.34 -5.92
CA GLU M 503 -50.15 6.92 -6.93
C GLU M 503 -50.64 8.30 -6.51
N GLY M 504 -49.77 9.08 -5.86
CA GLY M 504 -50.17 10.41 -5.45
C GLY M 504 -50.44 11.34 -6.62
N ARG M 505 -49.58 11.30 -7.63
CA ARG M 505 -49.73 12.18 -8.79
C ARG M 505 -50.91 11.80 -9.68
N LYS M 506 -51.33 10.53 -9.66
CA LYS M 506 -52.41 10.09 -10.54
C LYS M 506 -53.72 10.81 -10.22
N PHE M 507 -54.01 10.99 -8.92
CA PHE M 507 -55.22 11.67 -8.48
C PHE M 507 -54.95 13.08 -7.98
N LYS M 508 -53.81 13.66 -8.34
CA LYS M 508 -53.44 15.02 -7.92
C LYS M 508 -53.37 15.12 -6.39
N CYS M 509 -52.44 14.37 -5.81
CA CYS M 509 -52.19 14.38 -4.38
C CYS M 509 -50.71 14.64 -4.12
N SER M 510 -50.42 15.39 -3.06
CA SER M 510 -49.05 15.71 -2.67
C SER M 510 -48.89 15.51 -1.17
N LEU M 511 -47.67 15.24 -0.75
CA LEU M 511 -47.36 14.95 0.64
C LEU M 511 -46.13 15.71 1.09
N ILE M 512 -46.11 16.07 2.36
CA ILE M 512 -44.94 16.61 3.04
C ILE M 512 -44.72 15.81 4.31
N VAL M 513 -43.52 15.27 4.48
CA VAL M 513 -43.18 14.43 5.63
C VAL M 513 -42.09 15.13 6.43
N SER M 514 -42.33 15.28 7.74
CA SER M 514 -41.36 15.89 8.65
C SER M 514 -41.14 14.93 9.81
N THR M 515 -39.97 14.28 9.83
CA THR M 515 -39.64 13.32 10.87
C THR M 515 -38.19 13.50 11.29
N GLN M 516 -37.88 13.01 12.49
CA GLN M 516 -36.53 13.09 13.04
C GLN M 516 -35.81 11.74 13.02
N ARG M 517 -36.40 10.71 12.41
CA ARG M 517 -35.80 9.39 12.28
C ARG M 517 -35.89 8.95 10.83
N PRO M 518 -34.97 9.43 9.98
CA PRO M 518 -35.01 9.02 8.56
C PRO M 518 -34.75 7.54 8.34
N SER M 519 -34.10 6.85 9.28
CA SER M 519 -33.84 5.43 9.12
C SER M 519 -35.07 4.58 9.34
N GLU M 520 -35.99 5.02 10.20
CA GLU M 520 -37.22 4.27 10.49
C GLU M 520 -38.38 4.72 9.61
N LEU M 521 -38.17 4.67 8.30
CA LEU M 521 -39.21 4.98 7.33
C LEU M 521 -39.14 3.97 6.20
N SER M 522 -40.25 3.81 5.50
CA SER M 522 -40.30 2.87 4.39
C SER M 522 -39.30 3.29 3.32
N PRO M 523 -38.36 2.43 2.93
CA PRO M 523 -37.36 2.82 1.92
C PRO M 523 -37.98 3.18 0.57
N THR M 524 -39.08 2.55 0.19
CA THR M 524 -39.74 2.91 -1.06
C THR M 524 -40.32 4.31 -0.98
N VAL M 525 -40.87 4.69 0.16
CA VAL M 525 -41.47 6.01 0.31
C VAL M 525 -40.42 7.10 0.18
N LEU M 526 -39.27 6.92 0.84
CA LEU M 526 -38.24 7.95 0.84
C LEU M 526 -37.56 8.10 -0.51
N ALA M 527 -37.64 7.10 -1.38
CA ALA M 527 -37.01 7.16 -2.69
C ALA M 527 -37.91 7.77 -3.76
N MET M 528 -39.17 8.06 -3.44
CA MET M 528 -40.10 8.65 -4.38
C MET M 528 -40.29 10.15 -4.19
N CYS M 529 -39.43 10.78 -3.39
CA CYS M 529 -39.49 12.22 -3.18
C CYS M 529 -38.54 12.93 -4.15
N SER M 530 -38.97 14.11 -4.60
CA SER M 530 -38.21 14.86 -5.61
C SER M 530 -37.32 15.95 -5.02
N ASN M 531 -37.64 16.45 -3.82
CA ASN M 531 -36.87 17.51 -3.19
C ASN M 531 -36.50 17.09 -1.77
N TRP M 532 -35.43 17.69 -1.27
CA TRP M 532 -34.93 17.39 0.07
C TRP M 532 -34.48 18.66 0.76
N PHE M 533 -34.95 18.87 1.99
CA PHE M 533 -34.47 19.93 2.87
C PHE M 533 -33.98 19.26 4.14
N SER M 534 -32.68 19.32 4.38
CA SER M 534 -32.05 18.56 5.46
C SER M 534 -31.42 19.51 6.47
N LEU M 535 -31.76 19.31 7.73
CA LEU M 535 -31.14 20.01 8.85
C LEU M 535 -30.11 19.08 9.50
N ARG M 536 -29.61 19.46 10.66
CA ARG M 536 -28.57 18.67 11.32
C ARG M 536 -29.05 17.26 11.59
N LEU M 537 -28.14 16.31 11.39
CA LEU M 537 -28.44 14.88 11.56
C LEU M 537 -27.13 14.21 11.94
N THR M 538 -26.97 13.90 13.22
CA THR M 538 -25.73 13.37 13.76
C THR M 538 -25.97 11.96 14.30
N ASN M 539 -25.86 10.98 13.41
CA ASN M 539 -25.99 9.57 13.77
C ASN M 539 -25.48 8.73 12.60
N GLU M 540 -24.82 7.62 12.93
CA GLU M 540 -24.21 6.78 11.90
C GLU M 540 -25.26 6.17 10.99
N ARG M 541 -26.39 5.72 11.55
CA ARG M 541 -27.40 5.00 10.79
C ARG M 541 -28.42 5.91 10.13
N ASP M 542 -28.34 7.22 10.33
CA ASP M 542 -29.26 8.16 9.69
C ASP M 542 -28.69 8.78 8.43
N LEU M 543 -27.37 8.95 8.35
CA LEU M 543 -26.76 9.49 7.13
C LEU M 543 -26.77 8.49 5.99
N GLN M 544 -26.71 7.19 6.30
CA GLN M 544 -26.73 6.17 5.24
C GLN M 544 -28.03 6.21 4.47
N ALA M 545 -29.16 6.40 5.16
CA ALA M 545 -30.45 6.40 4.48
C ALA M 545 -30.53 7.50 3.44
N LEU M 546 -30.06 8.70 3.79
CA LEU M 546 -30.06 9.80 2.83
C LEU M 546 -29.14 9.50 1.65
N ARG M 547 -27.98 8.92 1.92
CA ARG M 547 -27.02 8.64 0.85
C ARG M 547 -27.56 7.60 -0.12
N TYR M 548 -28.23 6.56 0.39
CA TYR M 548 -28.90 5.62 -0.51
C TYR M 548 -30.07 6.27 -1.22
N ALA M 549 -30.74 7.21 -0.56
CA ALA M 549 -31.90 7.86 -1.17
C ALA M 549 -31.51 8.65 -2.42
N MET M 550 -30.37 9.34 -2.38
CA MET M 550 -29.95 10.17 -3.50
C MET M 550 -28.98 9.42 -4.40
N GLU M 551 -29.04 9.74 -5.69
CA GLU M 551 -28.11 9.15 -6.64
C GLU M 551 -26.71 9.72 -6.42
N SER M 552 -25.71 8.88 -6.66
CA SER M 552 -24.33 9.28 -6.42
C SER M 552 -23.90 10.36 -7.42
N GLY M 553 -22.78 11.00 -7.10
CA GLY M 553 -22.26 12.07 -7.95
C GLY M 553 -21.82 13.29 -7.16
N ASN M 554 -22.15 13.33 -5.88
CA ASN M 554 -21.70 14.43 -5.01
C ASN M 554 -21.63 13.90 -3.58
N GLU M 555 -20.40 13.79 -3.06
CA GLU M 555 -20.19 13.35 -1.69
C GLU M 555 -19.59 14.41 -0.79
N GLN M 556 -18.96 15.45 -1.36
CA GLN M 556 -18.40 16.54 -0.56
C GLN M 556 -19.47 17.42 0.07
N ILE M 557 -20.74 17.27 -0.33
CA ILE M 557 -21.81 18.03 0.28
C ILE M 557 -22.34 17.33 1.51
N LEU M 558 -22.25 16.00 1.56
CA LEU M 558 -22.78 15.24 2.69
C LEU M 558 -22.00 15.47 3.97
N LYS M 559 -20.70 15.77 3.88
CA LYS M 559 -19.89 15.94 5.08
C LYS M 559 -20.25 17.20 5.87
N GLN M 560 -20.90 18.17 5.23
CA GLN M 560 -21.25 19.41 5.91
C GLN M 560 -22.48 19.27 6.81
N ILE M 561 -23.22 18.17 6.68
CA ILE M 561 -24.50 18.04 7.39
C ILE M 561 -24.26 17.91 8.90
N SER M 562 -23.23 17.18 9.30
CA SER M 562 -23.01 16.85 10.70
C SER M 562 -22.63 18.06 11.56
N GLY M 563 -22.28 19.19 10.95
CA GLY M 563 -21.82 20.32 11.73
C GLY M 563 -22.47 21.65 11.40
N LEU M 564 -23.75 21.64 11.03
CA LEU M 564 -24.45 22.87 10.72
C LEU M 564 -24.74 23.65 12.00
N PRO M 565 -25.00 24.96 11.89
CA PRO M 565 -25.44 25.71 13.07
C PRO M 565 -26.93 25.61 13.30
N ARG M 566 -27.44 26.29 14.32
CA ARG M 566 -28.86 26.22 14.66
C ARG M 566 -29.62 27.22 13.81
N GLY M 567 -30.42 26.71 12.88
CA GLY M 567 -31.24 27.54 12.00
C GLY M 567 -30.86 27.49 10.54
N ASP M 568 -29.82 26.74 10.16
CA ASP M 568 -29.41 26.61 8.77
C ASP M 568 -29.75 25.22 8.24
N ALA M 569 -29.85 25.12 6.92
CA ALA M 569 -30.24 23.88 6.29
C ALA M 569 -29.61 23.79 4.90
N VAL M 570 -29.50 22.56 4.41
CA VAL M 570 -28.97 22.28 3.08
C VAL M 570 -30.09 21.67 2.25
N ALA M 571 -30.39 22.30 1.11
CA ALA M 571 -31.50 21.89 0.26
C ALA M 571 -30.97 21.55 -1.13
N PHE M 572 -31.42 20.44 -1.68
CA PHE M 572 -31.02 20.01 -3.01
C PHE M 572 -32.07 19.06 -3.57
N GLY M 573 -32.27 19.13 -4.88
CA GLY M 573 -33.26 18.27 -5.54
C GLY M 573 -33.47 18.62 -6.99
N SER M 574 -34.72 18.56 -7.45
CA SER M 574 -35.04 18.86 -8.84
C SER M 574 -35.48 20.30 -9.06
N ALA M 575 -35.86 21.02 -8.01
CA ALA M 575 -36.24 22.42 -8.12
C ALA M 575 -35.08 23.37 -7.91
N PHE M 576 -33.89 22.86 -7.66
CA PHE M 576 -32.67 23.66 -7.53
C PHE M 576 -31.65 23.17 -8.54
N ASN M 577 -31.00 24.10 -9.23
CA ASN M 577 -30.06 23.72 -10.28
C ASN M 577 -28.88 22.95 -9.71
N LEU M 578 -28.36 23.38 -8.57
CA LEU M 578 -27.26 22.71 -7.88
C LEU M 578 -27.49 22.80 -6.38
N PRO M 579 -26.97 21.85 -5.62
CA PRO M 579 -27.15 21.90 -4.15
C PRO M 579 -26.59 23.19 -3.57
N VAL M 580 -27.32 23.74 -2.60
CA VAL M 580 -26.98 25.03 -2.01
C VAL M 580 -27.21 24.95 -0.50
N ARG M 581 -26.55 25.86 0.21
CA ARG M 581 -26.68 25.98 1.67
C ARG M 581 -27.41 27.27 1.99
N ILE M 582 -28.47 27.17 2.80
CA ILE M 582 -29.40 28.27 2.99
C ILE M 582 -29.45 28.63 4.48
N SER M 583 -29.68 29.92 4.74
CA SER M 583 -29.93 30.43 6.08
C SER M 583 -31.39 30.90 6.11
N ILE M 584 -32.25 30.11 6.77
CA ILE M 584 -33.69 30.34 6.71
C ILE M 584 -34.06 31.54 7.57
N ASN M 585 -35.06 32.29 7.11
CA ASN M 585 -35.57 33.43 7.85
C ASN M 585 -36.40 32.96 9.04
N GLN M 586 -37.01 33.93 9.73
CA GLN M 586 -37.83 33.67 10.90
C GLN M 586 -39.28 34.00 10.56
N ALA M 587 -40.17 33.04 10.79
CA ALA M 587 -41.59 33.25 10.52
C ALA M 587 -42.20 34.21 11.54
N ARG M 588 -43.22 34.94 11.10
CA ARG M 588 -43.88 35.93 11.94
C ARG M 588 -45.37 36.01 11.57
N PRO M 589 -46.28 35.65 12.48
CA PRO M 589 -46.06 35.16 13.84
C PRO M 589 -45.70 33.68 13.86
N GLY M 590 -45.01 33.21 14.90
CA GLY M 590 -44.57 31.84 14.96
C GLY M 590 -45.41 30.98 15.89
N PRO M 591 -45.16 29.66 15.86
CA PRO M 591 -45.90 28.74 16.75
C PRO M 591 -45.63 28.99 18.22
N LYS M 592 -46.43 28.36 19.07
CA LYS M 592 -46.21 28.42 20.52
C LYS M 592 -44.87 27.77 20.87
N SER M 593 -44.15 28.40 21.80
CA SER M 593 -42.79 27.97 22.10
C SER M 593 -42.77 26.61 22.78
N SER M 594 -43.35 26.52 23.98
CA SER M 594 -43.32 25.29 24.77
C SER M 594 -44.27 25.46 25.95
N ASP M 595 -44.24 24.47 26.84
CA ASP M 595 -45.09 24.45 28.02
C ASP M 595 -44.38 25.17 29.17
N ALA M 596 -44.89 25.00 30.39
CA ALA M 596 -44.39 25.72 31.54
C ALA M 596 -42.98 25.25 31.91
N VAL M 597 -42.33 26.03 32.77
CA VAL M 597 -40.96 25.78 33.21
C VAL M 597 -40.97 25.57 34.71
N PHE M 598 -40.08 24.70 35.18
CA PHE M 598 -40.04 24.30 36.59
C PHE M 598 -39.52 25.40 37.52
N SER M 599 -38.91 26.46 36.98
CA SER M 599 -38.27 27.45 37.84
C SER M 599 -39.27 28.40 38.47
N GLU M 600 -40.12 29.04 37.64
CA GLU M 600 -41.04 30.04 38.16
C GLU M 600 -42.10 29.42 39.07
N GLU M 601 -42.57 28.22 38.73
CA GLU M 601 -43.60 27.59 39.55
C GLU M 601 -43.07 27.15 40.91
N TRP M 602 -41.75 26.97 41.02
CA TRP M 602 -41.14 26.68 42.31
C TRP M 602 -40.65 27.93 43.03
N ALA M 603 -40.46 29.05 42.32
CA ALA M 603 -39.97 30.29 42.91
C ALA M 603 -41.03 31.39 42.86
N ASN M 604 -42.29 31.01 43.05
CA ASN M 604 -43.40 31.96 43.13
C ASN M 604 -44.13 31.83 44.46
N CYS M 605 -43.37 31.63 45.54
CA CYS M 605 -43.94 31.47 46.87
C CYS M 605 -44.10 32.81 47.58
N LEU N 3 10.47 48.86 23.13
CA LEU N 3 9.61 48.34 24.18
C LEU N 3 8.22 48.01 23.66
N PHE N 4 8.07 48.01 22.34
CA PHE N 4 6.78 47.72 21.70
C PHE N 4 6.69 46.23 21.40
N LYS N 5 5.66 45.59 21.95
CA LYS N 5 5.43 44.16 21.76
C LYS N 5 4.01 43.94 21.29
N LEU N 6 3.84 43.04 20.31
CA LEU N 6 2.51 42.76 19.78
C LEU N 6 1.78 41.72 20.61
N THR N 7 2.48 40.69 21.07
CA THR N 7 1.87 39.63 21.86
C THR N 7 2.84 39.21 22.96
N GLU N 8 2.29 38.89 24.13
CA GLU N 8 3.08 38.46 25.27
C GLU N 8 3.06 36.94 25.45
N ILE N 9 2.56 36.20 24.46
CA ILE N 9 2.58 34.75 24.47
C ILE N 9 3.41 34.27 23.29
N SER N 10 4.35 33.37 23.56
CA SER N 10 5.27 32.92 22.53
C SER N 10 4.55 32.01 21.53
N ALA N 11 5.08 31.97 20.31
CA ALA N 11 4.56 31.11 19.26
C ALA N 11 5.23 29.74 19.32
N ILE N 12 4.57 28.76 18.72
CA ILE N 12 5.06 27.38 18.74
C ILE N 12 5.40 26.92 17.32
N GLY N 13 4.68 27.44 16.34
CA GLY N 13 4.94 27.04 14.97
C GLY N 13 4.09 27.84 14.00
N TYR N 14 3.92 27.28 12.79
CA TYR N 14 3.14 27.93 11.76
C TYR N 14 2.54 26.87 10.84
N VAL N 15 1.53 27.28 10.07
CA VAL N 15 0.77 26.36 9.23
C VAL N 15 1.43 26.26 7.86
N VAL N 16 1.53 25.03 7.35
CA VAL N 16 2.21 24.79 6.08
C VAL N 16 1.34 23.97 5.13
N GLY N 17 0.02 23.95 5.38
CA GLY N 17 -0.85 23.21 4.49
C GLY N 17 -2.28 23.08 4.97
N LEU N 18 -3.24 23.09 4.04
CA LEU N 18 -4.67 22.95 4.34
C LEU N 18 -5.26 22.01 3.30
N GLU N 19 -5.39 20.72 3.64
CA GLU N 19 -5.98 19.74 2.74
C GLU N 19 -7.36 19.34 3.27
N GLY N 20 -8.37 20.07 2.82
CA GLY N 20 -9.74 19.80 3.21
C GLY N 20 -10.11 20.43 4.53
N GLU N 21 -10.18 19.60 5.58
CA GLU N 21 -10.42 20.07 6.94
C GLU N 21 -9.18 19.99 7.82
N ARG N 22 -8.19 19.18 7.44
CA ARG N 22 -7.01 18.98 8.24
C ARG N 22 -6.09 20.20 8.20
N ILE N 23 -5.23 20.29 9.21
CA ILE N 23 -4.25 21.36 9.33
C ILE N 23 -2.88 20.75 9.60
N ARG N 24 -1.85 21.28 8.94
CA ARG N 24 -0.48 20.82 9.14
C ARG N 24 0.34 21.93 9.77
N ILE N 25 1.16 21.57 10.77
CA ILE N 25 1.94 22.53 11.55
C ILE N 25 3.37 22.05 11.63
N ASN N 26 4.32 22.97 11.42
CA ASN N 26 5.73 22.71 11.65
C ASN N 26 6.19 23.43 12.91
N LEU N 27 7.05 22.76 13.68
CA LEU N 27 7.48 23.25 14.98
C LEU N 27 8.89 23.82 14.89
N HIS N 28 9.16 24.81 15.74
CA HIS N 28 10.44 25.50 15.74
C HIS N 28 11.54 24.60 16.27
N GLU N 29 12.78 24.97 15.97
CA GLU N 29 13.94 24.23 16.45
C GLU N 29 14.11 24.43 17.95
N GLY N 30 14.57 23.39 18.62
CA GLY N 30 14.77 23.45 20.06
C GLY N 30 13.56 23.01 20.84
N LEU N 31 13.68 23.16 22.16
CA LEU N 31 12.62 22.74 23.08
C LEU N 31 11.54 23.80 23.23
N GLN N 32 11.62 24.91 22.49
CA GLN N 32 10.60 25.96 22.60
C GLN N 32 9.24 25.52 22.07
N GLY N 33 9.19 24.40 21.34
CA GLY N 33 7.96 23.92 20.75
C GLY N 33 7.12 23.02 21.62
N ARG N 34 7.49 22.82 22.88
CA ARG N 34 6.70 21.96 23.76
C ARG N 34 6.15 22.68 24.98
N LEU N 35 6.95 23.51 25.64
CA LEU N 35 6.53 24.17 26.87
C LEU N 35 6.81 25.66 26.75
N ALA N 36 5.89 26.47 27.30
CA ALA N 36 5.98 27.93 27.23
C ALA N 36 5.76 28.50 28.61
N SER N 37 5.89 29.82 28.71
CA SER N 37 5.72 30.52 29.98
C SER N 37 5.25 31.94 29.71
N HIS N 38 4.35 32.43 30.55
CA HIS N 38 3.79 33.77 30.43
C HIS N 38 3.64 34.36 31.82
N ARG N 39 2.88 35.44 31.91
CA ARG N 39 2.70 36.13 33.20
C ARG N 39 1.87 35.32 34.19
N LYS N 40 1.15 34.29 33.72
CA LYS N 40 0.26 33.54 34.59
C LYS N 40 0.82 32.22 35.07
N GLY N 41 1.65 31.55 34.28
CA GLY N 41 2.20 30.28 34.69
C GLY N 41 2.86 29.50 33.57
N VAL N 42 2.60 28.20 33.50
CA VAL N 42 3.21 27.32 32.51
C VAL N 42 2.12 26.55 31.79
N SER N 43 2.30 26.36 30.48
CA SER N 43 1.38 25.58 29.67
C SER N 43 2.19 24.71 28.72
N SER N 44 1.58 23.61 28.28
CA SER N 44 2.29 22.66 27.43
C SER N 44 1.31 21.97 26.49
N VAL N 45 1.84 21.51 25.36
CA VAL N 45 1.11 20.69 24.40
C VAL N 45 2.05 19.56 23.98
N THR N 46 1.77 18.34 24.43
CA THR N 46 2.70 17.24 24.22
C THR N 46 2.07 15.94 23.74
N GLN N 47 0.74 15.81 23.72
CA GLN N 47 0.13 14.55 23.34
C GLN N 47 -1.21 14.85 22.66
N PRO N 48 -1.73 13.90 21.88
CA PRO N 48 -3.06 14.08 21.30
C PRO N 48 -4.11 14.29 22.39
N GLY N 49 -5.10 15.13 22.08
CA GLY N 49 -6.14 15.48 23.02
C GLY N 49 -6.04 16.88 23.57
N ASP N 50 -4.94 17.58 23.34
CA ASP N 50 -4.77 18.93 23.84
C ASP N 50 -5.43 19.94 22.92
N LEU N 51 -5.47 21.20 23.36
CA LEU N 51 -6.08 22.28 22.61
C LEU N 51 -5.01 23.29 22.17
N ILE N 52 -5.16 23.78 20.94
CA ILE N 52 -4.24 24.76 20.38
C ILE N 52 -5.05 25.88 19.74
N GLY N 53 -4.43 27.04 19.60
CA GLY N 53 -5.10 28.20 19.06
C GLY N 53 -4.28 28.91 18.01
N PHE N 54 -4.96 29.49 17.03
CA PHE N 54 -4.34 30.24 15.95
C PHE N 54 -4.86 31.68 15.95
N ASP N 55 -3.99 32.62 15.62
CA ASP N 55 -4.36 34.02 15.51
C ASP N 55 -4.79 34.34 14.08
N ALA N 56 -5.98 34.91 13.94
CA ALA N 56 -6.53 35.22 12.62
C ALA N 56 -7.18 36.61 12.62
N GLY N 57 -6.49 37.57 13.22
CA GLY N 57 -6.97 38.95 13.21
C GLY N 57 -7.85 39.26 14.42
N ASN N 58 -9.13 39.51 14.18
CA ASN N 58 -10.06 39.89 15.23
C ASN N 58 -10.75 38.70 15.87
N ILE N 59 -10.44 37.48 15.45
CA ILE N 59 -11.00 36.28 16.06
C ILE N 59 -9.87 35.31 16.36
N LEU N 60 -10.10 34.44 17.34
CA LEU N 60 -9.14 33.42 17.75
C LEU N 60 -9.74 32.05 17.48
N VAL N 61 -9.10 31.27 16.63
CA VAL N 61 -9.60 29.96 16.21
C VAL N 61 -9.06 28.89 17.14
N VAL N 62 -9.90 27.91 17.47
CA VAL N 62 -9.56 26.84 18.41
C VAL N 62 -9.55 25.52 17.67
N ALA N 63 -8.54 24.69 17.94
CA ALA N 63 -8.39 23.41 17.27
C ALA N 63 -7.98 22.35 18.28
N ARG N 64 -8.11 21.08 17.87
CA ARG N 64 -7.77 19.94 18.69
C ARG N 64 -6.77 19.04 17.94
N VAL N 65 -5.82 18.46 18.68
CA VAL N 65 -4.68 17.77 18.11
C VAL N 65 -4.99 16.27 18.02
N THR N 66 -4.57 15.64 16.92
CA THR N 66 -4.78 14.22 16.69
C THR N 66 -3.49 13.42 16.57
N ASP N 67 -2.52 13.89 15.77
CA ASP N 67 -1.32 13.11 15.48
C ASP N 67 -0.07 13.96 15.64
N MET N 68 1.01 13.29 16.06
CA MET N 68 2.33 13.90 16.16
C MET N 68 3.36 12.88 15.70
N ALA N 69 4.31 13.30 14.87
CA ALA N 69 5.32 12.39 14.36
C ALA N 69 6.49 13.19 13.81
N PHE N 70 7.60 12.49 13.57
CA PHE N 70 8.77 13.06 12.94
C PHE N 70 8.57 13.16 11.43
N VAL N 71 9.54 13.75 10.75
CA VAL N 71 9.52 13.86 9.30
C VAL N 71 10.81 13.32 8.72
N ILE N 89 19.06 18.08 14.14
CA ILE N 89 17.74 17.89 14.74
C ILE N 89 16.72 17.57 13.65
N PRO N 90 15.80 16.67 13.94
CA PRO N 90 14.75 16.36 12.96
C PRO N 90 13.62 17.39 12.95
N LEU N 91 12.62 17.18 12.11
CA LEU N 91 11.47 18.05 11.99
C LEU N 91 10.22 17.35 12.53
N ARG N 92 9.35 18.11 13.18
CA ARG N 92 8.16 17.58 13.82
C ARG N 92 6.92 18.23 13.24
N GLN N 93 5.83 17.46 13.20
CA GLN N 93 4.59 17.89 12.56
C GLN N 93 3.40 17.53 13.43
N ILE N 94 2.30 18.27 13.22
CA ILE N 94 1.06 18.07 13.96
C ILE N 94 -0.11 18.16 12.99
N ILE N 95 -1.12 17.32 13.21
CA ILE N 95 -2.38 17.35 12.48
C ILE N 95 -3.49 17.71 13.46
N ALA N 96 -4.31 18.69 13.09
CA ALA N 96 -5.33 19.22 13.99
C ALA N 96 -6.65 19.38 13.26
N TYR N 97 -7.73 19.44 14.06
CA TYR N 97 -9.09 19.62 13.57
C TYR N 97 -9.73 20.78 14.32
N ALA N 98 -10.61 21.51 13.64
CA ALA N 98 -11.17 22.74 14.18
C ALA N 98 -12.47 22.48 14.95
N ILE N 99 -12.76 23.40 15.88
CA ILE N 99 -13.97 23.30 16.70
C ILE N 99 -14.78 24.58 16.59
N GLY N 100 -14.17 25.72 16.90
CA GLY N 100 -14.88 26.98 16.89
C GLY N 100 -13.94 28.17 16.91
N PHE N 101 -14.45 29.29 17.42
CA PHE N 101 -13.66 30.51 17.50
C PHE N 101 -14.18 31.40 18.63
N VAL N 102 -13.35 32.36 19.02
CA VAL N 102 -13.63 33.28 20.13
C VAL N 102 -13.50 34.71 19.62
N LYS N 103 -14.39 35.59 20.11
CA LYS N 103 -14.36 36.99 19.70
C LYS N 103 -14.97 37.84 20.81
N ARG N 104 -14.68 39.14 20.76
CA ARG N 104 -15.19 40.07 21.75
C ARG N 104 -16.64 40.42 21.48
N GLU N 105 -17.37 40.74 22.55
CA GLU N 105 -18.75 41.21 22.41
C GLU N 105 -18.92 42.65 22.86
N LEU N 106 -18.64 42.97 24.12
CA LEU N 106 -18.63 44.36 24.58
C LEU N 106 -17.28 44.76 25.16
N ASN N 107 -16.81 44.05 26.17
CA ASN N 107 -15.47 44.24 26.71
C ASN N 107 -14.81 42.93 27.10
N GLY N 108 -15.45 41.80 26.88
CA GLY N 108 -14.89 40.51 27.19
C GLY N 108 -14.78 39.62 25.97
N TYR N 109 -15.20 38.37 26.08
CA TYR N 109 -15.13 37.45 24.95
C TYR N 109 -16.30 36.48 25.04
N VAL N 110 -16.67 35.92 23.88
CA VAL N 110 -17.73 34.93 23.78
C VAL N 110 -17.28 33.81 22.86
N PHE N 111 -17.86 32.63 23.04
CA PHE N 111 -17.47 31.45 22.28
C PHE N 111 -18.63 31.01 21.39
N ILE N 112 -18.33 30.80 20.11
CA ILE N 112 -19.27 30.25 19.15
C ILE N 112 -18.78 28.87 18.73
N SER N 113 -19.71 28.01 18.32
CA SER N 113 -19.39 26.60 18.13
C SER N 113 -19.63 26.13 16.70
N GLU N 114 -19.14 26.87 15.72
CA GLU N 114 -19.17 26.46 14.33
C GLU N 114 -17.75 26.17 13.85
N ASP N 115 -17.63 25.20 12.95
CA ASP N 115 -16.33 24.62 12.59
C ASP N 115 -16.13 24.61 11.08
N TRP N 116 -16.42 25.74 10.43
CA TRP N 116 -16.16 25.89 9.00
C TRP N 116 -15.16 27.00 8.70
N ARG N 117 -14.52 27.55 9.72
CA ARG N 117 -13.51 28.59 9.54
C ARG N 117 -12.12 27.99 9.76
N LEU N 118 -11.17 28.37 8.91
CA LEU N 118 -9.81 27.87 8.98
C LEU N 118 -8.82 29.01 8.93
N PRO N 119 -7.64 28.84 9.52
CA PRO N 119 -6.62 29.90 9.49
C PRO N 119 -5.93 29.95 8.13
N ALA N 120 -5.05 30.93 7.98
CA ALA N 120 -4.32 31.16 6.74
C ALA N 120 -2.90 30.60 6.84
N LEU N 121 -2.25 30.50 5.68
CA LEU N 121 -0.88 30.02 5.63
C LEU N 121 0.07 31.02 6.27
N GLY N 122 1.00 30.51 7.07
CA GLY N 122 1.94 31.34 7.78
C GLY N 122 1.47 31.83 9.14
N SER N 123 0.23 31.55 9.50
CA SER N 123 -0.28 31.97 10.80
C SER N 123 0.40 31.19 11.93
N SER N 124 0.62 31.87 13.05
CA SER N 124 1.32 31.29 14.18
C SER N 124 0.36 30.54 15.08
N ALA N 125 0.88 29.48 15.71
CA ALA N 125 0.11 28.65 16.64
C ALA N 125 0.61 28.88 18.05
N VAL N 126 -0.31 29.11 18.97
CA VAL N 126 0.03 29.42 20.36
C VAL N 126 -0.76 28.50 21.28
N PRO N 127 -0.24 28.17 22.46
CA PRO N 127 -1.02 27.37 23.41
C PRO N 127 -2.11 28.21 24.07
N LEU N 128 -3.11 27.51 24.60
CA LEU N 128 -4.25 28.15 25.23
C LEU N 128 -3.98 28.29 26.73
N THR N 129 -4.06 29.52 27.23
CA THR N 129 -3.79 29.79 28.63
C THR N 129 -4.97 29.36 29.50
N SER N 130 -4.79 29.45 30.82
CA SER N 130 -5.85 29.11 31.75
C SER N 130 -6.96 30.14 31.79
N ASP N 131 -6.76 31.32 31.21
CA ASP N 131 -7.78 32.34 31.18
C ASP N 131 -8.81 32.11 30.08
N PHE N 132 -8.40 31.57 28.93
CA PHE N 132 -9.32 31.31 27.84
C PHE N 132 -10.06 29.99 27.99
N LEU N 133 -9.61 29.10 28.88
CA LEU N 133 -10.32 27.85 29.11
C LEU N 133 -11.61 28.08 29.88
N ASN N 134 -11.65 29.13 30.72
CA ASN N 134 -12.88 29.47 31.41
C ASN N 134 -13.99 29.87 30.45
N ILE N 135 -13.65 30.60 29.40
CA ILE N 135 -14.64 31.06 28.43
C ILE N 135 -15.20 29.91 27.61
N ILE N 136 -14.35 28.96 27.22
CA ILE N 136 -14.80 27.86 26.36
C ILE N 136 -15.85 27.00 27.06
N TYR N 137 -15.65 26.72 28.35
CA TYR N 137 -16.52 25.85 29.12
C TYR N 137 -17.45 26.63 30.04
N SER N 138 -17.97 27.76 29.57
CA SER N 138 -18.86 28.61 30.34
C SER N 138 -20.31 28.36 29.95
N ILE N 139 -21.20 29.17 30.51
CA ILE N 139 -22.63 29.06 30.26
C ILE N 139 -23.14 30.34 29.60
N ASP N 140 -24.45 30.41 29.35
CA ASP N 140 -25.05 31.49 28.60
C ASP N 140 -24.95 32.86 29.27
N LYS N 141 -24.30 32.95 30.44
CA LYS N 141 -23.96 34.21 31.08
C LYS N 141 -25.19 34.91 31.68
N GLU N 142 -26.37 34.36 31.42
CA GLU N 142 -27.59 34.85 32.05
C GLU N 142 -28.28 33.80 32.90
N GLU N 143 -27.78 32.57 32.91
CA GLU N 143 -28.32 31.50 33.74
C GLU N 143 -27.53 31.29 35.02
N LEU N 144 -26.71 32.28 35.41
CA LEU N 144 -26.00 32.19 36.68
C LEU N 144 -26.92 32.01 37.89
N PRO N 145 -28.03 32.72 38.04
CA PRO N 145 -28.86 32.53 39.25
C PRO N 145 -29.64 31.23 39.27
N LYS N 146 -29.51 30.37 38.26
CA LYS N 146 -30.20 29.09 38.21
C LYS N 146 -29.26 27.99 37.75
N ALA N 147 -28.05 27.97 38.32
CA ALA N 147 -27.02 27.02 37.93
C ALA N 147 -26.52 26.27 39.15
N VAL N 148 -26.03 25.05 38.91
CA VAL N 148 -25.49 24.20 39.96
C VAL N 148 -24.05 23.85 39.62
N GLU N 149 -23.33 23.34 40.61
CA GLU N 149 -21.94 22.94 40.49
C GLU N 149 -21.84 21.43 40.51
N LEU N 150 -21.13 20.87 39.52
CA LEU N 150 -20.97 19.43 39.42
C LEU N 150 -19.54 18.96 39.64
N GLY N 151 -18.55 19.76 39.26
CA GLY N 151 -17.16 19.36 39.47
C GLY N 151 -16.23 20.22 38.64
N VAL N 152 -15.04 19.67 38.39
CA VAL N 152 -14.02 20.32 37.58
C VAL N 152 -13.54 19.34 36.52
N ASP N 153 -13.03 19.89 35.42
CA ASP N 153 -12.56 19.04 34.33
C ASP N 153 -11.34 18.25 34.75
N SER N 154 -11.20 17.06 34.16
CA SER N 154 -10.20 16.09 34.59
C SER N 154 -8.81 16.38 34.04
N ARG N 155 -8.71 16.91 32.83
CA ARG N 155 -7.42 17.05 32.18
C ARG N 155 -6.52 18.05 32.91
N THR N 156 -7.08 19.19 33.32
CA THR N 156 -6.29 20.25 33.93
C THR N 156 -6.67 20.56 35.37
N LYS N 157 -7.92 20.33 35.77
CA LYS N 157 -8.39 20.59 37.13
C LYS N 157 -8.20 22.06 37.52
N THR N 158 -8.62 22.95 36.62
CA THR N 158 -8.53 24.38 36.88
C THR N 158 -9.77 25.15 36.42
N VAL N 159 -10.80 24.47 35.93
CA VAL N 159 -12.03 25.11 35.45
C VAL N 159 -13.22 24.44 36.13
N LYS N 160 -14.10 25.24 36.71
CA LYS N 160 -15.33 24.73 37.31
C LYS N 160 -16.40 24.53 36.24
N ILE N 161 -17.31 23.61 36.50
CA ILE N 161 -18.34 23.20 35.55
C ILE N 161 -19.71 23.53 36.14
N PHE N 162 -20.53 24.24 35.38
CA PHE N 162 -21.87 24.63 35.79
C PHE N 162 -22.88 24.14 34.76
N ALA N 163 -24.10 23.90 35.23
CA ALA N 163 -25.20 23.51 34.37
C ALA N 163 -26.49 24.13 34.88
N SER N 164 -27.40 24.41 33.96
CA SER N 164 -28.65 25.05 34.29
C SER N 164 -29.67 24.02 34.77
N VAL N 165 -30.39 24.35 35.85
CA VAL N 165 -31.40 23.44 36.36
C VAL N 165 -32.57 23.34 35.38
N ASP N 166 -32.95 24.46 34.76
CA ASP N 166 -34.11 24.48 33.87
C ASP N 166 -33.87 23.60 32.64
N LYS N 167 -32.68 23.66 32.06
CA LYS N 167 -32.37 22.89 30.87
C LYS N 167 -31.99 21.44 31.17
N LEU N 168 -31.73 21.11 32.43
CA LEU N 168 -31.34 19.76 32.83
C LEU N 168 -32.52 18.93 33.29
N LEU N 169 -33.30 19.44 34.24
CA LEU N 169 -34.50 18.77 34.72
C LEU N 169 -35.74 19.24 33.96
N SER N 170 -35.67 19.20 32.64
CA SER N 170 -36.81 19.54 31.78
C SER N 170 -37.41 18.30 31.13
N ARG N 171 -36.61 17.53 30.40
CA ARG N 171 -37.00 16.21 29.97
C ARG N 171 -36.30 15.16 30.83
N HIS N 172 -36.42 13.90 30.45
CA HIS N 172 -35.88 12.83 31.27
C HIS N 172 -34.36 12.86 31.27
N LEU N 173 -33.78 12.24 32.30
CA LEU N 173 -32.34 12.16 32.50
C LEU N 173 -31.95 10.71 32.75
N ALA N 174 -30.75 10.35 32.31
CA ALA N 174 -30.29 8.97 32.40
C ALA N 174 -28.88 8.92 33.00
N VAL N 175 -28.68 8.00 33.94
CA VAL N 175 -27.38 7.75 34.55
C VAL N 175 -27.04 6.28 34.36
N LEU N 176 -25.86 6.01 33.79
CA LEU N 176 -25.44 4.66 33.47
C LEU N 176 -24.01 4.44 33.98
N GLY N 177 -23.72 3.21 34.35
CA GLY N 177 -22.38 2.88 34.82
C GLY N 177 -22.34 1.47 35.37
N SER N 178 -21.14 1.08 35.78
CA SER N 178 -20.91 -0.26 36.31
C SER N 178 -21.11 -0.25 37.83
N THR N 179 -20.71 -1.33 38.49
CA THR N 179 -20.92 -1.51 39.92
C THR N 179 -19.69 -1.07 40.68
N GLY N 180 -19.88 -0.20 41.66
CA GLY N 180 -18.78 0.28 42.49
C GLY N 180 -17.97 1.36 41.83
N TYR N 181 -18.64 2.36 41.24
CA TYR N 181 -17.95 3.43 40.55
C TYR N 181 -18.48 4.83 40.86
N GLY N 182 -19.64 4.96 41.50
CA GLY N 182 -20.07 6.27 41.98
C GLY N 182 -21.39 6.79 41.47
N LYS N 183 -22.32 5.89 41.13
CA LYS N 183 -23.65 6.33 40.70
C LYS N 183 -24.41 6.95 41.87
N SER N 184 -24.42 6.28 43.02
CA SER N 184 -25.19 6.75 44.17
C SER N 184 -24.68 8.09 44.67
N ASN N 185 -23.37 8.30 44.64
CA ASN N 185 -22.80 9.57 45.07
C ASN N 185 -23.30 10.72 44.19
N PHE N 186 -23.28 10.51 42.86
CA PHE N 186 -23.80 11.53 41.96
C PHE N 186 -25.27 11.80 42.20
N ASN N 187 -26.07 10.74 42.38
CA ASN N 187 -27.50 10.93 42.61
C ASN N 187 -27.75 11.73 43.88
N ALA N 188 -27.06 11.37 44.97
CA ALA N 188 -27.24 12.08 46.22
C ALA N 188 -26.83 13.54 46.11
N LEU N 189 -25.68 13.80 45.48
CA LEU N 189 -25.23 15.18 45.33
C LEU N 189 -26.23 16.00 44.53
N LEU N 190 -26.69 15.47 43.40
CA LEU N 190 -27.62 16.22 42.55
C LEU N 190 -28.92 16.50 43.29
N THR N 191 -29.52 15.48 43.89
CA THR N 191 -30.80 15.68 44.57
C THR N 191 -30.67 16.64 45.74
N ARG N 192 -29.62 16.48 46.55
CA ARG N 192 -29.46 17.34 47.72
C ARG N 192 -29.24 18.79 47.33
N LYS N 193 -28.38 19.05 46.35
CA LYS N 193 -28.10 20.44 46.01
C LYS N 193 -29.13 21.05 45.07
N VAL N 194 -30.05 20.24 44.53
CA VAL N 194 -31.22 20.80 43.87
C VAL N 194 -32.32 21.13 44.89
N SER N 195 -32.43 20.34 45.96
CA SER N 195 -33.43 20.59 46.99
C SER N 195 -33.09 21.77 47.88
N GLU N 196 -31.90 22.34 47.75
CA GLU N 196 -31.50 23.49 48.57
C GLU N 196 -31.77 24.82 47.89
N LYS N 197 -31.54 24.92 46.58
CA LYS N 197 -31.78 26.17 45.87
C LYS N 197 -33.27 26.53 45.88
N TYR N 198 -34.14 25.56 45.63
CA TYR N 198 -35.59 25.76 45.63
C TYR N 198 -36.22 24.88 46.70
N PRO N 199 -36.44 25.42 47.91
CA PRO N 199 -37.09 24.62 48.96
C PRO N 199 -38.51 24.19 48.61
N ASN N 200 -39.14 24.80 47.61
CA ASN N 200 -40.52 24.48 47.25
C ASN N 200 -40.60 23.43 46.14
N SER N 201 -39.62 22.52 46.08
CA SER N 201 -39.61 21.48 45.08
C SER N 201 -40.45 20.29 45.52
N ARG N 202 -40.45 19.24 44.71
CA ARG N 202 -41.21 18.02 45.00
C ARG N 202 -40.40 16.84 44.47
N ILE N 203 -39.86 16.04 45.37
CA ILE N 203 -38.97 14.94 45.02
C ILE N 203 -39.46 13.66 45.69
N VAL N 204 -39.54 12.58 44.92
CA VAL N 204 -39.91 11.26 45.43
C VAL N 204 -38.79 10.29 45.06
N ILE N 205 -38.34 9.50 46.03
CA ILE N 205 -37.20 8.61 45.86
C ILE N 205 -37.64 7.18 46.15
N PHE N 206 -37.35 6.28 45.21
CA PHE N 206 -37.53 4.84 45.42
C PHE N 206 -36.18 4.24 45.81
N ASP N 207 -36.12 3.63 46.98
CA ASP N 207 -34.90 3.03 47.50
C ASP N 207 -35.08 1.52 47.59
N ILE N 208 -34.11 0.78 47.05
CA ILE N 208 -34.20 -0.67 46.98
C ILE N 208 -33.37 -1.26 48.12
N ASN N 209 -32.34 -0.54 48.54
CA ASN N 209 -31.44 -1.01 49.59
C ASN N 209 -31.57 -0.25 50.90
N GLY N 210 -32.28 0.87 50.92
CA GLY N 210 -32.42 1.66 52.13
C GLY N 210 -31.13 2.34 52.54
N GLU N 211 -30.66 3.28 51.72
CA GLU N 211 -29.36 3.88 51.94
C GLU N 211 -29.34 5.40 51.80
N TYR N 212 -30.43 6.02 51.36
CA TYR N 212 -30.44 7.46 51.08
C TYR N 212 -30.93 8.29 52.25
N ALA N 213 -31.32 7.67 53.37
CA ALA N 213 -31.84 8.44 54.50
C ALA N 213 -30.75 9.23 55.19
N GLN N 214 -29.52 8.74 55.19
CA GLN N 214 -28.42 9.40 55.88
C GLN N 214 -27.98 10.68 55.19
N ALA N 215 -28.24 10.82 53.89
CA ALA N 215 -27.75 11.97 53.14
C ALA N 215 -28.61 13.21 53.30
N PHE N 216 -29.78 13.11 53.93
CA PHE N 216 -30.71 14.22 54.03
C PHE N 216 -30.86 14.73 55.48
N THR N 217 -29.80 14.64 56.27
CA THR N 217 -29.85 15.13 57.64
C THR N 217 -29.58 16.63 57.65
N GLY N 218 -30.61 17.42 57.90
CA GLY N 218 -30.47 18.86 57.96
C GLY N 218 -31.37 19.61 57.01
N ILE N 219 -32.41 18.95 56.51
CA ILE N 219 -33.33 19.57 55.57
C ILE N 219 -34.75 19.44 56.11
N PRO N 220 -35.53 20.52 56.14
CA PRO N 220 -36.92 20.42 56.61
C PRO N 220 -37.80 19.66 55.62
N ASN N 221 -38.90 19.14 56.16
CA ASN N 221 -39.93 18.45 55.38
C ASN N 221 -39.34 17.25 54.63
N VAL N 222 -38.84 16.29 55.42
CA VAL N 222 -38.36 15.01 54.92
C VAL N 222 -39.13 13.91 55.62
N LYS N 223 -39.75 13.02 54.85
CA LYS N 223 -40.56 11.93 55.39
C LYS N 223 -39.94 10.60 55.00
N HIS N 224 -39.90 9.67 55.94
CA HIS N 224 -39.34 8.34 55.74
C HIS N 224 -40.45 7.31 55.88
N THR N 225 -40.58 6.44 54.88
CA THR N 225 -41.61 5.41 54.87
C THR N 225 -40.96 4.06 54.63
N ILE N 226 -41.30 3.08 55.46
CA ILE N 226 -40.79 1.72 55.33
C ILE N 226 -41.98 0.81 55.04
N LEU N 227 -41.91 0.09 53.92
CA LEU N 227 -42.97 -0.83 53.57
C LEU N 227 -42.89 -2.09 54.42
N GLY N 228 -44.04 -2.54 54.89
CA GLY N 228 -44.14 -3.74 55.71
C GLY N 228 -44.89 -3.49 57.00
N GLU N 229 -44.53 -4.26 58.03
CA GLU N 229 -45.13 -4.14 59.34
C GLU N 229 -44.04 -4.21 60.40
N SER N 230 -44.34 -3.64 61.57
CA SER N 230 -43.35 -3.55 62.63
C SER N 230 -42.98 -4.94 63.14
N PRO N 231 -41.71 -5.17 63.49
CA PRO N 231 -41.32 -6.50 63.98
C PRO N 231 -41.77 -6.79 65.39
N ASN N 232 -41.85 -5.77 66.25
CA ASN N 232 -42.23 -5.98 67.64
C ASN N 232 -43.18 -4.88 68.07
N VAL N 233 -44.18 -5.27 68.86
CA VAL N 233 -45.19 -4.32 69.31
C VAL N 233 -44.66 -3.44 70.43
N ASP N 234 -43.81 -3.98 71.30
CA ASP N 234 -43.40 -3.30 72.52
C ASP N 234 -42.65 -2.00 72.26
N SER N 235 -41.97 -1.86 71.13
CA SER N 235 -41.28 -0.62 70.83
C SER N 235 -42.28 0.45 70.41
N LEU N 236 -42.11 1.65 70.98
CA LEU N 236 -42.99 2.76 70.69
C LEU N 236 -42.34 3.73 69.72
N GLU N 237 -43.17 4.36 68.89
CA GLU N 237 -42.67 5.32 67.90
C GLU N 237 -43.73 6.42 67.74
N LYS N 238 -43.31 7.67 67.93
CA LYS N 238 -44.22 8.81 67.78
C LYS N 238 -43.53 9.91 66.97
N LYS N 239 -44.33 10.83 66.47
CA LYS N 239 -43.87 11.97 65.69
C LYS N 239 -43.95 13.24 66.53
N GLN N 240 -43.55 14.36 65.92
CA GLN N 240 -43.59 15.66 66.55
C GLN N 240 -44.13 16.69 65.56
N GLN N 241 -44.05 17.96 65.95
CA GLN N 241 -44.47 19.06 65.09
C GLN N 241 -43.68 19.05 63.78
N LYS N 242 -44.23 19.71 62.76
CA LYS N 242 -43.67 19.63 61.42
C LYS N 242 -43.16 21.00 60.99
N GLY N 243 -42.06 21.00 60.22
CA GLY N 243 -41.38 22.21 59.80
C GLY N 243 -39.95 22.33 60.29
N GLU N 244 -39.53 21.46 61.20
CA GLU N 244 -38.18 21.50 61.71
C GLU N 244 -37.24 20.65 60.84
N LEU N 245 -35.99 20.56 61.28
CA LEU N 245 -34.99 19.77 60.57
C LEU N 245 -35.24 18.27 60.77
N TYR N 246 -34.52 17.47 59.99
CA TYR N 246 -34.68 16.03 60.02
C TYR N 246 -33.57 15.35 60.82
N SER N 247 -33.94 14.27 61.50
CA SER N 247 -33.01 13.40 62.18
C SER N 247 -33.39 11.96 61.90
N GLU N 248 -32.51 11.03 62.27
CA GLU N 248 -32.67 9.63 61.90
C GLU N 248 -33.46 8.83 62.92
N GLU N 249 -34.33 9.47 63.70
CA GLU N 249 -35.17 8.78 64.66
C GLU N 249 -36.65 8.85 64.32
N TYR N 250 -36.99 9.21 63.08
CA TYR N 250 -38.37 9.30 62.64
C TYR N 250 -38.60 8.40 61.43
N TYR N 251 -39.64 7.58 61.51
CA TYR N 251 -40.06 6.73 60.39
C TYR N 251 -41.45 6.17 60.72
N CYS N 252 -42.00 5.43 59.76
CA CYS N 252 -43.33 4.85 59.90
C CYS N 252 -43.37 3.52 59.16
N TYR N 253 -44.52 2.86 59.22
CA TYR N 253 -44.75 1.60 58.52
C TYR N 253 -46.08 1.70 57.79
N LYS N 254 -46.14 1.07 56.61
CA LYS N 254 -47.33 1.19 55.77
C LYS N 254 -47.45 -0.03 54.88
N LYS N 255 -48.69 -0.49 54.71
CA LYS N 255 -49.03 -1.56 53.79
C LYS N 255 -49.86 -1.01 52.63
N ILE N 256 -49.89 -1.76 51.53
CA ILE N 256 -50.65 -1.41 50.35
C ILE N 256 -51.93 -2.25 50.34
N PRO N 257 -53.11 -1.65 50.47
CA PRO N 257 -54.35 -2.42 50.40
C PRO N 257 -54.51 -3.08 49.03
N TYR N 258 -55.08 -4.29 49.04
CA TYR N 258 -55.24 -5.04 47.80
C TYR N 258 -56.29 -4.41 46.89
N GLN N 259 -57.33 -3.80 47.48
CA GLN N 259 -58.39 -3.20 46.67
C GLN N 259 -57.90 -2.03 45.84
N ALA N 260 -56.76 -1.46 46.17
CA ALA N 260 -56.23 -0.31 45.43
C ALA N 260 -55.76 -0.69 44.04
N LEU N 261 -55.57 -1.98 43.75
CA LEU N 261 -55.05 -2.37 42.45
C LEU N 261 -55.99 -2.01 41.32
N GLY N 262 -57.29 -2.17 41.52
CA GLY N 262 -58.28 -1.81 40.52
C GLY N 262 -58.86 -3.03 39.83
N PHE N 263 -59.85 -2.76 38.97
CA PHE N 263 -60.52 -3.83 38.23
C PHE N 263 -59.57 -4.49 37.25
N ALA N 264 -58.86 -3.68 36.45
CA ALA N 264 -57.94 -4.22 35.45
C ALA N 264 -56.60 -4.61 36.03
N GLY N 265 -56.27 -4.17 37.24
CA GLY N 265 -55.01 -4.57 37.85
C GLY N 265 -55.05 -5.96 38.45
N LEU N 266 -56.23 -6.41 38.89
CA LEU N 266 -56.36 -7.74 39.48
C LEU N 266 -56.59 -8.82 38.44
N ILE N 267 -56.93 -8.45 37.21
CA ILE N 267 -57.08 -9.43 36.14
C ILE N 267 -55.75 -9.88 35.58
N LYS N 268 -54.66 -9.19 35.93
CA LYS N 268 -53.33 -9.50 35.44
C LYS N 268 -52.50 -10.31 36.44
N LEU N 269 -52.74 -10.10 37.74
CA LEU N 269 -51.97 -10.81 38.76
C LEU N 269 -52.33 -12.29 38.85
N LEU N 270 -53.50 -12.68 38.34
CA LEU N 270 -53.95 -14.06 38.45
C LEU N 270 -53.80 -14.86 37.16
N ARG N 271 -53.75 -14.19 36.00
CA ARG N 271 -53.44 -14.80 34.72
C ARG N 271 -54.37 -15.94 34.35
N PRO N 272 -55.64 -15.67 34.03
CA PRO N 272 -56.54 -16.73 33.56
C PRO N 272 -56.32 -17.00 32.08
N SER N 273 -56.00 -18.25 31.75
CA SER N 273 -55.50 -18.56 30.41
C SER N 273 -56.37 -19.54 29.62
N ASP N 274 -56.66 -20.72 30.17
CA ASP N 274 -56.93 -21.87 29.29
C ASP N 274 -58.36 -21.94 28.77
N LYS N 275 -59.33 -22.19 29.65
CA LYS N 275 -60.63 -22.66 29.18
C LYS N 275 -61.78 -21.71 29.48
N THR N 276 -62.04 -21.41 30.75
CA THR N 276 -63.24 -20.67 31.11
C THR N 276 -62.95 -19.72 32.29
N GLN N 277 -61.69 -19.56 32.67
CA GLN N 277 -61.37 -18.81 33.88
C GLN N 277 -61.56 -17.31 33.71
N LEU N 278 -61.70 -16.83 32.48
CA LEU N 278 -61.85 -15.39 32.26
C LEU N 278 -63.28 -14.93 32.57
N PRO N 279 -64.33 -15.52 31.99
CA PRO N 279 -65.69 -15.07 32.35
C PRO N 279 -66.02 -15.23 33.81
N ALA N 280 -65.57 -16.33 34.43
CA ALA N 280 -65.88 -16.56 35.84
C ALA N 280 -65.23 -15.51 36.73
N LEU N 281 -63.98 -15.14 36.43
CA LEU N 281 -63.31 -14.12 37.22
C LEU N 281 -63.99 -12.78 37.08
N ARG N 282 -64.42 -12.42 35.86
CA ARG N 282 -65.15 -11.18 35.66
C ARG N 282 -66.45 -11.18 36.45
N ASN N 283 -67.18 -12.30 36.43
CA ASN N 283 -68.41 -12.39 37.20
C ASN N 283 -68.14 -12.23 38.69
N ALA N 284 -67.08 -12.87 39.20
CA ALA N 284 -66.76 -12.76 40.61
C ALA N 284 -66.40 -11.33 41.00
N LEU N 285 -65.61 -10.66 40.18
CA LEU N 285 -65.24 -9.28 40.48
C LEU N 285 -66.44 -8.35 40.40
N SER N 286 -67.37 -8.61 39.49
CA SER N 286 -68.59 -7.82 39.45
C SER N 286 -69.45 -8.05 40.68
N ALA N 287 -69.50 -9.29 41.16
CA ALA N 287 -70.35 -9.64 42.30
C ALA N 287 -69.71 -9.36 43.64
N ILE N 288 -68.43 -8.97 43.68
CA ILE N 288 -67.76 -8.63 44.93
C ILE N 288 -68.46 -7.53 45.71
N ASN N 289 -69.40 -6.80 45.09
CA ASN N 289 -70.09 -5.73 45.79
C ASN N 289 -71.14 -6.26 46.76
N ARG N 290 -71.67 -7.45 46.53
CA ARG N 290 -72.77 -7.96 47.34
C ARG N 290 -72.41 -9.28 48.01
N THR N 291 -71.21 -9.36 48.56
CA THR N 291 -70.73 -10.52 49.28
C THR N 291 -70.56 -10.15 50.76
N HIS N 292 -71.12 -10.97 51.64
CA HIS N 292 -71.14 -10.67 53.06
C HIS N 292 -70.12 -11.52 53.80
N PHE N 293 -69.83 -11.10 55.03
CA PHE N 293 -68.89 -11.80 55.90
C PHE N 293 -69.18 -11.37 57.33
N LYS N 294 -69.61 -12.31 58.17
CA LYS N 294 -70.05 -11.98 59.52
C LYS N 294 -69.12 -12.53 60.59
N SER N 295 -68.97 -13.86 60.67
CA SER N 295 -68.05 -14.44 61.65
C SER N 295 -66.93 -15.25 61.00
N ARG N 296 -67.26 -16.30 60.25
CA ARG N 296 -66.24 -17.11 59.60
C ARG N 296 -66.69 -17.63 58.24
N ASN N 297 -67.84 -17.21 57.73
CA ASN N 297 -68.43 -17.80 56.54
C ASN N 297 -68.97 -16.73 55.62
N ILE N 298 -69.14 -17.11 54.36
CA ILE N 298 -69.66 -16.23 53.31
C ILE N 298 -71.13 -16.55 53.10
N TYR N 299 -71.97 -15.51 53.11
CA TYR N 299 -73.41 -15.69 52.95
C TYR N 299 -74.00 -14.53 52.19
N LEU N 300 -75.18 -14.77 51.60
CA LEU N 300 -75.94 -13.75 50.91
C LEU N 300 -77.22 -13.43 51.69
N GLU N 301 -78.00 -12.48 51.16
CA GLU N 301 -79.21 -12.05 51.84
C GLU N 301 -80.16 -11.44 50.83
N LYS N 302 -81.47 -11.58 51.09
CA LYS N 302 -82.51 -10.99 50.26
C LYS N 302 -83.02 -9.71 50.92
N ASP N 303 -84.11 -9.17 50.36
CA ASP N 303 -84.70 -7.95 50.90
C ASP N 303 -85.39 -8.17 52.23
N ASP N 304 -86.00 -9.34 52.44
CA ASP N 304 -86.74 -9.60 53.68
C ASP N 304 -85.82 -10.01 54.83
N GLY N 305 -84.80 -10.81 54.56
CA GLY N 305 -83.90 -11.25 55.62
C GLY N 305 -83.45 -12.69 55.49
N GLU N 306 -83.92 -13.39 54.47
CA GLU N 306 -83.51 -14.78 54.27
C GLU N 306 -82.03 -14.86 53.92
N THR N 307 -81.43 -16.01 54.22
CA THR N 307 -79.99 -16.15 54.12
C THR N 307 -79.64 -17.46 53.44
N PHE N 308 -78.55 -17.44 52.67
CA PHE N 308 -78.02 -18.61 51.99
C PHE N 308 -76.52 -18.67 52.22
N LEU N 309 -75.98 -19.88 52.32
CA LEU N 309 -74.57 -20.08 52.63
C LEU N 309 -73.83 -20.58 51.40
N LEU N 310 -72.60 -20.12 51.22
CA LEU N 310 -71.76 -20.53 50.12
C LEU N 310 -70.58 -21.35 50.64
N TYR N 311 -70.23 -22.39 49.90
CA TYR N 311 -69.21 -23.36 50.32
C TYR N 311 -68.11 -23.43 49.27
N ASP N 312 -66.86 -23.48 49.75
CA ASP N 312 -65.72 -23.50 48.85
C ASP N 312 -65.60 -24.83 48.13
N ASP N 313 -65.74 -25.93 48.86
CA ASP N 313 -65.62 -27.27 48.28
C ASP N 313 -66.92 -27.64 47.59
N CYS N 314 -67.06 -28.92 47.23
CA CYS N 314 -68.17 -29.41 46.41
C CYS N 314 -69.21 -30.14 47.25
N ARG N 315 -69.51 -29.65 48.44
CA ARG N 315 -70.51 -30.30 49.29
C ARG N 315 -71.88 -30.27 48.61
N ASP N 316 -72.67 -31.31 48.89
CA ASP N 316 -73.97 -31.48 48.26
C ASP N 316 -75.13 -30.93 49.09
N THR N 317 -74.84 -30.29 50.22
CA THR N 317 -75.90 -29.75 51.06
C THR N 317 -76.55 -28.54 50.41
N ASN N 318 -77.88 -28.54 50.37
CA ASN N 318 -78.67 -27.45 49.80
C ASN N 318 -78.25 -27.12 48.38
N GLN N 319 -78.13 -28.15 47.56
CA GLN N 319 -77.81 -27.97 46.15
C GLN N 319 -79.06 -27.80 45.29
N SER N 320 -80.24 -27.79 45.90
CA SER N 320 -81.48 -27.73 45.14
C SER N 320 -81.75 -26.32 44.60
N LYS N 321 -81.87 -25.35 45.50
CA LYS N 321 -82.21 -23.98 45.11
C LYS N 321 -80.95 -23.11 45.02
N LEU N 322 -80.09 -23.46 44.06
CA LEU N 322 -78.87 -22.72 43.79
C LEU N 322 -78.97 -21.84 42.55
N ALA N 323 -79.65 -22.31 41.50
CA ALA N 323 -79.73 -21.54 40.26
C ALA N 323 -80.47 -20.23 40.47
N GLU N 324 -81.51 -20.24 41.30
CA GLU N 324 -82.29 -19.02 41.53
C GLU N 324 -81.43 -17.92 42.14
N TRP N 325 -80.60 -18.27 43.12
CA TRP N 325 -79.78 -17.25 43.80
C TRP N 325 -78.75 -16.65 42.85
N LEU N 326 -78.06 -17.49 42.09
CA LEU N 326 -77.08 -16.97 41.12
C LEU N 326 -77.77 -16.11 40.07
N ASP N 327 -78.92 -16.57 39.57
CA ASP N 327 -79.63 -15.81 38.55
C ASP N 327 -80.09 -14.45 39.07
N LEU N 328 -80.55 -14.41 40.32
CA LEU N 328 -80.98 -13.16 40.91
C LEU N 328 -79.80 -12.25 41.27
N LEU N 329 -78.63 -12.84 41.53
CA LEU N 329 -77.44 -12.04 41.78
C LEU N 329 -76.91 -11.42 40.50
N ARG N 330 -77.02 -12.14 39.38
CA ARG N 330 -76.48 -11.64 38.12
C ARG N 330 -77.17 -10.36 37.66
N ARG N 331 -78.39 -10.11 38.12
CA ARG N 331 -79.16 -8.95 37.69
C ARG N 331 -79.20 -7.84 38.73
N ARG N 332 -78.36 -7.92 39.77
CA ARG N 332 -78.26 -6.88 40.80
C ARG N 332 -79.60 -6.65 41.49
N ARG N 333 -80.10 -7.69 42.16
CA ARG N 333 -81.38 -7.62 42.85
C ARG N 333 -81.29 -7.86 44.35
N LEU N 334 -80.26 -8.52 44.84
CA LEU N 334 -80.12 -8.80 46.26
C LEU N 334 -79.62 -7.56 47.00
N LYS N 335 -79.31 -7.73 48.28
CA LYS N 335 -78.87 -6.63 49.13
C LYS N 335 -77.37 -6.42 49.00
N ARG N 336 -76.95 -5.17 49.16
CA ARG N 336 -75.55 -4.77 49.08
C ARG N 336 -75.00 -4.50 50.47
N THR N 337 -73.69 -4.67 50.61
CA THR N 337 -73.02 -4.59 51.91
C THR N 337 -72.37 -3.22 52.10
N ASN N 338 -71.60 -3.09 53.18
CA ASN N 338 -70.96 -1.82 53.50
C ASN N 338 -69.50 -1.99 53.92
N VAL N 339 -69.00 -3.22 53.97
CA VAL N 339 -67.64 -3.50 54.44
C VAL N 339 -66.93 -4.37 53.40
N TRP N 340 -65.65 -4.13 53.19
CA TRP N 340 -64.88 -4.89 52.22
C TRP N 340 -64.66 -6.32 52.69
N PRO N 341 -64.97 -7.33 51.89
CA PRO N 341 -64.72 -8.71 52.28
C PRO N 341 -63.25 -9.06 52.13
N PRO N 342 -62.77 -10.09 52.82
CA PRO N 342 -61.36 -10.47 52.71
C PRO N 342 -60.98 -10.92 51.31
N PHE N 343 -59.66 -11.02 51.10
CA PHE N 343 -59.13 -11.44 49.81
C PHE N 343 -59.50 -12.87 49.47
N LYS N 344 -59.48 -13.76 50.45
CA LYS N 344 -59.74 -15.17 50.19
C LYS N 344 -61.18 -15.46 49.84
N SER N 345 -62.09 -14.49 49.98
CA SER N 345 -63.48 -14.69 49.60
C SER N 345 -63.67 -14.82 48.09
N LEU N 346 -62.66 -14.46 47.29
CA LEU N 346 -62.78 -14.60 45.84
C LEU N 346 -62.75 -16.06 45.41
N ALA N 347 -62.07 -16.92 46.17
CA ALA N 347 -61.94 -18.32 45.78
C ALA N 347 -63.28 -19.03 45.75
N THR N 348 -64.13 -18.77 46.76
CA THR N 348 -65.42 -19.45 46.82
C THR N 348 -66.32 -19.06 45.65
N LEU N 349 -66.34 -17.78 45.30
CA LEU N 349 -67.24 -17.32 44.24
C LEU N 349 -66.89 -17.95 42.89
N VAL N 350 -65.60 -18.08 42.59
CA VAL N 350 -65.19 -18.70 41.34
C VAL N 350 -65.69 -20.14 41.27
N ALA N 351 -65.52 -20.88 42.36
CA ALA N 351 -65.99 -22.26 42.39
C ALA N 351 -67.51 -22.34 42.23
N GLU N 352 -68.24 -21.46 42.90
CA GLU N 352 -69.70 -21.49 42.79
C GLU N 352 -70.16 -21.13 41.39
N PHE N 353 -69.49 -20.18 40.73
CA PHE N 353 -69.87 -19.81 39.37
C PHE N 353 -69.43 -20.84 38.34
N GLY N 354 -68.44 -21.67 38.66
CA GLY N 354 -68.01 -22.68 37.73
C GLY N 354 -68.66 -24.05 37.91
N CYS N 355 -69.25 -24.30 39.08
CA CYS N 355 -69.80 -25.61 39.39
C CYS N 355 -71.30 -25.72 39.15
N VAL N 356 -71.93 -24.68 38.63
CA VAL N 356 -73.38 -24.67 38.48
C VAL N 356 -73.76 -25.31 37.15
N ALA N 357 -74.81 -26.12 37.18
CA ALA N 357 -75.34 -26.75 35.98
C ALA N 357 -76.82 -27.02 36.19
N ALA N 358 -77.52 -27.23 35.07
CA ALA N 358 -78.97 -27.47 35.11
C ALA N 358 -79.25 -28.96 35.22
N ASP N 359 -80.08 -29.33 36.19
CA ASP N 359 -80.41 -30.73 36.40
C ASP N 359 -81.57 -31.15 35.51
N ARG N 360 -81.54 -32.40 35.07
CA ARG N 360 -82.61 -32.93 34.23
C ARG N 360 -83.92 -33.01 34.99
N SER N 361 -83.87 -33.41 36.27
CA SER N 361 -85.07 -33.53 37.09
C SER N 361 -85.41 -32.20 37.75
N ASN N 362 -85.63 -31.21 36.89
CA ASN N 362 -86.13 -29.86 37.22
C ASN N 362 -85.60 -29.36 38.57
N GLY N 363 -84.29 -29.49 38.76
CA GLY N 363 -83.65 -29.02 39.97
C GLY N 363 -82.36 -28.28 39.70
N SER N 364 -81.35 -28.52 40.53
CA SER N 364 -80.03 -27.93 40.35
C SER N 364 -78.98 -28.92 40.84
N LYS N 365 -77.77 -28.78 40.31
CA LYS N 365 -76.71 -29.73 40.60
C LYS N 365 -75.38 -28.99 40.64
N ARG N 366 -74.45 -29.51 41.45
CA ARG N 366 -73.08 -29.02 41.49
C ARG N 366 -72.23 -29.99 40.70
N ASP N 367 -71.93 -29.64 39.45
CA ASP N 367 -71.22 -30.54 38.56
C ASP N 367 -69.79 -30.73 39.05
N ALA N 368 -69.43 -31.99 39.35
CA ALA N 368 -68.06 -32.30 39.70
C ALA N 368 -67.15 -32.28 38.48
N PHE N 369 -67.71 -32.60 37.31
CA PHE N 369 -66.93 -32.53 36.08
C PHE N 369 -66.67 -31.09 35.66
N GLY N 370 -67.58 -30.18 36.00
CA GLY N 370 -67.38 -28.78 35.68
C GLY N 370 -66.36 -28.10 36.57
N PHE N 371 -66.07 -28.69 37.74
CA PHE N 371 -65.07 -28.12 38.64
C PHE N 371 -63.69 -28.13 37.99
N SER N 372 -63.38 -29.16 37.21
CA SER N 372 -62.06 -29.33 36.63
C SER N 372 -61.70 -28.23 35.63
N ASN N 373 -62.68 -27.45 35.17
CA ASN N 373 -62.38 -26.36 34.24
C ASN N 373 -61.74 -25.17 34.92
N VAL N 374 -62.00 -24.96 36.21
CA VAL N 374 -61.54 -23.77 36.90
C VAL N 374 -60.67 -24.13 38.09
N LEU N 375 -59.95 -25.25 37.99
CA LEU N 375 -59.16 -25.73 39.11
C LEU N 375 -57.86 -24.94 39.34
N PRO N 376 -57.07 -24.64 38.30
CA PRO N 376 -55.81 -23.91 38.55
C PRO N 376 -56.00 -22.56 39.22
N LEU N 377 -57.08 -21.83 38.90
CA LEU N 377 -57.27 -20.50 39.46
C LEU N 377 -57.47 -20.56 40.97
N VAL N 378 -58.25 -21.53 41.45
CA VAL N 378 -58.46 -21.67 42.89
C VAL N 378 -57.14 -21.98 43.58
N LYS N 379 -56.32 -22.83 42.98
CA LYS N 379 -55.02 -23.16 43.56
C LYS N 379 -54.12 -21.94 43.63
N ILE N 380 -54.08 -21.14 42.55
CA ILE N 380 -53.17 -20.00 42.54
C ILE N 380 -53.66 -18.89 43.48
N ILE N 381 -54.98 -18.77 43.68
CA ILE N 381 -55.49 -17.83 44.66
C ILE N 381 -55.17 -18.31 46.07
N GLN N 382 -55.35 -19.61 46.33
CA GLN N 382 -55.07 -20.15 47.65
C GLN N 382 -53.60 -20.06 48.01
N GLN N 383 -52.71 -20.36 47.05
CA GLN N 383 -51.28 -20.35 47.34
C GLN N 383 -50.74 -18.96 47.61
N LEU N 384 -51.46 -17.92 47.20
CA LEU N 384 -51.00 -16.55 47.37
C LEU N 384 -51.62 -15.87 48.58
N ALA N 385 -52.67 -16.45 49.16
CA ALA N 385 -53.34 -15.88 50.32
C ALA N 385 -52.81 -16.45 51.63
N GLU N 386 -51.81 -17.32 51.58
CA GLU N 386 -51.19 -17.86 52.79
C GLU N 386 -49.68 -17.76 52.76
N ASP N 387 -49.09 -17.20 51.71
CA ASP N 387 -47.65 -17.04 51.64
C ASP N 387 -47.20 -15.96 52.62
N ILE N 388 -46.20 -16.29 53.43
CA ILE N 388 -45.74 -15.36 54.47
C ILE N 388 -45.10 -14.12 53.85
N ARG N 389 -44.41 -14.26 52.73
CA ARG N 389 -43.68 -13.14 52.16
C ARG N 389 -44.58 -12.18 51.38
N PHE N 390 -45.82 -12.57 51.10
CA PHE N 390 -46.75 -11.71 50.36
C PHE N 390 -47.75 -11.00 51.26
N LYS N 391 -48.19 -11.64 52.34
CA LYS N 391 -49.16 -11.01 53.23
C LYS N 391 -48.54 -9.97 54.14
N SER N 392 -47.21 -9.90 54.22
CA SER N 392 -46.55 -8.95 55.09
C SER N 392 -46.33 -7.59 54.44
N ILE N 393 -46.60 -7.45 53.15
CA ILE N 393 -46.40 -6.19 52.45
C ILE N 393 -47.72 -5.71 51.87
N VAL N 394 -48.62 -6.65 51.58
CA VAL N 394 -49.91 -6.36 50.99
C VAL N 394 -50.99 -6.75 51.98
N ASN N 395 -51.89 -5.82 52.27
CA ASN N 395 -53.00 -6.08 53.18
C ASN N 395 -54.04 -6.94 52.47
N LEU N 396 -54.44 -8.03 53.12
CA LEU N 396 -55.38 -8.99 52.53
C LEU N 396 -56.54 -9.28 53.46
N ASN N 397 -56.81 -8.40 54.43
CA ASN N 397 -57.83 -8.63 55.43
C ASN N 397 -59.12 -7.86 55.16
N GLY N 398 -59.04 -6.68 54.56
CA GLY N 398 -60.23 -5.88 54.35
C GLY N 398 -60.75 -5.28 55.64
N GLY N 399 -62.05 -5.02 55.65
CA GLY N 399 -62.69 -4.46 56.81
C GLY N 399 -62.80 -2.96 56.85
N GLY N 400 -62.58 -2.28 55.73
CA GLY N 400 -62.61 -0.84 55.68
C GLY N 400 -64.01 -0.29 55.45
N GLU N 401 -64.06 0.94 54.96
CA GLU N 401 -65.32 1.64 54.69
C GLU N 401 -65.55 1.67 53.19
N LEU N 402 -66.77 1.32 52.78
CA LEU N 402 -67.13 1.17 51.37
C LEU N 402 -68.29 2.12 51.06
N ALA N 403 -68.06 3.04 50.12
CA ALA N 403 -69.11 3.93 49.68
C ALA N 403 -70.11 3.19 48.78
N ASP N 404 -71.10 3.93 48.29
CA ASP N 404 -72.13 3.38 47.42
C ASP N 404 -72.30 4.26 46.19
N GLY N 405 -72.71 3.65 45.08
CA GLY N 405 -72.98 4.38 43.87
C GLY N 405 -72.36 3.77 42.62
N GLY N 406 -71.64 2.66 42.79
CA GLY N 406 -70.97 2.04 41.66
C GLY N 406 -69.61 2.62 41.31
N THR N 407 -69.07 3.49 42.15
CA THR N 407 -67.77 4.13 41.92
C THR N 407 -66.87 3.91 43.12
N HIS N 408 -66.79 2.66 43.58
CA HIS N 408 -66.02 2.33 44.77
C HIS N 408 -64.58 1.94 44.49
N TRP N 409 -64.26 1.50 43.28
CA TRP N 409 -62.86 1.21 42.95
C TRP N 409 -62.03 2.48 42.86
N ASP N 410 -62.62 3.56 42.36
CA ASP N 410 -61.86 4.77 42.06
C ASP N 410 -61.33 5.43 43.33
N LYS N 411 -62.14 5.47 44.40
CA LYS N 411 -61.68 6.09 45.64
C LYS N 411 -60.49 5.32 46.22
N ALA N 412 -60.57 3.99 46.22
CA ALA N 412 -59.45 3.19 46.71
C ALA N 412 -58.21 3.40 45.85
N MET N 413 -58.40 3.50 44.52
CA MET N 413 -57.26 3.74 43.66
C MET N 413 -56.64 5.12 43.91
N SER N 414 -57.47 6.12 44.18
CA SER N 414 -56.98 7.49 44.35
C SER N 414 -56.32 7.71 45.71
N ASP N 415 -56.78 7.02 46.76
CA ASP N 415 -56.25 7.26 48.10
C ASP N 415 -54.76 6.93 48.17
N GLU N 416 -54.36 5.77 47.65
CA GLU N 416 -52.96 5.37 47.70
C GLU N 416 -52.09 6.30 46.87
N VAL N 417 -52.57 6.70 45.69
CA VAL N 417 -51.79 7.61 44.85
C VAL N 417 -51.60 8.95 45.54
N ASP N 418 -52.66 9.46 46.18
CA ASP N 418 -52.53 10.71 46.93
C ASP N 418 -51.54 10.57 48.07
N TYR N 419 -51.59 9.42 48.77
CA TYR N 419 -50.68 9.21 49.90
C TYR N 419 -49.22 9.14 49.44
N PHE N 420 -48.95 8.50 48.30
CA PHE N 420 -47.58 8.24 47.88
C PHE N 420 -46.97 9.42 47.13
N PHE N 421 -47.60 9.83 46.03
CA PHE N 421 -47.01 10.81 45.13
C PHE N 421 -47.45 12.24 45.42
N GLY N 422 -48.26 12.46 46.44
CA GLY N 422 -48.66 13.80 46.84
C GLY N 422 -50.05 14.16 46.34
N LYS N 423 -50.53 15.29 46.85
CA LYS N 423 -51.86 15.79 46.52
C LYS N 423 -51.80 16.71 45.31
N GLU N 424 -52.97 17.17 44.87
CA GLU N 424 -53.09 17.96 43.66
C GLU N 424 -52.83 19.43 43.95
N LYS N 425 -53.05 20.28 42.95
CA LYS N 425 -52.78 21.70 43.07
C LYS N 425 -53.78 22.36 44.02
N GLY N 426 -53.28 23.24 44.88
CA GLY N 426 -54.15 24.02 45.74
C GLY N 426 -54.12 23.61 47.21
N GLN N 427 -54.10 22.31 47.45
CA GLN N 427 -54.14 21.80 48.82
C GLN N 427 -52.76 21.94 49.47
N GLU N 428 -52.63 21.45 50.70
CA GLU N 428 -51.39 21.56 51.46
C GLU N 428 -50.74 20.19 51.59
N ASN N 429 -49.46 20.11 51.26
CA ASN N 429 -48.68 18.89 51.41
C ASN N 429 -47.75 19.04 52.60
N ASP N 430 -47.72 18.01 53.45
CA ASP N 430 -46.90 18.04 54.65
C ASP N 430 -45.41 17.90 54.37
N TRP N 431 -45.03 17.29 53.24
CA TRP N 431 -43.64 16.98 52.96
C TRP N 431 -43.23 17.55 51.61
N ASN N 432 -41.93 17.78 51.47
CA ASN N 432 -41.32 18.15 50.20
C ASN N 432 -40.41 17.07 49.64
N VAL N 433 -39.75 16.28 50.50
CA VAL N 433 -38.88 15.19 50.09
C VAL N 433 -39.40 13.90 50.71
N HIS N 434 -39.60 12.88 49.89
CA HIS N 434 -40.17 11.62 50.32
C HIS N 434 -39.22 10.49 49.98
N ILE N 435 -38.98 9.61 50.96
CA ILE N 435 -38.10 8.45 50.79
C ILE N 435 -38.93 7.20 51.09
N VAL N 436 -38.92 6.25 50.16
CA VAL N 436 -39.62 4.99 50.33
C VAL N 436 -38.58 3.89 50.47
N ASN N 437 -38.67 3.14 51.56
CA ASN N 437 -37.72 2.08 51.86
C ASN N 437 -38.34 0.73 51.50
N MET N 438 -37.63 -0.04 50.70
CA MET N 438 -38.13 -1.32 50.17
C MET N 438 -37.10 -2.42 50.39
N LYS N 439 -36.58 -2.51 51.61
CA LYS N 439 -35.63 -3.56 51.96
C LYS N 439 -36.32 -4.82 52.45
N ASN N 440 -37.65 -4.85 52.43
CA ASN N 440 -38.42 -6.00 52.90
C ASN N 440 -39.23 -6.65 51.78
N LEU N 441 -38.96 -6.29 50.53
CA LEU N 441 -39.65 -6.88 49.39
C LEU N 441 -38.77 -7.95 48.75
N ALA N 442 -39.38 -9.10 48.47
CA ALA N 442 -38.64 -10.20 47.86
C ALA N 442 -38.33 -9.90 46.40
N GLN N 443 -37.39 -10.67 45.85
CA GLN N 443 -37.02 -10.49 44.45
C GLN N 443 -38.06 -11.04 43.48
N ASP N 444 -38.96 -11.89 43.96
CA ASP N 444 -39.99 -12.48 43.10
C ASP N 444 -41.28 -11.68 43.11
N HIS N 445 -41.36 -10.57 43.84
CA HIS N 445 -42.58 -9.79 43.93
C HIS N 445 -42.41 -8.32 43.60
N ALA N 446 -41.18 -7.81 43.52
CA ALA N 446 -40.98 -6.39 43.25
C ALA N 446 -41.45 -5.95 41.87
N PRO N 447 -41.13 -6.65 40.77
CA PRO N 447 -41.57 -6.16 39.44
C PRO N 447 -43.05 -5.86 39.33
N MET N 448 -43.90 -6.83 39.70
CA MET N 448 -45.34 -6.67 39.52
C MET N 448 -45.88 -5.50 40.34
N LEU N 449 -45.47 -5.42 41.61
CA LEU N 449 -45.98 -4.36 42.48
C LEU N 449 -45.53 -2.98 41.99
N LEU N 450 -44.26 -2.85 41.61
CA LEU N 450 -43.77 -1.54 41.18
C LEU N 450 -44.41 -1.11 39.85
N SER N 451 -44.58 -2.06 38.93
CA SER N 451 -45.27 -1.74 37.68
C SER N 451 -46.71 -1.33 37.94
N ALA N 452 -47.37 -1.99 38.90
CA ALA N 452 -48.73 -1.61 39.25
C ALA N 452 -48.78 -0.20 39.81
N LEU N 453 -47.83 0.15 40.68
CA LEU N 453 -47.78 1.51 41.22
C LEU N 453 -47.61 2.54 40.10
N LEU N 454 -46.71 2.26 39.16
CA LEU N 454 -46.48 3.21 38.07
C LEU N 454 -47.72 3.37 37.19
N GLU N 455 -48.42 2.26 36.91
CA GLU N 455 -49.62 2.34 36.09
C GLU N 455 -50.73 3.12 36.80
N MET N 456 -50.90 2.91 38.10
CA MET N 456 -51.87 3.71 38.85
C MET N 456 -51.50 5.18 38.82
N PHE N 457 -50.21 5.48 38.95
CA PHE N 457 -49.76 6.86 38.85
C PHE N 457 -50.13 7.47 37.50
N ALA N 458 -49.90 6.74 36.42
CA ALA N 458 -50.24 7.26 35.08
C ALA N 458 -51.74 7.50 34.95
N GLU N 459 -52.56 6.58 35.44
CA GLU N 459 -54.01 6.74 35.33
C GLU N 459 -54.49 7.96 36.11
N ILE N 460 -54.01 8.12 37.35
CA ILE N 460 -54.43 9.27 38.14
C ILE N 460 -53.93 10.57 37.54
N LEU N 461 -52.72 10.55 36.96
CA LEU N 461 -52.20 11.74 36.30
C LEU N 461 -53.08 12.14 35.12
N PHE N 462 -53.51 11.16 34.31
CA PHE N 462 -54.38 11.48 33.19
C PHE N 462 -55.72 12.03 33.67
N ARG N 463 -56.26 11.45 34.75
CA ARG N 463 -57.53 11.95 35.27
C ARG N 463 -57.40 13.37 35.81
N ARG N 464 -56.26 13.69 36.44
CA ARG N 464 -56.10 15.01 37.05
C ARG N 464 -56.14 16.12 36.02
N GLY N 465 -55.47 15.93 34.89
CA GLY N 465 -55.41 16.93 33.85
C GLY N 465 -54.23 17.87 34.01
N GLN N 466 -54.07 18.74 33.00
CA GLN N 466 -52.94 19.67 33.00
C GLN N 466 -53.16 20.83 33.95
N GLU N 467 -54.40 21.25 34.16
CA GLU N 467 -54.66 22.45 34.95
C GLU N 467 -54.29 22.28 36.41
N ARG N 468 -54.60 21.11 36.99
CA ARG N 468 -54.36 20.86 38.40
C ARG N 468 -53.18 19.92 38.66
N SER N 469 -52.18 19.93 37.77
CA SER N 469 -51.00 19.09 37.94
C SER N 469 -49.85 19.90 38.48
N TYR N 470 -49.08 19.30 39.39
CA TYR N 470 -47.97 19.96 40.04
C TYR N 470 -46.67 19.25 39.69
N PRO N 471 -45.61 20.00 39.40
CA PRO N 471 -44.35 19.36 38.96
C PRO N 471 -43.78 18.44 40.01
N THR N 472 -43.22 17.32 39.55
CA THR N 472 -42.60 16.33 40.43
C THR N 472 -41.33 15.79 39.76
N VAL N 473 -40.46 15.21 40.59
CA VAL N 473 -39.24 14.57 40.12
C VAL N 473 -39.15 13.19 40.74
N LEU N 474 -38.98 12.17 39.90
CA LEU N 474 -38.89 10.78 40.33
C LEU N 474 -37.49 10.25 40.10
N LEU N 475 -36.93 9.61 41.13
CA LEU N 475 -35.62 8.97 41.04
C LEU N 475 -35.83 7.47 41.17
N LEU N 476 -35.69 6.76 40.05
CA LEU N 476 -35.84 5.31 40.01
C LEU N 476 -34.46 4.68 40.04
N GLU N 477 -34.24 3.78 41.00
CA GLU N 477 -32.97 3.09 41.16
C GLU N 477 -33.12 1.64 40.71
N GLU N 478 -32.12 1.16 39.96
CA GLU N 478 -32.12 -0.18 39.39
C GLU N 478 -33.35 -0.40 38.51
N ALA N 479 -33.40 0.37 37.42
CA ALA N 479 -34.57 0.41 36.56
C ALA N 479 -34.70 -0.80 35.65
N HIS N 480 -33.67 -1.62 35.53
CA HIS N 480 -33.73 -2.81 34.69
C HIS N 480 -34.49 -3.96 35.33
N HIS N 481 -35.21 -3.70 36.42
CA HIS N 481 -35.98 -4.72 37.11
C HIS N 481 -37.48 -4.52 37.03
N TYR N 482 -37.95 -3.27 37.03
CA TYR N 482 -39.40 -3.01 37.02
C TYR N 482 -39.79 -2.03 35.92
N LEU N 483 -39.20 -2.17 34.73
CA LEU N 483 -39.62 -1.45 33.55
C LEU N 483 -39.85 -2.41 32.38
N ARG N 484 -40.12 -3.67 32.68
CA ARG N 484 -40.36 -4.68 31.67
C ARG N 484 -41.85 -4.90 31.47
N LYS N 495 -45.87 -2.28 25.78
CA LYS N 495 -47.30 -2.40 25.57
C LYS N 495 -48.05 -1.36 26.40
N ALA N 496 -48.65 -1.80 27.51
CA ALA N 496 -49.36 -0.90 28.41
C ALA N 496 -48.52 -0.50 29.61
N TYR N 497 -47.27 -0.97 29.71
CA TYR N 497 -46.43 -0.72 30.87
C TYR N 497 -45.44 0.43 30.65
N GLU N 498 -45.55 1.15 29.54
CA GLU N 498 -44.65 2.26 29.25
C GLU N 498 -45.41 3.57 29.06
N ARG N 499 -46.56 3.70 29.72
CA ARG N 499 -47.37 4.92 29.57
C ARG N 499 -46.65 6.13 30.14
N LEU N 500 -45.99 5.97 31.29
CA LEU N 500 -45.38 7.10 31.97
C LEU N 500 -44.16 7.62 31.20
N ALA N 501 -43.37 6.71 30.63
CA ALA N 501 -42.16 7.12 29.92
C ALA N 501 -42.47 7.98 28.71
N LYS N 502 -43.51 7.60 27.95
CA LYS N 502 -43.84 8.34 26.73
C LYS N 502 -44.64 9.59 27.06
N GLU N 503 -45.82 9.42 27.65
CA GLU N 503 -46.68 10.55 27.99
C GLU N 503 -46.47 10.94 29.45
N GLY N 504 -45.31 11.54 29.70
CA GLY N 504 -44.99 12.00 31.04
C GLY N 504 -44.75 13.50 31.11
N ARG N 505 -44.27 14.07 30.01
CA ARG N 505 -44.00 15.51 29.99
C ARG N 505 -45.29 16.30 29.90
N LYS N 506 -46.29 15.77 29.21
CA LYS N 506 -47.56 16.47 29.07
C LYS N 506 -48.23 16.73 30.42
N PHE N 507 -47.86 15.97 31.45
CA PHE N 507 -48.44 16.12 32.79
C PHE N 507 -47.40 16.48 33.84
N LYS N 508 -46.29 17.09 33.42
CA LYS N 508 -45.28 17.63 34.34
C LYS N 508 -44.68 16.53 35.23
N CYS N 509 -44.00 15.59 34.58
CA CYS N 509 -43.32 14.51 35.29
C CYS N 509 -41.96 14.24 34.63
N SER N 510 -40.94 13.99 35.46
CA SER N 510 -39.61 13.66 34.98
C SER N 510 -39.09 12.44 35.71
N LEU N 511 -38.30 11.64 35.00
CA LEU N 511 -37.73 10.42 35.54
C LEU N 511 -36.22 10.44 35.41
N ILE N 512 -35.54 9.99 36.46
CA ILE N 512 -34.09 9.78 36.45
C ILE N 512 -33.87 8.28 36.54
N VAL N 513 -33.48 7.66 35.43
CA VAL N 513 -33.23 6.23 35.37
C VAL N 513 -31.77 5.98 35.71
N SER N 514 -31.52 5.05 36.63
CA SER N 514 -30.18 4.70 37.05
C SER N 514 -30.06 3.18 37.08
N THR N 515 -29.40 2.63 36.06
CA THR N 515 -29.27 1.18 35.95
C THR N 515 -27.85 0.85 35.52
N GLN N 516 -27.42 -0.36 35.87
CA GLN N 516 -26.09 -0.83 35.52
C GLN N 516 -26.07 -1.65 34.24
N ARG N 517 -27.24 -1.95 33.68
CA ARG N 517 -27.34 -2.71 32.42
C ARG N 517 -28.27 -1.95 31.49
N PRO N 518 -27.73 -1.12 30.60
CA PRO N 518 -28.58 -0.35 29.68
C PRO N 518 -29.14 -1.18 28.53
N SER N 519 -28.72 -2.44 28.39
CA SER N 519 -29.19 -3.28 27.30
C SER N 519 -30.45 -4.05 27.64
N GLU N 520 -30.98 -3.90 28.85
CA GLU N 520 -32.21 -4.55 29.25
C GLU N 520 -33.40 -3.61 29.25
N LEU N 521 -33.27 -2.45 28.61
CA LEU N 521 -34.36 -1.49 28.49
C LEU N 521 -34.75 -1.35 27.02
N SER N 522 -36.03 -1.11 26.78
CA SER N 522 -36.50 -0.94 25.42
C SER N 522 -35.90 0.32 24.81
N PRO N 523 -35.58 0.31 23.52
CA PRO N 523 -35.00 1.52 22.90
C PRO N 523 -35.91 2.72 22.95
N THR N 524 -37.23 2.52 23.00
CA THR N 524 -38.16 3.64 23.06
C THR N 524 -37.97 4.44 24.35
N VAL N 525 -37.76 3.77 25.47
CA VAL N 525 -37.55 4.46 26.74
C VAL N 525 -36.23 5.23 26.70
N LEU N 526 -35.17 4.59 26.22
CA LEU N 526 -33.84 5.18 26.23
C LEU N 526 -33.64 6.26 25.18
N ALA N 527 -34.51 6.33 24.18
CA ALA N 527 -34.36 7.32 23.11
C ALA N 527 -34.99 8.67 23.45
N MET N 528 -35.73 8.77 24.56
CA MET N 528 -36.40 10.01 24.92
C MET N 528 -35.59 10.90 25.84
N CYS N 529 -34.43 10.45 26.31
CA CYS N 529 -33.62 11.25 27.20
C CYS N 529 -32.95 12.39 26.44
N SER N 530 -32.78 13.52 27.12
CA SER N 530 -32.13 14.68 26.54
C SER N 530 -30.67 14.82 26.93
N ASN N 531 -30.29 14.38 28.12
CA ASN N 531 -28.90 14.46 28.58
C ASN N 531 -28.45 13.09 29.07
N TRP N 532 -27.15 12.83 28.93
CA TRP N 532 -26.56 11.54 29.26
C TRP N 532 -25.39 11.72 30.22
N PHE N 533 -25.33 10.85 31.23
CA PHE N 533 -24.18 10.73 32.11
C PHE N 533 -23.74 9.29 32.12
N SER N 534 -22.47 9.05 31.83
CA SER N 534 -21.96 7.70 31.62
C SER N 534 -20.68 7.49 32.41
N LEU N 535 -20.71 6.55 33.34
CA LEU N 535 -19.52 6.07 34.02
C LEU N 535 -18.96 4.87 33.24
N ARG N 536 -18.05 4.12 33.84
CA ARG N 536 -17.41 3.02 33.13
C ARG N 536 -18.44 1.99 32.70
N LEU N 537 -18.32 1.55 31.45
CA LEU N 537 -19.24 0.59 30.85
C LEU N 537 -18.42 -0.30 29.93
N THR N 538 -18.27 -1.57 30.29
CA THR N 538 -17.27 -2.45 29.68
C THR N 538 -17.84 -3.32 28.57
N ASN N 539 -18.95 -4.01 28.82
CA ASN N 539 -19.45 -5.02 27.89
C ASN N 539 -19.83 -4.41 26.55
N GLU N 540 -19.59 -5.17 25.48
CA GLU N 540 -19.91 -4.71 24.13
C GLU N 540 -21.41 -4.57 23.92
N ARG N 541 -22.21 -5.46 24.50
CA ARG N 541 -23.65 -5.43 24.32
C ARG N 541 -24.27 -4.16 24.92
N ASP N 542 -23.56 -3.48 25.81
CA ASP N 542 -24.05 -2.23 26.39
C ASP N 542 -23.62 -1.01 25.59
N LEU N 543 -22.35 -0.97 25.16
CA LEU N 543 -21.89 0.12 24.32
C LEU N 543 -22.63 0.15 22.99
N GLN N 544 -22.92 -1.03 22.43
CA GLN N 544 -23.68 -1.06 21.18
C GLN N 544 -25.07 -0.48 21.36
N ALA N 545 -25.74 -0.82 22.45
CA ALA N 545 -27.07 -0.26 22.72
C ALA N 545 -26.99 1.25 22.91
N LEU N 546 -25.97 1.72 23.64
CA LEU N 546 -25.82 3.16 23.84
C LEU N 546 -25.59 3.88 22.52
N ARG N 547 -24.78 3.31 21.64
CA ARG N 547 -24.53 3.93 20.34
C ARG N 547 -25.76 3.91 19.45
N TYR N 548 -26.52 2.81 19.48
CA TYR N 548 -27.70 2.68 18.64
C TYR N 548 -28.83 3.59 19.11
N ALA N 549 -28.91 3.87 20.41
CA ALA N 549 -30.03 4.65 20.95
C ALA N 549 -29.73 6.13 21.11
N MET N 550 -28.47 6.53 21.06
CA MET N 550 -28.12 7.93 21.31
C MET N 550 -28.58 8.82 20.16
N GLU N 551 -28.77 10.09 20.47
CA GLU N 551 -29.26 11.07 19.51
C GLU N 551 -28.32 12.23 19.28
N SER N 552 -27.71 12.77 20.33
CA SER N 552 -26.82 13.91 20.24
C SER N 552 -25.43 13.52 20.74
N GLY N 553 -24.41 13.94 20.01
CA GLY N 553 -23.04 13.67 20.38
C GLY N 553 -22.22 13.30 19.16
N ASN N 554 -21.05 12.73 19.41
CA ASN N 554 -20.12 12.32 18.37
C ASN N 554 -19.76 10.85 18.55
N GLU N 555 -18.80 10.38 17.75
CA GLU N 555 -18.32 9.01 17.82
C GLU N 555 -16.96 8.88 18.47
N GLN N 556 -16.13 9.93 18.41
CA GLN N 556 -14.79 9.87 18.99
C GLN N 556 -14.77 10.09 20.49
N ILE N 557 -15.88 10.54 21.08
CA ILE N 557 -15.94 10.69 22.54
C ILE N 557 -16.43 9.42 23.22
N LEU N 558 -16.99 8.48 22.47
CA LEU N 558 -17.46 7.22 23.05
C LEU N 558 -16.37 6.19 23.23
N LYS N 559 -15.16 6.45 22.72
CA LYS N 559 -14.03 5.56 22.88
C LYS N 559 -13.33 5.74 24.23
N GLN N 560 -13.69 6.76 25.00
CA GLN N 560 -13.06 7.03 26.28
C GLN N 560 -13.79 6.40 27.46
N ILE N 561 -15.00 5.85 27.24
CA ILE N 561 -15.78 5.28 28.33
C ILE N 561 -15.11 4.03 28.89
N SER N 562 -14.47 3.24 28.03
CA SER N 562 -13.97 1.92 28.42
C SER N 562 -12.82 1.97 29.40
N GLY N 563 -12.24 3.15 29.66
CA GLY N 563 -11.12 3.22 30.58
C GLY N 563 -11.21 4.35 31.59
N LEU N 564 -12.42 4.75 31.95
CA LEU N 564 -12.61 5.84 32.90
C LEU N 564 -12.28 5.36 34.32
N PRO N 565 -11.48 6.12 35.06
CA PRO N 565 -11.19 5.76 36.45
C PRO N 565 -12.42 5.93 37.35
N ARG N 566 -12.27 5.61 38.63
CA ARG N 566 -13.37 5.78 39.57
C ARG N 566 -13.70 7.25 39.74
N GLY N 567 -15.00 7.56 39.72
CA GLY N 567 -15.44 8.93 39.89
C GLY N 567 -15.10 9.87 38.74
N ASP N 568 -15.17 9.38 37.50
CA ASP N 568 -15.00 10.21 36.31
C ASP N 568 -16.15 9.92 35.36
N ALA N 569 -16.71 10.97 34.78
CA ALA N 569 -17.90 10.85 33.97
C ALA N 569 -17.76 11.66 32.69
N VAL N 570 -18.49 11.21 31.65
CA VAL N 570 -18.58 11.92 30.38
C VAL N 570 -20.04 12.28 30.18
N ALA N 571 -20.32 13.56 29.97
CA ALA N 571 -21.68 14.07 29.89
C ALA N 571 -21.86 14.84 28.59
N PHE N 572 -23.03 14.64 27.96
CA PHE N 572 -23.39 15.37 26.77
C PHE N 572 -24.90 15.44 26.67
N GLY N 573 -25.38 16.45 25.96
CA GLY N 573 -26.83 16.62 25.79
C GLY N 573 -27.15 18.04 25.35
N SER N 574 -28.36 18.47 25.69
CA SER N 574 -28.86 19.78 25.32
C SER N 574 -28.48 20.87 26.30
N ALA N 575 -27.97 20.52 27.48
CA ALA N 575 -27.55 21.49 28.47
C ALA N 575 -26.05 21.79 28.40
N PHE N 576 -25.32 21.14 27.50
CA PHE N 576 -23.89 21.31 27.36
C PHE N 576 -23.55 21.80 25.97
N ASN N 577 -22.78 22.87 25.88
CA ASN N 577 -22.42 23.42 24.58
C ASN N 577 -21.54 22.45 23.79
N LEU N 578 -20.59 21.81 24.45
CA LEU N 578 -19.74 20.81 23.82
C LEU N 578 -19.46 19.71 24.85
N PRO N 579 -19.23 18.48 24.39
CA PRO N 579 -18.98 17.39 25.33
C PRO N 579 -17.74 17.63 26.19
N VAL N 580 -17.81 17.21 27.44
CA VAL N 580 -16.78 17.49 28.43
C VAL N 580 -16.59 16.28 29.33
N ARG N 581 -15.41 16.21 29.96
CA ARG N 581 -15.06 15.16 30.90
C ARG N 581 -15.01 15.77 32.30
N ILE N 582 -15.78 15.22 33.23
CA ILE N 582 -16.05 15.85 34.52
C ILE N 582 -15.60 14.91 35.64
N SER N 583 -14.90 15.47 36.62
CA SER N 583 -14.58 14.77 37.86
C SER N 583 -15.60 15.18 38.91
N ILE N 584 -16.46 14.24 39.32
CA ILE N 584 -17.55 14.55 40.21
C ILE N 584 -17.02 14.87 41.61
N ASN N 585 -17.71 15.78 42.29
CA ASN N 585 -17.37 16.10 43.67
C ASN N 585 -17.83 14.98 44.60
N GLN N 586 -17.59 15.16 45.89
CA GLN N 586 -17.97 14.19 46.92
C GLN N 586 -19.12 14.72 47.75
N ALA N 587 -20.20 13.96 47.81
CA ALA N 587 -21.34 14.36 48.64
C ALA N 587 -20.99 14.22 50.11
N ARG N 588 -21.48 15.16 50.91
CA ARG N 588 -21.22 15.15 52.35
C ARG N 588 -22.48 15.52 53.11
N PRO N 589 -23.04 14.58 53.89
CA PRO N 589 -22.62 13.19 54.07
C PRO N 589 -23.14 12.30 52.95
N GLY N 590 -22.42 11.22 52.63
CA GLY N 590 -22.80 10.35 51.54
C GLY N 590 -23.82 9.33 51.95
N PRO N 591 -24.18 8.46 51.01
CA PRO N 591 -25.13 7.39 51.30
C PRO N 591 -24.55 6.39 52.29
N LYS N 592 -25.45 5.69 52.99
CA LYS N 592 -25.07 4.79 54.06
C LYS N 592 -24.33 3.56 53.55
N SER N 593 -24.38 3.29 52.25
CA SER N 593 -23.80 2.07 51.68
C SER N 593 -22.34 1.90 52.05
N SER N 594 -21.99 0.69 52.46
CA SER N 594 -20.62 0.34 52.80
C SER N 594 -20.40 -1.14 52.49
N ASP N 595 -19.29 -1.68 52.98
CA ASP N 595 -18.90 -3.06 52.71
C ASP N 595 -18.87 -3.85 54.01
N ALA N 596 -19.46 -5.04 53.97
CA ALA N 596 -19.47 -5.93 55.13
C ALA N 596 -18.15 -6.69 55.24
N VAL N 597 -17.76 -6.98 56.48
CA VAL N 597 -16.53 -7.70 56.77
C VAL N 597 -16.89 -9.00 57.48
N PHE N 598 -16.33 -10.11 57.00
CA PHE N 598 -16.58 -11.41 57.60
C PHE N 598 -15.58 -11.76 58.69
N SER N 599 -14.32 -11.35 58.54
CA SER N 599 -13.29 -11.75 59.49
C SER N 599 -13.43 -11.08 60.85
N GLU N 600 -14.17 -9.97 60.93
CA GLU N 600 -14.32 -9.28 62.20
C GLU N 600 -15.08 -10.13 63.22
N GLU N 601 -16.12 -10.84 62.76
CA GLU N 601 -16.91 -11.69 63.65
C GLU N 601 -16.27 -13.05 63.89
N TRP N 602 -15.25 -13.42 63.12
CA TRP N 602 -14.57 -14.69 63.29
C TRP N 602 -13.37 -14.59 64.22
N ALA N 603 -13.10 -13.40 64.77
CA ALA N 603 -12.00 -13.18 65.72
C ALA N 603 -10.67 -13.68 65.18
N PHE O 4 28.70 7.87 40.03
CA PHE O 4 27.42 8.55 39.95
C PHE O 4 26.66 8.13 38.69
N LYS O 5 25.60 7.35 38.89
CA LYS O 5 24.78 6.84 37.79
C LYS O 5 23.34 7.27 38.00
N LEU O 6 22.70 7.72 36.91
CA LEU O 6 21.30 8.13 36.98
C LEU O 6 20.36 6.95 37.07
N THR O 7 20.67 5.84 36.40
CA THR O 7 19.83 4.65 36.43
C THR O 7 20.71 3.42 36.31
N GLU O 8 20.15 2.28 36.72
CA GLU O 8 20.86 1.01 36.68
C GLU O 8 20.25 0.05 35.65
N ILE O 9 19.66 0.61 34.60
CA ILE O 9 19.10 -0.19 33.51
C ILE O 9 19.37 0.55 32.20
N SER O 10 19.44 -0.21 31.12
CA SER O 10 19.77 0.33 29.80
C SER O 10 18.52 0.40 28.93
N ALA O 11 18.44 1.45 28.12
CA ALA O 11 17.30 1.62 27.22
C ALA O 11 17.47 0.75 25.99
N ILE O 12 16.35 0.48 25.32
CA ILE O 12 16.35 -0.40 24.16
C ILE O 12 15.71 0.28 22.96
N GLY O 13 15.33 1.54 23.11
CA GLY O 13 14.76 2.25 21.98
C GLY O 13 14.23 3.61 22.39
N TYR O 14 13.54 4.25 21.45
CA TYR O 14 12.94 5.56 21.67
C TYR O 14 11.68 5.68 20.82
N VAL O 15 10.84 6.64 21.19
CA VAL O 15 9.53 6.81 20.56
C VAL O 15 9.66 7.75 19.37
N VAL O 16 9.05 7.39 18.25
CA VAL O 16 9.18 8.14 17.01
C VAL O 16 7.83 8.47 16.41
N GLY O 17 6.76 8.28 17.17
CA GLY O 17 5.43 8.58 16.64
C GLY O 17 4.37 8.39 17.70
N LEU O 18 3.24 9.08 17.48
CA LEU O 18 2.06 8.94 18.32
C LEU O 18 0.85 9.19 17.41
N GLU O 19 0.19 8.12 17.01
CA GLU O 19 -0.93 8.18 16.07
C GLU O 19 -2.18 7.71 16.80
N GLY O 20 -2.96 8.65 17.31
CA GLY O 20 -4.16 8.30 18.06
C GLY O 20 -3.84 7.62 19.38
N GLU O 21 -4.11 6.32 19.45
CA GLU O 21 -3.82 5.53 20.65
C GLU O 21 -2.55 4.70 20.52
N ARG O 22 -2.12 4.37 19.31
CA ARG O 22 -0.96 3.51 19.13
C ARG O 22 0.33 4.29 19.33
N ILE O 23 1.41 3.54 19.61
CA ILE O 23 2.73 4.09 19.85
C ILE O 23 3.73 3.33 19.00
N ARG O 24 4.63 4.06 18.35
CA ARG O 24 5.64 3.47 17.46
C ARG O 24 7.01 3.67 18.05
N ILE O 25 7.78 2.58 18.16
CA ILE O 25 9.07 2.57 18.84
C ILE O 25 10.13 2.03 17.89
N ASN O 26 11.32 2.62 17.92
CA ASN O 26 12.46 2.19 17.13
C ASN O 26 13.51 1.57 18.05
N LEU O 27 13.92 0.34 17.73
CA LEU O 27 14.87 -0.38 18.56
C LEU O 27 16.30 -0.10 18.15
N HIS O 28 17.22 -0.27 19.10
CA HIS O 28 18.63 -0.07 18.82
C HIS O 28 19.18 -1.25 18.01
N GLU O 29 20.45 -1.14 17.63
CA GLU O 29 21.11 -2.17 16.85
C GLU O 29 21.97 -3.06 17.75
N GLY O 30 22.11 -4.32 17.34
CA GLY O 30 22.92 -5.26 18.09
C GLY O 30 22.10 -6.10 19.06
N LEU O 31 22.77 -6.64 20.08
CA LEU O 31 22.07 -7.50 21.03
C LEU O 31 21.12 -6.71 21.91
N GLN O 32 21.45 -5.45 22.20
CA GLN O 32 20.53 -4.61 22.96
C GLN O 32 19.24 -4.42 22.18
N GLY O 33 18.11 -4.57 22.88
CA GLY O 33 16.80 -4.57 22.26
C GLY O 33 16.04 -5.87 22.43
N ARG O 34 16.73 -6.95 22.81
CA ARG O 34 16.07 -8.22 23.04
C ARG O 34 16.39 -8.76 24.43
N LEU O 35 17.60 -8.49 24.91
CA LEU O 35 18.06 -9.01 26.19
C LEU O 35 18.75 -7.92 26.99
N ALA O 36 18.62 -8.00 28.30
CA ALA O 36 19.27 -7.06 29.21
C ALA O 36 19.46 -7.73 30.56
N SER O 37 20.42 -7.22 31.33
CA SER O 37 20.73 -7.76 32.65
C SER O 37 20.84 -6.62 33.65
N HIS O 38 20.47 -6.92 34.89
CA HIS O 38 20.49 -5.94 35.97
C HIS O 38 20.80 -6.67 37.27
N ARG O 39 20.57 -6.00 38.40
CA ARG O 39 20.93 -6.54 39.70
C ARG O 39 20.04 -7.70 40.15
N LYS O 40 18.94 -7.97 39.46
CA LYS O 40 18.03 -9.03 39.84
C LYS O 40 18.05 -10.24 38.92
N GLY O 41 18.48 -10.08 37.68
CA GLY O 41 18.46 -11.20 36.75
C GLY O 41 18.55 -10.71 35.32
N VAL O 42 17.88 -11.46 34.43
CA VAL O 42 17.90 -11.18 32.99
C VAL O 42 16.46 -10.99 32.53
N SER O 43 16.22 -9.94 31.76
CA SER O 43 14.89 -9.61 31.26
C SER O 43 14.91 -9.56 29.75
N SER O 44 13.73 -9.71 29.15
CA SER O 44 13.63 -9.78 27.69
C SER O 44 12.30 -9.22 27.24
N VAL O 45 12.27 -8.74 26.00
CA VAL O 45 11.07 -8.30 25.31
C VAL O 45 11.14 -8.91 23.92
N THR O 46 10.47 -10.04 23.71
CA THR O 46 10.67 -10.85 22.52
C THR O 46 9.42 -10.99 21.66
N GLN O 47 8.27 -11.30 22.25
CA GLN O 47 7.06 -11.63 21.51
C GLN O 47 5.90 -10.77 22.01
N PRO O 48 4.86 -10.61 21.19
CA PRO O 48 3.70 -9.84 21.63
C PRO O 48 3.09 -10.41 22.90
N GLY O 49 2.68 -9.51 23.80
CA GLY O 49 2.16 -9.90 25.09
C GLY O 49 3.04 -9.43 26.23
N ASP O 50 4.28 -9.04 25.92
CA ASP O 50 5.21 -8.59 26.92
C ASP O 50 4.88 -7.16 27.36
N LEU O 51 5.51 -6.74 28.47
CA LEU O 51 5.28 -5.44 29.05
C LEU O 51 6.55 -4.62 29.03
N ILE O 52 6.43 -3.33 28.68
CA ILE O 52 7.55 -2.41 28.66
C ILE O 52 7.13 -1.11 29.35
N GLY O 53 8.12 -0.32 29.74
CA GLY O 53 7.87 0.94 30.40
C GLY O 53 8.66 2.07 29.77
N PHE O 54 8.10 3.28 29.88
CA PHE O 54 8.72 4.48 29.35
C PHE O 54 9.06 5.43 30.50
N ASP O 55 10.27 5.96 30.49
CA ASP O 55 10.72 6.91 31.50
C ASP O 55 10.15 8.29 31.18
N ALA O 56 9.22 8.77 32.00
CA ALA O 56 8.59 10.07 31.82
C ALA O 56 8.90 11.00 32.99
N GLY O 57 10.04 10.79 33.65
CA GLY O 57 10.48 11.67 34.72
C GLY O 57 9.85 11.37 36.06
N ASN O 58 8.59 11.75 36.23
CA ASN O 58 7.91 11.58 37.50
C ASN O 58 6.96 10.39 37.53
N ILE O 59 6.56 9.87 36.38
CA ILE O 59 5.69 8.70 36.30
C ILE O 59 6.29 7.71 35.31
N LEU O 60 5.92 6.44 35.48
CA LEU O 60 6.38 5.36 34.62
C LEU O 60 5.18 4.72 33.94
N VAL O 61 5.05 4.97 32.64
CA VAL O 61 3.92 4.44 31.88
C VAL O 61 4.16 2.97 31.55
N VAL O 62 3.11 2.15 31.66
CA VAL O 62 3.18 0.73 31.40
C VAL O 62 2.44 0.44 30.10
N ALA O 63 3.02 -0.40 29.25
CA ALA O 63 2.47 -0.67 27.93
C ALA O 63 2.52 -2.16 27.63
N ARG O 64 1.75 -2.56 26.62
CA ARG O 64 1.68 -3.94 26.16
C ARG O 64 1.99 -4.00 24.68
N VAL O 65 2.90 -4.90 24.29
CA VAL O 65 3.37 -4.99 22.91
C VAL O 65 2.37 -5.76 22.06
N THR O 66 2.19 -5.31 20.82
CA THR O 66 1.26 -5.94 19.89
C THR O 66 1.93 -6.52 18.66
N ASP O 67 2.75 -5.75 17.95
CA ASP O 67 3.30 -6.16 16.67
C ASP O 67 4.79 -5.87 16.58
N MET O 68 5.47 -6.66 15.75
CA MET O 68 6.91 -6.51 15.51
C MET O 68 7.20 -6.89 14.07
N ALA O 69 8.00 -6.07 13.38
CA ALA O 69 8.33 -6.34 11.99
C ALA O 69 9.55 -5.53 11.58
N PHE O 70 10.17 -5.94 10.47
CA PHE O 70 11.26 -5.20 9.88
C PHE O 70 10.75 -3.96 9.16
N VAL O 71 11.57 -2.92 9.14
CA VAL O 71 11.16 -1.66 8.52
C VAL O 71 11.04 -1.82 7.02
N GLU O 72 12.05 -2.41 6.39
CA GLU O 72 12.06 -2.59 4.94
C GLU O 72 11.84 -4.06 4.57
N ILE O 89 22.22 -4.29 7.50
CA ILE O 89 21.69 -4.13 8.84
C ILE O 89 20.33 -3.42 8.81
N PRO O 90 19.26 -4.19 9.02
CA PRO O 90 17.91 -3.61 8.95
C PRO O 90 17.48 -2.97 10.25
N LEU O 91 16.24 -2.46 10.29
CA LEU O 91 15.69 -1.81 11.47
C LEU O 91 14.36 -2.47 11.85
N ARG O 92 14.01 -2.36 13.12
CA ARG O 92 12.85 -3.05 13.68
C ARG O 92 11.94 -2.06 14.41
N GLN O 93 10.66 -2.37 14.45
CA GLN O 93 9.64 -1.48 15.01
C GLN O 93 8.68 -2.27 15.89
N ILE O 94 8.05 -1.54 16.82
CA ILE O 94 7.12 -2.11 17.78
C ILE O 94 5.93 -1.17 17.94
N ILE O 95 4.74 -1.74 18.09
CA ILE O 95 3.50 -1.02 18.33
C ILE O 95 2.93 -1.48 19.67
N ALA O 96 2.51 -0.53 20.51
CA ALA O 96 2.07 -0.83 21.85
C ALA O 96 0.93 0.09 22.28
N TYR O 97 0.24 -0.31 23.34
CA TYR O 97 -0.84 0.44 23.95
C TYR O 97 -0.57 0.61 25.44
N ALA O 98 -1.09 1.69 26.02
CA ALA O 98 -0.85 2.03 27.42
C ALA O 98 -1.96 1.49 28.32
N ILE O 99 -1.60 1.20 29.57
CA ILE O 99 -2.57 0.63 30.51
C ILE O 99 -2.56 1.36 31.86
N GLY O 100 -1.54 2.15 32.14
CA GLY O 100 -1.50 2.86 33.42
C GLY O 100 -0.11 3.40 33.69
N PHE O 101 0.10 3.80 34.95
CA PHE O 101 1.37 4.37 35.38
C PHE O 101 1.60 4.09 36.86
N VAL O 102 2.82 4.39 37.31
CA VAL O 102 3.27 4.13 38.67
C VAL O 102 3.81 5.41 39.28
N LYS O 103 3.48 5.65 40.56
CA LYS O 103 3.92 6.87 41.24
C LYS O 103 4.25 6.55 42.68
N ARG O 104 5.06 7.42 43.29
CA ARG O 104 5.45 7.28 44.68
C ARG O 104 4.40 7.92 45.58
N GLU O 105 4.12 7.29 46.73
CA GLU O 105 3.11 7.82 47.64
C GLU O 105 3.72 8.27 48.97
N LEU O 106 4.32 7.37 49.76
CA LEU O 106 5.04 7.76 50.96
C LEU O 106 6.49 7.29 50.94
N ASN O 107 6.71 5.99 50.78
CA ASN O 107 8.05 5.44 50.60
C ASN O 107 8.07 4.28 49.63
N GLY O 108 6.93 3.92 49.03
CA GLY O 108 6.84 2.85 48.06
C GLY O 108 6.25 3.37 46.77
N TYR O 109 5.38 2.56 46.17
CA TYR O 109 4.76 2.92 44.90
C TYR O 109 3.34 2.38 44.86
N VAL O 110 2.53 2.97 43.99
CA VAL O 110 1.16 2.54 43.76
C VAL O 110 0.92 2.48 42.27
N PHE O 111 -0.11 1.73 41.89
CA PHE O 111 -0.50 1.56 40.50
C PHE O 111 -1.92 2.06 40.32
N ILE O 112 -2.15 2.88 39.29
CA ILE O 112 -3.45 3.47 39.01
C ILE O 112 -3.84 3.12 37.58
N SER O 113 -5.07 2.65 37.40
CA SER O 113 -5.53 2.16 36.11
C SER O 113 -6.20 3.30 35.35
N GLU O 114 -5.54 3.80 34.31
CA GLU O 114 -6.09 4.77 33.38
C GLU O 114 -5.27 4.72 32.10
N ASP O 115 -5.90 5.08 30.98
CA ASP O 115 -5.31 4.90 29.67
C ASP O 115 -5.48 6.16 28.82
N TRP O 116 -5.18 7.31 29.40
CA TRP O 116 -5.23 8.57 28.67
C TRP O 116 -3.90 9.31 28.65
N ARG O 117 -2.88 8.79 29.33
CA ARG O 117 -1.57 9.42 29.38
C ARG O 117 -0.62 8.71 28.42
N LEU O 118 0.10 9.50 27.65
CA LEU O 118 1.06 8.99 26.67
C LEU O 118 2.40 9.69 26.86
N PRO O 119 3.49 9.02 26.52
CA PRO O 119 4.82 9.62 26.69
C PRO O 119 5.09 10.68 25.62
N ALA O 120 6.28 11.25 25.68
CA ALA O 120 6.69 12.31 24.76
C ALA O 120 7.67 11.76 23.73
N LEU O 121 7.79 12.47 22.61
CA LEU O 121 8.69 12.06 21.54
C LEU O 121 10.13 12.13 22.02
N GLY O 122 10.91 11.09 21.74
CA GLY O 122 12.29 11.01 22.17
C GLY O 122 12.51 10.36 23.51
N SER O 123 11.46 9.93 24.20
CA SER O 123 11.62 9.27 25.49
C SER O 123 12.27 7.90 25.32
N SER O 124 12.68 7.32 26.44
CA SER O 124 13.39 6.06 26.45
C SER O 124 12.45 4.92 26.84
N ALA O 125 12.76 3.73 26.32
CA ALA O 125 11.99 2.52 26.58
C ALA O 125 12.86 1.53 27.34
N VAL O 126 12.36 1.05 28.48
CA VAL O 126 13.09 0.15 29.34
C VAL O 126 12.22 -1.07 29.66
N PRO O 127 12.80 -2.23 29.92
CA PRO O 127 12.00 -3.39 30.33
C PRO O 127 11.59 -3.30 31.80
N LEU O 128 10.69 -4.18 32.19
CA LEU O 128 10.16 -4.22 33.55
C LEU O 128 10.89 -5.27 34.38
N THR O 129 11.36 -4.85 35.54
CA THR O 129 12.06 -5.75 36.46
C THR O 129 11.04 -6.53 37.27
N SER O 130 11.53 -7.25 38.30
CA SER O 130 10.63 -8.01 39.16
C SER O 130 9.89 -7.14 40.15
N ASP O 131 10.53 -6.05 40.62
CA ASP O 131 9.91 -5.20 41.63
C ASP O 131 8.66 -4.53 41.09
N PHE O 132 8.74 -3.98 39.87
CA PHE O 132 7.58 -3.30 39.30
C PHE O 132 6.45 -4.27 39.01
N LEU O 133 6.77 -5.47 38.52
CA LEU O 133 5.76 -6.49 38.31
C LEU O 133 5.10 -6.90 39.61
N ASN O 134 5.88 -6.98 40.70
CA ASN O 134 5.31 -7.27 42.00
C ASN O 134 4.40 -6.15 42.48
N ILE O 135 4.75 -4.90 42.18
CA ILE O 135 3.91 -3.78 42.56
C ILE O 135 2.58 -3.80 41.79
N ILE O 136 2.64 -4.11 40.49
CA ILE O 136 1.44 -4.06 39.66
C ILE O 136 0.41 -5.08 40.12
N TYR O 137 0.85 -6.31 40.39
CA TYR O 137 -0.05 -7.40 40.74
C TYR O 137 -0.23 -7.55 42.25
N SER O 138 -0.13 -6.47 43.01
CA SER O 138 -0.27 -6.51 44.46
C SER O 138 -1.67 -6.06 44.86
N ILE O 139 -1.95 -6.17 46.16
CA ILE O 139 -3.22 -5.75 46.73
C ILE O 139 -2.96 -4.56 47.64
N ASP O 140 -4.03 -4.03 48.22
CA ASP O 140 -3.92 -2.90 49.11
C ASP O 140 -3.19 -3.29 50.40
N LYS O 141 -2.59 -2.29 51.04
CA LYS O 141 -1.81 -2.55 52.24
C LYS O 141 -2.67 -2.90 53.44
N GLU O 142 -3.89 -2.35 53.51
CA GLU O 142 -4.75 -2.61 54.65
C GLU O 142 -5.21 -4.06 54.69
N GLU O 143 -5.41 -4.67 53.52
CA GLU O 143 -5.83 -6.06 53.43
C GLU O 143 -4.67 -7.04 53.37
N LEU O 144 -3.43 -6.56 53.54
CA LEU O 144 -2.28 -7.45 53.47
C LEU O 144 -2.31 -8.58 54.49
N PRO O 145 -2.64 -8.36 55.76
CA PRO O 145 -2.71 -9.48 56.71
C PRO O 145 -3.96 -10.33 56.60
N LYS O 146 -4.74 -10.19 55.53
CA LYS O 146 -5.97 -10.96 55.32
C LYS O 146 -6.00 -11.53 53.91
N ALA O 147 -4.89 -12.15 53.50
CA ALA O 147 -4.73 -12.65 52.14
C ALA O 147 -4.51 -14.16 52.14
N VAL O 148 -4.89 -14.78 51.03
CA VAL O 148 -4.73 -16.21 50.82
C VAL O 148 -4.00 -16.42 49.50
N GLU O 149 -2.99 -17.30 49.52
CA GLU O 149 -2.16 -17.55 48.34
C GLU O 149 -2.86 -18.53 47.41
N LEU O 150 -2.84 -18.22 46.11
CA LEU O 150 -3.45 -19.06 45.09
C LEU O 150 -2.46 -19.69 44.14
N GLY O 151 -1.36 -19.00 43.82
CA GLY O 151 -0.37 -19.57 42.93
C GLY O 151 0.68 -18.59 42.46
N VAL O 152 1.19 -18.78 41.26
CA VAL O 152 2.18 -17.91 40.65
C VAL O 152 1.75 -17.58 39.23
N ASP O 153 2.24 -16.47 38.71
CA ASP O 153 1.92 -16.08 37.34
C ASP O 153 2.60 -17.01 36.35
N SER O 154 2.01 -17.10 35.16
CA SER O 154 2.40 -18.14 34.20
C SER O 154 3.52 -17.69 33.27
N ARG O 155 3.49 -16.46 32.78
CA ARG O 155 4.45 -16.04 31.78
C ARG O 155 5.87 -15.99 32.33
N THR O 156 6.04 -15.48 33.55
CA THR O 156 7.36 -15.27 34.12
C THR O 156 7.67 -16.15 35.31
N LYS O 157 6.68 -16.44 36.16
CA LYS O 157 6.84 -17.30 37.34
C LYS O 157 7.83 -16.67 38.34
N THR O 158 7.60 -15.40 38.67
CA THR O 158 8.43 -14.71 39.65
C THR O 158 7.63 -13.92 40.68
N VAL O 159 6.32 -13.81 40.53
CA VAL O 159 5.48 -13.00 41.42
C VAL O 159 4.36 -13.88 41.94
N LYS O 160 4.17 -13.88 43.27
CA LYS O 160 3.10 -14.64 43.90
C LYS O 160 1.82 -13.82 43.85
N ILE O 161 0.72 -14.47 43.45
CA ILE O 161 -0.57 -13.81 43.27
C ILE O 161 -1.40 -14.03 44.53
N PHE O 162 -1.81 -12.95 45.17
CA PHE O 162 -2.59 -12.99 46.39
C PHE O 162 -4.01 -12.50 46.12
N ALA O 163 -4.87 -12.67 47.12
CA ALA O 163 -6.25 -12.24 47.02
C ALA O 163 -6.81 -12.08 48.42
N SER O 164 -7.58 -11.01 48.63
CA SER O 164 -8.15 -10.75 49.93
C SER O 164 -9.27 -11.73 50.23
N VAL O 165 -9.63 -11.81 51.52
CA VAL O 165 -10.71 -12.70 51.92
C VAL O 165 -12.04 -11.96 51.91
N ASP O 166 -12.05 -10.71 52.39
CA ASP O 166 -13.29 -9.94 52.45
C ASP O 166 -13.88 -9.72 51.06
N LYS O 167 -13.06 -9.21 50.14
CA LYS O 167 -13.57 -8.89 48.80
C LYS O 167 -13.98 -10.15 48.05
N LEU O 168 -13.19 -11.23 48.19
CA LEU O 168 -13.46 -12.45 47.43
C LEU O 168 -14.64 -13.23 47.99
N LEU O 169 -14.89 -13.16 49.30
CA LEU O 169 -15.87 -14.00 49.95
C LEU O 169 -17.17 -13.28 50.32
N SER O 170 -17.17 -11.94 50.37
CA SER O 170 -18.39 -11.23 50.74
C SER O 170 -19.49 -11.44 49.71
N ARG O 171 -19.14 -11.43 48.43
CA ARG O 171 -20.09 -11.62 47.35
C ARG O 171 -19.99 -13.07 46.85
N HIS O 172 -20.68 -13.36 45.77
CA HIS O 172 -20.70 -14.71 45.24
C HIS O 172 -19.54 -14.93 44.28
N LEU O 173 -19.23 -16.20 44.02
CA LEU O 173 -18.08 -16.56 43.21
C LEU O 173 -18.43 -17.80 42.39
N ALA O 174 -17.91 -17.85 41.15
CA ALA O 174 -18.21 -18.92 40.23
C ALA O 174 -16.92 -19.53 39.68
N VAL O 175 -16.90 -20.85 39.56
CA VAL O 175 -15.78 -21.60 39.01
C VAL O 175 -16.29 -22.45 37.86
N LEU O 176 -15.61 -22.37 36.72
CA LEU O 176 -16.00 -23.10 35.52
C LEU O 176 -14.79 -23.85 34.96
N GLY O 177 -15.06 -24.99 34.32
CA GLY O 177 -14.00 -25.79 33.75
C GLY O 177 -14.48 -27.12 33.21
N SER O 178 -13.70 -27.73 32.32
CA SER O 178 -14.08 -28.99 31.70
C SER O 178 -13.62 -30.17 32.57
N THR O 179 -13.88 -31.38 32.08
CA THR O 179 -13.58 -32.59 32.84
C THR O 179 -12.08 -32.86 32.84
N GLY O 180 -11.56 -33.19 34.03
CA GLY O 180 -10.17 -33.57 34.16
C GLY O 180 -9.19 -32.44 33.87
N TYR O 181 -9.46 -31.26 34.42
CA TYR O 181 -8.57 -30.12 34.25
C TYR O 181 -8.20 -29.40 35.55
N GLY O 182 -8.86 -29.71 36.66
CA GLY O 182 -8.42 -29.17 37.94
C GLY O 182 -9.42 -28.34 38.73
N LYS O 183 -10.72 -28.57 38.54
CA LYS O 183 -11.71 -27.87 39.34
C LYS O 183 -11.66 -28.32 40.80
N SER O 184 -11.61 -29.64 41.02
CA SER O 184 -11.56 -30.17 42.38
C SER O 184 -10.30 -29.72 43.10
N ASN O 185 -9.17 -29.67 42.39
CA ASN O 185 -7.93 -29.19 42.97
C ASN O 185 -8.10 -27.78 43.52
N PHE O 186 -8.63 -26.88 42.70
CA PHE O 186 -8.81 -25.49 43.11
C PHE O 186 -9.77 -25.38 44.28
N ASN O 187 -10.89 -26.10 44.21
CA ASN O 187 -11.89 -26.03 45.29
C ASN O 187 -11.29 -26.49 46.61
N ALA O 188 -10.66 -27.67 46.61
CA ALA O 188 -10.07 -28.19 47.84
C ALA O 188 -8.98 -27.29 48.36
N LEU O 189 -8.11 -26.78 47.48
CA LEU O 189 -7.03 -25.91 47.90
C LEU O 189 -7.57 -24.65 48.58
N LEU O 190 -8.54 -23.98 47.93
CA LEU O 190 -9.07 -22.74 48.49
C LEU O 190 -9.75 -22.99 49.82
N THR O 191 -10.59 -24.03 49.90
CA THR O 191 -11.30 -24.31 51.14
C THR O 191 -10.34 -24.66 52.27
N ARG O 192 -9.33 -25.49 51.99
CA ARG O 192 -8.40 -25.88 53.04
C ARG O 192 -7.56 -24.69 53.52
N LYS O 193 -7.10 -23.84 52.60
CA LYS O 193 -6.33 -22.67 53.03
C LYS O 193 -7.18 -21.71 53.84
N VAL O 194 -8.43 -21.50 53.45
CA VAL O 194 -9.32 -20.64 54.23
C VAL O 194 -9.53 -21.22 55.62
N SER O 195 -9.75 -22.54 55.71
CA SER O 195 -9.95 -23.17 57.02
C SER O 195 -8.70 -23.06 57.88
N GLU O 196 -7.52 -23.24 57.30
CA GLU O 196 -6.28 -23.15 58.07
C GLU O 196 -6.05 -21.74 58.59
N LYS O 197 -6.27 -20.73 57.74
CA LYS O 197 -5.98 -19.36 58.15
C LYS O 197 -6.90 -18.90 59.27
N TYR O 198 -8.18 -19.21 59.18
CA TYR O 198 -9.17 -18.79 60.18
C TYR O 198 -9.73 -20.00 60.90
N PRO O 199 -9.28 -20.29 62.12
CA PRO O 199 -9.80 -21.47 62.83
C PRO O 199 -11.29 -21.43 63.10
N ASN O 200 -11.86 -20.26 63.37
CA ASN O 200 -13.29 -20.15 63.68
C ASN O 200 -14.06 -19.72 62.43
N SER O 201 -14.28 -20.69 61.56
CA SER O 201 -15.02 -20.48 60.32
C SER O 201 -16.00 -21.61 60.11
N ARG O 202 -17.07 -21.32 59.37
CA ARG O 202 -18.12 -22.28 59.06
C ARG O 202 -18.19 -22.49 57.56
N ILE O 203 -18.07 -23.75 57.14
CA ILE O 203 -18.14 -24.12 55.72
C ILE O 203 -19.06 -25.33 55.58
N VAL O 204 -19.91 -25.30 54.55
CA VAL O 204 -20.80 -26.40 54.23
C VAL O 204 -20.54 -26.80 52.78
N ILE O 205 -20.37 -28.10 52.55
CA ILE O 205 -20.05 -28.63 51.23
C ILE O 205 -21.12 -29.63 50.83
N PHE O 206 -21.67 -29.45 49.62
CA PHE O 206 -22.61 -30.40 49.04
C PHE O 206 -21.86 -31.30 48.06
N ASP O 207 -21.22 -32.33 48.61
CA ASP O 207 -20.47 -33.27 47.79
C ASP O 207 -21.39 -34.33 47.23
N ILE O 208 -21.29 -34.58 45.92
CA ILE O 208 -22.12 -35.56 45.23
C ILE O 208 -21.35 -36.86 45.00
N ASN O 209 -20.13 -36.75 44.47
CA ASN O 209 -19.31 -37.92 44.16
C ASN O 209 -18.57 -38.47 45.38
N GLY O 210 -18.65 -37.80 46.52
CA GLY O 210 -17.99 -38.27 47.72
C GLY O 210 -16.48 -38.30 47.62
N GLU O 211 -15.88 -37.21 47.11
CA GLU O 211 -14.46 -37.17 46.86
C GLU O 211 -13.71 -36.13 47.69
N TYR O 212 -14.41 -35.40 48.57
CA TYR O 212 -13.78 -34.35 49.35
C TYR O 212 -13.45 -34.75 50.78
N ALA O 213 -13.68 -36.01 51.15
CA ALA O 213 -13.42 -36.42 52.52
C ALA O 213 -11.93 -36.61 52.77
N GLN O 214 -11.20 -37.11 51.76
CA GLN O 214 -9.79 -37.42 51.95
C GLN O 214 -8.96 -36.16 52.15
N ALA O 215 -9.32 -35.08 51.46
CA ALA O 215 -8.50 -33.86 51.46
C ALA O 215 -8.51 -33.13 52.79
N PHE O 216 -9.38 -33.50 53.73
CA PHE O 216 -9.51 -32.80 55.00
C PHE O 216 -8.87 -33.57 56.16
N THR O 217 -7.87 -34.41 55.87
CA THR O 217 -7.23 -35.19 56.92
C THR O 217 -6.27 -34.33 57.74
N GLY O 218 -6.43 -34.38 59.06
CA GLY O 218 -5.56 -33.66 59.96
C GLY O 218 -6.07 -32.31 60.43
N ILE O 219 -7.35 -32.01 60.20
CA ILE O 219 -7.94 -30.73 60.58
C ILE O 219 -8.94 -30.98 61.70
N PRO O 220 -8.89 -30.23 62.80
CA PRO O 220 -9.84 -30.46 63.89
C PRO O 220 -11.25 -30.01 63.53
N ASN O 221 -12.22 -30.55 64.27
CA ASN O 221 -13.63 -30.17 64.19
C ASN O 221 -14.19 -30.39 62.78
N VAL O 222 -14.22 -31.66 62.39
CA VAL O 222 -14.78 -32.07 61.11
C VAL O 222 -15.89 -33.10 61.36
N LYS O 223 -17.02 -32.91 60.68
CA LYS O 223 -18.15 -33.83 60.74
C LYS O 223 -18.46 -34.37 59.35
N HIS O 224 -18.74 -35.66 59.27
CA HIS O 224 -19.09 -36.30 58.01
C HIS O 224 -20.44 -37.00 58.15
N THR O 225 -21.26 -36.89 57.10
CA THR O 225 -22.61 -37.44 57.10
C THR O 225 -22.90 -38.08 55.75
N ILE O 226 -23.51 -39.25 55.77
CA ILE O 226 -23.85 -39.99 54.55
C ILE O 226 -25.36 -40.19 54.53
N LEU O 227 -25.98 -39.82 53.42
CA LEU O 227 -27.41 -40.02 53.25
C LEU O 227 -27.70 -41.50 53.00
N GLY O 228 -28.65 -42.05 53.73
CA GLY O 228 -29.06 -43.43 53.60
C GLY O 228 -29.05 -44.12 54.95
N GLU O 229 -29.12 -45.45 54.92
CA GLU O 229 -29.12 -46.27 56.11
C GLU O 229 -27.93 -47.22 56.08
N SER O 230 -27.66 -47.82 57.24
CA SER O 230 -26.49 -48.70 57.37
C SER O 230 -26.69 -49.95 56.51
N PRO O 231 -25.71 -50.32 55.68
CA PRO O 231 -25.90 -51.51 54.82
C PRO O 231 -26.12 -52.79 55.60
N ASN O 232 -25.44 -52.96 56.74
CA ASN O 232 -25.61 -54.13 57.60
C ASN O 232 -26.00 -53.65 58.98
N VAL O 233 -26.96 -54.36 59.60
CA VAL O 233 -27.45 -53.96 60.91
C VAL O 233 -26.34 -54.07 61.95
N ASP O 234 -25.37 -54.95 61.73
CA ASP O 234 -24.28 -55.15 62.68
C ASP O 234 -23.20 -54.08 62.49
N SER O 235 -23.62 -52.82 62.63
CA SER O 235 -22.72 -51.69 62.48
C SER O 235 -23.18 -50.55 63.39
N LEU O 236 -22.21 -49.79 63.90
CA LEU O 236 -22.47 -48.65 64.77
C LEU O 236 -21.54 -47.51 64.38
N GLU O 237 -22.09 -46.31 64.29
CA GLU O 237 -21.30 -45.12 63.98
C GLU O 237 -20.45 -44.72 65.18
N LYS O 238 -19.37 -43.99 64.90
CA LYS O 238 -18.42 -43.56 65.92
C LYS O 238 -18.56 -42.06 66.17
N LYS O 239 -18.86 -41.69 67.42
CA LYS O 239 -18.94 -40.30 67.82
C LYS O 239 -17.54 -39.74 68.05
N GLN O 240 -17.41 -38.43 67.86
CA GLN O 240 -16.14 -37.74 67.95
C GLN O 240 -16.17 -36.71 69.07
N GLN O 241 -15.03 -36.57 69.75
CA GLN O 241 -14.86 -35.59 70.81
C GLN O 241 -14.48 -34.24 70.20
N LYS O 242 -14.03 -33.31 71.03
CA LYS O 242 -13.64 -31.98 70.56
C LYS O 242 -12.13 -31.85 70.54
N GLY O 243 -11.60 -31.36 69.42
CA GLY O 243 -10.22 -30.97 69.31
C GLY O 243 -9.30 -32.00 68.66
N GLU O 244 -9.75 -33.24 68.52
CA GLU O 244 -8.88 -34.27 67.95
C GLU O 244 -8.76 -34.08 66.44
N LEU O 245 -7.58 -34.43 65.93
CA LEU O 245 -7.33 -34.37 64.49
C LEU O 245 -8.16 -35.42 63.77
N TYR O 246 -8.76 -35.03 62.64
CA TYR O 246 -9.68 -35.90 61.92
C TYR O 246 -8.93 -36.88 61.04
N SER O 247 -9.42 -38.12 61.01
CA SER O 247 -8.97 -39.15 60.09
C SER O 247 -10.20 -39.79 59.47
N GLU O 248 -9.99 -40.86 58.71
CA GLU O 248 -11.10 -41.55 58.06
C GLU O 248 -11.81 -42.45 59.07
N GLU O 249 -12.67 -43.34 58.58
CA GLU O 249 -13.46 -44.29 59.39
C GLU O 249 -14.16 -43.60 60.56
N TYR O 250 -14.51 -42.32 60.37
CA TYR O 250 -15.30 -41.56 61.34
C TYR O 250 -16.44 -40.90 60.57
N TYR O 251 -17.59 -41.55 60.52
CA TYR O 251 -18.72 -41.07 59.72
C TYR O 251 -20.02 -41.44 60.42
N CYS O 252 -21.14 -41.15 59.76
CA CYS O 252 -22.46 -41.34 60.35
C CYS O 252 -23.47 -41.55 59.22
N TYR O 253 -24.72 -41.78 59.60
CA TYR O 253 -25.80 -42.03 58.64
C TYR O 253 -27.01 -41.22 59.06
N LYS O 254 -27.82 -40.82 58.07
CA LYS O 254 -28.95 -39.95 58.34
C LYS O 254 -30.00 -40.11 57.25
N LYS O 255 -31.27 -40.02 57.66
CA LYS O 255 -32.40 -40.03 56.75
C LYS O 255 -33.24 -38.79 57.02
N ILE O 256 -33.67 -38.11 55.97
CA ILE O 256 -34.43 -36.87 56.12
C ILE O 256 -35.89 -37.21 56.43
N PRO O 257 -36.44 -36.72 57.55
CA PRO O 257 -37.84 -37.01 57.85
C PRO O 257 -38.78 -36.34 56.87
N TYR O 258 -39.93 -36.99 56.64
CA TYR O 258 -40.89 -36.51 55.65
C TYR O 258 -41.71 -35.33 56.15
N GLN O 259 -41.96 -35.25 57.47
CA GLN O 259 -42.81 -34.19 58.00
C GLN O 259 -42.18 -32.81 57.86
N ALA O 260 -40.86 -32.73 57.69
CA ALA O 260 -40.18 -31.45 57.51
C ALA O 260 -40.06 -31.09 56.04
N LEU O 261 -41.18 -31.10 55.34
CA LEU O 261 -41.25 -30.67 53.95
C LEU O 261 -42.23 -29.54 53.72
N GLY O 262 -43.31 -29.47 54.50
CA GLY O 262 -44.23 -28.36 54.43
C GLY O 262 -45.53 -28.73 53.74
N PHE O 263 -46.56 -27.93 54.02
CA PHE O 263 -47.84 -28.08 53.35
C PHE O 263 -47.69 -27.99 51.84
N ALA O 264 -47.04 -26.93 51.37
CA ALA O 264 -46.85 -26.75 49.94
C ALA O 264 -45.92 -27.81 49.35
N GLY O 265 -44.91 -28.23 50.11
CA GLY O 265 -44.03 -29.28 49.62
C GLY O 265 -44.77 -30.59 49.41
N LEU O 266 -45.62 -30.97 50.35
CA LEU O 266 -46.40 -32.19 50.21
C LEU O 266 -47.39 -32.07 49.05
N ILE O 267 -48.04 -30.91 48.91
CA ILE O 267 -48.97 -30.75 47.79
C ILE O 267 -48.23 -30.87 46.46
N LYS O 268 -47.06 -30.25 46.35
CA LYS O 268 -46.28 -30.35 45.12
C LYS O 268 -45.83 -31.78 44.86
N LEU O 269 -45.45 -32.52 45.90
CA LEU O 269 -45.01 -33.89 45.71
C LEU O 269 -46.15 -34.80 45.27
N LEU O 270 -47.35 -34.59 45.82
CA LEU O 270 -48.47 -35.48 45.48
C LEU O 270 -49.14 -35.13 44.17
N ARG O 271 -49.04 -33.86 43.73
CA ARG O 271 -49.54 -33.37 42.45
C ARG O 271 -51.00 -33.70 42.19
N PRO O 272 -51.95 -33.06 42.87
CA PRO O 272 -53.38 -33.30 42.57
C PRO O 272 -53.85 -32.42 41.41
N SER O 273 -54.35 -33.06 40.36
CA SER O 273 -54.76 -32.35 39.16
C SER O 273 -56.08 -32.88 38.62
N ASP O 274 -57.06 -33.13 39.49
CA ASP O 274 -58.32 -33.70 39.05
C ASP O 274 -59.51 -32.89 39.55
N LYS O 275 -60.71 -33.44 39.38
CA LYS O 275 -61.93 -32.68 39.59
C LYS O 275 -62.12 -32.26 41.06
N THR O 276 -61.99 -33.22 41.99
CA THR O 276 -62.22 -32.93 43.40
C THR O 276 -61.08 -33.43 44.28
N GLN O 277 -59.88 -33.58 43.72
CA GLN O 277 -58.76 -34.11 44.50
C GLN O 277 -58.08 -33.06 45.36
N LEU O 278 -58.31 -31.77 45.09
CA LEU O 278 -57.64 -30.72 45.85
C LEU O 278 -58.29 -30.52 47.23
N PRO O 279 -59.60 -30.28 47.32
CA PRO O 279 -60.19 -30.07 48.66
C PRO O 279 -60.02 -31.26 49.58
N ALA O 280 -60.14 -32.47 49.05
CA ALA O 280 -59.96 -33.67 49.87
C ALA O 280 -58.52 -33.75 50.40
N LEU O 281 -57.54 -33.47 49.54
CA LEU O 281 -56.16 -33.50 50.00
C LEU O 281 -55.89 -32.42 51.04
N ARG O 282 -56.44 -31.22 50.83
CA ARG O 282 -56.26 -30.15 51.80
C ARG O 282 -56.84 -30.53 53.15
N ASN O 283 -58.05 -31.09 53.17
CA ASN O 283 -58.66 -31.51 54.42
C ASN O 283 -57.84 -32.61 55.10
N ALA O 284 -57.41 -33.61 54.32
CA ALA O 284 -56.66 -34.72 54.88
C ALA O 284 -55.34 -34.25 55.47
N LEU O 285 -54.65 -33.36 54.77
CA LEU O 285 -53.37 -32.87 55.25
C LEU O 285 -53.51 -31.87 56.39
N SER O 286 -54.67 -31.22 56.51
CA SER O 286 -54.93 -30.35 57.64
C SER O 286 -55.51 -31.08 58.84
N ALA O 287 -55.84 -32.37 58.70
CA ALA O 287 -56.35 -33.14 59.83
C ALA O 287 -55.36 -34.21 60.24
N ILE O 288 -54.08 -33.87 60.32
CA ILE O 288 -53.04 -34.85 60.62
C ILE O 288 -52.75 -34.99 62.11
N ASN O 289 -53.20 -34.05 62.94
CA ASN O 289 -52.88 -34.06 64.36
C ASN O 289 -54.00 -34.67 65.20
N ARG O 290 -54.95 -35.36 64.58
CA ARG O 290 -56.06 -35.97 65.30
C ARG O 290 -56.35 -37.37 64.79
N THR O 291 -55.31 -38.09 64.37
CA THR O 291 -55.44 -39.46 63.92
C THR O 291 -54.50 -40.35 64.71
N HIS O 292 -54.96 -41.54 65.06
CA HIS O 292 -54.22 -42.47 65.92
C HIS O 292 -53.97 -43.77 65.19
N PHE O 293 -53.12 -44.60 65.78
CA PHE O 293 -52.82 -45.92 65.25
C PHE O 293 -52.31 -46.82 66.38
N LYS O 294 -52.74 -48.09 66.37
CA LYS O 294 -52.17 -49.10 67.26
C LYS O 294 -51.80 -50.32 66.42
N SER O 295 -50.66 -50.23 65.73
CA SER O 295 -49.94 -51.36 65.17
C SER O 295 -50.69 -52.10 64.06
N ARG O 296 -51.96 -51.76 63.80
CA ARG O 296 -52.68 -52.47 62.76
C ARG O 296 -53.54 -51.57 61.88
N ASN O 297 -53.95 -50.41 62.39
CA ASN O 297 -54.99 -49.64 61.73
C ASN O 297 -55.05 -48.24 62.32
N ILE O 298 -55.96 -47.43 61.78
CA ILE O 298 -56.13 -46.02 62.14
C ILE O 298 -57.53 -45.81 62.67
N TYR O 299 -57.64 -45.14 63.81
CA TYR O 299 -58.94 -44.91 64.45
C TYR O 299 -58.95 -43.52 65.09
N LEU O 300 -60.16 -43.03 65.32
CA LEU O 300 -60.37 -41.77 66.02
C LEU O 300 -60.71 -42.02 67.49
N GLU O 301 -60.65 -40.96 68.28
CA GLU O 301 -60.91 -41.08 69.71
C GLU O 301 -61.58 -39.80 70.21
N LYS O 302 -62.64 -39.96 70.99
CA LYS O 302 -63.35 -38.83 71.59
C LYS O 302 -62.84 -38.62 73.01
N ASP O 303 -63.49 -37.70 73.74
CA ASP O 303 -63.07 -37.41 75.11
C ASP O 303 -63.59 -38.45 76.09
N ASP O 304 -64.63 -39.19 75.74
CA ASP O 304 -65.24 -40.16 76.63
C ASP O 304 -64.68 -41.57 76.47
N GLY O 305 -63.67 -41.74 75.61
CA GLY O 305 -63.11 -43.05 75.37
C GLY O 305 -63.75 -43.82 74.23
N GLU O 306 -64.78 -43.26 73.59
CA GLU O 306 -65.41 -43.93 72.46
C GLU O 306 -64.45 -44.02 71.29
N THR O 307 -64.56 -45.10 70.53
CA THR O 307 -63.69 -45.36 69.39
C THR O 307 -64.51 -45.44 68.12
N PHE O 308 -63.83 -45.28 66.99
CA PHE O 308 -64.46 -45.37 65.67
C PHE O 308 -63.36 -45.62 64.64
N LEU O 309 -63.53 -46.67 63.84
CA LEU O 309 -62.52 -47.06 62.87
C LEU O 309 -62.65 -46.25 61.58
N LEU O 310 -61.60 -46.30 60.77
CA LEU O 310 -61.60 -45.72 59.43
C LEU O 310 -60.90 -46.69 58.49
N TYR O 311 -61.45 -46.86 57.29
CA TYR O 311 -60.93 -47.80 56.31
C TYR O 311 -60.77 -47.12 54.96
N ASP O 312 -60.22 -47.84 54.00
CA ASP O 312 -59.99 -47.32 52.66
C ASP O 312 -60.27 -48.36 51.57
N ASP O 313 -61.21 -49.28 51.83
CA ASP O 313 -61.52 -50.35 50.88
C ASP O 313 -63.01 -50.40 50.58
N CYS O 314 -63.70 -49.26 50.71
CA CYS O 314 -65.10 -49.12 50.28
C CYS O 314 -66.04 -50.09 50.99
N ARG O 315 -65.76 -50.40 52.25
CA ARG O 315 -66.61 -51.33 53.00
C ARG O 315 -67.83 -50.60 53.54
N ASP O 316 -68.96 -51.31 53.57
CA ASP O 316 -70.25 -50.71 53.87
C ASP O 316 -70.63 -50.75 55.35
N THR O 317 -69.81 -51.37 56.19
CA THR O 317 -70.15 -51.49 57.60
C THR O 317 -70.10 -50.14 58.30
N ASN O 318 -71.08 -49.91 59.18
CA ASN O 318 -71.13 -48.72 60.03
C ASN O 318 -71.08 -47.42 59.22
N GLN O 319 -71.73 -47.41 58.06
CA GLN O 319 -71.72 -46.21 57.22
C GLN O 319 -72.62 -45.12 57.76
N SER O 320 -73.50 -45.43 58.71
CA SER O 320 -74.45 -44.44 59.21
C SER O 320 -73.87 -43.52 60.26
N LYS O 321 -72.69 -43.83 60.80
CA LYS O 321 -72.07 -43.01 61.84
C LYS O 321 -70.96 -42.12 61.30
N LEU O 322 -70.71 -42.15 59.99
CA LEU O 322 -69.57 -41.42 59.44
C LEU O 322 -69.84 -39.92 59.38
N ALA O 323 -71.08 -39.53 59.04
CA ALA O 323 -71.36 -38.13 58.76
C ALA O 323 -71.12 -37.24 59.97
N GLU O 324 -71.72 -37.60 61.11
CA GLU O 324 -71.61 -36.74 62.29
C GLU O 324 -70.19 -36.75 62.85
N TRP O 325 -69.51 -37.90 62.77
CA TRP O 325 -68.13 -37.97 63.23
C TRP O 325 -67.22 -37.08 62.41
N LEU O 326 -67.39 -37.08 61.09
CA LEU O 326 -66.57 -36.22 60.25
C LEU O 326 -66.94 -34.76 60.42
N ASP O 327 -68.22 -34.47 60.66
CA ASP O 327 -68.60 -33.09 60.96
C ASP O 327 -67.93 -32.59 62.23
N LEU O 328 -67.92 -33.42 63.27
CA LEU O 328 -67.25 -33.04 64.51
C LEU O 328 -65.75 -32.90 64.31
N LEU O 329 -65.16 -33.74 63.47
CA LEU O 329 -63.73 -33.60 63.17
C LEU O 329 -63.45 -32.28 62.46
N ARG O 330 -64.32 -31.90 61.52
CA ARG O 330 -64.18 -30.59 60.86
C ARG O 330 -64.28 -29.46 61.87
N ARG O 331 -65.21 -29.57 62.82
CA ARG O 331 -65.39 -28.52 63.81
C ARG O 331 -64.30 -28.51 64.87
N ARG O 332 -63.34 -29.44 64.80
CA ARG O 332 -62.20 -29.50 65.73
C ARG O 332 -62.69 -29.68 67.17
N ARG O 333 -63.37 -30.80 67.39
CA ARG O 333 -63.93 -31.12 68.71
C ARG O 333 -63.66 -32.57 69.07
N LEU O 334 -62.44 -33.04 68.83
CA LEU O 334 -62.05 -34.42 69.10
C LEU O 334 -60.81 -34.43 69.99
N LYS O 335 -60.27 -35.62 70.23
CA LYS O 335 -59.10 -35.81 71.07
C LYS O 335 -57.83 -35.78 70.23
N ARG O 336 -56.82 -35.07 70.72
CA ARG O 336 -55.57 -34.89 70.00
C ARG O 336 -54.65 -36.09 70.18
N THR O 337 -53.53 -36.07 69.47
CA THR O 337 -52.52 -37.12 69.56
C THR O 337 -51.14 -36.49 69.72
N ASN O 338 -50.17 -37.29 70.14
CA ASN O 338 -48.83 -36.80 70.42
C ASN O 338 -47.74 -37.55 69.65
N VAL O 339 -48.11 -38.41 68.71
CA VAL O 339 -47.16 -39.16 67.90
C VAL O 339 -47.51 -38.93 66.43
N TRP O 340 -46.49 -38.66 65.62
CA TRP O 340 -46.73 -38.40 64.21
C TRP O 340 -47.18 -39.66 63.50
N PRO O 341 -48.31 -39.64 62.79
CA PRO O 341 -48.80 -40.85 62.14
C PRO O 341 -47.89 -41.22 60.96
N PRO O 342 -47.91 -42.49 60.55
CA PRO O 342 -47.09 -42.89 59.40
C PRO O 342 -47.56 -42.25 58.11
N PHE O 343 -46.62 -42.18 57.15
CA PHE O 343 -46.90 -41.51 55.88
C PHE O 343 -48.00 -42.19 55.10
N LYS O 344 -48.08 -43.52 55.17
CA LYS O 344 -49.09 -44.26 54.42
C LYS O 344 -50.49 -44.07 54.98
N SER O 345 -50.63 -43.44 56.15
CA SER O 345 -51.94 -43.20 56.74
C SER O 345 -52.73 -42.12 56.01
N LEU O 346 -52.11 -41.40 55.08
CA LEU O 346 -52.81 -40.33 54.37
C LEU O 346 -53.90 -40.88 53.46
N ALA O 347 -53.67 -42.05 52.86
CA ALA O 347 -54.59 -42.56 51.85
C ALA O 347 -55.99 -42.81 52.41
N THR O 348 -56.06 -43.40 53.60
CA THR O 348 -57.37 -43.75 54.15
C THR O 348 -58.19 -42.51 54.47
N LEU O 349 -57.55 -41.45 54.94
CA LEU O 349 -58.26 -40.21 55.24
C LEU O 349 -58.87 -39.61 53.98
N VAL O 350 -58.09 -39.57 52.89
CA VAL O 350 -58.62 -39.08 51.63
C VAL O 350 -59.76 -39.95 51.14
N ALA O 351 -59.59 -41.27 51.25
CA ALA O 351 -60.63 -42.19 50.78
C ALA O 351 -61.94 -41.98 51.53
N GLU O 352 -61.87 -41.80 52.85
CA GLU O 352 -63.10 -41.62 53.62
C GLU O 352 -63.64 -40.19 53.56
N PHE O 353 -62.81 -39.21 53.19
CA PHE O 353 -63.35 -37.89 52.85
C PHE O 353 -64.10 -37.91 51.53
N GLY O 354 -63.63 -38.71 50.57
CA GLY O 354 -64.27 -38.73 49.27
C GLY O 354 -65.52 -39.57 49.14
N CYS O 355 -65.97 -40.21 50.22
CA CYS O 355 -67.13 -41.11 50.17
C CYS O 355 -68.20 -40.69 51.16
N VAL O 356 -68.46 -39.39 51.26
CA VAL O 356 -69.52 -38.88 52.14
C VAL O 356 -70.73 -38.55 51.28
N ALA O 357 -71.87 -39.15 51.62
CA ALA O 357 -73.10 -38.93 50.87
C ALA O 357 -74.29 -39.07 51.82
N ALA O 358 -75.44 -38.56 51.38
CA ALA O 358 -76.66 -38.59 52.18
C ALA O 358 -77.83 -38.97 51.27
N ASP O 359 -78.42 -40.14 51.53
CA ASP O 359 -79.59 -40.58 50.79
C ASP O 359 -80.84 -39.85 51.30
N ARG O 360 -81.94 -40.03 50.57
CA ARG O 360 -83.21 -39.43 50.98
C ARG O 360 -83.68 -39.99 52.31
N SER O 361 -83.51 -41.30 52.53
CA SER O 361 -83.95 -41.93 53.76
C SER O 361 -83.02 -41.54 54.91
N ASN O 362 -83.38 -42.00 56.10
CA ASN O 362 -82.59 -41.71 57.29
C ASN O 362 -81.22 -42.39 57.21
N GLY O 363 -80.21 -41.71 57.73
CA GLY O 363 -78.87 -42.24 57.72
C GLY O 363 -78.02 -41.68 56.59
N SER O 364 -76.82 -42.23 56.50
CA SER O 364 -75.84 -41.81 55.49
C SER O 364 -75.20 -43.04 54.86
N LYS O 365 -74.75 -42.88 53.62
CA LYS O 365 -74.09 -43.95 52.88
C LYS O 365 -72.79 -43.42 52.28
N ARG O 366 -72.01 -44.33 51.70
CA ARG O 366 -70.77 -43.99 51.01
C ARG O 366 -70.87 -44.47 49.57
N ASP O 367 -71.02 -43.52 48.64
CA ASP O 367 -71.16 -43.85 47.23
C ASP O 367 -69.84 -44.36 46.67
N ALA O 368 -69.95 -45.16 45.60
CA ALA O 368 -68.76 -45.63 44.90
C ALA O 368 -68.26 -44.64 43.87
N PHE O 369 -69.02 -43.59 43.57
CA PHE O 369 -68.59 -42.58 42.60
C PHE O 369 -67.46 -41.73 43.17
N GLY O 370 -67.51 -41.43 44.47
CA GLY O 370 -66.43 -40.68 45.08
C GLY O 370 -65.09 -41.38 44.96
N PHE O 371 -65.07 -42.69 45.19
CA PHE O 371 -63.86 -43.46 44.92
C PHE O 371 -63.48 -43.40 43.45
N SER O 372 -64.47 -43.50 42.57
CA SER O 372 -64.18 -43.41 41.14
C SER O 372 -63.51 -42.09 40.78
N ASN O 373 -63.73 -41.04 41.58
CA ASN O 373 -63.03 -39.77 41.36
C ASN O 373 -61.68 -39.71 42.06
N VAL O 374 -61.56 -40.32 43.24
CA VAL O 374 -60.41 -40.09 44.12
C VAL O 374 -59.30 -41.14 43.99
N LEU O 375 -59.59 -42.31 43.43
CA LEU O 375 -58.63 -43.42 43.44
C LEU O 375 -57.23 -43.09 42.94
N PRO O 376 -57.01 -42.29 41.89
CA PRO O 376 -55.63 -42.04 41.47
C PRO O 376 -54.73 -41.49 42.56
N LEU O 377 -55.24 -40.61 43.42
CA LEU O 377 -54.38 -39.98 44.42
C LEU O 377 -53.96 -40.99 45.48
N VAL O 378 -54.91 -41.78 45.99
CA VAL O 378 -54.56 -42.78 46.99
C VAL O 378 -53.66 -43.86 46.38
N LYS O 379 -53.90 -44.20 45.11
CA LYS O 379 -53.05 -45.19 44.46
C LYS O 379 -51.63 -44.70 44.30
N ILE O 380 -51.45 -43.42 43.92
CA ILE O 380 -50.09 -42.90 43.77
C ILE O 380 -49.43 -42.75 45.13
N ILE O 381 -50.21 -42.45 46.18
CA ILE O 381 -49.65 -42.43 47.53
C ILE O 381 -49.12 -43.81 47.90
N GLN O 382 -49.92 -44.85 47.63
CA GLN O 382 -49.49 -46.22 47.93
C GLN O 382 -48.24 -46.58 47.13
N GLN O 383 -48.21 -46.24 45.84
CA GLN O 383 -47.05 -46.55 45.02
C GLN O 383 -45.80 -45.84 45.52
N LEU O 384 -45.93 -44.59 45.95
CA LEU O 384 -44.79 -43.87 46.49
C LEU O 384 -44.33 -44.46 47.82
N ALA O 385 -45.27 -44.98 48.62
CA ALA O 385 -44.91 -45.54 49.92
C ALA O 385 -44.01 -46.75 49.77
N GLU O 386 -44.40 -47.69 48.90
CA GLU O 386 -43.64 -48.93 48.70
C GLU O 386 -42.77 -48.79 47.46
N ASP O 387 -41.62 -48.15 47.64
CA ASP O 387 -40.63 -48.03 46.58
C ASP O 387 -39.25 -48.13 47.21
N ILE O 388 -38.26 -48.52 46.41
CA ILE O 388 -36.92 -48.75 46.93
C ILE O 388 -36.01 -47.56 46.77
N ARG O 389 -36.30 -46.64 45.85
CA ARG O 389 -35.49 -45.45 45.65
C ARG O 389 -35.86 -44.35 46.65
N PHE O 390 -37.15 -44.06 46.78
CA PHE O 390 -37.59 -42.99 47.68
C PHE O 390 -37.36 -43.35 49.13
N LYS O 391 -37.59 -44.62 49.50
CA LYS O 391 -37.49 -45.02 50.90
C LYS O 391 -36.08 -44.91 51.45
N SER O 392 -35.06 -45.03 50.59
CA SER O 392 -33.68 -45.03 51.06
C SER O 392 -33.22 -43.68 51.58
N ILE O 393 -33.92 -42.60 51.27
CA ILE O 393 -33.51 -41.25 51.63
C ILE O 393 -34.46 -40.62 52.65
N VAL O 394 -35.76 -40.85 52.51
CA VAL O 394 -36.77 -40.20 53.33
C VAL O 394 -37.28 -41.17 54.38
N ASN O 395 -37.30 -40.72 55.64
CA ASN O 395 -37.73 -41.54 56.77
C ASN O 395 -39.24 -41.44 56.90
N LEU O 396 -39.93 -42.26 56.13
CA LEU O 396 -41.40 -42.29 56.12
C LEU O 396 -41.93 -43.41 57.00
N ASN O 397 -41.58 -43.34 58.29
CA ASN O 397 -42.06 -44.29 59.28
C ASN O 397 -43.04 -43.66 60.25
N GLY O 398 -42.66 -42.56 60.89
CA GLY O 398 -43.56 -41.86 61.78
C GLY O 398 -43.28 -42.11 63.25
N GLY O 399 -42.61 -41.15 63.89
CA GLY O 399 -42.35 -41.24 65.32
C GLY O 399 -41.63 -40.01 65.83
N GLY O 400 -42.09 -39.45 66.94
CA GLY O 400 -41.45 -38.29 67.51
C GLY O 400 -42.46 -37.46 68.30
N GLU O 401 -41.98 -36.35 68.82
CA GLU O 401 -42.79 -35.45 69.62
C GLU O 401 -43.56 -34.47 68.73
N LEU O 402 -44.76 -34.13 69.15
CA LEU O 402 -45.68 -33.30 68.39
C LEU O 402 -46.26 -32.23 69.32
N ALA O 403 -45.37 -31.53 70.02
CA ALA O 403 -45.74 -30.52 71.01
C ALA O 403 -46.90 -29.66 70.55
N ASP O 404 -47.85 -29.44 71.45
CA ASP O 404 -49.10 -28.77 71.13
C ASP O 404 -48.91 -27.26 70.97
N GLY O 405 -49.92 -26.62 70.40
CA GLY O 405 -49.88 -25.19 70.18
C GLY O 405 -50.27 -24.79 68.77
N GLY O 406 -50.50 -25.79 67.91
CA GLY O 406 -50.87 -25.52 66.54
C GLY O 406 -49.73 -25.01 65.68
N THR O 407 -48.49 -25.30 66.05
CA THR O 407 -47.31 -24.83 65.33
C THR O 407 -46.33 -25.97 65.06
N HIS O 408 -46.84 -27.18 64.87
CA HIS O 408 -45.98 -28.35 64.70
C HIS O 408 -45.27 -28.38 63.35
N TRP O 409 -45.84 -27.76 62.31
CA TRP O 409 -45.17 -27.75 61.02
C TRP O 409 -43.89 -26.93 61.06
N ASP O 410 -43.91 -25.78 61.73
CA ASP O 410 -42.74 -24.90 61.77
C ASP O 410 -41.58 -25.55 62.52
N LYS O 411 -41.88 -26.26 63.61
CA LYS O 411 -40.83 -26.80 64.46
C LYS O 411 -40.00 -27.85 63.72
N ALA O 412 -40.64 -28.67 62.88
CA ALA O 412 -39.91 -29.71 62.17
C ALA O 412 -38.85 -29.11 61.24
N MET O 413 -39.26 -28.13 60.42
CA MET O 413 -38.30 -27.51 59.51
C MET O 413 -37.29 -26.65 60.26
N SER O 414 -37.66 -26.12 61.43
CA SER O 414 -36.67 -25.41 62.23
C SER O 414 -35.62 -26.36 62.76
N ASP O 415 -36.01 -27.56 63.15
CA ASP O 415 -35.08 -28.53 63.71
C ASP O 415 -34.19 -29.15 62.63
N GLU O 416 -34.76 -29.50 61.48
CA GLU O 416 -33.97 -30.19 60.47
C GLU O 416 -32.97 -29.26 59.77
N VAL O 417 -33.26 -27.96 59.73
CA VAL O 417 -32.32 -27.01 59.18
C VAL O 417 -31.07 -26.92 60.05
N ASP O 418 -31.25 -26.95 61.37
CA ASP O 418 -30.13 -26.75 62.29
C ASP O 418 -29.08 -27.84 62.15
N TYR O 419 -29.49 -29.08 61.89
CA TYR O 419 -28.53 -30.18 61.78
C TYR O 419 -27.62 -30.00 60.58
N PHE O 420 -28.15 -29.51 59.46
CA PHE O 420 -27.35 -29.39 58.25
C PHE O 420 -26.56 -28.10 58.22
N PHE O 421 -27.16 -26.99 58.65
CA PHE O 421 -26.58 -25.66 58.44
C PHE O 421 -26.01 -25.02 59.70
N GLY O 422 -26.55 -25.31 60.87
CA GLY O 422 -26.02 -24.78 62.13
C GLY O 422 -27.09 -24.09 62.95
N LYS O 423 -26.67 -23.63 64.12
CA LYS O 423 -27.53 -22.95 65.07
C LYS O 423 -27.31 -21.45 64.99
N GLU O 424 -27.92 -20.71 65.92
CA GLU O 424 -27.82 -19.26 65.94
C GLU O 424 -26.47 -18.84 66.51
N LYS O 425 -26.28 -17.54 66.73
CA LYS O 425 -25.09 -17.02 67.37
C LYS O 425 -25.34 -16.94 68.87
N GLY O 426 -24.37 -17.43 69.66
CA GLY O 426 -24.53 -17.55 71.09
C GLY O 426 -24.82 -18.96 71.56
N GLN O 427 -25.23 -19.84 70.66
CA GLN O 427 -25.43 -21.25 70.99
C GLN O 427 -24.08 -21.97 70.95
N GLU O 428 -24.12 -23.28 71.20
CA GLU O 428 -22.94 -24.12 71.13
C GLU O 428 -23.09 -25.09 69.97
N ASN O 429 -22.10 -25.10 69.08
CA ASN O 429 -22.11 -25.95 67.90
C ASN O 429 -20.94 -26.94 67.97
N ASP O 430 -21.20 -28.18 67.58
CA ASP O 430 -20.20 -29.23 67.73
C ASP O 430 -19.09 -29.10 66.68
N TRP O 431 -19.45 -28.75 65.45
CA TRP O 431 -18.53 -28.84 64.32
C TRP O 431 -18.22 -27.46 63.77
N ASN O 432 -17.25 -27.43 62.85
CA ASN O 432 -16.92 -26.24 62.08
C ASN O 432 -16.88 -26.47 60.57
N VAL O 433 -16.73 -27.71 60.12
CA VAL O 433 -16.77 -28.05 58.69
C VAL O 433 -17.68 -29.26 58.53
N HIS O 434 -18.66 -29.14 57.64
CA HIS O 434 -19.68 -30.16 57.45
C HIS O 434 -19.65 -30.65 56.01
N ILE O 435 -19.73 -31.97 55.82
CA ILE O 435 -19.73 -32.59 54.51
C ILE O 435 -20.95 -33.49 54.40
N VAL O 436 -21.69 -33.35 53.30
CA VAL O 436 -22.86 -34.17 53.02
C VAL O 436 -22.56 -34.99 51.77
N ASN O 437 -22.69 -36.31 51.89
CA ASN O 437 -22.38 -37.24 50.80
C ASN O 437 -23.67 -37.66 50.13
N MET O 438 -23.65 -37.71 48.80
CA MET O 438 -24.83 -38.03 48.00
C MET O 438 -24.49 -39.06 46.93
N LYS O 439 -23.69 -40.06 47.29
CA LYS O 439 -23.28 -41.07 46.32
C LYS O 439 -24.41 -42.05 46.01
N ASN O 440 -25.42 -42.15 46.87
CA ASN O 440 -26.56 -43.04 46.65
C ASN O 440 -27.82 -42.18 46.64
N LEU O 441 -28.11 -41.60 45.48
CA LEU O 441 -29.32 -40.80 45.30
C LEU O 441 -29.52 -40.60 43.80
N ALA O 442 -30.64 -41.10 43.27
CA ALA O 442 -30.85 -41.04 41.84
C ALA O 442 -31.06 -39.61 41.37
N GLN O 443 -30.79 -39.38 40.08
CA GLN O 443 -30.88 -38.04 39.52
C GLN O 443 -32.32 -37.55 39.41
N ASP O 444 -33.30 -38.45 39.48
CA ASP O 444 -34.69 -38.04 39.34
C ASP O 444 -35.26 -37.43 40.62
N HIS O 445 -34.67 -37.72 41.77
CA HIS O 445 -35.18 -37.21 43.04
C HIS O 445 -34.37 -36.05 43.60
N ALA O 446 -33.18 -35.77 43.03
CA ALA O 446 -32.31 -34.75 43.63
C ALA O 446 -32.91 -33.35 43.59
N PRO O 447 -33.46 -32.86 42.46
CA PRO O 447 -33.97 -31.47 42.45
C PRO O 447 -34.97 -31.17 43.55
N MET O 448 -35.92 -32.07 43.80
CA MET O 448 -36.95 -31.80 44.80
C MET O 448 -36.33 -31.63 46.19
N LEU O 449 -35.51 -32.59 46.61
CA LEU O 449 -34.94 -32.55 47.95
C LEU O 449 -34.02 -31.35 48.13
N LEU O 450 -33.14 -31.10 47.16
CA LEU O 450 -32.18 -30.02 47.31
C LEU O 450 -32.86 -28.65 47.26
N SER O 451 -33.86 -28.48 46.38
CA SER O 451 -34.60 -27.23 46.34
C SER O 451 -35.37 -27.01 47.64
N ALA O 452 -35.94 -28.08 48.20
CA ALA O 452 -36.64 -27.93 49.47
C ALA O 452 -35.68 -27.49 50.56
N LEU O 453 -34.49 -28.08 50.61
CA LEU O 453 -33.51 -27.69 51.61
C LEU O 453 -33.12 -26.22 51.46
N LEU O 454 -32.89 -25.78 50.22
CA LEU O 454 -32.49 -24.38 50.01
C LEU O 454 -33.61 -23.42 50.40
N GLU O 455 -34.87 -23.75 50.06
CA GLU O 455 -35.98 -22.89 50.43
C GLU O 455 -36.14 -22.79 51.94
N MET O 456 -36.01 -23.93 52.64
CA MET O 456 -36.07 -23.91 54.10
C MET O 456 -34.97 -23.05 54.68
N PHE O 457 -33.75 -23.17 54.15
CA PHE O 457 -32.66 -22.35 54.64
C PHE O 457 -32.93 -20.87 54.42
N ALA O 458 -33.47 -20.50 53.26
CA ALA O 458 -33.77 -19.10 53.00
C ALA O 458 -34.81 -18.56 53.98
N GLU O 459 -35.87 -19.33 54.22
CA GLU O 459 -36.89 -18.88 55.16
C GLU O 459 -36.33 -18.70 56.57
N ILE O 460 -35.54 -19.68 57.03
CA ILE O 460 -34.97 -19.60 58.37
C ILE O 460 -34.01 -18.43 58.48
N LEU O 461 -33.21 -18.19 57.43
CA LEU O 461 -32.29 -17.06 57.44
C LEU O 461 -33.04 -15.73 57.51
N PHE O 462 -34.15 -15.61 56.79
CA PHE O 462 -34.95 -14.39 56.89
C PHE O 462 -35.51 -14.23 58.30
N ARG O 463 -35.99 -15.31 58.91
CA ARG O 463 -36.61 -15.19 60.22
C ARG O 463 -35.57 -14.87 61.30
N ARG O 464 -34.34 -15.36 61.15
CA ARG O 464 -33.33 -15.15 62.18
C ARG O 464 -32.99 -13.67 62.35
N GLY O 465 -32.85 -12.95 61.25
CA GLY O 465 -32.57 -11.53 61.31
C GLY O 465 -31.09 -11.19 61.34
N GLN O 466 -30.82 -9.89 61.38
CA GLN O 466 -29.45 -9.40 61.37
C GLN O 466 -28.76 -9.55 62.72
N GLU O 467 -29.51 -9.45 63.81
CA GLU O 467 -28.90 -9.51 65.14
C GLU O 467 -28.42 -10.91 65.49
N ARG O 468 -29.09 -11.94 64.99
CA ARG O 468 -28.77 -13.32 65.38
C ARG O 468 -28.35 -14.17 64.18
N SER O 469 -27.49 -13.63 63.33
CA SER O 469 -27.00 -14.33 62.16
C SER O 469 -25.50 -14.53 62.27
N TYR O 470 -25.00 -15.62 61.68
CA TYR O 470 -23.59 -15.96 61.73
C TYR O 470 -23.05 -16.17 60.33
N PRO O 471 -21.79 -15.80 60.07
CA PRO O 471 -21.21 -16.00 58.75
C PRO O 471 -21.15 -17.47 58.37
N THR O 472 -21.33 -17.73 57.08
CA THR O 472 -21.35 -19.10 56.57
C THR O 472 -20.94 -19.08 55.10
N VAL O 473 -20.14 -20.07 54.70
CA VAL O 473 -19.75 -20.25 53.31
C VAL O 473 -20.32 -21.57 52.83
N LEU O 474 -21.02 -21.53 51.70
CA LEU O 474 -21.72 -22.70 51.16
C LEU O 474 -21.20 -22.99 49.77
N LEU O 475 -20.91 -24.27 49.51
CA LEU O 475 -20.32 -24.70 48.24
C LEU O 475 -21.28 -25.66 47.55
N LEU O 476 -21.49 -25.44 46.25
CA LEU O 476 -22.45 -26.22 45.47
C LEU O 476 -21.74 -26.82 44.28
N GLU O 477 -21.84 -28.14 44.12
CA GLU O 477 -21.18 -28.88 43.06
C GLU O 477 -22.20 -29.40 42.05
N GLU O 478 -21.83 -29.35 40.78
CA GLU O 478 -22.68 -29.77 39.68
C GLU O 478 -24.04 -29.09 39.76
N ALA O 479 -24.00 -27.76 39.64
CA ALA O 479 -25.19 -26.95 39.86
C ALA O 479 -26.28 -27.20 38.83
N HIS O 480 -25.93 -27.59 37.61
CA HIS O 480 -26.95 -27.80 36.58
C HIS O 480 -27.81 -29.02 36.85
N HIS O 481 -27.45 -29.87 37.81
CA HIS O 481 -28.25 -31.04 38.11
C HIS O 481 -29.53 -30.68 38.85
N TYR O 482 -29.48 -29.72 39.76
CA TYR O 482 -30.60 -29.47 40.65
C TYR O 482 -31.05 -28.01 40.73
N LEU O 483 -30.42 -27.10 40.00
CA LEU O 483 -30.82 -25.69 40.13
C LEU O 483 -32.09 -25.41 39.33
N ARG O 484 -32.04 -25.64 38.02
CA ARG O 484 -33.19 -25.40 37.14
C ARG O 484 -33.59 -26.70 36.48
N ASP O 485 -34.90 -26.98 36.47
CA ASP O 485 -35.41 -28.13 35.74
C ASP O 485 -35.15 -27.96 34.26
N PRO O 486 -34.81 -29.03 33.53
CA PRO O 486 -34.57 -28.88 32.08
C PRO O 486 -35.79 -28.39 31.31
N TYR O 487 -36.98 -28.77 31.73
CA TYR O 487 -38.22 -28.29 31.11
C TYR O 487 -38.79 -27.10 31.89
N ALA O 488 -38.06 -25.98 31.88
CA ALA O 488 -38.42 -24.79 32.64
C ALA O 488 -38.60 -23.60 31.72
N GLU O 489 -39.31 -23.80 30.60
CA GLU O 489 -39.64 -22.70 29.71
C GLU O 489 -40.50 -21.64 30.38
N ILE O 490 -41.18 -21.99 31.47
CA ILE O 490 -41.97 -21.03 32.22
C ILE O 490 -41.12 -20.41 33.31
N ASP O 491 -41.47 -19.18 33.70
CA ASP O 491 -40.69 -18.44 34.67
C ASP O 491 -41.05 -18.78 36.10
N SER O 492 -41.98 -19.69 36.34
CA SER O 492 -42.45 -20.04 37.67
C SER O 492 -41.88 -21.36 38.15
N GLN O 493 -40.64 -21.66 37.77
CA GLN O 493 -39.93 -22.83 38.29
C GLN O 493 -38.56 -22.51 38.86
N ILE O 494 -38.03 -21.32 38.61
CA ILE O 494 -36.77 -20.88 39.20
C ILE O 494 -37.12 -19.77 40.19
N LYS O 495 -37.32 -20.15 41.45
CA LYS O 495 -37.67 -19.20 42.50
C LYS O 495 -36.78 -19.28 43.72
N ALA O 496 -36.08 -20.40 43.95
CA ALA O 496 -35.28 -20.55 45.15
C ALA O 496 -33.98 -19.76 45.08
N TYR O 497 -33.39 -19.65 43.88
CA TYR O 497 -32.07 -19.04 43.78
C TYR O 497 -32.10 -17.54 44.03
N GLU O 498 -33.13 -16.84 43.53
CA GLU O 498 -33.17 -15.38 43.69
C GLU O 498 -33.35 -15.00 45.16
N ARG O 499 -34.30 -15.64 45.84
CA ARG O 499 -34.54 -15.34 47.25
C ARG O 499 -33.31 -15.65 48.08
N LEU O 500 -32.69 -16.81 47.84
CA LEU O 500 -31.50 -17.19 48.60
C LEU O 500 -30.35 -16.24 48.34
N ALA O 501 -30.18 -15.81 47.08
CA ALA O 501 -29.09 -14.88 46.76
C ALA O 501 -29.29 -13.55 47.47
N LYS O 502 -30.51 -13.02 47.44
CA LYS O 502 -30.77 -11.74 48.12
C LYS O 502 -30.56 -11.87 49.62
N GLU O 503 -31.07 -12.95 50.22
CA GLU O 503 -30.94 -13.11 51.66
C GLU O 503 -29.49 -13.33 52.06
N GLY O 504 -28.71 -14.02 51.22
CA GLY O 504 -27.30 -14.18 51.50
C GLY O 504 -26.54 -12.87 51.41
N ARG O 505 -26.84 -12.06 50.41
CA ARG O 505 -26.18 -10.76 50.31
C ARG O 505 -26.58 -9.84 51.45
N LYS O 506 -27.77 -10.03 52.02
CA LYS O 506 -28.22 -9.16 53.11
C LYS O 506 -27.80 -9.64 54.50
N PHE O 507 -27.68 -10.95 54.72
CA PHE O 507 -27.54 -11.50 56.07
C PHE O 507 -26.41 -12.51 56.15
N LYS O 508 -25.23 -12.14 55.64
CA LYS O 508 -23.99 -12.87 55.86
C LYS O 508 -24.08 -14.32 55.40
N CYS O 509 -24.25 -14.49 54.09
CA CYS O 509 -24.16 -15.80 53.47
C CYS O 509 -23.59 -15.65 52.07
N SER O 510 -22.62 -16.52 51.74
CA SER O 510 -21.93 -16.47 50.47
C SER O 510 -22.09 -17.80 49.75
N LEU O 511 -22.29 -17.73 48.43
CA LEU O 511 -22.53 -18.91 47.61
C LEU O 511 -21.40 -19.08 46.61
N ILE O 512 -21.00 -20.33 46.38
CA ILE O 512 -20.02 -20.69 45.37
C ILE O 512 -20.68 -21.68 44.42
N VAL O 513 -20.65 -21.37 43.13
CA VAL O 513 -21.28 -22.20 42.10
C VAL O 513 -20.18 -22.77 41.23
N SER O 514 -20.08 -24.10 41.19
CA SER O 514 -19.10 -24.80 40.37
C SER O 514 -19.85 -25.69 39.39
N THR O 515 -19.75 -25.36 38.11
CA THR O 515 -20.44 -26.11 37.08
C THR O 515 -19.55 -26.20 35.85
N GLN O 516 -19.80 -27.23 35.04
CA GLN O 516 -19.00 -27.49 33.86
C GLN O 516 -19.76 -27.30 32.55
N ARG O 517 -21.06 -27.07 32.61
CA ARG O 517 -21.87 -26.80 31.41
C ARG O 517 -22.68 -25.54 31.66
N PRO O 518 -22.05 -24.36 31.56
CA PRO O 518 -22.78 -23.11 31.83
C PRO O 518 -23.92 -22.84 30.85
N SER O 519 -23.90 -23.46 29.67
CA SER O 519 -25.01 -23.28 28.73
C SER O 519 -26.30 -23.88 29.25
N GLU O 520 -26.21 -24.91 30.08
CA GLU O 520 -27.38 -25.54 30.69
C GLU O 520 -27.90 -24.78 31.89
N LEU O 521 -27.21 -23.72 32.31
CA LEU O 521 -27.57 -22.95 33.49
C LEU O 521 -28.29 -21.68 33.06
N SER O 522 -29.31 -21.29 33.83
CA SER O 522 -30.12 -20.15 33.47
C SER O 522 -29.28 -18.87 33.50
N PRO O 523 -29.57 -17.92 32.60
CA PRO O 523 -28.78 -16.69 32.55
C PRO O 523 -28.82 -15.88 33.84
N THR O 524 -29.91 -15.94 34.59
CA THR O 524 -30.02 -15.17 35.82
C THR O 524 -29.13 -15.71 36.94
N VAL O 525 -28.74 -16.98 36.87
CA VAL O 525 -27.92 -17.57 37.92
C VAL O 525 -26.50 -17.01 37.89
N LEU O 526 -25.91 -16.94 36.70
CA LEU O 526 -24.51 -16.55 36.54
C LEU O 526 -24.31 -15.04 36.53
N ALA O 527 -25.38 -14.27 36.41
CA ALA O 527 -25.27 -12.81 36.31
C ALA O 527 -25.25 -12.13 37.67
N MET O 528 -25.38 -12.88 38.77
CA MET O 528 -25.38 -12.30 40.11
C MET O 528 -24.04 -12.40 40.81
N CYS O 529 -23.09 -13.16 40.26
CA CYS O 529 -21.79 -13.31 40.89
C CYS O 529 -20.88 -12.15 40.51
N SER O 530 -19.82 -11.96 41.30
CA SER O 530 -18.93 -10.82 41.12
C SER O 530 -17.52 -11.19 40.70
N ASN O 531 -17.10 -12.44 40.85
CA ASN O 531 -15.78 -12.87 40.43
C ASN O 531 -15.91 -14.17 39.64
N TRP O 532 -15.08 -14.32 38.62
CA TRP O 532 -15.14 -15.47 37.72
C TRP O 532 -13.79 -16.18 37.69
N PHE O 533 -13.83 -17.51 37.73
CA PHE O 533 -12.68 -18.37 37.50
C PHE O 533 -13.04 -19.34 36.39
N SER O 534 -12.22 -19.36 35.33
CA SER O 534 -12.54 -20.15 34.14
C SER O 534 -11.32 -20.93 33.69
N LEU O 535 -11.46 -22.25 33.62
CA LEU O 535 -10.44 -23.12 33.03
C LEU O 535 -10.76 -23.30 31.55
N ARG O 536 -10.07 -24.26 30.92
CA ARG O 536 -10.24 -24.48 29.49
C ARG O 536 -11.67 -24.91 29.18
N LEU O 537 -12.26 -24.31 28.15
CA LEU O 537 -13.59 -24.64 27.67
C LEU O 537 -13.49 -25.08 26.22
N THR O 538 -14.05 -26.25 25.90
CA THR O 538 -13.93 -26.83 24.57
C THR O 538 -15.07 -26.43 23.65
N ASN O 539 -16.31 -26.59 24.09
CA ASN O 539 -17.46 -26.29 23.25
C ASN O 539 -17.55 -24.80 22.96
N GLU O 540 -17.89 -24.47 21.72
CA GLU O 540 -18.02 -23.06 21.32
C GLU O 540 -19.26 -22.41 21.92
N ARG O 541 -20.32 -23.18 22.16
CA ARG O 541 -21.54 -22.63 22.74
C ARG O 541 -21.35 -22.17 24.18
N ASP O 542 -20.37 -22.73 24.88
CA ASP O 542 -20.14 -22.34 26.27
C ASP O 542 -19.51 -20.95 26.37
N LEU O 543 -18.61 -20.62 25.44
CA LEU O 543 -17.97 -19.30 25.48
C LEU O 543 -18.98 -18.20 25.23
N GLN O 544 -20.01 -18.47 24.43
CA GLN O 544 -21.03 -17.47 24.14
C GLN O 544 -21.80 -17.08 25.40
N ALA O 545 -22.09 -18.04 26.27
CA ALA O 545 -22.80 -17.73 27.51
C ALA O 545 -21.94 -16.88 28.44
N LEU O 546 -20.66 -17.22 28.57
CA LEU O 546 -19.78 -16.45 29.44
C LEU O 546 -19.55 -15.05 28.91
N ARG O 547 -19.49 -14.89 27.58
CA ARG O 547 -19.35 -13.57 26.99
C ARG O 547 -20.60 -12.72 27.20
N TYR O 548 -21.77 -13.36 27.29
CA TYR O 548 -23.02 -12.62 27.38
C TYR O 548 -23.23 -12.00 28.75
N ALA O 549 -22.67 -12.61 29.80
CA ALA O 549 -22.91 -12.17 31.16
C ALA O 549 -21.70 -11.59 31.88
N MET O 550 -20.54 -11.55 31.22
CA MET O 550 -19.34 -11.01 31.85
C MET O 550 -19.48 -9.51 32.08
N GLU O 551 -18.83 -9.03 33.14
CA GLU O 551 -18.93 -7.63 33.53
C GLU O 551 -17.61 -6.88 33.47
N SER O 552 -16.57 -7.37 34.15
CA SER O 552 -15.35 -6.60 34.36
C SER O 552 -14.15 -7.20 33.62
N GLY O 553 -14.38 -7.71 32.42
CA GLY O 553 -13.30 -8.27 31.63
C GLY O 553 -12.94 -7.43 30.42
N ASN O 554 -12.37 -8.08 29.40
CA ASN O 554 -12.10 -7.42 28.13
C ASN O 554 -12.03 -8.48 27.05
N GLU O 555 -12.15 -8.03 25.80
CA GLU O 555 -12.22 -8.99 24.69
C GLU O 555 -10.91 -9.71 24.48
N GLN O 556 -9.78 -9.08 24.79
CA GLN O 556 -8.48 -9.67 24.50
C GLN O 556 -8.16 -10.85 25.40
N ILE O 557 -8.84 -10.99 26.53
CA ILE O 557 -8.54 -12.08 27.46
C ILE O 557 -9.41 -13.31 27.23
N LEU O 558 -10.59 -13.17 26.63
CA LEU O 558 -11.45 -14.31 26.39
C LEU O 558 -11.06 -15.09 25.14
N LYS O 559 -10.06 -14.64 24.39
CA LYS O 559 -9.61 -15.34 23.20
C LYS O 559 -8.60 -16.43 23.50
N GLN O 560 -8.17 -16.58 24.76
CA GLN O 560 -7.17 -17.58 25.12
C GLN O 560 -7.69 -18.60 26.11
N ILE O 561 -9.00 -18.63 26.36
CA ILE O 561 -9.57 -19.70 27.19
C ILE O 561 -9.44 -21.04 26.48
N SER O 562 -9.58 -21.07 25.16
CA SER O 562 -9.55 -22.30 24.39
C SER O 562 -8.15 -22.83 24.16
N GLY O 563 -7.14 -22.34 24.88
CA GLY O 563 -5.78 -22.80 24.68
C GLY O 563 -4.99 -23.03 25.97
N LEU O 564 -5.67 -23.45 27.03
CA LEU O 564 -4.87 -23.53 28.25
C LEU O 564 -4.54 -24.98 28.60
N PRO O 565 -3.36 -25.21 29.19
CA PRO O 565 -3.06 -26.53 29.75
C PRO O 565 -3.80 -26.73 31.06
N ARG O 566 -3.65 -27.89 31.70
CA ARG O 566 -4.29 -28.09 32.99
C ARG O 566 -3.46 -27.43 34.08
N GLY O 567 -4.16 -26.90 35.08
CA GLY O 567 -3.52 -26.13 36.13
C GLY O 567 -3.46 -24.64 35.88
N ASP O 568 -3.86 -24.18 34.71
CA ASP O 568 -3.90 -22.75 34.38
C ASP O 568 -5.33 -22.26 34.37
N ALA O 569 -5.53 -21.03 34.84
CA ALA O 569 -6.86 -20.46 34.92
C ALA O 569 -6.77 -18.95 34.71
N VAL O 570 -7.92 -18.36 34.37
CA VAL O 570 -8.04 -16.93 34.15
C VAL O 570 -9.00 -16.37 35.19
N ALA O 571 -8.57 -15.33 35.90
CA ALA O 571 -9.36 -14.73 36.97
C ALA O 571 -9.55 -13.24 36.71
N PHE O 572 -10.79 -12.79 36.87
CA PHE O 572 -11.10 -11.36 36.78
C PHE O 572 -12.33 -11.08 37.62
N GLY O 573 -12.51 -9.82 37.99
CA GLY O 573 -13.65 -9.45 38.79
C GLY O 573 -13.36 -8.19 39.59
N SER O 574 -14.08 -8.04 40.70
CA SER O 574 -14.00 -6.86 41.54
C SER O 574 -12.94 -6.96 42.63
N ALA O 575 -12.30 -8.11 42.79
CA ALA O 575 -11.23 -8.28 43.77
C ALA O 575 -9.85 -8.28 43.15
N PHE O 576 -9.74 -7.97 41.86
CA PHE O 576 -8.46 -7.93 41.15
C PHE O 576 -8.29 -6.57 40.52
N ASN O 577 -7.09 -5.99 40.68
CA ASN O 577 -6.84 -4.67 40.10
C ASN O 577 -6.92 -4.70 38.58
N LEU O 578 -6.33 -5.70 37.96
CA LEU O 578 -6.39 -5.90 36.52
C LEU O 578 -6.40 -7.39 36.23
N PRO O 579 -7.02 -7.82 35.13
CA PRO O 579 -7.12 -9.26 34.86
C PRO O 579 -5.75 -9.90 34.73
N VAL O 580 -5.65 -11.13 35.26
CA VAL O 580 -4.38 -11.84 35.35
C VAL O 580 -4.58 -13.29 34.92
N ARG O 581 -3.48 -13.92 34.51
CA ARG O 581 -3.45 -15.33 34.14
C ARG O 581 -2.48 -16.04 35.06
N ILE O 582 -2.98 -17.03 35.81
CA ILE O 582 -2.24 -17.62 36.91
C ILE O 582 -2.24 -19.14 36.78
N SER O 583 -1.27 -19.76 37.46
CA SER O 583 -1.12 -21.21 37.50
C SER O 583 -1.33 -21.67 38.94
N ILE O 584 -2.38 -22.47 39.16
CA ILE O 584 -2.76 -22.85 40.51
C ILE O 584 -1.77 -23.86 41.08
N ASN O 585 -1.52 -23.77 42.39
CA ASN O 585 -0.70 -24.74 43.09
C ASN O 585 -1.42 -26.09 43.16
N GLN O 586 -0.76 -27.06 43.78
CA GLN O 586 -1.28 -28.40 43.93
C GLN O 586 -1.60 -28.67 45.40
N ALA O 587 -2.84 -29.05 45.68
CA ALA O 587 -3.25 -29.33 47.05
C ALA O 587 -2.66 -30.64 47.53
N ARG O 588 -2.31 -30.68 48.81
CA ARG O 588 -1.73 -31.88 49.40
C ARG O 588 -2.28 -32.13 50.80
N PRO O 589 -3.06 -33.19 51.00
CA PRO O 589 -3.53 -34.16 50.01
C PRO O 589 -4.73 -33.65 49.24
N GLY O 590 -4.93 -34.11 48.01
CA GLY O 590 -6.06 -33.67 47.21
C GLY O 590 -7.26 -34.57 47.38
N PRO O 591 -8.21 -34.48 46.46
CA PRO O 591 -9.37 -35.36 46.49
C PRO O 591 -9.00 -36.74 45.94
N LYS O 592 -9.99 -37.63 45.92
CA LYS O 592 -9.81 -38.98 45.39
C LYS O 592 -10.68 -39.15 44.15
N SER O 593 -10.22 -40.02 43.26
CA SER O 593 -10.91 -40.28 41.99
C SER O 593 -11.72 -41.56 42.11
N SER O 594 -13.02 -41.45 41.85
CA SER O 594 -13.93 -42.57 41.97
C SER O 594 -14.20 -43.27 40.64
N ASP O 595 -13.59 -42.83 39.56
CA ASP O 595 -13.81 -43.45 38.26
C ASP O 595 -13.16 -44.83 38.19
N ALA O 596 -13.83 -45.74 37.50
CA ALA O 596 -13.38 -47.12 37.40
C ALA O 596 -12.46 -47.31 36.20
N VAL O 597 -11.62 -48.34 36.28
CA VAL O 597 -10.70 -48.71 35.22
C VAL O 597 -11.01 -50.13 34.79
N PHE O 598 -11.18 -50.33 33.48
CA PHE O 598 -11.57 -51.64 32.98
C PHE O 598 -10.43 -52.66 33.06
N SER O 599 -9.18 -52.20 33.00
CA SER O 599 -8.06 -53.13 32.96
C SER O 599 -7.99 -53.97 34.23
N GLU O 600 -8.11 -53.35 35.40
CA GLU O 600 -8.02 -54.08 36.66
C GLU O 600 -9.19 -55.06 36.80
N GLU O 601 -10.40 -54.62 36.49
CA GLU O 601 -11.57 -55.47 36.67
C GLU O 601 -11.57 -56.65 35.70
N TRP O 602 -11.14 -56.43 34.46
CA TRP O 602 -11.10 -57.53 33.50
C TRP O 602 -9.93 -58.46 33.76
N ALA O 603 -8.81 -57.94 34.28
CA ALA O 603 -7.66 -58.79 34.55
C ALA O 603 -7.86 -59.67 35.78
N ASN O 604 -8.81 -59.32 36.65
CA ASN O 604 -9.08 -60.13 37.84
C ASN O 604 -10.21 -61.13 37.57
N LEU P 3 35.55 -31.38 10.40
CA LEU P 3 35.05 -32.61 11.01
C LEU P 3 33.97 -32.31 12.04
N PHE P 4 33.68 -31.03 12.24
CA PHE P 4 32.71 -30.56 13.22
C PHE P 4 31.55 -29.90 12.49
N LYS P 5 30.33 -30.33 12.81
CA LYS P 5 29.12 -29.79 12.22
C LYS P 5 28.14 -29.42 13.31
N LEU P 6 27.32 -28.39 13.05
CA LEU P 6 26.33 -27.93 14.01
C LEU P 6 24.93 -28.46 13.74
N THR P 7 24.59 -28.71 12.47
CA THR P 7 23.28 -29.23 12.12
C THR P 7 23.38 -29.92 10.76
N GLU P 8 22.30 -30.58 10.36
CA GLU P 8 22.30 -31.33 9.11
C GLU P 8 21.12 -30.94 8.22
N ILE P 9 20.09 -30.33 8.80
CA ILE P 9 18.94 -29.87 8.03
C ILE P 9 19.19 -28.44 7.59
N SER P 10 18.97 -28.18 6.30
CA SER P 10 19.20 -26.85 5.74
C SER P 10 17.92 -26.02 5.80
N ALA P 11 18.07 -24.75 6.17
CA ALA P 11 16.95 -23.85 6.30
C ALA P 11 16.42 -23.43 4.93
N ILE P 12 15.15 -23.04 4.90
CA ILE P 12 14.49 -22.62 3.67
C ILE P 12 13.93 -21.20 3.76
N GLY P 13 14.05 -20.53 4.89
CA GLY P 13 13.52 -19.19 5.01
C GLY P 13 13.82 -18.59 6.36
N TYR P 14 13.45 -17.32 6.50
CA TYR P 14 13.63 -16.58 7.75
C TYR P 14 12.39 -15.75 8.03
N VAL P 15 12.16 -15.48 9.31
CA VAL P 15 10.96 -14.78 9.76
C VAL P 15 11.14 -13.28 9.58
N VAL P 16 10.08 -12.60 9.16
CA VAL P 16 10.12 -11.17 8.87
C VAL P 16 9.01 -10.38 9.55
N GLY P 17 8.13 -11.01 10.31
CA GLY P 17 7.07 -10.27 10.96
C GLY P 17 6.30 -11.12 11.94
N LEU P 18 5.64 -10.43 12.88
CA LEU P 18 4.75 -11.05 13.87
C LEU P 18 3.60 -10.07 14.12
N GLU P 19 2.52 -10.23 13.37
CA GLU P 19 1.37 -9.33 13.43
C GLU P 19 0.26 -9.99 14.25
N GLY P 20 0.43 -9.97 15.57
CA GLY P 20 -0.56 -10.56 16.44
C GLY P 20 -0.31 -12.03 16.70
N GLU P 21 -1.02 -12.89 15.98
CA GLU P 21 -0.85 -14.33 16.09
C GLU P 21 -0.25 -14.95 14.83
N ARG P 22 -0.16 -14.19 13.74
CA ARG P 22 0.31 -14.70 12.47
C ARG P 22 1.83 -14.63 12.36
N ILE P 23 2.37 -15.42 11.45
CA ILE P 23 3.80 -15.44 11.16
C ILE P 23 4.00 -15.24 9.66
N ARG P 24 4.93 -14.36 9.30
CA ARG P 24 5.24 -14.09 7.90
C ARG P 24 6.67 -14.52 7.62
N ILE P 25 6.85 -15.31 6.55
CA ILE P 25 8.12 -15.95 6.25
C ILE P 25 8.50 -15.66 4.81
N ASN P 26 9.77 -15.36 4.59
CA ASN P 26 10.33 -15.16 3.26
C ASN P 26 11.14 -16.37 2.85
N LEU P 27 11.00 -16.80 1.60
CA LEU P 27 11.66 -17.99 1.09
C LEU P 27 12.95 -17.62 0.37
N HIS P 28 13.90 -18.54 0.39
CA HIS P 28 15.18 -18.31 -0.27
C HIS P 28 15.02 -18.36 -1.78
N GLU P 29 16.00 -17.80 -2.48
CA GLU P 29 15.95 -17.70 -3.93
C GLU P 29 16.49 -18.96 -4.59
N GLY P 30 15.69 -19.54 -5.48
CA GLY P 30 16.11 -20.70 -6.23
C GLY P 30 15.60 -22.01 -5.64
N LEU P 31 16.34 -23.08 -5.95
CA LEU P 31 15.97 -24.41 -5.48
C LEU P 31 16.16 -24.56 -3.98
N GLN P 32 16.97 -23.71 -3.35
CA GLN P 32 17.24 -23.82 -1.92
C GLN P 32 15.97 -23.69 -1.08
N GLY P 33 14.97 -22.95 -1.56
CA GLY P 33 13.74 -22.77 -0.82
C GLY P 33 12.70 -23.86 -0.99
N ARG P 34 12.97 -24.87 -1.81
CA ARG P 34 11.99 -25.92 -2.08
C ARG P 34 12.45 -27.30 -1.64
N LEU P 35 13.62 -27.76 -2.10
CA LEU P 35 14.10 -29.09 -1.81
C LEU P 35 15.20 -29.06 -0.76
N ALA P 36 15.40 -30.21 -0.11
CA ALA P 36 16.42 -30.36 0.91
C ALA P 36 16.75 -31.84 1.06
N SER P 37 18.03 -32.15 1.18
CA SER P 37 18.51 -33.53 1.31
C SER P 37 19.17 -33.73 2.67
N HIS P 38 18.95 -34.91 3.25
CA HIS P 38 19.54 -35.26 4.53
C HIS P 38 19.70 -36.78 4.58
N ARG P 39 20.00 -37.31 5.77
CA ARG P 39 20.28 -38.73 5.92
C ARG P 39 19.03 -39.60 5.86
N LYS P 40 17.83 -39.01 5.89
CA LYS P 40 16.61 -39.78 5.81
C LYS P 40 15.95 -39.76 4.45
N GLY P 41 16.19 -38.73 3.64
CA GLY P 41 15.61 -38.65 2.31
C GLY P 41 15.54 -37.24 1.78
N VAL P 42 14.50 -36.94 1.01
CA VAL P 42 14.28 -35.61 0.46
C VAL P 42 12.94 -35.10 0.99
N SER P 43 12.96 -33.91 1.57
CA SER P 43 11.76 -33.30 2.16
C SER P 43 11.50 -31.95 1.52
N SER P 44 10.22 -31.62 1.34
CA SER P 44 9.84 -30.38 0.70
C SER P 44 8.47 -29.95 1.19
N VAL P 45 8.23 -28.64 1.11
CA VAL P 45 6.94 -28.04 1.45
C VAL P 45 6.48 -27.22 0.25
N THR P 46 5.33 -27.58 -0.31
CA THR P 46 4.88 -26.99 -1.56
C THR P 46 3.45 -26.45 -1.56
N GLN P 47 2.60 -26.87 -0.62
CA GLN P 47 1.20 -26.48 -0.66
C GLN P 47 0.72 -26.24 0.77
N PRO P 48 -0.35 -25.47 0.94
CA PRO P 48 -0.93 -25.31 2.28
C PRO P 48 -1.40 -26.64 2.85
N GLY P 49 -1.29 -26.75 4.18
CA GLY P 49 -1.65 -27.96 4.88
C GLY P 49 -0.48 -28.73 5.46
N ASP P 50 0.75 -28.38 5.10
CA ASP P 50 1.93 -29.04 5.64
C ASP P 50 2.31 -28.43 6.98
N LEU P 51 3.41 -28.92 7.55
CA LEU P 51 3.92 -28.43 8.83
C LEU P 51 5.39 -28.07 8.68
N ILE P 52 5.78 -26.95 9.29
CA ILE P 52 7.16 -26.51 9.32
C ILE P 52 7.52 -26.16 10.76
N GLY P 53 8.83 -26.05 11.01
CA GLY P 53 9.32 -25.80 12.35
C GLY P 53 10.35 -24.70 12.36
N PHE P 54 10.48 -24.06 13.52
CA PHE P 54 11.45 -23.00 13.75
C PHE P 54 12.35 -23.37 14.91
N ASP P 55 13.65 -23.15 14.74
CA ASP P 55 14.61 -23.42 15.81
C ASP P 55 14.69 -22.23 16.76
N ALA P 56 14.50 -22.49 18.05
CA ALA P 56 14.44 -21.43 19.05
C ALA P 56 15.23 -21.82 20.29
N GLY P 57 16.42 -22.36 20.09
CA GLY P 57 17.30 -22.72 21.22
C GLY P 57 17.01 -24.13 21.73
N ASN P 58 16.43 -24.23 22.93
CA ASN P 58 16.14 -25.51 23.55
C ASN P 58 14.77 -26.05 23.22
N ILE P 59 13.98 -25.34 22.41
CA ILE P 59 12.65 -25.79 22.02
C ILE P 59 12.50 -25.65 20.51
N LEU P 60 11.57 -26.42 19.95
CA LEU P 60 11.27 -26.41 18.52
C LEU P 60 9.79 -26.10 18.34
N VAL P 61 9.49 -24.92 17.79
CA VAL P 61 8.11 -24.48 17.61
C VAL P 61 7.57 -25.07 16.32
N VAL P 62 6.37 -25.65 16.39
CA VAL P 62 5.73 -26.30 15.26
C VAL P 62 4.54 -25.44 14.82
N ALA P 63 4.42 -25.26 13.51
CA ALA P 63 3.34 -24.45 12.95
C ALA P 63 2.61 -25.19 11.84
N ARG P 64 1.68 -24.51 11.16
CA ARG P 64 0.87 -25.13 10.12
C ARG P 64 0.60 -24.10 9.03
N VAL P 65 0.95 -24.44 7.79
CA VAL P 65 0.88 -23.48 6.70
C VAL P 65 -0.56 -23.20 6.33
N THR P 66 -0.88 -21.94 6.03
CA THR P 66 -2.22 -21.53 5.68
C THR P 66 -2.34 -20.92 4.28
N ASP P 67 -1.49 -19.94 3.95
CA ASP P 67 -1.58 -19.24 2.67
C ASP P 67 -0.20 -19.14 2.04
N MET P 68 -0.20 -19.00 0.71
CA MET P 68 1.03 -18.85 -0.06
C MET P 68 0.75 -17.96 -1.27
N ALA P 69 1.62 -16.99 -1.52
CA ALA P 69 1.40 -16.04 -2.59
C ALA P 69 2.70 -15.33 -2.91
N PHE P 70 2.70 -14.61 -4.04
CA PHE P 70 3.83 -13.80 -4.46
C PHE P 70 3.91 -12.54 -3.61
N VAL P 71 4.89 -11.69 -3.93
CA VAL P 71 5.05 -10.41 -3.25
C VAL P 71 4.72 -9.27 -4.21
N ILE P 89 13.18 -12.08 -10.55
CA ILE P 89 13.02 -13.05 -9.48
C ILE P 89 12.05 -12.49 -8.43
N PRO P 90 10.77 -12.83 -8.56
CA PRO P 90 9.79 -12.40 -7.56
C PRO P 90 10.02 -13.10 -6.23
N LEU P 91 9.58 -12.44 -5.17
CA LEU P 91 9.72 -12.96 -3.81
C LEU P 91 8.42 -13.63 -3.38
N ARG P 92 8.55 -14.60 -2.47
CA ARG P 92 7.43 -15.43 -2.05
C ARG P 92 7.27 -15.37 -0.53
N GLN P 93 6.05 -15.59 -0.07
CA GLN P 93 5.72 -15.44 1.35
C GLN P 93 4.78 -16.55 1.79
N ILE P 94 4.77 -16.81 3.10
CA ILE P 94 3.98 -17.86 3.70
C ILE P 94 3.39 -17.35 5.01
N ILE P 95 2.15 -17.76 5.30
CA ILE P 95 1.47 -17.44 6.54
C ILE P 95 1.18 -18.73 7.28
N ALA P 96 1.45 -18.75 8.59
CA ALA P 96 1.27 -19.96 9.38
C ALA P 96 0.82 -19.60 10.79
N TYR P 97 0.22 -20.59 11.47
CA TYR P 97 -0.21 -20.47 12.84
C TYR P 97 0.42 -21.58 13.66
N ALA P 98 0.71 -21.28 14.92
CA ALA P 98 1.42 -22.21 15.79
C ALA P 98 0.46 -23.19 16.47
N ILE P 99 0.98 -24.37 16.80
CA ILE P 99 0.19 -25.40 17.47
C ILE P 99 0.87 -25.96 18.71
N GLY P 100 2.18 -25.83 18.88
CA GLY P 100 2.84 -26.39 20.04
C GLY P 100 4.34 -26.35 19.87
N PHE P 101 5.04 -27.02 20.80
CA PHE P 101 6.49 -27.07 20.75
C PHE P 101 6.98 -28.38 21.35
N VAL P 102 8.22 -28.73 21.01
CA VAL P 102 8.84 -29.99 21.39
C VAL P 102 10.08 -29.68 22.20
N LYS P 103 10.23 -30.36 23.35
CA LYS P 103 11.38 -30.15 24.23
C LYS P 103 11.99 -31.50 24.57
N ARG P 104 13.14 -31.45 25.24
CA ARG P 104 13.91 -32.65 25.56
C ARG P 104 13.40 -33.30 26.86
N GLU P 105 13.93 -34.48 27.12
CA GLU P 105 13.52 -35.28 28.28
C GLU P 105 14.72 -36.09 28.75
N LEU P 106 14.47 -37.10 29.59
CA LEU P 106 15.57 -37.89 30.16
C LEU P 106 16.42 -38.52 29.07
N ASN P 107 15.79 -39.19 28.10
CA ASN P 107 16.53 -39.77 26.98
C ASN P 107 15.83 -39.59 25.64
N GLY P 108 14.70 -38.90 25.58
CA GLY P 108 13.95 -38.73 24.35
C GLY P 108 13.42 -37.31 24.23
N TYR P 109 12.24 -37.21 23.63
CA TYR P 109 11.56 -35.94 23.42
C TYR P 109 10.11 -36.08 23.83
N VAL P 110 9.45 -34.94 24.04
CA VAL P 110 8.03 -34.89 24.37
C VAL P 110 7.38 -33.79 23.54
N PHE P 111 6.06 -33.76 23.58
CA PHE P 111 5.27 -32.77 22.85
C PHE P 111 4.29 -32.11 23.80
N ILE P 112 4.31 -30.78 23.84
CA ILE P 112 3.42 -29.99 24.69
C ILE P 112 2.59 -29.08 23.78
N SER P 113 1.28 -29.09 23.97
CA SER P 113 0.34 -28.38 23.11
C SER P 113 -0.01 -27.04 23.76
N GLU P 114 0.73 -25.99 23.40
CA GLU P 114 0.50 -24.65 23.91
C GLU P 114 0.68 -23.67 22.76
N ASP P 115 -0.41 -23.02 22.34
CA ASP P 115 -0.38 -22.09 21.22
C ASP P 115 -0.23 -20.64 21.71
N TRP P 116 0.84 -20.38 22.46
CA TRP P 116 1.15 -19.02 22.86
C TRP P 116 2.62 -18.67 22.73
N ARG P 117 3.48 -19.61 22.31
CA ARG P 117 4.88 -19.31 22.11
C ARG P 117 5.15 -19.05 20.63
N LEU P 118 5.99 -18.06 20.37
CA LEU P 118 6.29 -17.59 19.02
C LEU P 118 7.79 -17.51 18.85
N PRO P 119 8.29 -17.61 17.62
CA PRO P 119 9.72 -17.49 17.38
C PRO P 119 10.14 -16.03 17.19
N ALA P 120 11.43 -15.79 17.47
CA ALA P 120 11.96 -14.44 17.38
C ALA P 120 12.25 -14.07 15.92
N LEU P 121 12.41 -12.77 15.69
CA LEU P 121 12.74 -12.29 14.37
C LEU P 121 14.14 -12.74 13.97
N GLY P 122 14.31 -13.09 12.70
CA GLY P 122 15.57 -13.54 12.18
C GLY P 122 15.83 -15.04 12.32
N SER P 123 14.87 -15.79 12.84
CA SER P 123 15.05 -17.23 12.99
C SER P 123 14.99 -17.93 11.64
N SER P 124 15.09 -19.25 11.66
CA SER P 124 15.08 -20.06 10.45
C SER P 124 13.92 -21.05 10.50
N ALA P 125 13.39 -21.34 9.31
CA ALA P 125 12.30 -22.32 9.15
C ALA P 125 12.84 -23.54 8.42
N VAL P 126 12.62 -24.71 9.00
CA VAL P 126 13.15 -25.96 8.43
C VAL P 126 12.02 -26.96 8.27
N PRO P 127 12.08 -27.84 7.27
CA PRO P 127 11.08 -28.91 7.17
C PRO P 127 11.28 -29.95 8.25
N LEU P 128 10.22 -30.71 8.51
CA LEU P 128 10.22 -31.72 9.56
C LEU P 128 10.39 -33.10 8.94
N THR P 129 11.28 -33.91 9.52
CA THR P 129 11.55 -35.25 9.03
C THR P 129 10.55 -36.23 9.64
N SER P 130 10.81 -37.52 9.48
CA SER P 130 9.87 -38.55 9.94
C SER P 130 9.92 -38.74 11.45
N ASP P 131 11.09 -38.60 12.06
CA ASP P 131 11.21 -38.81 13.51
C ASP P 131 10.37 -37.82 14.30
N PHE P 132 10.37 -36.55 13.89
CA PHE P 132 9.60 -35.55 14.62
C PHE P 132 8.10 -35.76 14.44
N LEU P 133 7.68 -36.18 13.25
CA LEU P 133 6.27 -36.51 13.05
C LEU P 133 5.87 -37.71 13.90
N ASN P 134 6.77 -38.69 14.03
CA ASN P 134 6.50 -39.83 14.90
C ASN P 134 6.36 -39.38 16.35
N ILE P 135 7.21 -38.44 16.77
CA ILE P 135 7.14 -37.93 18.14
C ILE P 135 5.83 -37.19 18.38
N ILE P 136 5.38 -36.41 17.40
CA ILE P 136 4.19 -35.58 17.58
C ILE P 136 2.96 -36.45 17.81
N TYR P 137 2.79 -37.47 16.98
CA TYR P 137 1.59 -38.31 17.00
C TYR P 137 1.71 -39.52 17.93
N SER P 138 2.78 -39.62 18.71
CA SER P 138 2.96 -40.76 19.59
C SER P 138 2.16 -40.57 20.88
N ILE P 139 2.28 -41.54 21.79
CA ILE P 139 1.56 -41.50 23.05
C ILE P 139 2.55 -41.57 24.21
N ASP P 140 2.04 -41.52 25.44
CA ASP P 140 2.90 -41.52 26.61
C ASP P 140 3.58 -42.88 26.76
N LYS P 141 4.77 -42.86 27.40
CA LYS P 141 5.57 -44.07 27.50
C LYS P 141 4.99 -45.07 28.49
N GLU P 142 4.11 -44.62 29.39
CA GLU P 142 3.58 -45.48 30.44
C GLU P 142 2.31 -46.23 30.06
N GLU P 143 1.82 -46.05 28.83
CA GLU P 143 0.60 -46.73 28.39
C GLU P 143 0.84 -47.58 27.14
N LEU P 144 2.09 -48.00 26.93
CA LEU P 144 2.37 -48.91 25.81
C LEU P 144 1.64 -50.24 25.91
N PRO P 145 1.61 -50.95 27.05
CA PRO P 145 0.94 -52.26 27.07
C PRO P 145 -0.58 -52.17 27.08
N LYS P 146 -1.16 -50.98 26.99
CA LYS P 146 -2.61 -50.80 26.92
C LYS P 146 -3.04 -50.10 25.64
N ALA P 147 -2.38 -50.40 24.52
CA ALA P 147 -2.64 -49.73 23.25
C ALA P 147 -3.06 -50.73 22.19
N VAL P 148 -3.93 -50.31 21.29
CA VAL P 148 -4.37 -51.09 20.15
C VAL P 148 -4.12 -50.29 18.89
N GLU P 149 -3.55 -50.94 17.88
CA GLU P 149 -3.19 -50.28 16.62
C GLU P 149 -4.40 -50.23 15.70
N LEU P 150 -4.59 -49.08 15.05
CA LEU P 150 -5.74 -48.86 14.19
C LEU P 150 -5.37 -48.62 12.74
N GLY P 151 -4.36 -47.82 12.46
CA GLY P 151 -4.00 -47.56 11.09
C GLY P 151 -2.74 -46.73 10.99
N VAL P 152 -2.58 -46.08 9.83
CA VAL P 152 -1.44 -45.23 9.55
C VAL P 152 -1.94 -43.88 9.06
N ASP P 153 -1.05 -42.88 9.11
CA ASP P 153 -1.40 -41.56 8.64
C ASP P 153 -1.64 -41.56 7.14
N SER P 154 -2.41 -40.58 6.68
CA SER P 154 -2.88 -40.55 5.30
C SER P 154 -1.97 -39.75 4.36
N ARG P 155 -1.45 -38.61 4.82
CA ARG P 155 -0.69 -37.73 3.94
C ARG P 155 0.70 -38.28 3.62
N THR P 156 1.31 -39.01 4.56
CA THR P 156 2.64 -39.56 4.36
C THR P 156 2.70 -41.08 4.36
N LYS P 157 1.79 -41.75 5.07
CA LYS P 157 1.73 -43.21 5.12
C LYS P 157 3.02 -43.83 5.67
N THR P 158 3.69 -43.13 6.59
CA THR P 158 4.93 -43.63 7.18
C THR P 158 4.92 -43.61 8.70
N VAL P 159 3.78 -43.33 9.34
CA VAL P 159 3.70 -43.26 10.79
C VAL P 159 2.52 -44.11 11.25
N LYS P 160 2.76 -44.96 12.24
CA LYS P 160 1.71 -45.76 12.84
C LYS P 160 1.00 -44.96 13.93
N ILE P 161 -0.28 -45.24 14.11
CA ILE P 161 -1.12 -44.53 15.06
C ILE P 161 -1.71 -45.53 16.04
N PHE P 162 -1.49 -45.30 17.33
CA PHE P 162 -2.00 -46.14 18.40
C PHE P 162 -3.09 -45.38 19.16
N ALA P 163 -3.73 -46.10 20.09
CA ALA P 163 -4.77 -45.51 20.93
C ALA P 163 -4.92 -46.35 22.19
N SER P 164 -4.93 -45.70 23.34
CA SER P 164 -5.07 -46.40 24.60
C SER P 164 -6.47 -47.00 24.74
N VAL P 165 -6.53 -48.15 25.39
CA VAL P 165 -7.81 -48.84 25.55
C VAL P 165 -8.62 -48.30 26.73
N ASP P 166 -7.96 -47.90 27.81
CA ASP P 166 -8.69 -47.38 28.96
C ASP P 166 -9.30 -46.01 28.65
N LYS P 167 -8.55 -45.14 27.97
CA LYS P 167 -9.04 -43.81 27.68
C LYS P 167 -10.05 -43.80 26.54
N LEU P 168 -10.24 -44.92 25.87
CA LEU P 168 -11.15 -44.97 24.73
C LEU P 168 -12.50 -45.59 25.08
N LEU P 169 -12.51 -46.66 25.86
CA LEU P 169 -13.74 -47.38 26.18
C LEU P 169 -14.27 -47.07 27.57
N SER P 170 -13.63 -46.15 28.31
CA SER P 170 -14.17 -45.76 29.60
C SER P 170 -15.45 -44.95 29.44
N ARG P 171 -15.55 -44.20 28.35
CA ARG P 171 -16.74 -43.39 28.11
C ARG P 171 -17.40 -43.83 26.81
N HIS P 172 -18.44 -43.11 26.40
CA HIS P 172 -19.17 -43.46 25.20
C HIS P 172 -18.36 -43.13 23.95
N LEU P 173 -18.59 -43.90 22.89
CA LEU P 173 -17.90 -43.72 21.62
C LEU P 173 -18.93 -43.77 20.49
N ALA P 174 -18.68 -42.98 19.44
CA ALA P 174 -19.62 -42.85 18.34
C ALA P 174 -18.90 -42.98 17.01
N VAL P 175 -19.56 -43.64 16.05
CA VAL P 175 -19.06 -43.79 14.68
C VAL P 175 -20.14 -43.27 13.74
N LEU P 176 -19.74 -42.39 12.82
CA LEU P 176 -20.67 -41.78 11.87
C LEU P 176 -20.09 -41.86 10.46
N GLY P 177 -20.96 -41.93 9.48
CA GLY P 177 -20.54 -42.02 8.10
C GLY P 177 -21.71 -42.37 7.19
N SER P 178 -21.42 -42.36 5.89
CA SER P 178 -22.43 -42.62 4.88
C SER P 178 -22.55 -44.12 4.62
N THR P 179 -23.27 -44.49 3.56
CA THR P 179 -23.52 -45.89 3.23
C THR P 179 -22.40 -46.42 2.35
N GLY P 180 -21.88 -47.58 2.70
CA GLY P 180 -20.84 -48.21 1.90
C GLY P 180 -19.50 -47.51 1.93
N TYR P 181 -19.01 -47.20 3.13
CA TYR P 181 -17.69 -46.58 3.27
C TYR P 181 -16.80 -47.18 4.35
N GLY P 182 -17.32 -48.08 5.21
CA GLY P 182 -16.44 -48.79 6.11
C GLY P 182 -16.78 -48.76 7.59
N LYS P 183 -18.02 -48.46 7.94
CA LYS P 183 -18.42 -48.49 9.35
C LYS P 183 -18.29 -49.90 9.92
N SER P 184 -18.82 -50.89 9.20
CA SER P 184 -18.78 -52.27 9.69
C SER P 184 -17.34 -52.77 9.82
N ASN P 185 -16.48 -52.40 8.87
CA ASN P 185 -15.07 -52.79 8.94
C ASN P 185 -14.43 -52.29 10.22
N PHE P 186 -14.60 -51.01 10.54
CA PHE P 186 -14.00 -50.44 11.74
C PHE P 186 -14.59 -51.08 13.00
N ASN P 187 -15.90 -51.26 13.04
CA ASN P 187 -16.53 -51.85 14.22
C ASN P 187 -16.02 -53.27 14.45
N ALA P 188 -15.97 -54.08 13.39
CA ALA P 188 -15.49 -55.45 13.51
C ALA P 188 -14.04 -55.48 13.95
N LEU P 189 -13.20 -54.64 13.37
CA LEU P 189 -11.79 -54.61 13.74
C LEU P 189 -11.61 -54.27 15.22
N LEU P 190 -12.26 -53.20 15.67
CA LEU P 190 -12.10 -52.77 17.06
C LEU P 190 -12.63 -53.83 18.02
N THR P 191 -13.81 -54.39 17.73
CA THR P 191 -14.38 -55.40 18.63
C THR P 191 -13.50 -56.64 18.69
N ARG P 192 -13.01 -57.10 17.55
CA ARG P 192 -12.15 -58.28 17.54
C ARG P 192 -10.86 -58.03 18.32
N LYS P 193 -10.25 -56.86 18.12
CA LYS P 193 -9.00 -56.57 18.83
C LYS P 193 -9.22 -56.49 20.33
N VAL P 194 -10.29 -55.83 20.77
CA VAL P 194 -10.51 -55.71 22.21
C VAL P 194 -10.86 -57.06 22.82
N SER P 195 -11.59 -57.91 22.09
CA SER P 195 -11.90 -59.24 22.61
C SER P 195 -10.64 -60.10 22.66
N GLU P 196 -9.73 -59.92 21.71
CA GLU P 196 -8.52 -60.75 21.67
C GLU P 196 -7.52 -60.35 22.75
N LYS P 197 -7.35 -59.04 22.97
CA LYS P 197 -6.30 -58.60 23.89
C LYS P 197 -6.63 -58.94 25.34
N TYR P 198 -7.87 -58.68 25.76
CA TYR P 198 -8.30 -59.00 27.13
C TYR P 198 -9.26 -60.18 27.06
N PRO P 199 -8.82 -61.39 27.45
CA PRO P 199 -9.68 -62.58 27.28
C PRO P 199 -10.95 -62.56 28.10
N ASN P 200 -11.01 -61.76 29.17
CA ASN P 200 -12.14 -61.81 30.10
C ASN P 200 -13.20 -60.75 29.82
N SER P 201 -13.09 -60.01 28.72
CA SER P 201 -14.07 -58.99 28.40
C SER P 201 -15.31 -59.61 27.77
N ARG P 202 -16.47 -59.04 28.10
CA ARG P 202 -17.73 -59.47 27.51
C ARG P 202 -18.31 -58.37 26.64
N ILE P 203 -18.85 -58.75 25.49
CA ILE P 203 -19.37 -57.83 24.49
C ILE P 203 -20.73 -58.31 24.03
N VAL P 204 -21.66 -57.38 23.89
CA VAL P 204 -23.00 -57.65 23.36
C VAL P 204 -23.17 -56.88 22.06
N ILE P 205 -23.58 -57.58 21.01
CA ILE P 205 -23.69 -57.01 19.67
C ILE P 205 -25.13 -57.14 19.20
N PHE P 206 -25.68 -56.03 18.70
CA PHE P 206 -27.03 -56.01 18.14
C PHE P 206 -26.92 -55.99 16.62
N ASP P 207 -26.82 -57.18 16.05
CA ASP P 207 -26.64 -57.33 14.60
C ASP P 207 -28.00 -57.36 13.92
N ILE P 208 -28.26 -56.37 13.08
CA ILE P 208 -29.54 -56.27 12.38
C ILE P 208 -29.51 -57.03 11.06
N ASN P 209 -28.48 -56.80 10.25
CA ASN P 209 -28.37 -57.45 8.95
C ASN P 209 -27.74 -58.85 9.04
N GLY P 210 -27.24 -59.25 10.19
CA GLY P 210 -26.68 -60.58 10.35
C GLY P 210 -25.45 -60.83 9.52
N GLU P 211 -24.36 -60.12 9.81
CA GLU P 211 -23.11 -60.30 9.08
C GLU P 211 -21.88 -60.37 9.96
N TYR P 212 -22.03 -60.27 11.28
CA TYR P 212 -20.89 -60.28 12.20
C TYR P 212 -20.54 -61.67 12.70
N ALA P 213 -21.26 -62.70 12.26
CA ALA P 213 -20.96 -64.05 12.73
C ALA P 213 -19.66 -64.57 12.14
N GLN P 214 -19.32 -64.16 10.92
CA GLN P 214 -18.11 -64.66 10.28
C GLN P 214 -16.85 -64.04 10.86
N ALA P 215 -16.94 -62.83 11.41
CA ALA P 215 -15.75 -62.12 11.87
C ALA P 215 -15.13 -62.71 13.12
N PHE P 216 -15.79 -63.67 13.78
CA PHE P 216 -15.34 -64.22 15.05
C PHE P 216 -15.00 -65.70 14.94
N THR P 217 -14.31 -66.10 13.88
CA THR P 217 -13.90 -67.49 13.70
C THR P 217 -12.56 -67.70 14.39
N GLY P 218 -12.61 -68.14 15.65
CA GLY P 218 -11.41 -68.42 16.40
C GLY P 218 -11.51 -68.02 17.86
N ILE P 219 -12.47 -67.18 18.19
CA ILE P 219 -12.68 -66.72 19.57
C ILE P 219 -13.26 -67.87 20.39
N PRO P 220 -12.74 -68.12 21.59
CA PRO P 220 -13.16 -69.31 22.36
C PRO P 220 -14.64 -69.41 22.67
N ASN P 221 -15.21 -68.43 23.37
CA ASN P 221 -16.51 -68.58 24.01
C ASN P 221 -17.64 -67.87 23.26
N VAL P 222 -17.66 -67.94 21.93
CA VAL P 222 -18.71 -67.28 21.18
C VAL P 222 -20.00 -68.10 21.26
N LYS P 223 -21.12 -67.40 21.41
CA LYS P 223 -22.44 -68.01 21.35
C LYS P 223 -23.30 -67.19 20.40
N HIS P 224 -24.15 -67.87 19.63
CA HIS P 224 -24.91 -67.25 18.56
C HIS P 224 -26.39 -67.55 18.74
N THR P 225 -27.23 -66.54 18.53
CA THR P 225 -28.67 -66.72 18.64
C THR P 225 -29.36 -66.03 17.46
N ILE P 226 -30.53 -66.54 17.10
CA ILE P 226 -31.35 -65.99 16.03
C ILE P 226 -32.79 -65.93 16.52
N LEU P 227 -33.46 -64.82 16.25
CA LEU P 227 -34.84 -64.61 16.70
C LEU P 227 -35.80 -65.02 15.59
N GLY P 228 -36.70 -65.94 15.89
CA GLY P 228 -37.67 -66.43 14.93
C GLY P 228 -37.98 -67.89 15.18
N GLU P 229 -38.38 -68.58 14.11
CA GLU P 229 -38.67 -70.00 14.15
C GLU P 229 -37.88 -70.72 13.08
N SER P 230 -37.52 -71.97 13.37
CA SER P 230 -36.79 -72.79 12.41
C SER P 230 -37.66 -73.09 11.20
N PRO P 231 -37.09 -73.09 9.98
CA PRO P 231 -37.90 -73.38 8.79
C PRO P 231 -38.41 -74.81 8.72
N ASN P 232 -37.78 -75.75 9.40
CA ASN P 232 -38.21 -77.14 9.39
C ASN P 232 -38.23 -77.70 10.81
N VAL P 233 -39.13 -78.66 11.05
CA VAL P 233 -39.30 -79.21 12.38
C VAL P 233 -38.08 -80.00 12.81
N ASP P 234 -37.45 -80.71 11.87
CA ASP P 234 -36.35 -81.63 12.20
C ASP P 234 -35.05 -80.92 12.53
N SER P 235 -35.05 -79.60 12.68
CA SER P 235 -33.82 -78.89 13.01
C SER P 235 -33.35 -79.24 14.42
N LEU P 236 -32.04 -79.34 14.57
CA LEU P 236 -31.40 -79.60 15.85
C LEU P 236 -30.26 -78.61 16.06
N GLU P 237 -30.08 -78.18 17.31
CA GLU P 237 -29.02 -77.25 17.66
C GLU P 237 -27.91 -77.99 18.40
N LYS P 238 -26.68 -77.52 18.21
CA LYS P 238 -25.51 -78.13 18.83
C LYS P 238 -24.89 -77.18 19.84
N LYS P 239 -24.32 -77.75 20.90
CA LYS P 239 -23.65 -76.98 21.93
C LYS P 239 -22.28 -77.60 22.20
N GLN P 240 -21.29 -76.75 22.38
CA GLN P 240 -19.93 -77.15 22.70
C GLN P 240 -19.51 -76.54 24.02
N GLN P 241 -18.52 -77.17 24.65
CA GLN P 241 -18.08 -76.79 25.98
C GLN P 241 -17.11 -75.61 25.90
N LYS P 242 -16.52 -75.24 27.04
CA LYS P 242 -15.58 -74.14 27.09
C LYS P 242 -14.23 -74.56 26.52
N GLY P 243 -13.58 -73.62 25.82
CA GLY P 243 -12.24 -73.82 25.31
C GLY P 243 -12.17 -74.17 23.84
N GLU P 244 -13.26 -74.64 23.25
CA GLU P 244 -13.26 -74.99 21.85
C GLU P 244 -13.41 -73.74 20.98
N LEU P 245 -12.67 -73.70 19.88
CA LEU P 245 -12.76 -72.59 18.95
C LEU P 245 -14.11 -72.59 18.25
N TYR P 246 -14.63 -71.40 17.97
CA TYR P 246 -15.96 -71.26 17.39
C TYR P 246 -15.92 -71.47 15.88
N SER P 247 -16.95 -72.12 15.36
CA SER P 247 -17.13 -72.34 13.93
C SER P 247 -18.51 -71.86 13.51
N GLU P 248 -18.65 -71.65 12.20
CA GLU P 248 -19.87 -71.02 11.68
C GLU P 248 -21.10 -71.91 11.86
N GLU P 249 -20.91 -73.22 11.91
CA GLU P 249 -22.05 -74.14 11.82
C GLU P 249 -22.92 -74.11 13.06
N TYR P 250 -22.33 -73.83 14.23
CA TYR P 250 -23.10 -73.83 15.47
C TYR P 250 -23.97 -72.57 15.56
N TYR P 251 -25.24 -72.77 15.93
CA TYR P 251 -26.16 -71.66 16.18
C TYR P 251 -27.40 -72.22 16.88
N CYS P 252 -28.24 -71.32 17.38
CA CYS P 252 -29.42 -71.68 18.15
C CYS P 252 -30.57 -70.76 17.79
N TYR P 253 -31.76 -71.11 18.32
CA TYR P 253 -32.98 -70.36 18.09
C TYR P 253 -33.69 -70.10 19.41
N LYS P 254 -34.34 -68.94 19.52
CA LYS P 254 -35.18 -68.66 20.68
C LYS P 254 -36.11 -67.49 20.36
N LYS P 255 -37.22 -67.44 21.09
CA LYS P 255 -38.23 -66.41 20.95
C LYS P 255 -38.62 -65.91 22.34
N ILE P 256 -39.02 -64.64 22.42
CA ILE P 256 -39.27 -64.01 23.71
C ILE P 256 -40.77 -63.93 24.00
N PRO P 257 -41.19 -64.10 25.25
CA PRO P 257 -42.60 -63.94 25.61
C PRO P 257 -42.92 -62.50 25.97
N TYR P 258 -44.22 -62.25 26.20
CA TYR P 258 -44.67 -60.93 26.59
C TYR P 258 -44.86 -60.77 28.09
N GLN P 259 -45.01 -61.88 28.82
CA GLN P 259 -45.20 -61.78 30.26
C GLN P 259 -43.97 -61.21 30.96
N ALA P 260 -42.79 -61.41 30.40
CA ALA P 260 -41.58 -60.82 30.93
C ALA P 260 -41.28 -59.45 30.33
N LEU P 261 -42.13 -58.95 29.45
CA LEU P 261 -41.85 -57.67 28.79
C LEU P 261 -41.94 -56.51 29.77
N GLY P 262 -42.82 -56.58 30.75
CA GLY P 262 -42.87 -55.60 31.81
C GLY P 262 -44.22 -54.92 31.92
N PHE P 263 -44.59 -54.62 33.17
CA PHE P 263 -45.84 -53.92 33.45
C PHE P 263 -45.87 -52.54 32.79
N ALA P 264 -44.76 -51.80 32.89
CA ALA P 264 -44.69 -50.50 32.24
C ALA P 264 -44.55 -50.65 30.72
N GLY P 265 -43.86 -51.70 30.28
CA GLY P 265 -43.74 -51.93 28.85
C GLY P 265 -45.09 -52.17 28.18
N LEU P 266 -45.98 -52.89 28.86
CA LEU P 266 -47.30 -53.15 28.30
C LEU P 266 -48.08 -51.87 28.07
N ILE P 267 -48.02 -50.92 29.01
CA ILE P 267 -48.64 -49.61 28.80
C ILE P 267 -47.80 -48.74 27.86
N LYS P 268 -46.57 -49.13 27.57
CA LYS P 268 -45.73 -48.41 26.62
C LYS P 268 -45.88 -48.94 25.20
N LEU P 269 -45.88 -50.26 25.00
CA LEU P 269 -45.97 -50.82 23.67
C LEU P 269 -47.30 -50.48 23.01
N LEU P 270 -48.40 -50.62 23.74
CA LEU P 270 -49.72 -50.29 23.20
C LEU P 270 -49.88 -48.78 22.99
N ARG P 271 -49.26 -47.96 23.83
CA ARG P 271 -49.26 -46.51 23.73
C ARG P 271 -50.69 -45.97 23.61
N PRO P 272 -51.50 -46.07 24.66
CA PRO P 272 -52.86 -45.54 24.58
C PRO P 272 -52.88 -44.03 24.76
N SER P 273 -54.02 -43.44 24.39
CA SER P 273 -54.20 -42.01 24.56
C SER P 273 -54.36 -41.66 26.03
N ASP P 274 -54.21 -40.37 26.33
CA ASP P 274 -54.33 -39.86 27.70
C ASP P 274 -55.69 -39.22 27.94
N LYS P 275 -56.76 -39.81 27.40
CA LYS P 275 -58.10 -39.28 27.56
C LYS P 275 -58.88 -39.99 28.66
N THR P 276 -59.11 -41.29 28.52
CA THR P 276 -59.77 -42.07 29.56
C THR P 276 -59.29 -43.51 29.64
N GLN P 277 -58.27 -43.89 28.87
CA GLN P 277 -57.90 -45.30 28.72
C GLN P 277 -56.90 -45.78 29.75
N LEU P 278 -56.09 -44.89 30.33
CA LEU P 278 -55.08 -45.32 31.29
C LEU P 278 -55.68 -45.98 32.53
N PRO P 279 -56.67 -45.41 33.21
CA PRO P 279 -57.26 -46.13 34.35
C PRO P 279 -57.89 -47.46 33.94
N ALA P 280 -58.54 -47.50 32.79
CA ALA P 280 -59.13 -48.74 32.32
C ALA P 280 -58.07 -49.78 32.02
N LEU P 281 -56.95 -49.37 31.41
CA LEU P 281 -55.88 -50.31 31.12
C LEU P 281 -55.26 -50.83 32.41
N ARG P 282 -55.06 -49.95 33.41
CA ARG P 282 -54.50 -50.41 34.67
C ARG P 282 -55.46 -51.35 35.39
N ASN P 283 -56.76 -51.07 35.33
CA ASN P 283 -57.74 -51.99 35.91
C ASN P 283 -57.71 -53.34 35.22
N ALA P 284 -57.60 -53.34 33.88
CA ALA P 284 -57.52 -54.60 33.15
C ALA P 284 -56.28 -55.38 33.53
N LEU P 285 -55.14 -54.71 33.65
CA LEU P 285 -53.92 -55.39 34.06
C LEU P 285 -54.01 -55.87 35.50
N SER P 286 -54.80 -55.18 36.34
CA SER P 286 -54.97 -55.61 37.72
C SER P 286 -55.68 -56.96 37.80
N ALA P 287 -56.70 -57.16 36.97
CA ALA P 287 -57.50 -58.39 37.01
C ALA P 287 -56.94 -59.46 36.08
N ILE P 288 -55.64 -59.74 36.23
CA ILE P 288 -55.00 -60.79 35.46
C ILE P 288 -54.58 -61.97 36.32
N ASN P 289 -54.21 -61.75 37.58
CA ASN P 289 -53.82 -62.83 38.46
C ASN P 289 -54.95 -63.81 38.73
N ARG P 290 -56.20 -63.40 38.52
CA ARG P 290 -57.35 -64.30 38.59
C ARG P 290 -58.15 -64.13 37.30
N THR P 291 -57.79 -64.91 36.28
CA THR P 291 -58.53 -64.94 35.02
C THR P 291 -58.33 -66.32 34.41
N HIS P 292 -59.44 -66.95 34.03
CA HIS P 292 -59.43 -68.35 33.63
C HIS P 292 -59.79 -68.48 32.15
N PHE P 293 -59.48 -69.66 31.61
CA PHE P 293 -59.70 -69.96 30.20
C PHE P 293 -59.70 -71.47 30.03
N LYS P 294 -60.81 -72.05 29.57
CA LYS P 294 -60.94 -73.50 29.53
C LYS P 294 -60.81 -74.07 28.12
N SER P 295 -61.68 -73.67 27.18
CA SER P 295 -61.55 -74.13 25.80
C SER P 295 -61.31 -72.98 24.83
N ARG P 296 -62.25 -72.02 24.74
CA ARG P 296 -62.08 -70.86 23.88
C ARG P 296 -62.67 -69.60 24.50
N ASN P 297 -63.20 -69.68 25.72
CA ASN P 297 -63.91 -68.56 26.33
C ASN P 297 -63.32 -68.27 27.71
N ILE P 298 -63.46 -67.03 28.14
CA ILE P 298 -63.02 -66.56 29.44
C ILE P 298 -64.22 -66.56 30.37
N TYR P 299 -63.96 -66.64 31.68
CA TYR P 299 -65.02 -66.56 32.68
C TYR P 299 -64.40 -66.16 34.02
N LEU P 300 -65.24 -66.14 35.04
CA LEU P 300 -64.83 -65.83 36.41
C LEU P 300 -65.35 -66.91 37.35
N GLU P 301 -64.58 -67.21 38.38
CA GLU P 301 -64.87 -68.35 39.25
C GLU P 301 -64.63 -67.97 40.70
N LYS P 302 -65.53 -68.40 41.58
CA LYS P 302 -65.43 -68.19 43.01
C LYS P 302 -65.06 -69.46 43.75
N ASP P 303 -65.82 -70.53 43.53
CA ASP P 303 -65.55 -71.85 44.11
C ASP P 303 -66.21 -72.89 43.20
N ASP P 304 -66.32 -74.13 43.68
CA ASP P 304 -66.85 -75.20 42.85
C ASP P 304 -68.28 -74.91 42.39
N GLY P 305 -69.05 -74.20 43.20
CA GLY P 305 -70.38 -73.76 42.83
C GLY P 305 -70.42 -72.28 42.49
N GLU P 306 -71.53 -71.88 41.87
CA GLU P 306 -71.79 -70.50 41.50
C GLU P 306 -70.61 -69.90 40.73
N THR P 307 -70.26 -70.54 39.63
CA THR P 307 -69.19 -70.10 38.75
C THR P 307 -69.79 -69.22 37.66
N PHE P 308 -69.24 -68.03 37.51
CA PHE P 308 -69.82 -67.01 36.62
C PHE P 308 -69.52 -67.36 35.17
N LEU P 309 -70.48 -67.03 34.30
CA LEU P 309 -70.38 -67.27 32.88
C LEU P 309 -70.27 -65.94 32.14
N LEU P 310 -69.30 -65.85 31.24
CA LEU P 310 -69.09 -64.65 30.43
C LEU P 310 -69.88 -64.77 29.14
N TYR P 311 -70.83 -63.86 28.94
CA TYR P 311 -71.61 -63.77 27.70
C TYR P 311 -71.33 -62.41 27.08
N ASP P 312 -70.24 -62.33 26.32
CA ASP P 312 -69.83 -61.08 25.67
C ASP P 312 -70.59 -60.96 24.34
N ASP P 313 -71.89 -60.70 24.46
CA ASP P 313 -72.77 -60.64 23.30
C ASP P 313 -73.54 -59.34 23.21
N CYS P 314 -73.34 -58.41 24.16
CA CYS P 314 -74.04 -57.13 24.20
C CYS P 314 -75.56 -57.32 24.24
N ARG P 315 -76.01 -58.44 24.81
CA ARG P 315 -77.43 -58.76 24.90
C ARG P 315 -77.87 -59.02 26.34
N ASP P 316 -77.06 -59.76 27.11
CA ASP P 316 -77.44 -60.10 28.47
C ASP P 316 -77.61 -58.86 29.34
N THR P 317 -76.82 -57.81 29.08
CA THR P 317 -76.83 -56.58 29.87
C THR P 317 -76.57 -56.91 31.33
N ASN P 318 -77.61 -56.88 32.17
CA ASN P 318 -77.57 -57.35 33.55
C ASN P 318 -76.46 -56.65 34.35
N GLN P 319 -76.62 -55.33 34.48
CA GLN P 319 -75.63 -54.53 35.20
C GLN P 319 -75.54 -54.89 36.67
N SER P 320 -76.55 -55.57 37.21
CA SER P 320 -76.61 -55.78 38.66
C SER P 320 -75.44 -56.58 39.18
N LYS P 321 -75.08 -57.66 38.49
CA LYS P 321 -74.04 -58.58 38.96
C LYS P 321 -72.76 -58.50 38.13
N LEU P 322 -72.40 -57.31 37.66
CA LEU P 322 -71.15 -57.11 36.93
C LEU P 322 -70.24 -56.09 37.60
N ALA P 323 -70.34 -55.96 38.93
CA ALA P 323 -69.52 -55.01 39.70
C ALA P 323 -68.99 -55.67 40.96
N GLU P 324 -68.44 -56.88 40.84
CA GLU P 324 -68.07 -57.66 42.01
C GLU P 324 -66.63 -58.15 42.04
N TRP P 325 -65.82 -57.87 41.01
CA TRP P 325 -64.47 -58.43 40.93
C TRP P 325 -63.39 -57.35 41.04
N LEU P 326 -63.65 -56.30 41.80
CA LEU P 326 -62.69 -55.22 41.98
C LEU P 326 -61.70 -55.45 43.12
N ASP P 327 -62.14 -55.98 44.25
CA ASP P 327 -61.34 -56.00 45.47
C ASP P 327 -60.71 -57.35 45.79
N LEU P 328 -61.01 -58.39 45.02
CA LEU P 328 -60.46 -59.71 45.30
C LEU P 328 -58.97 -59.76 44.97
N ARG P 336 -55.62 -69.17 43.52
CA ARG P 336 -55.65 -68.23 42.41
C ARG P 336 -55.26 -68.93 41.11
N THR P 337 -55.38 -68.22 39.99
CA THR P 337 -55.09 -68.82 38.70
C THR P 337 -53.62 -69.16 38.58
N ASN P 338 -53.34 -70.35 38.05
CA ASN P 338 -51.96 -70.83 37.89
C ASN P 338 -51.59 -71.00 36.42
N VAL P 339 -52.34 -70.38 35.50
CA VAL P 339 -52.07 -70.46 34.08
C VAL P 339 -51.99 -69.05 33.51
N TRP P 340 -50.98 -68.80 32.69
CA TRP P 340 -50.87 -67.50 32.04
C TRP P 340 -51.94 -67.39 30.94
N PRO P 341 -52.82 -66.41 31.00
CA PRO P 341 -53.90 -66.31 30.02
C PRO P 341 -53.38 -65.90 28.66
N PRO P 342 -54.13 -66.20 27.60
CA PRO P 342 -53.68 -65.79 26.27
C PRO P 342 -53.72 -64.28 26.08
N PHE P 343 -52.94 -63.80 25.11
CA PHE P 343 -52.77 -62.37 24.90
C PHE P 343 -54.07 -61.69 24.50
N LYS P 344 -54.95 -62.41 23.79
CA LYS P 344 -56.20 -61.81 23.32
C LYS P 344 -57.14 -61.43 24.45
N SER P 345 -56.95 -61.98 25.65
CA SER P 345 -57.85 -61.71 26.76
C SER P 345 -57.87 -60.24 27.16
N LEU P 346 -56.78 -59.51 26.87
CA LEU P 346 -56.73 -58.11 27.26
C LEU P 346 -57.81 -57.30 26.57
N ALA P 347 -58.08 -57.61 25.31
CA ALA P 347 -59.13 -56.89 24.58
C ALA P 347 -60.49 -57.10 25.23
N THR P 348 -60.82 -58.34 25.59
CA THR P 348 -62.11 -58.61 26.22
C THR P 348 -62.21 -57.93 27.58
N LEU P 349 -61.16 -58.01 28.38
CA LEU P 349 -61.18 -57.38 29.70
C LEU P 349 -61.33 -55.87 29.59
N VAL P 350 -60.62 -55.23 28.64
CA VAL P 350 -60.73 -53.78 28.53
C VAL P 350 -62.06 -53.38 27.91
N ALA P 351 -62.67 -54.26 27.11
CA ALA P 351 -63.95 -53.93 26.51
C ALA P 351 -65.09 -54.03 27.52
N GLU P 352 -65.03 -55.02 28.40
CA GLU P 352 -66.11 -55.18 29.38
C GLU P 352 -66.17 -54.01 30.35
N PHE P 353 -65.01 -53.38 30.63
CA PHE P 353 -64.99 -52.28 31.58
C PHE P 353 -65.58 -51.00 31.01
N GLY P 354 -65.95 -50.99 29.73
CA GLY P 354 -66.44 -49.79 29.09
C GLY P 354 -67.94 -49.58 29.18
N CYS P 355 -68.62 -50.43 29.95
CA CYS P 355 -70.08 -50.33 30.08
C CYS P 355 -70.47 -49.72 31.42
N VAL P 374 -63.32 -45.59 23.40
CA VAL P 374 -62.41 -46.70 23.68
C VAL P 374 -62.12 -47.49 22.42
N LEU P 375 -62.74 -47.08 21.32
CA LEU P 375 -62.52 -47.79 20.05
C LEU P 375 -61.08 -47.76 19.58
N PRO P 376 -60.34 -46.64 19.63
CA PRO P 376 -58.93 -46.69 19.21
C PRO P 376 -58.09 -47.69 19.99
N LEU P 377 -58.36 -47.86 21.28
CA LEU P 377 -57.59 -48.80 22.07
C LEU P 377 -58.03 -50.25 21.85
N VAL P 378 -59.31 -50.48 21.56
CA VAL P 378 -59.86 -51.82 21.55
C VAL P 378 -59.74 -52.41 20.14
N LYS P 379 -58.95 -51.75 19.29
CA LYS P 379 -58.67 -52.28 17.96
C LYS P 379 -57.21 -52.61 17.73
N ILE P 380 -56.29 -51.86 18.35
CA ILE P 380 -54.86 -52.11 18.17
C ILE P 380 -54.49 -53.49 18.72
N ILE P 381 -55.14 -53.90 19.81
CA ILE P 381 -54.80 -55.16 20.45
C ILE P 381 -54.99 -56.32 19.48
N GLN P 382 -56.16 -56.41 18.85
CA GLN P 382 -56.38 -57.51 17.92
C GLN P 382 -55.72 -57.28 16.59
N GLN P 383 -55.48 -56.03 16.18
CA GLN P 383 -54.72 -55.81 14.95
C GLN P 383 -53.29 -56.33 15.09
N LEU P 384 -52.69 -56.15 16.26
CA LEU P 384 -51.37 -56.72 16.50
C LEU P 384 -51.43 -58.23 16.76
N ALA P 385 -52.47 -58.71 17.43
CA ALA P 385 -52.57 -60.13 17.73
C ALA P 385 -52.93 -60.96 16.50
N GLU P 386 -53.39 -60.33 15.42
CA GLU P 386 -53.70 -61.03 14.19
C GLU P 386 -52.63 -60.86 13.12
N ASP P 387 -51.62 -60.02 13.35
CA ASP P 387 -50.56 -59.81 12.37
C ASP P 387 -49.64 -61.03 12.32
N ILE P 388 -49.33 -61.48 11.11
CA ILE P 388 -48.53 -62.68 10.95
C ILE P 388 -47.08 -62.43 11.37
N ARG P 389 -46.54 -61.26 11.04
CA ARG P 389 -45.14 -60.99 11.35
C ARG P 389 -44.92 -60.80 12.84
N PHE P 390 -45.87 -60.15 13.52
CA PHE P 390 -45.70 -59.87 14.94
C PHE P 390 -45.69 -61.16 15.76
N LYS P 391 -46.51 -62.13 15.39
CA LYS P 391 -46.59 -63.37 16.14
C LYS P 391 -45.41 -64.30 15.89
N SER P 392 -44.50 -63.93 15.00
CA SER P 392 -43.30 -64.72 14.76
C SER P 392 -42.13 -64.32 15.65
N ILE P 393 -42.25 -63.24 16.41
CA ILE P 393 -41.20 -62.82 17.32
C ILE P 393 -41.67 -62.75 18.78
N VAL P 394 -42.97 -62.62 19.03
CA VAL P 394 -43.52 -62.62 20.38
C VAL P 394 -44.31 -63.91 20.58
N ASN P 395 -43.96 -64.66 21.63
CA ASN P 395 -44.68 -65.87 21.99
C ASN P 395 -45.90 -65.49 22.83
N LEU P 396 -47.01 -65.23 22.13
CA LEU P 396 -48.22 -64.74 22.76
C LEU P 396 -49.20 -65.84 23.14
N ASN P 397 -48.84 -67.11 22.95
CA ASN P 397 -49.74 -68.20 23.30
C ASN P 397 -49.99 -68.25 24.80
N GLY P 398 -48.95 -68.07 25.60
CA GLY P 398 -49.11 -68.12 27.04
C GLY P 398 -49.14 -69.53 27.58
N GLY P 399 -49.68 -69.66 28.79
CA GLY P 399 -49.78 -70.96 29.44
C GLY P 399 -48.55 -71.33 30.23
N GLY P 400 -48.19 -70.50 31.21
CA GLY P 400 -47.03 -70.75 32.03
C GLY P 400 -47.38 -70.73 33.50
N GLU P 401 -46.47 -71.28 34.31
CA GLU P 401 -46.69 -71.35 35.75
C GLU P 401 -46.73 -69.95 36.35
N LEU P 402 -47.65 -69.75 37.29
CA LEU P 402 -47.86 -68.46 37.93
C LEU P 402 -47.99 -68.70 39.43
N ALA P 403 -46.96 -68.33 40.19
CA ALA P 403 -46.95 -68.55 41.63
C ALA P 403 -47.76 -67.44 42.32
N ASP P 404 -47.78 -67.47 43.64
CA ASP P 404 -48.50 -66.47 44.43
C ASP P 404 -47.53 -65.75 45.35
N GLY P 405 -47.73 -64.45 45.49
CA GLY P 405 -46.87 -63.62 46.32
C GLY P 405 -46.50 -62.30 45.69
N GLY P 406 -47.04 -62.04 44.50
CA GLY P 406 -46.80 -60.78 43.83
C GLY P 406 -45.37 -60.56 43.39
N THR P 407 -44.66 -61.61 43.00
CA THR P 407 -43.30 -61.50 42.50
C THR P 407 -43.11 -62.13 41.13
N HIS P 408 -44.21 -62.50 40.46
CA HIS P 408 -44.09 -63.19 39.18
C HIS P 408 -43.48 -62.28 38.11
N TRP P 409 -43.89 -61.02 38.07
CA TRP P 409 -43.30 -60.09 37.12
C TRP P 409 -41.79 -59.98 37.32
N ASP P 410 -41.37 -59.83 38.57
CA ASP P 410 -39.94 -59.69 38.85
C ASP P 410 -39.18 -60.95 38.48
N LYS P 411 -39.74 -62.13 38.78
CA LYS P 411 -39.06 -63.37 38.43
C LYS P 411 -38.94 -63.52 36.91
N ALA P 412 -40.01 -63.22 36.18
CA ALA P 412 -39.96 -63.32 34.72
C ALA P 412 -38.95 -62.34 34.14
N MET P 413 -38.94 -61.11 34.63
CA MET P 413 -37.99 -60.11 34.13
C MET P 413 -36.56 -60.52 34.43
N SER P 414 -36.30 -61.02 35.64
CA SER P 414 -34.95 -61.45 36.00
C SER P 414 -34.50 -62.62 35.14
N ASP P 415 -35.40 -63.57 34.86
CA ASP P 415 -35.01 -64.69 34.02
C ASP P 415 -34.84 -64.28 32.57
N GLU P 416 -35.57 -63.26 32.12
CA GLU P 416 -35.48 -62.84 30.72
C GLU P 416 -34.28 -61.94 30.45
N VAL P 417 -33.86 -61.14 31.43
CA VAL P 417 -32.67 -60.30 31.23
C VAL P 417 -31.44 -61.16 31.03
N ASP P 418 -31.34 -62.26 31.78
CA ASP P 418 -30.28 -63.23 31.52
C ASP P 418 -30.45 -63.81 30.12
N TYR P 419 -29.39 -64.46 29.64
CA TYR P 419 -29.31 -65.03 28.30
C TYR P 419 -29.15 -63.94 27.25
N PHE P 420 -29.23 -62.68 27.66
CA PHE P 420 -28.95 -61.54 26.81
C PHE P 420 -27.76 -60.71 27.29
N PHE P 421 -27.79 -60.27 28.55
CA PHE P 421 -26.74 -59.40 29.08
C PHE P 421 -26.00 -60.03 30.25
N GLY P 422 -25.99 -61.35 30.35
CA GLY P 422 -25.22 -62.03 31.38
C GLY P 422 -25.89 -62.02 32.74
N LYS P 423 -25.16 -62.53 33.72
CA LYS P 423 -25.63 -62.66 35.09
C LYS P 423 -24.77 -61.80 36.01
N GLU P 424 -24.97 -61.98 37.31
CA GLU P 424 -24.26 -61.17 38.30
C GLU P 424 -22.79 -61.57 38.37
N LYS P 425 -22.05 -60.86 39.23
CA LYS P 425 -20.61 -61.11 39.36
C LYS P 425 -20.33 -62.43 40.07
N GLY P 426 -21.18 -62.84 41.01
CA GLY P 426 -20.93 -64.07 41.74
C GLY P 426 -21.01 -65.31 40.88
N GLN P 427 -22.03 -65.40 40.04
CA GLN P 427 -22.27 -66.62 39.27
C GLN P 427 -21.25 -66.75 38.14
N GLU P 428 -21.09 -67.98 37.66
CA GLU P 428 -20.15 -68.31 36.60
C GLU P 428 -20.91 -68.44 35.28
N ASN P 429 -20.53 -67.62 34.31
CA ASN P 429 -21.15 -67.62 32.99
C ASN P 429 -20.23 -68.28 31.98
N ASP P 430 -20.83 -68.90 30.97
CA ASP P 430 -20.06 -69.67 29.99
C ASP P 430 -19.60 -68.82 28.81
N TRP P 431 -20.52 -68.16 28.12
CA TRP P 431 -20.16 -67.40 26.94
C TRP P 431 -19.52 -66.07 27.32
N ASN P 432 -18.70 -65.55 26.42
CA ASN P 432 -18.09 -64.23 26.56
C ASN P 432 -18.59 -63.21 25.56
N VAL P 433 -18.73 -63.58 24.29
CA VAL P 433 -19.24 -62.70 23.26
C VAL P 433 -20.56 -63.25 22.77
N HIS P 434 -21.62 -62.46 22.88
CA HIS P 434 -22.97 -62.86 22.52
C HIS P 434 -23.43 -62.04 21.32
N ILE P 435 -23.89 -62.71 20.27
CA ILE P 435 -24.32 -62.07 19.05
C ILE P 435 -25.81 -62.28 18.92
N VAL P 436 -26.57 -61.19 18.77
CA VAL P 436 -28.01 -61.23 18.61
C VAL P 436 -28.32 -60.88 17.16
N ASN P 437 -28.94 -61.82 16.45
CA ASN P 437 -29.20 -61.68 15.03
C ASN P 437 -30.70 -61.47 14.80
N MET P 438 -31.03 -60.41 14.08
CA MET P 438 -32.43 -60.05 13.83
C MET P 438 -32.62 -59.71 12.35
N LYS P 439 -32.10 -60.55 11.47
CA LYS P 439 -32.24 -60.30 10.04
C LYS P 439 -33.68 -60.41 9.59
N ASN P 440 -34.50 -61.19 10.29
CA ASN P 440 -35.92 -61.35 9.96
C ASN P 440 -36.79 -60.67 11.02
N LEU P 441 -36.95 -59.36 10.84
CA LEU P 441 -37.73 -58.54 11.76
C LEU P 441 -38.28 -57.35 10.99
N ALA P 442 -39.55 -57.02 11.24
CA ALA P 442 -40.19 -55.92 10.54
C ALA P 442 -39.55 -54.59 10.90
N GLN P 443 -39.47 -53.69 9.91
CA GLN P 443 -38.84 -52.40 10.13
C GLN P 443 -39.65 -51.54 11.10
N ASP P 444 -40.97 -51.55 10.96
CA ASP P 444 -41.80 -50.73 11.84
C ASP P 444 -41.81 -51.26 13.27
N HIS P 445 -41.65 -52.57 13.46
CA HIS P 445 -41.77 -53.16 14.78
C HIS P 445 -40.49 -53.13 15.60
N ALA P 446 -39.36 -52.73 15.01
CA ALA P 446 -38.12 -52.65 15.79
C ALA P 446 -38.18 -51.57 16.86
N PRO P 447 -38.64 -50.31 16.59
CA PRO P 447 -38.56 -49.26 17.61
C PRO P 447 -39.07 -49.64 18.99
N MET P 448 -40.35 -49.99 19.11
CA MET P 448 -40.94 -50.19 20.42
C MET P 448 -40.38 -51.42 21.11
N LEU P 449 -40.12 -52.50 20.36
CA LEU P 449 -39.57 -53.71 20.96
C LEU P 449 -38.18 -53.46 21.53
N LEU P 450 -37.32 -52.80 20.75
CA LEU P 450 -35.97 -52.52 21.25
C LEU P 450 -35.99 -51.50 22.39
N SER P 451 -36.92 -50.53 22.35
CA SER P 451 -37.06 -49.61 23.46
C SER P 451 -37.46 -50.35 24.74
N ALA P 452 -38.39 -51.30 24.63
CA ALA P 452 -38.78 -52.09 25.78
C ALA P 452 -37.62 -52.92 26.32
N LEU P 453 -36.81 -53.49 25.41
CA LEU P 453 -35.63 -54.23 25.85
C LEU P 453 -34.68 -53.32 26.63
N LEU P 454 -34.45 -52.11 26.13
CA LEU P 454 -33.57 -51.18 26.83
C LEU P 454 -34.14 -50.77 28.18
N GLU P 455 -35.46 -50.57 28.25
CA GLU P 455 -36.09 -50.24 29.54
C GLU P 455 -35.90 -51.36 30.54
N MET P 456 -36.10 -52.61 30.11
CA MET P 456 -35.91 -53.74 31.02
C MET P 456 -34.46 -53.81 31.50
N PHE P 457 -33.52 -53.64 30.58
CA PHE P 457 -32.11 -53.68 30.95
C PHE P 457 -31.77 -52.59 31.95
N ALA P 458 -32.26 -51.38 31.70
CA ALA P 458 -31.96 -50.25 32.60
C ALA P 458 -32.54 -50.50 33.98
N GLU P 459 -33.78 -50.98 34.05
CA GLU P 459 -34.40 -51.21 35.35
C GLU P 459 -33.66 -52.26 36.14
N ILE P 460 -33.32 -53.40 35.51
CA ILE P 460 -32.63 -54.44 36.27
C ILE P 460 -31.23 -53.99 36.65
N LEU P 461 -30.56 -53.24 35.78
CA LEU P 461 -29.23 -52.74 36.12
C LEU P 461 -29.28 -51.78 37.29
N PHE P 462 -30.31 -50.93 37.35
CA PHE P 462 -30.49 -50.08 38.52
C PHE P 462 -30.72 -50.92 39.76
N ARG P 463 -31.48 -52.01 39.63
CA ARG P 463 -31.73 -52.89 40.78
C ARG P 463 -30.44 -53.54 41.26
N ARG P 464 -29.51 -53.82 40.35
CA ARG P 464 -28.25 -54.45 40.74
C ARG P 464 -27.45 -53.57 41.68
N GLY P 465 -27.35 -52.27 41.40
CA GLY P 465 -26.52 -51.41 42.20
C GLY P 465 -25.07 -51.46 41.75
N GLN P 466 -24.18 -51.00 42.63
CA GLN P 466 -22.75 -50.97 42.35
C GLN P 466 -21.99 -52.10 43.01
N GLU P 467 -22.67 -53.01 43.71
CA GLU P 467 -22.00 -54.14 44.33
C GLU P 467 -21.86 -55.33 43.40
N ARG P 468 -22.91 -55.66 42.65
CA ARG P 468 -22.92 -56.81 41.76
C ARG P 468 -23.01 -56.43 40.29
N SER P 469 -22.50 -55.25 39.93
CA SER P 469 -22.50 -54.82 38.54
C SER P 469 -21.17 -55.17 37.89
N TYR P 470 -21.25 -55.79 36.71
CA TYR P 470 -20.10 -56.22 35.95
C TYR P 470 -19.85 -55.29 34.77
N PRO P 471 -18.59 -55.01 34.44
CA PRO P 471 -18.31 -54.15 33.28
C PRO P 471 -18.74 -54.82 31.98
N THR P 472 -19.54 -54.11 31.19
CA THR P 472 -20.08 -54.62 29.94
C THR P 472 -19.87 -53.59 28.84
N VAL P 473 -19.68 -54.08 27.61
CA VAL P 473 -19.57 -53.24 26.43
C VAL P 473 -20.70 -53.61 25.48
N LEU P 474 -21.45 -52.61 25.04
CA LEU P 474 -22.64 -52.81 24.23
C LEU P 474 -22.48 -52.06 22.91
N LEU P 475 -22.96 -52.67 21.83
CA LEU P 475 -22.83 -52.09 20.49
C LEU P 475 -24.22 -51.93 19.89
N LEU P 476 -24.51 -50.73 19.39
CA LEU P 476 -25.81 -50.40 18.81
C LEU P 476 -25.62 -50.05 17.34
N GLU P 477 -26.22 -50.85 16.46
CA GLU P 477 -26.21 -50.56 15.03
C GLU P 477 -27.53 -49.93 14.62
N GLU P 478 -27.44 -48.96 13.71
CA GLU P 478 -28.60 -48.22 13.21
C GLU P 478 -29.37 -47.58 14.36
N ALA P 479 -28.70 -46.66 15.05
CA ALA P 479 -29.22 -46.12 16.30
C ALA P 479 -30.50 -45.33 16.07
N HIS P 480 -30.61 -44.63 14.93
CA HIS P 480 -31.72 -43.72 14.71
C HIS P 480 -33.07 -44.41 14.63
N HIS P 481 -33.11 -45.73 14.47
CA HIS P 481 -34.39 -46.42 14.36
C HIS P 481 -35.09 -46.54 15.71
N TYR P 482 -34.31 -46.69 16.78
CA TYR P 482 -34.89 -47.02 18.08
C TYR P 482 -34.26 -46.16 19.19
N LEU P 483 -33.87 -44.93 18.84
CA LEU P 483 -33.37 -44.00 19.84
C LEU P 483 -33.88 -42.58 19.58
N ARG P 484 -35.01 -42.46 18.89
CA ARG P 484 -35.55 -41.14 18.56
C ARG P 484 -36.74 -40.79 19.45
N LYS P 495 -36.93 -38.44 30.60
CA LYS P 495 -37.18 -39.31 29.46
C LYS P 495 -37.04 -40.78 29.85
N ALA P 496 -37.55 -41.67 29.01
CA ALA P 496 -37.57 -43.09 29.36
C ALA P 496 -36.22 -43.75 29.11
N TYR P 497 -35.68 -43.63 27.89
CA TYR P 497 -34.47 -44.35 27.52
C TYR P 497 -33.20 -43.53 27.67
N GLU P 498 -33.31 -42.22 27.92
CA GLU P 498 -32.12 -41.38 27.96
C GLU P 498 -31.32 -41.61 29.24
N ARG P 499 -31.92 -42.25 30.24
CA ARG P 499 -31.25 -42.46 31.52
C ARG P 499 -30.00 -43.33 31.34
N LEU P 500 -30.10 -44.36 30.49
CA LEU P 500 -29.00 -45.31 30.29
C LEU P 500 -27.74 -44.62 29.79
N ALA P 501 -27.86 -43.48 29.11
CA ALA P 501 -26.71 -42.71 28.70
C ALA P 501 -26.42 -41.54 29.62
N LYS P 502 -27.44 -41.03 30.30
CA LYS P 502 -27.25 -39.89 31.20
C LYS P 502 -26.43 -40.29 32.42
N GLU P 503 -26.73 -41.45 33.01
CA GLU P 503 -25.99 -41.90 34.19
C GLU P 503 -25.70 -43.40 34.17
N GLY P 504 -25.60 -44.00 32.99
CA GLY P 504 -25.27 -45.42 32.91
C GLY P 504 -23.86 -45.73 33.38
N ARG P 505 -22.92 -44.82 33.12
CA ARG P 505 -21.52 -45.06 33.49
C ARG P 505 -21.33 -45.22 34.99
N LYS P 506 -22.22 -44.66 35.81
CA LYS P 506 -22.15 -44.87 37.24
C LYS P 506 -22.35 -46.33 37.62
N PHE P 507 -22.89 -47.14 36.70
CA PHE P 507 -23.16 -48.56 36.94
C PHE P 507 -22.37 -49.44 35.98
N LYS P 508 -21.24 -48.94 35.47
CA LYS P 508 -20.30 -49.72 34.67
C LYS P 508 -20.94 -50.29 33.40
N CYS P 509 -21.36 -49.38 32.52
CA CYS P 509 -21.84 -49.76 31.20
C CYS P 509 -21.32 -48.76 30.19
N SER P 510 -21.10 -49.24 28.96
CA SER P 510 -20.58 -48.41 27.88
C SER P 510 -21.35 -48.70 26.60
N LEU P 511 -21.42 -47.69 25.73
CA LEU P 511 -22.17 -47.79 24.50
C LEU P 511 -21.32 -47.37 23.31
N ILE P 512 -21.57 -47.99 22.17
CA ILE P 512 -20.96 -47.62 20.90
C ILE P 512 -22.11 -47.36 19.93
N VAL P 513 -22.30 -46.11 19.56
CA VAL P 513 -23.43 -45.71 18.72
C VAL P 513 -22.95 -45.60 17.28
N SER P 514 -23.61 -46.32 16.38
CA SER P 514 -23.30 -46.29 14.96
C SER P 514 -24.55 -45.92 14.18
N THR P 515 -24.43 -44.96 13.27
CA THR P 515 -25.56 -44.47 12.50
C THR P 515 -25.05 -43.76 11.26
N GLN P 516 -25.97 -43.51 10.33
CA GLN P 516 -25.66 -42.74 9.13
C GLN P 516 -26.48 -41.46 9.03
N ARG P 517 -27.32 -41.17 10.02
CA ARG P 517 -28.13 -39.95 10.06
C ARG P 517 -27.97 -39.32 11.43
N PRO P 518 -26.86 -38.59 11.65
CA PRO P 518 -26.63 -37.98 12.96
C PRO P 518 -27.67 -36.93 13.34
N SER P 519 -28.41 -36.39 12.38
CA SER P 519 -29.40 -35.36 12.68
C SER P 519 -30.74 -35.92 13.16
N GLU P 520 -30.91 -37.24 13.10
CA GLU P 520 -32.15 -37.88 13.54
C GLU P 520 -32.03 -38.45 14.95
N LEU P 521 -30.90 -38.25 15.61
CA LEU P 521 -30.71 -38.71 16.98
C LEU P 521 -31.02 -37.59 17.97
N SER P 522 -31.32 -38.00 19.20
CA SER P 522 -31.52 -37.02 20.26
C SER P 522 -30.21 -36.31 20.56
N PRO P 523 -30.24 -34.99 20.76
CA PRO P 523 -28.98 -34.26 21.00
C PRO P 523 -28.26 -34.67 22.27
N THR P 524 -28.95 -35.22 23.26
CA THR P 524 -28.30 -35.61 24.51
C THR P 524 -27.39 -36.82 24.32
N VAL P 525 -27.80 -37.78 23.48
CA VAL P 525 -26.99 -38.97 23.27
C VAL P 525 -25.65 -38.61 22.63
N LEU P 526 -25.68 -37.71 21.65
CA LEU P 526 -24.46 -37.32 20.96
C LEU P 526 -23.58 -36.41 21.80
N ALA P 527 -24.12 -35.79 22.85
CA ALA P 527 -23.35 -34.88 23.68
C ALA P 527 -22.68 -35.54 24.87
N MET P 528 -22.93 -36.83 25.09
CA MET P 528 -22.34 -37.54 26.22
C MET P 528 -21.05 -38.29 25.87
N CYS P 529 -20.59 -38.18 24.63
CA CYS P 529 -19.44 -38.94 24.16
C CYS P 529 -18.13 -38.22 24.46
N SER P 530 -17.03 -38.96 24.34
CA SER P 530 -15.70 -38.41 24.55
C SER P 530 -14.74 -38.65 23.39
N ASN P 531 -15.13 -39.46 22.41
CA ASN P 531 -14.31 -39.69 21.23
C ASN P 531 -15.22 -39.80 20.01
N TRP P 532 -14.68 -39.44 18.84
CA TRP P 532 -15.44 -39.42 17.61
C TRP P 532 -14.62 -40.00 16.48
N PHE P 533 -15.28 -40.78 15.62
CA PHE P 533 -14.70 -41.27 14.36
C PHE P 533 -15.70 -41.01 13.25
N SER P 534 -15.36 -40.12 12.34
CA SER P 534 -16.28 -39.65 11.31
C SER P 534 -15.76 -39.98 9.92
N LEU P 535 -16.60 -40.62 9.13
CA LEU P 535 -16.32 -40.84 7.71
C LEU P 535 -16.96 -39.68 6.93
N ARG P 536 -17.05 -39.80 5.62
CA ARG P 536 -17.56 -38.69 4.82
C ARG P 536 -19.06 -38.52 5.02
N LEU P 537 -19.47 -37.26 5.16
CA LEU P 537 -20.87 -36.88 5.32
C LEU P 537 -21.19 -35.78 4.31
N THR P 538 -22.26 -35.95 3.55
CA THR P 538 -22.57 -35.05 2.44
C THR P 538 -23.66 -34.04 2.77
N ASN P 539 -24.68 -34.43 3.53
CA ASN P 539 -25.79 -33.53 3.82
C ASN P 539 -25.36 -32.42 4.75
N GLU P 540 -25.97 -31.24 4.58
CA GLU P 540 -25.56 -30.08 5.35
C GLU P 540 -26.05 -30.16 6.79
N ARG P 541 -27.28 -30.65 7.01
CA ARG P 541 -27.80 -30.74 8.36
C ARG P 541 -27.02 -31.74 9.21
N ASP P 542 -26.50 -32.80 8.59
CA ASP P 542 -25.64 -33.73 9.32
C ASP P 542 -24.35 -33.04 9.76
N LEU P 543 -23.77 -32.22 8.89
CA LEU P 543 -22.56 -31.48 9.27
C LEU P 543 -22.85 -30.50 10.39
N GLN P 544 -24.01 -29.83 10.35
CA GLN P 544 -24.37 -28.93 11.43
C GLN P 544 -24.56 -29.68 12.75
N ALA P 545 -25.21 -30.84 12.70
CA ALA P 545 -25.38 -31.63 13.91
C ALA P 545 -24.04 -32.10 14.46
N LEU P 546 -23.10 -32.43 13.57
CA LEU P 546 -21.76 -32.81 14.01
C LEU P 546 -21.05 -31.65 14.70
N ARG P 547 -21.08 -30.46 14.08
CA ARG P 547 -20.36 -29.34 14.66
C ARG P 547 -21.07 -28.74 15.87
N TYR P 548 -22.32 -29.10 16.12
CA TYR P 548 -23.00 -28.62 17.32
C TYR P 548 -22.32 -29.11 18.59
N ALA P 549 -21.63 -30.24 18.53
CA ALA P 549 -20.99 -30.85 19.69
C ALA P 549 -19.54 -31.22 19.37
N MET P 550 -18.81 -30.29 18.76
CA MET P 550 -17.42 -30.49 18.39
C MET P 550 -16.56 -29.42 19.06
N GLU P 551 -15.34 -29.80 19.42
CA GLU P 551 -14.42 -28.87 20.04
C GLU P 551 -14.10 -27.70 19.11
N SER P 552 -14.14 -26.50 19.66
CA SER P 552 -13.89 -25.29 18.88
C SER P 552 -12.39 -25.04 18.74
N GLY P 553 -12.05 -24.06 17.92
CA GLY P 553 -10.67 -23.72 17.64
C GLY P 553 -10.12 -24.32 16.36
N ASN P 554 -10.80 -25.30 15.78
CA ASN P 554 -10.39 -25.91 14.52
C ASN P 554 -11.54 -25.88 13.54
N GLU P 555 -11.27 -25.40 12.31
CA GLU P 555 -12.29 -25.29 11.28
C GLU P 555 -11.81 -25.96 10.00
N GLN P 556 -10.50 -25.87 9.73
CA GLN P 556 -9.94 -26.49 8.54
C GLN P 556 -10.07 -28.01 8.54
N ILE P 557 -10.13 -28.63 9.72
CA ILE P 557 -10.26 -30.08 9.78
C ILE P 557 -11.67 -30.52 9.40
N LEU P 558 -12.67 -29.66 9.60
CA LEU P 558 -14.04 -30.03 9.28
C LEU P 558 -14.32 -30.01 7.79
N LYS P 559 -13.65 -29.14 7.04
CA LYS P 559 -13.93 -28.99 5.61
C LYS P 559 -13.47 -30.18 4.79
N GLN P 560 -12.65 -31.07 5.34
CA GLN P 560 -12.16 -32.23 4.60
C GLN P 560 -13.10 -33.43 4.67
N ILE P 561 -14.14 -33.37 5.50
CA ILE P 561 -15.03 -34.51 5.67
C ILE P 561 -15.82 -34.77 4.39
N SER P 562 -16.20 -33.72 3.66
CA SER P 562 -17.06 -33.88 2.51
C SER P 562 -16.39 -34.57 1.33
N GLY P 563 -15.08 -34.77 1.37
CA GLY P 563 -14.39 -35.39 0.25
C GLY P 563 -13.42 -36.49 0.64
N LEU P 564 -13.69 -37.19 1.73
CA LEU P 564 -12.81 -38.26 2.15
C LEU P 564 -13.03 -39.49 1.28
N PRO P 565 -11.96 -40.14 0.82
CA PRO P 565 -12.13 -41.40 0.08
C PRO P 565 -12.59 -42.53 0.98
N ARG P 566 -12.76 -43.72 0.41
CA ARG P 566 -13.17 -44.88 1.20
C ARG P 566 -12.08 -45.27 2.18
N GLY P 567 -12.47 -45.53 3.42
CA GLY P 567 -11.55 -45.99 4.44
C GLY P 567 -10.80 -44.91 5.19
N ASP P 568 -11.06 -43.64 4.91
CA ASP P 568 -10.41 -42.53 5.58
C ASP P 568 -11.34 -41.96 6.64
N ALA P 569 -10.78 -41.60 7.80
CA ALA P 569 -11.54 -41.10 8.92
C ALA P 569 -10.82 -39.91 9.56
N VAL P 570 -11.60 -39.08 10.24
CA VAL P 570 -11.09 -37.97 11.02
C VAL P 570 -11.40 -38.24 12.48
N ALA P 571 -10.37 -38.28 13.31
CA ALA P 571 -10.50 -38.67 14.71
C ALA P 571 -10.06 -37.54 15.63
N PHE P 572 -10.92 -37.19 16.58
CA PHE P 572 -10.59 -36.21 17.60
C PHE P 572 -11.34 -36.57 18.88
N GLY P 573 -10.77 -36.20 20.01
CA GLY P 573 -11.40 -36.47 21.29
C GLY P 573 -10.36 -36.57 22.39
N SER P 574 -10.77 -37.21 23.48
CA SER P 574 -9.92 -37.29 24.67
C SER P 574 -8.68 -38.14 24.41
N ALA P 575 -8.84 -39.27 23.72
CA ALA P 575 -7.75 -40.20 23.53
C ALA P 575 -6.66 -39.69 22.58
N PHE P 576 -6.90 -38.59 21.88
CA PHE P 576 -5.96 -38.04 20.91
C PHE P 576 -5.51 -36.66 21.36
N ASN P 577 -4.20 -36.41 21.30
CA ASN P 577 -3.67 -35.10 21.65
C ASN P 577 -4.18 -34.04 20.69
N LEU P 578 -4.08 -34.30 19.40
CA LEU P 578 -4.55 -33.37 18.36
C LEU P 578 -5.22 -34.17 17.27
N PRO P 579 -6.21 -33.59 16.60
CA PRO P 579 -6.91 -34.31 15.53
C PRO P 579 -5.97 -34.77 14.43
N VAL P 580 -6.23 -35.96 13.90
CA VAL P 580 -5.40 -36.57 12.86
C VAL P 580 -6.31 -37.27 11.86
N ARG P 581 -5.76 -37.51 10.66
CA ARG P 581 -6.47 -38.17 9.58
C ARG P 581 -5.92 -39.59 9.44
N ILE P 582 -6.75 -40.59 9.75
CA ILE P 582 -6.34 -41.98 9.82
C ILE P 582 -6.89 -42.74 8.62
N SER P 583 -6.07 -43.64 8.07
CA SER P 583 -6.48 -44.58 7.02
C SER P 583 -6.58 -45.96 7.66
N ILE P 584 -7.80 -46.43 7.87
CA ILE P 584 -8.02 -47.69 8.59
C ILE P 584 -7.57 -48.86 7.73
N ASN P 585 -7.02 -49.88 8.38
CA ASN P 585 -6.61 -51.09 7.69
C ASN P 585 -7.73 -52.12 7.68
N GLN P 586 -7.59 -53.12 6.82
CA GLN P 586 -8.63 -54.12 6.61
C GLN P 586 -8.56 -55.22 7.66
N ALA P 587 -9.73 -55.67 8.08
CA ALA P 587 -9.84 -56.71 9.10
C ALA P 587 -9.95 -58.08 8.44
N ARG P 588 -9.15 -59.03 8.93
CA ARG P 588 -9.08 -60.37 8.36
C ARG P 588 -9.53 -61.39 9.38
N PRO P 589 -10.63 -62.13 9.15
CA PRO P 589 -11.58 -62.00 8.04
C PRO P 589 -12.65 -60.94 8.33
N GLY P 590 -13.19 -60.29 7.30
CA GLY P 590 -14.15 -59.24 7.48
C GLY P 590 -15.56 -59.77 7.64
N PRO P 591 -16.55 -58.86 7.61
CA PRO P 591 -17.95 -59.29 7.73
C PRO P 591 -18.42 -60.11 6.54
N LYS P 592 -19.70 -60.50 6.54
CA LYS P 592 -20.22 -61.39 5.52
C LYS P 592 -20.35 -60.67 4.18
N SER P 593 -21.21 -59.64 4.13
CA SER P 593 -21.44 -58.86 2.92
C SER P 593 -21.88 -59.75 1.76
N SER P 594 -23.08 -60.33 1.93
CA SER P 594 -23.65 -61.23 0.94
C SER P 594 -23.67 -60.58 -0.44
N ASP P 595 -24.25 -59.39 -0.54
CA ASP P 595 -24.21 -58.58 -1.75
C ASP P 595 -24.75 -59.35 -2.96
N ALA P 596 -26.04 -59.68 -2.86
CA ALA P 596 -26.71 -60.39 -3.95
C ALA P 596 -26.66 -59.57 -5.23
N VAL P 597 -26.27 -60.21 -6.33
CA VAL P 597 -26.11 -59.55 -7.61
C VAL P 597 -27.04 -60.21 -8.62
N PHE P 598 -27.61 -59.38 -9.50
CA PHE P 598 -28.62 -59.86 -10.43
C PHE P 598 -28.04 -60.65 -11.58
N SER P 599 -26.80 -60.33 -11.99
CA SER P 599 -26.19 -60.99 -13.14
C SER P 599 -25.90 -62.46 -12.89
N GLU P 600 -25.85 -62.90 -11.64
CA GLU P 600 -25.62 -64.31 -11.32
C GLU P 600 -26.91 -65.11 -11.24
N GLU P 601 -28.07 -64.47 -11.42
CA GLU P 601 -29.35 -65.15 -11.41
C GLU P 601 -30.14 -64.94 -12.69
N TRP P 602 -29.52 -64.41 -13.74
CA TRP P 602 -30.19 -64.15 -15.01
C TRP P 602 -29.48 -64.81 -16.18
N ALA P 603 -28.56 -65.74 -15.91
CA ALA P 603 -27.85 -66.43 -16.97
C ALA P 603 -27.61 -67.89 -16.60
N MET Q 1 18.93 -22.79 -32.19
CA MET Q 1 17.89 -23.56 -32.86
C MET Q 1 18.48 -24.76 -33.60
N SER Q 2 18.90 -25.76 -32.83
CA SER Q 2 19.48 -26.97 -33.37
C SER Q 2 18.39 -27.98 -33.67
N LEU Q 3 18.79 -29.23 -33.97
CA LEU Q 3 17.82 -30.28 -34.29
C LEU Q 3 16.93 -30.59 -33.08
N PHE Q 4 17.52 -30.67 -31.89
CA PHE Q 4 16.76 -31.04 -30.71
C PHE Q 4 15.82 -29.91 -30.30
N LYS Q 5 14.55 -30.25 -30.11
CA LYS Q 5 13.54 -29.30 -29.69
C LYS Q 5 12.53 -30.02 -28.81
N LEU Q 6 12.02 -29.31 -27.80
CA LEU Q 6 11.15 -29.95 -26.82
C LEU Q 6 9.87 -29.17 -26.58
N THR Q 7 9.87 -27.88 -26.90
CA THR Q 7 8.75 -27.00 -26.56
C THR Q 7 7.71 -27.03 -27.68
N GLU Q 8 6.61 -27.75 -27.43
CA GLU Q 8 5.41 -27.71 -28.27
C GLU Q 8 4.22 -27.81 -27.33
N ILE Q 9 3.69 -26.66 -26.90
CA ILE Q 9 2.56 -26.63 -25.97
C ILE Q 9 1.97 -25.23 -25.99
N SER Q 10 0.70 -25.13 -25.63
CA SER Q 10 -0.01 -23.86 -25.54
C SER Q 10 -0.56 -23.71 -24.12
N ALA Q 11 -0.22 -22.59 -23.48
CA ALA Q 11 -0.70 -22.28 -22.16
C ALA Q 11 -1.43 -20.94 -22.19
N ILE Q 12 -2.39 -20.77 -21.29
CA ILE Q 12 -3.18 -19.54 -21.24
C ILE Q 12 -2.95 -18.74 -19.97
N GLY Q 13 -2.21 -19.26 -19.00
CA GLY Q 13 -1.98 -18.54 -17.77
C GLY Q 13 -1.07 -19.31 -16.85
N TYR Q 14 -0.75 -18.69 -15.72
CA TYR Q 14 0.14 -19.29 -14.75
C TYR Q 14 -0.35 -18.97 -13.35
N VAL Q 15 -0.02 -19.87 -12.40
CA VAL Q 15 -0.53 -19.77 -11.05
C VAL Q 15 0.15 -18.63 -10.32
N VAL Q 16 -0.65 -17.84 -9.59
CA VAL Q 16 -0.14 -16.67 -8.88
C VAL Q 16 -0.42 -16.72 -7.38
N GLY Q 17 -1.30 -17.60 -6.90
CA GLY Q 17 -1.60 -17.63 -5.49
C GLY Q 17 -2.36 -18.87 -5.08
N LEU Q 18 -2.28 -19.19 -3.79
CA LEU Q 18 -2.98 -20.32 -3.19
C LEU Q 18 -3.48 -19.91 -1.82
N GLU Q 19 -4.77 -20.09 -1.57
CA GLU Q 19 -5.41 -19.63 -0.33
C GLU Q 19 -6.29 -20.72 0.26
N GLY Q 20 -5.78 -21.95 0.36
CA GLY Q 20 -6.55 -23.00 0.99
C GLY Q 20 -7.73 -23.47 0.16
N GLU Q 21 -7.44 -24.19 -0.92
CA GLU Q 21 -8.45 -24.67 -1.87
C GLU Q 21 -9.09 -23.49 -2.62
N ARG Q 22 -8.25 -22.64 -3.18
CA ARG Q 22 -8.68 -21.54 -4.02
C ARG Q 22 -7.47 -21.08 -4.82
N ILE Q 23 -7.56 -21.17 -6.15
CA ILE Q 23 -6.43 -20.94 -7.03
C ILE Q 23 -6.72 -19.71 -7.89
N ARG Q 24 -5.73 -18.83 -8.02
CA ARG Q 24 -5.85 -17.63 -8.84
C ARG Q 24 -4.82 -17.69 -9.96
N ILE Q 25 -5.26 -17.37 -11.18
CA ILE Q 25 -4.44 -17.50 -12.38
C ILE Q 25 -4.49 -16.19 -13.16
N ASN Q 26 -3.33 -15.73 -13.62
CA ASN Q 26 -3.22 -14.53 -14.44
C ASN Q 26 -3.08 -14.91 -15.91
N LEU Q 27 -3.93 -14.34 -16.76
CA LEU Q 27 -4.01 -14.73 -18.16
C LEU Q 27 -2.97 -14.00 -19.00
N HIS Q 28 -2.40 -14.73 -19.96
CA HIS Q 28 -1.36 -14.19 -20.82
C HIS Q 28 -1.95 -13.24 -21.87
N GLU Q 29 -1.07 -12.37 -22.39
CA GLU Q 29 -1.41 -11.49 -23.50
C GLU Q 29 -0.50 -11.67 -24.71
N GLY Q 30 0.69 -12.24 -24.54
CA GLY Q 30 1.66 -12.42 -25.61
C GLY Q 30 1.47 -13.68 -26.42
N LEU Q 31 0.31 -14.32 -26.33
CA LEU Q 31 0.11 -15.64 -26.92
C LEU Q 31 0.25 -15.58 -28.43
N GLN Q 32 1.34 -16.17 -28.94
CA GLN Q 32 1.64 -16.08 -30.36
C GLN Q 32 0.80 -17.05 -31.18
N GLY Q 33 0.25 -18.08 -30.55
CA GLY Q 33 -0.47 -19.10 -31.30
C GLY Q 33 -1.78 -19.53 -30.68
N ARG Q 34 -2.76 -19.85 -31.53
CA ARG Q 34 -4.06 -20.32 -31.12
C ARG Q 34 -4.16 -21.85 -31.08
N LEU Q 35 -3.04 -22.55 -31.26
CA LEU Q 35 -3.06 -24.00 -31.33
C LEU Q 35 -3.52 -24.61 -30.01
N ALA Q 36 -4.18 -25.75 -30.10
CA ALA Q 36 -4.66 -26.45 -28.91
C ALA Q 36 -3.71 -27.58 -28.51
N VAL Q 42 -9.66 -22.08 -32.59
CA VAL Q 42 -10.94 -21.48 -32.93
C VAL Q 42 -11.84 -21.55 -31.70
N SER Q 43 -11.28 -22.05 -30.60
CA SER Q 43 -12.03 -22.19 -29.35
C SER Q 43 -11.34 -21.39 -28.26
N SER Q 44 -12.15 -20.77 -27.40
CA SER Q 44 -11.67 -19.90 -26.34
C SER Q 44 -12.19 -20.43 -25.01
N VAL Q 45 -11.40 -20.25 -23.95
CA VAL Q 45 -11.77 -20.65 -22.60
C VAL Q 45 -11.95 -19.37 -21.81
N THR Q 46 -13.19 -18.86 -21.78
CA THR Q 46 -13.51 -17.63 -21.06
C THR Q 46 -14.83 -17.74 -20.31
N GLN Q 47 -15.26 -18.95 -19.96
CA GLN Q 47 -16.56 -19.12 -19.32
C GLN Q 47 -16.42 -20.01 -18.09
N PRO Q 48 -17.15 -19.69 -17.02
CA PRO Q 48 -17.22 -20.60 -15.88
C PRO Q 48 -17.82 -21.94 -16.28
N GLY Q 49 -17.36 -23.01 -15.63
CA GLY Q 49 -17.84 -24.34 -15.90
C GLY Q 49 -16.94 -25.19 -16.77
N ASP Q 50 -15.76 -24.69 -17.13
CA ASP Q 50 -14.84 -25.44 -17.98
C ASP Q 50 -13.88 -26.26 -17.13
N LEU Q 51 -13.07 -27.08 -17.80
CA LEU Q 51 -12.09 -27.92 -17.13
C LEU Q 51 -10.70 -27.61 -17.67
N ILE Q 52 -9.77 -27.31 -16.76
CA ILE Q 52 -8.39 -27.01 -17.12
C ILE Q 52 -7.48 -27.89 -16.27
N GLY Q 53 -6.27 -28.10 -16.79
CA GLY Q 53 -5.34 -29.00 -16.13
C GLY Q 53 -3.94 -28.43 -16.00
N PHE Q 54 -3.25 -28.76 -14.91
CA PHE Q 54 -1.91 -28.28 -14.63
C PHE Q 54 -0.92 -29.44 -14.67
N ASP Q 55 0.23 -29.22 -15.26
CA ASP Q 55 1.27 -30.23 -15.37
C ASP Q 55 2.18 -30.13 -14.15
N ALA Q 56 2.21 -31.18 -13.34
CA ALA Q 56 2.98 -31.21 -12.10
C ALA Q 56 4.15 -32.20 -12.18
N GLY Q 57 4.78 -32.28 -13.34
CA GLY Q 57 5.94 -33.13 -13.51
C GLY Q 57 5.61 -34.59 -13.73
N ASN Q 58 4.99 -35.23 -12.75
CA ASN Q 58 4.66 -36.65 -12.83
C ASN Q 58 3.19 -36.93 -13.03
N ILE Q 59 2.31 -36.06 -12.52
CA ILE Q 59 0.87 -36.27 -12.61
C ILE Q 59 0.20 -34.99 -13.10
N LEU Q 60 -1.05 -35.15 -13.55
CA LEU Q 60 -1.84 -34.05 -14.08
C LEU Q 60 -3.00 -33.77 -13.13
N VAL Q 61 -3.16 -32.51 -12.75
CA VAL Q 61 -4.18 -32.08 -11.79
C VAL Q 61 -5.25 -31.30 -12.53
N VAL Q 62 -6.51 -31.65 -12.30
CA VAL Q 62 -7.64 -31.08 -13.02
C VAL Q 62 -8.42 -30.17 -12.09
N ALA Q 63 -8.78 -28.98 -12.59
CA ALA Q 63 -9.55 -28.02 -11.82
C ALA Q 63 -10.83 -27.62 -12.56
N ARG Q 64 -11.57 -26.65 -12.01
CA ARG Q 64 -12.81 -26.19 -12.62
C ARG Q 64 -12.96 -24.70 -12.38
N VAL Q 65 -13.23 -23.95 -13.45
CA VAL Q 65 -13.33 -22.49 -13.37
C VAL Q 65 -14.66 -22.10 -12.72
N THR Q 66 -14.61 -21.11 -11.83
CA THR Q 66 -15.80 -20.64 -11.14
C THR Q 66 -16.02 -19.14 -11.26
N ASP Q 67 -14.95 -18.34 -11.21
CA ASP Q 67 -15.07 -16.89 -11.18
C ASP Q 67 -14.17 -16.27 -12.24
N MET Q 68 -14.55 -15.06 -12.66
CA MET Q 68 -13.80 -14.27 -13.63
C MET Q 68 -14.12 -12.81 -13.41
N ALA Q 69 -13.08 -11.97 -13.44
CA ALA Q 69 -13.26 -10.54 -13.19
C ALA Q 69 -12.00 -9.81 -13.64
N PHE Q 70 -12.07 -8.48 -13.61
CA PHE Q 70 -10.94 -7.63 -13.95
C PHE Q 70 -9.97 -7.54 -12.78
N VAL Q 71 -8.99 -6.65 -12.90
CA VAL Q 71 -7.97 -6.43 -11.88
C VAL Q 71 -7.23 -7.73 -11.55
N ILE Q 89 -3.47 -0.66 -19.42
CA ILE Q 89 -3.88 -1.98 -19.86
C ILE Q 89 -4.42 -2.79 -18.68
N PRO Q 90 -5.64 -3.32 -18.82
CA PRO Q 90 -6.24 -4.09 -17.72
C PRO Q 90 -5.58 -5.43 -17.51
N LEU Q 91 -6.04 -6.17 -16.50
CA LEU Q 91 -5.56 -7.51 -16.21
C LEU Q 91 -6.75 -8.41 -15.92
N ARG Q 92 -6.57 -9.70 -16.19
CA ARG Q 92 -7.65 -10.68 -16.06
C ARG Q 92 -7.24 -11.78 -15.09
N GLN Q 93 -8.22 -12.30 -14.36
CA GLN Q 93 -7.99 -13.29 -13.31
C GLN Q 93 -9.06 -14.38 -13.39
N ILE Q 94 -8.69 -15.57 -12.90
CA ILE Q 94 -9.59 -16.73 -12.89
C ILE Q 94 -9.43 -17.45 -11.56
N ILE Q 95 -10.55 -17.85 -10.97
CA ILE Q 95 -10.57 -18.61 -9.72
C ILE Q 95 -11.09 -20.01 -10.02
N ALA Q 96 -10.36 -21.02 -9.53
CA ALA Q 96 -10.68 -22.40 -9.83
C ALA Q 96 -10.61 -23.25 -8.57
N TYR Q 97 -11.26 -24.41 -8.63
CA TYR Q 97 -11.24 -25.39 -7.54
C TYR Q 97 -10.86 -26.75 -8.11
N ALA Q 98 -10.20 -27.57 -7.30
CA ALA Q 98 -9.66 -28.84 -7.74
C ALA Q 98 -10.64 -29.98 -7.50
N ILE Q 99 -10.60 -30.97 -8.40
CA ILE Q 99 -11.49 -32.12 -8.31
C ILE Q 99 -10.77 -33.46 -8.35
N GLY Q 100 -9.53 -33.53 -8.81
CA GLY Q 100 -8.82 -34.80 -8.84
C GLY Q 100 -7.56 -34.70 -9.67
N PHE Q 101 -6.98 -35.88 -9.95
CA PHE Q 101 -5.74 -35.96 -10.69
C PHE Q 101 -5.74 -37.24 -11.54
N VAL Q 102 -4.86 -37.26 -12.54
CA VAL Q 102 -4.76 -38.36 -13.50
C VAL Q 102 -3.34 -38.89 -13.49
N LYS Q 103 -3.19 -40.21 -13.36
CA LYS Q 103 -1.90 -40.89 -13.41
C LYS Q 103 -1.85 -41.84 -14.60
N ARG Q 104 -0.70 -42.46 -14.78
CA ARG Q 104 -0.42 -43.29 -15.95
C ARG Q 104 -0.05 -44.71 -15.53
N GLU Q 105 -0.71 -45.69 -16.13
CA GLU Q 105 -0.35 -47.09 -15.97
C GLU Q 105 0.54 -47.54 -17.13
N LEU Q 106 0.77 -48.85 -17.25
CA LEU Q 106 1.66 -49.36 -18.28
C LEU Q 106 1.14 -49.04 -19.67
N ASN Q 107 -0.17 -49.13 -19.89
CA ASN Q 107 -0.74 -48.84 -21.20
C ASN Q 107 -2.05 -48.07 -21.12
N GLY Q 108 -2.28 -47.32 -20.06
CA GLY Q 108 -3.52 -46.61 -19.90
C GLY Q 108 -3.43 -45.54 -18.83
N TYR Q 109 -4.61 -45.02 -18.46
CA TYR Q 109 -4.72 -43.95 -17.49
C TYR Q 109 -5.82 -44.29 -16.50
N VAL Q 110 -5.70 -43.72 -15.29
CA VAL Q 110 -6.68 -43.93 -14.23
C VAL Q 110 -7.00 -42.58 -13.61
N PHE Q 111 -8.29 -42.32 -13.40
CA PHE Q 111 -8.76 -41.11 -12.74
C PHE Q 111 -9.10 -41.43 -11.30
N ILE Q 112 -8.47 -40.71 -10.37
CA ILE Q 112 -8.69 -40.87 -8.93
C ILE Q 112 -9.22 -39.56 -8.38
N SER Q 113 -10.31 -39.63 -7.63
CA SER Q 113 -10.99 -38.44 -7.13
C SER Q 113 -10.45 -38.11 -5.74
N GLU Q 114 -9.61 -37.08 -5.68
CA GLU Q 114 -9.04 -36.61 -4.42
C GLU Q 114 -8.79 -35.12 -4.55
N ASP Q 115 -9.34 -34.33 -3.63
CA ASP Q 115 -9.29 -32.88 -3.72
C ASP Q 115 -8.38 -32.26 -2.66
N TRP Q 116 -7.27 -32.93 -2.36
CA TRP Q 116 -6.29 -32.40 -1.42
C TRP Q 116 -4.94 -32.08 -2.06
N ARG Q 117 -4.79 -32.30 -3.36
CA ARG Q 117 -3.56 -31.92 -4.06
C ARG Q 117 -3.78 -30.64 -4.83
N LEU Q 118 -2.77 -29.79 -4.85
CA LEU Q 118 -2.84 -28.48 -5.51
C LEU Q 118 -1.58 -28.26 -6.33
N PRO Q 119 -1.69 -27.51 -7.43
CA PRO Q 119 -0.52 -27.26 -8.26
C PRO Q 119 0.47 -26.30 -7.61
N ALA Q 120 1.73 -26.44 -8.01
CA ALA Q 120 2.80 -25.61 -7.49
C ALA Q 120 2.77 -24.24 -8.14
N LEU Q 121 3.46 -23.29 -7.52
CA LEU Q 121 3.53 -21.93 -8.05
C LEU Q 121 4.37 -21.90 -9.32
N GLY Q 122 3.94 -21.09 -10.28
CA GLY Q 122 4.63 -20.93 -11.54
C GLY Q 122 4.23 -21.89 -12.63
N SER Q 123 3.38 -22.87 -12.32
CA SER Q 123 2.96 -23.85 -13.32
C SER Q 123 2.03 -23.21 -14.35
N SER Q 124 1.87 -23.89 -15.47
CA SER Q 124 1.05 -23.41 -16.58
C SER Q 124 -0.21 -24.25 -16.70
N ALA Q 125 -1.32 -23.60 -17.06
CA ALA Q 125 -2.61 -24.25 -17.20
C ALA Q 125 -2.94 -24.44 -18.67
N VAL Q 126 -3.41 -25.63 -19.03
CA VAL Q 126 -3.75 -25.94 -20.42
C VAL Q 126 -5.16 -26.51 -20.46
N PRO Q 127 -5.92 -26.27 -21.53
CA PRO Q 127 -7.24 -26.89 -21.66
C PRO Q 127 -7.12 -28.38 -21.95
N LEU Q 128 -8.20 -29.10 -21.65
CA LEU Q 128 -8.27 -30.53 -21.89
C LEU Q 128 -8.95 -30.81 -23.22
N THR Q 129 -8.34 -31.65 -24.03
CA THR Q 129 -8.90 -32.03 -25.32
C THR Q 129 -9.92 -33.16 -25.12
N SER Q 130 -10.38 -33.75 -26.22
CA SER Q 130 -11.35 -34.83 -26.14
C SER Q 130 -10.72 -36.17 -25.79
N ASP Q 131 -9.39 -36.27 -25.80
CA ASP Q 131 -8.74 -37.53 -25.45
C ASP Q 131 -8.83 -37.79 -23.95
N PHE Q 132 -8.56 -36.78 -23.12
CA PHE Q 132 -8.58 -36.96 -21.67
C PHE Q 132 -9.98 -36.99 -21.11
N LEU Q 133 -10.93 -36.28 -21.75
CA LEU Q 133 -12.30 -36.26 -21.25
C LEU Q 133 -12.95 -37.63 -21.37
N ASN Q 134 -12.52 -38.44 -22.33
CA ASN Q 134 -12.97 -39.83 -22.39
C ASN Q 134 -12.50 -40.60 -21.16
N ILE Q 135 -11.25 -40.37 -20.73
CA ILE Q 135 -10.74 -41.05 -19.55
C ILE Q 135 -11.47 -40.58 -18.30
N ILE Q 136 -11.82 -39.29 -18.23
CA ILE Q 136 -12.45 -38.76 -17.03
C ILE Q 136 -13.81 -39.39 -16.80
N TYR Q 137 -14.62 -39.49 -17.83
CA TYR Q 137 -16.01 -39.93 -17.69
C TYR Q 137 -16.20 -41.43 -17.89
N SER Q 138 -15.13 -42.19 -18.10
CA SER Q 138 -15.26 -43.61 -18.38
C SER Q 138 -15.37 -44.41 -17.08
N ILE Q 139 -15.43 -45.74 -17.23
CA ILE Q 139 -15.48 -46.67 -16.11
C ILE Q 139 -14.33 -47.66 -16.25
N ASP Q 140 -14.20 -48.53 -15.25
CA ASP Q 140 -13.18 -49.56 -15.30
C ASP Q 140 -13.42 -50.52 -16.46
N LYS Q 141 -12.34 -50.97 -17.07
CA LYS Q 141 -12.45 -51.80 -18.27
C LYS Q 141 -13.08 -53.16 -17.99
N GLU Q 142 -13.19 -53.56 -16.72
CA GLU Q 142 -13.74 -54.89 -16.41
C GLU Q 142 -15.25 -54.93 -16.60
N GLU Q 143 -15.93 -53.82 -16.37
CA GLU Q 143 -17.39 -53.79 -16.29
C GLU Q 143 -18.07 -53.41 -17.61
N LEU Q 144 -17.32 -53.36 -18.71
CA LEU Q 144 -17.94 -53.11 -20.02
C LEU Q 144 -19.02 -54.13 -20.40
N PRO Q 145 -18.87 -55.44 -20.17
CA PRO Q 145 -19.93 -56.37 -20.59
C PRO Q 145 -21.27 -56.14 -19.93
N LYS Q 146 -21.33 -55.45 -18.79
CA LYS Q 146 -22.58 -55.19 -18.10
C LYS Q 146 -22.89 -53.69 -18.04
N ALA Q 147 -22.71 -53.00 -19.15
CA ALA Q 147 -22.98 -51.57 -19.24
C ALA Q 147 -24.01 -51.29 -20.33
N VAL Q 148 -24.81 -50.25 -20.11
CA VAL Q 148 -25.82 -49.80 -21.07
C VAL Q 148 -25.61 -48.31 -21.32
N GLU Q 149 -25.63 -47.92 -22.59
CA GLU Q 149 -25.47 -46.52 -22.96
C GLU Q 149 -26.76 -45.75 -22.76
N LEU Q 150 -26.64 -44.54 -22.23
CA LEU Q 150 -27.80 -43.68 -21.97
C LEU Q 150 -27.83 -42.42 -22.83
N GLY Q 151 -26.68 -41.86 -23.19
CA GLY Q 151 -26.69 -40.67 -24.01
C GLY Q 151 -25.29 -40.12 -24.22
N VAL Q 152 -25.25 -38.86 -24.64
CA VAL Q 152 -24.01 -38.16 -24.95
C VAL Q 152 -23.95 -36.89 -24.11
N ASP Q 153 -22.73 -36.47 -23.77
CA ASP Q 153 -22.56 -35.28 -22.95
C ASP Q 153 -23.07 -34.04 -23.69
N SER Q 154 -23.41 -33.02 -22.92
CA SER Q 154 -24.12 -31.86 -23.45
C SER Q 154 -23.20 -30.72 -23.87
N ARG Q 155 -22.09 -30.51 -23.16
CA ARG Q 155 -21.26 -29.34 -23.42
C ARG Q 155 -20.63 -29.39 -24.80
N THR Q 156 -20.16 -30.55 -25.24
CA THR Q 156 -19.51 -30.69 -26.53
C THR Q 156 -20.13 -31.73 -27.44
N LYS Q 157 -20.87 -32.70 -26.89
CA LYS Q 157 -21.51 -33.75 -27.67
C LYS Q 157 -20.49 -34.56 -28.47
N THR Q 158 -19.43 -35.00 -27.79
CA THR Q 158 -18.40 -35.82 -28.42
C THR Q 158 -17.95 -36.99 -27.55
N VAL Q 159 -18.57 -37.21 -26.40
CA VAL Q 159 -18.14 -38.25 -25.47
C VAL Q 159 -19.33 -39.13 -25.12
N LYS Q 160 -19.11 -40.44 -25.17
CA LYS Q 160 -20.14 -41.41 -24.81
C LYS Q 160 -20.24 -41.54 -23.31
N ILE Q 161 -21.46 -41.78 -22.82
CA ILE Q 161 -21.72 -41.99 -21.40
C ILE Q 161 -22.28 -43.39 -21.22
N PHE Q 162 -21.68 -44.15 -20.31
CA PHE Q 162 -22.12 -45.51 -20.02
C PHE Q 162 -22.42 -45.64 -18.54
N ALA Q 163 -23.27 -46.61 -18.20
CA ALA Q 163 -23.66 -46.85 -16.82
C ALA Q 163 -23.83 -48.34 -16.60
N SER Q 164 -23.34 -48.83 -15.48
CA SER Q 164 -23.46 -50.24 -15.15
C SER Q 164 -24.90 -50.60 -14.80
N VAL Q 165 -25.22 -51.87 -14.97
CA VAL Q 165 -26.58 -52.36 -14.71
C VAL Q 165 -26.73 -52.89 -13.29
N ASP Q 166 -25.71 -53.58 -12.79
CA ASP Q 166 -25.79 -54.13 -11.44
C ASP Q 166 -25.88 -53.04 -10.38
N LYS Q 167 -25.14 -51.96 -10.57
CA LYS Q 167 -25.12 -50.87 -9.60
C LYS Q 167 -26.25 -49.88 -9.79
N LEU Q 168 -27.14 -50.11 -10.75
CA LEU Q 168 -28.24 -49.20 -11.04
C LEU Q 168 -29.61 -49.76 -10.68
N LEU Q 169 -29.80 -51.08 -10.79
CA LEU Q 169 -31.08 -51.71 -10.50
C LEU Q 169 -31.10 -52.45 -9.17
N SER Q 170 -29.94 -52.73 -8.58
CA SER Q 170 -29.93 -53.36 -7.25
C SER Q 170 -30.45 -52.43 -6.17
N ARG Q 171 -30.48 -51.12 -6.44
CA ARG Q 171 -31.04 -50.13 -5.55
C ARG Q 171 -32.19 -49.43 -6.25
N HIS Q 172 -32.98 -48.70 -5.47
CA HIS Q 172 -34.09 -47.93 -6.03
C HIS Q 172 -33.58 -46.80 -6.91
N LEU Q 173 -34.37 -46.44 -7.91
CA LEU Q 173 -34.02 -45.39 -8.87
C LEU Q 173 -35.20 -44.43 -9.01
N ALA Q 174 -34.90 -43.14 -9.11
CA ALA Q 174 -35.91 -42.09 -9.10
C ALA Q 174 -35.80 -41.25 -10.37
N VAL Q 175 -36.95 -40.96 -10.97
CA VAL Q 175 -37.05 -40.10 -12.15
C VAL Q 175 -38.03 -38.98 -11.83
N LEU Q 176 -37.62 -37.73 -12.06
CA LEU Q 176 -38.41 -36.56 -11.75
C LEU Q 176 -38.41 -35.61 -12.94
N GLY Q 177 -39.32 -34.65 -12.91
CA GLY Q 177 -39.40 -33.67 -13.97
C GLY Q 177 -40.79 -33.07 -14.05
N SER Q 178 -40.89 -32.04 -14.89
CA SER Q 178 -42.14 -31.30 -15.06
C SER Q 178 -43.03 -32.02 -16.09
N THR Q 179 -44.08 -31.32 -16.55
CA THR Q 179 -45.04 -31.90 -17.48
C THR Q 179 -44.59 -31.66 -18.91
N GLY Q 180 -44.38 -32.75 -19.66
CA GLY Q 180 -43.98 -32.67 -21.05
C GLY Q 180 -42.54 -32.27 -21.25
N TYR Q 181 -41.60 -33.02 -20.69
CA TYR Q 181 -40.18 -32.73 -20.86
C TYR Q 181 -39.31 -33.95 -21.10
N GLY Q 182 -39.86 -35.16 -21.14
CA GLY Q 182 -39.07 -36.31 -21.53
C GLY Q 182 -38.96 -37.46 -20.55
N LYS Q 183 -39.96 -37.65 -19.70
CA LYS Q 183 -39.95 -38.80 -18.79
C LYS Q 183 -40.23 -40.10 -19.54
N SER Q 184 -41.25 -40.08 -20.40
CA SER Q 184 -41.75 -41.33 -21.00
C SER Q 184 -40.72 -41.97 -21.91
N ASN Q 185 -40.05 -41.17 -22.74
CA ASN Q 185 -39.07 -41.74 -23.66
C ASN Q 185 -37.87 -42.29 -22.89
N PHE Q 186 -37.46 -41.63 -21.82
CA PHE Q 186 -36.39 -42.15 -20.98
C PHE Q 186 -36.77 -43.50 -20.39
N ASN Q 187 -37.98 -43.59 -19.83
CA ASN Q 187 -38.43 -44.85 -19.24
C ASN Q 187 -38.47 -45.97 -20.27
N ALA Q 188 -39.03 -45.68 -21.45
CA ALA Q 188 -39.12 -46.69 -22.50
C ALA Q 188 -37.74 -47.12 -22.97
N LEU Q 189 -36.83 -46.17 -23.17
CA LEU Q 189 -35.49 -46.50 -23.62
C LEU Q 189 -34.78 -47.40 -22.62
N LEU Q 190 -34.82 -47.02 -21.33
CA LEU Q 190 -34.12 -47.82 -20.32
C LEU Q 190 -34.72 -49.21 -20.23
N THR Q 191 -36.06 -49.31 -20.22
CA THR Q 191 -36.69 -50.61 -20.09
C THR Q 191 -36.36 -51.51 -21.27
N ARG Q 192 -36.43 -50.96 -22.49
CA ARG Q 192 -36.13 -51.78 -23.67
C ARG Q 192 -34.66 -52.21 -23.69
N LYS Q 193 -33.74 -51.31 -23.29
CA LYS Q 193 -32.33 -51.68 -23.26
C LYS Q 193 -32.08 -52.81 -22.28
N VAL Q 194 -32.66 -52.71 -21.08
CA VAL Q 194 -32.47 -53.76 -20.08
C VAL Q 194 -33.08 -55.06 -20.56
N SER Q 195 -34.26 -55.00 -21.18
CA SER Q 195 -34.91 -56.22 -21.64
C SER Q 195 -34.11 -56.90 -22.74
N GLU Q 196 -33.56 -56.12 -23.68
CA GLU Q 196 -32.85 -56.72 -24.80
C GLU Q 196 -31.48 -57.24 -24.39
N LYS Q 197 -30.81 -56.56 -23.44
CA LYS Q 197 -29.49 -57.01 -23.04
C LYS Q 197 -29.56 -58.33 -22.27
N TYR Q 198 -30.50 -58.44 -21.33
CA TYR Q 198 -30.66 -59.65 -20.53
C TYR Q 198 -32.00 -60.30 -20.88
N PRO Q 199 -32.00 -61.43 -21.61
CA PRO Q 199 -33.28 -62.00 -22.06
C PRO Q 199 -34.09 -62.67 -20.97
N ASN Q 200 -33.51 -62.96 -19.81
CA ASN Q 200 -34.20 -63.65 -18.74
C ASN Q 200 -34.75 -62.70 -17.67
N SER Q 201 -34.76 -61.40 -17.94
CA SER Q 201 -35.23 -60.42 -16.98
C SER Q 201 -36.75 -60.46 -16.85
N ARG Q 202 -37.25 -59.88 -15.76
CA ARG Q 202 -38.68 -59.75 -15.51
C ARG Q 202 -39.00 -58.29 -15.24
N ILE Q 203 -39.92 -57.74 -16.02
CA ILE Q 203 -40.30 -56.33 -15.92
C ILE Q 203 -41.81 -56.24 -15.89
N VAL Q 204 -42.35 -55.46 -14.95
CA VAL Q 204 -43.77 -55.18 -14.86
C VAL Q 204 -43.96 -53.67 -14.95
N ILE Q 205 -44.82 -53.24 -15.87
CA ILE Q 205 -45.08 -51.82 -16.09
C ILE Q 205 -46.51 -51.52 -15.73
N PHE Q 206 -46.71 -50.56 -14.82
CA PHE Q 206 -48.04 -50.15 -14.39
C PHE Q 206 -48.47 -48.93 -15.19
N ASP Q 207 -48.72 -49.16 -16.47
CA ASP Q 207 -49.17 -48.09 -17.35
C ASP Q 207 -50.49 -47.52 -16.86
N ILE Q 208 -50.57 -46.19 -16.81
CA ILE Q 208 -51.78 -45.52 -16.36
C ILE Q 208 -52.48 -44.77 -17.49
N ASN Q 209 -51.76 -44.38 -18.54
CA ASN Q 209 -52.34 -43.70 -19.69
C ASN Q 209 -52.40 -44.59 -20.92
N GLY Q 210 -51.91 -45.82 -20.83
CA GLY Q 210 -51.98 -46.75 -21.94
C GLY Q 210 -51.22 -46.30 -23.17
N GLU Q 211 -49.99 -45.82 -22.99
CA GLU Q 211 -49.18 -45.32 -24.09
C GLU Q 211 -47.88 -46.11 -24.28
N TYR Q 212 -47.68 -47.19 -23.54
CA TYR Q 212 -46.44 -47.94 -23.57
C TYR Q 212 -46.54 -49.22 -24.42
N ALA Q 213 -47.65 -49.43 -25.13
CA ALA Q 213 -47.81 -50.64 -25.91
C ALA Q 213 -46.98 -50.59 -27.19
N GLN Q 214 -46.79 -49.40 -27.76
CA GLN Q 214 -46.10 -49.29 -29.04
C GLN Q 214 -44.60 -49.53 -28.92
N ALA Q 215 -44.03 -49.30 -27.74
CA ALA Q 215 -42.59 -49.35 -27.58
C ALA Q 215 -42.03 -50.78 -27.57
N PHE Q 216 -42.88 -51.79 -27.52
CA PHE Q 216 -42.44 -53.18 -27.39
C PHE Q 216 -42.93 -54.04 -28.55
N THR Q 217 -42.83 -53.53 -29.77
CA THR Q 217 -43.20 -54.27 -30.97
C THR Q 217 -41.94 -54.87 -31.57
N GLY Q 218 -41.73 -56.17 -31.33
CA GLY Q 218 -40.54 -56.85 -31.80
C GLY Q 218 -39.72 -57.46 -30.70
N ILE Q 219 -40.33 -57.65 -29.54
CA ILE Q 219 -39.67 -58.20 -28.36
C ILE Q 219 -40.43 -59.47 -27.97
N PRO Q 220 -39.75 -60.61 -27.80
CA PRO Q 220 -40.45 -61.84 -27.46
C PRO Q 220 -41.06 -61.80 -26.07
N ASN Q 221 -42.13 -62.57 -25.89
CA ASN Q 221 -42.75 -62.82 -24.60
C ASN Q 221 -43.34 -61.56 -23.96
N VAL Q 222 -43.97 -60.71 -24.77
CA VAL Q 222 -44.67 -59.54 -24.23
C VAL Q 222 -46.16 -59.86 -24.11
N LYS Q 223 -46.74 -59.50 -22.96
CA LYS Q 223 -48.15 -59.72 -22.70
C LYS Q 223 -48.82 -58.40 -22.40
N HIS Q 224 -50.08 -58.27 -22.84
CA HIS Q 224 -50.86 -57.06 -22.65
C HIS Q 224 -52.16 -57.39 -21.94
N THR Q 225 -52.59 -56.49 -21.06
CA THR Q 225 -53.81 -56.70 -20.29
C THR Q 225 -54.47 -55.35 -20.03
N ILE Q 226 -55.78 -55.28 -20.25
CA ILE Q 226 -56.56 -54.06 -20.05
C ILE Q 226 -57.67 -54.36 -19.06
N LEU Q 227 -57.80 -53.50 -18.05
CA LEU Q 227 -58.86 -53.66 -17.06
C LEU Q 227 -60.20 -53.24 -17.65
N GLY Q 228 -61.20 -54.10 -17.53
CA GLY Q 228 -62.51 -53.82 -18.09
C GLY Q 228 -63.23 -55.11 -18.46
N GLU Q 229 -64.14 -54.99 -19.41
CA GLU Q 229 -64.92 -56.13 -19.87
C GLU Q 229 -64.07 -57.10 -20.68
N LYS Q 238 -55.38 -64.71 -30.57
CA LYS Q 238 -55.16 -63.69 -29.55
C LYS Q 238 -54.06 -64.11 -28.58
N LYS Q 239 -53.41 -65.24 -28.87
CA LYS Q 239 -52.33 -65.76 -28.05
C LYS Q 239 -51.05 -65.78 -28.86
N GLN Q 240 -49.97 -66.22 -28.21
CA GLN Q 240 -48.66 -66.33 -28.86
C GLN Q 240 -48.03 -67.65 -28.42
N GLN Q 241 -46.80 -67.88 -28.88
CA GLN Q 241 -46.03 -69.03 -28.46
C GLN Q 241 -44.64 -68.58 -28.00
N LYS Q 242 -43.77 -69.52 -27.67
CA LYS Q 242 -42.44 -69.17 -27.23
C LYS Q 242 -41.63 -68.59 -28.39
N GLY Q 243 -41.01 -67.44 -28.15
CA GLY Q 243 -40.12 -66.83 -29.11
C GLY Q 243 -40.79 -66.04 -30.22
N GLU Q 244 -42.12 -65.96 -30.24
CA GLU Q 244 -42.81 -65.23 -31.29
C GLU Q 244 -42.69 -63.73 -31.06
N LEU Q 245 -42.42 -63.01 -32.15
CA LEU Q 245 -42.30 -61.55 -32.07
C LEU Q 245 -43.67 -60.94 -31.78
N TYR Q 246 -43.67 -59.91 -30.93
CA TYR Q 246 -44.90 -59.27 -30.50
C TYR Q 246 -45.48 -58.40 -31.63
N SER Q 247 -46.80 -58.26 -31.59
CA SER Q 247 -47.52 -57.39 -32.52
C SER Q 247 -48.59 -56.63 -31.74
N GLU Q 248 -48.99 -55.48 -32.29
CA GLU Q 248 -49.81 -54.54 -31.53
C GLU Q 248 -51.25 -55.04 -31.36
N GLU Q 249 -51.73 -55.90 -32.26
CA GLU Q 249 -53.16 -56.19 -32.32
C GLU Q 249 -53.66 -57.06 -31.18
N TYR Q 250 -52.77 -57.70 -30.42
CA TYR Q 250 -53.20 -58.59 -29.35
C TYR Q 250 -53.53 -57.81 -28.08
N TYR Q 251 -54.46 -58.35 -27.29
CA TYR Q 251 -54.81 -57.81 -25.99
C TYR Q 251 -55.61 -58.89 -25.25
N CYS Q 252 -56.09 -58.54 -24.05
CA CYS Q 252 -56.87 -59.45 -23.23
C CYS Q 252 -57.65 -58.62 -22.23
N TYR Q 253 -58.49 -59.30 -21.45
CA TYR Q 253 -59.33 -58.64 -20.44
C TYR Q 253 -59.36 -59.49 -19.18
N LYS Q 254 -59.58 -58.82 -18.05
CA LYS Q 254 -59.54 -59.49 -16.75
C LYS Q 254 -60.18 -58.58 -15.71
N LYS Q 255 -60.80 -59.20 -14.70
CA LYS Q 255 -61.38 -58.49 -13.57
C LYS Q 255 -60.87 -59.12 -12.28
N ILE Q 256 -60.91 -58.34 -11.21
CA ILE Q 256 -60.38 -58.76 -9.91
C ILE Q 256 -61.55 -59.24 -9.05
N PRO Q 257 -61.55 -60.48 -8.58
CA PRO Q 257 -62.56 -60.90 -7.61
C PRO Q 257 -62.43 -60.10 -6.32
N TYR Q 258 -63.56 -59.80 -5.69
CA TYR Q 258 -63.53 -58.96 -4.49
C TYR Q 258 -63.02 -59.73 -3.28
N GLN Q 259 -63.26 -61.05 -3.22
CA GLN Q 259 -62.82 -61.83 -2.09
C GLN Q 259 -61.31 -61.96 -2.00
N ALA Q 260 -60.58 -61.62 -3.07
CA ALA Q 260 -59.12 -61.62 -3.02
C ALA Q 260 -58.57 -60.46 -2.21
N LEU Q 261 -59.40 -59.49 -1.84
CA LEU Q 261 -58.94 -58.37 -1.05
C LEU Q 261 -58.51 -58.77 0.35
N GLY Q 262 -58.95 -59.92 0.84
CA GLY Q 262 -58.54 -60.38 2.15
C GLY Q 262 -59.36 -59.78 3.28
N PHE Q 263 -58.85 -60.01 4.49
CA PHE Q 263 -59.54 -59.56 5.70
C PHE Q 263 -59.25 -58.09 5.97
N ALA Q 264 -57.97 -57.76 6.18
CA ALA Q 264 -57.60 -56.37 6.48
C ALA Q 264 -57.94 -55.45 5.32
N GLY Q 265 -57.78 -55.92 4.08
CA GLY Q 265 -58.13 -55.09 2.94
C GLY Q 265 -59.59 -54.75 2.90
N LEU Q 266 -60.45 -55.73 3.17
CA LEU Q 266 -61.89 -55.46 3.18
C LEU Q 266 -62.28 -54.58 4.35
N ILE Q 267 -61.63 -54.74 5.50
CA ILE Q 267 -61.93 -53.86 6.62
C ILE Q 267 -61.53 -52.42 6.29
N LYS Q 268 -60.40 -52.24 5.62
CA LYS Q 268 -59.92 -50.90 5.30
C LYS Q 268 -60.72 -50.25 4.18
N LEU Q 269 -61.16 -51.03 3.20
CA LEU Q 269 -61.91 -50.46 2.07
C LEU Q 269 -63.28 -49.94 2.50
N LEU Q 270 -63.80 -50.42 3.62
CA LEU Q 270 -65.11 -50.06 4.13
C LEU Q 270 -64.99 -49.55 5.56
N ARG Q 271 -64.03 -48.66 5.78
CA ARG Q 271 -63.63 -48.27 7.12
C ARG Q 271 -64.80 -47.67 7.88
N PRO Q 272 -65.13 -48.18 9.06
CA PRO Q 272 -66.17 -47.57 9.90
C PRO Q 272 -65.59 -46.53 10.85
N SER Q 273 -66.42 -45.52 11.14
CA SER Q 273 -66.01 -44.43 12.01
C SER Q 273 -67.12 -44.04 12.98
N ASP Q 274 -67.95 -45.00 13.39
CA ASP Q 274 -69.07 -44.76 14.27
C ASP Q 274 -68.80 -45.34 15.66
N LYS Q 275 -69.80 -45.27 16.53
CA LYS Q 275 -69.62 -45.68 17.92
C LYS Q 275 -69.31 -47.16 18.02
N THR Q 276 -70.13 -48.02 17.39
CA THR Q 276 -69.94 -49.47 17.45
C THR Q 276 -70.28 -50.09 16.09
N GLN Q 277 -69.25 -50.24 15.25
CA GLN Q 277 -69.37 -50.92 13.97
C GLN Q 277 -68.25 -51.92 13.69
N LEU Q 278 -67.10 -51.79 14.34
CA LEU Q 278 -66.04 -52.78 14.15
C LEU Q 278 -66.43 -54.18 14.59
N PRO Q 279 -66.97 -54.41 15.80
CA PRO Q 279 -67.27 -55.81 16.17
C PRO Q 279 -68.35 -56.42 15.30
N ALA Q 280 -69.37 -55.64 14.93
CA ALA Q 280 -70.39 -56.16 14.04
C ALA Q 280 -69.80 -56.53 12.68
N LEU Q 281 -68.92 -55.68 12.15
CA LEU Q 281 -68.30 -55.97 10.87
C LEU Q 281 -67.42 -57.22 10.95
N ARG Q 282 -66.69 -57.38 12.04
CA ARG Q 282 -65.86 -58.58 12.21
C ARG Q 282 -66.72 -59.83 12.29
N ASN Q 283 -67.83 -59.76 13.03
CA ASN Q 283 -68.72 -60.91 13.11
C ASN Q 283 -69.31 -61.24 11.74
N ALA Q 284 -69.69 -60.22 10.97
CA ALA Q 284 -70.24 -60.46 9.65
C ALA Q 284 -69.20 -61.07 8.71
N LEU Q 285 -67.98 -60.56 8.75
CA LEU Q 285 -66.94 -61.08 7.86
C LEU Q 285 -66.55 -62.51 8.22
N SER Q 286 -66.40 -62.80 9.51
CA SER Q 286 -65.97 -64.13 9.92
C SER Q 286 -67.03 -65.19 9.69
N ALA Q 287 -68.27 -64.80 9.40
CA ALA Q 287 -69.37 -65.74 9.20
C ALA Q 287 -69.85 -65.72 7.75
N ILE Q 288 -68.92 -65.59 6.82
CA ILE Q 288 -69.27 -65.61 5.41
C ILE Q 288 -69.29 -67.02 4.85
N ASN Q 289 -68.43 -67.91 5.36
CA ASN Q 289 -68.29 -69.25 4.82
C ASN Q 289 -69.56 -70.10 4.97
N ARG Q 290 -70.51 -69.69 5.80
CA ARG Q 290 -71.74 -70.46 6.01
C ARG Q 290 -72.94 -69.55 5.73
N THR Q 291 -73.33 -69.48 4.47
CA THR Q 291 -74.59 -68.87 4.07
C THR Q 291 -74.92 -69.34 2.66
N HIS Q 292 -76.21 -69.38 2.35
CA HIS Q 292 -76.69 -69.92 1.08
C HIS Q 292 -77.40 -68.84 0.29
N PHE Q 293 -77.46 -69.05 -1.02
CA PHE Q 293 -78.03 -68.04 -1.92
C PHE Q 293 -78.74 -68.75 -3.07
N LYS Q 294 -79.98 -68.33 -3.34
CA LYS Q 294 -80.78 -68.92 -4.41
C LYS Q 294 -81.45 -67.83 -5.24
N SER Q 295 -80.68 -66.81 -5.61
CA SER Q 295 -81.09 -65.73 -6.49
C SER Q 295 -82.22 -64.87 -5.93
N ARG Q 296 -82.67 -65.16 -4.71
CA ARG Q 296 -83.75 -64.40 -4.08
C ARG Q 296 -83.32 -63.76 -2.76
N ASN Q 297 -82.62 -64.50 -1.91
CA ASN Q 297 -82.21 -64.00 -0.60
C ASN Q 297 -81.20 -64.98 -0.03
N ILE Q 298 -80.66 -64.64 1.14
CA ILE Q 298 -79.74 -65.49 1.86
C ILE Q 298 -80.52 -66.30 2.89
N TYR Q 299 -80.08 -67.53 3.12
CA TYR Q 299 -80.75 -68.41 4.07
C TYR Q 299 -79.73 -69.38 4.64
N LEU Q 300 -80.07 -69.95 5.80
CA LEU Q 300 -79.18 -70.86 6.52
C LEU Q 300 -79.88 -72.18 6.79
N GLU Q 301 -79.14 -73.27 6.64
CA GLU Q 301 -79.61 -74.61 6.93
C GLU Q 301 -78.76 -75.23 8.03
N LYS Q 302 -79.04 -76.50 8.31
CA LYS Q 302 -78.30 -77.27 9.32
C LYS Q 302 -78.24 -78.71 8.85
N ASP Q 303 -77.84 -79.60 9.76
CA ASP Q 303 -77.81 -81.02 9.44
C ASP Q 303 -79.21 -81.57 9.17
N ASP Q 304 -80.20 -81.11 9.93
CA ASP Q 304 -81.57 -81.59 9.72
C ASP Q 304 -82.11 -81.15 8.38
N GLY Q 305 -81.64 -80.00 7.88
CA GLY Q 305 -82.07 -79.47 6.59
C GLY Q 305 -83.06 -78.35 6.68
N GLU Q 306 -83.57 -78.03 7.87
CA GLU Q 306 -84.51 -76.92 8.00
C GLU Q 306 -83.84 -75.61 7.62
N THR Q 307 -84.61 -74.72 7.00
CA THR Q 307 -84.09 -73.47 6.48
C THR Q 307 -84.78 -72.30 7.18
N PHE Q 308 -84.02 -71.21 7.38
CA PHE Q 308 -84.52 -69.99 7.98
C PHE Q 308 -84.07 -68.82 7.12
N LEU Q 309 -84.96 -67.85 6.92
CA LEU Q 309 -84.72 -66.75 6.00
C LEU Q 309 -84.36 -65.49 6.77
N LEU Q 310 -83.73 -64.55 6.06
CA LEU Q 310 -83.29 -63.29 6.61
C LEU Q 310 -83.70 -62.15 5.68
N TYR Q 311 -84.08 -61.02 6.25
CA TYR Q 311 -84.50 -59.84 5.49
C TYR Q 311 -83.69 -58.62 5.95
N ASP Q 312 -84.06 -57.46 5.41
CA ASP Q 312 -83.32 -56.22 5.63
C ASP Q 312 -84.13 -55.15 6.34
N ASP Q 313 -85.38 -54.93 5.95
CA ASP Q 313 -86.15 -53.79 6.45
C ASP Q 313 -86.78 -54.06 7.80
N CYS Q 314 -85.96 -54.51 8.76
CA CYS Q 314 -86.34 -54.66 10.17
C CYS Q 314 -87.74 -55.25 10.33
N ARG Q 315 -88.05 -56.27 9.54
CA ARG Q 315 -89.40 -56.81 9.52
C ARG Q 315 -89.74 -57.50 10.83
N ASP Q 316 -90.97 -57.29 11.29
CA ASP Q 316 -91.46 -57.92 12.51
C ASP Q 316 -92.12 -59.23 12.13
N THR Q 317 -91.32 -60.11 11.53
CA THR Q 317 -91.78 -61.41 11.07
C THR Q 317 -90.79 -62.46 11.56
N ASN Q 318 -91.30 -63.50 12.20
CA ASN Q 318 -90.48 -64.61 12.70
C ASN Q 318 -89.37 -64.12 13.63
N GLN Q 319 -89.73 -63.22 14.55
CA GLN Q 319 -88.79 -62.72 15.55
C GLN Q 319 -88.80 -63.57 16.81
N SER Q 320 -89.17 -64.83 16.71
CA SER Q 320 -89.27 -65.71 17.87
C SER Q 320 -88.02 -66.54 18.11
N LYS Q 321 -87.43 -67.11 17.05
CA LYS Q 321 -86.36 -68.08 17.20
C LYS Q 321 -85.03 -67.62 16.61
N LEU Q 322 -84.91 -66.34 16.24
CA LEU Q 322 -83.67 -65.88 15.63
C LEU Q 322 -82.50 -65.91 16.61
N ALA Q 323 -82.78 -65.75 17.90
CA ALA Q 323 -81.72 -65.74 18.90
C ALA Q 323 -80.98 -67.08 18.93
N GLU Q 324 -81.72 -68.19 18.92
CA GLU Q 324 -81.07 -69.49 18.89
C GLU Q 324 -80.35 -69.71 17.56
N TRP Q 325 -80.87 -69.14 16.47
CA TRP Q 325 -80.18 -69.24 15.18
C TRP Q 325 -78.81 -68.58 15.24
N LEU Q 326 -78.74 -67.35 15.77
CA LEU Q 326 -77.46 -66.68 15.85
C LEU Q 326 -76.54 -67.33 16.88
N ASP Q 327 -77.11 -67.88 17.96
CA ASP Q 327 -76.30 -68.61 18.93
C ASP Q 327 -75.64 -69.82 18.29
N LEU Q 328 -76.41 -70.59 17.51
CA LEU Q 328 -75.84 -71.73 16.81
C LEU Q 328 -74.84 -71.31 15.76
N LEU Q 329 -75.07 -70.18 15.09
CA LEU Q 329 -74.11 -69.68 14.11
C LEU Q 329 -72.79 -69.32 14.77
N ARG Q 330 -72.84 -68.64 15.92
CA ARG Q 330 -71.61 -68.27 16.61
C ARG Q 330 -70.92 -69.49 17.21
N ARG Q 331 -71.69 -70.47 17.68
CA ARG Q 331 -71.11 -71.68 18.27
C ARG Q 331 -70.48 -72.60 17.24
N ARG Q 332 -70.67 -72.33 15.95
CA ARG Q 332 -70.01 -73.05 14.85
C ARG Q 332 -70.40 -74.53 14.85
N ARG Q 333 -71.70 -74.78 14.71
CA ARG Q 333 -72.22 -76.14 14.58
C ARG Q 333 -73.20 -76.27 13.41
N LEU Q 334 -73.07 -75.41 12.41
CA LEU Q 334 -73.91 -75.46 11.22
C LEU Q 334 -73.15 -76.13 10.07
N LYS Q 335 -73.75 -76.11 8.89
CA LYS Q 335 -73.15 -76.72 7.71
C LYS Q 335 -72.49 -75.67 6.83
N ARG Q 336 -71.36 -76.04 6.23
CA ARG Q 336 -70.58 -75.14 5.40
C ARG Q 336 -70.93 -75.33 3.92
N THR Q 337 -70.71 -74.27 3.16
CA THR Q 337 -71.09 -74.23 1.76
C THR Q 337 -69.86 -74.38 0.87
N ASN Q 338 -70.09 -74.39 -0.44
CA ASN Q 338 -69.03 -74.53 -1.44
C ASN Q 338 -69.25 -73.57 -2.59
N VAL Q 339 -69.65 -72.34 -2.27
CA VAL Q 339 -69.92 -71.34 -3.30
C VAL Q 339 -69.76 -69.96 -2.66
N TRP Q 340 -69.30 -69.00 -3.45
CA TRP Q 340 -69.07 -67.66 -2.93
C TRP Q 340 -70.37 -66.86 -2.95
N PRO Q 341 -70.82 -66.35 -1.82
CA PRO Q 341 -72.06 -65.56 -1.80
C PRO Q 341 -71.88 -64.23 -2.51
N PRO Q 342 -72.95 -63.64 -3.02
CA PRO Q 342 -72.84 -62.31 -3.63
C PRO Q 342 -72.43 -61.26 -2.63
N PHE Q 343 -71.75 -60.22 -3.12
CA PHE Q 343 -71.19 -59.19 -2.25
C PHE Q 343 -72.25 -58.42 -1.49
N LYS Q 344 -73.48 -58.36 -2.01
CA LYS Q 344 -74.51 -57.54 -1.38
C LYS Q 344 -75.00 -58.10 -0.05
N SER Q 345 -74.64 -59.36 0.26
CA SER Q 345 -75.16 -59.99 1.47
C SER Q 345 -74.67 -59.34 2.75
N LEU Q 346 -73.59 -58.57 2.68
CA LEU Q 346 -73.05 -57.93 3.87
C LEU Q 346 -74.04 -56.94 4.47
N ALA Q 347 -74.83 -56.28 3.63
CA ALA Q 347 -75.82 -55.33 4.15
C ALA Q 347 -76.84 -56.05 5.03
N THR Q 348 -77.37 -57.18 4.54
CA THR Q 348 -78.32 -57.95 5.33
C THR Q 348 -77.66 -58.53 6.58
N LEU Q 349 -76.41 -58.97 6.45
CA LEU Q 349 -75.71 -59.52 7.61
C LEU Q 349 -75.54 -58.47 8.71
N VAL Q 350 -75.15 -57.25 8.31
CA VAL Q 350 -74.98 -56.17 9.29
C VAL Q 350 -76.32 -55.78 9.88
N ALA Q 351 -77.37 -55.76 9.06
CA ALA Q 351 -78.70 -55.45 9.58
C ALA Q 351 -79.14 -56.46 10.62
N GLU Q 352 -78.87 -57.75 10.37
CA GLU Q 352 -79.25 -58.77 11.33
C GLU Q 352 -78.42 -58.69 12.60
N PHE Q 353 -77.10 -58.55 12.47
CA PHE Q 353 -76.24 -58.58 13.65
C PHE Q 353 -76.35 -57.29 14.47
N GLY Q 354 -76.85 -56.21 13.87
CA GLY Q 354 -76.97 -54.95 14.58
C GLY Q 354 -78.23 -54.79 15.40
N CYS Q 355 -79.07 -55.82 15.46
CA CYS Q 355 -80.30 -55.76 16.24
C CYS Q 355 -80.75 -57.15 16.67
N SER Q 364 -86.15 -60.99 21.46
CA SER Q 364 -87.02 -61.54 20.43
C SER Q 364 -87.80 -60.44 19.72
N LYS Q 365 -87.16 -59.28 19.56
CA LYS Q 365 -87.77 -58.16 18.85
C LYS Q 365 -86.65 -57.30 18.26
N ARG Q 366 -86.80 -56.95 16.99
CA ARG Q 366 -85.77 -56.18 16.29
C ARG Q 366 -85.95 -54.71 16.61
N ASP Q 367 -85.28 -54.25 17.65
CA ASP Q 367 -85.40 -52.87 18.08
C ASP Q 367 -84.78 -51.92 17.05
N ALA Q 368 -85.41 -50.77 16.89
CA ALA Q 368 -84.98 -49.76 15.94
C ALA Q 368 -84.02 -48.74 16.55
N PHE Q 369 -83.69 -48.88 17.85
CA PHE Q 369 -82.77 -47.97 18.50
C PHE Q 369 -81.31 -48.33 18.27
N GLY Q 370 -80.97 -49.61 18.31
CA GLY Q 370 -79.62 -50.02 17.97
C GLY Q 370 -79.36 -50.02 16.47
N PHE Q 371 -80.41 -50.06 15.66
CA PHE Q 371 -80.25 -50.02 14.20
C PHE Q 371 -79.66 -48.69 13.75
N SER Q 372 -79.96 -47.60 14.47
CA SER Q 372 -79.47 -46.28 14.06
C SER Q 372 -77.96 -46.18 14.18
N ASN Q 373 -77.34 -47.07 14.95
CA ASN Q 373 -75.90 -47.03 15.16
C ASN Q 373 -75.10 -47.53 13.97
N VAL Q 374 -75.72 -48.21 13.02
CA VAL Q 374 -75.01 -48.80 11.89
C VAL Q 374 -75.54 -48.27 10.56
N LEU Q 375 -76.23 -47.15 10.57
CA LEU Q 375 -76.77 -46.58 9.33
C LEU Q 375 -75.67 -46.18 8.34
N PRO Q 376 -74.61 -45.46 8.73
CA PRO Q 376 -73.60 -45.09 7.71
C PRO Q 376 -72.94 -46.28 7.02
N LEU Q 377 -72.67 -47.36 7.75
CA LEU Q 377 -71.99 -48.50 7.14
C LEU Q 377 -72.85 -49.16 6.07
N VAL Q 378 -74.11 -49.46 6.41
CA VAL Q 378 -74.99 -50.09 5.45
C VAL Q 378 -75.28 -49.14 4.30
N LYS Q 379 -75.38 -47.84 4.60
CA LYS Q 379 -75.63 -46.85 3.55
C LYS Q 379 -74.49 -46.83 2.55
N ILE Q 380 -73.25 -46.83 3.03
CA ILE Q 380 -72.09 -46.81 2.14
C ILE Q 380 -72.02 -48.10 1.32
N ILE Q 381 -72.20 -49.24 1.98
CA ILE Q 381 -72.02 -50.51 1.29
C ILE Q 381 -73.11 -50.72 0.25
N GLN Q 382 -74.32 -50.19 0.50
CA GLN Q 382 -75.36 -50.26 -0.52
C GLN Q 382 -75.19 -49.19 -1.59
N GLN Q 383 -74.54 -48.06 -1.27
CA GLN Q 383 -74.26 -47.05 -2.28
C GLN Q 383 -73.26 -47.56 -3.30
N LEU Q 384 -72.19 -48.23 -2.84
CA LEU Q 384 -71.20 -48.76 -3.75
C LEU Q 384 -71.72 -49.96 -4.54
N ALA Q 385 -72.84 -50.56 -4.12
CA ALA Q 385 -73.33 -51.77 -4.76
C ALA Q 385 -73.78 -51.51 -6.19
N GLU Q 386 -74.49 -50.40 -6.44
CA GLU Q 386 -75.06 -50.13 -7.75
C GLU Q 386 -74.31 -49.05 -8.52
N ASP Q 387 -73.14 -48.64 -8.06
CA ASP Q 387 -72.33 -47.71 -8.83
C ASP Q 387 -71.77 -48.43 -10.07
N ILE Q 388 -72.05 -47.86 -11.25
CA ILE Q 388 -71.67 -48.53 -12.49
C ILE Q 388 -70.16 -48.51 -12.69
N ARG Q 389 -69.51 -47.41 -12.33
CA ARG Q 389 -68.06 -47.30 -12.53
C ARG Q 389 -67.30 -48.33 -11.69
N PHE Q 390 -67.72 -48.51 -10.43
CA PHE Q 390 -66.99 -49.39 -9.53
C PHE Q 390 -67.07 -50.84 -9.98
N LYS Q 391 -68.25 -51.27 -10.43
CA LYS Q 391 -68.46 -52.68 -10.77
C LYS Q 391 -67.96 -53.04 -12.16
N SER Q 392 -67.40 -52.08 -12.90
CA SER Q 392 -66.81 -52.37 -14.21
C SER Q 392 -65.36 -52.84 -14.12
N ILE Q 393 -64.73 -52.73 -12.95
CA ILE Q 393 -63.35 -53.16 -12.77
C ILE Q 393 -63.21 -54.31 -11.79
N VAL Q 394 -64.11 -54.45 -10.81
CA VAL Q 394 -64.03 -55.49 -9.80
C VAL Q 394 -65.31 -56.32 -9.86
N ASN Q 395 -65.17 -57.63 -9.68
CA ASN Q 395 -66.30 -58.54 -9.71
C ASN Q 395 -67.11 -58.46 -8.42
N LEU Q 396 -68.43 -58.54 -8.54
CA LEU Q 396 -69.34 -58.49 -7.40
C LEU Q 396 -70.45 -59.54 -7.55
N ASN Q 397 -70.08 -60.74 -7.97
CA ASN Q 397 -71.05 -61.82 -8.15
C ASN Q 397 -70.69 -63.13 -7.47
N GLY Q 398 -69.42 -63.44 -7.28
CA GLY Q 398 -69.07 -64.68 -6.63
C GLY Q 398 -69.35 -65.90 -7.48
N GLY Q 399 -69.40 -67.05 -6.81
CA GLY Q 399 -69.61 -68.32 -7.49
C GLY Q 399 -68.38 -69.15 -7.70
N GLY Q 400 -67.43 -69.14 -6.76
CA GLY Q 400 -66.21 -69.89 -6.92
C GLY Q 400 -66.09 -71.08 -5.99
N GLU Q 401 -65.08 -71.91 -6.21
CA GLU Q 401 -64.85 -73.07 -5.37
C GLU Q 401 -64.21 -72.65 -4.04
N LEU Q 402 -64.67 -73.28 -2.95
CA LEU Q 402 -64.11 -73.08 -1.62
C LEU Q 402 -63.55 -74.40 -1.11
N ALA Q 403 -62.31 -74.37 -0.65
CA ALA Q 403 -61.65 -75.58 -0.16
C ALA Q 403 -62.18 -75.93 1.24
N ASP Q 404 -61.58 -76.93 1.87
CA ASP Q 404 -61.99 -77.39 3.19
C ASP Q 404 -60.95 -76.98 4.21
N GLY Q 405 -61.40 -76.34 5.29
CA GLY Q 405 -60.51 -75.90 6.33
C GLY Q 405 -60.66 -74.43 6.66
N GLY Q 406 -59.53 -73.75 6.91
CA GLY Q 406 -59.55 -72.34 7.22
C GLY Q 406 -58.56 -71.56 6.38
N THR Q 407 -58.16 -72.12 5.24
CA THR Q 407 -57.19 -71.51 4.35
C THR Q 407 -57.83 -71.00 3.06
N HIS Q 408 -59.13 -70.68 3.13
CA HIS Q 408 -59.84 -70.26 1.92
C HIS Q 408 -59.42 -68.88 1.45
N TRP Q 409 -59.14 -67.96 2.36
CA TRP Q 409 -58.64 -66.64 1.94
C TRP Q 409 -57.25 -66.76 1.33
N ASP Q 410 -56.43 -67.69 1.82
CA ASP Q 410 -55.04 -67.78 1.39
C ASP Q 410 -54.94 -68.05 -0.11
N LYS Q 411 -55.67 -69.05 -0.60
CA LYS Q 411 -55.65 -69.33 -2.03
C LYS Q 411 -56.26 -68.18 -2.83
N ALA Q 412 -57.31 -67.57 -2.29
CA ALA Q 412 -57.99 -66.47 -2.98
C ALA Q 412 -57.04 -65.31 -3.23
N MET Q 413 -56.12 -65.06 -2.29
CA MET Q 413 -55.12 -64.03 -2.53
C MET Q 413 -53.98 -64.56 -3.40
N SER Q 414 -53.52 -65.78 -3.15
CA SER Q 414 -52.31 -66.29 -3.78
C SER Q 414 -52.49 -66.45 -5.28
N ASP Q 415 -53.64 -66.97 -5.72
CA ASP Q 415 -53.82 -67.20 -7.15
C ASP Q 415 -53.81 -65.89 -7.93
N GLU Q 416 -54.51 -64.88 -7.43
CA GLU Q 416 -54.54 -63.59 -8.10
C GLU Q 416 -53.16 -62.95 -8.11
N VAL Q 417 -52.45 -63.03 -6.98
CA VAL Q 417 -51.10 -62.44 -6.93
C VAL Q 417 -50.18 -63.14 -7.91
N ASP Q 418 -50.26 -64.48 -7.98
CA ASP Q 418 -49.44 -65.23 -8.93
C ASP Q 418 -49.79 -64.84 -10.36
N TYR Q 419 -51.07 -64.59 -10.64
CA TYR Q 419 -51.45 -64.15 -11.97
C TYR Q 419 -50.81 -62.81 -12.30
N PHE Q 420 -50.86 -61.86 -11.36
CA PHE Q 420 -50.43 -60.50 -11.69
C PHE Q 420 -48.91 -60.36 -11.65
N PHE Q 421 -48.30 -60.63 -10.50
CA PHE Q 421 -46.88 -60.30 -10.27
C PHE Q 421 -45.96 -61.50 -10.47
N GLY Q 422 -46.27 -62.37 -11.42
CA GLY Q 422 -45.39 -63.46 -11.77
C GLY Q 422 -45.55 -64.68 -10.87
N LYS Q 423 -44.79 -65.72 -11.22
CA LYS Q 423 -44.86 -67.01 -10.55
C LYS Q 423 -43.62 -67.27 -9.71
N GLU Q 424 -43.69 -68.32 -8.90
CA GLU Q 424 -42.60 -68.67 -8.01
C GLU Q 424 -41.44 -69.29 -8.78
N LYS Q 425 -40.23 -69.06 -8.29
CA LYS Q 425 -39.04 -69.63 -8.91
C LYS Q 425 -39.06 -71.15 -8.79
N GLY Q 426 -38.62 -71.82 -9.86
CA GLY Q 426 -38.65 -73.26 -9.94
C GLY Q 426 -39.78 -73.85 -10.75
N GLN Q 427 -40.64 -73.00 -11.34
CA GLN Q 427 -41.74 -73.44 -12.16
C GLN Q 427 -41.72 -72.69 -13.48
N GLU Q 428 -42.29 -73.32 -14.51
CA GLU Q 428 -42.26 -72.75 -15.85
C GLU Q 428 -43.21 -71.56 -15.96
N ASN Q 429 -42.75 -70.51 -16.61
CA ASN Q 429 -43.55 -69.32 -16.88
C ASN Q 429 -43.61 -69.06 -18.37
N ASP Q 430 -44.53 -68.18 -18.77
CA ASP Q 430 -44.77 -67.88 -20.18
C ASP Q 430 -44.26 -66.51 -20.59
N TRP Q 431 -44.65 -65.46 -19.87
CA TRP Q 431 -44.30 -64.09 -20.23
C TRP Q 431 -43.03 -63.64 -19.52
N ASN Q 432 -42.39 -62.62 -20.10
CA ASN Q 432 -41.25 -61.97 -19.48
C ASN Q 432 -41.42 -60.47 -19.32
N VAL Q 433 -42.31 -59.84 -20.07
CA VAL Q 433 -42.65 -58.44 -19.91
C VAL Q 433 -44.16 -58.32 -19.83
N HIS Q 434 -44.65 -57.61 -18.82
CA HIS Q 434 -46.08 -57.45 -18.59
C HIS Q 434 -46.43 -55.97 -18.63
N ILE Q 435 -47.42 -55.62 -19.43
CA ILE Q 435 -47.94 -54.26 -19.50
C ILE Q 435 -49.38 -54.30 -19.01
N VAL Q 436 -49.67 -53.59 -17.93
CA VAL Q 436 -51.01 -53.51 -17.36
C VAL Q 436 -51.59 -52.15 -17.74
N ASN Q 437 -52.64 -52.17 -18.54
CA ASN Q 437 -53.26 -50.95 -19.03
C ASN Q 437 -54.54 -50.68 -18.24
N MET Q 438 -54.56 -49.53 -17.57
CA MET Q 438 -55.73 -49.11 -16.77
C MET Q 438 -56.11 -47.69 -17.21
N LYS Q 439 -56.93 -47.61 -18.25
CA LYS Q 439 -57.50 -46.34 -18.68
C LYS Q 439 -58.97 -46.18 -18.31
N ASN Q 440 -59.68 -47.30 -18.10
CA ASN Q 440 -61.09 -47.22 -17.75
C ASN Q 440 -61.30 -46.96 -16.27
N LEU Q 441 -60.26 -47.11 -15.45
CA LEU Q 441 -60.39 -46.90 -14.01
C LEU Q 441 -60.47 -45.40 -13.72
N ALA Q 442 -61.45 -45.02 -12.91
CA ALA Q 442 -61.63 -43.62 -12.57
C ALA Q 442 -60.58 -43.16 -11.57
N GLN Q 443 -60.38 -41.84 -11.51
CA GLN Q 443 -59.40 -41.27 -10.60
C GLN Q 443 -59.86 -41.28 -9.16
N ASP Q 444 -61.17 -41.44 -8.92
CA ASP Q 444 -61.69 -41.51 -7.57
C ASP Q 444 -61.48 -42.86 -6.91
N HIS Q 445 -61.06 -43.89 -7.67
CA HIS Q 445 -60.94 -45.23 -7.14
C HIS Q 445 -59.56 -45.84 -7.32
N ALA Q 446 -58.64 -45.16 -8.01
CA ALA Q 446 -57.30 -45.72 -8.21
C ALA Q 446 -56.54 -45.94 -6.90
N PRO Q 447 -56.49 -44.98 -5.95
CA PRO Q 447 -55.70 -45.20 -4.72
C PRO Q 447 -56.00 -46.51 -4.01
N MET Q 448 -57.28 -46.76 -3.72
CA MET Q 448 -57.64 -47.94 -2.93
C MET Q 448 -57.20 -49.22 -3.62
N LEU Q 449 -57.55 -49.39 -4.90
CA LEU Q 449 -57.24 -50.62 -5.60
C LEU Q 449 -55.73 -50.82 -5.76
N LEU Q 450 -55.00 -49.76 -6.12
CA LEU Q 450 -53.57 -49.93 -6.32
C LEU Q 450 -52.85 -50.21 -5.00
N SER Q 451 -53.23 -49.52 -3.92
CA SER Q 451 -52.64 -49.80 -2.61
C SER Q 451 -52.96 -51.22 -2.18
N ALA Q 452 -54.19 -51.69 -2.44
CA ALA Q 452 -54.53 -53.06 -2.10
C ALA Q 452 -53.68 -54.06 -2.87
N LEU Q 453 -53.45 -53.80 -4.16
CA LEU Q 453 -52.61 -54.69 -4.95
C LEU Q 453 -51.19 -54.74 -4.39
N LEU Q 454 -50.63 -53.57 -4.03
CA LEU Q 454 -49.28 -53.55 -3.48
C LEU Q 454 -49.22 -54.29 -2.13
N GLU Q 455 -50.24 -54.13 -1.30
CA GLU Q 455 -50.27 -54.85 -0.02
C GLU Q 455 -50.35 -56.35 -0.23
N MET Q 456 -51.18 -56.79 -1.18
CA MET Q 456 -51.24 -58.21 -1.51
C MET Q 456 -49.88 -58.73 -1.94
N PHE Q 457 -49.20 -57.96 -2.79
CA PHE Q 457 -47.89 -58.39 -3.28
C PHE Q 457 -46.90 -58.54 -2.13
N ALA Q 458 -46.89 -57.57 -1.21
CA ALA Q 458 -45.96 -57.65 -0.07
C ALA Q 458 -46.29 -58.86 0.81
N GLU Q 459 -47.57 -59.07 1.10
CA GLU Q 459 -47.95 -60.18 1.97
C GLU Q 459 -47.59 -61.51 1.36
N ILE Q 460 -47.79 -61.67 0.06
CA ILE Q 460 -47.39 -62.91 -0.60
C ILE Q 460 -45.87 -63.03 -0.62
N LEU Q 461 -45.16 -61.92 -0.78
CA LEU Q 461 -43.70 -61.95 -0.82
C LEU Q 461 -43.13 -62.45 0.49
N PHE Q 462 -43.69 -62.03 1.62
CA PHE Q 462 -43.11 -62.39 2.91
C PHE Q 462 -43.07 -63.90 3.11
N ARG Q 463 -44.17 -64.59 2.82
CA ARG Q 463 -44.30 -66.00 3.16
C ARG Q 463 -43.72 -66.93 2.10
N ARG Q 464 -43.26 -66.41 0.98
CA ARG Q 464 -42.63 -67.27 -0.03
C ARG Q 464 -41.23 -67.69 0.38
N GLY Q 465 -40.46 -66.78 0.97
CA GLY Q 465 -39.13 -67.08 1.44
C GLY Q 465 -38.05 -66.43 0.60
N GLN Q 466 -36.85 -66.39 1.19
CA GLN Q 466 -35.71 -65.78 0.51
C GLN Q 466 -35.20 -66.66 -0.62
N GLU Q 467 -35.10 -67.97 -0.40
CA GLU Q 467 -34.50 -68.86 -1.39
C GLU Q 467 -35.43 -69.13 -2.57
N ARG Q 468 -36.72 -68.83 -2.44
CA ARG Q 468 -37.70 -69.11 -3.48
C ARG Q 468 -38.08 -67.87 -4.28
N SER Q 469 -37.37 -66.76 -4.08
CA SER Q 469 -37.73 -65.51 -4.72
C SER Q 469 -37.03 -65.35 -6.07
N TYR Q 470 -37.60 -64.48 -6.90
CA TYR Q 470 -37.04 -64.21 -8.22
C TYR Q 470 -36.89 -62.71 -8.40
N PRO Q 471 -35.81 -62.27 -9.06
CA PRO Q 471 -35.63 -60.83 -9.30
C PRO Q 471 -36.77 -60.24 -10.12
N THR Q 472 -37.11 -59.00 -9.80
CA THR Q 472 -38.24 -58.33 -10.45
C THR Q 472 -38.01 -56.82 -10.43
N VAL Q 473 -38.18 -56.20 -11.60
CA VAL Q 473 -38.08 -54.75 -11.74
C VAL Q 473 -39.48 -54.20 -11.99
N LEU Q 474 -39.90 -53.26 -11.16
CA LEU Q 474 -41.27 -52.73 -11.18
C LEU Q 474 -41.22 -51.24 -11.49
N LEU Q 475 -41.93 -50.84 -12.55
CA LEU Q 475 -42.06 -49.43 -12.91
C LEU Q 475 -43.40 -48.90 -12.43
N LEU Q 476 -43.39 -47.71 -11.86
CA LEU Q 476 -44.58 -47.11 -11.24
C LEU Q 476 -44.71 -45.68 -11.76
N GLU Q 477 -45.41 -45.51 -12.87
CA GLU Q 477 -45.59 -44.19 -13.47
C GLU Q 477 -46.72 -43.43 -12.80
N GLU Q 478 -46.51 -42.13 -12.62
CA GLU Q 478 -47.48 -41.23 -12.00
C GLU Q 478 -47.87 -41.75 -10.61
N ALA Q 479 -46.85 -41.85 -9.76
CA ALA Q 479 -46.96 -42.64 -8.53
C ALA Q 479 -47.37 -41.83 -7.31
N HIS Q 480 -47.55 -40.52 -7.43
CA HIS Q 480 -47.87 -39.75 -6.22
C HIS Q 480 -49.34 -39.86 -5.82
N HIS Q 481 -50.21 -40.37 -6.69
CA HIS Q 481 -51.62 -40.48 -6.34
C HIS Q 481 -51.86 -41.60 -5.33
N TYR Q 482 -51.18 -42.73 -5.47
CA TYR Q 482 -51.53 -43.92 -4.72
C TYR Q 482 -50.45 -44.44 -3.80
N LEU Q 483 -49.26 -43.85 -3.79
CA LEU Q 483 -48.23 -44.18 -2.82
C LEU Q 483 -48.30 -43.30 -1.58
N ARG Q 484 -49.29 -42.43 -1.50
CA ARG Q 484 -49.46 -41.52 -0.37
C ARG Q 484 -50.26 -42.17 0.74
N TYR Q 497 -48.49 -50.60 5.20
CA TYR Q 497 -48.86 -49.67 4.15
C TYR Q 497 -47.68 -49.33 3.25
N GLU Q 498 -46.52 -49.07 3.86
CA GLU Q 498 -45.28 -48.85 3.12
C GLU Q 498 -44.29 -49.99 3.28
N ARG Q 499 -44.79 -51.22 3.39
CA ARG Q 499 -43.92 -52.38 3.54
C ARG Q 499 -43.02 -52.60 2.32
N LEU Q 500 -43.49 -52.24 1.13
CA LEU Q 500 -42.75 -52.57 -0.08
C LEU Q 500 -41.43 -51.82 -0.15
N ALA Q 501 -41.46 -50.51 0.12
CA ALA Q 501 -40.27 -49.69 -0.04
C ALA Q 501 -39.17 -50.06 0.96
N LYS Q 502 -39.51 -50.75 2.04
CA LYS Q 502 -38.55 -51.12 3.06
C LYS Q 502 -38.09 -52.56 2.98
N GLU Q 503 -38.86 -53.44 2.35
CA GLU Q 503 -38.49 -54.84 2.21
C GLU Q 503 -38.14 -55.23 0.77
N GLY Q 504 -38.15 -54.28 -0.16
CA GLY Q 504 -37.78 -54.61 -1.53
C GLY Q 504 -36.35 -55.12 -1.65
N ARG Q 505 -35.43 -54.48 -0.92
CA ARG Q 505 -34.05 -54.95 -0.93
C ARG Q 505 -33.92 -56.34 -0.35
N LYS Q 506 -34.63 -56.61 0.75
CA LYS Q 506 -34.49 -57.89 1.43
C LYS Q 506 -35.11 -59.03 0.62
N PHE Q 507 -36.22 -58.76 -0.08
CA PHE Q 507 -36.92 -59.80 -0.81
C PHE Q 507 -36.64 -59.78 -2.31
N LYS Q 508 -35.54 -59.15 -2.72
CA LYS Q 508 -35.09 -59.16 -4.12
C LYS Q 508 -36.14 -58.55 -5.05
N CYS Q 509 -36.50 -57.30 -4.75
CA CYS Q 509 -37.41 -56.52 -5.59
C CYS Q 509 -36.89 -55.10 -5.69
N SER Q 510 -37.15 -54.47 -6.84
CA SER Q 510 -36.71 -53.11 -7.10
C SER Q 510 -37.89 -52.27 -7.57
N LEU Q 511 -37.77 -50.96 -7.37
CA LEU Q 511 -38.81 -50.01 -7.75
C LEU Q 511 -38.19 -48.86 -8.53
N ILE Q 512 -38.98 -48.33 -9.46
CA ILE Q 512 -38.64 -47.10 -10.18
C ILE Q 512 -39.80 -46.14 -10.00
N VAL Q 513 -39.50 -44.92 -9.56
CA VAL Q 513 -40.50 -43.93 -9.21
C VAL Q 513 -40.48 -42.81 -10.24
N SER Q 514 -41.65 -42.50 -10.80
CA SER Q 514 -41.82 -41.36 -11.70
C SER Q 514 -42.89 -40.45 -11.13
N THR Q 515 -42.53 -39.19 -10.89
CA THR Q 515 -43.44 -38.24 -10.28
C THR Q 515 -43.07 -36.84 -10.73
N GLN Q 516 -44.08 -36.06 -11.13
CA GLN Q 516 -43.87 -34.68 -11.54
C GLN Q 516 -44.06 -33.69 -10.40
N ARG Q 517 -44.33 -34.17 -9.19
CA ARG Q 517 -44.45 -33.31 -8.02
C ARG Q 517 -43.83 -34.04 -6.84
N PRO Q 518 -42.52 -33.90 -6.63
CA PRO Q 518 -41.86 -34.66 -5.56
C PRO Q 518 -42.32 -34.31 -4.16
N SER Q 519 -42.96 -33.14 -3.97
CA SER Q 519 -43.39 -32.75 -2.63
C SER Q 519 -44.43 -33.71 -2.08
N GLU Q 520 -45.37 -34.14 -2.92
CA GLU Q 520 -46.43 -35.03 -2.47
C GLU Q 520 -45.91 -36.38 -2.00
N LEU Q 521 -44.76 -36.83 -2.50
CA LEU Q 521 -44.20 -38.09 -2.06
C LEU Q 521 -43.77 -37.99 -0.59
N SER Q 522 -43.86 -39.11 0.11
CA SER Q 522 -43.50 -39.13 1.52
C SER Q 522 -42.00 -38.86 1.67
N PRO Q 523 -41.59 -38.12 2.71
CA PRO Q 523 -40.16 -37.83 2.89
C PRO Q 523 -39.32 -39.06 3.17
N THR Q 524 -39.91 -40.17 3.60
CA THR Q 524 -39.15 -41.38 3.94
C THR Q 524 -38.94 -42.31 2.75
N VAL Q 525 -39.53 -42.03 1.59
CA VAL Q 525 -39.41 -42.92 0.45
C VAL Q 525 -38.33 -42.40 -0.50
N LEU Q 526 -38.07 -41.09 -0.44
CA LEU Q 526 -37.02 -40.51 -1.28
C LEU Q 526 -35.63 -40.77 -0.73
N ALA Q 527 -35.51 -41.13 0.55
CA ALA Q 527 -34.19 -41.37 1.15
C ALA Q 527 -33.57 -42.69 0.71
N MET Q 528 -34.38 -43.70 0.43
CA MET Q 528 -33.85 -45.01 0.08
C MET Q 528 -33.24 -45.07 -1.31
N CYS Q 529 -33.60 -44.12 -2.18
CA CYS Q 529 -33.07 -44.13 -3.54
C CYS Q 529 -31.58 -43.84 -3.55
N SER Q 530 -30.86 -44.53 -4.44
CA SER Q 530 -29.42 -44.36 -4.55
C SER Q 530 -28.98 -43.57 -5.77
N ASN Q 531 -29.82 -43.47 -6.80
CA ASN Q 531 -29.51 -42.69 -7.99
C ASN Q 531 -30.68 -41.79 -8.31
N TRP Q 532 -30.38 -40.63 -8.91
CA TRP Q 532 -31.40 -39.65 -9.24
C TRP Q 532 -31.24 -39.21 -10.69
N PHE Q 533 -32.35 -39.14 -11.40
CA PHE Q 533 -32.40 -38.63 -12.78
C PHE Q 533 -33.46 -37.54 -12.82
N SER Q 534 -33.05 -36.29 -12.65
CA SER Q 534 -33.96 -35.17 -12.51
C SER Q 534 -34.00 -34.37 -13.80
N LEU Q 535 -35.21 -34.22 -14.35
CA LEU Q 535 -35.44 -33.38 -15.52
C LEU Q 535 -35.66 -31.94 -15.05
N ARG Q 536 -36.20 -31.10 -15.92
CA ARG Q 536 -36.45 -29.71 -15.56
C ARG Q 536 -37.56 -29.60 -14.51
N LEU Q 537 -37.29 -28.84 -13.45
CA LEU Q 537 -38.29 -28.48 -12.45
C LEU Q 537 -38.31 -26.97 -12.30
N THR Q 538 -39.49 -26.42 -12.06
CA THR Q 538 -39.66 -24.97 -11.99
C THR Q 538 -40.19 -24.49 -10.66
N ASN Q 539 -41.10 -25.24 -10.03
CA ASN Q 539 -41.70 -24.79 -8.78
C ASN Q 539 -40.64 -24.73 -7.67
N GLU Q 540 -40.75 -23.69 -6.84
CA GLU Q 540 -39.78 -23.49 -5.77
C GLU Q 540 -39.94 -24.53 -4.66
N ARG Q 541 -41.19 -24.90 -4.35
CA ARG Q 541 -41.43 -25.83 -3.26
C ARG Q 541 -40.92 -27.23 -3.61
N ASP Q 542 -41.08 -27.65 -4.86
CA ASP Q 542 -40.63 -28.98 -5.25
C ASP Q 542 -39.12 -29.09 -5.18
N LEU Q 543 -38.39 -28.03 -5.56
CA LEU Q 543 -36.93 -28.07 -5.53
C LEU Q 543 -36.39 -28.11 -4.10
N GLN Q 544 -37.07 -27.46 -3.16
CA GLN Q 544 -36.63 -27.49 -1.78
C GLN Q 544 -36.75 -28.88 -1.18
N ALA Q 545 -37.79 -29.62 -1.57
CA ALA Q 545 -37.95 -30.99 -1.08
C ALA Q 545 -36.84 -31.90 -1.62
N LEU Q 546 -36.31 -31.60 -2.79
CA LEU Q 546 -35.21 -32.39 -3.34
C LEU Q 546 -33.92 -32.17 -2.57
N ARG Q 547 -33.69 -30.95 -2.08
CA ARG Q 547 -32.47 -30.67 -1.32
C ARG Q 547 -32.50 -31.35 0.04
N TYR Q 548 -33.70 -31.57 0.59
CA TYR Q 548 -33.82 -32.10 1.94
C TYR Q 548 -33.30 -33.53 2.04
N ALA Q 549 -33.53 -34.35 1.02
CA ALA Q 549 -33.22 -35.78 1.10
C ALA Q 549 -32.07 -36.22 0.21
N MET Q 550 -31.37 -35.30 -0.46
CA MET Q 550 -30.25 -35.68 -1.30
C MET Q 550 -29.09 -36.17 -0.43
N GLU Q 551 -28.36 -37.17 -0.92
CA GLU Q 551 -27.30 -37.81 -0.16
C GLU Q 551 -25.96 -37.91 -0.88
N SER Q 552 -25.92 -37.69 -2.18
CA SER Q 552 -24.71 -37.83 -2.97
C SER Q 552 -24.55 -36.69 -3.96
N GLY Q 553 -24.72 -35.45 -3.48
CA GLY Q 553 -24.63 -34.31 -4.35
C GLY Q 553 -24.30 -33.05 -3.58
N ASN Q 554 -23.99 -32.01 -4.34
CA ASN Q 554 -23.63 -30.70 -3.80
C ASN Q 554 -24.60 -29.64 -4.31
N GLU Q 555 -24.47 -28.43 -3.78
CA GLU Q 555 -25.29 -27.31 -4.20
C GLU Q 555 -24.86 -26.71 -5.52
N GLN Q 556 -23.67 -27.08 -6.02
CA GLN Q 556 -23.16 -26.49 -7.25
C GLN Q 556 -23.97 -26.93 -8.47
N ILE Q 557 -24.58 -28.12 -8.42
CA ILE Q 557 -25.31 -28.63 -9.58
C ILE Q 557 -26.80 -28.36 -9.52
N LEU Q 558 -27.35 -27.99 -8.35
CA LEU Q 558 -28.78 -27.77 -8.23
C LEU Q 558 -29.23 -26.49 -8.92
N LYS Q 559 -28.31 -25.57 -9.24
CA LYS Q 559 -28.71 -24.33 -9.90
C LYS Q 559 -29.08 -24.56 -11.36
N GLN Q 560 -28.57 -25.63 -11.97
CA GLN Q 560 -28.81 -25.85 -13.40
C GLN Q 560 -30.22 -26.37 -13.66
N ILE Q 561 -30.88 -26.93 -12.65
CA ILE Q 561 -32.19 -27.54 -12.85
C ILE Q 561 -33.23 -26.51 -13.27
N SER Q 562 -33.14 -25.28 -12.74
CA SER Q 562 -34.14 -24.26 -12.98
C SER Q 562 -34.22 -23.81 -14.43
N GLY Q 563 -33.22 -24.12 -15.25
CA GLY Q 563 -33.24 -23.69 -16.64
C GLY Q 563 -32.79 -24.75 -17.62
N LEU Q 564 -33.05 -26.00 -17.31
CA LEU Q 564 -32.61 -27.09 -18.18
C LEU Q 564 -33.47 -27.11 -19.46
N PRO Q 565 -32.86 -27.11 -20.64
CA PRO Q 565 -33.65 -27.26 -21.87
C PRO Q 565 -34.25 -28.65 -21.99
N ARG Q 566 -35.12 -28.84 -22.99
CA ARG Q 566 -35.80 -30.10 -23.18
C ARG Q 566 -34.82 -31.19 -23.64
N GLY Q 567 -34.93 -32.37 -23.04
CA GLY Q 567 -34.09 -33.49 -23.38
C GLY Q 567 -32.82 -33.63 -22.57
N ASP Q 568 -32.51 -32.65 -21.72
CA ASP Q 568 -31.31 -32.69 -20.90
C ASP Q 568 -31.65 -33.08 -19.47
N ALA Q 569 -30.69 -33.70 -18.79
CA ALA Q 569 -30.88 -34.15 -17.43
C ALA Q 569 -29.56 -34.13 -16.69
N VAL Q 570 -29.64 -34.10 -15.36
CA VAL Q 570 -28.49 -34.16 -14.48
C VAL Q 570 -28.59 -35.43 -13.64
N ALA Q 571 -27.49 -36.16 -13.52
CA ALA Q 571 -27.48 -37.45 -12.85
C ALA Q 571 -26.40 -37.49 -11.78
N PHE Q 572 -26.72 -38.15 -10.68
CA PHE Q 572 -25.77 -38.36 -9.59
C PHE Q 572 -26.22 -39.55 -8.76
N GLY Q 573 -25.27 -40.22 -8.14
CA GLY Q 573 -25.59 -41.36 -7.31
C GLY Q 573 -24.38 -42.27 -7.16
N SER Q 574 -24.67 -43.52 -6.80
CA SER Q 574 -23.63 -44.51 -6.57
C SER Q 574 -23.02 -45.06 -7.85
N ALA Q 575 -23.69 -44.90 -8.99
CA ALA Q 575 -23.22 -45.44 -10.25
C ALA Q 575 -22.43 -44.44 -11.08
N PHE Q 576 -22.24 -43.22 -10.60
CA PHE Q 576 -21.52 -42.18 -11.33
C PHE Q 576 -20.37 -41.67 -10.49
N ASN Q 577 -19.18 -41.62 -11.10
CA ASN Q 577 -18.00 -41.13 -10.38
C ASN Q 577 -18.14 -39.67 -9.99
N LEU Q 578 -18.64 -38.83 -10.89
CA LEU Q 578 -18.87 -37.42 -10.59
C LEU Q 578 -20.17 -36.99 -11.25
N PRO Q 579 -20.89 -36.03 -10.67
CA PRO Q 579 -22.16 -35.59 -11.27
C PRO Q 579 -21.96 -35.06 -12.68
N VAL Q 580 -22.89 -35.42 -13.57
CA VAL Q 580 -22.76 -35.12 -14.98
C VAL Q 580 -24.08 -34.59 -15.51
N ARG Q 581 -24.00 -33.82 -16.59
CA ARG Q 581 -25.16 -33.26 -17.29
C ARG Q 581 -25.17 -33.82 -18.70
N ILE Q 582 -26.10 -34.73 -18.98
CA ILE Q 582 -26.13 -35.45 -20.25
C ILE Q 582 -27.46 -35.20 -20.95
N SER Q 583 -27.45 -35.40 -22.26
CA SER Q 583 -28.63 -35.30 -23.10
C SER Q 583 -29.05 -36.70 -23.54
N ILE Q 584 -30.24 -37.13 -23.13
CA ILE Q 584 -30.70 -38.48 -23.35
C ILE Q 584 -31.03 -38.68 -24.83
N ASN Q 585 -30.83 -39.91 -25.31
CA ASN Q 585 -31.08 -40.26 -26.70
C ASN Q 585 -32.59 -40.36 -26.95
N GLN Q 586 -32.96 -40.78 -28.16
CA GLN Q 586 -34.34 -40.97 -28.56
C GLN Q 586 -34.61 -42.45 -28.79
N ALA Q 587 -35.74 -42.93 -28.28
CA ALA Q 587 -36.12 -44.33 -28.41
C ALA Q 587 -36.96 -44.52 -29.66
N ARG Q 588 -36.54 -45.45 -30.52
CA ARG Q 588 -37.28 -45.79 -31.74
C ARG Q 588 -37.66 -47.26 -31.69
N PRO Q 589 -38.96 -47.59 -31.73
CA PRO Q 589 -40.11 -46.69 -31.80
C PRO Q 589 -40.45 -46.07 -30.44
N GLY Q 590 -40.99 -44.86 -30.43
CA GLY Q 590 -41.34 -44.21 -29.19
C GLY Q 590 -42.73 -44.61 -28.72
N PRO Q 591 -43.23 -43.92 -27.70
CA PRO Q 591 -44.56 -44.22 -27.19
C PRO Q 591 -45.64 -43.47 -27.97
N LYS Q 592 -46.89 -43.84 -27.69
CA LYS Q 592 -48.06 -43.27 -28.37
C LYS Q 592 -48.44 -41.96 -27.69
N SER Q 593 -47.89 -40.86 -28.21
CA SER Q 593 -48.21 -39.54 -27.67
C SER Q 593 -49.47 -38.97 -28.32
N SER Q 594 -50.59 -39.69 -28.18
CA SER Q 594 -51.83 -39.24 -28.79
C SER Q 594 -52.36 -38.00 -28.07
N ASP Q 595 -52.62 -36.95 -28.84
CA ASP Q 595 -53.13 -35.69 -28.31
C ASP Q 595 -54.35 -35.28 -29.11
N ALA Q 596 -55.41 -34.90 -28.40
CA ALA Q 596 -56.65 -34.51 -29.06
C ALA Q 596 -56.46 -33.22 -29.84
N VAL Q 597 -57.02 -33.18 -31.05
CA VAL Q 597 -56.96 -32.00 -31.90
C VAL Q 597 -58.36 -31.45 -32.07
N PHE Q 598 -58.55 -30.18 -31.69
CA PHE Q 598 -59.84 -29.54 -31.81
C PHE Q 598 -59.95 -28.63 -33.03
N SER Q 599 -58.89 -28.52 -33.83
CA SER Q 599 -58.90 -27.68 -35.01
C SER Q 599 -59.18 -28.42 -36.31
N GLU Q 600 -58.79 -29.70 -36.40
CA GLU Q 600 -59.06 -30.46 -37.62
C GLU Q 600 -60.55 -30.76 -37.77
N GLU Q 601 -61.23 -31.02 -36.65
CA GLU Q 601 -62.65 -31.36 -36.67
C GLU Q 601 -63.55 -30.15 -36.77
N TRP Q 602 -63.02 -28.94 -36.69
CA TRP Q 602 -63.84 -27.73 -36.75
C TRP Q 602 -63.88 -27.19 -38.17
N SER R 10 -26.53 5.19 -27.21
CA SER R 10 -26.44 4.00 -28.05
C SER R 10 -25.84 2.83 -27.28
N ALA R 11 -25.72 3.00 -25.97
CA ALA R 11 -25.17 1.97 -25.10
C ALA R 11 -25.64 2.23 -23.69
N ILE R 12 -25.54 1.20 -22.84
CA ILE R 12 -25.92 1.32 -21.44
C ILE R 12 -24.80 0.94 -20.48
N GLY R 13 -23.81 0.16 -20.89
CA GLY R 13 -22.75 -0.23 -19.98
C GLY R 13 -21.88 -1.31 -20.60
N TYR R 14 -20.99 -1.84 -19.78
CA TYR R 14 -20.12 -2.93 -20.19
C TYR R 14 -19.89 -3.86 -19.01
N VAL R 15 -19.62 -5.13 -19.31
CA VAL R 15 -19.50 -6.17 -18.29
C VAL R 15 -18.12 -6.09 -17.65
N VAL R 16 -18.08 -6.20 -16.33
CA VAL R 16 -16.83 -6.10 -15.59
C VAL R 16 -16.69 -7.27 -14.62
N GLY R 17 -17.39 -8.37 -14.87
CA GLY R 17 -17.30 -9.50 -13.99
C GLY R 17 -18.26 -10.63 -14.27
N LEU R 18 -17.81 -11.86 -14.06
CA LEU R 18 -18.63 -13.05 -14.18
C LEU R 18 -18.54 -13.82 -12.87
N GLU R 19 -19.69 -14.06 -12.24
CA GLU R 19 -19.77 -14.75 -10.96
C GLU R 19 -20.79 -15.87 -11.08
N GLY R 20 -20.33 -17.08 -11.40
CA GLY R 20 -21.21 -18.19 -11.61
C GLY R 20 -22.06 -18.00 -12.85
N GLU R 21 -23.37 -17.84 -12.66
CA GLU R 21 -24.30 -17.57 -13.75
C GLU R 21 -24.91 -16.18 -13.66
N ARG R 22 -24.23 -15.25 -12.98
CA ARG R 22 -24.68 -13.87 -12.84
C ARG R 22 -23.77 -12.95 -13.65
N ILE R 23 -24.37 -11.93 -14.24
CA ILE R 23 -23.66 -10.99 -15.10
C ILE R 23 -23.70 -9.62 -14.45
N ARG R 24 -22.54 -8.98 -14.34
CA ARG R 24 -22.40 -7.67 -13.71
C ARG R 24 -22.13 -6.64 -14.80
N ILE R 25 -23.01 -5.65 -14.90
CA ILE R 25 -22.90 -4.59 -15.90
C ILE R 25 -22.54 -3.30 -15.19
N ASN R 26 -21.53 -2.59 -15.69
CA ASN R 26 -21.06 -1.35 -15.11
C ASN R 26 -21.78 -0.18 -15.77
N LEU R 27 -22.74 0.41 -15.06
CA LEU R 27 -23.47 1.55 -15.59
C LEU R 27 -22.71 2.85 -15.34
N HIS R 28 -22.84 3.78 -16.27
CA HIS R 28 -22.24 5.10 -16.13
C HIS R 28 -23.24 6.09 -15.53
N THR R 46 -34.85 -0.09 -17.60
CA THR R 46 -34.13 0.15 -16.35
C THR R 46 -34.92 -0.40 -15.16
N GLN R 47 -35.75 -1.40 -15.41
CA GLN R 47 -36.52 -2.10 -14.40
C GLN R 47 -36.38 -3.59 -14.61
N PRO R 48 -36.60 -4.39 -13.56
CA PRO R 48 -36.54 -5.85 -13.72
C PRO R 48 -37.53 -6.32 -14.79
N GLY R 49 -37.10 -7.34 -15.55
CA GLY R 49 -37.88 -7.85 -16.65
C GLY R 49 -37.48 -7.31 -18.01
N ASP R 50 -36.64 -6.29 -18.06
CA ASP R 50 -36.20 -5.74 -19.34
C ASP R 50 -35.22 -6.68 -20.03
N LEU R 51 -35.04 -6.47 -21.33
CA LEU R 51 -34.22 -7.34 -22.17
C LEU R 51 -33.05 -6.55 -22.73
N ILE R 52 -31.85 -7.11 -22.61
CA ILE R 52 -30.63 -6.49 -23.13
C ILE R 52 -29.88 -7.52 -23.95
N GLY R 53 -29.27 -7.07 -25.05
CA GLY R 53 -28.53 -7.95 -25.94
C GLY R 53 -27.06 -7.57 -25.99
N PHE R 54 -26.22 -8.58 -26.17
CA PHE R 54 -24.77 -8.40 -26.27
C PHE R 54 -24.30 -8.88 -27.64
N ASP R 55 -23.39 -8.12 -28.24
CA ASP R 55 -22.90 -8.41 -29.58
C ASP R 55 -21.55 -9.11 -29.49
N ALA R 56 -21.46 -10.30 -30.06
CA ALA R 56 -20.22 -11.06 -30.14
C ALA R 56 -19.98 -11.55 -31.56
N GLY R 57 -20.27 -10.70 -32.55
CA GLY R 57 -20.08 -11.07 -33.94
C GLY R 57 -21.30 -11.73 -34.55
N ASN R 58 -21.26 -13.06 -34.67
CA ASN R 58 -22.34 -13.80 -35.31
C ASN R 58 -23.41 -14.27 -34.34
N ILE R 59 -23.24 -14.06 -33.04
CA ILE R 59 -24.20 -14.48 -32.04
C ILE R 59 -24.54 -13.29 -31.16
N LEU R 60 -25.84 -13.03 -30.98
CA LEU R 60 -26.33 -12.01 -30.06
C LEU R 60 -27.03 -12.71 -28.91
N VAL R 61 -26.57 -12.44 -27.69
CA VAL R 61 -27.06 -13.11 -26.49
C VAL R 61 -28.05 -12.18 -25.79
N VAL R 62 -29.23 -12.71 -25.48
CA VAL R 62 -30.30 -11.95 -24.85
C VAL R 62 -30.25 -12.20 -23.35
N ALA R 63 -30.33 -11.12 -22.56
CA ALA R 63 -30.25 -11.21 -21.10
C ALA R 63 -31.46 -10.52 -20.48
N ARG R 64 -31.80 -10.96 -19.27
CA ARG R 64 -32.95 -10.45 -18.53
C ARG R 64 -32.47 -9.64 -17.33
N VAL R 65 -32.97 -8.42 -17.21
CA VAL R 65 -32.61 -7.56 -16.08
C VAL R 65 -33.37 -8.04 -14.84
N THR R 66 -32.64 -8.25 -13.75
CA THR R 66 -33.25 -8.72 -12.51
C THR R 66 -33.08 -7.76 -11.34
N ASP R 67 -31.88 -7.23 -11.13
CA ASP R 67 -31.64 -6.34 -10.01
C ASP R 67 -31.81 -4.88 -10.43
N GLN R 93 -24.27 -1.12 -12.38
CA GLN R 93 -24.27 -1.99 -11.20
C GLN R 93 -25.59 -2.76 -11.11
N ILE R 94 -25.85 -3.63 -12.09
CA ILE R 94 -27.06 -4.42 -12.13
C ILE R 94 -26.69 -5.88 -12.35
N ILE R 95 -27.60 -6.76 -11.96
CA ILE R 95 -27.42 -8.21 -12.08
C ILE R 95 -28.42 -8.73 -13.09
N ALA R 96 -27.95 -9.52 -14.05
CA ALA R 96 -28.78 -10.03 -15.13
C ALA R 96 -28.50 -11.50 -15.33
N TYR R 97 -29.49 -12.21 -15.86
CA TYR R 97 -29.40 -13.63 -16.15
C TYR R 97 -29.45 -13.86 -17.66
N ALA R 98 -29.31 -15.12 -18.06
CA ALA R 98 -29.24 -15.48 -19.47
C ALA R 98 -30.48 -16.27 -19.87
N ILE R 99 -30.95 -16.04 -21.10
CA ILE R 99 -32.13 -16.70 -21.65
C ILE R 99 -31.80 -17.49 -22.91
N GLY R 100 -31.13 -16.86 -23.86
CA GLY R 100 -30.81 -17.54 -25.11
C GLY R 100 -30.02 -16.64 -26.02
N PHE R 101 -30.00 -17.00 -27.30
CA PHE R 101 -29.30 -16.21 -28.30
C PHE R 101 -30.04 -16.31 -29.64
N VAL R 102 -29.81 -15.30 -30.48
CA VAL R 102 -30.42 -15.23 -31.80
C VAL R 102 -29.31 -15.24 -32.85
N LYS R 103 -29.50 -16.04 -33.90
CA LYS R 103 -28.50 -16.21 -34.94
C LYS R 103 -29.15 -16.11 -36.32
N ARG R 104 -28.31 -15.77 -37.30
CA ARG R 104 -28.74 -15.63 -38.69
C ARG R 104 -28.44 -16.90 -39.47
N GLU R 105 -29.45 -17.44 -40.12
CA GLU R 105 -29.31 -18.64 -40.95
C GLU R 105 -29.49 -18.26 -42.42
N LEU R 106 -29.43 -19.27 -43.29
CA LEU R 106 -29.64 -19.03 -44.72
C LEU R 106 -31.09 -18.63 -45.01
N ASN R 107 -32.03 -19.06 -44.17
CA ASN R 107 -33.43 -18.74 -44.36
C ASN R 107 -33.83 -17.48 -43.60
N GLY R 108 -33.58 -17.43 -42.31
CA GLY R 108 -33.89 -16.26 -41.52
C GLY R 108 -33.34 -16.29 -40.11
N TYR R 109 -34.07 -15.69 -39.17
CA TYR R 109 -33.65 -15.60 -37.79
C TYR R 109 -34.43 -16.62 -36.95
N VAL R 110 -33.70 -17.39 -36.14
CA VAL R 110 -34.29 -18.39 -35.27
C VAL R 110 -33.81 -18.13 -33.85
N PHE R 111 -34.72 -18.26 -32.88
CA PHE R 111 -34.42 -18.05 -31.47
C PHE R 111 -34.31 -19.40 -30.79
N ILE R 112 -33.34 -19.52 -29.89
CA ILE R 112 -33.07 -20.77 -29.18
C ILE R 112 -33.09 -20.48 -27.68
N SER R 113 -33.73 -21.37 -26.92
CA SER R 113 -33.88 -21.20 -25.48
C SER R 113 -32.88 -22.09 -24.76
N GLU R 114 -31.73 -21.51 -24.41
CA GLU R 114 -30.75 -22.17 -23.57
C GLU R 114 -29.89 -21.10 -22.91
N ASP R 115 -29.41 -21.40 -21.70
CA ASP R 115 -28.70 -20.42 -20.88
C ASP R 115 -27.38 -21.00 -20.37
N TRP R 116 -26.63 -21.63 -21.26
CA TRP R 116 -25.32 -22.15 -20.94
C TRP R 116 -24.19 -21.37 -21.60
N ARG R 117 -24.51 -20.39 -22.46
CA ARG R 117 -23.52 -19.52 -23.07
C ARG R 117 -23.56 -18.15 -22.42
N LEU R 118 -22.38 -17.58 -22.22
CA LEU R 118 -22.21 -16.31 -21.52
C LEU R 118 -21.42 -15.34 -22.39
N PRO R 119 -21.62 -14.04 -22.20
CA PRO R 119 -20.92 -13.07 -23.06
C PRO R 119 -19.48 -12.86 -22.63
N ALA R 120 -18.67 -12.43 -23.59
CA ALA R 120 -17.26 -12.20 -23.35
C ALA R 120 -17.05 -10.98 -22.47
N LEU R 121 -15.92 -10.96 -21.77
CA LEU R 121 -15.58 -9.85 -20.90
C LEU R 121 -15.28 -8.60 -21.73
N GLY R 122 -15.73 -7.45 -21.23
CA GLY R 122 -15.56 -6.19 -21.92
C GLY R 122 -16.54 -5.93 -23.03
N SER R 123 -17.54 -6.78 -23.23
CA SER R 123 -18.50 -6.59 -24.29
C SER R 123 -19.42 -5.41 -23.98
N SER R 124 -19.86 -4.73 -25.03
CA SER R 124 -20.79 -3.63 -24.93
C SER R 124 -22.23 -4.15 -24.88
N ALA R 125 -23.11 -3.37 -24.26
CA ALA R 125 -24.50 -3.73 -24.09
C ALA R 125 -25.39 -2.70 -24.76
N VAL R 126 -26.38 -3.16 -25.51
CA VAL R 126 -27.34 -2.30 -26.18
C VAL R 126 -28.76 -2.80 -25.91
N PRO R 127 -29.76 -1.92 -25.87
CA PRO R 127 -31.14 -2.38 -25.72
C PRO R 127 -31.69 -2.99 -27.00
N LEU R 128 -32.97 -3.37 -27.00
CA LEU R 128 -33.58 -4.04 -28.13
C LEU R 128 -34.65 -3.16 -28.77
N THR R 129 -34.80 -3.27 -30.08
CA THR R 129 -35.77 -2.49 -30.84
C THR R 129 -37.05 -3.30 -31.05
N SER R 130 -37.95 -2.77 -31.87
CA SER R 130 -39.20 -3.46 -32.17
C SER R 130 -38.96 -4.73 -32.97
N ASP R 131 -37.99 -4.70 -33.89
CA ASP R 131 -37.73 -5.87 -34.72
C ASP R 131 -37.27 -7.06 -33.89
N PHE R 132 -36.40 -6.80 -32.91
CA PHE R 132 -35.91 -7.90 -32.06
C PHE R 132 -37.03 -8.48 -31.21
N LEU R 133 -37.93 -7.64 -30.70
CA LEU R 133 -39.09 -8.15 -29.97
C LEU R 133 -39.98 -8.98 -30.89
N ASN R 134 -40.16 -8.53 -32.13
CA ASN R 134 -40.93 -9.29 -33.10
C ASN R 134 -40.32 -10.67 -33.31
N ILE R 135 -39.00 -10.72 -33.47
CA ILE R 135 -38.32 -12.00 -33.69
C ILE R 135 -38.47 -12.90 -32.47
N ILE R 136 -38.29 -12.33 -31.27
CA ILE R 136 -38.25 -13.13 -30.06
C ILE R 136 -39.63 -13.70 -29.74
N TYR R 137 -40.67 -12.87 -29.82
CA TYR R 137 -41.98 -13.27 -29.36
C TYR R 137 -42.79 -14.00 -30.41
N SER R 138 -42.21 -14.26 -31.59
CA SER R 138 -42.95 -14.92 -32.66
C SER R 138 -43.19 -16.39 -32.34
N ILE R 139 -43.89 -17.07 -33.26
CA ILE R 139 -44.24 -18.48 -33.10
C ILE R 139 -43.87 -19.20 -34.39
N ASP R 140 -43.86 -20.53 -34.32
CA ASP R 140 -43.47 -21.35 -35.46
C ASP R 140 -44.46 -21.18 -36.61
N LYS R 141 -43.99 -21.52 -37.81
CA LYS R 141 -44.80 -21.32 -39.01
C LYS R 141 -46.00 -22.26 -39.06
N GLU R 142 -45.84 -23.48 -38.56
CA GLU R 142 -46.95 -24.44 -38.63
C GLU R 142 -48.14 -24.03 -37.78
N GLU R 143 -47.97 -23.06 -36.86
CA GLU R 143 -49.07 -22.56 -36.06
C GLU R 143 -49.76 -21.35 -36.66
N LEU R 144 -49.32 -20.89 -37.84
CA LEU R 144 -49.93 -19.70 -38.45
C LEU R 144 -51.42 -19.87 -38.73
N PRO R 145 -51.89 -20.94 -39.37
CA PRO R 145 -53.34 -21.07 -39.57
C PRO R 145 -54.13 -21.27 -38.28
N LYS R 146 -53.49 -21.71 -37.20
CA LYS R 146 -54.17 -22.03 -35.96
C LYS R 146 -54.04 -20.93 -34.91
N ALA R 147 -53.50 -19.78 -35.28
CA ALA R 147 -53.23 -18.71 -34.32
C ALA R 147 -54.41 -17.75 -34.23
N VAL R 148 -54.40 -16.94 -33.17
CA VAL R 148 -55.43 -15.94 -32.93
C VAL R 148 -54.78 -14.73 -32.24
N GLU R 149 -55.19 -13.53 -32.65
CA GLU R 149 -54.71 -12.32 -32.01
C GLU R 149 -55.23 -12.25 -30.57
N LEU R 150 -54.38 -11.77 -29.66
CA LEU R 150 -54.76 -11.69 -28.26
C LEU R 150 -54.57 -10.27 -27.70
N GLY R 151 -53.57 -9.56 -28.18
CA GLY R 151 -53.33 -8.20 -27.70
C GLY R 151 -51.90 -7.77 -27.96
N VAL R 152 -51.49 -6.71 -27.26
CA VAL R 152 -50.17 -6.12 -27.39
C VAL R 152 -49.57 -5.95 -26.00
N ASP R 153 -48.24 -5.97 -25.94
CA ASP R 153 -47.55 -5.82 -24.67
C ASP R 153 -47.70 -4.42 -24.12
N SER R 154 -47.72 -4.31 -22.80
CA SER R 154 -47.92 -3.04 -22.12
C SER R 154 -46.64 -2.24 -21.96
N ARG R 155 -45.48 -2.83 -22.26
CA ARG R 155 -44.21 -2.13 -22.07
C ARG R 155 -43.87 -1.26 -23.28
N THR R 156 -43.91 -1.85 -24.48
CA THR R 156 -43.57 -1.13 -25.70
C THR R 156 -44.76 -0.82 -26.59
N LYS R 157 -45.83 -1.62 -26.52
CA LYS R 157 -47.02 -1.44 -27.35
C LYS R 157 -46.65 -1.43 -28.84
N THR R 158 -45.84 -2.40 -29.24
CA THR R 158 -45.36 -2.45 -30.62
C THR R 158 -45.49 -3.83 -31.26
N VAL R 159 -45.52 -4.89 -30.45
CA VAL R 159 -45.47 -6.26 -30.94
C VAL R 159 -46.80 -6.93 -30.70
N LYS R 160 -47.31 -7.62 -31.72
CA LYS R 160 -48.53 -8.40 -31.60
C LYS R 160 -48.19 -9.84 -31.24
N ILE R 161 -48.89 -10.38 -30.26
CA ILE R 161 -48.61 -11.68 -29.68
C ILE R 161 -49.75 -12.63 -30.02
N PHE R 162 -49.41 -13.81 -30.53
CA PHE R 162 -50.38 -14.78 -30.98
C PHE R 162 -50.20 -16.09 -30.22
N ALA R 163 -51.30 -16.82 -30.06
CA ALA R 163 -51.31 -18.07 -29.30
C ALA R 163 -52.04 -19.15 -30.09
N SER R 164 -51.50 -20.35 -30.07
CA SER R 164 -52.12 -21.48 -30.76
C SER R 164 -53.35 -21.94 -29.99
N VAL R 165 -54.50 -21.95 -30.66
CA VAL R 165 -55.74 -22.37 -30.03
C VAL R 165 -55.69 -23.85 -29.66
N ASP R 166 -55.07 -24.66 -30.52
CA ASP R 166 -55.08 -26.10 -30.33
C ASP R 166 -54.49 -26.50 -28.99
N LYS R 167 -53.30 -25.98 -28.66
CA LYS R 167 -52.67 -26.29 -27.39
C LYS R 167 -53.13 -25.40 -26.25
N LEU R 168 -53.78 -24.27 -26.55
CA LEU R 168 -54.35 -23.44 -25.50
C LEU R 168 -55.61 -24.06 -24.90
N LEU R 169 -56.40 -24.75 -25.72
CA LEU R 169 -57.64 -25.36 -25.26
C LEU R 169 -57.62 -26.88 -25.25
N SER R 170 -56.50 -27.51 -25.58
CA SER R 170 -56.41 -28.97 -25.44
C SER R 170 -56.51 -29.39 -23.99
N ARG R 171 -55.84 -28.66 -23.10
CA ARG R 171 -55.93 -28.88 -21.67
C ARG R 171 -56.88 -27.84 -21.07
N HIS R 172 -57.04 -27.89 -19.75
CA HIS R 172 -57.93 -26.97 -19.08
C HIS R 172 -57.31 -25.58 -19.03
N LEU R 173 -58.14 -24.60 -18.70
CA LEU R 173 -57.72 -23.21 -18.62
C LEU R 173 -58.42 -22.53 -17.46
N ALA R 174 -57.73 -21.57 -16.83
CA ALA R 174 -58.28 -20.86 -15.69
C ALA R 174 -57.96 -19.38 -15.81
N VAL R 175 -58.89 -18.54 -15.35
CA VAL R 175 -58.73 -17.08 -15.36
C VAL R 175 -58.98 -16.57 -13.95
N LEU R 176 -58.04 -15.76 -13.45
CA LEU R 176 -58.12 -15.20 -12.11
C LEU R 176 -58.11 -13.67 -12.20
N GLY R 177 -58.89 -13.04 -11.36
CA GLY R 177 -58.94 -11.59 -11.32
C GLY R 177 -60.13 -11.10 -10.54
N SER R 178 -60.34 -9.78 -10.62
CA SER R 178 -61.43 -9.12 -9.95
C SER R 178 -62.51 -8.75 -10.96
N THR R 179 -63.74 -9.18 -10.69
CA THR R 179 -64.85 -8.91 -11.60
C THR R 179 -65.20 -7.43 -11.60
N GLY R 180 -65.58 -6.93 -12.77
CA GLY R 180 -65.98 -5.56 -12.94
C GLY R 180 -64.86 -4.61 -13.29
N TYR R 181 -63.60 -5.05 -13.24
CA TYR R 181 -62.47 -4.22 -13.62
C TYR R 181 -61.90 -4.58 -14.99
N GLY R 182 -62.58 -5.44 -15.76
CA GLY R 182 -62.10 -5.82 -17.07
C GLY R 182 -62.07 -7.32 -17.28
N LYS R 183 -62.42 -8.08 -16.23
CA LYS R 183 -62.44 -9.53 -16.35
C LYS R 183 -63.55 -9.99 -17.29
N SER R 184 -64.76 -9.44 -17.11
CA SER R 184 -65.87 -9.79 -17.99
C SER R 184 -65.57 -9.38 -19.43
N ASN R 185 -64.97 -8.21 -19.61
CA ASN R 185 -64.58 -7.77 -20.95
C ASN R 185 -63.57 -8.73 -21.57
N PHE R 186 -62.59 -9.17 -20.78
CA PHE R 186 -61.59 -10.11 -21.29
C PHE R 186 -62.24 -11.42 -21.71
N ASN R 187 -63.12 -11.95 -20.87
CA ASN R 187 -63.78 -13.21 -21.19
C ASN R 187 -64.64 -13.08 -22.45
N ALA R 188 -65.42 -11.99 -22.54
CA ALA R 188 -66.27 -11.78 -23.70
C ALA R 188 -65.43 -11.64 -24.97
N LEU R 189 -64.33 -10.89 -24.90
CA LEU R 189 -63.48 -10.71 -26.07
C LEU R 189 -62.85 -12.03 -26.50
N LEU R 190 -62.37 -12.83 -25.55
CA LEU R 190 -61.78 -14.11 -25.91
C LEU R 190 -62.80 -15.02 -26.58
N THR R 191 -64.00 -15.11 -26.01
CA THR R 191 -65.04 -15.96 -26.60
C THR R 191 -65.43 -15.46 -27.98
N ARG R 192 -65.58 -14.15 -28.14
CA ARG R 192 -65.97 -13.59 -29.43
C ARG R 192 -64.90 -13.84 -30.49
N LYS R 193 -63.63 -13.67 -30.13
CA LYS R 193 -62.56 -13.94 -31.08
C LYS R 193 -62.47 -15.42 -31.43
N VAL R 194 -62.75 -16.31 -30.47
CA VAL R 194 -62.80 -17.73 -30.79
C VAL R 194 -63.94 -18.02 -31.77
N SER R 195 -65.10 -17.38 -31.56
CA SER R 195 -66.28 -17.68 -32.38
C SER R 195 -66.06 -17.27 -33.84
N GLU R 196 -65.40 -16.14 -34.07
CA GLU R 196 -65.32 -15.60 -35.42
C GLU R 196 -64.55 -16.52 -36.36
N LYS R 197 -63.42 -17.06 -35.92
CA LYS R 197 -62.56 -17.84 -36.81
C LYS R 197 -63.28 -19.09 -37.32
N TYR R 198 -63.96 -19.80 -36.44
CA TYR R 198 -64.64 -21.06 -36.79
C TYR R 198 -66.11 -20.96 -36.43
N PRO R 199 -66.98 -20.62 -37.38
CA PRO R 199 -68.42 -20.56 -37.07
C PRO R 199 -69.02 -21.88 -36.68
N ASN R 200 -68.38 -23.01 -37.00
CA ASN R 200 -68.88 -24.33 -36.68
C ASN R 200 -68.35 -24.87 -35.36
N SER R 201 -68.04 -23.99 -34.41
CA SER R 201 -67.52 -24.38 -33.10
C SER R 201 -68.63 -24.35 -32.06
N ARG R 202 -68.52 -25.24 -31.06
CA ARG R 202 -69.53 -25.38 -30.02
C ARG R 202 -69.00 -24.82 -28.70
N ILE R 203 -69.76 -23.91 -28.11
CA ILE R 203 -69.41 -23.28 -26.84
C ILE R 203 -70.66 -23.21 -25.96
N VAL R 204 -70.52 -23.59 -24.70
CA VAL R 204 -71.60 -23.54 -23.72
C VAL R 204 -71.17 -22.64 -22.56
N ILE R 205 -72.04 -21.72 -22.18
CA ILE R 205 -71.73 -20.73 -21.14
C ILE R 205 -72.77 -20.85 -20.03
N PHE R 206 -72.31 -21.01 -18.79
CA PHE R 206 -73.17 -20.98 -17.61
C PHE R 206 -73.03 -19.59 -16.97
N ASP R 207 -74.03 -18.74 -17.20
CA ASP R 207 -74.00 -17.39 -16.69
C ASP R 207 -74.58 -17.31 -15.28
N ILE R 208 -74.30 -16.19 -14.60
CA ILE R 208 -74.87 -15.88 -13.31
C ILE R 208 -75.66 -14.58 -13.34
N ASN R 209 -75.15 -13.57 -14.05
CA ASN R 209 -75.85 -12.30 -14.23
C ASN R 209 -75.92 -11.98 -15.71
N GLY R 210 -76.96 -11.26 -16.09
CA GLY R 210 -77.22 -10.98 -17.49
C GLY R 210 -76.30 -9.94 -18.10
N GLU R 211 -75.01 -10.29 -18.23
CA GLU R 211 -74.04 -9.41 -18.87
C GLU R 211 -73.37 -10.03 -20.08
N TYR R 212 -73.22 -11.34 -20.13
CA TYR R 212 -72.49 -11.97 -21.22
C TYR R 212 -73.31 -12.11 -22.50
N ALA R 213 -74.64 -11.97 -22.43
CA ALA R 213 -75.47 -12.04 -23.62
C ALA R 213 -75.59 -10.70 -24.34
N GLN R 214 -75.15 -9.61 -23.71
CA GLN R 214 -75.34 -8.29 -24.31
C GLN R 214 -74.41 -8.06 -25.48
N ALA R 215 -73.15 -8.48 -25.36
CA ALA R 215 -72.12 -8.17 -26.34
C ALA R 215 -71.94 -9.24 -27.40
N PHE R 216 -72.80 -10.26 -27.43
CA PHE R 216 -72.64 -11.36 -28.36
C PHE R 216 -73.51 -11.21 -29.60
N THR R 217 -74.13 -10.05 -29.79
CA THR R 217 -75.02 -9.83 -30.93
C THR R 217 -74.25 -9.82 -32.24
N GLY R 218 -74.93 -10.20 -33.31
CA GLY R 218 -74.32 -10.23 -34.62
C GLY R 218 -73.57 -11.49 -34.96
N ILE R 219 -73.90 -12.61 -34.31
CA ILE R 219 -73.20 -13.88 -34.53
C ILE R 219 -74.23 -14.94 -34.90
N PRO R 220 -73.99 -15.73 -35.94
CA PRO R 220 -74.96 -16.78 -36.31
C PRO R 220 -75.12 -17.83 -35.22
N ASN R 221 -76.33 -18.40 -35.16
CA ASN R 221 -76.65 -19.50 -34.26
C ASN R 221 -76.43 -19.13 -32.80
N VAL R 222 -77.24 -18.18 -32.32
CA VAL R 222 -77.20 -17.72 -30.94
C VAL R 222 -78.59 -17.88 -30.35
N LYS R 223 -78.66 -18.53 -29.18
CA LYS R 223 -79.89 -18.71 -28.43
C LYS R 223 -79.80 -18.02 -27.08
N HIS R 224 -80.83 -18.22 -26.26
CA HIS R 224 -80.90 -17.62 -24.94
C HIS R 224 -81.81 -18.47 -24.08
N THR R 225 -81.70 -18.27 -22.76
CA THR R 225 -82.53 -19.03 -21.81
C THR R 225 -82.59 -18.26 -20.50
N ILE R 226 -83.79 -18.08 -19.97
CA ILE R 226 -84.02 -17.39 -18.71
C ILE R 226 -84.75 -18.33 -17.76
N LEU R 227 -84.21 -18.48 -16.56
CA LEU R 227 -84.84 -19.33 -15.55
C LEU R 227 -84.36 -18.94 -14.15
N GLU R 237 -90.19 -19.36 -27.73
CA GLU R 237 -91.37 -18.71 -28.28
C GLU R 237 -91.23 -18.51 -29.79
N LYS R 238 -90.62 -17.38 -30.17
CA LYS R 238 -90.38 -17.06 -31.56
C LYS R 238 -88.97 -17.51 -31.94
N LYS R 239 -88.86 -18.25 -33.04
CA LYS R 239 -87.61 -18.84 -33.47
C LYS R 239 -87.24 -18.32 -34.86
N GLN R 240 -85.98 -17.95 -35.03
CA GLN R 240 -85.47 -17.45 -36.29
C GLN R 240 -84.74 -18.55 -37.05
N GLN R 241 -84.62 -18.36 -38.35
CA GLN R 241 -84.07 -19.38 -39.23
C GLN R 241 -82.55 -19.41 -39.14
N LYS R 242 -81.95 -20.41 -39.78
CA LYS R 242 -80.51 -20.62 -39.69
C LYS R 242 -79.75 -19.49 -40.37
N GLY R 243 -78.64 -19.10 -39.77
CA GLY R 243 -77.77 -18.07 -40.32
C GLY R 243 -78.16 -16.65 -39.95
N GLU R 244 -79.36 -16.45 -39.40
CA GLU R 244 -79.80 -15.11 -39.03
C GLU R 244 -79.07 -14.65 -37.78
N LEU R 245 -78.80 -13.34 -37.71
CA LEU R 245 -78.04 -12.78 -36.61
C LEU R 245 -78.90 -12.76 -35.34
N TYR R 246 -78.37 -12.19 -34.26
CA TYR R 246 -79.04 -12.20 -32.97
C TYR R 246 -79.25 -10.78 -32.49
N SER R 247 -80.44 -10.49 -31.98
CA SER R 247 -80.79 -9.23 -31.37
C SER R 247 -81.51 -9.50 -30.06
N GLU R 248 -81.85 -8.43 -29.35
CA GLU R 248 -82.51 -8.56 -28.06
C GLU R 248 -83.95 -9.06 -28.25
N GLU R 249 -84.58 -9.40 -27.12
CA GLU R 249 -86.00 -9.78 -27.07
C GLU R 249 -86.27 -11.06 -27.84
N TYR R 250 -85.29 -11.96 -27.86
CA TYR R 250 -85.40 -13.26 -28.52
C TYR R 250 -85.08 -14.38 -27.54
N TYR R 251 -85.65 -14.30 -26.34
CA TYR R 251 -85.34 -15.21 -25.25
C TYR R 251 -86.45 -16.21 -25.05
N CYS R 252 -86.09 -17.49 -24.95
CA CYS R 252 -87.05 -18.57 -24.72
C CYS R 252 -87.10 -18.90 -23.23
N TYR R 253 -88.09 -19.71 -22.85
CA TYR R 253 -88.30 -20.09 -21.47
C TYR R 253 -88.27 -21.61 -21.35
N LYS R 254 -87.70 -22.11 -20.26
CA LYS R 254 -87.64 -23.54 -20.01
C LYS R 254 -87.37 -23.77 -18.53
N LYS R 255 -87.54 -25.01 -18.11
CA LYS R 255 -87.25 -25.43 -16.74
C LYS R 255 -87.06 -26.94 -16.73
N ILE R 256 -86.66 -27.46 -15.58
CA ILE R 256 -86.28 -28.87 -15.47
C ILE R 256 -87.23 -29.60 -14.52
N PRO R 257 -87.68 -30.80 -14.86
CA PRO R 257 -88.50 -31.58 -13.93
C PRO R 257 -87.66 -32.44 -12.99
N TYR R 258 -88.30 -33.14 -12.07
CA TYR R 258 -87.59 -33.93 -11.08
C TYR R 258 -87.33 -35.37 -11.51
N GLN R 259 -87.71 -35.73 -12.74
CA GLN R 259 -87.39 -37.07 -13.24
C GLN R 259 -85.91 -37.24 -13.53
N ALA R 260 -85.15 -36.15 -13.63
CA ALA R 260 -83.75 -36.26 -14.01
C ALA R 260 -82.85 -36.40 -12.79
N LEU R 261 -83.33 -35.98 -11.61
CA LEU R 261 -82.49 -36.01 -10.42
C LEU R 261 -82.04 -37.44 -10.09
N GLY R 262 -82.92 -38.41 -10.29
CA GLY R 262 -82.56 -39.80 -10.13
C GLY R 262 -82.72 -40.29 -8.70
N PHE R 263 -82.53 -41.60 -8.55
CA PHE R 263 -82.65 -42.24 -7.24
C PHE R 263 -81.67 -41.63 -6.24
N ALA R 264 -80.40 -41.58 -6.62
CA ALA R 264 -79.38 -41.01 -5.74
C ALA R 264 -79.66 -39.53 -5.47
N GLY R 265 -80.16 -38.81 -6.47
CA GLY R 265 -80.45 -37.40 -6.26
C GLY R 265 -81.52 -37.17 -5.22
N LEU R 266 -82.63 -37.91 -5.30
CA LEU R 266 -83.68 -37.78 -4.29
C LEU R 266 -83.18 -38.23 -2.92
N ILE R 267 -82.38 -39.29 -2.88
CA ILE R 267 -81.81 -39.74 -1.61
C ILE R 267 -80.98 -38.64 -0.98
N LYS R 268 -80.14 -37.97 -1.79
CA LYS R 268 -79.28 -36.92 -1.26
C LYS R 268 -80.10 -35.71 -0.81
N LEU R 269 -81.08 -35.29 -1.60
CA LEU R 269 -81.89 -34.13 -1.22
C LEU R 269 -82.68 -34.40 0.06
N LEU R 270 -83.27 -35.58 0.21
CA LEU R 270 -84.10 -35.81 1.39
C LEU R 270 -83.26 -35.94 2.65
N ARG R 271 -81.97 -36.31 2.51
CA ARG R 271 -80.98 -36.52 3.58
C ARG R 271 -81.57 -37.22 4.80
N PRO R 272 -81.92 -38.50 4.70
CA PRO R 272 -82.43 -39.23 5.88
C PRO R 272 -81.29 -39.61 6.80
N SER R 273 -81.39 -39.24 8.07
CA SER R 273 -80.31 -39.47 9.02
C SER R 273 -80.85 -39.92 10.36
N ASP R 274 -81.83 -40.82 10.37
CA ASP R 274 -82.36 -41.33 11.62
C ASP R 274 -83.18 -42.57 11.35
N LYS R 275 -83.18 -43.48 12.33
CA LYS R 275 -84.02 -44.67 12.35
C LYS R 275 -83.94 -45.47 11.04
N THR R 276 -85.05 -46.09 10.66
CA THR R 276 -85.12 -46.93 9.47
C THR R 276 -85.71 -46.18 8.28
N GLN R 277 -85.42 -44.89 8.17
CA GLN R 277 -85.96 -44.08 7.08
C GLN R 277 -85.41 -44.54 5.73
N LEU R 278 -84.14 -44.92 5.68
CA LEU R 278 -83.53 -45.31 4.41
C LEU R 278 -84.22 -46.51 3.76
N PRO R 279 -84.44 -47.65 4.45
CA PRO R 279 -85.13 -48.76 3.79
C PRO R 279 -86.54 -48.40 3.33
N ALA R 280 -87.26 -47.59 4.12
CA ALA R 280 -88.58 -47.15 3.71
C ALA R 280 -88.52 -46.36 2.43
N LEU R 281 -87.55 -45.45 2.32
CA LEU R 281 -87.40 -44.69 1.08
C LEU R 281 -87.02 -45.58 -0.09
N ARG R 282 -86.16 -46.58 0.14
CA ARG R 282 -85.80 -47.47 -0.96
C ARG R 282 -87.01 -48.27 -1.45
N ASN R 283 -87.82 -48.79 -0.52
CA ASN R 283 -89.01 -49.52 -0.91
C ASN R 283 -89.99 -48.60 -1.64
N ALA R 284 -90.15 -47.37 -1.16
CA ALA R 284 -91.07 -46.44 -1.80
C ALA R 284 -90.61 -46.07 -3.21
N LEU R 285 -89.32 -45.78 -3.37
CA LEU R 285 -88.80 -45.37 -4.67
C LEU R 285 -88.67 -46.55 -5.63
N SER R 286 -88.70 -47.78 -5.13
CA SER R 286 -88.71 -48.94 -6.02
C SER R 286 -90.11 -49.24 -6.55
N ALA R 287 -91.13 -48.52 -6.11
CA ALA R 287 -92.51 -48.73 -6.54
C ALA R 287 -93.11 -47.46 -7.13
N ILE R 288 -92.34 -46.77 -7.99
CA ILE R 288 -92.82 -45.56 -8.65
C ILE R 288 -93.37 -45.84 -10.04
N ASN R 289 -92.79 -46.80 -10.77
CA ASN R 289 -93.30 -47.15 -12.10
C ASN R 289 -94.65 -47.84 -12.06
N ARG R 290 -95.12 -48.26 -10.89
CA ARG R 290 -96.34 -49.03 -10.75
C ARG R 290 -97.31 -48.34 -9.79
N THR R 291 -97.44 -47.02 -9.95
CA THR R 291 -98.37 -46.22 -9.16
C THR R 291 -99.41 -45.64 -10.11
N HIS R 292 -100.66 -46.08 -9.95
CA HIS R 292 -101.76 -45.61 -10.79
C HIS R 292 -102.42 -44.42 -10.11
N PHE R 293 -102.44 -43.28 -10.80
CA PHE R 293 -102.90 -42.03 -10.23
C PHE R 293 -104.05 -41.45 -11.04
N LYS R 294 -105.02 -40.89 -10.32
CA LYS R 294 -106.13 -40.16 -10.92
C LYS R 294 -106.34 -38.90 -10.08
N SER R 295 -107.48 -38.21 -10.29
CA SER R 295 -107.71 -36.95 -9.63
C SER R 295 -107.51 -37.05 -8.11
N ARG R 296 -108.16 -38.03 -7.47
CA ARG R 296 -107.87 -38.33 -6.08
C ARG R 296 -107.92 -39.82 -5.77
N ASN R 297 -108.17 -40.68 -6.75
CA ASN R 297 -108.36 -42.11 -6.51
C ASN R 297 -107.18 -42.90 -7.06
N ILE R 298 -106.65 -43.80 -6.24
CA ILE R 298 -105.54 -44.68 -6.63
C ILE R 298 -106.01 -46.12 -6.44
N TYR R 299 -106.52 -46.72 -7.51
CA TYR R 299 -107.05 -48.08 -7.46
C TYR R 299 -107.16 -48.63 -8.88
N LEU R 300 -107.37 -49.94 -8.97
CA LEU R 300 -107.54 -50.63 -10.25
C LEU R 300 -108.24 -51.96 -9.99
N GLU R 301 -109.09 -52.38 -10.92
CA GLU R 301 -109.62 -53.73 -10.92
C GLU R 301 -108.68 -54.65 -11.68
N LYS R 302 -108.77 -55.95 -11.38
CA LYS R 302 -107.93 -56.93 -12.03
C LYS R 302 -108.57 -57.41 -13.32
N ASP R 303 -107.79 -58.18 -14.10
CA ASP R 303 -108.28 -58.64 -15.41
C ASP R 303 -109.34 -59.73 -15.26
N ASP R 304 -109.16 -60.63 -14.28
CA ASP R 304 -110.11 -61.71 -14.10
C ASP R 304 -111.47 -61.21 -13.60
N GLY R 305 -111.47 -60.11 -12.85
CA GLY R 305 -112.69 -59.53 -12.31
C GLY R 305 -112.58 -59.10 -10.86
N GLU R 306 -111.55 -59.52 -10.15
CA GLU R 306 -111.38 -59.09 -8.76
C GLU R 306 -111.07 -57.60 -8.70
N THR R 307 -111.58 -56.94 -7.67
CA THR R 307 -111.46 -55.50 -7.52
C THR R 307 -110.49 -55.17 -6.39
N PHE R 308 -109.53 -54.32 -6.69
CA PHE R 308 -108.57 -53.83 -5.70
C PHE R 308 -108.91 -52.39 -5.33
N LEU R 309 -108.93 -52.11 -4.04
CA LEU R 309 -109.25 -50.79 -3.54
C LEU R 309 -108.24 -50.35 -2.48
N LEU R 310 -108.03 -49.04 -2.40
CA LEU R 310 -107.22 -48.43 -1.37
C LEU R 310 -108.00 -47.28 -0.73
N TYR R 311 -107.57 -46.89 0.46
CA TYR R 311 -108.25 -45.86 1.23
C TYR R 311 -107.35 -44.65 1.36
N ASP R 312 -107.95 -43.51 1.67
CA ASP R 312 -107.22 -42.26 1.86
C ASP R 312 -107.12 -41.84 3.32
N ASP R 313 -108.09 -42.22 4.14
CA ASP R 313 -108.05 -41.92 5.56
C ASP R 313 -106.92 -42.71 6.24
N CYS R 314 -106.23 -42.04 7.15
CA CYS R 314 -105.19 -42.67 7.96
C CYS R 314 -105.86 -43.27 9.19
N ARG R 315 -106.49 -44.43 9.00
CA ARG R 315 -107.22 -45.09 10.07
C ARG R 315 -107.00 -46.59 9.96
N ASP R 316 -107.36 -47.31 11.02
CA ASP R 316 -107.20 -48.75 11.07
C ASP R 316 -108.35 -49.42 10.34
N THR R 317 -108.04 -50.02 9.19
CA THR R 317 -109.05 -50.69 8.37
C THR R 317 -108.39 -51.86 7.66
N ASN R 318 -108.95 -53.06 7.86
CA ASN R 318 -108.58 -54.31 7.20
C ASN R 318 -107.08 -54.41 6.92
N GLN R 319 -106.26 -54.13 7.93
CA GLN R 319 -104.81 -54.15 7.77
C GLN R 319 -104.22 -55.55 7.78
N SER R 320 -105.04 -56.57 8.06
CA SER R 320 -104.56 -57.94 7.99
C SER R 320 -104.23 -58.36 6.57
N LYS R 321 -104.68 -57.60 5.56
CA LYS R 321 -104.36 -57.89 4.16
C LYS R 321 -103.47 -56.81 3.55
N LEU R 322 -103.25 -55.70 4.27
CA LEU R 322 -102.34 -54.68 3.75
C LEU R 322 -100.91 -55.20 3.67
N ALA R 323 -100.52 -56.09 4.59
CA ALA R 323 -99.20 -56.68 4.55
C ALA R 323 -99.00 -57.48 3.26
N GLU R 324 -99.99 -58.29 2.88
CA GLU R 324 -99.86 -59.06 1.64
C GLU R 324 -100.05 -58.17 0.42
N TRP R 325 -100.79 -57.07 0.56
CA TRP R 325 -100.85 -56.10 -0.53
C TRP R 325 -99.47 -55.56 -0.84
N LEU R 326 -98.75 -55.12 0.20
CA LEU R 326 -97.39 -54.64 0.01
C LEU R 326 -96.46 -55.76 -0.42
N ASP R 327 -96.72 -57.00 0.02
CA ASP R 327 -95.89 -58.13 -0.40
C ASP R 327 -96.01 -58.36 -1.91
N LEU R 328 -97.22 -58.32 -2.44
CA LEU R 328 -97.39 -58.50 -3.88
C LEU R 328 -96.96 -57.26 -4.65
N LEU R 329 -97.00 -56.08 -4.02
CA LEU R 329 -96.40 -54.91 -4.63
C LEU R 329 -94.91 -55.09 -4.82
N ARG R 330 -94.24 -55.62 -3.79
CA ARG R 330 -92.81 -55.89 -3.87
C ARG R 330 -92.49 -57.05 -4.82
N ARG R 331 -93.40 -58.01 -4.95
CA ARG R 331 -93.20 -59.12 -5.87
C ARG R 331 -93.28 -58.68 -7.33
N ARG R 332 -93.79 -57.48 -7.60
CA ARG R 332 -93.86 -56.91 -8.94
C ARG R 332 -94.68 -57.78 -9.89
N ARG R 333 -95.93 -58.05 -9.50
CA ARG R 333 -96.88 -58.72 -10.37
C ARG R 333 -98.15 -57.90 -10.50
N LEU R 334 -98.01 -56.58 -10.55
CA LEU R 334 -99.14 -55.67 -10.62
C LEU R 334 -98.98 -54.78 -11.85
N LYS R 335 -100.09 -54.25 -12.33
CA LYS R 335 -100.13 -53.58 -13.63
C LYS R 335 -99.23 -52.35 -13.64
N ARG R 336 -98.71 -52.05 -14.83
CA ARG R 336 -97.77 -50.94 -15.03
C ARG R 336 -98.55 -49.63 -15.17
N THR R 337 -97.83 -48.55 -15.47
CA THR R 337 -98.42 -47.23 -15.57
C THR R 337 -97.91 -46.54 -16.84
N ASN R 338 -98.73 -45.65 -17.39
CA ASN R 338 -98.36 -44.93 -18.61
C ASN R 338 -98.28 -43.42 -18.38
N VAL R 339 -98.44 -42.94 -17.16
CA VAL R 339 -98.36 -41.52 -16.83
C VAL R 339 -97.46 -41.36 -15.61
N TRP R 340 -96.55 -40.40 -15.66
CA TRP R 340 -95.62 -40.21 -14.55
C TRP R 340 -96.36 -39.65 -13.34
N PRO R 341 -96.26 -40.29 -12.18
CA PRO R 341 -97.02 -39.83 -11.00
C PRO R 341 -96.52 -38.48 -10.52
N PRO R 342 -97.39 -37.69 -9.89
CA PRO R 342 -96.96 -36.39 -9.35
C PRO R 342 -96.06 -36.55 -8.13
N PHE R 343 -95.54 -35.41 -7.68
CA PHE R 343 -94.58 -35.39 -6.59
C PHE R 343 -95.15 -35.89 -5.27
N LYS R 344 -96.45 -35.70 -5.03
CA LYS R 344 -97.05 -36.09 -3.76
C LYS R 344 -97.13 -37.61 -3.60
N SER R 345 -96.92 -38.38 -4.67
CA SER R 345 -97.05 -39.82 -4.59
C SER R 345 -96.02 -40.43 -3.65
N LEU R 346 -94.78 -39.94 -3.71
CA LEU R 346 -93.73 -40.50 -2.86
C LEU R 346 -93.99 -40.22 -1.39
N ALA R 347 -94.58 -39.07 -1.07
CA ALA R 347 -94.91 -38.77 0.33
C ALA R 347 -95.92 -39.77 0.86
N THR R 348 -96.99 -40.03 0.10
CA THR R 348 -97.97 -41.02 0.53
C THR R 348 -97.36 -42.40 0.62
N LEU R 349 -96.50 -42.76 -0.33
CA LEU R 349 -95.89 -44.10 -0.32
C LEU R 349 -95.02 -44.28 0.91
N VAL R 350 -94.19 -43.29 1.24
CA VAL R 350 -93.31 -43.43 2.39
C VAL R 350 -94.12 -43.37 3.69
N ALA R 351 -95.23 -42.62 3.71
CA ALA R 351 -96.08 -42.60 4.88
C ALA R 351 -96.73 -43.95 5.10
N GLU R 352 -97.17 -44.60 4.03
CA GLU R 352 -97.87 -45.88 4.14
C GLU R 352 -96.96 -46.94 4.75
N PHE R 353 -95.72 -47.02 4.30
CA PHE R 353 -94.80 -48.03 4.81
C PHE R 353 -94.41 -47.73 6.25
N GLY R 354 -94.32 -48.78 7.07
CA GLY R 354 -93.90 -48.66 8.44
C GLY R 354 -95.01 -48.49 9.45
N CYS R 355 -96.22 -48.11 9.01
CA CYS R 355 -97.35 -48.01 9.92
C CYS R 355 -98.14 -49.32 10.01
N VAL R 356 -97.87 -50.28 9.14
CA VAL R 356 -98.58 -51.56 9.14
C VAL R 356 -97.68 -52.62 9.75
N ALA R 357 -98.30 -53.66 10.28
CA ALA R 357 -97.58 -54.77 10.90
C ALA R 357 -98.35 -56.06 10.64
N ALA R 358 -97.69 -57.19 10.83
CA ALA R 358 -98.31 -58.50 10.62
C ALA R 358 -98.59 -59.14 11.98
N ASP R 359 -99.87 -59.36 12.27
CA ASP R 359 -100.26 -59.97 13.54
C ASP R 359 -100.02 -61.47 13.50
N ARG R 360 -99.91 -62.07 14.68
CA ARG R 360 -99.68 -63.51 14.77
C ARG R 360 -100.84 -64.30 14.18
N SER R 361 -102.07 -63.85 14.40
CA SER R 361 -103.24 -64.54 13.86
C SER R 361 -104.41 -63.58 13.83
N ASN R 362 -104.81 -63.15 12.63
CA ASN R 362 -106.05 -62.40 12.40
C ASN R 362 -106.12 -61.15 13.26
N GLY R 363 -105.27 -60.19 12.90
CA GLY R 363 -105.27 -58.91 13.60
C GLY R 363 -104.44 -57.87 12.90
N SER R 364 -104.25 -56.74 13.56
CA SER R 364 -103.53 -55.62 13.00
C SER R 364 -102.99 -54.75 14.12
N LYS R 365 -101.95 -53.97 13.81
CA LYS R 365 -101.31 -53.13 14.79
C LYS R 365 -101.07 -51.74 14.21
N ARG R 366 -101.46 -50.72 14.98
CA ARG R 366 -101.14 -49.33 14.66
C ARG R 366 -100.01 -48.87 15.58
N ASP R 367 -98.78 -49.13 15.14
CA ASP R 367 -97.61 -48.74 15.91
C ASP R 367 -97.41 -47.23 15.87
N ALA R 368 -97.45 -46.60 17.03
CA ALA R 368 -97.19 -45.16 17.13
C ALA R 368 -95.70 -44.84 16.97
N PHE R 369 -94.81 -45.77 17.33
CA PHE R 369 -93.38 -45.52 17.19
C PHE R 369 -93.00 -45.38 15.72
N GLY R 370 -93.59 -46.20 14.85
CA GLY R 370 -93.28 -46.10 13.43
C GLY R 370 -93.69 -44.77 12.84
N PHE R 371 -94.90 -44.31 13.14
CA PHE R 371 -95.35 -43.01 12.64
C PHE R 371 -94.51 -41.89 13.24
N SER R 372 -94.12 -42.03 14.51
CA SER R 372 -93.26 -41.02 15.14
C SER R 372 -91.92 -40.94 14.43
N ASN R 373 -91.36 -42.09 14.03
CA ASN R 373 -90.10 -42.08 13.30
C ASN R 373 -90.27 -41.51 11.90
N VAL R 374 -91.40 -41.79 11.24
CA VAL R 374 -91.61 -41.36 9.87
C VAL R 374 -91.98 -39.89 9.73
N LEU R 375 -92.59 -39.29 10.76
CA LEU R 375 -93.13 -37.93 10.63
C LEU R 375 -92.12 -36.88 10.16
N PRO R 376 -90.83 -36.90 10.55
CA PRO R 376 -89.92 -35.89 10.00
C PRO R 376 -89.84 -35.90 8.48
N LEU R 377 -89.92 -37.08 7.85
CA LEU R 377 -89.84 -37.16 6.39
C LEU R 377 -91.01 -36.45 5.74
N VAL R 378 -92.24 -36.75 6.18
CA VAL R 378 -93.38 -36.09 5.58
C VAL R 378 -93.37 -34.61 5.91
N LYS R 379 -92.88 -34.23 7.10
CA LYS R 379 -92.79 -32.81 7.44
C LYS R 379 -91.86 -32.07 6.49
N ILE R 380 -90.67 -32.62 6.25
CA ILE R 380 -89.73 -31.93 5.37
C ILE R 380 -90.22 -31.95 3.93
N ILE R 381 -90.89 -33.03 3.52
CA ILE R 381 -91.43 -33.09 2.16
C ILE R 381 -92.49 -32.02 1.96
N GLN R 382 -93.41 -31.88 2.92
CA GLN R 382 -94.46 -30.88 2.78
C GLN R 382 -93.93 -29.47 2.93
N GLN R 383 -92.90 -29.27 3.75
CA GLN R 383 -92.28 -27.94 3.84
C GLN R 383 -91.60 -27.57 2.53
N LEU R 384 -90.89 -28.51 1.90
CA LEU R 384 -90.23 -28.23 0.63
C LEU R 384 -91.24 -28.06 -0.49
N ALA R 385 -92.38 -28.75 -0.41
CA ALA R 385 -93.38 -28.66 -1.46
C ALA R 385 -93.93 -27.24 -1.57
N GLU R 386 -94.18 -26.59 -0.44
CA GLU R 386 -94.68 -25.21 -0.43
C GLU R 386 -93.48 -24.27 -0.47
N ASP R 387 -93.23 -23.68 -1.63
CA ASP R 387 -92.12 -22.75 -1.80
C ASP R 387 -92.38 -21.94 -3.07
N ILE R 388 -91.73 -20.79 -3.15
CA ILE R 388 -91.84 -19.91 -4.30
C ILE R 388 -90.50 -19.73 -5.02
N ARG R 389 -89.42 -19.53 -4.27
CA ARG R 389 -88.10 -19.43 -4.89
C ARG R 389 -87.65 -20.76 -5.46
N PHE R 390 -88.09 -21.86 -4.84
CA PHE R 390 -87.73 -23.20 -5.35
C PHE R 390 -88.78 -23.67 -6.36
N LYS R 391 -90.05 -23.55 -6.00
CA LYS R 391 -91.11 -24.13 -6.85
C LYS R 391 -91.10 -23.54 -8.27
N SER R 392 -90.27 -22.54 -8.51
CA SER R 392 -90.35 -21.93 -9.84
C SER R 392 -89.40 -22.56 -10.84
N ILE R 393 -88.57 -23.51 -10.40
CA ILE R 393 -87.57 -24.14 -11.26
C ILE R 393 -87.88 -25.60 -11.50
N VAL R 394 -88.37 -26.31 -10.49
CA VAL R 394 -88.62 -27.75 -10.57
C VAL R 394 -90.07 -27.97 -10.97
N ASN R 395 -90.27 -28.72 -12.07
CA ASN R 395 -91.61 -29.07 -12.55
C ASN R 395 -92.08 -30.33 -11.82
N LEU R 396 -92.65 -30.12 -10.64
CA LEU R 396 -93.03 -31.20 -9.75
C LEU R 396 -94.38 -31.82 -10.11
N ASN R 397 -95.09 -31.28 -11.10
CA ASN R 397 -96.42 -31.78 -11.41
C ASN R 397 -96.40 -33.21 -11.92
N GLY R 398 -95.39 -33.57 -12.72
CA GLY R 398 -95.33 -34.89 -13.30
C GLY R 398 -96.00 -34.96 -14.66
N GLY R 399 -96.87 -35.94 -14.86
CA GLY R 399 -97.61 -36.06 -16.10
C GLY R 399 -96.76 -36.37 -17.31
N GLY R 400 -95.74 -37.21 -17.16
CA GLY R 400 -94.89 -37.61 -18.25
C GLY R 400 -95.37 -38.89 -18.92
N GLU R 401 -94.46 -39.50 -19.69
CA GLU R 401 -94.72 -40.74 -20.38
C GLU R 401 -93.70 -41.79 -19.96
N LEU R 402 -94.17 -43.02 -19.79
CA LEU R 402 -93.31 -44.11 -19.34
C LEU R 402 -92.79 -44.90 -20.54
N ALA R 403 -92.01 -45.94 -20.25
CA ALA R 403 -91.48 -46.83 -21.27
C ALA R 403 -91.52 -48.26 -20.74
N ASP R 404 -91.62 -49.22 -21.65
CA ASP R 404 -91.68 -50.62 -21.26
C ASP R 404 -90.27 -51.15 -21.03
N GLY R 405 -90.21 -52.33 -20.41
CA GLY R 405 -88.96 -53.00 -20.14
C GLY R 405 -88.33 -52.69 -18.81
N GLY R 406 -88.84 -51.71 -18.08
CA GLY R 406 -88.29 -51.35 -16.79
C GLY R 406 -87.13 -50.38 -16.82
N THR R 407 -86.64 -50.01 -18.00
CA THR R 407 -85.50 -49.10 -18.13
C THR R 407 -86.02 -47.73 -18.56
N HIS R 408 -86.45 -46.94 -17.56
CA HIS R 408 -86.97 -45.61 -17.79
C HIS R 408 -86.10 -44.50 -17.24
N TRP R 409 -85.18 -44.82 -16.32
CA TRP R 409 -84.36 -43.79 -15.69
C TRP R 409 -83.36 -43.18 -16.67
N ASP R 410 -82.82 -43.99 -17.57
CA ASP R 410 -81.74 -43.53 -18.45
C ASP R 410 -82.22 -42.41 -19.37
N LYS R 411 -83.38 -42.59 -19.99
CA LYS R 411 -83.86 -41.60 -20.95
C LYS R 411 -84.24 -40.29 -20.27
N ALA R 412 -84.79 -40.36 -19.05
CA ALA R 412 -85.24 -39.16 -18.36
C ALA R 412 -84.08 -38.21 -18.07
N MET R 413 -82.84 -38.72 -18.06
CA MET R 413 -81.66 -37.88 -17.92
C MET R 413 -81.01 -37.60 -19.27
N SER R 414 -81.01 -38.59 -20.16
CA SER R 414 -80.37 -38.42 -21.47
C SER R 414 -81.04 -37.31 -22.26
N ASP R 415 -82.38 -37.23 -22.20
CA ASP R 415 -83.08 -36.21 -22.97
C ASP R 415 -82.70 -34.81 -22.51
N GLU R 416 -82.57 -34.60 -21.20
CA GLU R 416 -82.23 -33.28 -20.70
C GLU R 416 -80.77 -32.95 -20.97
N VAL R 417 -79.88 -33.93 -20.85
CA VAL R 417 -78.49 -33.70 -21.21
C VAL R 417 -78.39 -33.29 -22.68
N ASP R 418 -79.14 -33.96 -23.54
CA ASP R 418 -79.16 -33.60 -24.96
C ASP R 418 -79.72 -32.21 -25.16
N TYR R 419 -80.77 -31.84 -24.41
CA TYR R 419 -81.37 -30.53 -24.54
C TYR R 419 -80.41 -29.42 -24.16
N PHE R 420 -79.70 -29.56 -23.04
CA PHE R 420 -78.81 -28.50 -22.59
C PHE R 420 -77.55 -28.41 -23.45
N PHE R 421 -76.97 -29.56 -23.80
CA PHE R 421 -75.63 -29.60 -24.35
C PHE R 421 -75.53 -30.04 -25.81
N GLY R 422 -76.58 -30.62 -26.37
CA GLY R 422 -76.60 -30.94 -27.79
C GLY R 422 -76.56 -32.42 -28.04
N LYS R 423 -76.40 -32.78 -29.32
CA LYS R 423 -76.42 -34.15 -29.78
C LYS R 423 -74.99 -34.63 -30.05
N GLU R 424 -74.87 -35.84 -30.57
CA GLU R 424 -73.59 -36.46 -30.86
C GLU R 424 -73.18 -36.17 -32.31
N LYS R 425 -72.15 -36.85 -32.77
CA LYS R 425 -71.75 -36.75 -34.16
C LYS R 425 -72.70 -37.54 -35.05
N GLY R 426 -72.83 -37.09 -36.30
CA GLY R 426 -73.72 -37.73 -37.25
C GLY R 426 -75.17 -37.31 -37.12
N GLN R 427 -75.53 -36.58 -36.08
CA GLN R 427 -76.88 -36.08 -35.87
C GLN R 427 -76.85 -34.56 -35.85
N GLU R 428 -77.63 -33.95 -36.74
CA GLU R 428 -77.55 -32.51 -36.97
C GLU R 428 -78.04 -31.74 -35.75
N ASN R 429 -77.47 -30.55 -35.55
CA ASN R 429 -77.86 -29.67 -34.47
C ASN R 429 -78.03 -28.27 -35.03
N ASP R 430 -78.85 -27.47 -34.35
CA ASP R 430 -79.21 -26.15 -34.83
C ASP R 430 -78.53 -25.01 -34.08
N TRP R 431 -78.10 -25.23 -32.83
CA TRP R 431 -77.48 -24.18 -32.04
C TRP R 431 -75.97 -24.36 -31.97
N ASN R 432 -75.25 -23.25 -31.99
CA ASN R 432 -73.80 -23.25 -31.83
C ASN R 432 -73.37 -22.65 -30.50
N VAL R 433 -74.01 -21.57 -30.05
CA VAL R 433 -73.74 -20.94 -28.77
C VAL R 433 -75.01 -20.95 -27.94
N HIS R 434 -74.92 -21.47 -26.72
CA HIS R 434 -76.07 -21.64 -25.83
C HIS R 434 -75.73 -21.00 -24.49
N ILE R 435 -76.15 -19.76 -24.29
CA ILE R 435 -76.00 -19.10 -23.00
C ILE R 435 -77.18 -19.46 -22.11
N VAL R 436 -76.87 -19.88 -20.88
CA VAL R 436 -77.89 -20.26 -19.91
C VAL R 436 -77.90 -19.16 -18.84
N ASN R 437 -78.76 -18.17 -19.03
CA ASN R 437 -78.84 -17.04 -18.14
C ASN R 437 -79.78 -17.36 -16.99
N MET R 438 -79.25 -17.38 -15.77
CA MET R 438 -80.05 -17.67 -14.59
C MET R 438 -79.98 -16.50 -13.63
N LYS R 439 -81.13 -16.00 -13.24
CA LYS R 439 -81.23 -14.92 -12.27
C LYS R 439 -82.16 -15.24 -11.12
N ASN R 440 -83.26 -15.95 -11.40
CA ASN R 440 -84.27 -16.25 -10.39
C ASN R 440 -83.97 -17.57 -9.67
N LEU R 441 -82.74 -17.66 -9.15
CA LEU R 441 -82.34 -18.78 -8.31
C LEU R 441 -81.77 -18.25 -7.01
N ALA R 442 -82.34 -18.68 -5.90
CA ALA R 442 -81.89 -18.24 -4.59
C ALA R 442 -80.48 -18.76 -4.32
N GLN R 443 -79.73 -17.99 -3.52
CA GLN R 443 -78.36 -18.36 -3.20
C GLN R 443 -78.28 -19.65 -2.39
N ASP R 444 -79.36 -20.06 -1.74
CA ASP R 444 -79.33 -21.27 -0.92
C ASP R 444 -79.28 -22.54 -1.77
N HIS R 445 -80.09 -22.60 -2.82
CA HIS R 445 -80.24 -23.83 -3.60
C HIS R 445 -79.30 -23.93 -4.78
N ALA R 446 -78.48 -22.90 -5.04
CA ALA R 446 -77.57 -22.96 -6.19
C ALA R 446 -76.56 -24.09 -6.10
N PRO R 447 -75.81 -24.27 -5.00
CA PRO R 447 -74.80 -25.34 -4.99
C PRO R 447 -75.38 -26.74 -5.08
N MET R 448 -76.63 -26.94 -4.68
CA MET R 448 -77.24 -28.26 -4.70
C MET R 448 -77.89 -28.59 -6.03
N LEU R 449 -78.38 -27.59 -6.75
CA LEU R 449 -78.99 -27.84 -8.05
C LEU R 449 -77.94 -27.79 -9.17
N LEU R 450 -77.11 -26.74 -9.18
CA LEU R 450 -76.13 -26.58 -10.25
C LEU R 450 -75.09 -27.70 -10.26
N SER R 451 -74.62 -28.14 -9.10
CA SER R 451 -73.63 -29.22 -9.06
C SER R 451 -74.22 -30.55 -9.49
N ALA R 452 -75.54 -30.70 -9.46
CA ALA R 452 -76.18 -31.92 -9.93
C ALA R 452 -76.23 -31.99 -11.45
N LEU R 453 -75.96 -30.89 -12.14
CA LEU R 453 -75.99 -30.86 -13.59
C LEU R 453 -74.68 -31.31 -14.24
N LEU R 454 -73.62 -31.51 -13.45
CA LEU R 454 -72.32 -31.90 -14.00
C LEU R 454 -72.01 -33.38 -13.89
N GLU R 455 -72.48 -34.04 -12.82
CA GLU R 455 -72.29 -35.48 -12.71
C GLU R 455 -73.00 -36.20 -13.85
N MET R 456 -74.21 -35.76 -14.19
CA MET R 456 -74.95 -36.33 -15.30
C MET R 456 -74.22 -36.12 -16.62
N PHE R 457 -73.63 -34.94 -16.81
CA PHE R 457 -72.87 -34.68 -18.03
C PHE R 457 -71.62 -35.56 -18.10
N ALA R 458 -70.94 -35.77 -16.97
CA ALA R 458 -69.79 -36.67 -16.96
C ALA R 458 -70.21 -38.09 -17.29
N GLU R 459 -71.34 -38.54 -16.74
CA GLU R 459 -71.83 -39.88 -17.05
C GLU R 459 -72.17 -40.02 -18.53
N ILE R 460 -72.80 -38.99 -19.10
CA ILE R 460 -73.12 -39.03 -20.52
C ILE R 460 -71.85 -39.05 -21.37
N LEU R 461 -70.83 -38.28 -20.96
CA LEU R 461 -69.56 -38.30 -21.67
C LEU R 461 -68.92 -39.68 -21.63
N PHE R 462 -68.98 -40.34 -20.48
CA PHE R 462 -68.45 -41.70 -20.40
C PHE R 462 -69.22 -42.65 -21.31
N ARG R 463 -70.55 -42.58 -21.28
CA ARG R 463 -71.34 -43.51 -22.09
C ARG R 463 -71.18 -43.24 -23.58
N ARG R 464 -70.88 -42.00 -23.96
CA ARG R 464 -70.76 -41.67 -25.38
C ARG R 464 -69.57 -42.37 -26.03
N GLY R 465 -68.43 -42.42 -25.33
CA GLY R 465 -67.28 -43.14 -25.82
C GLY R 465 -66.42 -42.35 -26.77
N GLN R 466 -65.28 -42.95 -27.12
CA GLN R 466 -64.32 -42.35 -28.03
C GLN R 466 -64.74 -42.41 -29.48
N GLU R 467 -65.61 -43.36 -29.85
CA GLU R 467 -66.00 -43.52 -31.25
C GLU R 467 -66.69 -42.27 -31.79
N ARG R 468 -67.58 -41.68 -31.00
CA ARG R 468 -68.25 -40.45 -31.39
C ARG R 468 -68.11 -39.43 -30.27
N SER R 469 -67.72 -38.21 -30.63
CA SER R 469 -67.55 -37.12 -29.67
C SER R 469 -67.34 -35.84 -30.46
N TYR R 470 -67.72 -34.72 -29.85
CA TYR R 470 -67.59 -33.43 -30.49
C TYR R 470 -66.83 -32.47 -29.58
N PRO R 471 -65.92 -31.67 -30.14
CA PRO R 471 -65.20 -30.71 -29.30
C PRO R 471 -66.15 -29.77 -28.58
N THR R 472 -65.80 -29.45 -27.33
CA THR R 472 -66.65 -28.65 -26.47
C THR R 472 -65.82 -27.65 -25.70
N VAL R 473 -66.37 -26.46 -25.51
CA VAL R 473 -65.76 -25.42 -24.68
C VAL R 473 -66.80 -24.99 -23.65
N LEU R 474 -66.41 -24.98 -22.38
CA LEU R 474 -67.30 -24.62 -21.29
C LEU R 474 -66.70 -23.43 -20.55
N LEU R 475 -67.57 -22.54 -20.08
CA LEU R 475 -67.18 -21.23 -19.56
C LEU R 475 -67.88 -20.93 -18.24
N LEU R 476 -67.79 -21.88 -17.30
CA LEU R 476 -68.42 -21.68 -16.00
C LEU R 476 -67.87 -20.43 -15.32
N GLU R 477 -68.77 -19.67 -14.70
CA GLU R 477 -68.43 -18.41 -14.05
C GLU R 477 -68.82 -18.46 -12.58
N GLU R 478 -68.06 -17.74 -11.76
CA GLU R 478 -68.25 -17.71 -10.31
C GLU R 478 -68.16 -19.12 -9.71
N ALA R 479 -66.97 -19.71 -9.85
CA ALA R 479 -66.78 -21.10 -9.48
C ALA R 479 -67.02 -21.34 -7.99
N HIS R 480 -66.61 -20.40 -7.14
CA HIS R 480 -66.70 -20.60 -5.70
C HIS R 480 -68.14 -20.66 -5.21
N HIS R 481 -69.10 -20.22 -6.02
CA HIS R 481 -70.49 -20.21 -5.58
C HIS R 481 -71.12 -21.60 -5.57
N TYR R 482 -70.78 -22.46 -6.53
CA TYR R 482 -71.37 -23.78 -6.62
C TYR R 482 -70.37 -24.93 -6.55
N LEU R 483 -69.10 -24.72 -6.87
CA LEU R 483 -68.12 -25.78 -6.72
C LEU R 483 -67.85 -26.10 -5.26
N ARG R 484 -68.20 -25.20 -4.35
CA ARG R 484 -67.93 -25.35 -2.92
C ARG R 484 -69.17 -24.96 -2.13
N ASP R 485 -69.73 -25.90 -1.40
CA ASP R 485 -70.91 -25.61 -0.59
C ASP R 485 -70.52 -24.77 0.62
N PRO R 486 -71.09 -23.58 0.79
CA PRO R 486 -70.67 -22.68 1.87
C PRO R 486 -71.27 -22.99 3.23
N TYR R 487 -72.26 -23.87 3.31
CA TYR R 487 -72.91 -24.20 4.59
C TYR R 487 -72.74 -25.67 4.93
N ALA R 488 -71.67 -26.29 4.43
CA ALA R 488 -71.36 -27.68 4.74
C ALA R 488 -69.89 -27.94 4.44
N GLU R 489 -69.39 -29.04 5.00
CA GLU R 489 -68.01 -29.44 4.79
C GLU R 489 -67.85 -30.69 3.94
N ILE R 490 -68.94 -31.32 3.51
CA ILE R 490 -68.86 -32.53 2.70
C ILE R 490 -68.27 -32.19 1.34
N ASP R 491 -67.29 -32.99 0.91
CA ASP R 491 -66.57 -32.76 -0.34
C ASP R 491 -67.11 -33.61 -1.49
N SER R 492 -68.42 -33.90 -1.48
CA SER R 492 -69.02 -34.66 -2.57
C SER R 492 -68.88 -33.93 -3.90
N GLN R 493 -68.98 -32.61 -3.89
CA GLN R 493 -68.77 -31.83 -5.10
C GLN R 493 -67.32 -31.91 -5.57
N ILE R 494 -66.37 -32.06 -4.65
CA ILE R 494 -64.97 -32.16 -5.04
C ILE R 494 -64.72 -33.41 -5.87
N LYS R 495 -65.25 -34.55 -5.41
CA LYS R 495 -65.08 -35.79 -6.16
C LYS R 495 -65.74 -35.70 -7.52
N ALA R 496 -66.95 -35.12 -7.59
CA ALA R 496 -67.63 -34.98 -8.86
C ALA R 496 -66.84 -34.11 -9.82
N TYR R 497 -66.31 -32.98 -9.34
CA TYR R 497 -65.55 -32.09 -10.20
C TYR R 497 -64.27 -32.77 -10.69
N GLU R 498 -63.57 -33.47 -9.81
CA GLU R 498 -62.32 -34.09 -10.22
C GLU R 498 -62.56 -35.25 -11.19
N ARG R 499 -63.65 -35.99 -11.00
CA ARG R 499 -63.98 -37.03 -11.98
C ARG R 499 -64.34 -36.42 -13.33
N LEU R 500 -65.09 -35.31 -13.32
CA LEU R 500 -65.43 -34.65 -14.57
C LEU R 500 -64.18 -34.14 -15.28
N ALA R 501 -63.25 -33.56 -14.54
CA ALA R 501 -62.01 -33.08 -15.14
C ALA R 501 -61.18 -34.24 -15.68
N LYS R 502 -61.13 -35.36 -14.94
CA LYS R 502 -60.36 -36.51 -15.39
C LYS R 502 -60.93 -37.07 -16.69
N GLU R 503 -62.25 -37.19 -16.78
CA GLU R 503 -62.88 -37.65 -18.01
C GLU R 503 -62.80 -36.61 -19.11
N GLY R 504 -62.61 -35.33 -18.76
CA GLY R 504 -62.58 -34.28 -19.76
C GLY R 504 -61.40 -34.35 -20.71
N ARG R 505 -60.24 -34.82 -20.24
CA ARG R 505 -59.07 -34.92 -21.09
C ARG R 505 -59.05 -36.19 -21.92
N LYS R 506 -59.57 -37.30 -21.38
CA LYS R 506 -59.63 -38.53 -22.16
C LYS R 506 -60.52 -38.35 -23.39
N PHE R 507 -61.65 -37.67 -23.22
CA PHE R 507 -62.56 -37.35 -24.30
C PHE R 507 -62.34 -35.89 -24.72
N LYS R 508 -63.23 -35.40 -25.58
CA LYS R 508 -63.08 -34.05 -26.14
C LYS R 508 -63.90 -33.07 -25.30
N CYS R 509 -63.22 -32.42 -24.35
CA CYS R 509 -63.85 -31.38 -23.54
C CYS R 509 -62.76 -30.52 -22.92
N SER R 510 -63.13 -29.31 -22.53
CA SER R 510 -62.19 -28.36 -21.94
C SER R 510 -62.98 -27.33 -21.13
N LEU R 511 -62.53 -27.06 -19.92
CA LEU R 511 -63.21 -26.11 -19.04
C LEU R 511 -62.44 -24.79 -18.99
N ILE R 512 -63.15 -23.73 -18.61
CA ILE R 512 -62.56 -22.41 -18.38
C ILE R 512 -63.11 -21.93 -17.04
N VAL R 513 -62.35 -22.14 -15.97
CA VAL R 513 -62.75 -21.70 -14.64
C VAL R 513 -62.61 -20.19 -14.55
N SER R 514 -63.51 -19.55 -13.82
CA SER R 514 -63.55 -18.09 -13.72
C SER R 514 -64.06 -17.71 -12.34
N THR R 515 -63.16 -17.30 -11.45
CA THR R 515 -63.51 -16.95 -10.08
C THR R 515 -62.88 -15.61 -9.72
N GLN R 516 -63.24 -15.12 -8.54
CA GLN R 516 -62.74 -13.85 -8.04
C GLN R 516 -62.10 -13.94 -6.67
N ARG R 517 -62.36 -15.00 -5.90
CA ARG R 517 -61.78 -15.17 -4.55
C ARG R 517 -61.06 -16.51 -4.55
N PRO R 518 -59.80 -16.54 -5.01
CA PRO R 518 -59.10 -17.82 -5.16
C PRO R 518 -58.88 -18.58 -3.87
N SER R 519 -58.94 -17.91 -2.72
CA SER R 519 -58.73 -18.61 -1.45
C SER R 519 -59.83 -19.62 -1.18
N GLU R 520 -61.07 -19.27 -1.52
CA GLU R 520 -62.19 -20.16 -1.22
C GLU R 520 -62.16 -21.43 -2.09
N LEU R 521 -61.51 -21.37 -3.25
CA LEU R 521 -61.42 -22.53 -4.11
C LEU R 521 -60.57 -23.62 -3.45
N SER R 522 -60.92 -24.87 -3.72
CA SER R 522 -60.09 -25.97 -3.24
C SER R 522 -58.73 -25.92 -3.93
N PRO R 523 -57.64 -26.18 -3.20
CA PRO R 523 -56.31 -26.10 -3.81
C PRO R 523 -56.10 -27.11 -4.93
N THR R 524 -56.87 -28.20 -4.96
CA THR R 524 -56.70 -29.18 -6.03
C THR R 524 -57.31 -28.72 -7.35
N VAL R 525 -58.16 -27.69 -7.32
CA VAL R 525 -58.83 -27.24 -8.54
C VAL R 525 -57.82 -26.68 -9.53
N LEU R 526 -56.88 -25.86 -9.05
CA LEU R 526 -55.90 -25.23 -9.93
C LEU R 526 -54.83 -26.20 -10.40
N ALA R 527 -54.78 -27.42 -9.86
CA ALA R 527 -53.73 -28.37 -10.24
C ALA R 527 -53.87 -28.79 -11.70
N MET R 528 -55.10 -29.05 -12.15
CA MET R 528 -55.30 -29.58 -13.49
C MET R 528 -55.09 -28.53 -14.59
N CYS R 529 -55.20 -27.25 -14.27
CA CYS R 529 -55.04 -26.21 -15.27
C CYS R 529 -53.59 -26.14 -15.74
N SER R 530 -53.41 -25.65 -16.97
CA SER R 530 -52.09 -25.54 -17.57
C SER R 530 -51.69 -24.14 -18.00
N ASN R 531 -52.65 -23.21 -18.14
CA ASN R 531 -52.33 -21.84 -18.50
C ASN R 531 -53.07 -20.89 -17.57
N TRP R 532 -52.46 -19.73 -17.32
CA TRP R 532 -52.96 -18.79 -16.35
C TRP R 532 -53.06 -17.39 -16.95
N PHE R 533 -54.18 -16.72 -16.72
CA PHE R 533 -54.36 -15.30 -16.98
C PHE R 533 -54.72 -14.65 -15.65
N SER R 534 -54.00 -13.57 -15.29
CA SER R 534 -54.16 -12.96 -13.99
C SER R 534 -54.40 -11.46 -14.13
N LEU R 535 -55.29 -10.95 -13.28
CA LEU R 535 -55.59 -9.52 -13.18
C LEU R 535 -55.12 -9.00 -11.81
N ARG R 536 -55.46 -7.75 -11.53
CA ARG R 536 -55.09 -7.13 -10.26
C ARG R 536 -55.75 -7.84 -9.09
N LEU R 537 -54.99 -8.08 -8.04
CA LEU R 537 -55.50 -8.67 -6.81
C LEU R 537 -55.13 -7.78 -5.63
N THR R 538 -56.10 -7.49 -4.77
CA THR R 538 -55.94 -6.57 -3.65
C THR R 538 -55.91 -7.30 -2.30
N ASN R 539 -55.34 -8.50 -2.29
CA ASN R 539 -55.29 -9.30 -1.07
C ASN R 539 -53.98 -10.08 -1.04
N GLU R 540 -53.68 -10.68 0.11
CA GLU R 540 -52.50 -11.51 0.29
C GLU R 540 -52.81 -12.99 0.26
N ARG R 541 -53.95 -13.39 0.82
CA ARG R 541 -54.32 -14.81 0.85
C ARG R 541 -54.47 -15.37 -0.54
N ASP R 542 -55.08 -14.61 -1.45
CA ASP R 542 -55.23 -15.08 -2.83
C ASP R 542 -53.88 -15.25 -3.51
N LEU R 543 -52.95 -14.32 -3.29
CA LEU R 543 -51.63 -14.45 -3.88
C LEU R 543 -50.90 -15.67 -3.32
N GLN R 544 -50.97 -15.88 -2.02
CA GLN R 544 -50.33 -17.04 -1.41
C GLN R 544 -50.93 -18.34 -1.94
N ALA R 545 -52.25 -18.38 -2.12
CA ALA R 545 -52.88 -19.55 -2.70
C ALA R 545 -52.43 -19.76 -4.14
N LEU R 546 -52.27 -18.67 -4.90
CA LEU R 546 -51.82 -18.79 -6.27
C LEU R 546 -50.41 -19.37 -6.36
N ARG R 547 -49.51 -18.91 -5.49
CA ARG R 547 -48.13 -19.36 -5.58
C ARG R 547 -47.96 -20.82 -5.19
N TYR R 548 -48.80 -21.33 -4.29
CA TYR R 548 -48.64 -22.69 -3.79
C TYR R 548 -48.85 -23.72 -4.89
N ALA R 549 -49.82 -23.49 -5.77
CA ALA R 549 -50.31 -24.51 -6.70
C ALA R 549 -50.23 -24.02 -8.13
N MET R 550 -49.08 -23.48 -8.53
CA MET R 550 -48.87 -22.97 -9.89
C MET R 550 -47.65 -23.63 -10.51
N GLU R 551 -47.48 -23.41 -11.82
CA GLU R 551 -46.39 -24.01 -12.60
C GLU R 551 -45.79 -22.93 -13.49
N SER R 552 -44.53 -23.14 -13.86
CA SER R 552 -43.77 -22.20 -14.69
C SER R 552 -43.69 -20.83 -14.01
N GLY R 553 -43.20 -20.84 -12.77
CA GLY R 553 -43.22 -19.62 -11.97
C GLY R 553 -42.08 -18.69 -12.29
N ASN R 554 -42.21 -17.46 -11.80
CA ASN R 554 -41.17 -16.44 -11.88
C ASN R 554 -41.50 -15.37 -10.85
N GLU R 555 -40.50 -14.97 -10.06
CA GLU R 555 -40.78 -14.06 -8.96
C GLU R 555 -41.09 -12.65 -9.44
N GLN R 556 -40.49 -12.22 -10.55
CA GLN R 556 -40.68 -10.86 -11.03
C GLN R 556 -42.13 -10.60 -11.41
N ILE R 557 -42.74 -11.52 -12.16
CA ILE R 557 -44.13 -11.34 -12.56
C ILE R 557 -45.06 -11.45 -11.36
N LEU R 558 -44.75 -12.34 -10.42
CA LEU R 558 -45.54 -12.45 -9.21
C LEU R 558 -45.50 -11.16 -8.39
N LYS R 559 -44.36 -10.46 -8.39
CA LYS R 559 -44.29 -9.17 -7.73
C LYS R 559 -45.04 -8.11 -8.53
N GLN R 560 -44.98 -8.17 -9.86
CA GLN R 560 -45.67 -7.18 -10.69
C GLN R 560 -47.18 -7.25 -10.55
N ILE R 561 -47.74 -8.46 -10.46
CA ILE R 561 -49.20 -8.59 -10.48
C ILE R 561 -49.87 -7.99 -9.25
N SER R 562 -49.10 -7.57 -8.25
CA SER R 562 -49.69 -6.91 -7.09
C SER R 562 -50.22 -5.52 -7.42
N GLY R 563 -49.60 -4.82 -8.36
CA GLY R 563 -50.01 -3.46 -8.67
C GLY R 563 -50.26 -3.21 -10.16
N LEU R 564 -50.86 -4.17 -10.84
CA LEU R 564 -51.19 -3.98 -12.24
C LEU R 564 -52.28 -2.91 -12.38
N PRO R 565 -52.23 -2.08 -13.42
CA PRO R 565 -53.29 -1.10 -13.64
C PRO R 565 -54.47 -1.73 -14.39
N ARG R 566 -55.47 -0.90 -14.67
CA ARG R 566 -56.66 -1.39 -15.35
C ARG R 566 -56.32 -1.82 -16.77
N GLY R 567 -56.89 -2.96 -17.18
CA GLY R 567 -56.73 -3.46 -18.53
C GLY R 567 -55.45 -4.23 -18.79
N ASP R 568 -54.62 -4.45 -17.77
CA ASP R 568 -53.34 -5.14 -17.94
C ASP R 568 -53.43 -6.54 -17.34
N ALA R 569 -52.98 -7.54 -18.09
CA ALA R 569 -53.00 -8.91 -17.65
C ALA R 569 -51.68 -9.57 -17.98
N VAL R 570 -51.35 -10.60 -17.20
CA VAL R 570 -50.14 -11.39 -17.43
C VAL R 570 -50.55 -12.79 -17.87
N ALA R 571 -49.65 -13.46 -18.58
CA ALA R 571 -49.92 -14.80 -19.09
C ALA R 571 -48.66 -15.65 -18.99
N PHE R 572 -48.84 -16.88 -18.52
CA PHE R 572 -47.75 -17.86 -18.52
C PHE R 572 -48.37 -19.26 -18.51
N GLY R 573 -47.67 -20.19 -19.13
CA GLY R 573 -48.16 -21.55 -19.23
C GLY R 573 -47.42 -22.31 -20.30
N SER R 574 -48.02 -23.44 -20.72
CA SER R 574 -47.41 -24.27 -21.74
C SER R 574 -47.45 -23.60 -23.11
N ALA R 575 -48.51 -22.85 -23.39
CA ALA R 575 -48.65 -22.22 -24.71
C ALA R 575 -47.56 -21.19 -24.94
N PHE R 576 -47.27 -20.37 -23.94
CA PHE R 576 -46.24 -19.34 -24.08
C PHE R 576 -44.88 -19.91 -23.68
N ASN R 577 -43.90 -19.77 -24.57
CA ASN R 577 -42.54 -20.22 -24.25
C ASN R 577 -41.86 -19.30 -23.24
N LEU R 578 -42.13 -18.00 -23.30
CA LEU R 578 -41.53 -17.03 -22.38
C LEU R 578 -42.66 -16.19 -21.82
N PRO R 579 -42.80 -16.11 -20.48
CA PRO R 579 -43.91 -15.34 -19.91
C PRO R 579 -43.86 -13.88 -20.30
N VAL R 580 -45.03 -13.29 -20.53
CA VAL R 580 -45.14 -11.92 -21.02
C VAL R 580 -46.38 -11.28 -20.41
N ARG R 581 -46.34 -9.95 -20.30
CA ARG R 581 -47.47 -9.15 -19.84
C ARG R 581 -48.08 -8.44 -21.04
N ILE R 582 -49.40 -8.55 -21.18
CA ILE R 582 -50.12 -8.01 -22.32
C ILE R 582 -51.09 -6.94 -21.84
N SER R 583 -51.50 -6.07 -22.78
CA SER R 583 -52.47 -5.03 -22.51
C SER R 583 -53.64 -5.16 -23.48
N ILE R 584 -54.85 -5.07 -22.95
CA ILE R 584 -56.05 -5.23 -23.75
C ILE R 584 -57.19 -4.41 -23.17
N1 AR6 S . 17.74 28.28 57.97
C2 AR6 S . 17.41 29.21 57.09
N3 AR6 S . 17.40 30.51 57.23
C4 AR6 S . 17.79 30.88 58.44
C5 AR6 S . 18.17 30.04 59.48
C6 AR6 S . 18.14 28.65 59.19
N6 AR6 S . 18.48 27.72 60.09
N7 AR6 S . 18.51 30.75 60.59
C8 AR6 S . 18.35 31.99 60.24
N9 AR6 S . 17.91 32.13 58.96
PA AR6 S . 22.06 37.52 57.55
PB AR6 S . 23.52 36.71 55.19
C1' AR6 S . 17.62 33.36 58.25
O1A AR6 S . 22.04 38.95 57.99
O1B AR6 S . 23.12 35.36 54.66
C1D AR6 S . 26.75 40.97 53.03
O1D AR6 S . 26.73 42.14 53.75
C2' AR6 S . 17.25 34.54 59.15
O2' AR6 S . 16.10 35.16 58.65
O2A AR6 S . 22.95 36.54 58.24
O2B AR6 S . 24.74 36.86 56.03
C2D AR6 S . 25.62 40.96 52.01
O2D AR6 S . 25.35 42.24 51.51
C3' AR6 S . 18.51 35.41 59.09
O3' AR6 S . 18.20 36.77 59.22
O3A AR6 S . 22.24 37.42 55.93
C3D AR6 S . 24.45 40.54 52.90
O3D AR6 S . 23.82 41.58 53.60
C4' AR6 S . 18.96 35.14 57.67
O4' AR6 S . 18.75 33.74 57.52
C4D AR6 S . 25.11 39.57 53.89
O4D AR6 S . 26.50 39.86 53.86
C5' AR6 S . 20.40 35.52 57.45
O5' AR6 S . 20.53 36.92 57.53
C5D AR6 S . 24.87 38.13 53.51
O5D AR6 S . 23.58 37.76 53.95
N1 AR6 T . 50.84 57.25 15.18
C2 AR6 T . 50.61 56.11 15.83
N3 AR6 T . 51.00 55.77 17.04
C4 AR6 T . 51.71 56.73 17.62
C5 AR6 T . 52.03 57.96 17.08
C6 AR6 T . 51.55 58.21 15.78
N6 AR6 T . 51.79 59.35 15.14
N7 AR6 T . 52.77 58.70 17.97
C8 AR6 T . 52.89 57.94 19.01
N9 AR6 T . 52.27 56.73 18.86
PA AR6 T . 49.21 55.94 25.07
PB AR6 T . 46.60 54.85 25.68
C1' AR6 T . 52.21 55.65 19.82
O1A AR6 T . 50.00 56.14 26.32
O1B AR6 T . 45.72 54.12 24.72
C1D AR6 T . 43.23 55.23 28.80
O1D AR6 T . 42.64 55.79 29.92
C2' AR6 T . 53.20 55.74 20.97
O2' AR6 T . 54.48 55.39 20.53
O2A AR6 T . 48.53 57.10 24.41
O2B AR6 T . 46.32 56.28 26.01
C2D AR6 T . 43.24 53.71 28.92
O2D AR6 T . 43.06 53.28 30.24
C3' AR6 T . 52.57 54.76 21.95
O3' AR6 T . 52.85 53.44 21.57
O3A AR6 T . 48.18 54.68 25.24
C3D AR6 T . 44.66 53.35 28.48
O3D AR6 T . 45.19 52.18 29.02
C4' AR6 T . 51.08 55.03 21.75
O4' AR6 T . 50.97 55.64 20.46
C4D AR6 T . 45.44 54.56 28.97
O4D AR6 T . 44.58 55.64 28.69
C5' AR6 T . 50.53 55.93 22.83
O5' AR6 T . 50.13 55.16 23.95
C5D AR6 T . 46.77 54.73 28.26
O5D AR6 T . 46.76 53.99 27.07
N1 AR6 U . -12.01 68.74 15.78
C2 AR6 U . -12.50 69.90 15.35
N3 AR6 U . -12.67 70.30 14.10
C4 AR6 U . -12.29 69.38 13.23
C5 AR6 U . -11.77 68.13 13.53
C6 AR6 U . -11.64 67.82 14.89
N6 AR6 U . -11.14 66.65 15.32
N7 AR6 U . -11.49 67.43 12.38
C8 AR6 U . -11.83 68.24 11.42
N9 AR6 U . -12.32 69.44 11.87
PA AR6 U . -10.00 73.11 7.13
PB AR6 U . -7.68 73.35 5.49
C1' AR6 U . -12.79 70.54 11.08
O1A AR6 U . -11.00 72.65 6.11
O1B AR6 U . -7.28 74.72 5.89
C1D AR6 U . -5.06 72.70 2.29
O1D AR6 U . -4.44 71.98 1.29
C2' AR6 U . -11.94 71.80 11.20
O2' AR6 U . -12.29 72.53 12.33
O2A AR6 U . -10.01 74.54 7.58
O2B AR6 U . -8.42 73.12 4.21
C2D AR6 U . -4.55 74.13 2.33
O2D AR6 U . -3.19 74.23 2.00
C3' AR6 U . -12.25 72.48 9.86
O3' AR6 U . -13.52 73.08 9.89
O3A AR6 U . -8.49 72.65 6.73
C3D AR6 U . -4.71 74.47 3.80
O3D AR6 U . -3.90 75.50 4.30
C4' AR6 U . -12.29 71.28 8.92
O4' AR6 U . -12.75 70.19 9.73
C4D AR6 U . -4.37 73.15 4.49
O4D AR6 U . -4.75 72.14 3.57
C5' AR6 U . -10.94 70.99 8.31
O5' AR6 U . -10.10 72.11 8.44
C5D AR6 U . -5.13 72.98 5.79
O5D AR6 U . -6.38 72.36 5.54
N1 AR6 V . 33.35 66.44 -28.36
C2 AR6 V . 32.88 66.09 -27.17
N3 AR6 V . 32.53 66.87 -26.16
C4 AR6 V . 32.71 68.16 -26.44
C5 AR6 V . 33.19 68.68 -27.64
C6 AR6 V . 33.52 67.74 -28.63
N6 AR6 V . 34.00 68.10 -29.82
N7 AR6 V . 33.25 70.04 -27.58
C8 AR6 V . 32.81 70.34 -26.39
N9 AR6 V . 32.47 69.24 -25.65
PA AR6 V . 27.56 72.66 -21.88
PB AR6 V . 24.79 72.07 -21.30
C1' AR6 V . 31.95 69.20 -24.31
O1A AR6 V . 27.84 73.49 -20.67
O1B AR6 V . 24.07 72.26 -22.59
C1D AR6 V . 20.08 72.02 -21.08
O1D AR6 V . 19.62 73.33 -21.13
C2' AR6 V . 32.88 69.80 -23.26
O2' AR6 V . 33.49 68.77 -22.55
O2A AR6 V . 27.41 73.31 -23.22
O2B AR6 V . 24.76 73.13 -20.24
C2D AR6 V . 19.79 71.41 -19.71
O2D AR6 V . 19.97 72.34 -18.67
C3' AR6 V . 31.98 70.71 -22.40
O3' AR6 V . 32.05 70.34 -21.05
O3A AR6 V . 26.33 71.61 -21.60
C3D AR6 V . 20.90 70.38 -19.63
O3D AR6 V . 21.25 69.95 -18.35
C4' AR6 V . 30.59 70.40 -22.92
O4' AR6 V . 30.77 69.95 -24.25
C4D AR6 V . 22.08 71.12 -20.27
O4D AR6 V . 21.49 71.98 -21.23
C5' AR6 V . 29.71 71.63 -22.89
O5' AR6 V . 28.67 71.45 -21.97
C5D AR6 V . 23.06 70.18 -20.91
O5D AR6 V . 24.38 70.63 -20.65
N1 AR6 W . -23.57 45.60 -47.59
C2 AR6 W . -23.22 44.57 -48.35
N3 AR6 W . -23.27 44.45 -49.66
C4 AR6 W . -23.75 45.56 -50.23
C5 AR6 W . -24.15 46.71 -49.58
C6 AR6 W . -24.05 46.71 -48.18
N6 AR6 W . -24.40 47.74 -47.43
N7 AR6 W . -24.58 47.65 -50.48
C8 AR6 W . -24.45 47.08 -51.64
N9 AR6 W . -23.94 45.80 -51.56
PA AR6 W . -19.76 45.61 -56.38
PB AR6 W . -17.01 44.82 -56.44
C1' AR6 W . -23.66 44.89 -52.64
O1A AR6 W . -20.27 44.39 -57.08
O1B AR6 W . -16.96 45.57 -57.74
C1D AR6 W . -11.73 44.83 -57.11
O1D AR6 W . -10.76 45.55 -57.77
C2' AR6 W . -23.70 45.55 -54.03
O2' AR6 W . -25.03 45.69 -54.44
O2A AR6 W . -19.66 46.91 -57.09
O2B AR6 W . -16.87 43.33 -56.41
C2D AR6 W . -12.43 43.88 -58.08
O2D AR6 W . -12.76 44.52 -59.28
C3' AR6 W . -22.87 44.54 -54.83
O3' AR6 W . -23.66 43.44 -55.21
O3A AR6 W . -18.34 45.29 -55.62
C3D AR6 W . -13.71 43.63 -57.29
O3D AR6 W . -14.80 43.15 -58.02
C4' AR6 W . -21.84 44.09 -53.81
O4' AR6 W . -22.36 44.41 -52.52
C4D AR6 W . -14.02 45.02 -56.71
O4D AR6 W . -12.76 45.68 -56.64
C5' AR6 W . -20.48 44.75 -54.04
O5' AR6 W . -20.60 45.79 -54.97
C5D AR6 W . -14.65 44.95 -55.34
O5D AR6 W . -15.95 45.49 -55.39
N1 AR6 X . 33.66 31.85 -62.70
C2 AR6 X . 32.86 32.44 -61.83
N3 AR6 X . 32.20 33.58 -61.95
C4 AR6 X . 32.42 34.16 -63.13
C5 AR6 X . 33.24 33.67 -64.13
C6 AR6 X . 33.89 32.45 -63.88
N6 AR6 X . 34.70 31.86 -64.75
N7 AR6 X . 33.25 34.52 -65.20
C8 AR6 X . 32.46 35.50 -64.87
N9 AR6 X . 31.93 35.34 -63.61
PA AR6 X . 25.68 37.01 -65.14
PB AR6 X . 23.30 36.59 -63.49
C1' AR6 X . 31.02 36.21 -62.92
O1A AR6 X . 25.70 37.75 -66.45
O1B AR6 X . 22.75 37.33 -62.32
C1D AR6 X . 17.81 36.02 -63.80
O1D AR6 X . 17.59 35.18 -62.72
C2' AR6 X . 31.17 37.69 -63.28
O2' AR6 X . 32.28 38.23 -62.63
O2A AR6 X . 25.80 35.53 -65.12
O2B AR6 X . 23.79 35.18 -63.32
C2D AR6 X . 18.34 35.22 -64.99
O2D AR6 X . 17.78 33.94 -65.05
C3' AR6 X . 29.83 38.23 -62.79
O3' AR6 X . 29.82 38.39 -61.41
O3A AR6 X . 24.44 37.53 -64.21
C3D AR6 X . 19.81 35.07 -64.60
O3D AR6 X . 20.12 33.94 -63.85
C4' AR6 X . 28.89 37.07 -63.16
O4' AR6 X . 29.71 35.91 -63.28
C4D AR6 X . 20.09 36.34 -63.79
O4D AR6 X . 18.84 36.93 -63.52
C5' AR6 X . 28.15 37.35 -64.45
O5' AR6 X . 26.81 37.65 -64.14
C5D AR6 X . 21.01 37.30 -64.51
O5D AR6 X . 22.25 36.66 -64.74
N1 AR6 Y . -9.03 -15.41 -61.78
C2 AR6 Y . -8.12 -16.10 -61.10
N3 AR6 Y . -7.39 -17.12 -61.52
C4 AR6 Y . -7.66 -17.44 -62.78
C5 AR6 Y . -8.58 -16.82 -63.60
C6 AR6 Y . -9.29 -15.74 -63.04
N6 AR6 Y . -10.21 -15.05 -63.73
N7 AR6 Y . -8.61 -17.40 -64.84
C8 AR6 Y . -7.72 -18.35 -64.77
N9 AR6 Y . -7.12 -18.43 -63.55
PA AR6 Y . -2.21 -22.74 -65.80
PB AR6 Y . -0.14 -20.75 -66.14
C1' AR6 Y . -6.10 -19.36 -63.12
O1A AR6 Y . -1.74 -23.64 -64.72
O1B AR6 Y . -0.29 -19.72 -67.20
C1D AR6 Y . 4.43 -19.79 -65.40
O1D AR6 Y . 5.39 -20.77 -65.58
C2' AR6 Y . -6.51 -20.82 -63.25
O2' AR6 Y . -7.32 -21.19 -62.18
O2A AR6 Y . -2.13 -23.18 -67.24
O2B AR6 Y . 0.75 -21.93 -66.35
C2D AR6 Y . 4.83 -18.90 -64.22
O2D AR6 Y . 5.30 -19.64 -63.15
C3' AR6 Y . -5.14 -21.50 -63.27
O3' AR6 Y . -4.62 -21.65 -61.97
O3A AR6 Y . -1.62 -21.23 -65.61
C3D AR6 Y . 3.46 -18.33 -63.85
O3D AR6 Y . 3.32 -17.92 -62.52
C4' AR6 Y . -4.29 -20.48 -64.02
O4' AR6 Y . -5.00 -19.23 -63.97
C4D AR6 Y . 2.50 -19.48 -64.14
O4D AR6 Y . 3.20 -20.35 -65.02
C5' AR6 Y . -4.04 -20.90 -65.45
O5' AR6 Y . -3.77 -22.29 -65.46
C5D AR6 Y . 1.22 -19.00 -64.80
O5D AR6 Y . 0.25 -20.02 -64.71
N1 AR6 Z . 51.40 -11.43 -52.40
C2 AR6 Z . 50.41 -10.61 -52.74
N3 AR6 Z . 49.88 -10.42 -53.94
C4 AR6 Z . 50.47 -11.16 -54.86
C5 AR6 Z . 51.51 -12.06 -54.66
C6 AR6 Z . 51.98 -12.18 -53.35
N6 AR6 Z . 52.97 -13.00 -53.01
N7 AR6 Z . 51.86 -12.66 -55.84
C8 AR6 Z . 51.06 -12.15 -56.73
N9 AR6 Z . 50.19 -11.23 -56.19
PA AR6 Z . 45.71 -13.82 -59.74
PB AR6 Z . 42.91 -14.29 -59.34
C1' AR6 Z . 49.17 -10.47 -56.89
O1A AR6 Z . 45.47 -13.74 -61.22
O1B AR6 Z . 43.20 -15.67 -59.86
C1D AR6 Z . 38.49 -16.59 -57.30
O1D AR6 Z . 37.95 -17.82 -57.62
C2' AR6 Z . 49.14 -10.69 -58.39
O2' AR6 Z . 50.15 -9.96 -59.01
O2A AR6 Z . 46.50 -14.95 -59.16
O2B AR6 Z . 42.09 -13.34 -60.16
C2D AR6 Z . 38.07 -15.55 -58.34
O2D AR6 Z . 36.94 -15.95 -59.06
C3' AR6 Z . 47.72 -10.21 -58.69
O3' AR6 Z . 47.63 -8.82 -58.56
O3A AR6 Z . 44.33 -13.60 -58.91
C3D AR6 Z . 39.26 -15.55 -59.29
O3D AR6 Z . 39.26 -16.54 -60.27
C4' AR6 Z . 46.98 -10.85 -57.52
O4' AR6 Z . 47.91 -10.84 -56.44
C4D AR6 Z . 40.43 -15.77 -58.32
O4D AR6 Z . 39.91 -16.64 -57.34
C5' AR6 Z . 46.56 -12.27 -57.85
O5' AR6 Z . 46.35 -12.39 -59.23
C5D AR6 Z . 40.91 -14.48 -57.69
O5D AR6 Z . 42.31 -14.38 -57.82
N1 AR6 AA . 21.76 -56.16 -18.38
C2 AR6 AA . 22.20 -55.64 -17.23
N3 AR6 AA . 23.14 -56.11 -16.43
C4 AR6 AA . 23.66 -57.25 -16.88
C5 AR6 AA . 23.30 -57.91 -18.05
C6 AR6 AA . 22.29 -57.30 -18.81
N6 AR6 AA . 21.85 -57.82 -19.97
N7 AR6 AA . 24.04 -59.05 -18.21
C8 AR6 AA . 24.81 -59.08 -17.16
N9 AR6 AA . 24.63 -58.03 -16.32
PA AR6 AA . 31.38 -57.78 -15.84
PB AR6 AA . 32.95 -55.37 -16.09
C1' AR6 AA . 25.32 -57.74 -15.09
O1A AR6 AA . 32.14 -58.96 -15.34
O1B AR6 AA . 32.17 -54.15 -16.46
C1D AR6 AA . 37.18 -53.37 -15.17
O1D AR6 AA . 38.52 -53.54 -14.92
C2' AR6 AA . 25.52 -58.95 -14.16
O2' AR6 AA . 25.22 -58.59 -12.85
O2A AR6 AA . 31.08 -57.64 -17.31
O2B AR6 AA . 33.72 -56.13 -17.12
C2D AR6 AA . 36.45 -52.96 -13.89
O2D AR6 AA . 37.23 -52.11 -13.09
C3' AR6 AA . 26.99 -59.33 -14.40
O3' AR6 AA . 27.57 -59.80 -13.22
O3A AR6 AA . 31.98 -56.38 -15.23
C3D AR6 AA . 36.33 -54.31 -13.19
O3D AR6 AA . 37.37 -54.63 -12.32
C4' AR6 AA . 27.61 -57.98 -14.75
O4' AR6 AA . 26.58 -57.24 -15.40
C4D AR6 AA . 36.26 -55.32 -14.34
O4D AR6 AA . 36.58 -54.60 -15.52
C5' AR6 AA . 28.81 -58.15 -15.67
O5' AR6 AA . 29.96 -57.66 -15.01
C5D AR6 AA . 34.89 -55.97 -14.46
O5D AR6 AA . 33.94 -55.00 -14.82
N1 AR6 BA . 70.30 -20.27 -9.14
C2 AR6 BA . 69.24 -20.54 -9.88
N3 AR6 BA . 69.09 -21.49 -10.79
C4 AR6 BA . 70.20 -22.22 -10.92
C5 AR6 BA . 71.37 -22.06 -10.22
C6 AR6 BA . 71.41 -21.02 -9.29
N6 AR6 BA . 72.48 -20.74 -8.54
N7 AR6 BA . 72.31 -22.98 -10.62
C8 AR6 BA . 71.70 -23.69 -11.53
N9 AR6 BA . 70.42 -23.28 -11.75
PA AR6 BA . 67.36 -29.44 -12.08
PB AR6 BA . 64.48 -29.55 -11.55
C1' AR6 BA . 69.48 -23.84 -12.69
O1A AR6 BA . 68.19 -30.51 -12.72
O1B AR6 BA . 63.29 -29.08 -12.33
C1D AR6 BA . 60.70 -33.89 -10.40
O1D AR6 BA . 60.55 -35.26 -10.41
C2' AR6 BA . 70.13 -24.76 -13.71
O2' AR6 BA . 70.75 -24.01 -14.71
O2A AR6 BA . 67.49 -29.17 -10.62
O2B AR6 BA . 64.81 -28.92 -10.24
C2D AR6 BA . 60.51 -33.35 -11.83
O2D AR6 BA . 60.90 -34.28 -12.80
C3' AR6 BA . 68.90 -25.54 -14.18
O3' AR6 BA . 68.15 -24.76 -15.07
O3A AR6 BA . 65.80 -29.57 -12.55
C3D AR6 BA . 61.51 -32.19 -11.84
O3D AR6 BA . 61.97 -31.79 -13.10
C4' AR6 BA . 68.12 -25.69 -12.88
O4' AR6 BA . 68.56 -24.64 -12.02
C4D AR6 BA . 62.65 -32.76 -11.02
O4D AR6 BA . 62.00 -33.51 -10.01
C5' AR6 BA . 68.35 -27.05 -12.25
O5' AR6 BA . 67.58 -28.03 -12.90
C5D AR6 BA . 63.52 -31.68 -10.40
O5D AR6 BA . 64.40 -31.19 -11.39
N1 AR6 CA . 35.01 -33.32 41.53
C2 AR6 CA . 34.98 -32.02 41.80
N3 AR6 CA . 35.51 -31.40 42.83
C4 AR6 CA . 36.13 -32.23 43.66
C5 AR6 CA . 36.22 -33.61 43.51
C6 AR6 CA . 35.62 -34.15 42.37
N6 AR6 CA . 35.64 -35.46 42.10
N7 AR6 CA . 36.92 -34.16 44.56
C8 AR6 CA . 37.23 -33.15 45.32
N9 AR6 CA . 36.78 -31.95 44.82
PA AR6 CA . 42.46 -28.48 46.44
PB AR6 CA . 42.33 -26.68 44.20
C1' AR6 CA . 36.94 -30.64 45.42
O1A AR6 CA . 42.90 -28.49 47.87
O1B AR6 CA . 41.80 -25.29 44.11
C1D AR6 CA . 44.91 -22.84 43.06
O1D AR6 CA . 45.45 -21.99 42.12
C2' AR6 CA . 37.32 -30.67 46.89
O2' AR6 CA . 36.20 -30.95 47.67
O2A AR6 CA . 42.89 -29.59 45.52
O2B AR6 CA . 41.57 -27.82 43.59
C2D AR6 CA . 45.85 -22.96 44.26
O2D AR6 CA . 46.74 -21.88 44.35
C3' AR6 CA . 37.85 -29.24 47.03
O3' AR6 CA . 36.79 -28.32 47.01
O3A AR6 CA . 42.71 -27.02 45.75
C3D AR6 CA . 46.64 -24.20 43.86
O3D AR6 CA . 47.69 -24.00 42.95
C4' AR6 CA . 38.64 -29.10 45.74
O4' AR6 CA . 38.00 -29.99 44.80
C4D AR6 CA . 45.56 -25.07 43.25
O4D AR6 CA . 44.74 -24.15 42.56
C5' AR6 CA . 40.10 -29.47 45.93
O5' AR6 CA . 40.81 -28.34 46.37
C5D AR6 CA . 44.75 -25.80 44.31
O5D AR6 CA . 43.88 -26.71 43.68
N1 AR6 DA . 70.21 14.20 24.84
C2 AR6 DA . 69.63 13.08 24.40
N3 AR6 DA . 69.95 11.83 24.67
C4 AR6 DA . 71.01 11.75 25.48
C5 AR6 DA . 71.71 12.83 26.00
C6 AR6 DA . 71.27 14.11 25.65
N6 AR6 DA . 71.85 15.22 26.08
N7 AR6 DA . 72.75 12.39 26.79
C8 AR6 DA . 72.67 11.09 26.75
N9 AR6 DA . 71.64 10.64 25.97
PA AR6 DA . 70.62 5.04 29.82
PB AR6 DA . 67.81 5.47 30.49
C1' AR6 DA . 71.26 9.28 25.69
O1A AR6 DA . 71.36 3.75 29.85
O1B AR6 DA . 66.96 6.29 29.57
C1D AR6 DA . 64.08 2.09 33.21
O1D AR6 DA . 62.76 2.12 33.63
C2' AR6 DA . 72.38 8.27 25.90
O2' AR6 DA . 73.30 8.33 24.85
O2A AR6 DA . 70.87 6.07 30.87
O2B AR6 DA . 68.33 6.05 31.77
C2D AR6 DA . 64.93 2.99 34.11
O2D AR6 DA . 64.18 4.01 34.70
C3' AR6 DA . 71.55 6.99 25.97
O3' AR6 DA . 71.14 6.61 24.68
O3A AR6 DA . 69.01 4.77 29.61
C3D AR6 DA . 65.88 3.62 33.10
O3D AR6 DA . 66.46 4.83 33.46
C4' AR6 DA . 70.33 7.46 26.75
O4' AR6 DA . 70.27 8.88 26.58
C4D AR6 DA . 64.95 3.81 31.90
O4D AR6 DA . 64.18 2.61 31.90
C5' AR6 DA . 70.41 7.09 28.22
O5' AR6 DA . 70.78 5.74 28.33
C5D AR6 DA . 65.66 4.01 30.59
O5D AR6 DA . 67.05 4.05 30.80
PG AGS EA . -40.54 20.36 16.75
S1G AGS EA . -42.45 20.55 16.35
O2G AGS EA . -39.95 18.97 16.05
O3G AGS EA . -40.36 20.27 18.41
PB AGS EA . -38.07 21.58 16.27
O1B AGS EA . -37.73 20.45 17.16
O2B AGS EA . -37.49 21.30 14.92
O3B AGS EA . -39.66 21.65 16.19
PA AGS EA . -38.28 24.44 16.92
O1A AGS EA . -38.68 24.82 15.55
O2A AGS EA . -39.52 24.24 17.74
O3A AGS EA . -37.40 23.01 16.86
O5' AGS EA . -37.35 25.59 17.59
C5' AGS EA . -36.13 25.89 16.97
C4' AGS EA . -35.67 27.29 17.45
O4' AGS EA . -35.00 27.90 16.51
C3' AGS EA . -36.98 28.21 17.69
O3' AGS EA . -37.35 28.13 19.05
C2' AGS EA . -36.68 29.41 17.33
O2' AGS EA . -36.81 30.34 18.42
C1' AGS EA . -35.19 29.36 16.85
N9 AGS EA . -34.90 30.18 15.64
C8 AGS EA . -34.50 31.45 15.65
N7 AGS EA . -34.33 31.84 14.38
C5 AGS EA . -34.64 30.79 13.56
C6 AGS EA . -34.65 30.61 12.11
N6 AGS EA . -34.27 31.70 11.23
N1 AGS EA . -34.99 29.45 11.64
C2 AGS EA . -35.33 28.45 12.42
N3 AGS EA . -35.33 28.59 13.78
C4 AGS EA . -34.99 29.74 14.35
MG MG FA . -43.59 21.74 16.41
PG AGS GA . -24.49 1.52 44.32
S1G AGS GA . -26.35 2.02 44.00
O2G AGS GA . -24.23 1.61 45.97
O3G AGS GA . -24.19 -0.02 43.77
PB AGS GA . -21.95 2.25 43.23
O1B AGS GA . -21.76 1.96 41.79
O2B AGS GA . -21.56 1.06 44.03
O3B AGS GA . -23.51 2.58 43.50
PA AGS GA . -21.05 4.17 45.28
O1A AGS GA . -20.98 5.66 45.23
O2A AGS GA . -22.34 3.78 45.93
O3A AGS GA . -20.99 3.53 43.71
O5' AGS GA . -19.84 3.61 46.20
C5' AGS GA . -18.53 3.87 45.76
C4' AGS GA . -17.66 4.22 47.00
O4' AGS GA . -16.60 4.84 46.59
C3' AGS GA . -18.45 5.20 48.01
O3' AGS GA . -18.70 4.52 49.21
C2' AGS GA . -17.72 6.22 48.24
O2' AGS GA . -18.50 7.42 48.24
C1' AGS GA . -16.68 6.27 47.07
N9 AGS GA . -16.97 7.20 45.94
C8 AGS GA . -17.96 7.10 45.05
N7 AGS GA . -17.87 8.13 44.18
C5 AGS GA . -16.79 8.88 44.54
C6 AGS GA . -16.20 10.10 44.01
N6 AGS GA . -16.76 10.76 42.85
N1 AGS GA . -15.15 10.57 44.61
C2 AGS GA . -14.62 9.99 45.66
N3 AGS GA . -15.15 8.86 46.18
C4 AGS GA . -16.23 8.30 45.64
MG MG HA . -26.39 2.85 45.10
PG AGS IA . -14.33 -32.22 36.64
S1G AGS IA . -15.15 -33.98 36.63
O2G AGS IA . -15.05 -31.26 35.46
O3G AGS IA . -14.61 -31.51 38.13
PB AGS IA . -11.68 -32.37 37.65
O1B AGS IA . -11.57 -31.01 38.22
O2B AGS IA . -12.25 -33.27 38.69
O3B AGS IA . -12.70 -32.35 36.41
PA AGS IA . -8.99 -33.27 38.42
O1A AGS IA . -8.60 -32.07 39.21
O2A AGS IA . -9.59 -34.29 39.36
O3A AGS IA . -10.12 -32.86 37.24
O5' AGS IA . -7.69 -33.92 37.70
C5' AGS IA . -6.57 -34.25 38.49
C4' AGS IA . -5.36 -33.48 37.91
O4' AGS IA . -4.76 -32.78 38.86
C3' AGS IA . -5.83 -32.41 36.78
O3' AGS IA . -5.99 -33.02 35.53
C2' AGS IA . -4.87 -31.55 36.78
O2' AGS IA . -3.68 -32.18 36.29
C1' AGS IA . -4.71 -31.35 38.33
N9 AGS IA . -3.43 -30.72 38.78
C8 AGS IA . -2.28 -31.34 39.00
N7 AGS IA . -1.39 -30.43 39.39
C5 AGS IA . -1.99 -29.21 39.41
C6 AGS IA . -1.55 -27.86 39.75
N6 AGS IA . -0.19 -27.59 40.18
N1 AGS IA . -2.43 -26.88 39.67
C2 AGS IA . -3.67 -27.09 39.30
N3 AGS IA . -4.10 -28.34 38.97
C4 AGS IA . -3.28 -29.39 39.02
MG MG JA . -16.80 -33.26 36.93
PG AGS KA . -23.51 -50.57 6.11
S1G AGS KA . -25.15 -51.36 5.38
O2G AGS KA . -22.98 -51.53 7.38
O3G AGS KA . -23.84 -49.03 6.67
PB AGS KA . -21.26 -49.33 4.76
O1B AGS KA . -21.06 -48.65 6.07
O2B AGS KA . -21.73 -48.33 3.74
O3B AGS KA . -22.35 -50.51 4.92
PA AGS KA . -19.26 -51.54 4.69
O1A AGS KA . -20.34 -52.54 4.37
O2A AGS KA . -18.94 -51.58 6.17
O3A AGS KA . -19.78 -49.99 4.25
O5' AGS KA . -17.92 -51.93 3.83
C5' AGS KA . -18.08 -52.46 2.54
C4' AGS KA . -16.92 -53.45 2.28
O4' AGS KA . -15.78 -52.96 2.73
C3' AGS KA . -16.69 -53.67 0.68
O3' AGS KA . -17.93 -53.64 0.02
C2' AGS KA . -15.95 -52.70 0.29
O2' AGS KA . -16.75 -51.65 -0.31
C1' AGS KA . -15.23 -52.15 1.57
N9 AGS KA . -13.75 -52.30 1.56
C8 AGS KA . -13.06 -53.14 0.77
N7 AGS KA . -11.76 -52.99 1.04
C5 AGS KA . -11.62 -52.04 2.02
C6 AGS KA . -10.47 -51.45 2.71
N6 AGS KA . -9.13 -51.89 2.40
N1 AGS KA . -10.69 -50.53 3.62
C2 AGS KA . -11.92 -50.13 3.91
N3 AGS KA . -13.00 -50.66 3.28
C4 AGS KA . -12.86 -51.60 2.35
MG MG LA . -24.47 -51.83 8.36
PG AGS MA . -46.27 -34.96 -19.76
S1G AGS MA . -47.37 -35.17 -18.16
O2G AGS MA . -47.23 -34.42 -21.03
O3G AGS MA . -45.05 -33.85 -19.48
PB AGS MA . -44.03 -36.70 -20.38
O1B AGS MA . -43.27 -36.37 -19.14
O2B AGS MA . -43.83 -38.15 -20.72
O3B AGS MA . -45.61 -36.43 -20.17
PA AGS MA . -43.19 -36.35 -23.24
O1A AGS MA . -41.81 -36.94 -23.32
O2A AGS MA . -44.21 -37.42 -23.54
O3A AGS MA . -43.45 -35.74 -21.67
O5' AGS MA . -43.32 -35.14 -24.31
C5' AGS MA . -42.17 -34.71 -24.99
C4' AGS MA . -42.36 -34.97 -26.51
O4' AGS MA . -41.36 -34.45 -27.20
C3' AGS MA . -42.33 -36.56 -26.82
O3' AGS MA . -41.39 -37.19 -25.99
C2' AGS MA . -41.99 -36.68 -28.05
O2' AGS MA . -43.15 -36.77 -28.88
C1' AGS MA . -41.18 -35.37 -28.39
N9 AGS MA . -39.73 -35.59 -28.62
C8 AGS MA . -39.14 -35.73 -29.81
N7 AGS MA . -37.81 -35.90 -29.61
C5 AGS MA . -37.58 -35.86 -28.27
C6 AGS MA . -36.37 -35.98 -27.45
N6 AGS MA . -35.06 -36.19 -28.06
N1 AGS MA . -36.49 -35.89 -26.14
C2 AGS MA . -37.65 -35.71 -25.57
N3 AGS MA . -38.80 -35.59 -26.30
C4 AGS MA . -38.77 -35.67 -27.63
MG MG NA . -47.21 -37.23 -16.91
#